data_6H8K
#
_entry.id   6H8K
#
_cell.length_a   316.310
_cell.length_b   316.310
_cell.length_c   819.180
_cell.angle_alpha   90.00
_cell.angle_beta   90.00
_cell.angle_gamma   120.00
#
_symmetry.space_group_name_H-M   'H 3 2'
#
loop_
_entity.id
_entity.type
_entity.pdbx_description
1 polymer 'NADH-ubiquinone oxidoreductase chain 1'
2 polymer 'NADH-ubiquinone oxidoreductase chain 2,NADH dehydrogenase subunit 2'
3 polymer 'NADH-ubiquinone oxidoreductase chain 3'
4 polymer 'NADH-ubiquinone oxidoreductase chain 4'
5 polymer 'NADH-ubiquinone oxidoreductase chain 5'
6 polymer 'NADH-ubiquinone oxidoreductase chain 6'
7 polymer 'NUAM protein'
8 polymer 'NADH dehydrogenase [ubiquinone] flavoprotein 1, mitochondrial'
9 polymer 'NUCM protein'
10 polymer 'NUEM protein'
11 polymer 'NUGM protein'
12 polymer 'Subunit NUHM of NADH:Ubiquinone Oxidoreductase (Complex I)'
13 polymer 'Subunit NUIM of NADH:Ubiquinone Oxidoreductase (Complex I)'
14 polymer 'Subunit NUKM of protein NADH:Ubiquinone Oxidoreductase (Complex I)'
15 polymer 'NADH-ubiquinone oxidoreductase chain 4L'
16 polymer 'Unknown polypeptide'
17 polymer 'Unknown polypeptide'
18 polymer 'Unknown polypeptide'
19 polymer 'Unknown polypeptide'
20 polymer 'Unknown polypeptide'
21 polymer 'Unknown polypeptide'
22 polymer 'Unknown polypeptide'
23 polymer 'Unknown polypeptide'
24 polymer 'Unknown polypeptide'
25 polymer 'Unknown polypeptide'
26 polymer 'Unknown polypeptide'
27 polymer 'Unknown polypeptide'
28 polymer 'Unknown polypeptide'
29 polymer 'Unknown polypeptide'
30 polymer 'Unknown polypeptide'
31 polymer 'Unknown polypeptide'
32 polymer 'Unknown polypeptide'
33 polymer 'Unknown polypeptide'
34 polymer 'Unknown polypeptide'
35 polymer 'Unknown polypeptide'
36 polymer 'Unknown polypeptide'
37 polymer 'Unknown polypeptide'
38 polymer 'Unknown polypeptide'
39 polymer 'Unknown polypeptide'
40 polymer 'Unknown polypeptide'
41 polymer 'Unknown polypeptide'
42 polymer 'Unknown polypeptide'
43 polymer 'Unknown polypeptide'
44 polymer 'Unknown polypeptide'
45 polymer 'Unknown polypeptide'
46 polymer 'Unknown polypeptide'
47 polymer 'Unknown polypeptide'
48 polymer 'Unknown polypeptide'
49 non-polymer 'FE2/S2 (INORGANIC) CLUSTER'
50 non-polymer 'IRON/SULFUR CLUSTER'
#
loop_
_entity_poly.entity_id
_entity_poly.type
_entity_poly.pdbx_seq_one_letter_code
_entity_poly.pdbx_strand_id
1 'polypeptide(L)'
;MIINIVEILIFLVCVLFSVAYLTVAERKTLAYMQRRLGPNFVGYYGLLQAFADAVKLLLKEIVLPKESNYIILVISPLIT
LITALIGWVVIPLGPGITLGELNLGILFSLAIGSLGVFGSLLSGWSSNSKYSLLGSIRSTAQLISYELILTSIFIIIIMF
VSSLNITTIIETQRVVWYCIPLLPLLLIFFIASVAETARPPFDLTESESELVAGYFTEYSGSPFVFFFLAEYSNIILISA
FNGYLLLGGYLSFNYSYLFNILFNDYSYVSFLFEGLINSSAYAIKLVFLMFSFIWVRAAFPRFTYDNLINFCWIILLPLL
FGIFLIIPSTLYIFD
;
1
2 'polypeptide(L)'
;MLILAIISLITFVSMSKLSDNRAIIRLINIYLILVLVLDSFLYLLFLNNQTYTVMGELLIFNSFTFYIDMLIYFIMIVIS
SLYG(UNK)(UNK)(UNK)(UNK)(UNK)(UNK)(UNK)(UNK)(UNK)(UNK)(UNK)(UNK)(UNK)(UNK)(UNK)
(UNK)(UNK)(UNK)(UNK)(UNK)(UNK)(UNK)(UNK)SNDFITLFVAIELQSYSIYLITAIYNSSYKASKASMLYFF
MGGILSILIAYSINTYYSVLNSYTLHSLDSLIINTLDLNLILIALSLGLLFKIGIAPLHKWLISIYENTPILITIYISLI
PKISILSYLVL(UNK)(UNK)(UNK)(UNK)(UNK)(UNK)SILAILTLLVGSVGGLLQIKIKRLLAFSGLTNAGYMMLL
LLLNNNEFSYLYYITQYSISHLAIFMIII(UNK)(UNK)(UNK)(UNK)(UNK)(UNK)(UNK)(UNK)(UNK)(UNK)
(UNK)(UNK)(UNK)(UNK)(UNK)(UNK)(UNK)(UNK)(UNK)(UNK)(UNK)(UNK)(UNK)(UNK)(UNK)LVLSM
AIVVFSFIGIPPLLGFFGKLNILMSILNNGYYFISIVLIVASLISALYYLY(UNK)(UNK)(UNK)(UNK)(UNK)
(UNK)(UNK)(UNK)(UNK)(UNK)(UNK)(UNK)(UNK)(UNK)(UNK)(UNK)(UNK)(UNK)(UNK)(UNK)(UNK)
(UNK)(UNK)(UNK)(UNK)(UNK)(UNK)(UNK)(UNK)(UNK)(UNK)(UNK)(UNK)(UNK)(UNK)(UNK)(UNK)
(UNK)(UNK)(UNK)(UNK)
;
2
3 'polypeptide(L)'
;MNTFIIFIILIPIVGFALLAVNILLAVYKPYNEKLGAFECGLTSFNQTRLAFNAAFILVAILFLPFDLEISTLLPYVMSI
YLVSNYGFTIVLLFLLILIIGFVYEINTNA
;
3
4 'polypeptide(L)'
;(UNK)(UNK)(UNK)(UNK)(UNK)(UNK)(UNK)(UNK)(UNK)(UNK)(UNK)(UNK)(UNK)(UNK)(UNK)(UNK)
(UNK)(UNK)(UNK)(UNK)(UNK)(UNK)(UNK)(UNK)(UNK)(UNK)(UNK)(UNK)(UNK)(UNK)(UNK)(UNK)
(UNK)(UNK)(UNK)(UNK)(UNK)(UNK)(UNK)(UNK)(UNK)(UNK)(UNK)(UNK)(UNK)(UNK)(UNK)(UNK)
(UNK)(UNK)(UNK)(UNK)(UNK)(UNK)(UNK)(UNK)(UNK)(UNK)(UNK)(UNK)(UNK)(UNK)(UNK)(UNK)
(UNK)(UNK)(UNK)(UNK)(UNK)(UNK)(UNK)(UNK)(UNK)(UNK)(UNK)(UNK)(UNK)(UNK)(UNK)(UNK)
(UNK)(UNK)(UNK)(UNK)(UNK)(UNK)(UNK)(UNK)(UNK)(UNK)(UNK)(UNK)(UNK)(UNK)(UNK)(UNK)
(UNK)(UNK)(UNK)(UNK)(UNK)(UNK)(UNK)(UNK)(UNK)(UNK)(UNK)(UNK)(UNK)(UNK)(UNK)(UNK)
(UNK)(UNK)(UNK)(UNK)(UNK)(UNK)(UNK)(UNK)SFYILFEATLPLLFILIHIYGSSDSERASFYVLMFTLSGS
LFMLLSIVVISIVLNTTNFINHNLFVLSLDLQTIIWLGLFIAIMVKTPLFPIHVWLPVVHSESPLAGSMILAGLILKLAL
YAILRLLLPLLCEAQILYTPMIYIISLLTIILTSLATLRQIDLKVIIAYSSISHMGIAILGVCSNTSLGI(UNK)(UNK)
(UNK)(UNK)(UNK)(UNK)(UNK)(UNK)(UNK)(UNK)(UNK)(UNK)(UNK)(UNK)(UNK)(UNK)(UNK)(UNK)
(UNK)(UNK)(UNK)(UNK)(UNK)(UNK)(UNK)(UNK)(UNK)(UNK)(UNK)(UNK)(UNK)(UNK)(UNK)(UNK)
(UNK)(UNK)YKGLTTYMPQLATYIIILSFANIGTPLTGNFTGEFLSLQGGFIRNPI(UNK)(UNK)(UNK)(UNK)
(UNK)(UNK)(UNK)(UNK)(UNK)(UNK)(UNK)(UNK)(UNK)(UNK)(UNK)(UNK)(UNK)(UNK)(UNK)(UNK)
(UNK)(UNK)(UNK)(UNK)(UNK)(UNK)(UNK)(UNK)(UNK)(UNK)(UNK)(UNK)(UNK)(UNK)(UNK)(UNK)
(UNK)(UNK)(UNK)(UNK)(UNK)(UNK)FIMNILIISTLIIGICPQIM(UNK)(UNK)(UNK)(UNK)(UNK)(UNK)
(UNK)(UNK)(UNK)(UNK)(UNK)(UNK)(UNK)(UNK)(UNK)
;
4
5 'polypeptide(L)'
;(UNK)(UNK)(UNK)(UNK)(UNK)(UNK)(UNK)(UNK)(UNK)(UNK)(UNK)(UNK)(UNK)(UNK)(UNK)(UNK)
(UNK)(UNK)(UNK)(UNK)(UNK)(UNK)(UNK)(UNK)(UNK)(UNK)(UNK)(UNK)(UNK)(UNK)(UNK)(UNK)
(UNK)(UNK)(UNK)(UNK)(UNK)(UNK)(UNK)(UNK)(UNK)(UNK)(UNK)(UNK)(UNK)(UNK)(UNK)(UNK)
(UNK)(UNK)(UNK)(UNK)(UNK)(UNK)(UNK)(UNK)(UNK)(UNK)(UNK)(UNK)(UNK)(UNK)(UNK)(UNK)
(UNK)(UNK)(UNK)(UNK)(UNK)(UNK)LDINYNFEIDALTITMLLAITTISSMVHIYSIGYMETDPHQVRFFSLLSM
FTFWMIILVTGSNYFVLFVGWEFIGVTSYLLISFWVTRLQAMKSALSAVLMNRFGDAFFVLGLCVIAYVFG(UNK)
(UNK)(UNK)(UNK)(UNK)(UNK)(UNK)(UNK)(UNK)(UNK)(UNK)(UNK)(UNK)TDLLVLIMLALFIAAMAKSA
QFGLHNWLTLAMEGPTPVSSLLHAAT(UNK)(UNK)(UNK)(UNK)(UNK)(UNK)(UNK)(UNK)(UNK)(UNK)
(UNK)(UNK)(UNK)(UNK)(UNK)(UNK)(UNK)(UNK)(UNK)(UNK)(UNK)(UNK)(UNK)(UNK)(UNK)(UNK)
(UNK)(UNK)(UNK)(UNK)(UNK)(UNK)(UNK)(UNK)(UNK)(UNK)(UNK)(UNK)(UNK)(UNK)(UNK)(UNK)
(UNK)(UNK)KRIIALSTMSQLGMMTIAIGLSA(UNK)(UNK)LALFHLLGHAFFKALLFMSAGSIIHSIL(UNK)
(UNK)(UNK)(UNK)(UNK)(UNK)(UNK)(UNK)(UNK)(UNK)(UNK)(UNK)(UNK)(UNK)(UNK)LPYTYICITI
ASLSLMAMPGLTGYYTKDIIIESTYGS(UNK)(UNK)(UNK)(UNK)(UNK)(UNK)(UNK)AYLSAVLTCVYSMKILYL
TF(UNK)(UNK)(UNK)(UNK)(UNK)(UNK)(UNK)(UNK)(UNK)(UNK)(UNK)(UNK)(UNK)(UNK)TLPMFILA
IFAMFAGW(UNK)(UNK)(UNK)(UNK)(UNK)(UNK)(UNK)(UNK)(UNK)(UNK)(UNK)(UNK)(UNK)(UNK)
(UNK)(UNK)(UNK)(UNK)(UNK)(UNK)(UNK)(UNK)(UNK)(UNK)(UNK)(UNK)(UNK)(UNK)(UNK)(UNK)
(UNK)(UNK)(UNK)(UNK)(UNK)(UNK)(UNK)(UNK)(UNK)(UNK)(UNK)(UNK)(UNK)(UNK)(UNK)(UNK)
(UNK)(UNK)(UNK)(UNK)(UNK)(UNK)(UNK)(UNK)(UNK)(UNK)(UNK)(UNK)(UNK)(UNK)(UNK)(UNK)
(UNK)(UNK)(UNK)(UNK)(UNK)(UNK)(UNK)(UNK)(UNK)(UNK)(UNK)(UNK)(UNK)(UNK)(UNK)(UNK)
(UNK)(UNK)(UNK)(UNK)(UNK)(UNK)GLVTSGNIAHHVDKGSLYRLGPVGI(UNK)(UNK)(UNK)(UNK)(UNK)
(UNK)(UNK)(UNK)(UNK)(UNK)(UNK)(UNK)MNSMLILITIVSLLLLVLVMNVNFIIVIPVLISILYIL(UNK)
;
5
6 'polypeptide(L)'
;(UNK)(UNK)(UNK)(UNK)(UNK)(UNK)(UNK)(UNK)(UNK)ITIFLAILCTIFIISAKNPMVSILYMIALFVIAAM
YLYLIGLGIFSLLYIMIYIGAIAVLFLFIITLLDINSTELSVKSNIRDLPLVLISLIVLTISGLMIYSNDSILINKLLEA
FGNDYNTIITQDWFNIENTTLLTTIGNVLLTNNAFILLVLAIVLLLGIIGPISITMKHKE
;
6
7 'polypeptide(L)'
;(UNK)(UNK)(UNK)(UNK)(UNK)(UNK)(UNK)(UNK)(UNK)(UNK)(UNK)(UNK)(UNK)(UNK)(UNK)(UNK)
(UNK)(UNK)(UNK)(UNK)(UNK)(UNK)(UNK)(UNK)(UNK)(UNK)(UNK)(UNK)(UNK)(UNK)(UNK)(UNK)
(UNK)CYHDKLAIAGNCRMCLVDVERAPKPVASCAYPVAPGMVVRTDTERVKQARENVMEMMLQNHPLDCPVCDQGGECD
LQDQS(UNK)(UNK)(UNK)(UNK)(UNK)(UNK)(UNK)(UNK)(UNK)(UNK)(UNK)(UNK)(UNK)(UNK)(UNK)
(UNK)(UNK)(UNK)(UNK)(UNK)(UNK)(UNK)(UNK)(UNK)(UNK)(UNK)(UNK)(UNK)(UNK)(UNK)CIHCT
RCVRFANDIAGA(UNK)(UNK)(UNK)(UNK)(UNK)(UNK)(UNK)(UNK)(UNK)(UNK)(UNK)(UNK)(UNK)
(UNK)(UNK)(UNK)(UNK)(UNK)(UNK)(UNK)(UNK)(UNK)(UNK)(UNK)(UNK)(UNK)(UNK)(UNK)(UNK)
(UNK)(UNK)(UNK)(UNK)C(UNK)(UNK)(UNK)(UNK)(UNK)(UNK)(UNK)(UNK)(UNK)(UNK)(UNK)
(UNK)(UNK)(UNK)(UNK)(UNK)(UNK)(UNK)(UNK)(UNK)(UNK)(UNK)(UNK)(UNK)(UNK)(UNK)(UNK)
(UNK)(UNK)(UNK)(UNK)(UNK)(UNK)(UNK)(UNK)(UNK)(UNK)(UNK)(UNK)(UNK)(UNK)(UNK)(UNK)
(UNK)(UNK)(UNK)(UNK)(UNK)(UNK)(UNK)(UNK)(UNK)(UNK)(UNK)(UNK)(UNK)(UNK)(UNK)(UNK)
(UNK)(UNK)(UNK)(UNK)(UNK)(UNK)(UNK)(UNK)(UNK)(UNK)(UNK)(UNK)(UNK)(UNK)(UNK)(UNK)
(UNK)(UNK)(UNK)(UNK)(UNK)(UNK)(UNK)(UNK)(UNK)(UNK)(UNK)(UNK)(UNK)(UNK)(UNK)(UNK)
(UNK)(UNK)(UNK)(UNK)(UNK)(UNK)(UNK)(UNK)(UNK)(UNK)(UNK)(UNK)(UNK)(UNK)(UNK)(UNK)
(UNK)(UNK)(UNK)(UNK)(UNK)(UNK)(UNK)(UNK)(UNK)(UNK)(UNK)(UNK)(UNK)(UNK)(UNK)(UNK)
(UNK)(UNK)(UNK)(UNK)(UNK)(UNK)(UNK)(UNK)(UNK)(UNK)(UNK)(UNK)(UNK)(UNK)(UNK)(UNK)
(UNK)(UNK)(UNK)(UNK)(UNK)(UNK)(UNK)(UNK)(UNK)(UNK)(UNK)(UNK)(UNK)(UNK)(UNK)(UNK)
(UNK)(UNK)(UNK)(UNK)(UNK)(UNK)(UNK)(UNK)(UNK)(UNK)(UNK)(UNK)(UNK)(UNK)(UNK)(UNK)
(UNK)(UNK)(UNK)(UNK)(UNK)(UNK)(UNK)(UNK)(UNK)(UNK)(UNK)(UNK)(UNK)(UNK)(UNK)(UNK)
(UNK)(UNK)(UNK)(UNK)(UNK)(UNK)(UNK)(UNK)(UNK)(UNK)(UNK)(UNK)(UNK)(UNK)(UNK)(UNK)
(UNK)(UNK)(UNK)(UNK)(UNK)(UNK)(UNK)(UNK)(UNK)(UNK)(UNK)(UNK)(UNK)(UNK)(UNK)(UNK)
(UNK)(UNK)(UNK)(UNK)(UNK)(UNK)(UNK)(UNK)(UNK)(UNK)(UNK)(UNK)(UNK)(UNK)(UNK)(UNK)
(UNK)(UNK)(UNK)(UNK)(UNK)(UNK)(UNK)(UNK)(UNK)(UNK)(UNK)(UNK)(UNK)(UNK)(UNK)(UNK)
(UNK)(UNK)(UNK)(UNK)(UNK)(UNK)(UNK)(UNK)(UNK)(UNK)(UNK)(UNK)(UNK)(UNK)(UNK)(UNK)
(UNK)(UNK)(UNK)(UNK)(UNK)(UNK)(UNK)(UNK)(UNK)(UNK)(UNK)(UNK)(UNK)(UNK)(UNK)(UNK)
(UNK)(UNK)(UNK)(UNK)(UNK)(UNK)(UNK)(UNK)(UNK)(UNK)(UNK)(UNK)(UNK)(UNK)(UNK)(UNK)
(UNK)(UNK)(UNK)(UNK)(UNK)(UNK)(UNK)(UNK)(UNK)(UNK)(UNK)(UNK)(UNK)(UNK)(UNK)(UNK)
(UNK)(UNK)(UNK)(UNK)(UNK)(UNK)(UNK)(UNK)(UNK)(UNK)(UNK)(UNK)(UNK)(UNK)(UNK)(UNK)
(UNK)(UNK)(UNK)(UNK)(UNK)(UNK)(UNK)(UNK)(UNK)(UNK)(UNK)(UNK)(UNK)(UNK)(UNK)(UNK)
(UNK)(UNK)(UNK)(UNK)(UNK)(UNK)(UNK)(UNK)(UNK)(UNK)(UNK)(UNK)(UNK)(UNK)(UNK)(UNK)
(UNK)(UNK)(UNK)(UNK)(UNK)(UNK)(UNK)(UNK)(UNK)(UNK)(UNK)(UNK)(UNK)(UNK)(UNK)(UNK)
(UNK)(UNK)(UNK)(UNK)(UNK)(UNK)(UNK)(UNK)(UNK)(UNK)(UNK)(UNK)(UNK)(UNK)(UNK)(UNK)
(UNK)(UNK)(UNK)(UNK)(UNK)(UNK)(UNK)(UNK)(UNK)(UNK)(UNK)(UNK)(UNK)(UNK)(UNK)(UNK)
(UNK)(UNK)(UNK)(UNK)(UNK)(UNK)(UNK)(UNK)(UNK)(UNK)(UNK)(UNK)(UNK)(UNK)(UNK)(UNK)
(UNK)(UNK)(UNK)(UNK)(UNK)(UNK)(UNK)(UNK)(UNK)(UNK)(UNK)(UNK)(UNK)
;
A
8 'polypeptide(L)'
;(UNK)(UNK)(UNK)(UNK)(UNK)(UNK)(UNK)(UNK)(UNK)(UNK)(UNK)(UNK)(UNK)(UNK)(UNK)(UNK)
(UNK)(UNK)(UNK)(UNK)(UNK)(UNK)(UNK)(UNK)(UNK)(UNK)(UNK)(UNK)(UNK)(UNK)(UNK)(UNK)
(UNK)(UNK)(UNK)(UNK)(UNK)(UNK)(UNK)(UNK)(UNK)(UNK)(UNK)(UNK)(UNK)FPSGLKWSFMNPPGW
EKN(UNK)(UNK)(UNK)(UNK)(UNK)(UNK)DREIMRKDPHKLVEGCLLAGRAMNATAAYIY(UNK)(UNK)(UNK)
(UNK)(UNK)(UNK)(UNK)(UNK)(UNK)(UNK)(UNK)(UNK)(UNK)(UNK)(UNK)(UNK)(UNK)(UNK)(UNK)
(UNK)(UNK)(UNK)(UNK)(UNK)(UNK)(UNK)(UNK)(UNK)(UNK)(UNK)(UNK)(UNK)(UNK)(UNK)(UNK)
(UNK)(UNK)(UNK)(UNK)(UNK)(UNK)(UNK)(UNK)(UNK)(UNK)(UNK)(UNK)(UNK)(UNK)(UNK)(UNK)
(UNK)(UNK)(UNK)(UNK)(UNK)(UNK)(UNK)(UNK)(UNK)(UNK)(UNK)(UNK)(UNK)(UNK)(UNK)(UNK)
(UNK)(UNK)(UNK)(UNK)G(UNK)(UNK)(UNK)(UNK)(UNK)(UNK)(UNK)(UNK)(UNK)(UNK)(UNK)
(UNK)(UNK)(UNK)(UNK)(UNK)(UNK)(UNK)(UNK)(UNK)(UNK)(UNK)(UNK)(UNK)(UNK)(UNK)(UNK)
(UNK)(UNK)(UNK)(UNK)(UNK)(UNK)(UNK)(UNK)(UNK)(UNK)(UNK)(UNK)(UNK)(UNK)(UNK)(UNK)
(UNK)(UNK)(UNK)(UNK)(UNK)(UNK)(UNK)(UNK)(UNK)(UNK)(UNK)(UNK)(UNK)(UNK)(UNK)(UNK)
(UNK)(UNK)(UNK)(UNK)(UNK)(UNK)(UNK)(UNK)(UNK)(UNK)(UNK)(UNK)(UNK)(UNK)(UNK)(UNK)
(UNK)(UNK)(UNK)(UNK)(UNK)(UNK)(UNK)(UNK)(UNK)(UNK)(UNK)(UNK)(UNK)(UNK)(UNK)(UNK)
(UNK)(UNK)(UNK)(UNK)(UNK)(UNK)(UNK)(UNK)(UNK)(UNK)(UNK)(UNK)(UNK)(UNK)(UNK)(UNK)
(UNK)(UNK)(UNK)(UNK)(UNK)(UNK)(UNK)(UNK)(UNK)(UNK)CGQCTPCREGTTWLLKAMDRFRTGQAKERE
IDMLYELTKDIEGHTICALGDAAA(UNK)(UNK)(UNK)(UNK)(UNK)(UNK)(UNK)(UNK)(UNK)(UNK)(UNK)
(UNK)(UNK)(UNK)(UNK)(UNK)(UNK)(UNK)(UNK)(UNK)(UNK)(UNK)(UNK)(UNK)(UNK)(UNK)(UNK)
;
B
9 'polypeptide(L)'
;FTINFGPQHPAAHGVLRLILELSGEEIIRSDPHVGLLHRGTEKLIEYKTYMQALPYFDRLDYVSMMTNEQVFSLAVEKLL
NVEVPLRGKYIRTMFGEITRVLNHLMSVCSHAMDVGALTPFLWGFEEREKLMEFYERVSGARLHAAYVRPGGVSQDLPAG
LLDDIYMWATQFGDRLDEIEELLTDNRIWKLRTVNIGTVTAQDALNLGLSGPMLRGSGIPFDIRKNAPYDAYDKVDFDVP
VGMNGDCYDRYLIRMAEFRQSLRIIEQCCNDMPAGAVKVEDFKINSPPRNLMKEDMEALIHHFLLYTKGYSVPPGETYTA
IEAPKGEMGVYVVSDGSERPYKCKIRAPGFAHLGAFDHIARGHFLPDAVAIIGTMDLVFGEVD
;
C
10 'polypeptide(L)'
;(UNK)(UNK)(UNK)(UNK)(UNK)(UNK)(UNK)(UNK)(UNK)(UNK)(UNK)(UNK)(UNK)(UNK)(UNK)(UNK)
(UNK)(UNK)(UNK)(UNK)(UNK)(UNK)(UNK)(UNK)(UNK)(UNK)(UNK)(UNK)(UNK)(UNK)(UNK)(UNK)
(UNK)(UNK)(UNK)(UNK)(UNK)(UNK)(UNK)(UNK)(UNK)(UNK)(UNK)(UNK)(UNK)(UNK)(UNK)(UNK)
(UNK)(UNK)(UNK)(UNK)(UNK)(UNK)(UNK)(UNK)(UNK)(UNK)(UNK)(UNK)(UNK)(UNK)(UNK)(UNK)
(UNK)(UNK)(UNK)(UNK)(UNK)(UNK)(UNK)(UNK)(UNK)(UNK)(UNK)(UNK)(UNK)(UNK)(UNK)(UNK)
(UNK)(UNK)(UNK)(UNK)(UNK)(UNK)(UNK)(UNK)(UNK)(UNK)(UNK)(UNK)(UNK)(UNK)(UNK)(UNK)
(UNK)(UNK)(UNK)(UNK)(UNK)(UNK)(UNK)(UNK)(UNK)(UNK)(UNK)(UNK)(UNK)(UNK)(UNK)(UNK)
(UNK)(UNK)(UNK)(UNK)(UNK)(UNK)(UNK)(UNK)(UNK)(UNK)(UNK)(UNK)(UNK)(UNK)(UNK)(UNK)
(UNK)(UNK)(UNK)(UNK)(UNK)(UNK)(UNK)(UNK)(UNK)(UNK)(UNK)(UNK)(UNK)(UNK)(UNK)(UNK)
(UNK)(UNK)(UNK)(UNK)(UNK)(UNK)(UNK)(UNK)(UNK)(UNK)(UNK)(UNK)(UNK)(UNK)(UNK)(UNK)
(UNK)(UNK)(UNK)(UNK)(UNK)(UNK)(UNK)(UNK)(UNK)(UNK)(UNK)(UNK)(UNK)(UNK)(UNK)(UNK)
(UNK)(UNK)(UNK)(UNK)(UNK)(UNK)(UNK)(UNK)(UNK)(UNK)(UNK)(UNK)(UNK)(UNK)(UNK)(UNK)
(UNK)(UNK)(UNK)
;
E
11 'polypeptide(L)'
;SDLHQYAKYIMAALPKYIQGFS(UNK)(UNK)(UNK)(UNK)(UNK)(UNK)(UNK)(UNK)(UNK)(UNK)(UNK)
(UNK)(UNK)(UNK)(UNK)(UNK)(UNK)(UNK)(UNK)(UNK)(UNK)(UNK)(UNK)(UNK)(UNK)(UNK)(UNK)
(UNK)(UNK)(UNK)(UNK)(UNK)(UNK)(UNK)(UNK)(UNK)(UNK)(UNK)(UNK)(UNK)(UNK)(UNK)(UNK)
(UNK)(UNK)(UNK)(UNK)(UNK)(UNK)(UNK)(UNK)(UNK)(UNK)(UNK)(UNK)(UNK)(UNK)(UNK)(UNK)
(UNK)(UNK)(UNK)(UNK)(UNK)TPVPSITCLYEGANWFEREAYDMYGVFFEGHPDLRRIMTDYGFEGHP
;
G
12 'polypeptide(L)'
;(UNK)(UNK)(UNK)(UNK)(UNK)(UNK)(UNK)(UNK)(UNK)(UNK)(UNK)(UNK)(UNK)(UNK)(UNK)(UNK)
(UNK)(UNK)(UNK)(UNK)(UNK)(UNK)(UNK)(UNK)M(UNK)(UNK)(UNK)(UNK)(UNK)(UNK)(UNK)
(UNK)(UNK)(UNK)(UNK)(UNK)(UNK)(UNK)(UNK)(UNK)(UNK)(UNK)(UNK)(UNK)(UNK)(UNK)(UNK)
(UNK)(UNK)(UNK)(UNK)(UNK)(UNK)(UNK)(UNK)(UNK)(UNK)(UNK)(UNK)(UNK)(UNK)(UNK)(UNK)
CTTTPCQLCGSDGIMEAVQ(UNK)(UNK)(UNK)G(UNK)G(UNK)G(UNK)(UNK)(UNK)(UNK)(UNK)G(UNK)
(UNK)(UNK)(UNK)(UNK)(UNK)C(UNK)G(UNK)C(UNK)(UNK)(UNK)(UNK)(UNK)(UNK)(UNK)(UNK)
(UNK)(UNK)(UNK)(UNK)(UNK)(UNK)(UNK)(UNK)(UNK)(UNK)(UNK)(UNK)(UNK)G(UNK)(UNK)
(UNK)G(UNK)(UNK)(UNK)(UNK)(UNK)(UNK)(UNK)(UNK)(UNK)G(UNK)(UNK)(UNK)(UNK)(UNK)
(UNK)(UNK)(UNK)(UNK)(UNK)
;
H
13 'polypeptide(L)'
;SKATKYFLLAEMFRGLYVVLE(UNK)(UNK)(UNK)(UNK)(UNK)(UNK)(UNK)(UNK)(UNK)(UNK)(UNK)
(UNK)(UNK)(UNK)(UNK)(UNK)(UNK)(UNK)ERCIACKLCEAICPALAITIDAEERIDGSRRTTKYDIDMTKCIYC
GYCQESCPVDAIVETPNVEYATET(UNK)(UNK)(UNK)(UNK)(UNK)(UNK)(UNK)(UNK)(UNK)(UNK)(UNK)
(UNK)(UNK)(UNK)(UNK)(UNK)(UNK)(UNK)(UNK)(UNK)(UNK)(UNK)(UNK)(UNK)(UNK)(UNK)(UNK)
(UNK)(UNK)(UNK)(UNK)(UNK)
;
I
14 'polypeptide(L)'
;YTLTTLDAVANWARQGSFWPVTFGLACCAVEMMHVSAPRYDQDRLGIIFRASPRQSDIMIVAGTLTNKMAPVLRCVYDQM
PEPRWVISMGSCANGGGYYHFSYSVVRGCDRIVPVDVYVPGCPPTSEALMYGVFQLQRKMRNTKITR
;
K
15 'polypeptide(L)' MFIGTIILVLSFLGFVFNRRNIILAFICLETMLLGINLILLRNSVLFDDISGSLFAIVIIILAGVESAIGLSLLVSYYR L
16 'polypeptide(L)'
;(UNK)(UNK)(UNK)(UNK)(UNK)(UNK)(UNK)(UNK)(UNK)(UNK)(UNK)(UNK)(UNK)(UNK)(UNK)(UNK)
(UNK)
;
Z,r
17 'polypeptide(L)'
;(UNK)(UNK)(UNK)(UNK)(UNK)(UNK)(UNK)(UNK)(UNK)(UNK)(UNK)(UNK)(UNK)(UNK)(UNK)(UNK)
(UNK)(UNK)(UNK)(UNK)(UNK)(UNK)(UNK)(UNK)(UNK)(UNK)(UNK)(UNK)(UNK)(UNK)(UNK)(UNK)
(UNK)(UNK)(UNK)(UNK)(UNK)(UNK)(UNK)(UNK)
;
Y,AF
18 'polypeptide(L)' (UNK)(UNK)(UNK)(UNK)(UNK)(UNK)(UNK)(UNK)(UNK)(UNK) U
19 'polypeptide(L)'
;(UNK)(UNK)(UNK)(UNK)(UNK)(UNK)(UNK)(UNK)(UNK)(UNK)(UNK)(UNK)(UNK)(UNK)(UNK)(UNK)
(UNK)(UNK)(UNK)(UNK)(UNK)(UNK)(UNK)(UNK)(UNK)(UNK)(UNK)(UNK)(UNK)(UNK)(UNK)(UNK)
(UNK)(UNK)(UNK)(UNK)(UNK)(UNK)(UNK)(UNK)(UNK)(UNK)(UNK)(UNK)(UNK)(UNK)(UNK)(UNK)
(UNK)(UNK)(UNK)(UNK)(UNK)(UNK)(UNK)(UNK)(UNK)
;
X
20 'polypeptide(L)'
;(UNK)(UNK)(UNK)(UNK)(UNK)(UNK)(UNK)(UNK)(UNK)(UNK)(UNK)(UNK)(UNK)(UNK)(UNK)(UNK)
(UNK)(UNK)(UNK)(UNK)(UNK)(UNK)(UNK)(UNK)(UNK)(UNK)(UNK)(UNK)(UNK)(UNK)(UNK)(UNK)
(UNK)(UNK)(UNK)(UNK)(UNK)(UNK)(UNK)(UNK)(UNK)(UNK)(UNK)(UNK)(UNK)(UNK)(UNK)(UNK)
(UNK)(UNK)(UNK)(UNK)(UNK)(UNK)
;
W
21 'polypeptide(L)'
;(UNK)(UNK)(UNK)(UNK)(UNK)(UNK)(UNK)(UNK)(UNK)(UNK)(UNK)(UNK)(UNK)(UNK)(UNK)(UNK)
(UNK)(UNK)(UNK)(UNK)(UNK)(UNK)(UNK)(UNK)(UNK)(UNK)(UNK)(UNK)(UNK)(UNK)(UNK)(UNK)
(UNK)(UNK)(UNK)(UNK)(UNK)(UNK)(UNK)(UNK)(UNK)(UNK)(UNK)(UNK)(UNK)(UNK)(UNK)(UNK)
(UNK)(UNK)(UNK)(UNK)(UNK)(UNK)(UNK)(UNK)(UNK)(UNK)(UNK)(UNK)(UNK)(UNK)(UNK)
;
V
22 'polypeptide(L)'
;(UNK)(UNK)(UNK)(UNK)(UNK)(UNK)(UNK)(UNK)(UNK)(UNK)(UNK)(UNK)(UNK)(UNK)(UNK)(UNK)
(UNK)(UNK)(UNK)(UNK)
;
T,m,AI
23 'polypeptide(L)'
;(UNK)(UNK)(UNK)(UNK)(UNK)(UNK)(UNK)(UNK)(UNK)(UNK)(UNK)(UNK)(UNK)(UNK)(UNK)(UNK)
(UNK)(UNK)(UNK)
;
S,AJ,AL
24 'polypeptide(L)'
;(UNK)(UNK)(UNK)(UNK)(UNK)(UNK)(UNK)(UNK)(UNK)(UNK)(UNK)(UNK)(UNK)(UNK)(UNK)(UNK)
(UNK)(UNK)(UNK)(UNK)(UNK)(UNK)(UNK)(UNK)(UNK)(UNK)(UNK)(UNK)(UNK)(UNK)(UNK)(UNK)
(UNK)(UNK)(UNK)(UNK)(UNK)(UNK)(UNK)(UNK)(UNK)(UNK)(UNK)(UNK)(UNK)(UNK)(UNK)(UNK)
(UNK)(UNK)
;
R
25 'polypeptide(L)'
;(UNK)(UNK)(UNK)(UNK)(UNK)(UNK)(UNK)(UNK)(UNK)(UNK)(UNK)(UNK)(UNK)(UNK)(UNK)(UNK)
(UNK)(UNK)(UNK)(UNK)(UNK)(UNK)(UNK)(UNK)(UNK)(UNK)(UNK)(UNK)(UNK)(UNK)(UNK)(UNK)
(UNK)(UNK)(UNK)(UNK)(UNK)(UNK)(UNK)(UNK)(UNK)(UNK)(UNK)(UNK)(UNK)(UNK)(UNK)(UNK)
(UNK)(UNK)(UNK)(UNK)(UNK)(UNK)(UNK)(UNK)(UNK)(UNK)(UNK)(UNK)(UNK)(UNK)(UNK)(UNK)
(UNK)(UNK)(UNK)(UNK)(UNK)(UNK)
;
Q
26 'polypeptide(L)'
;(UNK)(UNK)(UNK)(UNK)(UNK)(UNK)(UNK)(UNK)(UNK)(UNK)(UNK)(UNK)(UNK)(UNK)(UNK)(UNK)
(UNK)(UNK)(UNK)(UNK)(UNK)(UNK)(UNK)(UNK)(UNK)(UNK)(UNK)(UNK)
;
P
27 'polypeptide(L)'
;(UNK)(UNK)(UNK)(UNK)(UNK)(UNK)(UNK)(UNK)(UNK)(UNK)(UNK)(UNK)(UNK)(UNK)(UNK)(UNK)
(UNK)(UNK)
;
F,f,AC,AH,AM
28 'polypeptide(L)'
;(UNK)(UNK)(UNK)(UNK)(UNK)(UNK)(UNK)(UNK)(UNK)(UNK)(UNK)(UNK)(UNK)(UNK)(UNK)(UNK)
(UNK)(UNK)(UNK)(UNK)(UNK)(UNK)(UNK)(UNK)(UNK)
;
O,l
29 'polypeptide(L)'
;(UNK)(UNK)(UNK)(UNK)(UNK)(UNK)(UNK)(UNK)(UNK)(UNK)(UNK)(UNK)(UNK)(UNK)(UNK)(UNK)
(UNK)(UNK)(UNK)(UNK)(UNK)(UNK)(UNK)(UNK)(UNK)(UNK)(UNK)(UNK)(UNK)(UNK)(UNK)(UNK)
(UNK)(UNK)(UNK)(UNK)(UNK)(UNK)(UNK)(UNK)(UNK)(UNK)(UNK)(UNK)(UNK)(UNK)(UNK)(UNK)
(UNK)(UNK)(UNK)
;
M
30 'polypeptide(L)'
;(UNK)(UNK)(UNK)(UNK)(UNK)(UNK)(UNK)(UNK)(UNK)(UNK)(UNK)(UNK)(UNK)(UNK)(UNK)(UNK)
(UNK)(UNK)(UNK)(UNK)(UNK)(UNK)(UNK)(UNK)(UNK)(UNK)(UNK)(UNK)(UNK)(UNK)
;
D
31 'polypeptide(L)'
;(UNK)(UNK)(UNK)(UNK)(UNK)(UNK)(UNK)(UNK)(UNK)(UNK)(UNK)(UNK)(UNK)(UNK)(UNK)(UNK)
(UNK)(UNK)(UNK)(UNK)(UNK)(UNK)(UNK)(UNK)(UNK)(UNK)(UNK)(UNK)(UNK)(UNK)(UNK)(UNK)
(UNK)(UNK)(UNK)(UNK)(UNK)(UNK)(UNK)(UNK)(UNK)(UNK)(UNK)(UNK)(UNK)(UNK)(UNK)(UNK)
(UNK)(UNK)(UNK)(UNK)(UNK)(UNK)(UNK)(UNK)(UNK)(UNK)(UNK)(UNK)(UNK)(UNK)(UNK)(UNK)
(UNK)(UNK)(UNK)(UNK)(UNK)
;
J
32 'polypeptide(L)' (UNK)(UNK)(UNK)(UNK)(UNK)(UNK)(UNK)(UNK)(UNK)(UNK)(UNK)(UNK)(UNK)(UNK)(UNK) N
33 'polypeptide(L)'
;(UNK)(UNK)(UNK)(UNK)(UNK)(UNK)(UNK)(UNK)(UNK)(UNK)(UNK)(UNK)(UNK)(UNK)(UNK)(UNK)
(UNK)(UNK)(UNK)(UNK)(UNK)(UNK)(UNK)(UNK)(UNK)(UNK)
;
a,i
34 'polypeptide(L)'
;(UNK)(UNK)(UNK)(UNK)(UNK)(UNK)(UNK)(UNK)(UNK)(UNK)(UNK)(UNK)(UNK)(UNK)(UNK)(UNK)
(UNK)(UNK)(UNK)(UNK)(UNK)(UNK)
;
b
35 'polypeptide(L)' (UNK)(UNK)(UNK)(UNK)(UNK)(UNK)(UNK)(UNK)(UNK) c,g,AE,AK,AO
36 'polypeptide(L)' (UNK)(UNK)(UNK)(UNK)(UNK)(UNK)(UNK)(UNK)(UNK)(UNK)(UNK)(UNK)(UNK)(UNK)(UNK)(UNK) d,o,AB,AN
37 'polypeptide(L)' (UNK)(UNK)(UNK)(UNK)(UNK)(UNK)(UNK)(UNK)(UNK)(UNK)(UNK)(UNK)(UNK) e,w,z
38 'polypeptide(L)'
;(UNK)(UNK)(UNK)(UNK)(UNK)(UNK)(UNK)(UNK)(UNK)(UNK)(UNK)(UNK)(UNK)(UNK)(UNK)(UNK)
(UNK)(UNK)(UNK)(UNK)(UNK)(UNK)(UNK)(UNK)(UNK)(UNK)(UNK)(UNK)(UNK)(UNK)(UNK)(UNK)
(UNK)(UNK)(UNK)(UNK)(UNK)(UNK)(UNK)(UNK)(UNK)(UNK)(UNK)(UNK)(UNK)(UNK)(UNK)
;
h
39 'polypeptide(L)'
;(UNK)(UNK)(UNK)(UNK)(UNK)(UNK)(UNK)(UNK)(UNK)(UNK)(UNK)(UNK)(UNK)(UNK)(UNK)(UNK)
(UNK)(UNK)(UNK)(UNK)(UNK)(UNK)(UNK)(UNK)(UNK)(UNK)(UNK)(UNK)(UNK)(UNK)(UNK)(UNK)
(UNK)(UNK)(UNK)(UNK)(UNK)(UNK)(UNK)(UNK)(UNK)(UNK)(UNK)(UNK)(UNK)(UNK)(UNK)(UNK)
;
j
40 'polypeptide(L)'
;(UNK)(UNK)(UNK)(UNK)(UNK)(UNK)(UNK)(UNK)(UNK)(UNK)(UNK)(UNK)(UNK)(UNK)(UNK)(UNK)
(UNK)(UNK)(UNK)(UNK)(UNK)(UNK)(UNK)
;
k,s
41 'polypeptide(L)'
;(UNK)(UNK)(UNK)(UNK)(UNK)(UNK)(UNK)(UNK)(UNK)(UNK)(UNK)(UNK)(UNK)(UNK)(UNK)(UNK)
(UNK)(UNK)(UNK)(UNK)(UNK)(UNK)(UNK)(UNK)(UNK)(UNK)(UNK)(UNK)(UNK)(UNK)(UNK)(UNK)
(UNK)(UNK)(UNK)(UNK)
;
n,q
42 'polypeptide(L)'
;(UNK)(UNK)(UNK)(UNK)(UNK)(UNK)(UNK)(UNK)(UNK)(UNK)(UNK)(UNK)(UNK)(UNK)(UNK)(UNK)
(UNK)(UNK)(UNK)(UNK)(UNK)(UNK)(UNK)(UNK)(UNK)(UNK)(UNK)(UNK)(UNK)(UNK)(UNK)(UNK)
(UNK)(UNK)(UNK)(UNK)(UNK)(UNK)(UNK)(UNK)(UNK)(UNK)(UNK)(UNK)(UNK)(UNK)(UNK)(UNK)
(UNK)(UNK)(UNK)(UNK)(UNK)(UNK)(UNK)(UNK)(UNK)(UNK)(UNK)(UNK)(UNK)(UNK)(UNK)(UNK)
(UNK)(UNK)(UNK)(UNK)(UNK)(UNK)(UNK)(UNK)(UNK)(UNK)(UNK)(UNK)
;
p
43 'polypeptide(L)'
;(UNK)(UNK)(UNK)(UNK)(UNK)(UNK)(UNK)(UNK)(UNK)(UNK)(UNK)(UNK)(UNK)(UNK)(UNK)(UNK)
(UNK)(UNK)(UNK)(UNK)(UNK)(UNK)(UNK)(UNK)(UNK)(UNK)(UNK)(UNK)(UNK)(UNK)(UNK)(UNK)
(UNK)(UNK)(UNK)(UNK)(UNK)(UNK)(UNK)(UNK)(UNK)(UNK)(UNK)(UNK)(UNK)
;
t
44 'polypeptide(L)'
;(UNK)(UNK)(UNK)(UNK)(UNK)(UNK)(UNK)(UNK)(UNK)(UNK)(UNK)(UNK)(UNK)(UNK)(UNK)(UNK)
(UNK)(UNK)(UNK)(UNK)(UNK)(UNK)(UNK)(UNK)(UNK)(UNK)(UNK)(UNK)(UNK)(UNK)(UNK)(UNK)
;
u
45 'polypeptide(L)' (UNK)(UNK)(UNK)(UNK)(UNK)(UNK)(UNK)(UNK)(UNK)(UNK)(UNK) v,y
46 'polypeptide(L)' (UNK)(UNK)(UNK)(UNK)(UNK)(UNK)(UNK)(UNK) x,AG
47 'polypeptide(L)'
;(UNK)(UNK)(UNK)(UNK)(UNK)(UNK)(UNK)(UNK)(UNK)(UNK)(UNK)(UNK)(UNK)(UNK)(UNK)(UNK)
(UNK)(UNK)(UNK)(UNK)(UNK)(UNK)(UNK)(UNK)(UNK)(UNK)(UNK)(UNK)(UNK)(UNK)(UNK)(UNK)
(UNK)(UNK)(UNK)(UNK)(UNK)(UNK)(UNK)(UNK)(UNK)(UNK)(UNK)(UNK)(UNK)(UNK)(UNK)(UNK)
(UNK)(UNK)(UNK)(UNK)(UNK)(UNK)(UNK)(UNK)(UNK)(UNK)
;
AA
48 'polypeptide(L)'
;(UNK)(UNK)(UNK)(UNK)(UNK)(UNK)(UNK)(UNK)(UNK)(UNK)(UNK)(UNK)(UNK)(UNK)(UNK)(UNK)
(UNK)(UNK)(UNK)(UNK)(UNK)(UNK)(UNK)(UNK)(UNK)(UNK)(UNK)(UNK)(UNK)(UNK)(UNK)(UNK)
(UNK)(UNK)(UNK)(UNK)(UNK)(UNK)(UNK)
;
AD
#
# COMPACT_ATOMS: atom_id res chain seq x y z
N MET A 1 -61.85 -24.01 3.47
CA MET A 1 -60.82 -24.74 2.71
C MET A 1 -60.09 -25.79 3.59
N ILE A 2 -60.89 -26.59 4.33
CA ILE A 2 -60.42 -27.65 5.23
C ILE A 2 -59.73 -28.79 4.45
N ILE A 3 -60.15 -29.02 3.20
CA ILE A 3 -59.62 -30.04 2.28
C ILE A 3 -58.12 -29.80 1.98
N ASN A 4 -57.73 -28.53 1.78
CA ASN A 4 -56.36 -28.14 1.44
C ASN A 4 -55.42 -27.99 2.65
N ILE A 5 -55.93 -27.49 3.80
CA ILE A 5 -55.11 -27.26 5.01
C ILE A 5 -54.65 -28.59 5.68
N VAL A 6 -55.43 -29.68 5.54
CA VAL A 6 -55.07 -30.99 6.09
C VAL A 6 -54.07 -31.69 5.14
N GLU A 7 -54.25 -31.50 3.82
CA GLU A 7 -53.43 -32.06 2.75
C GLU A 7 -51.96 -31.61 2.85
N ILE A 8 -51.72 -30.32 3.16
CA ILE A 8 -50.37 -29.76 3.31
C ILE A 8 -49.67 -30.24 4.59
N LEU A 9 -50.43 -30.31 5.70
CA LEU A 9 -49.95 -30.70 7.03
C LEU A 9 -49.36 -32.10 7.05
N ILE A 10 -50.07 -33.11 6.50
CA ILE A 10 -49.61 -34.50 6.46
C ILE A 10 -48.33 -34.65 5.61
N PHE A 11 -48.19 -33.84 4.54
CA PHE A 11 -47.02 -33.82 3.68
C PHE A 11 -45.82 -33.22 4.43
N LEU A 12 -46.04 -32.05 5.08
CA LEU A 12 -45.03 -31.33 5.86
C LEU A 12 -44.56 -32.14 7.07
N VAL A 13 -45.49 -32.85 7.75
CA VAL A 13 -45.19 -33.70 8.91
C VAL A 13 -44.24 -34.85 8.50
N CYS A 14 -44.58 -35.55 7.39
CA CYS A 14 -43.76 -36.65 6.86
C CYS A 14 -42.40 -36.20 6.36
N VAL A 15 -42.33 -35.03 5.69
CA VAL A 15 -41.09 -34.45 5.16
C VAL A 15 -40.12 -34.10 6.30
N LEU A 16 -40.59 -33.33 7.31
CA LEU A 16 -39.80 -32.93 8.49
C LEU A 16 -39.33 -34.13 9.31
N PHE A 17 -40.19 -35.17 9.43
CA PHE A 17 -39.88 -36.41 10.14
C PHE A 17 -38.80 -37.20 9.40
N SER A 18 -38.88 -37.26 8.05
CA SER A 18 -37.91 -37.96 7.19
C SER A 18 -36.56 -37.26 7.20
N VAL A 19 -36.56 -35.91 7.28
CA VAL A 19 -35.35 -35.07 7.33
C VAL A 19 -34.62 -35.31 8.66
N ALA A 20 -35.38 -35.28 9.78
CA ALA A 20 -34.86 -35.51 11.14
C ALA A 20 -34.31 -36.93 11.29
N TYR A 21 -35.07 -37.95 10.83
CA TYR A 21 -34.70 -39.37 10.90
C TYR A 21 -33.44 -39.74 10.12
N LEU A 22 -33.11 -38.98 9.05
CA LEU A 22 -31.92 -39.23 8.24
C LEU A 22 -30.62 -39.02 9.04
N THR A 23 -30.65 -38.12 10.06
CA THR A 23 -29.51 -37.85 10.95
C THR A 23 -29.11 -39.14 11.71
N VAL A 24 -30.11 -39.99 12.03
CA VAL A 24 -29.93 -41.28 12.70
C VAL A 24 -29.53 -42.33 11.66
N ALA A 25 -30.16 -42.28 10.46
CA ALA A 25 -29.92 -43.20 9.34
C ALA A 25 -28.48 -43.12 8.83
N GLU A 26 -27.94 -41.90 8.68
CA GLU A 26 -26.57 -41.62 8.23
C GLU A 26 -25.58 -42.12 9.29
N ARG A 27 -25.92 -41.89 10.57
CA ARG A 27 -25.14 -42.28 11.75
C ARG A 27 -25.01 -43.81 11.86
N LYS A 28 -26.10 -44.55 11.54
CA LYS A 28 -26.16 -46.01 11.59
C LYS A 28 -25.53 -46.70 10.39
N THR A 29 -25.70 -46.13 9.18
CA THR A 29 -25.14 -46.68 7.94
C THR A 29 -23.62 -46.50 7.88
N LEU A 30 -23.09 -45.36 8.39
CA LEU A 30 -21.65 -45.09 8.46
C LEU A 30 -21.00 -46.00 9.48
N ALA A 31 -21.75 -46.37 10.54
CA ALA A 31 -21.32 -47.26 11.60
C ALA A 31 -21.09 -48.68 11.09
N TYR A 32 -21.99 -49.17 10.20
CA TYR A 32 -21.91 -50.51 9.59
C TYR A 32 -20.69 -50.66 8.68
N MET A 33 -20.30 -49.57 7.98
CA MET A 33 -19.13 -49.53 7.09
C MET A 33 -17.83 -49.50 7.90
N GLN A 34 -17.86 -48.82 9.06
CA GLN A 34 -16.74 -48.67 10.00
C GLN A 34 -16.61 -49.87 10.95
N ARG A 35 -17.52 -50.88 10.80
CA ARG A 35 -17.63 -52.14 11.57
C ARG A 35 -18.28 -51.95 12.97
N ARG A 36 -18.57 -50.70 13.37
CA ARG A 36 -19.21 -50.36 14.64
C ARG A 36 -20.75 -50.44 14.55
N LEU A 37 -21.46 -49.87 15.55
CA LEU A 37 -22.92 -49.84 15.60
C LEU A 37 -23.43 -48.42 15.87
N GLY A 38 -24.60 -48.10 15.31
CA GLY A 38 -25.21 -46.78 15.47
C GLY A 38 -25.86 -46.57 16.83
N PRO A 39 -26.87 -45.66 16.92
CA PRO A 39 -27.53 -45.43 18.22
C PRO A 39 -28.35 -46.63 18.70
N ASN A 40 -28.27 -46.96 20.00
CA ASN A 40 -28.97 -48.09 20.60
C ASN A 40 -29.75 -47.77 21.88
N PHE A 41 -29.13 -47.02 22.81
CA PHE A 41 -29.68 -46.64 24.12
C PHE A 41 -30.97 -45.82 24.06
N VAL A 42 -31.00 -44.78 23.18
CA VAL A 42 -32.11 -43.83 23.02
C VAL A 42 -33.42 -44.50 22.54
N GLY A 43 -34.55 -43.98 23.03
CA GLY A 43 -35.90 -44.43 22.69
C GLY A 43 -36.26 -45.79 23.22
N TYR A 44 -36.16 -46.81 22.34
CA TYR A 44 -36.45 -48.22 22.61
C TYR A 44 -35.82 -49.07 21.51
N TYR A 45 -35.94 -48.62 20.25
CA TYR A 45 -35.38 -49.27 19.07
C TYR A 45 -34.05 -48.62 18.64
N GLY A 46 -33.79 -47.42 19.18
CA GLY A 46 -32.62 -46.62 18.86
C GLY A 46 -32.90 -45.57 17.80
N LEU A 47 -34.20 -45.36 17.51
CA LEU A 47 -34.72 -44.44 16.48
C LEU A 47 -35.08 -43.05 17.01
N LEU A 48 -35.13 -42.87 18.34
CA LEU A 48 -35.47 -41.60 18.99
C LEU A 48 -34.27 -40.64 19.16
N GLN A 49 -33.12 -40.97 18.52
CA GLN A 49 -31.88 -40.19 18.58
C GLN A 49 -32.02 -38.75 18.07
N ALA A 50 -32.71 -38.56 16.92
CA ALA A 50 -32.94 -37.25 16.27
C ALA A 50 -33.70 -36.27 17.16
N PHE A 51 -34.80 -36.74 17.79
CA PHE A 51 -35.66 -35.94 18.68
C PHE A 51 -34.88 -35.55 19.93
N ALA A 52 -34.15 -36.51 20.53
CA ALA A 52 -33.32 -36.32 21.73
C ALA A 52 -32.23 -35.28 21.49
N ASP A 53 -31.65 -35.25 20.26
CA ASP A 53 -30.63 -34.28 19.86
C ASP A 53 -31.24 -32.88 19.72
N ALA A 54 -32.47 -32.81 19.17
CA ALA A 54 -33.20 -31.56 18.97
C ALA A 54 -33.66 -30.95 20.30
N VAL A 55 -34.22 -31.78 21.20
CA VAL A 55 -34.71 -31.38 22.54
C VAL A 55 -33.54 -30.87 23.41
N LYS A 56 -32.35 -31.49 23.29
CA LYS A 56 -31.11 -31.14 24.00
C LYS A 56 -30.70 -29.68 23.71
N LEU A 57 -30.81 -29.24 22.45
CA LEU A 57 -30.46 -27.89 22.02
C LEU A 57 -31.58 -26.86 22.26
N LEU A 58 -32.81 -27.33 22.57
CA LEU A 58 -33.93 -26.44 22.85
C LEU A 58 -33.82 -25.84 24.24
N LEU A 59 -33.20 -26.59 25.19
CA LEU A 59 -32.95 -26.13 26.55
C LEU A 59 -31.72 -25.21 26.53
N LYS A 60 -30.56 -25.77 26.11
CA LYS A 60 -29.23 -25.18 25.92
C LYS A 60 -28.98 -23.84 26.67
N GLU A 61 -28.57 -22.79 25.92
CA GLU A 61 -28.25 -21.44 26.40
C GLU A 61 -28.24 -20.45 25.21
N ILE A 62 -28.19 -19.13 25.52
CA ILE A 62 -28.20 -18.04 24.55
C ILE A 62 -26.76 -17.70 24.09
N VAL A 63 -26.63 -17.22 22.84
CA VAL A 63 -25.36 -16.78 22.23
C VAL A 63 -25.32 -15.24 22.13
N LEU A 64 -25.86 -14.56 23.17
CA LEU A 64 -25.96 -13.12 23.32
C LEU A 64 -24.60 -12.36 23.29
N PRO A 65 -23.52 -12.77 24.02
CA PRO A 65 -22.27 -12.00 23.95
C PRO A 65 -21.53 -12.09 22.62
N GLU A 67 -22.03 -9.49 20.19
CA GLU A 67 -22.96 -9.50 19.05
C GLU A 67 -22.47 -8.62 17.89
N SER A 68 -22.94 -8.94 16.67
CA SER A 68 -22.66 -8.21 15.43
C SER A 68 -23.92 -8.35 14.59
N ASN A 69 -24.94 -7.52 14.91
CA ASN A 69 -26.29 -7.53 14.33
C ASN A 69 -26.90 -8.91 14.66
N TYR A 70 -27.18 -9.15 15.96
CA TYR A 70 -27.70 -10.42 16.49
C TYR A 70 -29.06 -10.82 15.89
N ILE A 71 -29.59 -9.99 14.99
CA ILE A 71 -30.83 -10.23 14.24
C ILE A 71 -30.46 -10.83 12.87
N ILE A 72 -29.33 -10.37 12.28
CA ILE A 72 -28.80 -10.85 11.00
C ILE A 72 -28.20 -12.26 11.13
N LEU A 73 -27.53 -12.55 12.28
CA LEU A 73 -26.94 -13.87 12.58
C LEU A 73 -28.05 -14.93 12.73
N VAL A 74 -29.24 -14.52 13.20
CA VAL A 74 -30.39 -15.41 13.36
C VAL A 74 -31.28 -15.41 12.09
N ILE A 75 -31.05 -14.45 11.16
CA ILE A 75 -31.78 -14.35 9.88
C ILE A 75 -31.37 -15.48 8.92
N SER A 76 -30.07 -15.83 8.88
CA SER A 76 -29.51 -16.89 8.02
C SER A 76 -30.13 -18.29 8.27
N PRO A 77 -30.21 -18.85 9.50
CA PRO A 77 -30.85 -20.18 9.66
C PRO A 77 -32.34 -20.21 9.28
N LEU A 78 -33.03 -19.04 9.33
CA LEU A 78 -34.43 -18.91 8.95
C LEU A 78 -34.58 -18.91 7.43
N ILE A 79 -33.68 -18.19 6.72
CA ILE A 79 -33.66 -18.08 5.27
C ILE A 79 -33.31 -19.45 4.64
N THR A 80 -32.44 -20.25 5.28
CA THR A 80 -32.08 -21.58 4.81
C THR A 80 -33.26 -22.56 4.96
N LEU A 81 -34.09 -22.34 6.00
CA LEU A 81 -35.28 -23.17 6.27
C LEU A 81 -36.41 -22.87 5.29
N ILE A 82 -36.67 -21.57 4.99
CA ILE A 82 -37.74 -21.18 4.07
C ILE A 82 -37.47 -21.71 2.67
N THR A 83 -36.24 -21.52 2.14
CA THR A 83 -35.84 -21.99 0.81
C THR A 83 -35.96 -23.51 0.67
N ALA A 84 -35.62 -24.25 1.74
CA ALA A 84 -35.71 -25.71 1.79
C ALA A 84 -37.16 -26.17 1.70
N LEU A 85 -38.04 -25.61 2.56
CA LEU A 85 -39.47 -25.95 2.62
C LEU A 85 -40.25 -25.47 1.40
N ILE A 86 -39.92 -24.27 0.85
CA ILE A 86 -40.56 -23.71 -0.36
C ILE A 86 -40.06 -24.50 -1.59
N GLY A 87 -38.90 -25.13 -1.48
CA GLY A 87 -38.33 -25.98 -2.51
C GLY A 87 -39.11 -27.27 -2.68
N TRP A 88 -39.68 -27.78 -1.57
CA TRP A 88 -40.48 -29.00 -1.51
C TRP A 88 -41.89 -28.87 -2.09
N VAL A 89 -42.47 -27.65 -2.10
CA VAL A 89 -43.82 -27.40 -2.61
C VAL A 89 -43.91 -27.56 -4.14
N VAL A 90 -42.76 -27.73 -4.84
CA VAL A 90 -42.73 -27.90 -6.30
C VAL A 90 -42.05 -29.24 -6.70
N ILE A 91 -42.17 -30.29 -5.86
CA ILE A 91 -41.60 -31.62 -6.19
C ILE A 91 -42.73 -32.67 -6.23
N PRO A 92 -43.53 -32.74 -7.33
CA PRO A 92 -44.64 -33.71 -7.37
C PRO A 92 -44.21 -35.11 -7.79
N LEU A 93 -45.12 -36.09 -7.62
CA LEU A 93 -44.89 -37.48 -7.98
C LEU A 93 -46.17 -38.18 -8.44
N GLY A 94 -46.60 -37.80 -9.64
CA GLY A 94 -47.80 -38.30 -10.30
C GLY A 94 -48.48 -37.17 -11.06
N PRO A 95 -49.84 -37.16 -11.14
CA PRO A 95 -50.50 -36.06 -11.87
C PRO A 95 -50.36 -34.70 -11.17
N GLY A 96 -50.54 -34.68 -9.85
CA GLY A 96 -50.43 -33.49 -9.02
C GLY A 96 -50.44 -33.83 -7.55
N ILE A 97 -49.33 -34.40 -7.06
CA ILE A 97 -49.17 -34.84 -5.67
C ILE A 97 -49.00 -33.62 -4.74
N THR A 98 -48.15 -32.64 -5.11
CA THR A 98 -48.00 -31.42 -4.33
C THR A 98 -48.54 -30.26 -5.15
N LEU A 99 -49.47 -29.51 -4.54
CA LEU A 99 -50.22 -28.33 -5.03
C LEU A 99 -49.44 -27.37 -5.93
N GLY A 100 -48.13 -27.33 -5.79
CA GLY A 100 -47.25 -26.48 -6.60
C GLY A 100 -47.08 -27.01 -8.01
N GLU A 101 -48.21 -27.25 -8.68
CA GLU A 101 -48.34 -27.71 -10.06
C GLU A 101 -48.29 -26.44 -10.93
N LEU A 102 -47.36 -25.53 -10.58
CA LEU A 102 -47.12 -24.24 -11.22
C LEU A 102 -46.78 -24.41 -12.69
N ASN A 103 -47.31 -23.48 -13.53
CA ASN A 103 -47.15 -23.44 -14.98
C ASN A 103 -45.70 -23.20 -15.45
N LEU A 104 -44.74 -23.14 -14.50
CA LEU A 104 -43.30 -22.95 -14.70
C LEU A 104 -42.53 -23.49 -13.48
N GLY A 105 -42.78 -24.76 -13.17
CA GLY A 105 -42.21 -25.49 -12.03
C GLY A 105 -40.71 -25.58 -11.95
N ILE A 106 -40.03 -25.80 -13.09
CA ILE A 106 -38.56 -25.96 -13.19
C ILE A 106 -37.82 -24.72 -12.66
N LEU A 107 -38.23 -23.50 -13.08
CA LEU A 107 -37.59 -22.25 -12.64
C LEU A 107 -37.72 -21.96 -11.14
N PHE A 108 -38.75 -22.52 -10.48
CA PHE A 108 -38.99 -22.34 -9.04
C PHE A 108 -37.85 -22.96 -8.22
N SER A 109 -37.34 -24.11 -8.70
CA SER A 109 -36.22 -24.84 -8.12
C SER A 109 -34.92 -24.07 -8.33
N LEU A 110 -34.77 -23.41 -9.50
CA LEU A 110 -33.60 -22.61 -9.86
C LEU A 110 -33.56 -21.26 -9.14
N ALA A 111 -34.74 -20.69 -8.82
CA ALA A 111 -34.87 -19.41 -8.11
C ALA A 111 -34.48 -19.57 -6.64
N ILE A 112 -34.70 -20.78 -6.08
CA ILE A 112 -34.39 -21.14 -4.70
C ILE A 112 -32.90 -21.52 -4.54
N GLY A 113 -32.36 -22.27 -5.51
CA GLY A 113 -30.97 -22.71 -5.55
C GLY A 113 -29.93 -21.61 -5.55
N SER A 114 -30.39 -20.35 -5.69
CA SER A 114 -29.58 -19.13 -5.68
C SER A 114 -29.66 -18.46 -4.30
N LEU A 115 -30.78 -18.68 -3.58
CA LEU A 115 -31.02 -18.13 -2.24
C LEU A 115 -30.30 -18.92 -1.16
N GLY A 116 -30.05 -20.21 -1.41
CA GLY A 116 -29.30 -21.09 -0.52
C GLY A 116 -27.83 -20.72 -0.48
N VAL A 117 -27.41 -19.88 -1.44
CA VAL A 117 -26.08 -19.32 -1.61
C VAL A 117 -26.06 -17.96 -0.90
N PHE A 118 -27.13 -17.15 -1.11
CA PHE A 118 -27.32 -15.83 -0.53
C PHE A 118 -27.30 -15.87 1.00
N GLY A 119 -28.02 -16.83 1.59
CA GLY A 119 -28.11 -17.02 3.03
C GLY A 119 -26.83 -17.54 3.65
N SER A 120 -26.00 -18.25 2.85
CA SER A 120 -24.72 -18.83 3.28
C SER A 120 -23.66 -17.77 3.64
N LEU A 121 -23.62 -16.63 2.91
CA LEU A 121 -22.65 -15.58 3.19
C LEU A 121 -23.12 -14.60 4.28
N LEU A 122 -24.31 -14.86 4.87
CA LEU A 122 -24.85 -14.08 5.99
C LEU A 122 -24.53 -14.81 7.30
N SER A 123 -24.30 -16.14 7.20
CA SER A 123 -24.01 -17.05 8.31
C SER A 123 -22.68 -16.72 9.01
N GLY A 124 -21.56 -17.04 8.36
CA GLY A 124 -20.22 -16.79 8.87
C GLY A 124 -19.78 -15.34 8.80
N TRP A 125 -20.68 -14.46 8.33
CA TRP A 125 -20.47 -13.02 8.18
C TRP A 125 -20.31 -12.33 9.52
N SER A 126 -21.19 -12.64 10.50
CA SER A 126 -21.21 -12.06 11.83
C SER A 126 -19.88 -12.24 12.58
N SER A 127 -19.48 -11.17 13.30
CA SER A 127 -18.27 -11.00 14.12
C SER A 127 -17.00 -10.69 13.31
N ASN A 128 -17.03 -9.53 12.60
CA ASN A 128 -15.94 -8.92 11.81
C ASN A 128 -15.22 -9.87 10.82
N SER A 129 -13.99 -9.47 10.40
CA SER A 129 -13.11 -10.24 9.50
C SER A 129 -12.46 -11.39 10.28
N LYS A 130 -12.51 -11.31 11.63
CA LYS A 130 -12.01 -12.30 12.59
C LYS A 130 -12.77 -13.62 12.44
N TYR A 131 -12.09 -14.75 12.76
CA TYR A 131 -12.60 -16.13 12.65
C TYR A 131 -12.95 -16.46 11.18
N SER A 132 -12.13 -15.91 10.26
CA SER A 132 -12.19 -16.04 8.80
C SER A 132 -13.55 -15.74 8.16
N LEU A 133 -13.79 -14.46 7.83
CA LEU A 133 -14.97 -14.00 7.10
C LEU A 133 -14.62 -14.27 5.63
N LEU A 134 -13.31 -14.15 5.32
CA LEU A 134 -12.71 -14.42 4.01
C LEU A 134 -12.61 -15.94 3.78
N GLY A 135 -12.78 -16.72 4.85
CA GLY A 135 -12.80 -18.17 4.83
C GLY A 135 -14.22 -18.66 4.59
N SER A 136 -15.21 -17.88 5.07
CA SER A 136 -16.64 -18.15 4.89
C SER A 136 -17.07 -17.75 3.48
N ILE A 137 -16.38 -16.75 2.89
CA ILE A 137 -16.66 -16.27 1.53
C ILE A 137 -16.14 -17.27 0.47
N ARG A 138 -15.16 -18.12 0.86
CA ARG A 138 -14.57 -19.17 0.01
C ARG A 138 -15.61 -20.25 -0.29
N SER A 139 -16.47 -20.53 0.71
CA SER A 139 -17.58 -21.49 0.65
C SER A 139 -18.66 -21.04 -0.33
N THR A 140 -18.97 -19.74 -0.33
CA THR A 140 -20.00 -19.12 -1.18
C THR A 140 -19.51 -18.99 -2.62
N ALA A 141 -18.18 -18.91 -2.82
CA ALA A 141 -17.56 -18.85 -4.14
C ALA A 141 -17.52 -20.25 -4.75
N GLN A 142 -17.46 -21.27 -3.89
CA GLN A 142 -17.48 -22.69 -4.26
C GLN A 142 -18.92 -23.02 -4.64
N LEU A 143 -19.88 -22.42 -3.91
CA LEU A 143 -21.32 -22.59 -4.06
C LEU A 143 -21.84 -22.11 -5.41
N ILE A 144 -21.46 -20.88 -5.85
CA ILE A 144 -21.87 -20.28 -7.14
C ILE A 144 -21.32 -21.05 -8.34
N SER A 145 -20.11 -21.64 -8.21
CA SER A 145 -19.42 -22.41 -9.24
C SER A 145 -20.20 -23.66 -9.65
N TYR A 146 -20.67 -24.44 -8.67
CA TYR A 146 -21.45 -25.65 -8.90
C TYR A 146 -22.94 -25.35 -9.14
N GLU A 147 -23.38 -24.12 -8.78
CA GLU A 147 -24.75 -23.62 -8.99
C GLU A 147 -24.99 -23.44 -10.50
N LEU A 148 -23.91 -23.10 -11.22
CA LEU A 148 -23.89 -22.93 -12.68
C LEU A 148 -24.00 -24.30 -13.37
N ILE A 149 -23.39 -25.35 -12.77
CA ILE A 149 -23.41 -26.72 -13.28
C ILE A 149 -24.84 -27.30 -13.26
N LEU A 150 -25.57 -27.12 -12.12
CA LEU A 150 -26.96 -27.60 -11.99
C LEU A 150 -27.86 -26.96 -13.05
N THR A 151 -27.75 -25.63 -13.24
CA THR A 151 -28.51 -24.85 -14.22
C THR A 151 -28.20 -25.30 -15.66
N SER A 152 -26.91 -25.64 -15.92
CA SER A 152 -26.43 -26.13 -17.22
C SER A 152 -26.97 -27.54 -17.51
N ILE A 153 -27.25 -28.32 -16.45
CA ILE A 153 -27.82 -29.67 -16.54
C ILE A 153 -29.34 -29.57 -16.65
N PHE A 154 -29.93 -28.55 -16.00
CA PHE A 154 -31.37 -28.28 -16.04
C PHE A 154 -31.82 -28.04 -17.47
N ILE A 155 -31.16 -27.07 -18.16
CA ILE A 155 -31.43 -26.70 -19.55
C ILE A 155 -31.23 -27.89 -20.51
N ILE A 156 -30.31 -28.81 -20.16
CA ILE A 156 -30.00 -30.03 -20.91
C ILE A 156 -31.23 -30.98 -20.92
N ILE A 157 -31.92 -31.10 -19.77
CA ILE A 157 -33.12 -31.93 -19.61
C ILE A 157 -34.30 -31.30 -20.38
N ILE A 158 -34.44 -29.96 -20.31
CA ILE A 158 -35.47 -29.19 -21.04
C ILE A 158 -35.21 -29.23 -22.56
N MET A 159 -33.92 -29.34 -22.96
CA MET A 159 -33.50 -29.45 -24.37
C MET A 159 -33.97 -30.77 -24.98
N PHE A 160 -34.18 -31.80 -24.13
CA PHE A 160 -34.59 -33.14 -24.51
C PHE A 160 -36.10 -33.39 -24.44
N VAL A 161 -36.78 -32.84 -23.42
CA VAL A 161 -38.22 -33.08 -23.21
C VAL A 161 -39.13 -31.86 -23.50
N SER A 162 -38.60 -30.61 -23.37
CA SER A 162 -39.31 -29.33 -23.53
C SER A 162 -40.36 -29.11 -22.42
N SER A 163 -40.89 -27.86 -22.31
CA SER A 163 -41.87 -27.39 -21.32
C SER A 163 -41.26 -27.30 -19.91
N LEU A 164 -41.46 -26.15 -19.26
CA LEU A 164 -40.93 -25.83 -17.94
C LEU A 164 -41.65 -26.51 -16.75
N ASN A 165 -42.57 -27.45 -17.02
CA ASN A 165 -43.30 -28.18 -15.97
C ASN A 165 -42.56 -29.45 -15.54
N ILE A 166 -42.41 -29.64 -14.23
CA ILE A 166 -41.75 -30.82 -13.64
C ILE A 166 -42.57 -32.08 -13.94
N THR A 167 -43.91 -31.97 -13.89
CA THR A 167 -44.84 -33.05 -14.18
C THR A 167 -44.66 -33.57 -15.63
N THR A 168 -44.49 -32.65 -16.60
CA THR A 168 -44.27 -32.98 -18.02
C THR A 168 -42.90 -33.61 -18.25
N ILE A 169 -41.89 -33.22 -17.44
CA ILE A 169 -40.52 -33.77 -17.51
C ILE A 169 -40.55 -35.26 -17.15
N ILE A 170 -41.30 -35.62 -16.08
CA ILE A 170 -41.48 -37.01 -15.61
C ILE A 170 -42.27 -37.83 -16.65
N GLU A 171 -43.35 -37.24 -17.22
CA GLU A 171 -44.21 -37.89 -18.22
C GLU A 171 -43.50 -38.30 -19.50
N THR A 172 -42.55 -37.49 -19.99
CA THR A 172 -41.80 -37.76 -21.22
C THR A 172 -40.79 -38.89 -21.04
N GLN A 173 -40.13 -38.94 -19.86
CA GLN A 173 -39.10 -39.94 -19.51
C GLN A 173 -39.65 -41.38 -19.36
N ARG A 174 -40.99 -41.56 -19.50
CA ARG A 174 -41.73 -42.82 -19.39
C ARG A 174 -41.17 -43.98 -20.21
N VAL A 175 -40.69 -43.69 -21.42
CA VAL A 175 -40.14 -44.67 -22.37
C VAL A 175 -38.78 -45.23 -21.90
N VAL A 176 -37.90 -44.37 -21.35
CA VAL A 176 -36.55 -44.77 -20.94
C VAL A 176 -36.26 -44.68 -19.42
N TRP A 177 -37.31 -44.57 -18.56
CA TRP A 177 -37.18 -44.46 -17.09
C TRP A 177 -36.40 -43.19 -16.72
N TYR A 178 -35.05 -43.25 -16.73
CA TYR A 178 -34.16 -42.11 -16.50
C TYR A 178 -33.71 -41.56 -17.84
N CYS A 179 -33.11 -40.37 -17.86
CA CYS A 179 -32.59 -39.80 -19.11
C CYS A 179 -31.28 -40.56 -19.43
N ILE A 180 -31.43 -41.72 -20.13
CA ILE A 180 -30.37 -42.67 -20.50
C ILE A 180 -29.23 -42.04 -21.35
N PRO A 181 -29.45 -41.18 -22.37
CA PRO A 181 -28.28 -40.64 -23.11
C PRO A 181 -27.48 -39.60 -22.31
N LEU A 182 -27.62 -39.66 -20.96
CA LEU A 182 -26.99 -38.75 -20.01
C LEU A 182 -26.44 -39.46 -18.75
N LEU A 183 -25.90 -40.70 -18.91
CA LEU A 183 -25.30 -41.47 -17.82
C LEU A 183 -24.06 -40.78 -17.21
N PRO A 184 -23.06 -40.26 -17.99
CA PRO A 184 -21.93 -39.55 -17.34
C PRO A 184 -22.41 -38.27 -16.67
N LEU A 185 -23.39 -37.59 -17.31
CA LEU A 185 -24.03 -36.36 -16.84
C LEU A 185 -24.83 -36.59 -15.56
N LEU A 186 -25.32 -37.83 -15.33
CA LEU A 186 -26.04 -38.25 -14.13
C LEU A 186 -25.05 -38.29 -12.96
N LEU A 187 -23.85 -38.85 -13.22
CA LEU A 187 -22.74 -38.94 -12.26
C LEU A 187 -22.19 -37.55 -12.01
N ILE A 188 -22.16 -36.71 -13.06
CA ILE A 188 -21.72 -35.30 -12.99
C ILE A 188 -22.70 -34.53 -12.10
N PHE A 189 -24.03 -34.73 -12.30
CA PHE A 189 -25.06 -34.08 -11.49
C PHE A 189 -25.04 -34.60 -10.05
N PHE A 190 -24.57 -35.86 -9.83
CA PHE A 190 -24.44 -36.42 -8.48
C PHE A 190 -23.18 -35.84 -7.82
N ILE A 191 -22.11 -35.64 -8.60
CA ILE A 191 -20.85 -35.04 -8.13
C ILE A 191 -21.10 -33.56 -7.81
N ALA A 192 -22.00 -32.91 -8.57
CA ALA A 192 -22.42 -31.53 -8.36
C ALA A 192 -23.46 -31.47 -7.25
N SER A 193 -24.18 -32.58 -7.01
CA SER A 193 -25.20 -32.69 -5.95
C SER A 193 -24.49 -32.70 -4.60
N VAL A 194 -23.41 -33.50 -4.47
CA VAL A 194 -22.59 -33.56 -3.25
C VAL A 194 -21.76 -32.28 -3.07
N ALA A 195 -21.41 -31.61 -4.20
CA ALA A 195 -20.63 -30.37 -4.22
C ALA A 195 -21.43 -29.15 -3.83
N GLU A 196 -22.63 -28.97 -4.41
CA GLU A 196 -23.51 -27.84 -4.12
C GLU A 196 -23.88 -27.84 -2.65
N THR A 197 -24.57 -28.89 -2.18
CA THR A 197 -24.95 -29.01 -0.77
C THR A 197 -23.73 -29.41 0.11
N ALA A 198 -23.95 -29.53 1.43
CA ALA A 198 -22.89 -29.85 2.38
C ALA A 198 -22.78 -31.35 2.72
N ARG A 199 -21.87 -32.03 2.00
CA ARG A 199 -21.50 -33.43 2.18
C ARG A 199 -19.98 -33.44 2.41
N PRO A 200 -19.37 -34.22 3.35
CA PRO A 200 -17.91 -34.12 3.62
C PRO A 200 -17.04 -33.69 2.43
N PRO A 201 -16.99 -34.36 1.24
CA PRO A 201 -16.24 -33.76 0.14
C PRO A 201 -17.01 -32.50 -0.25
N PHE A 202 -16.42 -31.31 0.03
CA PHE A 202 -16.94 -29.94 -0.17
C PHE A 202 -17.51 -29.33 1.14
N ASP A 203 -18.06 -30.15 2.08
CA ASP A 203 -18.53 -29.63 3.39
C ASP A 203 -17.33 -29.43 4.31
N LEU A 204 -16.29 -30.27 4.13
CA LEU A 204 -15.05 -30.20 4.89
C LEU A 204 -14.33 -28.90 4.52
N THR A 205 -14.38 -28.50 3.23
CA THR A 205 -13.74 -27.27 2.74
C THR A 205 -14.46 -26.02 3.26
N GLU A 206 -15.77 -26.13 3.51
CA GLU A 206 -16.62 -25.02 3.98
C GLU A 206 -16.79 -24.95 5.51
N SER A 207 -16.57 -26.07 6.24
CA SER A 207 -16.76 -26.12 7.69
C SER A 207 -15.55 -26.63 8.51
N GLU A 208 -14.45 -27.04 7.85
CA GLU A 208 -13.25 -27.52 8.53
C GLU A 208 -12.00 -26.90 7.89
N SER A 209 -11.49 -25.82 8.53
CA SER A 209 -10.31 -25.09 8.09
C SER A 209 -9.70 -24.23 9.20
N GLU A 210 -10.08 -22.94 9.29
CA GLU A 210 -9.55 -21.98 10.26
C GLU A 210 -10.13 -22.17 11.66
N LEU A 211 -9.56 -23.15 12.42
CA LEU A 211 -9.93 -23.49 13.81
C LEU A 211 -11.35 -24.07 13.97
N VAL A 212 -12.09 -24.25 12.85
CA VAL A 212 -13.46 -24.78 12.84
C VAL A 212 -13.44 -26.30 12.88
N SER A 222 -29.75 -22.98 19.84
CA SER A 222 -31.00 -22.95 19.08
C SER A 222 -30.81 -23.00 17.55
N PRO A 223 -29.93 -22.20 16.88
CA PRO A 223 -29.82 -22.30 15.41
C PRO A 223 -29.22 -23.61 14.87
N PHE A 224 -28.71 -24.49 15.75
CA PHE A 224 -28.15 -25.78 15.34
C PHE A 224 -29.24 -26.76 14.91
N VAL A 225 -30.46 -26.64 15.49
CA VAL A 225 -31.61 -27.48 15.11
C VAL A 225 -32.17 -27.02 13.75
N PHE A 226 -31.75 -25.82 13.30
CA PHE A 226 -32.14 -25.21 12.03
C PHE A 226 -31.13 -25.50 10.92
N PHE A 227 -29.84 -25.15 11.14
CA PHE A 227 -28.75 -25.35 10.18
C PHE A 227 -28.66 -26.79 9.72
N PHE A 228 -28.73 -27.75 10.66
CA PHE A 228 -28.70 -29.18 10.37
C PHE A 228 -30.01 -29.68 9.75
N LEU A 229 -31.16 -29.05 10.08
CA LEU A 229 -32.47 -29.39 9.51
C LEU A 229 -32.49 -28.99 8.04
N ALA A 230 -32.08 -27.72 7.75
CA ALA A 230 -32.00 -27.17 6.40
C ALA A 230 -30.93 -27.88 5.57
N GLU A 231 -29.83 -28.33 6.23
CA GLU A 231 -28.73 -29.07 5.58
C GLU A 231 -29.25 -30.42 5.10
N TYR A 232 -29.86 -31.21 6.02
CA TYR A 232 -30.45 -32.52 5.70
C TYR A 232 -31.64 -32.38 4.76
N SER A 233 -32.37 -31.24 4.84
CA SER A 233 -33.48 -30.93 3.94
C SER A 233 -32.91 -30.72 2.56
N ASN A 234 -31.79 -29.95 2.44
CA ASN A 234 -31.07 -29.69 1.19
C ASN A 234 -30.50 -30.96 0.56
N ILE A 235 -30.22 -32.00 1.37
CA ILE A 235 -29.73 -33.29 0.87
C ILE A 235 -30.87 -33.98 0.13
N ILE A 236 -31.98 -34.31 0.84
CA ILE A 236 -33.17 -34.99 0.30
C ILE A 236 -33.85 -34.15 -0.80
N LEU A 237 -33.85 -32.81 -0.66
CA LEU A 237 -34.41 -31.86 -1.63
C LEU A 237 -33.69 -32.01 -2.96
N ILE A 238 -32.34 -31.89 -2.98
CA ILE A 238 -31.51 -32.04 -4.19
C ILE A 238 -31.46 -33.52 -4.63
N SER A 239 -31.68 -34.49 -3.71
CA SER A 239 -31.70 -35.92 -4.03
C SER A 239 -32.96 -36.30 -4.84
N ALA A 240 -34.16 -35.90 -4.35
CA ALA A 240 -35.45 -36.13 -5.04
C ALA A 240 -35.50 -35.27 -6.32
N PHE A 241 -34.94 -34.06 -6.23
CA PHE A 241 -34.77 -33.03 -7.25
C PHE A 241 -33.99 -33.61 -8.45
N ASN A 242 -32.96 -34.44 -8.17
CA ASN A 242 -32.14 -35.17 -9.14
C ASN A 242 -33.01 -36.26 -9.78
N GLY A 243 -33.86 -36.88 -8.96
CA GLY A 243 -34.77 -37.96 -9.33
C GLY A 243 -35.72 -37.62 -10.46
N TYR A 244 -36.44 -36.48 -10.36
CA TYR A 244 -37.38 -36.08 -11.41
C TYR A 244 -36.68 -35.61 -12.69
N LEU A 245 -35.46 -35.07 -12.56
CA LEU A 245 -34.67 -34.59 -13.70
C LEU A 245 -34.08 -35.77 -14.48
N LEU A 246 -33.49 -36.75 -13.76
CA LEU A 246 -32.88 -37.93 -14.37
C LEU A 246 -33.59 -39.24 -14.00
N LEU A 247 -33.20 -39.91 -12.89
CA LEU A 247 -33.67 -41.21 -12.34
C LEU A 247 -35.08 -41.66 -12.77
N GLY A 248 -36.05 -40.76 -12.73
CA GLY A 248 -37.42 -41.01 -13.15
C GLY A 248 -38.29 -41.65 -12.10
N GLY A 249 -38.83 -40.83 -11.20
CA GLY A 249 -39.74 -41.26 -10.15
C GLY A 249 -41.09 -41.64 -10.70
N TYR A 250 -41.94 -42.31 -9.88
CA TYR A 250 -43.28 -42.81 -10.27
C TYR A 250 -43.13 -44.05 -11.14
N LEU A 251 -42.28 -43.96 -12.18
CA LEU A 251 -41.95 -44.97 -13.17
C LEU A 251 -41.34 -46.23 -12.50
N SER A 252 -42.23 -47.13 -12.04
CA SER A 252 -41.84 -48.38 -11.39
C SER A 252 -41.68 -49.48 -12.44
N PHE A 253 -42.62 -50.43 -12.52
CA PHE A 253 -42.60 -51.51 -13.50
C PHE A 253 -43.09 -50.98 -14.85
N ASN A 254 -42.41 -51.38 -15.94
CA ASN A 254 -42.76 -50.96 -17.30
C ASN A 254 -43.32 -52.14 -18.10
N TYR A 255 -44.46 -51.91 -18.79
CA TYR A 255 -45.25 -52.85 -19.61
C TYR A 255 -45.98 -53.90 -18.75
N SER A 256 -45.40 -54.31 -17.60
CA SER A 256 -45.97 -55.27 -16.65
C SER A 256 -46.72 -54.54 -15.51
N TYR A 257 -47.01 -53.24 -15.71
CA TYR A 257 -47.70 -52.37 -14.77
C TYR A 257 -49.22 -52.43 -14.95
N LEU A 258 -49.69 -52.30 -16.21
CA LEU A 258 -51.12 -52.33 -16.58
C LEU A 258 -51.74 -53.72 -16.39
N PHE A 259 -50.91 -54.78 -16.57
CA PHE A 259 -51.31 -56.19 -16.45
C PHE A 259 -51.77 -56.53 -15.02
N ASN A 260 -50.96 -56.15 -14.00
CA ASN A 260 -51.22 -56.39 -12.58
C ASN A 260 -52.40 -55.59 -12.02
N ILE A 261 -52.53 -54.31 -12.42
CA ILE A 261 -53.56 -53.38 -11.96
C ILE A 261 -54.98 -53.80 -12.39
N LEU A 262 -55.18 -54.13 -13.68
CA LEU A 262 -56.48 -54.48 -14.25
C LEU A 262 -57.02 -55.89 -13.90
N PHE A 263 -56.25 -56.70 -13.14
CA PHE A 263 -56.67 -58.05 -12.78
C PHE A 263 -57.77 -58.10 -11.71
N ASN A 264 -57.64 -57.29 -10.62
CA ASN A 264 -58.62 -57.26 -9.54
C ASN A 264 -58.86 -55.85 -8.99
N ASP A 265 -59.47 -54.98 -9.82
CA ASP A 265 -59.79 -53.59 -9.48
C ASP A 265 -61.13 -53.11 -10.07
N TYR A 266 -61.60 -53.76 -11.16
CA TYR A 266 -62.84 -53.48 -11.91
C TYR A 266 -62.88 -52.04 -12.48
N SER A 267 -63.40 -51.05 -11.72
CA SER A 267 -63.47 -49.66 -12.17
C SER A 267 -62.18 -48.91 -11.80
N TYR A 268 -62.02 -48.56 -10.50
CA TYR A 268 -60.86 -47.88 -9.90
C TYR A 268 -60.98 -47.91 -8.37
N VAL A 269 -62.21 -47.65 -7.85
CA VAL A 269 -62.63 -47.64 -6.44
C VAL A 269 -61.80 -46.62 -5.59
N SER A 270 -62.11 -46.49 -4.29
CA SER A 270 -61.38 -45.61 -3.36
C SER A 270 -60.04 -46.27 -2.97
N PHE A 271 -59.78 -47.48 -3.50
CA PHE A 271 -58.58 -48.28 -3.31
C PHE A 271 -57.50 -47.73 -4.26
N LEU A 272 -57.03 -46.49 -3.99
CA LEU A 272 -56.02 -45.82 -4.82
C LEU A 272 -54.61 -46.35 -4.55
N PHE A 273 -54.30 -47.52 -5.15
CA PHE A 273 -52.98 -48.14 -5.04
C PHE A 273 -51.96 -47.42 -5.91
N GLU A 274 -52.44 -46.74 -6.97
CA GLU A 274 -51.64 -45.95 -7.91
C GLU A 274 -50.77 -44.97 -7.14
N GLY A 275 -51.39 -44.15 -6.28
CA GLY A 275 -50.70 -43.16 -5.45
C GLY A 275 -49.77 -43.72 -4.38
N LEU A 276 -49.84 -45.05 -4.10
CA LEU A 276 -49.01 -45.71 -3.10
C LEU A 276 -47.75 -46.36 -3.71
N ILE A 277 -47.91 -47.10 -4.83
CA ILE A 277 -46.81 -47.79 -5.53
C ILE A 277 -45.77 -46.78 -6.03
N ASN A 278 -46.24 -45.66 -6.62
CA ASN A 278 -45.42 -44.57 -7.15
C ASN A 278 -44.54 -43.93 -6.09
N SER A 279 -45.14 -43.56 -4.94
CA SER A 279 -44.47 -42.93 -3.79
C SER A 279 -43.38 -43.86 -3.22
N SER A 280 -43.66 -45.18 -3.19
CA SER A 280 -42.74 -46.21 -2.72
C SER A 280 -41.55 -46.35 -3.68
N ALA A 281 -41.78 -46.13 -4.99
CA ALA A 281 -40.74 -46.18 -6.01
C ALA A 281 -39.83 -44.96 -5.91
N TYR A 282 -40.42 -43.74 -5.72
CA TYR A 282 -39.70 -42.47 -5.58
C TYR A 282 -38.87 -42.45 -4.32
N ALA A 283 -39.41 -42.99 -3.21
CA ALA A 283 -38.71 -43.09 -1.93
C ALA A 283 -37.42 -43.88 -2.14
N ILE A 284 -37.49 -45.02 -2.86
CA ILE A 284 -36.35 -45.86 -3.23
C ILE A 284 -35.36 -45.07 -4.10
N LYS A 285 -35.86 -44.25 -5.06
CA LYS A 285 -35.05 -43.42 -5.95
C LYS A 285 -34.17 -42.46 -5.14
N LEU A 286 -34.78 -41.69 -4.21
CA LEU A 286 -34.07 -40.73 -3.37
C LEU A 286 -33.27 -41.39 -2.25
N VAL A 287 -33.78 -42.49 -1.63
CA VAL A 287 -33.11 -43.23 -0.55
C VAL A 287 -31.81 -43.87 -1.07
N PHE A 288 -31.80 -44.38 -2.32
CA PHE A 288 -30.61 -44.96 -2.94
C PHE A 288 -29.55 -43.88 -3.19
N LEU A 289 -29.99 -42.65 -3.53
CA LEU A 289 -29.12 -41.49 -3.73
C LEU A 289 -28.62 -41.01 -2.36
N MET A 290 -29.52 -40.99 -1.34
CA MET A 290 -29.23 -40.64 0.05
C MET A 290 -28.19 -41.59 0.61
N PHE A 291 -28.31 -42.89 0.28
CA PHE A 291 -27.37 -43.93 0.67
C PHE A 291 -26.04 -43.64 0.02
N SER A 292 -26.05 -43.28 -1.29
CA SER A 292 -24.86 -42.92 -2.07
C SER A 292 -24.18 -41.68 -1.49
N PHE A 293 -24.97 -40.79 -0.87
CA PHE A 293 -24.51 -39.59 -0.18
C PHE A 293 -23.84 -39.98 1.16
N ILE A 294 -24.11 -41.19 1.70
CA ILE A 294 -23.56 -41.64 2.98
C ILE A 294 -22.22 -42.40 2.82
N TRP A 295 -22.06 -43.33 1.84
CA TRP A 295 -20.77 -44.03 1.70
C TRP A 295 -19.69 -43.11 1.06
N VAL A 296 -20.09 -41.91 0.58
CA VAL A 296 -19.12 -40.92 0.07
C VAL A 296 -18.47 -40.17 1.26
N ARG A 297 -19.11 -40.26 2.45
CA ARG A 297 -18.61 -39.70 3.70
C ARG A 297 -17.47 -40.59 4.19
N ALA A 298 -17.65 -41.92 4.00
CA ALA A 298 -16.78 -42.99 4.45
C ALA A 298 -15.50 -43.21 3.62
N ALA A 299 -15.65 -43.50 2.31
CA ALA A 299 -14.56 -43.85 1.40
C ALA A 299 -13.84 -42.67 0.71
N PHE A 300 -14.13 -41.42 1.11
CA PHE A 300 -13.54 -40.26 0.45
C PHE A 300 -12.66 -39.37 1.33
N PRO A 301 -11.51 -38.85 0.80
CA PRO A 301 -10.69 -37.93 1.60
C PRO A 301 -11.19 -36.48 1.52
N ARG A 302 -10.31 -35.49 1.28
CA ARG A 302 -10.71 -34.07 1.20
C ARG A 302 -9.95 -33.28 0.13
N PHE A 303 -10.64 -32.29 -0.47
CA PHE A 303 -10.08 -31.41 -1.48
C PHE A 303 -9.60 -30.09 -0.84
N THR A 304 -8.87 -29.27 -1.60
CA THR A 304 -8.35 -27.95 -1.20
C THR A 304 -9.17 -26.91 -1.99
N TYR A 305 -9.43 -25.71 -1.42
CA TYR A 305 -10.22 -24.67 -2.11
C TYR A 305 -9.78 -24.45 -3.57
N ASP A 306 -8.46 -24.25 -3.80
CA ASP A 306 -7.90 -24.02 -5.14
C ASP A 306 -8.09 -25.21 -6.09
N ASN A 307 -8.20 -26.44 -5.53
CA ASN A 307 -8.42 -27.68 -6.27
C ASN A 307 -9.91 -27.84 -6.61
N LEU A 308 -10.81 -27.19 -5.85
CA LEU A 308 -12.28 -27.20 -6.02
C LEU A 308 -12.67 -26.47 -7.30
N ILE A 309 -12.24 -25.20 -7.43
CA ILE A 309 -12.50 -24.31 -8.58
C ILE A 309 -11.81 -24.85 -9.84
N ASN A 310 -10.62 -25.45 -9.68
CA ASN A 310 -9.84 -26.06 -10.76
C ASN A 310 -10.58 -27.29 -11.33
N PHE A 311 -11.33 -28.01 -10.48
CA PHE A 311 -12.11 -29.18 -10.86
C PHE A 311 -13.41 -28.78 -11.57
N CYS A 312 -13.97 -27.59 -11.23
CA CYS A 312 -15.21 -27.07 -11.79
C CYS A 312 -15.00 -26.17 -13.03
N TRP A 313 -14.44 -24.96 -12.82
CA TRP A 313 -14.23 -23.94 -13.86
C TRP A 313 -13.32 -24.35 -15.02
N ILE A 314 -12.34 -25.24 -14.78
CA ILE A 314 -11.36 -25.63 -15.79
C ILE A 314 -11.77 -26.92 -16.53
N ILE A 315 -12.30 -27.93 -15.82
CA ILE A 315 -12.66 -29.21 -16.44
C ILE A 315 -14.18 -29.38 -16.60
N LEU A 316 -14.97 -29.30 -15.51
CA LEU A 316 -16.42 -29.52 -15.52
C LEU A 316 -17.23 -28.55 -16.38
N LEU A 317 -16.91 -27.24 -16.35
CA LEU A 317 -17.64 -26.24 -17.14
C LEU A 317 -17.41 -26.36 -18.66
N PRO A 318 -16.17 -26.42 -19.22
CA PRO A 318 -16.03 -26.56 -20.69
C PRO A 318 -16.50 -27.92 -21.23
N LEU A 319 -16.56 -28.97 -20.36
CA LEU A 319 -17.03 -30.31 -20.73
C LEU A 319 -18.54 -30.23 -21.01
N LEU A 320 -19.32 -29.70 -20.03
CA LEU A 320 -20.77 -29.51 -20.12
C LEU A 320 -21.16 -28.58 -21.25
N PHE A 321 -20.30 -27.58 -21.57
CA PHE A 321 -20.47 -26.62 -22.65
C PHE A 321 -20.57 -27.36 -23.99
N GLY A 322 -19.76 -28.40 -24.17
CA GLY A 322 -19.74 -29.24 -25.34
C GLY A 322 -20.96 -30.15 -25.46
N ILE A 323 -21.42 -30.71 -24.31
CA ILE A 323 -22.58 -31.60 -24.23
C ILE A 323 -23.85 -30.89 -24.73
N PHE A 324 -24.13 -29.66 -24.24
CA PHE A 324 -25.32 -28.90 -24.65
C PHE A 324 -25.13 -28.24 -26.04
N LEU A 325 -23.88 -28.21 -26.55
CA LEU A 325 -23.56 -27.65 -27.87
C LEU A 325 -23.90 -28.68 -28.95
N ILE A 326 -23.74 -29.98 -28.64
CA ILE A 326 -24.01 -31.07 -29.57
C ILE A 326 -25.40 -31.66 -29.42
N ILE A 327 -26.05 -31.45 -28.25
CA ILE A 327 -27.39 -31.97 -27.98
C ILE A 327 -28.43 -31.45 -29.02
N PRO A 328 -28.43 -30.17 -29.52
CA PRO A 328 -29.41 -29.83 -30.57
C PRO A 328 -28.96 -30.28 -31.96
N SER A 329 -27.64 -30.46 -32.18
CA SER A 329 -27.07 -30.91 -33.46
C SER A 329 -27.34 -32.41 -33.67
N THR A 330 -27.38 -33.17 -32.56
CA THR A 330 -27.68 -34.61 -32.59
C THR A 330 -29.22 -34.80 -32.63
N LEU A 331 -29.98 -33.74 -32.29
CA LEU A 331 -31.44 -33.71 -32.35
C LEU A 331 -31.89 -33.15 -33.71
N TYR A 332 -30.96 -32.50 -34.45
CA TYR A 332 -31.18 -31.91 -35.78
C TYR A 332 -31.36 -33.00 -36.84
N ILE A 333 -30.56 -34.08 -36.75
CA ILE A 333 -30.56 -35.21 -37.68
C ILE A 333 -31.81 -36.09 -37.54
N PHE A 334 -32.13 -36.57 -36.32
CA PHE A 334 -33.26 -37.48 -36.08
C PHE A 334 -34.61 -36.80 -35.86
N ASP A 335 -34.63 -35.56 -35.30
CA ASP A 335 -35.81 -34.73 -34.99
C ASP A 335 -36.97 -35.51 -34.38
N MET B 1 -15.34 -6.26 -41.73
CA MET B 1 -14.67 -7.51 -41.37
C MET B 1 -14.07 -7.42 -39.94
N LEU B 2 -14.67 -6.57 -39.08
CA LEU B 2 -14.22 -6.39 -37.69
C LEU B 2 -14.46 -7.64 -36.83
N ILE B 3 -15.71 -8.16 -36.81
CA ILE B 3 -16.11 -9.36 -36.04
C ILE B 3 -15.33 -10.61 -36.49
N LEU B 4 -14.99 -10.67 -37.79
CA LEU B 4 -14.22 -11.76 -38.41
C LEU B 4 -12.79 -11.75 -37.88
N ALA B 5 -12.28 -10.57 -37.49
CA ALA B 5 -10.95 -10.36 -36.94
C ALA B 5 -10.95 -10.48 -35.41
N ILE B 6 -11.98 -9.94 -34.73
CA ILE B 6 -12.16 -9.95 -33.27
C ILE B 6 -12.06 -11.37 -32.71
N ILE B 7 -12.88 -12.31 -33.26
CA ILE B 7 -12.93 -13.71 -32.85
C ILE B 7 -11.56 -14.38 -32.98
N SER B 8 -10.91 -14.25 -34.15
CA SER B 8 -9.58 -14.83 -34.40
C SER B 8 -8.52 -14.24 -33.47
N LEU B 9 -8.43 -12.89 -33.40
CA LEU B 9 -7.48 -12.18 -32.56
C LEU B 9 -7.60 -12.50 -31.07
N ILE B 10 -8.82 -12.49 -30.50
CA ILE B 10 -9.05 -12.77 -29.07
C ILE B 10 -8.64 -14.22 -28.70
N THR B 11 -8.75 -15.17 -29.66
CA THR B 11 -8.38 -16.58 -29.47
C THR B 11 -6.86 -16.75 -29.53
N PHE B 12 -6.21 -16.12 -30.53
CA PHE B 12 -4.76 -16.22 -30.74
C PHE B 12 -3.93 -15.44 -29.70
N VAL B 13 -4.41 -14.25 -29.25
CA VAL B 13 -3.71 -13.42 -28.25
C VAL B 13 -3.73 -14.08 -26.87
N SER B 14 -4.86 -14.73 -26.51
CA SER B 14 -5.04 -15.40 -25.22
C SER B 14 -4.07 -16.56 -24.97
N MET B 15 -3.96 -17.52 -25.92
CA MET B 15 -3.09 -18.70 -25.78
C MET B 15 -1.59 -18.36 -25.68
N SER B 16 -1.11 -17.33 -26.41
CA SER B 16 0.31 -16.95 -26.39
C SER B 16 0.50 -15.43 -26.39
N LYS B 17 1.40 -14.95 -25.50
CA LYS B 17 1.73 -13.53 -25.32
C LYS B 17 2.53 -12.93 -26.49
N LEU B 18 3.60 -13.64 -26.93
CA LEU B 18 4.54 -13.21 -28.00
C LEU B 18 5.24 -11.89 -27.60
N SER B 19 5.17 -10.86 -28.46
CA SER B 19 5.76 -9.54 -28.22
C SER B 19 4.67 -8.50 -27.95
N ASP B 20 3.38 -8.92 -27.97
CA ASP B 20 2.16 -8.13 -27.78
C ASP B 20 1.89 -7.18 -28.95
N ASN B 21 2.92 -6.44 -29.39
CA ASN B 21 2.83 -5.52 -30.53
C ASN B 21 2.77 -6.27 -31.85
N ARG B 22 3.25 -7.55 -31.88
CA ARG B 22 3.24 -8.44 -33.04
C ARG B 22 1.80 -8.68 -33.52
N ALA B 23 0.87 -8.88 -32.56
CA ALA B 23 -0.55 -9.08 -32.81
C ALA B 23 -1.20 -7.77 -33.25
N ILE B 24 -0.66 -6.62 -32.75
CA ILE B 24 -1.12 -5.27 -33.09
C ILE B 24 -0.71 -4.95 -34.54
N ILE B 25 0.47 -5.45 -34.97
CA ILE B 25 0.97 -5.32 -36.35
C ILE B 25 0.05 -6.13 -37.27
N ARG B 26 -0.35 -7.34 -36.81
CA ARG B 26 -1.27 -8.24 -37.50
C ARG B 26 -2.68 -7.65 -37.58
N LEU B 27 -3.09 -6.85 -36.57
CA LEU B 27 -4.38 -6.18 -36.51
C LEU B 27 -4.40 -4.99 -37.48
N ILE B 28 -3.29 -4.22 -37.54
CA ILE B 28 -3.12 -3.05 -38.40
C ILE B 28 -3.03 -3.45 -39.88
N ASN B 29 -2.35 -4.57 -40.20
CA ASN B 29 -2.19 -5.08 -41.55
C ASN B 29 -3.51 -5.68 -42.08
N ILE B 30 -4.31 -6.29 -41.18
CA ILE B 30 -5.61 -6.89 -41.52
C ILE B 30 -6.65 -5.80 -41.80
N TYR B 31 -6.65 -4.72 -40.98
CA TYR B 31 -7.55 -3.58 -41.14
C TYR B 31 -7.23 -2.79 -42.41
N LEU B 32 -5.93 -2.68 -42.77
CA LEU B 32 -5.45 -1.98 -43.97
C LEU B 32 -5.83 -2.75 -45.25
N ILE B 33 -5.83 -4.10 -45.18
CA ILE B 33 -6.19 -4.97 -46.29
C ILE B 33 -7.70 -5.02 -46.48
N LEU B 34 -8.47 -5.03 -45.36
CA LEU B 34 -9.93 -5.05 -45.34
C LEU B 34 -10.54 -3.75 -45.87
N VAL B 35 -9.86 -2.60 -45.65
CA VAL B 35 -10.27 -1.27 -46.11
C VAL B 35 -10.16 -1.16 -47.64
N LEU B 36 -9.22 -1.93 -48.25
CA LEU B 36 -9.00 -1.98 -49.69
C LEU B 36 -10.15 -2.77 -50.35
N VAL B 37 -10.64 -3.84 -49.67
CA VAL B 37 -11.75 -4.68 -50.12
C VAL B 37 -13.09 -3.97 -49.90
N LEU B 38 -13.18 -3.14 -48.84
CA LEU B 38 -14.37 -2.35 -48.50
C LEU B 38 -14.59 -1.24 -49.53
N ASP B 39 -13.47 -0.68 -50.07
CA ASP B 39 -13.48 0.37 -51.09
C ASP B 39 -14.01 -0.17 -52.42
N SER B 40 -13.82 -1.48 -52.69
CA SER B 40 -14.28 -2.16 -53.90
C SER B 40 -15.79 -2.37 -53.90
N PHE B 41 -16.41 -2.49 -52.71
CA PHE B 41 -17.85 -2.69 -52.54
C PHE B 41 -18.55 -1.40 -52.07
N LEU B 42 -17.82 -0.28 -51.99
CA LEU B 42 -18.31 1.01 -51.54
C LEU B 42 -19.20 1.73 -52.55
N TYR B 43 -18.58 2.45 -53.52
CA TYR B 43 -19.19 3.27 -54.58
C TYR B 43 -20.32 2.58 -55.35
N LEU B 44 -20.24 1.24 -55.51
CA LEU B 44 -21.21 0.41 -56.23
C LEU B 44 -22.57 0.28 -55.56
N LEU B 45 -22.63 0.29 -54.22
CA LEU B 45 -23.89 0.11 -53.50
C LEU B 45 -24.73 1.38 -53.31
N PHE B 46 -24.10 2.59 -53.22
CA PHE B 46 -24.91 3.80 -53.08
C PHE B 46 -25.08 4.53 -54.42
N LEU B 47 -25.97 3.97 -55.27
CA LEU B 47 -26.34 4.53 -56.57
C LEU B 47 -27.53 5.44 -56.30
N ASN B 48 -27.24 6.72 -55.95
CA ASN B 48 -28.21 7.74 -55.55
C ASN B 48 -28.98 7.32 -54.28
N ASN B 49 -28.27 6.55 -53.42
CA ASN B 49 -28.66 6.00 -52.12
C ASN B 49 -29.73 4.91 -52.22
N GLN B 50 -29.31 3.69 -52.60
CA GLN B 50 -30.16 2.49 -52.64
C GLN B 50 -29.94 1.85 -51.26
N THR B 51 -30.41 2.56 -50.22
CA THR B 51 -30.29 2.27 -48.79
C THR B 51 -30.81 0.88 -48.43
N TYR B 52 -29.90 -0.09 -48.44
CA TYR B 52 -30.15 -1.49 -48.16
C TYR B 52 -30.41 -1.74 -46.66
N THR B 53 -31.67 -2.05 -46.31
CA THR B 53 -32.10 -2.32 -44.91
C THR B 53 -31.62 -3.72 -44.50
N VAL B 54 -30.99 -3.82 -43.31
CA VAL B 54 -30.43 -5.09 -42.80
C VAL B 54 -31.24 -5.68 -41.64
N MET B 55 -31.82 -6.88 -41.88
CA MET B 55 -32.59 -7.70 -40.93
C MET B 55 -33.88 -7.05 -40.37
N GLY B 56 -34.05 -5.74 -40.60
CA GLY B 56 -35.17 -4.97 -40.08
C GLY B 56 -34.80 -4.26 -38.80
N GLU B 57 -33.72 -4.76 -38.15
CA GLU B 57 -33.14 -4.28 -36.91
C GLU B 57 -32.10 -3.18 -37.17
N LEU B 58 -31.21 -3.40 -38.16
CA LEU B 58 -30.13 -2.51 -38.59
C LEU B 58 -30.50 -1.85 -39.94
N LEU B 59 -29.67 -0.91 -40.44
CA LEU B 59 -29.91 -0.23 -41.73
C LEU B 59 -28.62 0.27 -42.37
N ILE B 60 -28.29 -0.25 -43.57
CA ILE B 60 -27.11 0.23 -44.29
C ILE B 60 -27.56 1.33 -45.26
N PHE B 61 -27.52 2.58 -44.76
CA PHE B 61 -27.84 3.79 -45.51
C PHE B 61 -26.52 4.21 -46.17
N ASN B 62 -26.06 3.36 -47.12
CA ASN B 62 -24.81 3.36 -47.89
C ASN B 62 -24.07 4.71 -48.01
N SER B 63 -24.79 5.83 -48.26
CA SER B 63 -24.23 7.19 -48.41
C SER B 63 -23.28 7.57 -47.27
N PHE B 64 -23.76 7.46 -46.02
CA PHE B 64 -23.00 7.79 -44.82
C PHE B 64 -22.32 6.55 -44.22
N THR B 65 -23.00 5.38 -44.24
CA THR B 65 -22.56 4.12 -43.65
C THR B 65 -21.15 3.72 -44.05
N PHE B 66 -20.87 3.69 -45.37
CA PHE B 66 -19.54 3.33 -45.86
C PHE B 66 -18.51 4.40 -45.54
N TYR B 67 -18.87 5.70 -45.73
CA TYR B 67 -18.03 6.87 -45.42
C TYR B 67 -17.59 6.86 -43.95
N ILE B 68 -18.50 6.47 -43.04
CA ILE B 68 -18.27 6.36 -41.60
C ILE B 68 -17.39 5.14 -41.31
N ASP B 69 -17.55 4.05 -42.09
CA ASP B 69 -16.75 2.85 -41.92
C ASP B 69 -15.32 3.04 -42.43
N MET B 70 -15.10 4.03 -43.35
CA MET B 70 -13.76 4.36 -43.83
C MET B 70 -13.07 5.15 -42.72
N LEU B 71 -13.82 6.02 -42.03
CA LEU B 71 -13.36 6.87 -40.93
C LEU B 71 -12.86 6.05 -39.76
N ILE B 72 -13.74 5.23 -39.14
CA ILE B 72 -13.42 4.34 -38.00
C ILE B 72 -12.20 3.44 -38.32
N TYR B 73 -12.13 2.92 -39.56
CA TYR B 73 -11.01 2.10 -40.02
C TYR B 73 -9.72 2.88 -40.10
N PHE B 74 -9.75 4.09 -40.72
CA PHE B 74 -8.57 4.96 -40.83
C PHE B 74 -8.10 5.45 -39.47
N ILE B 75 -9.05 5.73 -38.56
CA ILE B 75 -8.75 6.17 -37.19
C ILE B 75 -8.11 5.03 -36.41
N MET B 76 -8.58 3.78 -36.65
CA MET B 76 -8.00 2.58 -36.02
C MET B 76 -6.64 2.22 -36.59
N ILE B 77 -6.44 2.36 -37.92
CA ILE B 77 -5.17 2.10 -38.63
C ILE B 77 -4.04 2.94 -38.05
N VAL B 78 -4.30 4.25 -37.83
CA VAL B 78 -3.33 5.19 -37.28
C VAL B 78 -3.05 4.90 -35.79
N ILE B 79 -4.12 4.72 -34.98
CA ILE B 79 -4.03 4.42 -33.54
C ILE B 79 -3.30 3.09 -33.29
N SER B 80 -3.53 2.08 -34.16
CA SER B 80 -2.86 0.77 -34.07
C SER B 80 -1.37 0.96 -34.34
N SER B 81 -1.02 1.77 -35.36
CA SER B 81 0.35 2.10 -35.75
C SER B 81 1.05 2.95 -34.68
N LEU B 82 0.28 3.79 -33.96
CA LEU B 82 0.79 4.64 -32.88
C LEU B 82 1.03 3.84 -31.59
N TYR B 83 0.53 2.58 -31.55
CA TYR B 83 0.73 1.64 -30.46
C TYR B 83 1.60 0.46 -30.96
N GLY B 84 2.67 0.79 -31.66
CA GLY B 84 3.61 -0.18 -32.23
C GLY B 84 4.23 0.28 -33.54
N UNK B 85 3.23 5.54 -24.66
CA UNK B 85 4.00 4.77 -25.62
C UNK B 85 4.41 3.38 -25.08
N UNK B 86 3.87 2.99 -23.90
CA UNK B 86 4.20 1.74 -23.23
C UNK B 86 3.28 0.55 -23.57
N UNK B 87 2.18 0.37 -22.78
CA UNK B 87 1.21 -0.73 -22.82
C UNK B 87 0.77 -1.22 -24.20
N UNK B 88 0.60 -2.54 -24.30
CA UNK B 88 0.19 -3.28 -25.50
C UNK B 88 -0.55 -4.58 -25.08
N UNK B 89 -0.89 -4.69 -23.78
CA UNK B 89 -1.57 -5.85 -23.18
C UNK B 89 -3.08 -5.81 -23.33
N UNK B 90 -3.61 -6.63 -24.26
CA UNK B 90 -5.03 -6.82 -24.61
C UNK B 90 -5.84 -5.52 -24.88
N UNK B 91 -5.14 -4.37 -24.99
CA UNK B 91 -5.75 -3.07 -25.27
C UNK B 91 -6.31 -2.99 -26.68
N UNK B 92 -5.67 -3.72 -27.63
CA UNK B 92 -6.08 -3.79 -29.04
C UNK B 92 -7.36 -4.60 -29.22
N UNK B 93 -7.54 -5.66 -28.42
CA UNK B 93 -8.72 -6.53 -28.44
C UNK B 93 -9.96 -5.78 -27.96
N UNK B 94 -9.80 -4.89 -26.96
CA UNK B 94 -10.87 -4.07 -26.42
C UNK B 94 -11.17 -2.89 -27.36
N UNK B 95 -10.13 -2.40 -28.07
CA UNK B 95 -10.24 -1.31 -29.05
C UNK B 95 -10.97 -1.81 -30.30
N UNK B 96 -10.77 -3.09 -30.68
CA UNK B 96 -11.43 -3.71 -31.83
C UNK B 96 -12.90 -3.97 -31.52
N UNK B 97 -13.21 -4.37 -30.26
CA UNK B 97 -14.57 -4.61 -29.77
C UNK B 97 -15.36 -3.31 -29.67
N UNK B 98 -14.66 -2.19 -29.36
CA UNK B 98 -15.23 -0.85 -29.27
C UNK B 98 -15.54 -0.31 -30.66
N UNK B 99 -14.68 -0.65 -31.66
CA UNK B 99 -14.84 -0.25 -33.06
C UNK B 99 -16.06 -0.94 -33.68
N UNK B 100 -16.30 -2.23 -33.30
CA UNK B 100 -17.45 -3.03 -33.75
C UNK B 100 -18.73 -2.55 -33.09
N UNK B 101 -18.60 -1.94 -31.90
CA UNK B 101 -19.72 -1.39 -31.13
C UNK B 101 -20.13 -0.03 -31.73
N UNK B 102 -19.13 0.80 -32.09
CA UNK B 102 -19.31 2.12 -32.69
C UNK B 102 -19.91 2.04 -34.09
N UNK B 103 -19.39 1.10 -34.93
CA UNK B 103 -19.85 0.87 -36.31
C UNK B 103 -21.30 0.36 -36.37
N UNK B 104 -21.69 -0.51 -35.40
CA UNK B 104 -23.06 -1.05 -35.30
C UNK B 104 -24.02 0.02 -34.74
N UNK B 105 -23.49 0.97 -33.94
CA UNK B 105 -24.25 2.08 -33.34
C UNK B 105 -24.67 3.11 -34.39
N UNK B 106 -23.80 3.38 -35.38
CA UNK B 106 -24.05 4.33 -36.46
C UNK B 106 -25.04 3.77 -37.49
N UNK B 107 -24.89 2.49 -37.84
CA UNK B 107 -25.73 1.79 -38.82
C UNK B 107 -27.07 1.25 -38.26
N SER B 108 -27.30 1.39 -36.94
CA SER B 108 -28.52 0.94 -36.27
C SER B 108 -29.82 1.61 -36.77
N ASN B 109 -30.94 0.87 -36.75
CA ASN B 109 -32.27 1.35 -37.16
C ASN B 109 -33.27 1.25 -36.01
N ASP B 110 -33.68 0.01 -35.64
CA ASP B 110 -34.61 -0.27 -34.54
C ASP B 110 -33.87 -0.01 -33.23
N PHE B 111 -34.52 0.72 -32.28
CA PHE B 111 -33.95 1.10 -30.98
C PHE B 111 -33.37 -0.05 -30.15
N ILE B 112 -33.83 -1.31 -30.39
CA ILE B 112 -33.29 -2.49 -29.70
C ILE B 112 -31.82 -2.64 -30.11
N THR B 113 -31.53 -2.45 -31.42
CA THR B 113 -30.18 -2.52 -31.99
C THR B 113 -29.29 -1.40 -31.45
N LEU B 114 -29.86 -0.19 -31.27
CA LEU B 114 -29.15 0.98 -30.77
C LEU B 114 -28.74 0.85 -29.30
N PHE B 115 -29.69 0.51 -28.39
CA PHE B 115 -29.40 0.39 -26.95
C PHE B 115 -28.31 -0.62 -26.63
N VAL B 116 -28.26 -1.77 -27.36
CA VAL B 116 -27.21 -2.78 -27.16
C VAL B 116 -25.86 -2.22 -27.59
N ALA B 117 -25.79 -1.69 -28.84
CA ALA B 117 -24.59 -1.11 -29.43
C ALA B 117 -24.05 0.10 -28.66
N ILE B 118 -24.95 0.98 -28.15
CA ILE B 118 -24.56 2.17 -27.38
C ILE B 118 -24.00 1.78 -26.01
N GLU B 119 -24.58 0.74 -25.37
CA GLU B 119 -24.10 0.25 -24.08
C GLU B 119 -22.80 -0.51 -24.23
N LEU B 120 -22.67 -1.32 -25.31
CA LEU B 120 -21.43 -2.05 -25.64
C LEU B 120 -20.31 -1.05 -25.92
N GLN B 121 -20.66 0.12 -26.48
CA GLN B 121 -19.72 1.22 -26.76
C GLN B 121 -19.33 1.89 -25.44
N SER B 122 -20.30 2.02 -24.50
CA SER B 122 -20.09 2.63 -23.18
C SER B 122 -19.20 1.76 -22.30
N TYR B 123 -19.43 0.43 -22.29
CA TYR B 123 -18.64 -0.50 -21.49
C TYR B 123 -17.24 -0.71 -22.06
N SER B 124 -17.08 -0.63 -23.39
CA SER B 124 -15.78 -0.82 -24.02
C SER B 124 -14.83 0.36 -23.80
N ILE B 125 -15.27 1.59 -24.14
CA ILE B 125 -14.48 2.83 -24.01
C ILE B 125 -14.07 3.09 -22.55
N TYR B 126 -14.96 2.78 -21.58
CA TYR B 126 -14.67 2.95 -20.16
C TYR B 126 -13.63 1.90 -19.69
N LEU B 127 -13.68 0.66 -20.26
CA LEU B 127 -12.73 -0.41 -19.93
C LEU B 127 -11.36 -0.05 -20.47
N ILE B 128 -11.33 0.55 -21.68
CA ILE B 128 -10.14 1.04 -22.38
C ILE B 128 -9.42 2.07 -21.49
N THR B 129 -10.21 2.95 -20.84
CA THR B 129 -9.77 3.99 -19.90
C THR B 129 -9.08 3.31 -18.69
N ALA B 130 -9.63 2.17 -18.23
CA ALA B 130 -9.17 1.40 -17.08
C ALA B 130 -8.08 0.36 -17.34
N ILE B 131 -7.81 0.00 -18.63
CA ILE B 131 -6.77 -0.98 -19.02
C ILE B 131 -5.41 -0.59 -18.39
N TYR B 132 -5.12 0.73 -18.36
CA TYR B 132 -3.93 1.30 -17.72
C TYR B 132 -4.20 1.34 -16.19
N ASN B 133 -4.41 0.16 -15.58
CA ASN B 133 -4.72 -0.03 -14.17
C ASN B 133 -3.57 0.34 -13.22
N SER B 134 -2.37 0.57 -13.76
CA SER B 134 -1.18 0.95 -12.99
C SER B 134 -1.26 2.39 -12.46
N SER B 135 -1.58 3.36 -13.34
CA SER B 135 -1.71 4.78 -12.97
C SER B 135 -3.02 5.03 -12.23
N TYR B 136 -2.95 5.78 -11.11
CA TYR B 136 -4.11 6.12 -10.28
C TYR B 136 -5.05 7.10 -10.99
N LYS B 137 -4.49 7.99 -11.83
CA LYS B 137 -5.26 8.96 -12.60
C LYS B 137 -6.20 8.24 -13.58
N ALA B 138 -5.69 7.23 -14.30
CA ALA B 138 -6.46 6.42 -15.26
C ALA B 138 -7.56 5.62 -14.57
N SER B 139 -7.32 5.14 -13.32
CA SER B 139 -8.30 4.40 -12.53
C SER B 139 -9.42 5.33 -12.04
N LYS B 140 -9.07 6.59 -11.71
CA LYS B 140 -9.99 7.64 -11.25
C LYS B 140 -10.92 8.05 -12.39
N ALA B 141 -10.36 8.15 -13.62
CA ALA B 141 -11.09 8.51 -14.84
C ALA B 141 -12.05 7.41 -15.27
N SER B 142 -11.71 6.14 -15.01
CA SER B 142 -12.54 4.99 -15.34
C SER B 142 -13.72 4.84 -14.37
N MET B 143 -13.54 5.31 -13.12
CA MET B 143 -14.59 5.31 -12.09
C MET B 143 -15.65 6.32 -12.51
N LEU B 144 -15.20 7.43 -13.13
CA LEU B 144 -16.03 8.52 -13.65
C LEU B 144 -16.82 8.09 -14.88
N TYR B 145 -16.18 7.41 -15.87
CA TYR B 145 -16.85 6.98 -17.10
C TYR B 145 -17.88 5.87 -16.87
N PHE B 146 -17.77 5.11 -15.76
CA PHE B 146 -18.76 4.07 -15.46
C PHE B 146 -20.08 4.70 -15.00
N PHE B 147 -20.01 5.69 -14.11
CA PHE B 147 -21.20 6.36 -13.60
C PHE B 147 -21.74 7.38 -14.58
N MET B 148 -20.91 8.29 -15.13
CA MET B 148 -21.36 9.28 -16.10
C MET B 148 -21.88 8.62 -17.40
N GLY B 149 -21.26 7.50 -17.77
CA GLY B 149 -21.67 6.67 -18.89
C GLY B 149 -22.52 5.52 -18.38
N GLY B 150 -23.31 5.81 -17.34
CA GLY B 150 -24.21 4.90 -16.66
C GLY B 150 -25.52 5.57 -16.29
N ILE B 151 -25.46 6.86 -15.88
CA ILE B 151 -26.61 7.68 -15.52
C ILE B 151 -27.21 8.24 -16.81
N LEU B 152 -26.38 8.87 -17.67
CA LEU B 152 -26.82 9.42 -18.95
C LEU B 152 -27.09 8.31 -19.96
N SER B 153 -26.54 7.10 -19.72
CA SER B 153 -26.76 5.91 -20.54
C SER B 153 -28.14 5.33 -20.17
N ILE B 154 -28.55 5.49 -18.89
CA ILE B 154 -29.84 5.03 -18.37
C ILE B 154 -30.97 5.94 -18.90
N LEU B 155 -30.60 7.20 -19.24
CA LEU B 155 -31.52 8.20 -19.81
C LEU B 155 -31.96 7.78 -21.21
N ILE B 156 -31.09 7.05 -21.94
CA ILE B 156 -31.35 6.53 -23.29
C ILE B 156 -32.43 5.43 -23.20
N ALA B 157 -32.30 4.49 -22.25
CA ALA B 157 -33.26 3.41 -22.00
C ALA B 157 -34.62 3.97 -21.63
N TYR B 158 -34.63 5.08 -20.84
CA TYR B 158 -35.82 5.80 -20.38
C TYR B 158 -36.54 6.46 -21.56
N SER B 159 -35.77 7.13 -22.44
CA SER B 159 -36.29 7.82 -23.61
C SER B 159 -36.81 6.87 -24.68
N ILE B 160 -36.11 5.74 -24.92
CA ILE B 160 -36.48 4.70 -25.88
C ILE B 160 -37.81 4.07 -25.46
N ASN B 161 -37.97 3.84 -24.15
CA ASN B 161 -39.17 3.25 -23.53
C ASN B 161 -40.38 4.18 -23.64
N THR B 162 -40.18 5.51 -23.48
CA THR B 162 -41.24 6.51 -23.58
C THR B 162 -41.75 6.64 -25.03
N TYR B 163 -40.85 6.40 -26.00
CA TYR B 163 -41.12 6.38 -27.44
C TYR B 163 -42.00 5.15 -27.74
N TYR B 164 -41.71 4.01 -27.06
CA TYR B 164 -42.46 2.76 -27.17
C TYR B 164 -43.79 2.87 -26.42
N SER B 165 -43.85 3.70 -25.37
CA SER B 165 -45.04 3.94 -24.57
C SER B 165 -46.06 4.78 -25.33
N VAL B 166 -45.59 5.67 -26.23
CA VAL B 166 -46.44 6.54 -27.02
C VAL B 166 -46.76 5.94 -28.43
N LEU B 167 -45.87 5.10 -28.99
CA LEU B 167 -46.09 4.46 -30.29
C LEU B 167 -45.70 2.97 -30.33
N ASN B 168 -46.43 2.20 -31.16
CA ASN B 168 -46.38 0.76 -31.41
C ASN B 168 -45.02 0.05 -31.24
N SER B 169 -43.94 0.52 -31.90
CA SER B 169 -42.64 -0.15 -31.83
C SER B 169 -41.46 0.78 -31.51
N TYR B 170 -40.27 0.51 -32.10
CA TYR B 170 -39.02 1.23 -31.88
C TYR B 170 -38.43 1.85 -33.17
N THR B 171 -38.81 1.31 -34.35
CA THR B 171 -38.32 1.74 -35.67
C THR B 171 -38.57 3.22 -35.98
N LEU B 172 -37.51 3.90 -36.44
CA LEU B 172 -37.56 5.31 -36.85
C LEU B 172 -38.01 5.35 -38.32
N HIS B 173 -37.84 4.20 -39.02
CA HIS B 173 -38.20 3.94 -40.41
C HIS B 173 -39.70 4.13 -40.63
N SER B 174 -40.54 3.62 -39.71
CA SER B 174 -42.00 3.73 -39.72
C SER B 174 -42.43 5.14 -39.29
N LEU B 175 -41.63 5.76 -38.40
CA LEU B 175 -41.88 7.09 -37.86
C LEU B 175 -41.70 8.20 -38.89
N ASP B 176 -40.58 8.19 -39.65
CA ASP B 176 -40.26 9.21 -40.66
C ASP B 176 -41.17 9.15 -41.89
N SER B 177 -41.66 7.94 -42.25
CA SER B 177 -42.53 7.70 -43.40
C SER B 177 -43.91 8.38 -43.27
N LEU B 178 -44.34 8.68 -42.02
CA LEU B 178 -45.62 9.31 -41.71
C LEU B 178 -45.43 10.64 -40.98
N ILE B 179 -46.29 11.63 -41.25
CA ILE B 179 -46.25 12.93 -40.55
C ILE B 179 -46.91 12.76 -39.17
N ILE B 180 -46.26 13.28 -38.10
CA ILE B 180 -46.74 13.09 -36.73
C ILE B 180 -47.20 14.41 -36.06
N ASN B 181 -46.37 15.48 -36.09
CA ASN B 181 -46.60 16.84 -35.54
C ASN B 181 -46.80 16.93 -34.00
N THR B 182 -47.18 15.81 -33.32
CA THR B 182 -47.45 15.76 -31.87
C THR B 182 -46.21 16.08 -31.01
N LEU B 183 -46.35 17.07 -30.11
CA LEU B 183 -45.32 17.58 -29.19
C LEU B 183 -44.84 16.55 -28.16
N ASP B 184 -45.74 15.64 -27.70
CA ASP B 184 -45.41 14.59 -26.72
C ASP B 184 -44.25 13.73 -27.22
N LEU B 185 -44.28 13.34 -28.51
CA LEU B 185 -43.22 12.57 -29.16
C LEU B 185 -42.00 13.47 -29.41
N ASN B 186 -42.22 14.76 -29.73
CA ASN B 186 -41.16 15.73 -29.97
C ASN B 186 -40.27 15.91 -28.74
N LEU B 187 -40.89 16.01 -27.54
CA LEU B 187 -40.18 16.15 -26.26
C LEU B 187 -39.41 14.87 -25.89
N ILE B 188 -39.96 13.70 -26.27
CA ILE B 188 -39.35 12.38 -26.03
C ILE B 188 -38.06 12.24 -26.86
N LEU B 189 -38.14 12.56 -28.17
CA LEU B 189 -37.01 12.48 -29.10
C LEU B 189 -35.91 13.52 -28.82
N ILE B 190 -36.27 14.69 -28.24
CA ILE B 190 -35.29 15.73 -27.87
C ILE B 190 -34.49 15.21 -26.67
N ALA B 191 -35.20 14.66 -25.64
CA ALA B 191 -34.62 14.06 -24.44
C ALA B 191 -33.79 12.82 -24.78
N LEU B 192 -34.15 12.14 -25.89
CA LEU B 192 -33.43 10.97 -26.41
C LEU B 192 -32.08 11.43 -26.95
N SER B 193 -32.06 12.52 -27.75
CA SER B 193 -30.85 13.11 -28.33
C SER B 193 -29.85 13.54 -27.26
N LEU B 194 -30.32 14.27 -26.21
CA LEU B 194 -29.51 14.74 -25.08
C LEU B 194 -28.91 13.58 -24.28
N GLY B 195 -29.64 12.48 -24.23
CA GLY B 195 -29.21 11.24 -23.58
C GLY B 195 -28.13 10.57 -24.39
N LEU B 196 -28.26 10.62 -25.73
CA LEU B 196 -27.30 10.06 -26.68
C LEU B 196 -26.01 10.89 -26.70
N LEU B 197 -26.13 12.23 -26.63
CA LEU B 197 -25.01 13.19 -26.64
C LEU B 197 -24.05 13.06 -25.42
N PHE B 198 -24.22 12.00 -24.60
CA PHE B 198 -23.39 11.69 -23.42
C PHE B 198 -21.96 11.34 -23.84
N LYS B 199 -21.83 10.66 -24.99
CA LYS B 199 -20.56 10.22 -25.60
C LYS B 199 -19.66 11.42 -25.87
N ILE B 200 -20.23 12.51 -26.41
CA ILE B 200 -19.52 13.76 -26.70
C ILE B 200 -19.44 14.59 -25.41
N GLY B 201 -20.51 14.52 -24.61
CA GLY B 201 -20.63 15.25 -23.35
C GLY B 201 -20.77 16.74 -23.57
N ILE B 202 -21.88 17.16 -24.19
CA ILE B 202 -22.23 18.55 -24.52
C ILE B 202 -22.37 19.40 -23.25
N ALA B 203 -22.09 20.73 -23.36
CA ALA B 203 -22.22 21.70 -22.27
C ALA B 203 -23.67 21.79 -21.78
N PRO B 204 -23.95 21.99 -20.47
CA PRO B 204 -23.04 22.22 -19.34
C PRO B 204 -22.37 20.97 -18.75
N LEU B 205 -22.66 19.77 -19.31
CA LEU B 205 -22.11 18.51 -18.84
C LEU B 205 -20.61 18.33 -19.14
N HIS B 206 -20.13 18.96 -20.24
CA HIS B 206 -18.76 18.94 -20.81
C HIS B 206 -17.58 18.74 -19.84
N LYS B 207 -17.65 19.29 -18.63
CA LYS B 207 -16.60 19.25 -17.61
C LYS B 207 -16.14 17.85 -17.19
N TRP B 208 -17.07 16.87 -17.02
CA TRP B 208 -16.71 15.52 -16.59
C TRP B 208 -15.82 14.78 -17.60
N LEU B 209 -16.03 15.00 -18.93
CA LEU B 209 -15.22 14.36 -19.97
C LEU B 209 -13.83 14.98 -20.07
N ILE B 210 -13.74 16.32 -19.95
CA ILE B 210 -12.47 17.08 -19.95
C ILE B 210 -11.60 16.57 -18.79
N SER B 211 -12.22 16.40 -17.59
CA SER B 211 -11.59 15.89 -16.37
C SER B 211 -11.01 14.47 -16.55
N ILE B 212 -11.63 13.66 -17.44
CA ILE B 212 -11.16 12.30 -17.76
C ILE B 212 -9.90 12.40 -18.62
N TYR B 213 -9.91 13.32 -19.62
CA TYR B 213 -8.77 13.55 -20.52
C TYR B 213 -7.51 14.04 -19.79
N GLU B 214 -7.68 14.69 -18.61
CA GLU B 214 -6.58 15.16 -17.76
C GLU B 214 -5.94 13.97 -17.05
N ASN B 215 -6.77 12.99 -16.67
CA ASN B 215 -6.38 11.80 -15.93
C ASN B 215 -6.03 10.58 -16.80
N THR B 216 -6.14 10.70 -18.13
CA THR B 216 -5.80 9.58 -19.02
C THR B 216 -4.54 9.84 -19.86
N PRO B 217 -3.62 8.84 -19.98
CA PRO B 217 -2.40 9.05 -20.79
C PRO B 217 -2.68 9.41 -22.25
N ILE B 218 -1.76 10.20 -22.84
CA ILE B 218 -1.80 10.75 -24.19
C ILE B 218 -2.35 9.78 -25.28
N LEU B 219 -1.69 8.63 -25.52
CA LEU B 219 -2.09 7.68 -26.57
C LEU B 219 -3.49 7.11 -26.42
N ILE B 220 -3.93 6.80 -25.18
CA ILE B 220 -5.28 6.27 -24.95
C ILE B 220 -6.34 7.38 -25.08
N THR B 221 -5.95 8.65 -24.80
CA THR B 221 -6.81 9.83 -24.91
C THR B 221 -7.16 10.10 -26.38
N ILE B 222 -6.21 9.85 -27.32
CA ILE B 222 -6.41 10.03 -28.78
C ILE B 222 -7.60 9.19 -29.26
N TYR B 223 -7.67 7.93 -28.81
CA TYR B 223 -8.73 6.99 -29.16
C TYR B 223 -10.06 7.34 -28.50
N ILE B 224 -10.05 7.62 -27.18
CA ILE B 224 -11.21 7.96 -26.34
C ILE B 224 -11.87 9.29 -26.76
N SER B 225 -11.12 10.22 -27.38
CA SER B 225 -11.65 11.51 -27.81
C SER B 225 -12.41 11.47 -29.12
N LEU B 226 -12.04 10.57 -30.06
CA LEU B 226 -12.66 10.54 -31.38
C LEU B 226 -13.77 9.51 -31.57
N ILE B 227 -13.55 8.23 -31.18
CA ILE B 227 -14.55 7.14 -31.33
C ILE B 227 -15.94 7.55 -30.76
N PRO B 228 -16.09 7.98 -29.49
CA PRO B 228 -17.42 8.41 -29.02
C PRO B 228 -17.71 9.88 -29.40
N LYS B 229 -17.43 10.24 -30.66
CA LYS B 229 -17.66 11.56 -31.23
C LYS B 229 -18.07 11.40 -32.70
N ILE B 230 -17.50 10.41 -33.42
CA ILE B 230 -17.84 10.11 -34.81
C ILE B 230 -19.19 9.40 -34.80
N SER B 231 -19.18 8.12 -34.35
CA SER B 231 -20.28 7.17 -34.25
C SER B 231 -21.60 7.72 -33.72
N ILE B 232 -21.52 8.58 -32.69
CA ILE B 232 -22.69 9.16 -32.05
C ILE B 232 -23.26 10.36 -32.83
N LEU B 233 -22.43 11.36 -33.18
CA LEU B 233 -22.86 12.53 -33.93
C LEU B 233 -23.35 12.13 -35.33
N SER B 234 -22.69 11.12 -35.95
CA SER B 234 -23.05 10.59 -37.28
C SER B 234 -24.41 9.91 -37.27
N TYR B 235 -24.72 9.15 -36.19
CA TYR B 235 -26.01 8.49 -36.03
C TYR B 235 -27.11 9.53 -35.83
N LEU B 236 -26.87 10.51 -34.92
CA LEU B 236 -27.78 11.60 -34.58
C LEU B 236 -28.20 12.43 -35.80
N VAL B 237 -27.25 12.69 -36.73
CA VAL B 237 -27.50 13.45 -37.95
C VAL B 237 -28.42 12.63 -38.89
N LEU B 238 -28.13 11.31 -39.04
CA LEU B 238 -28.95 10.43 -39.87
C LEU B 238 -30.37 10.23 -39.29
N UNK B 239 -30.47 9.88 -37.99
CA UNK B 239 -31.72 9.61 -37.27
C UNK B 239 -32.70 10.78 -37.28
N UNK B 240 -35.33 16.15 -35.73
CA UNK B 240 -34.53 17.22 -36.34
C UNK B 240 -34.47 18.49 -35.47
N UNK B 241 -35.16 18.47 -34.30
CA UNK B 241 -35.27 19.51 -33.26
C UNK B 241 -34.86 20.94 -33.69
N UNK B 242 -35.53 21.49 -34.72
CA UNK B 242 -35.26 22.83 -35.25
C UNK B 242 -35.69 23.92 -34.26
N UNK B 243 -34.78 24.90 -34.03
CA UNK B 243 -34.91 26.07 -33.14
C UNK B 243 -35.12 25.74 -31.64
N UNK B 244 -35.19 24.44 -31.28
CA UNK B 244 -35.36 23.98 -29.89
C UNK B 244 -34.01 23.64 -29.26
N SER B 245 -33.08 23.11 -30.07
CA SER B 245 -31.73 22.71 -29.65
C SER B 245 -30.70 23.83 -29.77
N ILE B 246 -31.00 24.93 -30.52
CA ILE B 246 -30.10 26.07 -30.74
C ILE B 246 -29.54 26.66 -29.43
N LEU B 247 -30.37 26.81 -28.38
CA LEU B 247 -29.92 27.35 -27.10
C LEU B 247 -28.96 26.41 -26.35
N ALA B 248 -29.08 25.10 -26.60
CA ALA B 248 -28.20 24.09 -26.01
C ALA B 248 -26.87 24.01 -26.76
N ILE B 249 -26.86 24.40 -28.06
CA ILE B 249 -25.65 24.40 -28.89
C ILE B 249 -24.83 25.69 -28.69
N LEU B 250 -25.50 26.81 -28.32
CA LEU B 250 -24.86 28.10 -28.08
C LEU B 250 -24.02 28.06 -26.80
N THR B 251 -24.49 27.31 -25.77
CA THR B 251 -23.80 27.14 -24.49
C THR B 251 -22.54 26.29 -24.64
N LEU B 252 -22.41 25.56 -25.77
CA LEU B 252 -21.24 24.75 -26.11
C LEU B 252 -20.24 25.61 -26.89
N LEU B 253 -20.75 26.65 -27.59
CA LEU B 253 -19.94 27.61 -28.34
C LEU B 253 -19.55 28.79 -27.42
N VAL B 254 -19.93 28.71 -26.12
CA VAL B 254 -19.65 29.70 -25.08
C VAL B 254 -18.90 29.03 -23.91
N GLY B 255 -19.45 27.92 -23.40
CA GLY B 255 -18.88 27.16 -22.29
C GLY B 255 -17.55 26.53 -22.60
N SER B 256 -17.43 25.91 -23.79
CA SER B 256 -16.20 25.27 -24.23
C SER B 256 -15.26 26.26 -24.93
N VAL B 257 -15.81 27.30 -25.57
CA VAL B 257 -15.02 28.32 -26.27
C VAL B 257 -14.42 29.35 -25.30
N GLY B 258 -15.28 30.02 -24.53
CA GLY B 258 -14.89 31.03 -23.55
C GLY B 258 -14.05 30.48 -22.41
N GLY B 259 -14.38 29.27 -21.98
CA GLY B 259 -13.69 28.57 -20.90
C GLY B 259 -12.52 27.71 -21.35
N LEU B 260 -12.13 27.82 -22.63
CA LEU B 260 -11.01 27.07 -23.22
C LEU B 260 -9.68 27.51 -22.62
N LEU B 261 -9.54 28.83 -22.32
CA LEU B 261 -8.34 29.43 -21.73
C LEU B 261 -7.98 28.79 -20.39
N GLN B 262 -6.86 28.06 -20.37
CA GLN B 262 -6.34 27.40 -19.18
C GLN B 262 -4.81 27.32 -19.24
N ILE B 263 -4.20 26.23 -18.74
CA ILE B 263 -2.74 26.08 -18.72
C ILE B 263 -2.29 24.85 -19.51
N LYS B 264 -2.87 23.66 -19.22
CA LYS B 264 -2.51 22.39 -19.86
C LYS B 264 -2.87 22.30 -21.34
N ILE B 265 -1.96 21.71 -22.16
CA ILE B 265 -2.18 21.48 -23.60
C ILE B 265 -3.17 20.32 -23.78
N LYS B 266 -3.25 19.44 -22.77
CA LYS B 266 -4.19 18.31 -22.74
C LYS B 266 -5.60 18.87 -22.61
N ARG B 267 -5.76 19.96 -21.82
CA ARG B 267 -7.01 20.68 -21.60
C ARG B 267 -7.41 21.38 -22.89
N LEU B 268 -6.44 22.03 -23.57
CA LEU B 268 -6.62 22.73 -24.85
C LEU B 268 -7.21 21.76 -25.87
N LEU B 269 -6.55 20.60 -26.08
CA LEU B 269 -6.96 19.54 -27.01
C LEU B 269 -8.24 18.82 -26.57
N ALA B 270 -8.55 18.84 -25.25
CA ALA B 270 -9.77 18.25 -24.70
C ALA B 270 -10.95 19.17 -25.03
N PHE B 271 -10.78 20.49 -24.79
CA PHE B 271 -11.78 21.52 -25.05
C PHE B 271 -12.00 21.73 -26.56
N SER B 272 -10.91 21.64 -27.37
CA SER B 272 -10.95 21.79 -28.84
C SER B 272 -11.86 20.77 -29.50
N GLY B 273 -11.88 19.55 -28.95
CA GLY B 273 -12.73 18.47 -29.42
C GLY B 273 -14.20 18.72 -29.13
N LEU B 274 -14.47 19.49 -28.04
CA LEU B 274 -15.81 19.86 -27.61
C LEU B 274 -16.33 21.14 -28.26
N THR B 275 -15.42 22.02 -28.74
CA THR B 275 -15.79 23.26 -29.45
C THR B 275 -16.25 22.87 -30.85
N ASN B 276 -15.47 21.99 -31.53
CA ASN B 276 -15.74 21.45 -32.86
C ASN B 276 -17.05 20.66 -32.87
N ALA B 277 -17.39 20.04 -31.72
CA ALA B 277 -18.62 19.29 -31.49
C ALA B 277 -19.83 20.23 -31.58
N GLY B 278 -19.64 21.48 -31.13
CA GLY B 278 -20.63 22.55 -31.19
C GLY B 278 -20.93 22.96 -32.61
N TYR B 279 -19.89 22.91 -33.49
CA TYR B 279 -20.00 23.22 -34.91
C TYR B 279 -20.73 22.09 -35.64
N MET B 280 -20.52 20.85 -35.19
CA MET B 280 -21.17 19.66 -35.72
C MET B 280 -22.61 19.57 -35.18
N MET B 281 -22.88 20.26 -34.07
CA MET B 281 -24.19 20.35 -33.42
C MET B 281 -25.11 21.32 -34.18
N LEU B 282 -24.53 22.37 -34.81
CA LEU B 282 -25.26 23.38 -35.59
C LEU B 282 -26.02 22.73 -36.76
N LEU B 283 -25.39 21.74 -37.42
CA LEU B 283 -25.96 21.01 -38.56
C LEU B 283 -27.05 20.03 -38.16
N LEU B 284 -27.07 19.60 -36.88
CA LEU B 284 -28.05 18.66 -36.33
C LEU B 284 -29.49 19.24 -36.27
N LEU B 285 -29.70 20.41 -36.87
CA LEU B 285 -30.99 21.11 -36.93
C LEU B 285 -31.49 21.23 -38.37
N LEU B 286 -30.56 21.25 -39.34
CA LEU B 286 -30.85 21.37 -40.77
C LEU B 286 -31.40 20.09 -41.39
N ASN B 287 -32.21 20.24 -42.46
CA ASN B 287 -32.82 19.14 -43.19
C ASN B 287 -32.23 19.00 -44.59
N ASN B 288 -32.22 17.76 -45.13
CA ASN B 288 -31.69 17.37 -46.46
C ASN B 288 -30.16 17.56 -46.55
N ASN B 289 -29.50 17.84 -45.41
CA ASN B 289 -28.05 18.05 -45.33
C ASN B 289 -27.32 16.94 -44.60
N GLU B 290 -26.54 16.17 -45.37
CA GLU B 290 -25.72 15.05 -44.90
C GLU B 290 -24.27 15.36 -45.24
N PHE B 291 -24.04 15.78 -46.51
CA PHE B 291 -22.77 16.14 -47.14
C PHE B 291 -21.94 17.15 -46.35
N SER B 292 -22.53 18.30 -45.95
CA SER B 292 -21.86 19.36 -45.19
C SER B 292 -21.18 18.85 -43.92
N TYR B 293 -21.89 18.03 -43.13
CA TYR B 293 -21.37 17.44 -41.90
C TYR B 293 -20.38 16.31 -42.22
N LEU B 294 -20.69 15.50 -43.28
CA LEU B 294 -19.89 14.38 -43.75
C LEU B 294 -18.45 14.74 -44.10
N TYR B 295 -18.23 15.93 -44.72
CA TYR B 295 -16.87 16.37 -45.05
C TYR B 295 -16.10 16.71 -43.78
N TYR B 296 -16.76 17.39 -42.80
CA TYR B 296 -16.11 17.82 -41.58
C TYR B 296 -15.71 16.69 -40.62
N ILE B 297 -16.36 15.51 -40.69
CA ILE B 297 -15.92 14.41 -39.80
C ILE B 297 -14.50 14.00 -40.21
N THR B 298 -14.26 13.84 -41.52
CA THR B 298 -12.95 13.49 -42.08
C THR B 298 -11.94 14.62 -41.83
N GLN B 299 -12.31 15.86 -42.23
CA GLN B 299 -11.51 17.08 -42.10
C GLN B 299 -11.11 17.41 -40.66
N TYR B 300 -12.00 17.18 -39.68
CA TYR B 300 -11.70 17.42 -38.27
C TYR B 300 -10.91 16.25 -37.69
N SER B 301 -11.22 14.99 -38.07
CA SER B 301 -10.52 13.80 -37.60
C SER B 301 -9.04 13.86 -37.92
N ILE B 302 -8.68 14.33 -39.15
CA ILE B 302 -7.31 14.51 -39.62
C ILE B 302 -6.62 15.58 -38.75
N SER B 303 -7.30 16.72 -38.52
CA SER B 303 -6.82 17.84 -37.70
C SER B 303 -6.54 17.37 -36.27
N HIS B 304 -7.48 16.57 -35.70
CA HIS B 304 -7.45 15.98 -34.36
C HIS B 304 -6.32 14.96 -34.25
N LEU B 305 -6.13 14.15 -35.30
CA LEU B 305 -5.12 13.10 -35.42
C LEU B 305 -3.71 13.71 -35.48
N ALA B 306 -3.53 14.73 -36.36
CA ALA B 306 -2.27 15.45 -36.57
C ALA B 306 -1.86 16.30 -35.37
N ILE B 307 -2.84 16.89 -34.64
CA ILE B 307 -2.54 17.68 -33.44
C ILE B 307 -2.18 16.74 -32.28
N PHE B 308 -2.63 15.47 -32.34
CA PHE B 308 -2.31 14.45 -31.35
C PHE B 308 -0.97 13.76 -31.65
N MET B 309 -0.29 14.23 -32.71
CA MET B 309 1.05 13.78 -33.09
C MET B 309 2.06 14.71 -32.37
N ILE B 310 1.59 15.35 -31.29
CA ILE B 310 2.33 16.23 -30.37
C ILE B 310 3.30 15.36 -29.56
N ILE B 311 3.04 14.02 -29.53
CA ILE B 311 3.80 12.94 -28.89
C ILE B 311 5.31 13.09 -29.08
N ILE B 312 5.71 13.58 -30.26
CA ILE B 312 7.10 13.82 -30.63
C ILE B 312 7.53 15.19 -30.08
N UNK B 313 7.77 15.23 -28.76
CA UNK B 313 8.19 16.40 -28.00
C UNK B 313 9.26 15.92 -27.01
N UNK B 314 10.46 15.57 -27.56
CA UNK B 314 11.64 15.03 -26.88
C UNK B 314 11.45 13.60 -26.31
N UNK B 315 10.19 13.12 -26.26
CA UNK B 315 9.78 11.79 -25.77
C UNK B 315 10.09 10.68 -26.76
N UNK B 316 10.66 9.56 -26.25
CA UNK B 316 11.02 8.37 -27.03
C UNK B 316 11.01 7.13 -26.14
N UNK B 317 9.18 4.84 -22.86
CA UNK B 317 7.84 4.39 -22.51
C UNK B 317 6.94 5.53 -22.01
N UNK B 318 7.46 6.33 -21.03
CA UNK B 318 6.83 7.49 -20.38
C UNK B 318 5.48 7.19 -19.69
N UNK B 319 5.50 7.17 -18.33
CA UNK B 319 4.33 6.92 -17.50
C UNK B 319 3.46 8.18 -17.38
N UNK B 320 4.10 9.36 -17.31
CA UNK B 320 3.43 10.67 -17.21
C UNK B 320 3.29 11.31 -18.60
N UNK B 321 2.06 11.67 -18.97
CA UNK B 321 1.75 12.31 -20.25
C UNK B 321 2.07 13.80 -20.18
N UNK B 322 2.86 14.32 -21.15
CA UNK B 322 3.30 15.73 -21.25
C UNK B 322 2.17 16.75 -21.03
N UNK B 323 2.01 17.20 -19.79
CA UNK B 323 0.95 18.10 -19.34
C UNK B 323 1.17 19.58 -19.69
N UNK B 324 2.33 20.16 -19.31
CA UNK B 324 2.67 21.56 -19.50
C UNK B 324 2.66 22.01 -20.97
N UNK B 325 2.09 23.21 -21.21
CA UNK B 325 2.02 23.83 -22.54
C UNK B 325 3.29 24.61 -22.85
N UNK B 326 4.00 25.03 -21.78
CA UNK B 326 5.27 25.75 -21.85
C UNK B 326 6.44 24.77 -22.09
N UNK B 327 6.15 23.46 -22.07
CA UNK B 327 7.12 22.38 -22.30
C UNK B 327 7.54 22.30 -23.78
N UNK B 328 6.70 22.85 -24.67
CA UNK B 328 6.94 22.90 -26.12
C UNK B 328 7.59 24.24 -26.55
N UNK B 329 8.26 24.95 -25.61
CA UNK B 329 8.90 26.24 -25.84
C UNK B 329 10.02 26.20 -26.89
N UNK B 330 10.96 25.23 -26.77
CA UNK B 330 12.08 25.09 -27.69
C UNK B 330 11.82 24.06 -28.80
N UNK B 331 10.56 24.01 -29.30
CA UNK B 331 10.14 23.10 -30.37
C UNK B 331 10.79 23.48 -31.70
N UNK B 332 10.82 24.79 -32.03
CA UNK B 332 11.43 25.33 -33.24
C UNK B 332 12.95 25.17 -33.19
N UNK B 333 13.53 25.21 -31.97
CA UNK B 333 14.96 25.02 -31.70
C UNK B 333 15.35 23.55 -31.90
N UNK B 334 14.42 22.62 -31.57
CA UNK B 334 14.61 21.17 -31.72
C UNK B 334 14.36 20.76 -33.18
N UNK B 335 13.23 20.07 -33.48
CA UNK B 335 12.88 19.67 -34.84
C UNK B 335 11.88 20.67 -35.41
N UNK B 336 12.39 21.59 -36.25
CA UNK B 336 11.63 22.68 -36.88
C UNK B 336 10.46 22.24 -37.76
N UNK B 337 10.59 21.07 -38.43
CA UNK B 337 9.56 20.52 -39.32
C UNK B 337 8.27 20.15 -38.59
N LEU B 338 8.38 19.67 -37.33
CA LEU B 338 7.22 19.30 -36.50
C LEU B 338 6.40 20.53 -36.16
N VAL B 339 7.07 21.67 -35.94
CA VAL B 339 6.46 22.97 -35.61
C VAL B 339 5.62 23.46 -36.79
N LEU B 340 6.15 23.35 -38.02
CA LEU B 340 5.48 23.75 -39.25
C LEU B 340 4.26 22.84 -39.51
N SER B 341 4.42 21.51 -39.29
CA SER B 341 3.38 20.50 -39.46
C SER B 341 2.27 20.65 -38.42
N MET B 342 2.62 21.12 -37.21
CA MET B 342 1.68 21.36 -36.11
C MET B 342 0.96 22.70 -36.33
N ALA B 343 1.71 23.75 -36.74
CA ALA B 343 1.16 25.08 -36.99
C ALA B 343 0.13 25.11 -38.12
N ILE B 344 0.32 24.31 -39.19
CA ILE B 344 -0.63 24.26 -40.32
C ILE B 344 -1.98 23.67 -39.89
N VAL B 345 -1.98 22.71 -38.94
CA VAL B 345 -3.23 22.13 -38.42
C VAL B 345 -3.82 23.08 -37.38
N VAL B 346 -2.93 23.87 -36.70
CA VAL B 346 -3.30 24.88 -35.72
C VAL B 346 -4.06 26.00 -36.45
N PHE B 347 -3.56 26.42 -37.63
CA PHE B 347 -4.20 27.43 -38.47
C PHE B 347 -5.50 26.88 -39.10
N SER B 348 -5.53 25.58 -39.44
CA SER B 348 -6.71 24.91 -39.99
C SER B 348 -7.82 24.82 -38.93
N PHE B 349 -7.44 24.72 -37.64
CA PHE B 349 -8.34 24.65 -36.49
C PHE B 349 -9.02 26.01 -36.23
N ILE B 350 -8.24 27.12 -36.33
CA ILE B 350 -8.74 28.48 -36.08
C ILE B 350 -9.78 28.91 -37.14
N GLY B 351 -9.67 28.36 -38.35
CA GLY B 351 -10.57 28.65 -39.46
C GLY B 351 -9.91 29.39 -40.60
N ILE B 352 -8.73 28.91 -41.05
CA ILE B 352 -7.96 29.50 -42.16
C ILE B 352 -8.32 28.75 -43.46
N PRO B 353 -9.09 29.40 -44.37
CA PRO B 353 -9.58 28.72 -45.59
C PRO B 353 -8.54 28.19 -46.61
N PRO B 354 -7.37 28.80 -46.93
CA PRO B 354 -6.49 28.20 -47.95
C PRO B 354 -5.96 26.78 -47.68
N LEU B 355 -6.27 26.21 -46.50
CA LEU B 355 -5.83 24.87 -46.12
C LEU B 355 -6.99 23.88 -45.91
N LEU B 356 -7.75 24.01 -44.79
CA LEU B 356 -8.87 23.10 -44.48
C LEU B 356 -10.01 23.80 -43.70
N GLY B 357 -10.17 25.10 -43.93
CA GLY B 357 -11.22 25.93 -43.35
C GLY B 357 -12.28 26.26 -44.39
N PHE B 358 -11.89 26.22 -45.68
CA PHE B 358 -12.72 26.47 -46.86
C PHE B 358 -13.55 25.22 -47.19
N PHE B 359 -13.33 24.12 -46.45
CA PHE B 359 -14.01 22.85 -46.67
C PHE B 359 -14.67 22.35 -45.40
N GLY B 360 -14.10 22.72 -44.27
CA GLY B 360 -14.60 22.33 -42.95
C GLY B 360 -15.78 23.17 -42.50
N LYS B 361 -15.49 24.36 -41.95
CA LYS B 361 -16.48 25.30 -41.43
C LYS B 361 -17.20 26.12 -42.52
N LEU B 362 -16.73 26.05 -43.78
CA LEU B 362 -17.36 26.77 -44.89
C LEU B 362 -18.71 26.16 -45.25
N ASN B 363 -18.77 24.81 -45.40
CA ASN B 363 -20.00 24.08 -45.73
C ASN B 363 -21.05 24.19 -44.61
N ILE B 364 -20.60 24.47 -43.37
CA ILE B 364 -21.47 24.67 -42.21
C ILE B 364 -22.11 26.07 -42.37
N LEU B 365 -21.28 27.14 -42.48
CA LEU B 365 -21.72 28.53 -42.67
C LEU B 365 -22.63 28.66 -43.88
N MET B 366 -22.25 28.02 -45.01
CA MET B 366 -22.97 27.98 -46.28
C MET B 366 -24.39 27.44 -46.13
N SER B 367 -24.58 26.50 -45.19
CA SER B 367 -25.86 25.84 -44.94
C SER B 367 -26.72 26.47 -43.84
N ILE B 368 -26.11 26.83 -42.69
CA ILE B 368 -26.81 27.43 -41.53
C ILE B 368 -27.62 28.68 -41.92
N LEU B 369 -27.04 29.53 -42.79
CA LEU B 369 -27.68 30.76 -43.29
C LEU B 369 -28.89 30.49 -44.20
N ASN B 370 -28.91 29.32 -44.87
CA ASN B 370 -30.03 28.89 -45.74
C ASN B 370 -31.24 28.48 -44.89
N ASN B 371 -31.00 28.03 -43.65
CA ASN B 371 -32.07 27.62 -42.73
C ASN B 371 -32.63 28.80 -41.90
N GLY B 372 -32.20 30.02 -42.24
CA GLY B 372 -32.65 31.25 -41.61
C GLY B 372 -32.06 31.53 -40.23
N TYR B 373 -30.98 30.82 -39.86
CA TYR B 373 -30.32 31.03 -38.57
C TYR B 373 -29.14 31.98 -38.76
N TYR B 374 -29.37 33.26 -38.43
CA TYR B 374 -28.40 34.34 -38.62
C TYR B 374 -27.61 34.69 -37.34
N PHE B 375 -28.29 34.80 -36.18
CA PHE B 375 -27.62 35.07 -34.90
C PHE B 375 -26.76 33.87 -34.51
N ILE B 376 -27.26 32.66 -34.80
CA ILE B 376 -26.59 31.38 -34.58
C ILE B 376 -25.34 31.32 -35.48
N SER B 377 -25.42 31.94 -36.68
CA SER B 377 -24.31 32.06 -37.62
C SER B 377 -23.30 33.10 -37.11
N ILE B 378 -23.78 34.12 -36.37
CA ILE B 378 -22.92 35.16 -35.77
C ILE B 378 -22.12 34.55 -34.63
N VAL B 379 -22.74 33.65 -33.83
CA VAL B 379 -22.09 32.94 -32.73
C VAL B 379 -20.97 32.02 -33.27
N LEU B 380 -21.20 31.37 -34.44
CA LEU B 380 -20.24 30.49 -35.12
C LEU B 380 -18.89 31.22 -35.33
N ILE B 381 -18.96 32.45 -35.90
CA ILE B 381 -17.81 33.31 -36.19
C ILE B 381 -17.12 33.79 -34.91
N VAL B 382 -17.91 34.36 -33.96
CA VAL B 382 -17.44 34.88 -32.67
C VAL B 382 -16.72 33.77 -31.88
N ALA B 383 -17.32 32.56 -31.82
CA ALA B 383 -16.73 31.40 -31.15
C ALA B 383 -15.45 30.93 -31.83
N SER B 384 -15.37 31.03 -33.17
CA SER B 384 -14.18 30.65 -33.95
C SER B 384 -13.02 31.60 -33.69
N LEU B 385 -13.31 32.90 -33.52
CA LEU B 385 -12.33 33.96 -33.25
C LEU B 385 -11.74 33.85 -31.85
N ILE B 386 -12.57 33.55 -30.84
CA ILE B 386 -12.14 33.38 -29.45
C ILE B 386 -11.31 32.09 -29.36
N SER B 387 -11.85 30.95 -29.87
CA SER B 387 -11.19 29.64 -29.91
C SER B 387 -9.81 29.69 -30.57
N ALA B 388 -9.68 30.58 -31.58
CA ALA B 388 -8.46 30.82 -32.34
C ALA B 388 -7.27 31.20 -31.48
N LEU B 389 -7.46 32.11 -30.51
CA LEU B 389 -6.43 32.61 -29.58
C LEU B 389 -5.74 31.50 -28.78
N TYR B 390 -6.47 30.39 -28.54
CA TYR B 390 -6.00 29.24 -27.77
C TYR B 390 -5.09 28.31 -28.54
N TYR B 391 -5.38 28.07 -29.84
CA TYR B 391 -4.53 27.25 -30.70
C TYR B 391 -3.23 28.03 -30.96
N LEU B 392 -3.35 29.37 -30.95
CA LEU B 392 -2.25 30.31 -31.14
C LEU B 392 -1.20 30.24 -30.04
N TYR B 393 -1.60 29.86 -28.80
CA TYR B 393 -0.69 29.68 -27.66
C TYR B 393 0.26 28.50 -27.91
N UNK B 394 -0.25 27.43 -28.58
CA UNK B 394 0.51 26.23 -28.95
C UNK B 394 1.60 26.54 -29.99
N UNK B 395 1.43 27.67 -30.72
CA UNK B 395 2.38 28.16 -31.73
C UNK B 395 3.26 29.26 -31.13
N UNK B 396 2.68 30.10 -30.23
CA UNK B 396 3.36 31.20 -29.53
C UNK B 396 4.48 30.69 -28.66
N UNK B 397 4.25 29.56 -27.97
CA UNK B 397 5.24 28.91 -27.12
C UNK B 397 6.29 28.23 -27.99
N UNK B 398 5.85 27.50 -29.04
CA UNK B 398 6.69 26.76 -29.97
C UNK B 398 7.66 27.61 -30.79
N UNK B 399 7.16 28.65 -31.49
CA UNK B 399 7.97 29.53 -32.35
C UNK B 399 8.97 30.40 -31.59
N UNK B 400 8.71 30.66 -30.29
CA UNK B 400 9.60 31.48 -29.44
C UNK B 400 10.86 30.72 -29.07
N UNK B 401 9.82 9.57 -34.32
CA UNK B 401 10.92 8.67 -34.65
C UNK B 401 11.11 8.56 -36.19
N UNK B 402 10.60 7.48 -36.81
CA UNK B 402 10.69 7.21 -38.26
C UNK B 402 9.61 6.23 -38.72
N UNK B 403 9.25 5.25 -37.87
CA UNK B 403 8.25 4.23 -38.14
C UNK B 403 6.82 4.79 -38.19
N UNK B 404 6.41 5.51 -37.12
CA UNK B 404 5.08 6.12 -37.02
C UNK B 404 5.01 7.48 -37.75
N UNK B 405 6.19 8.00 -38.19
CA UNK B 405 6.34 9.26 -38.91
C UNK B 405 5.74 9.25 -40.31
N UNK B 406 5.64 8.06 -40.95
CA UNK B 406 5.07 7.89 -42.29
C UNK B 406 3.56 8.19 -42.27
N UNK B 407 2.84 7.69 -41.25
CA UNK B 407 1.40 7.91 -41.04
C UNK B 407 1.14 9.35 -40.57
N UNK B 408 2.14 9.94 -39.88
CA UNK B 408 2.11 11.32 -39.38
C UNK B 408 2.26 12.31 -40.53
N UNK B 409 3.13 11.99 -41.51
CA UNK B 409 3.37 12.82 -42.70
C UNK B 409 2.22 12.73 -43.69
N UNK B 410 1.54 11.56 -43.75
CA UNK B 410 0.39 11.32 -44.63
C UNK B 410 -0.84 12.11 -44.15
N UNK B 411 -0.98 12.29 -42.82
CA UNK B 411 -2.07 13.05 -42.20
C UNK B 411 -1.78 14.56 -42.29
N UNK B 412 -0.51 14.97 -42.06
CA UNK B 412 -0.07 16.37 -42.12
C UNK B 412 -0.20 16.96 -43.52
N UNK B 413 0.00 16.13 -44.58
CA UNK B 413 -0.11 16.55 -45.97
C UNK B 413 -1.57 16.77 -46.37
N UNK B 414 -2.48 15.85 -45.98
CA UNK B 414 -3.93 15.89 -46.26
C UNK B 414 -4.64 17.17 -45.78
N UNK B 415 -4.07 17.86 -44.77
CA UNK B 415 -4.62 19.11 -44.22
C UNK B 415 -4.50 20.28 -45.21
N UNK B 416 -3.52 20.22 -46.13
CA UNK B 416 -3.28 21.28 -47.11
C UNK B 416 -3.39 20.80 -48.56
N UNK B 417 -2.94 19.57 -48.86
CA UNK B 417 -2.93 18.99 -50.20
C UNK B 417 -4.31 18.57 -50.73
N UNK B 418 -5.10 17.82 -49.92
CA UNK B 418 -6.45 17.33 -50.30
C UNK B 418 -7.43 18.44 -50.66
N UNK B 419 -7.08 19.71 -50.32
CA UNK B 419 -7.84 20.92 -50.61
C UNK B 419 -7.98 21.16 -52.11
N UNK B 420 -6.92 20.83 -52.89
CA UNK B 420 -6.88 20.96 -54.35
C UNK B 420 -7.95 20.10 -55.03
N UNK B 421 -8.22 18.91 -54.47
CA UNK B 421 -9.26 17.99 -54.96
C UNK B 421 -10.62 18.40 -54.36
N UNK B 422 -11.05 19.63 -54.69
CA UNK B 422 -12.30 20.24 -54.24
C UNK B 422 -13.49 19.78 -55.08
N UNK B 423 -13.47 20.10 -56.40
CA UNK B 423 -14.52 19.72 -57.35
C UNK B 423 -14.39 18.26 -57.82
N UNK B 424 -13.48 17.50 -57.19
CA UNK B 424 -13.27 16.07 -57.44
C UNK B 424 -14.28 15.28 -56.59
N UNK B 425 -14.94 15.97 -55.65
CA UNK B 425 -15.97 15.43 -54.76
C UNK B 425 -17.32 16.13 -55.00
N UNK B 426 -17.29 17.43 -55.38
CA UNK B 426 -18.47 18.25 -55.68
C UNK B 426 -19.11 17.79 -57.00
N UNK B 427 -18.28 17.53 -58.04
CA UNK B 427 -18.74 17.03 -59.34
C UNK B 427 -18.67 15.48 -59.33
N UNK B 428 -18.96 14.91 -58.15
CA UNK B 428 -18.99 13.48 -57.83
C UNK B 428 -19.94 13.27 -56.63
N UNK B 429 -20.86 14.23 -56.42
CA UNK B 429 -21.84 14.25 -55.34
C UNK B 429 -22.88 13.15 -55.47
N UNK B 430 -23.49 12.99 -56.69
CA UNK B 430 -24.53 12.03 -57.07
C UNK B 430 -24.69 10.80 -56.16
N UNK B 431 -23.59 10.05 -55.93
CA UNK B 431 -23.56 8.85 -55.09
C UNK B 431 -23.75 9.16 -53.59
N UNK B 432 -22.87 10.01 -53.00
CA UNK B 432 -22.91 10.39 -51.58
C UNK B 432 -23.75 11.67 -51.33
N UNK B 433 -24.93 11.74 -51.98
CA UNK B 433 -25.89 12.85 -51.87
C UNK B 433 -27.32 12.31 -51.80
N UNK B 434 -28.11 12.81 -50.82
CA UNK B 434 -29.50 12.45 -50.52
C UNK B 434 -30.42 12.54 -51.75
N MET C 1 -60.20 -19.61 1.22
CA MET C 1 -60.23 -18.46 0.30
C MET C 1 -58.95 -18.34 -0.53
N ASN C 2 -57.80 -18.81 0.00
CA ASN C 2 -56.50 -18.76 -0.67
C ASN C 2 -56.11 -20.14 -1.24
N THR C 3 -55.14 -20.17 -2.17
CA THR C 3 -54.67 -21.40 -2.80
C THR C 3 -53.28 -21.78 -2.28
N PHE C 4 -53.12 -23.07 -1.89
CA PHE C 4 -51.95 -23.77 -1.34
C PHE C 4 -51.38 -23.18 -0.02
N ILE C 5 -51.33 -21.84 0.10
CA ILE C 5 -50.84 -21.06 1.26
C ILE C 5 -49.42 -21.50 1.68
N ILE C 6 -48.40 -20.83 1.13
CA ILE C 6 -47.01 -21.10 1.49
C ILE C 6 -46.73 -20.45 2.87
N PHE C 7 -47.38 -19.29 3.14
CA PHE C 7 -47.24 -18.53 4.40
C PHE C 7 -47.52 -19.34 5.67
N ILE C 8 -48.27 -20.45 5.58
CA ILE C 8 -48.58 -21.32 6.72
C ILE C 8 -47.33 -22.15 7.17
N ILE C 9 -46.21 -22.04 6.44
CA ILE C 9 -44.92 -22.66 6.77
C ILE C 9 -43.94 -21.55 7.19
N LEU C 10 -44.27 -20.29 6.81
CA LEU C 10 -43.53 -19.07 7.12
C LEU C 10 -43.91 -18.54 8.51
N ILE C 11 -45.22 -18.60 8.86
CA ILE C 11 -45.77 -18.16 10.16
C ILE C 11 -45.14 -18.98 11.33
N PRO C 12 -45.08 -20.35 11.32
CA PRO C 12 -44.41 -21.06 12.44
C PRO C 12 -42.92 -20.75 12.55
N ILE C 13 -42.28 -20.38 11.41
CA ILE C 13 -40.88 -19.98 11.34
C ILE C 13 -40.70 -18.62 12.04
N VAL C 14 -41.63 -17.66 11.80
CA VAL C 14 -41.66 -16.32 12.41
C VAL C 14 -41.88 -16.45 13.92
N GLY C 15 -42.78 -17.34 14.32
CA GLY C 15 -43.10 -17.65 15.71
C GLY C 15 -41.95 -18.26 16.46
N PHE C 16 -41.22 -19.20 15.82
CA PHE C 16 -40.05 -19.87 16.39
C PHE C 16 -38.86 -18.91 16.44
N ALA C 17 -38.73 -18.00 15.44
CA ALA C 17 -37.67 -16.99 15.34
C ALA C 17 -37.62 -16.11 16.59
N LEU C 18 -38.81 -15.72 17.09
CA LEU C 18 -39.01 -14.90 18.28
C LEU C 18 -38.57 -15.65 19.55
N LEU C 19 -38.98 -16.93 19.67
CA LEU C 19 -38.67 -17.79 20.81
C LEU C 19 -37.58 -18.81 20.45
N PHE C 38 -14.55 -11.26 29.58
CA PHE C 38 -13.83 -10.89 28.37
C PHE C 38 -13.56 -12.10 27.47
N GLU C 39 -13.57 -11.88 26.14
CA GLU C 39 -13.30 -12.92 25.13
C GLU C 39 -11.82 -13.30 25.13
N CYS C 40 -11.54 -14.60 25.26
CA CYS C 40 -10.18 -15.14 25.32
C CYS C 40 -9.97 -16.38 24.45
N GLY C 41 -8.84 -17.05 24.64
CA GLY C 41 -8.48 -18.28 23.95
C GLY C 41 -7.66 -18.13 22.68
N LEU C 42 -7.77 -16.96 22.01
CA LEU C 42 -7.06 -16.71 20.74
C LEU C 42 -6.63 -15.25 20.54
N THR C 43 -5.77 -15.01 19.53
CA THR C 43 -5.22 -13.71 19.14
C THR C 43 -5.95 -13.20 17.89
N SER C 44 -6.47 -11.95 17.93
CA SER C 44 -7.20 -11.35 16.82
C SER C 44 -7.19 -9.79 16.83
N PHE C 45 -8.28 -9.17 16.29
CA PHE C 45 -8.59 -7.74 16.14
C PHE C 45 -7.90 -7.06 14.95
N ASN C 46 -6.64 -7.46 14.64
CA ASN C 46 -5.77 -6.97 13.55
C ASN C 46 -5.75 -5.43 13.42
N ALA C 51 -7.80 -9.04 3.60
CA ALA C 51 -6.54 -9.72 3.32
C ALA C 51 -6.18 -9.69 1.83
N PHE C 52 -7.18 -9.45 0.95
CA PHE C 52 -7.09 -9.38 -0.51
C PHE C 52 -6.49 -10.64 -1.17
N ASN C 53 -7.38 -11.55 -1.61
CA ASN C 53 -7.02 -12.81 -2.25
C ASN C 53 -6.73 -12.68 -3.76
N ALA C 54 -6.76 -11.43 -4.27
CA ALA C 54 -6.50 -11.01 -5.66
C ALA C 54 -7.39 -11.73 -6.71
N ALA C 55 -6.88 -12.77 -7.40
CA ALA C 55 -7.63 -13.51 -8.42
C ALA C 55 -8.54 -14.57 -7.80
N PHE C 56 -9.58 -14.09 -7.12
CA PHE C 56 -10.61 -14.87 -6.43
C PHE C 56 -11.95 -14.15 -6.57
N ILE C 57 -11.91 -12.81 -6.61
CA ILE C 57 -13.05 -11.90 -6.81
C ILE C 57 -13.50 -12.05 -8.25
N LEU C 58 -12.52 -12.23 -9.16
CA LEU C 58 -12.70 -12.43 -10.60
C LEU C 58 -13.53 -13.66 -10.93
N VAL C 59 -13.48 -14.69 -10.05
CA VAL C 59 -14.26 -15.93 -10.17
C VAL C 59 -15.75 -15.59 -9.96
N ALA C 60 -16.04 -14.74 -8.95
CA ALA C 60 -17.39 -14.25 -8.65
C ALA C 60 -17.84 -13.30 -9.77
N ILE C 61 -16.96 -12.34 -10.17
CA ILE C 61 -17.19 -11.37 -11.25
C ILE C 61 -17.52 -12.12 -12.56
N LEU C 62 -16.88 -13.29 -12.77
CA LEU C 62 -17.10 -14.16 -13.92
C LEU C 62 -18.36 -15.00 -13.80
N PHE C 63 -18.83 -15.28 -12.55
CA PHE C 63 -20.06 -16.06 -12.35
C PHE C 63 -21.25 -15.34 -12.92
N LEU C 64 -21.36 -14.01 -12.68
CA LEU C 64 -22.46 -13.18 -13.17
C LEU C 64 -22.69 -13.34 -14.70
N PRO C 65 -21.70 -13.09 -15.61
CA PRO C 65 -21.99 -13.28 -17.04
C PRO C 65 -22.14 -14.74 -17.43
N PHE C 66 -21.36 -15.67 -16.81
CA PHE C 66 -21.46 -17.10 -17.11
C PHE C 66 -22.82 -17.68 -16.71
N ASP C 67 -23.40 -17.19 -15.59
CA ASP C 67 -24.73 -17.58 -15.12
C ASP C 67 -25.78 -16.97 -16.03
N LEU C 68 -25.52 -15.74 -16.53
CA LEU C 68 -26.38 -15.03 -17.48
C LEU C 68 -26.43 -15.82 -18.79
N GLU C 69 -25.26 -16.26 -19.29
CA GLU C 69 -25.06 -17.04 -20.53
C GLU C 69 -25.96 -18.27 -20.61
N ILE C 70 -26.00 -19.08 -19.54
CA ILE C 70 -26.81 -20.30 -19.45
C ILE C 70 -28.29 -19.95 -19.19
N SER C 71 -28.56 -18.91 -18.36
CA SER C 71 -29.92 -18.45 -18.04
C SER C 71 -30.63 -17.79 -19.24
N THR C 72 -29.84 -17.19 -20.16
CA THR C 72 -30.35 -16.55 -21.38
C THR C 72 -30.63 -17.60 -22.44
N LEU C 73 -29.97 -18.77 -22.33
CA LEU C 73 -30.15 -19.89 -23.24
C LEU C 73 -31.48 -20.58 -22.94
N LEU C 74 -31.91 -20.57 -21.66
CA LEU C 74 -33.15 -21.15 -21.15
C LEU C 74 -34.38 -20.82 -22.05
N PRO C 75 -34.71 -19.55 -22.43
CA PRO C 75 -35.85 -19.33 -23.32
C PRO C 75 -35.69 -19.91 -24.73
N TYR C 76 -34.45 -19.99 -25.25
CA TYR C 76 -34.18 -20.58 -26.57
C TYR C 76 -34.30 -22.10 -26.48
N VAL C 77 -33.98 -22.67 -25.29
CA VAL C 77 -34.07 -24.09 -24.97
C VAL C 77 -35.56 -24.49 -24.92
N MET C 78 -36.40 -23.63 -24.33
CA MET C 78 -37.86 -23.83 -24.22
C MET C 78 -38.54 -23.75 -25.60
N SER C 79 -38.06 -22.81 -26.46
CA SER C 79 -38.61 -22.55 -27.79
C SER C 79 -37.93 -23.35 -28.91
N ILE C 80 -37.84 -24.68 -28.74
CA ILE C 80 -37.27 -25.57 -29.76
C ILE C 80 -38.41 -26.25 -30.56
N TYR C 81 -38.06 -27.00 -31.63
CA TYR C 81 -38.99 -27.70 -32.54
C TYR C 81 -39.98 -26.72 -33.20
N LEU C 82 -39.45 -25.56 -33.61
CA LEU C 82 -40.15 -24.43 -34.23
C LEU C 82 -39.12 -23.58 -35.00
N VAL C 83 -37.84 -23.68 -34.58
CA VAL C 83 -36.71 -22.92 -35.13
C VAL C 83 -35.61 -23.83 -35.73
N SER C 84 -34.61 -23.21 -36.38
CA SER C 84 -33.43 -23.88 -36.96
C SER C 84 -32.26 -23.61 -36.01
N ASN C 85 -31.68 -24.70 -35.46
CA ASN C 85 -30.63 -24.67 -34.44
C ASN C 85 -29.27 -24.08 -34.85
N TYR C 86 -29.04 -23.76 -36.14
CA TYR C 86 -27.73 -23.21 -36.54
C TYR C 86 -27.43 -21.86 -35.87
N GLY C 87 -28.43 -20.99 -35.78
CA GLY C 87 -28.31 -19.69 -35.12
C GLY C 87 -28.20 -19.83 -33.60
N PHE C 88 -28.80 -20.90 -33.07
CA PHE C 88 -28.86 -21.30 -31.66
C PHE C 88 -27.49 -21.84 -31.19
N THR C 89 -26.76 -22.48 -32.12
CA THR C 89 -25.43 -23.06 -31.89
C THR C 89 -24.35 -21.96 -31.86
N ILE C 90 -24.47 -20.94 -32.74
CA ILE C 90 -23.54 -19.81 -32.90
C ILE C 90 -23.21 -19.13 -31.56
N VAL C 91 -24.24 -18.83 -30.73
CA VAL C 91 -24.13 -18.18 -29.41
C VAL C 91 -23.12 -18.92 -28.53
N LEU C 92 -23.27 -20.25 -28.46
CA LEU C 92 -22.45 -21.17 -27.66
C LEU C 92 -21.00 -21.25 -28.11
N LEU C 93 -20.77 -21.13 -29.43
CA LEU C 93 -19.43 -21.13 -30.03
C LEU C 93 -18.66 -19.89 -29.57
N PHE C 94 -19.33 -18.72 -29.58
CA PHE C 94 -18.81 -17.43 -29.11
C PHE C 94 -18.42 -17.51 -27.63
N LEU C 95 -19.23 -18.22 -26.83
CA LEU C 95 -19.00 -18.42 -25.39
C LEU C 95 -17.91 -19.47 -25.13
N LEU C 96 -17.68 -20.40 -26.09
CA LEU C 96 -16.64 -21.42 -25.98
C LEU C 96 -15.28 -20.74 -26.18
N ILE C 97 -15.23 -19.77 -27.13
CA ILE C 97 -14.05 -18.95 -27.46
C ILE C 97 -13.59 -18.13 -26.24
N LEU C 98 -14.56 -17.80 -25.36
CA LEU C 98 -14.41 -17.03 -24.12
C LEU C 98 -13.78 -17.80 -22.99
N ILE C 99 -14.34 -18.99 -22.66
CA ILE C 99 -13.83 -19.85 -21.60
C ILE C 99 -12.40 -20.28 -21.96
N ILE C 100 -12.10 -20.37 -23.27
CA ILE C 100 -10.79 -20.66 -23.86
C ILE C 100 -9.93 -19.38 -23.72
N GLY C 101 -10.51 -18.23 -24.07
CA GLY C 101 -9.86 -16.93 -23.98
C GLY C 101 -9.54 -16.46 -22.57
N PHE C 102 -10.01 -17.24 -21.57
CA PHE C 102 -9.82 -16.99 -20.15
C PHE C 102 -8.76 -17.93 -19.55
N VAL C 103 -9.02 -19.26 -19.59
CA VAL C 103 -8.17 -20.30 -19.00
C VAL C 103 -6.77 -20.38 -19.66
N TYR C 104 -6.67 -20.36 -21.00
CA TYR C 104 -5.38 -20.44 -21.71
C TYR C 104 -4.52 -19.20 -21.48
N GLU C 105 -5.17 -18.06 -21.18
CA GLU C 105 -4.50 -16.80 -20.94
C GLU C 105 -3.99 -16.65 -19.51
N ILE C 106 -4.81 -16.98 -18.48
CA ILE C 106 -4.44 -16.77 -17.09
C ILE C 106 -4.77 -17.93 -16.11
N ASN C 107 -5.62 -18.90 -16.52
CA ASN C 107 -6.06 -20.06 -15.71
C ASN C 107 -6.90 -19.66 -14.47
N THR C 108 -6.97 -20.54 -13.46
CA THR C 108 -7.72 -20.32 -12.21
C THR C 108 -6.91 -19.50 -11.19
N ASN C 109 -5.58 -19.37 -11.42
CA ASN C 109 -4.60 -18.68 -10.59
C ASN C 109 -4.47 -19.38 -9.23
N ALA C 110 -3.52 -20.33 -9.14
CA ALA C 110 -3.24 -21.15 -7.96
C ALA C 110 -2.79 -20.32 -6.76
N UNK D 1 2.13 22.54 -66.41
CA UNK D 1 2.52 21.16 -66.07
C UNK D 1 3.70 20.64 -66.90
N UNK D 2 4.32 21.52 -67.73
CA UNK D 2 5.46 21.19 -68.59
C UNK D 2 6.73 20.85 -67.82
N UNK D 3 7.60 20.01 -68.42
CA UNK D 3 8.88 19.57 -67.86
C UNK D 3 9.92 20.69 -67.76
N UNK D 4 9.72 21.81 -68.50
CA UNK D 4 10.59 22.99 -68.51
C UNK D 4 10.59 23.69 -67.15
N UNK D 5 9.47 23.61 -66.39
CA UNK D 5 9.30 24.20 -65.06
C UNK D 5 10.15 23.44 -64.03
N UNK D 6 10.28 22.10 -64.21
CA UNK D 6 11.08 21.22 -63.35
C UNK D 6 12.58 21.45 -63.55
N UNK D 7 12.99 21.81 -64.79
CA UNK D 7 14.37 22.11 -65.18
C UNK D 7 14.83 23.42 -64.53
N UNK D 8 13.91 24.40 -64.41
CA UNK D 8 14.15 25.70 -63.78
C UNK D 8 14.25 25.51 -62.27
N UNK D 9 13.49 24.55 -61.71
CA UNK D 9 13.48 24.20 -60.29
C UNK D 9 14.75 23.44 -59.91
N UNK D 10 15.30 22.64 -60.85
CA UNK D 10 16.53 21.86 -60.68
C UNK D 10 17.75 22.78 -60.54
N UNK D 11 17.81 23.85 -61.37
CA UNK D 11 18.89 24.84 -61.36
C UNK D 11 18.81 25.70 -60.10
N UNK D 12 17.58 25.93 -59.59
CA UNK D 12 17.32 26.70 -58.37
C UNK D 12 17.72 25.89 -57.13
N UNK D 13 17.64 24.55 -57.22
CA UNK D 13 18.03 23.62 -56.15
C UNK D 13 19.55 23.59 -56.00
N UNK D 14 20.29 23.68 -57.12
CA UNK D 14 21.75 23.69 -57.16
C UNK D 14 22.28 25.04 -56.65
N UNK D 15 21.57 26.14 -56.96
CA UNK D 15 21.91 27.50 -56.53
C UNK D 15 21.69 27.67 -55.02
N UNK D 16 20.73 26.92 -54.45
CA UNK D 16 20.41 26.92 -53.02
C UNK D 16 21.43 26.10 -52.22
N UNK D 17 22.02 25.06 -52.86
CA UNK D 17 23.03 24.20 -52.25
C UNK D 17 24.39 24.88 -52.17
N UNK D 18 24.66 25.85 -53.06
CA UNK D 18 25.92 26.61 -53.11
C UNK D 18 25.85 27.93 -52.33
N UNK D 19 19.49 30.83 -47.24
CA UNK D 19 19.22 32.06 -46.49
C UNK D 19 19.87 33.27 -47.17
N UNK D 20 21.21 33.41 -47.10
CA UNK D 20 21.97 34.49 -47.71
C UNK D 20 22.17 34.23 -49.20
N UNK D 21 22.39 32.95 -49.58
CA UNK D 21 22.59 32.51 -50.96
C UNK D 21 21.28 32.52 -51.76
N UNK D 22 20.13 32.42 -51.07
CA UNK D 22 18.79 32.42 -51.65
C UNK D 22 18.38 33.78 -52.23
N UNK D 23 19.07 34.87 -51.81
CA UNK D 23 18.82 36.26 -52.23
C UNK D 23 18.86 36.45 -53.75
N UNK D 24 19.86 35.88 -54.43
CA UNK D 24 20.03 35.97 -55.89
C UNK D 24 18.96 35.19 -56.63
N UNK D 25 18.51 34.04 -56.07
CA UNK D 25 17.47 33.19 -56.64
C UNK D 25 16.10 33.85 -56.53
N UNK D 26 15.86 34.58 -55.42
CA UNK D 26 14.61 35.30 -55.17
C UNK D 26 14.55 36.57 -56.03
N UNK D 27 15.71 37.24 -56.23
CA UNK D 27 15.84 38.45 -57.05
C UNK D 27 15.57 38.13 -58.52
N UNK D 28 16.05 36.96 -59.00
CA UNK D 28 15.85 36.47 -60.36
C UNK D 28 14.37 36.10 -60.57
N UNK D 29 13.72 35.59 -59.50
CA UNK D 29 12.30 35.23 -59.50
C UNK D 29 11.46 36.51 -59.53
N UNK D 30 11.92 37.56 -58.81
CA UNK D 30 11.28 38.88 -58.77
C UNK D 30 11.42 39.58 -60.12
N UNK D 31 12.56 39.38 -60.79
CA UNK D 31 12.86 39.93 -62.12
C UNK D 31 12.00 39.23 -63.18
N UNK D 32 11.82 37.89 -63.05
CA UNK D 32 11.02 37.07 -63.97
C UNK D 32 9.54 37.45 -63.89
N UNK D 33 9.06 37.80 -62.67
CA UNK D 33 7.67 38.22 -62.43
C UNK D 33 7.43 39.62 -63.00
N UNK D 34 8.46 40.50 -62.96
CA UNK D 34 8.41 41.86 -63.51
C UNK D 34 8.48 41.81 -65.04
N UNK D 35 9.21 40.82 -65.58
CA UNK D 35 9.36 40.60 -67.03
C UNK D 35 8.07 40.08 -67.64
N UNK D 36 7.38 39.13 -66.94
CA UNK D 36 6.11 38.53 -67.35
C UNK D 36 4.96 39.55 -67.32
N UNK D 37 5.12 40.62 -66.51
CA UNK D 37 4.18 41.72 -66.38
C UNK D 37 4.42 42.75 -67.50
N UNK D 38 5.72 42.99 -67.85
CA UNK D 38 6.12 43.91 -68.92
C UNK D 38 5.71 43.34 -70.27
N UNK D 39 5.81 42.00 -70.43
CA UNK D 39 5.41 41.28 -71.64
C UNK D 39 3.88 41.21 -71.77
N UNK D 40 3.14 41.33 -70.64
CA UNK D 40 1.69 41.30 -70.59
C UNK D 40 1.08 42.61 -71.15
N UNK D 41 1.18 42.73 -72.49
CA UNK D 41 0.75 43.78 -73.42
C UNK D 41 1.36 43.43 -74.78
N UNK D 42 1.29 42.12 -75.13
CA UNK D 42 1.86 41.51 -76.34
C UNK D 42 1.09 41.83 -77.65
N UNK D 43 0.84 40.81 -78.51
CA UNK D 43 0.14 40.94 -79.80
C UNK D 43 -1.29 41.47 -79.63
N UNK D 44 -2.07 40.83 -78.75
CA UNK D 44 -3.44 41.24 -78.42
C UNK D 44 -3.45 41.72 -76.96
N UNK D 45 -3.14 43.01 -76.77
CA UNK D 45 -3.08 43.67 -75.46
C UNK D 45 -4.46 44.01 -74.89
N UNK D 46 -4.51 44.82 -73.81
CA UNK D 46 -5.74 45.23 -73.14
C UNK D 46 -6.66 46.08 -74.05
N UNK D 47 -6.34 47.39 -74.23
CA UNK D 47 -7.10 48.36 -75.03
C UNK D 47 -8.62 48.35 -74.76
N UNK D 48 -9.38 47.53 -75.51
CA UNK D 48 -10.84 47.31 -75.41
C UNK D 48 -11.68 48.60 -75.28
N UNK D 49 -11.88 49.10 -74.03
CA UNK D 49 -12.66 50.30 -73.74
C UNK D 49 -11.91 51.26 -72.82
N UNK D 50 -17.70 42.44 -70.81
CA UNK D 50 -17.07 41.21 -70.38
C UNK D 50 -15.68 40.99 -71.01
N UNK D 51 -14.86 42.07 -71.04
CA UNK D 51 -13.50 42.05 -71.58
C UNK D 51 -12.48 41.83 -70.45
N UNK D 52 -12.08 40.55 -70.24
CA UNK D 52 -11.14 40.14 -69.20
C UNK D 52 -10.11 39.11 -69.74
N UNK D 53 -9.88 37.99 -69.00
CA UNK D 53 -8.95 36.92 -69.37
C UNK D 53 -9.54 35.53 -69.04
N UNK D 54 -8.72 34.44 -69.08
CA UNK D 54 -9.19 33.08 -68.79
C UNK D 54 -8.13 32.18 -68.15
N UNK D 55 -8.55 31.42 -67.10
CA UNK D 55 -7.77 30.43 -66.33
C UNK D 55 -8.65 29.75 -65.26
N UNK D 56 -8.44 28.43 -65.05
CA UNK D 56 -9.15 27.61 -64.07
C UNK D 56 -8.20 26.61 -63.41
N UNK D 57 -8.15 26.58 -62.07
CA UNK D 57 -7.24 25.73 -61.30
C UNK D 57 -7.88 24.44 -60.74
N UNK D 58 -7.62 23.32 -61.45
CA UNK D 58 -8.02 21.93 -61.16
C UNK D 58 -9.48 21.71 -60.63
N UNK D 59 -10.40 22.64 -60.93
CA UNK D 59 -11.79 22.53 -60.49
C UNK D 59 -12.80 22.85 -61.59
N UNK D 60 -14.02 22.29 -61.48
CA UNK D 60 -15.12 22.48 -62.42
C UNK D 60 -15.78 23.85 -62.23
N UNK D 61 -12.76 29.32 -55.03
CA UNK D 61 -13.03 28.98 -56.42
C UNK D 61 -11.74 28.81 -57.25
N UNK D 62 -11.89 28.31 -58.49
CA UNK D 62 -10.79 28.08 -59.42
C UNK D 62 -10.56 29.25 -60.39
N UNK D 63 -11.65 29.97 -60.75
CA UNK D 63 -11.65 31.10 -61.70
C UNK D 63 -10.68 32.22 -61.34
N UNK D 64 -9.81 32.57 -62.31
CA UNK D 64 -8.81 33.62 -62.20
C UNK D 64 -8.66 34.29 -63.57
N UNK D 65 -8.83 35.62 -63.62
CA UNK D 65 -8.74 36.39 -64.87
C UNK D 65 -8.17 37.79 -64.63
N UNK D 66 -7.10 38.13 -65.36
CA UNK D 66 -6.44 39.44 -65.26
C UNK D 66 -7.17 40.48 -66.12
N UNK D 67 -8.06 41.25 -65.49
CA UNK D 67 -8.85 42.31 -66.13
C UNK D 67 -8.11 43.65 -66.11
N UNK D 68 -8.81 44.77 -66.41
CA UNK D 68 -8.24 46.13 -66.45
C UNK D 68 -7.78 46.60 -65.06
N UNK D 69 -8.65 46.48 -64.04
CA UNK D 69 -8.34 46.85 -62.65
C UNK D 69 -7.27 45.92 -62.06
N UNK D 70 -7.22 44.67 -62.53
CA UNK D 70 -6.27 43.64 -62.13
C UNK D 70 -4.92 43.81 -62.85
N UNK D 71 -4.85 44.71 -63.85
CA UNK D 71 -3.63 45.00 -64.61
C UNK D 71 -2.88 46.18 -64.02
N UNK D 72 -3.61 47.14 -63.41
CA UNK D 72 -3.03 48.34 -62.79
C UNK D 72 -2.64 48.09 -61.33
N UNK D 73 -3.57 47.52 -60.51
CA UNK D 73 -3.37 47.22 -59.10
C UNK D 73 -2.39 46.06 -58.84
N UNK D 74 -2.10 45.24 -59.89
CA UNK D 74 -1.17 44.11 -59.79
C UNK D 74 0.20 44.40 -60.41
N UNK D 75 0.30 45.47 -61.24
CA UNK D 75 1.56 45.90 -61.86
C UNK D 75 2.48 46.47 -60.78
N UNK D 76 1.89 47.12 -59.76
CA UNK D 76 2.57 47.69 -58.61
C UNK D 76 3.15 46.57 -57.74
N UNK D 77 2.41 45.43 -57.63
CA UNK D 77 2.80 44.25 -56.86
C UNK D 77 4.02 43.57 -57.48
N UNK D 78 4.11 43.57 -58.81
CA UNK D 78 5.23 42.99 -59.56
C UNK D 78 6.48 43.86 -59.45
N UNK D 79 6.29 45.19 -59.30
CA UNK D 79 7.37 46.18 -59.17
C UNK D 79 7.90 46.31 -57.74
N UNK D 80 7.01 46.19 -56.73
CA UNK D 80 7.36 46.30 -55.31
C UNK D 80 7.94 45.00 -54.72
N UNK D 81 7.72 43.84 -55.41
CA UNK D 81 8.21 42.52 -54.98
C UNK D 81 9.74 42.49 -55.01
N UNK D 82 10.36 43.13 -56.01
CA UNK D 82 11.80 43.23 -56.16
C UNK D 82 12.37 44.17 -55.10
N UNK D 83 11.67 45.30 -54.82
CA UNK D 83 12.06 46.30 -53.82
C UNK D 83 11.91 45.77 -52.39
N UNK D 84 10.98 44.82 -52.16
CA UNK D 84 10.75 44.20 -50.85
C UNK D 84 11.90 43.25 -50.50
N UNK D 85 12.26 42.33 -51.43
CA UNK D 85 13.34 41.36 -51.27
C UNK D 85 14.74 42.01 -51.29
N UNK D 86 14.84 43.26 -51.78
CA UNK D 86 16.08 44.04 -51.88
C UNK D 86 16.67 44.47 -50.53
N UNK D 87 15.80 44.86 -49.57
CA UNK D 87 16.20 45.32 -48.25
C UNK D 87 16.46 44.17 -47.25
N UNK D 88 16.13 42.91 -47.66
CA UNK D 88 16.31 41.69 -46.85
C UNK D 88 17.78 41.34 -46.62
N UNK D 89 18.66 41.65 -47.60
CA UNK D 89 20.10 41.40 -47.52
C UNK D 89 20.80 42.34 -46.52
N UNK D 90 20.25 43.56 -46.35
CA UNK D 90 20.77 44.57 -45.43
C UNK D 90 20.51 44.18 -43.98
N UNK D 91 19.32 43.62 -43.70
CA UNK D 91 18.92 43.15 -42.37
C UNK D 91 19.10 41.63 -42.26
N UNK D 92 20.33 41.16 -42.58
CA UNK D 92 20.71 39.74 -42.54
C UNK D 92 21.15 39.30 -41.14
N UNK D 93 20.20 39.35 -40.18
CA UNK D 93 20.41 38.95 -38.79
C UNK D 93 19.72 37.60 -38.54
N UNK D 94 20.39 36.70 -37.80
CA UNK D 94 19.94 35.33 -37.45
C UNK D 94 19.62 34.48 -38.70
N UNK D 95 18.65 33.54 -38.61
CA UNK D 95 18.24 32.68 -39.73
C UNK D 95 17.43 33.47 -40.76
N UNK D 96 18.10 33.95 -41.81
CA UNK D 96 17.50 34.75 -42.89
C UNK D 96 16.82 33.90 -44.00
N UNK D 97 16.56 32.61 -43.70
CA UNK D 97 15.92 31.67 -44.62
C UNK D 97 14.45 31.98 -44.85
N UNK D 98 13.69 32.21 -43.77
CA UNK D 98 12.26 32.53 -43.85
C UNK D 98 12.00 34.04 -43.94
N UNK D 99 12.99 34.87 -43.54
CA UNK D 99 12.92 36.34 -43.57
C UNK D 99 12.67 36.92 -44.96
N UNK D 100 13.19 36.24 -46.01
CA UNK D 100 13.04 36.66 -47.41
C UNK D 100 12.04 35.79 -48.19
N UNK D 101 12.03 34.46 -47.93
CA UNK D 101 11.13 33.49 -48.59
C UNK D 101 9.66 33.74 -48.26
N UNK D 102 9.33 33.97 -46.97
CA UNK D 102 7.95 34.26 -46.56
C UNK D 102 7.53 35.65 -47.03
N UNK D 103 8.51 36.59 -47.12
CA UNK D 103 8.31 37.95 -47.61
C UNK D 103 7.95 37.90 -49.10
N UNK D 104 8.60 36.98 -49.85
CA UNK D 104 8.33 36.74 -51.27
C UNK D 104 7.02 35.99 -51.45
N UNK D 105 6.67 35.12 -50.45
CA UNK D 105 5.43 34.34 -50.46
C UNK D 105 4.23 35.24 -50.21
N UNK D 106 4.39 36.25 -49.33
CA UNK D 106 3.35 37.23 -49.00
C UNK D 106 3.10 38.16 -50.20
N UNK D 107 4.16 38.46 -50.98
CA UNK D 107 4.11 39.30 -52.17
C UNK D 107 3.41 38.56 -53.32
N UNK D 108 3.65 37.23 -53.44
CA UNK D 108 3.05 36.37 -54.45
C UNK D 108 1.56 36.15 -54.16
N UNK D 109 1.18 36.02 -52.87
CA UNK D 109 -0.21 35.84 -52.41
C UNK D 109 -1.02 37.12 -52.65
N UNK D 110 -0.37 38.30 -52.51
CA UNK D 110 -0.97 39.61 -52.73
C UNK D 110 -1.17 39.88 -54.23
N UNK D 111 -0.30 39.29 -55.08
CA UNK D 111 -0.35 39.41 -56.54
C UNK D 111 -1.37 38.44 -57.14
N UNK D 112 -1.50 37.22 -56.57
CA UNK D 112 -2.43 36.19 -57.02
C UNK D 112 -3.89 36.55 -56.73
N UNK D 113 -4.16 37.15 -55.56
CA UNK D 113 -5.51 37.56 -55.14
C UNK D 113 -6.06 38.66 -56.05
N UNK D 114 -5.18 39.58 -56.50
CA UNK D 114 -5.52 40.68 -57.41
C UNK D 114 -5.80 40.16 -58.83
N UNK D 115 -5.03 39.14 -59.28
CA UNK D 115 -5.18 38.51 -60.59
C UNK D 115 -6.40 37.57 -60.65
N UNK D 116 -6.93 37.15 -59.48
CA UNK D 116 -8.09 36.26 -59.36
C UNK D 116 -9.40 36.97 -59.75
N UNK D 117 -10.37 36.22 -60.33
CA UNK D 117 -11.65 36.74 -60.81
C UNK D 117 -12.84 36.53 -59.86
N UNK D 118 -13.24 35.27 -59.59
CA UNK D 118 -14.39 34.88 -58.74
C UNK D 118 -14.32 35.39 -57.29
N UNK D 119 -15.48 35.43 -56.61
CA UNK D 119 -15.61 35.89 -55.22
C UNK D 119 -15.00 34.91 -54.21
N UNK D 120 -15.27 33.59 -54.38
CA UNK D 120 -14.76 32.53 -53.50
C UNK D 120 -13.25 32.33 -53.66
N SER D 121 -12.70 32.61 -54.86
CA SER D 121 -11.27 32.50 -55.17
C SER D 121 -10.47 33.63 -54.53
N PHE D 122 -11.05 34.85 -54.47
CA PHE D 122 -10.43 36.03 -53.86
C PHE D 122 -10.28 35.86 -52.35
N TYR D 123 -11.15 35.06 -51.72
CA TYR D 123 -11.10 34.81 -50.29
C TYR D 123 -9.96 33.88 -49.87
N ILE D 124 -9.73 32.78 -50.63
CA ILE D 124 -8.68 31.77 -50.36
C ILE D 124 -7.29 32.43 -50.29
N LEU D 125 -6.90 33.11 -51.37
CA LEU D 125 -5.60 33.78 -51.54
C LEU D 125 -5.36 34.92 -50.55
N PHE D 126 -6.45 35.62 -50.13
CA PHE D 126 -6.40 36.71 -49.16
C PHE D 126 -5.99 36.15 -47.79
N GLU D 127 -6.64 35.05 -47.37
CA GLU D 127 -6.43 34.39 -46.09
C GLU D 127 -5.07 33.68 -45.99
N ALA D 128 -4.37 33.51 -47.13
CA ALA D 128 -3.04 32.90 -47.19
C ALA D 128 -1.98 33.90 -46.71
N THR D 129 -2.29 35.20 -46.77
CA THR D 129 -1.41 36.29 -46.33
C THR D 129 -1.36 36.34 -44.80
N LEU D 130 -2.45 35.91 -44.13
CA LEU D 130 -2.62 35.88 -42.69
C LEU D 130 -1.51 35.10 -41.94
N PRO D 131 -1.21 33.79 -42.22
CA PRO D 131 -0.10 33.13 -41.49
C PRO D 131 1.27 33.67 -41.87
N LEU D 132 1.43 34.12 -43.13
CA LEU D 132 2.68 34.68 -43.66
C LEU D 132 3.07 35.98 -42.98
N LEU D 133 2.09 36.89 -42.76
CA LEU D 133 2.32 38.17 -42.07
C LEU D 133 2.58 37.93 -40.59
N PHE D 134 1.81 37.00 -39.97
CA PHE D 134 1.88 36.59 -38.57
C PHE D 134 3.28 36.07 -38.18
N ILE D 135 3.71 34.95 -38.80
CA ILE D 135 5.00 34.28 -38.57
C ILE D 135 6.20 35.22 -38.82
N LEU D 136 6.13 36.07 -39.87
CA LEU D 136 7.18 37.04 -40.20
C LEU D 136 7.37 38.06 -39.09
N ILE D 137 6.25 38.65 -38.62
CA ILE D 137 6.22 39.67 -37.57
C ILE D 137 6.43 39.04 -36.16
N HIS D 138 6.27 37.71 -36.02
CA HIS D 138 6.49 37.02 -34.75
C HIS D 138 7.98 36.72 -34.52
N ILE D 139 8.67 36.18 -35.54
CA ILE D 139 10.08 35.79 -35.47
C ILE D 139 11.02 36.97 -35.76
N TYR D 140 10.75 37.74 -36.82
CA TYR D 140 11.61 38.84 -37.26
C TYR D 140 11.10 40.25 -36.86
N GLY D 141 10.01 40.31 -36.11
CA GLY D 141 9.43 41.56 -35.63
C GLY D 141 10.23 42.22 -34.52
N SER D 142 10.07 43.55 -34.38
CA SER D 142 10.77 44.35 -33.37
C SER D 142 10.01 44.48 -32.05
N SER D 143 10.76 44.62 -30.94
CA SER D 143 10.32 44.80 -29.54
C SER D 143 9.11 43.94 -29.14
N ASP D 144 7.88 44.42 -29.41
CA ASP D 144 6.63 43.70 -29.10
C ASP D 144 6.24 42.86 -30.33
N SER D 145 7.15 41.96 -30.75
CA SER D 145 7.00 41.05 -31.89
C SER D 145 5.79 40.12 -31.74
N GLU D 146 5.52 39.64 -30.51
CA GLU D 146 4.37 38.78 -30.20
C GLU D 146 3.09 39.58 -30.37
N ARG D 147 2.89 40.64 -29.55
CA ARG D 147 1.73 41.52 -29.55
C ARG D 147 1.34 41.94 -30.98
N ALA D 148 2.30 42.49 -31.75
CA ALA D 148 2.12 42.96 -33.13
C ALA D 148 1.67 41.85 -34.08
N SER D 149 2.31 40.65 -34.00
CA SER D 149 2.03 39.49 -34.84
C SER D 149 0.59 39.00 -34.72
N PHE D 150 0.10 38.86 -33.47
CA PHE D 150 -1.26 38.42 -33.18
C PHE D 150 -2.27 39.51 -33.50
N TYR D 151 -1.85 40.80 -33.48
CA TYR D 151 -2.68 41.95 -33.82
C TYR D 151 -3.01 41.95 -35.31
N VAL D 152 -2.09 41.44 -36.18
CA VAL D 152 -2.29 41.33 -37.63
C VAL D 152 -3.37 40.29 -37.85
N LEU D 153 -3.04 39.02 -37.57
CA LEU D 153 -3.87 37.82 -37.72
C LEU D 153 -5.28 37.94 -37.12
N MET D 154 -5.39 38.35 -35.84
CA MET D 154 -6.68 38.46 -35.16
C MET D 154 -7.60 39.50 -35.77
N PHE D 155 -7.07 40.65 -36.20
CA PHE D 155 -7.91 41.68 -36.81
C PHE D 155 -8.20 41.38 -38.27
N THR D 156 -7.22 40.83 -39.02
CA THR D 156 -7.41 40.44 -40.43
C THR D 156 -8.44 39.32 -40.56
N LEU D 157 -8.51 38.41 -39.57
CA LEU D 157 -9.46 37.29 -39.55
C LEU D 157 -10.86 37.74 -39.12
N SER D 158 -10.94 38.62 -38.08
CA SER D 158 -12.21 39.14 -37.53
C SER D 158 -13.07 39.85 -38.56
N GLY D 159 -12.47 40.77 -39.31
CA GLY D 159 -13.14 41.53 -40.36
C GLY D 159 -13.49 40.63 -41.54
N SER D 160 -12.52 39.79 -41.94
CA SER D 160 -12.63 38.85 -43.05
C SER D 160 -13.72 37.80 -42.87
N LEU D 161 -13.91 37.30 -41.62
CA LEU D 161 -14.95 36.31 -41.33
C LEU D 161 -16.37 36.86 -41.55
N PHE D 162 -16.53 38.19 -41.39
CA PHE D 162 -17.78 38.91 -41.64
C PHE D 162 -18.01 38.96 -43.16
N MET D 163 -16.91 39.09 -43.93
CA MET D 163 -16.94 39.10 -45.40
C MET D 163 -17.29 37.70 -45.88
N LEU D 164 -16.69 36.64 -45.24
CA LEU D 164 -16.95 35.23 -45.55
C LEU D 164 -18.40 34.89 -45.28
N LEU D 165 -18.95 35.38 -44.15
CA LEU D 165 -20.33 35.23 -43.71
C LEU D 165 -21.26 35.73 -44.81
N SER D 166 -20.92 36.89 -45.40
CA SER D 166 -21.66 37.51 -46.49
C SER D 166 -21.48 36.74 -47.81
N ILE D 167 -20.22 36.34 -48.12
CA ILE D 167 -19.84 35.58 -49.33
C ILE D 167 -20.65 34.28 -49.47
N VAL D 168 -20.87 33.56 -48.34
CA VAL D 168 -21.66 32.31 -48.36
C VAL D 168 -23.17 32.61 -48.53
N VAL D 169 -23.65 33.82 -48.16
CA VAL D 169 -25.05 34.22 -48.37
C VAL D 169 -25.18 34.56 -49.87
N ILE D 170 -24.14 35.20 -50.44
CA ILE D 170 -24.03 35.58 -51.86
C ILE D 170 -24.08 34.30 -52.73
N SER D 171 -23.36 33.23 -52.31
CA SER D 171 -23.34 31.95 -53.00
C SER D 171 -24.69 31.21 -52.87
N ILE D 172 -25.34 31.31 -51.69
CA ILE D 172 -26.63 30.66 -51.43
C ILE D 172 -27.81 31.35 -52.13
N VAL D 173 -27.75 32.69 -52.28
CA VAL D 173 -28.81 33.48 -52.89
C VAL D 173 -28.51 33.91 -54.35
N LEU D 174 -27.60 33.20 -55.05
CA LEU D 174 -27.24 33.48 -56.46
C LEU D 174 -26.72 32.27 -57.23
N ASN D 175 -26.34 31.18 -56.51
CA ASN D 175 -25.77 29.90 -57.02
C ASN D 175 -24.38 30.06 -57.65
N THR D 176 -24.23 30.96 -58.65
CA THR D 176 -22.96 31.25 -59.31
C THR D 176 -22.12 32.18 -58.44
N THR D 177 -20.80 31.95 -58.36
CA THR D 177 -19.87 32.74 -57.56
C THR D 177 -18.93 33.65 -58.37
N ASN D 178 -19.15 33.77 -59.70
CA ASN D 178 -18.35 34.61 -60.61
C ASN D 178 -18.66 36.10 -60.34
N PHE D 179 -17.61 36.87 -59.96
CA PHE D 179 -17.72 38.29 -59.62
C PHE D 179 -17.99 39.21 -60.82
N ILE D 180 -16.94 39.60 -61.56
CA ILE D 180 -17.05 40.48 -62.72
C ILE D 180 -17.48 39.74 -64.00
N ASN D 181 -17.37 38.39 -63.99
CA ASN D 181 -17.74 37.56 -65.13
C ASN D 181 -19.26 37.44 -65.29
N HIS D 182 -19.95 36.91 -64.26
CA HIS D 182 -21.41 36.74 -64.28
C HIS D 182 -22.06 37.65 -63.23
N ASN D 183 -22.04 38.98 -63.48
CA ASN D 183 -22.61 39.99 -62.60
C ASN D 183 -24.10 40.25 -62.90
N LEU D 184 -24.98 39.43 -62.28
CA LEU D 184 -26.43 39.51 -62.42
C LEU D 184 -27.05 40.16 -61.18
N PHE D 185 -27.04 41.51 -61.15
CA PHE D 185 -27.58 42.31 -60.05
C PHE D 185 -29.11 42.34 -60.07
N VAL D 186 -29.72 41.27 -59.53
CA VAL D 186 -31.18 41.12 -59.48
C VAL D 186 -31.68 41.09 -58.01
N LEU D 187 -30.81 40.71 -57.06
CA LEU D 187 -31.09 40.63 -55.62
C LEU D 187 -31.79 41.88 -55.09
N SER D 188 -32.98 41.70 -54.47
CA SER D 188 -33.90 42.70 -53.90
C SER D 188 -33.35 44.13 -53.87
N LEU D 189 -33.90 45.00 -54.74
CA LEU D 189 -33.50 46.41 -54.93
C LEU D 189 -33.28 47.21 -53.65
N ASP D 190 -34.18 47.10 -52.66
CA ASP D 190 -34.01 47.88 -51.42
C ASP D 190 -33.69 47.04 -50.18
N LEU D 191 -34.36 45.88 -50.04
CA LEU D 191 -34.27 45.00 -48.86
C LEU D 191 -33.02 44.10 -48.78
N GLN D 192 -32.33 43.82 -49.91
CA GLN D 192 -31.12 42.97 -49.88
C GLN D 192 -29.87 43.70 -49.37
N THR D 193 -30.08 44.88 -48.76
CA THR D 193 -29.10 45.79 -48.14
C THR D 193 -28.16 45.05 -47.13
N ILE D 194 -28.66 43.97 -46.52
CA ILE D 194 -27.99 43.12 -45.51
C ILE D 194 -26.58 42.61 -45.93
N ILE D 195 -26.45 41.99 -47.14
CA ILE D 195 -25.18 41.41 -47.59
C ILE D 195 -24.10 42.45 -47.98
N TRP D 196 -24.40 43.75 -47.90
CA TRP D 196 -23.43 44.81 -48.18
C TRP D 196 -22.59 45.04 -46.92
N LEU D 197 -23.25 44.92 -45.74
CA LEU D 197 -22.68 45.13 -44.41
C LEU D 197 -21.50 44.20 -44.08
N GLY D 198 -21.65 42.91 -44.33
CA GLY D 198 -20.63 41.89 -44.09
C GLY D 198 -19.35 42.13 -44.86
N LEU D 199 -19.49 42.52 -46.14
CA LEU D 199 -18.40 42.82 -47.07
C LEU D 199 -17.66 44.11 -46.66
N PHE D 200 -18.41 45.15 -46.24
CA PHE D 200 -17.86 46.44 -45.84
C PHE D 200 -17.16 46.41 -44.49
N ILE D 201 -17.56 45.52 -43.56
CA ILE D 201 -16.91 45.41 -42.24
C ILE D 201 -15.47 44.89 -42.41
N ALA D 202 -15.23 44.03 -43.41
CA ALA D 202 -13.89 43.53 -43.76
C ALA D 202 -13.08 44.67 -44.36
N ILE D 203 -13.76 45.53 -45.16
CA ILE D 203 -13.20 46.73 -45.78
C ILE D 203 -12.75 47.67 -44.67
N MET D 204 -13.59 47.85 -43.61
CA MET D 204 -13.31 48.69 -42.44
C MET D 204 -12.02 48.29 -41.71
N VAL D 205 -11.65 46.99 -41.77
CA VAL D 205 -10.43 46.47 -41.14
C VAL D 205 -9.26 46.51 -42.13
N LYS D 206 -9.42 45.89 -43.33
CA LYS D 206 -8.40 45.82 -44.38
C LYS D 206 -7.94 47.22 -44.80
N THR D 207 -8.88 48.08 -45.24
CA THR D 207 -8.58 49.49 -45.51
C THR D 207 -8.75 50.20 -44.16
N PRO D 208 -7.86 51.12 -43.77
CA PRO D 208 -8.01 51.72 -42.44
C PRO D 208 -9.11 52.75 -42.35
N LEU D 209 -10.05 52.52 -41.42
CA LEU D 209 -11.19 53.40 -41.15
C LEU D 209 -11.31 53.71 -39.65
N PHE D 210 -11.92 54.87 -39.33
CA PHE D 210 -12.15 55.45 -38.00
C PHE D 210 -12.29 54.41 -36.86
N PRO D 211 -13.22 53.41 -36.89
CA PRO D 211 -13.28 52.46 -35.76
C PRO D 211 -12.21 51.37 -35.78
N ILE D 212 -11.74 50.95 -36.99
CA ILE D 212 -10.75 49.86 -37.08
C ILE D 212 -9.42 50.31 -37.72
N HIS D 213 -8.87 51.45 -37.26
CA HIS D 213 -7.55 51.93 -37.66
C HIS D 213 -6.62 51.72 -36.45
N VAL D 214 -7.23 51.23 -35.36
CA VAL D 214 -6.68 50.90 -34.04
C VAL D 214 -5.50 49.92 -34.12
N TRP D 215 -5.56 48.97 -35.07
CA TRP D 215 -4.56 47.91 -35.29
C TRP D 215 -3.38 48.30 -36.19
N LEU D 216 -3.58 49.24 -37.15
CA LEU D 216 -2.55 49.67 -38.11
C LEU D 216 -1.22 50.18 -37.48
N PRO D 217 -1.19 51.06 -36.43
CA PRO D 217 0.11 51.47 -35.89
C PRO D 217 0.96 50.31 -35.38
N VAL D 218 0.42 49.50 -34.44
CA VAL D 218 1.10 48.33 -33.84
C VAL D 218 1.52 47.27 -34.89
N VAL D 219 0.80 47.19 -36.02
CA VAL D 219 1.08 46.23 -37.10
C VAL D 219 2.19 46.75 -38.03
N HIS D 220 2.05 47.98 -38.56
CA HIS D 220 3.03 48.58 -39.46
C HIS D 220 4.34 48.98 -38.77
N SER D 221 4.28 49.43 -37.49
CA SER D 221 5.46 49.84 -36.74
C SER D 221 6.36 48.67 -36.36
N GLU D 222 5.86 47.77 -35.49
CA GLU D 222 6.61 46.60 -35.04
C GLU D 222 6.50 45.47 -36.08
N SER D 223 7.29 45.61 -37.17
CA SER D 223 7.35 44.68 -38.31
C SER D 223 8.65 44.89 -39.11
N PRO D 224 9.19 43.84 -39.80
CA PRO D 224 10.42 44.05 -40.60
C PRO D 224 10.22 44.99 -41.78
N LEU D 225 11.33 45.52 -42.33
CA LEU D 225 11.35 46.47 -43.46
C LEU D 225 10.54 45.98 -44.66
N ALA D 226 10.78 44.75 -45.13
CA ALA D 226 10.08 44.14 -46.27
C ALA D 226 8.58 43.99 -45.97
N GLY D 227 8.25 43.55 -44.75
CA GLY D 227 6.89 43.36 -44.26
C GLY D 227 6.09 44.65 -44.20
N SER D 228 6.65 45.68 -43.53
CA SER D 228 6.07 47.02 -43.40
C SER D 228 5.92 47.70 -44.76
N MET D 229 6.86 47.43 -45.70
CA MET D 229 6.86 47.94 -47.06
C MET D 229 5.63 47.43 -47.84
N ILE D 230 5.37 46.11 -47.74
CA ILE D 230 4.23 45.44 -48.41
C ILE D 230 2.91 45.82 -47.73
N LEU D 231 2.89 45.90 -46.38
CA LEU D 231 1.70 46.23 -45.58
C LEU D 231 1.03 47.55 -46.01
N ALA D 232 1.74 48.68 -45.93
CA ALA D 232 1.21 49.98 -46.32
C ALA D 232 1.11 50.15 -47.85
N GLY D 233 1.99 49.47 -48.57
CA GLY D 233 2.08 49.55 -50.03
C GLY D 233 1.02 48.81 -50.83
N LEU D 234 0.73 47.55 -50.46
CA LEU D 234 -0.23 46.73 -51.21
C LEU D 234 -1.49 46.35 -50.46
N ILE D 235 -1.37 45.89 -49.20
CA ILE D 235 -2.49 45.43 -48.35
C ILE D 235 -3.57 46.54 -48.18
N LEU D 236 -3.14 47.78 -47.89
CA LEU D 236 -4.02 48.94 -47.72
C LEU D 236 -4.73 49.30 -49.04
N LYS D 237 -4.01 49.14 -50.16
CA LYS D 237 -4.43 49.49 -51.52
C LYS D 237 -5.32 48.44 -52.20
N LEU D 238 -5.09 47.13 -51.95
CA LEU D 238 -5.90 46.05 -52.54
C LEU D 238 -7.31 46.01 -51.93
N ALA D 239 -7.46 46.66 -50.75
CA ALA D 239 -8.73 46.80 -50.04
C ALA D 239 -9.60 47.80 -50.79
N LEU D 240 -8.98 48.85 -51.37
CA LEU D 240 -9.64 49.88 -52.17
C LEU D 240 -10.10 49.27 -53.49
N TYR D 241 -9.29 48.33 -54.03
CA TYR D 241 -9.55 47.56 -55.25
C TYR D 241 -10.73 46.63 -54.98
N ALA D 242 -10.80 46.10 -53.73
CA ALA D 242 -11.86 45.22 -53.28
C ALA D 242 -13.20 45.96 -53.12
N ILE D 243 -13.18 47.27 -52.75
CA ILE D 243 -14.40 48.08 -52.59
C ILE D 243 -15.23 48.11 -53.88
N LEU D 244 -14.59 48.44 -55.01
CA LEU D 244 -15.24 48.52 -56.32
C LEU D 244 -15.55 47.14 -56.95
N ARG D 245 -14.71 46.11 -56.68
CA ARG D 245 -14.91 44.78 -57.26
C ARG D 245 -15.86 43.88 -56.41
N LEU D 246 -16.10 44.23 -55.14
CA LEU D 246 -16.99 43.43 -54.28
C LEU D 246 -18.35 44.07 -54.03
N LEU D 247 -18.39 45.39 -53.73
CA LEU D 247 -19.64 46.08 -53.42
C LEU D 247 -20.48 46.45 -54.65
N LEU D 248 -19.84 47.05 -55.67
CA LEU D 248 -20.51 47.51 -56.89
C LEU D 248 -21.17 46.37 -57.74
N PRO D 249 -20.52 45.23 -58.08
CA PRO D 249 -21.20 44.23 -58.92
C PRO D 249 -22.44 43.54 -58.35
N LEU D 250 -22.61 43.51 -57.00
CA LEU D 250 -23.78 42.85 -56.42
C LEU D 250 -24.75 43.80 -55.70
N LEU D 251 -24.26 44.80 -54.95
CA LEU D 251 -25.16 45.71 -54.25
C LEU D 251 -24.87 47.19 -54.51
N CYS D 252 -25.36 47.67 -55.66
CA CYS D 252 -25.28 49.06 -56.10
C CYS D 252 -26.41 49.84 -55.44
N GLU D 253 -27.56 49.18 -55.26
CA GLU D 253 -28.79 49.73 -54.69
C GLU D 253 -28.71 49.93 -53.18
N ALA D 254 -27.77 49.23 -52.50
CA ALA D 254 -27.54 49.39 -51.08
C ALA D 254 -26.54 50.55 -50.93
N GLN D 255 -25.57 50.62 -51.87
CA GLN D 255 -24.52 51.62 -51.97
C GLN D 255 -25.06 53.06 -52.04
N ILE D 256 -26.19 53.29 -52.76
CA ILE D 256 -26.80 54.62 -52.88
C ILE D 256 -27.31 55.14 -51.50
N LEU D 257 -27.87 54.26 -50.67
CA LEU D 257 -28.34 54.63 -49.33
C LEU D 257 -27.18 54.61 -48.31
N TYR D 258 -26.14 53.79 -48.56
CA TYR D 258 -24.98 53.65 -47.70
C TYR D 258 -23.89 54.71 -47.88
N THR D 259 -23.79 55.31 -49.10
CA THR D 259 -22.80 56.35 -49.43
C THR D 259 -22.76 57.51 -48.41
N PRO D 260 -23.89 58.10 -47.94
CA PRO D 260 -23.78 59.16 -46.91
C PRO D 260 -23.11 58.68 -45.62
N MET D 261 -23.30 57.39 -45.26
CA MET D 261 -22.70 56.78 -44.07
C MET D 261 -21.19 56.59 -44.25
N ILE D 262 -20.74 56.18 -45.46
CA ILE D 262 -19.32 56.00 -45.76
C ILE D 262 -18.62 57.37 -45.73
N TYR D 263 -19.33 58.43 -46.18
CA TYR D 263 -18.83 59.80 -46.22
C TYR D 263 -18.64 60.40 -44.82
N ILE D 264 -19.54 60.08 -43.85
CA ILE D 264 -19.36 60.55 -42.47
C ILE D 264 -18.20 59.77 -41.84
N ILE D 265 -18.10 58.45 -42.14
CA ILE D 265 -16.98 57.62 -41.65
C ILE D 265 -15.66 58.20 -42.19
N SER D 266 -15.58 58.48 -43.52
CA SER D 266 -14.42 59.07 -44.20
C SER D 266 -13.97 60.40 -43.60
N LEU D 267 -14.92 61.27 -43.22
CA LEU D 267 -14.62 62.55 -42.59
C LEU D 267 -14.07 62.33 -41.18
N LEU D 268 -14.60 61.29 -40.47
CA LEU D 268 -14.16 60.91 -39.13
C LEU D 268 -12.77 60.28 -39.17
N THR D 269 -12.44 59.52 -40.25
CA THR D 269 -11.12 58.88 -40.44
C THR D 269 -10.06 59.96 -40.61
N ILE D 270 -10.38 60.98 -41.44
CA ILE D 270 -9.54 62.12 -41.75
C ILE D 270 -9.30 62.98 -40.49
N ILE D 271 -10.31 63.11 -39.60
CA ILE D 271 -10.22 63.95 -38.41
C ILE D 271 -9.49 63.27 -37.22
N LEU D 272 -9.79 62.00 -36.90
CA LEU D 272 -9.16 61.34 -35.75
C LEU D 272 -7.68 60.99 -35.96
N THR D 273 -7.34 60.43 -37.13
CA THR D 273 -5.99 59.99 -37.46
C THR D 273 -5.01 61.15 -37.67
N SER D 274 -5.44 62.25 -38.33
CA SER D 274 -4.58 63.42 -38.56
C SER D 274 -4.28 64.20 -37.28
N LEU D 275 -5.14 64.06 -36.25
CA LEU D 275 -4.95 64.70 -34.96
C LEU D 275 -4.14 63.79 -34.02
N ALA D 276 -4.25 62.46 -34.20
CA ALA D 276 -3.53 61.46 -33.41
C ALA D 276 -2.03 61.48 -33.72
N THR D 277 -1.67 61.71 -35.01
CA THR D 277 -0.28 61.80 -35.51
C THR D 277 0.54 62.84 -34.75
N LEU D 278 -0.13 63.93 -34.30
CA LEU D 278 0.46 65.04 -33.55
C LEU D 278 1.12 64.60 -32.24
N ARG D 279 0.50 63.61 -31.55
CA ARG D 279 1.06 63.03 -30.34
C ARG D 279 2.04 61.92 -30.81
N GLN D 280 1.63 60.64 -30.74
CA GLN D 280 2.34 59.39 -31.13
C GLN D 280 3.75 59.22 -30.55
N ILE D 281 4.67 60.19 -30.79
CA ILE D 281 6.08 60.28 -30.41
C ILE D 281 6.83 58.98 -30.79
N ASP D 282 6.67 58.60 -32.07
CA ASP D 282 7.28 57.42 -32.70
C ASP D 282 7.29 57.64 -34.21
N LEU D 283 8.47 57.48 -34.84
CA LEU D 283 8.67 57.71 -36.27
C LEU D 283 7.89 56.73 -37.16
N LYS D 284 8.06 55.41 -36.92
CA LYS D 284 7.40 54.35 -37.69
C LYS D 284 5.87 54.35 -37.51
N VAL D 285 5.38 54.87 -36.35
CA VAL D 285 3.95 54.98 -36.05
C VAL D 285 3.35 56.17 -36.83
N ILE D 286 4.07 57.31 -36.92
CA ILE D 286 3.63 58.51 -37.65
C ILE D 286 3.38 58.17 -39.13
N ILE D 287 4.33 57.44 -39.76
CA ILE D 287 4.24 56.97 -41.14
C ILE D 287 3.02 56.04 -41.32
N ALA D 288 2.78 55.16 -40.34
CA ALA D 288 1.65 54.23 -40.32
C ALA D 288 0.32 55.01 -40.20
N TYR D 289 0.28 56.02 -39.31
CA TYR D 289 -0.88 56.88 -39.05
C TYR D 289 -1.13 57.91 -40.17
N SER D 290 -0.12 58.20 -41.01
CA SER D 290 -0.24 59.15 -42.13
C SER D 290 -0.75 58.44 -43.38
N SER D 291 -0.49 57.13 -43.49
CA SER D 291 -0.94 56.29 -44.61
C SER D 291 -2.44 56.02 -44.49
N ILE D 292 -2.98 56.09 -43.27
CA ILE D 292 -4.39 55.84 -42.95
C ILE D 292 -5.24 57.11 -43.15
N SER D 293 -4.62 58.30 -43.05
CA SER D 293 -5.27 59.58 -43.29
C SER D 293 -5.34 59.82 -44.81
N HIS D 294 -4.31 59.33 -45.55
CA HIS D 294 -4.21 59.41 -47.01
C HIS D 294 -5.25 58.48 -47.65
N MET D 295 -5.53 57.33 -47.02
CA MET D 295 -6.51 56.35 -47.49
C MET D 295 -7.93 56.91 -47.44
N GLY D 296 -8.23 57.69 -46.39
CA GLY D 296 -9.53 58.33 -46.18
C GLY D 296 -10.04 59.10 -47.39
N ILE D 297 -9.12 59.78 -48.10
CA ILE D 297 -9.41 60.54 -49.32
C ILE D 297 -9.69 59.58 -50.49
N ALA D 298 -8.92 58.47 -50.59
CA ALA D 298 -9.07 57.44 -51.63
C ALA D 298 -10.38 56.66 -51.49
N ILE D 299 -10.80 56.33 -50.25
CA ILE D 299 -12.05 55.62 -49.94
C ILE D 299 -13.22 56.54 -50.32
N LEU D 300 -13.08 57.85 -50.05
CA LEU D 300 -14.03 58.90 -50.39
C LEU D 300 -14.15 59.00 -51.93
N GLY D 301 -13.00 58.91 -52.62
CA GLY D 301 -12.90 58.96 -54.06
C GLY D 301 -13.54 57.80 -54.80
N VAL D 302 -13.36 56.56 -54.28
CA VAL D 302 -13.92 55.33 -54.86
C VAL D 302 -15.45 55.31 -54.69
N CYS D 303 -15.93 55.73 -53.51
CA CYS D 303 -17.35 55.79 -53.17
C CYS D 303 -18.10 56.99 -53.79
N SER D 304 -17.41 57.84 -54.57
CA SER D 304 -17.99 58.99 -55.26
C SER D 304 -18.89 58.62 -56.45
N ASN D 305 -18.82 57.33 -56.91
CA ASN D 305 -19.54 56.70 -58.03
C ASN D 305 -19.38 57.45 -59.39
N THR D 306 -18.38 58.35 -59.49
CA THR D 306 -18.08 59.13 -60.69
C THR D 306 -16.88 58.54 -61.45
N SER D 307 -16.50 59.16 -62.59
CA SER D 307 -15.39 58.73 -63.45
C SER D 307 -14.03 58.68 -62.72
N LEU D 308 -13.80 59.62 -61.79
CA LEU D 308 -12.59 59.74 -60.97
C LEU D 308 -12.40 58.63 -59.93
N GLY D 309 -13.41 57.77 -59.77
CA GLY D 309 -13.39 56.65 -58.83
C GLY D 309 -12.38 55.56 -59.16
N ILE D 310 -11.62 55.73 -60.27
CA ILE D 310 -10.60 54.82 -60.78
C ILE D 310 -9.42 55.62 -61.37
N UNK D 311 -9.71 56.64 -62.22
CA UNK D 311 -8.70 57.48 -62.87
C UNK D 311 -8.01 58.46 -61.90
N UNK D 312 -8.50 58.53 -60.65
CA UNK D 312 -7.96 59.40 -59.61
C UNK D 312 -7.87 58.69 -58.26
N UNK D 313 -8.98 58.07 -57.83
CA UNK D 313 -9.07 57.34 -56.56
C UNK D 313 -8.12 56.15 -56.51
N UNK D 314 -8.05 55.36 -57.61
CA UNK D 314 -7.15 54.22 -57.72
C UNK D 314 -5.76 54.71 -58.13
N UNK D 315 -5.67 55.91 -58.74
CA UNK D 315 -4.40 56.54 -59.14
C UNK D 315 -3.65 57.04 -57.90
N UNK D 316 -4.41 57.50 -56.87
CA UNK D 316 -3.87 57.97 -55.58
C UNK D 316 -3.30 56.78 -54.82
N UNK D 317 -3.97 55.62 -54.93
CA UNK D 317 -3.57 54.35 -54.31
C UNK D 317 -2.28 53.84 -54.95
N UNK D 318 -2.21 53.84 -56.30
CA UNK D 318 -1.05 53.41 -57.09
C UNK D 318 0.16 54.32 -56.87
N UNK D 319 -0.11 55.62 -56.60
CA UNK D 319 0.93 56.60 -56.33
C UNK D 319 1.47 56.48 -54.90
N UNK D 320 0.58 56.34 -53.89
CA UNK D 320 0.96 56.19 -52.48
C UNK D 320 1.71 54.88 -52.23
N UNK D 321 1.44 53.85 -53.06
CA UNK D 321 2.12 52.56 -53.04
C UNK D 321 3.55 52.72 -53.55
N UNK D 322 3.77 53.73 -54.40
CA UNK D 322 5.07 54.07 -54.98
C UNK D 322 5.76 55.20 -54.19
N UNK D 323 5.00 55.91 -53.31
CA UNK D 323 5.50 57.04 -52.52
C UNK D 323 5.62 56.77 -51.03
N UNK D 324 4.46 56.68 -50.31
CA UNK D 324 4.37 56.45 -48.86
C UNK D 324 5.07 55.18 -48.36
N UNK D 325 5.36 54.24 -49.29
CA UNK D 325 6.06 52.99 -49.02
C UNK D 325 7.54 53.28 -48.73
N UNK D 326 8.13 54.25 -49.47
CA UNK D 326 9.52 54.70 -49.29
C UNK D 326 9.70 55.51 -48.00
N UNK D 327 8.63 56.19 -47.54
CA UNK D 327 8.62 56.97 -46.30
C UNK D 327 8.85 56.05 -45.11
N UNK D 328 8.33 54.81 -45.19
CA UNK D 328 8.50 53.75 -44.20
C UNK D 328 9.95 53.23 -44.25
N UNK D 329 10.52 53.12 -45.48
CA UNK D 329 11.89 52.67 -45.71
C UNK D 329 12.90 53.64 -45.12
N UNK D 330 12.64 54.96 -45.28
CA UNK D 330 13.46 56.05 -44.74
C UNK D 330 13.36 56.06 -43.22
N UNK D 331 12.16 55.74 -42.67
CA UNK D 331 11.90 55.66 -41.23
C UNK D 331 12.56 54.42 -40.63
N UNK D 332 12.63 53.32 -41.41
CA UNK D 332 13.24 52.05 -40.96
C UNK D 332 14.75 52.02 -41.15
N UNK D 333 15.29 52.74 -42.16
CA UNK D 333 16.74 52.82 -42.42
C UNK D 333 17.42 53.56 -41.26
N UNK D 334 16.81 54.67 -40.79
CA UNK D 334 17.28 55.46 -39.65
C UNK D 334 17.10 54.67 -38.37
N UNK D 335 16.06 53.82 -38.30
CA UNK D 335 15.74 52.96 -37.16
C UNK D 335 16.70 51.78 -37.04
N UNK D 336 17.17 51.23 -38.18
CA UNK D 336 18.08 50.08 -38.22
C UNK D 336 19.54 50.49 -37.99
N UNK D 337 19.97 51.62 -38.58
CA UNK D 337 21.35 52.14 -38.46
C UNK D 337 21.65 52.60 -37.03
N UNK D 338 20.72 53.34 -36.41
CA UNK D 338 20.85 53.81 -35.03
C UNK D 338 20.51 52.69 -34.04
N UNK D 339 19.84 51.61 -34.52
CA UNK D 339 19.41 50.40 -33.81
C UNK D 339 18.38 50.63 -32.69
N UNK D 340 18.31 51.86 -32.15
CA UNK D 340 17.40 52.24 -31.06
C UNK D 340 15.93 52.24 -31.47
N UNK D 341 15.63 52.75 -32.70
CA UNK D 341 14.29 52.87 -33.30
C UNK D 341 13.31 53.71 -32.45
N UNK D 342 12.02 53.80 -32.89
CA UNK D 342 10.93 54.54 -32.22
C UNK D 342 11.31 55.99 -31.85
N UNK D 343 10.68 56.55 -30.78
CA UNK D 343 10.89 57.90 -30.23
C UNK D 343 10.76 59.05 -31.25
N UNK D 344 11.06 60.29 -30.82
CA UNK D 344 11.00 61.50 -31.64
C UNK D 344 12.07 62.50 -31.19
N UNK D 345 12.32 62.57 -29.87
CA UNK D 345 13.31 63.46 -29.25
C UNK D 345 14.76 63.03 -29.51
N UNK D 346 14.98 61.74 -29.81
CA UNK D 346 16.30 61.17 -30.08
C UNK D 346 16.83 61.48 -31.49
N TYR D 347 15.92 61.57 -32.49
CA TYR D 347 16.28 61.84 -33.89
C TYR D 347 16.31 63.33 -34.22
N LYS D 348 17.52 63.93 -34.10
CA LYS D 348 17.78 65.35 -34.38
C LYS D 348 19.19 65.55 -34.93
N GLY D 349 19.29 66.39 -35.96
CA GLY D 349 20.56 66.73 -36.60
C GLY D 349 21.03 65.75 -37.64
N LEU D 350 20.10 65.23 -38.46
CA LEU D 350 20.43 64.26 -39.51
C LEU D 350 21.06 64.93 -40.74
N THR D 351 20.77 66.23 -40.97
CA THR D 351 21.30 67.00 -42.12
C THR D 351 22.81 67.20 -42.07
N THR D 352 23.34 67.52 -40.87
CA THR D 352 24.76 67.79 -40.60
C THR D 352 25.64 66.56 -40.88
N TYR D 353 25.14 65.36 -40.57
CA TYR D 353 25.88 64.10 -40.76
C TYR D 353 25.54 63.42 -42.08
N MET D 354 24.23 63.26 -42.39
CA MET D 354 23.72 62.62 -43.60
C MET D 354 23.17 63.66 -44.60
N PRO D 355 23.93 64.09 -45.62
CA PRO D 355 23.37 65.07 -46.57
C PRO D 355 22.46 64.44 -47.63
N GLN D 356 22.73 63.17 -48.01
CA GLN D 356 21.98 62.41 -49.01
C GLN D 356 20.60 62.02 -48.49
N LEU D 357 20.52 61.52 -47.24
CA LEU D 357 19.28 61.12 -46.57
C LEU D 357 18.42 62.34 -46.23
N ALA D 358 19.05 63.51 -45.98
CA ALA D 358 18.40 64.76 -45.63
C ALA D 358 17.53 65.32 -46.76
N THR D 359 18.14 65.57 -47.94
CA THR D 359 17.47 66.09 -49.13
C THR D 359 16.37 65.15 -49.60
N TYR D 360 16.59 63.82 -49.47
CA TYR D 360 15.66 62.77 -49.84
C TYR D 360 14.41 62.78 -48.95
N ILE D 361 14.59 62.74 -47.62
CA ILE D 361 13.49 62.71 -46.64
C ILE D 361 12.62 64.00 -46.70
N ILE D 362 13.18 65.12 -47.21
CA ILE D 362 12.43 66.37 -47.32
C ILE D 362 11.52 66.35 -48.55
N ILE D 363 12.06 66.04 -49.76
CA ILE D 363 11.28 66.00 -51.00
C ILE D 363 10.27 64.84 -51.01
N LEU D 364 10.62 63.69 -50.39
CA LEU D 364 9.75 62.51 -50.32
C LEU D 364 8.54 62.76 -49.41
N SER D 365 8.75 63.46 -48.26
CA SER D 365 7.67 63.80 -47.32
C SER D 365 6.76 64.85 -47.97
N PHE D 366 7.34 65.77 -48.77
CA PHE D 366 6.63 66.80 -49.53
C PHE D 366 5.70 66.14 -50.55
N ALA D 367 6.14 65.01 -51.14
CA ALA D 367 5.35 64.22 -52.09
C ALA D 367 4.19 63.54 -51.36
N ASN D 368 4.43 63.11 -50.09
CA ASN D 368 3.44 62.47 -49.23
C ASN D 368 2.64 63.49 -48.39
N ILE D 369 2.55 64.73 -48.90
CA ILE D 369 1.82 65.86 -48.35
C ILE D 369 0.82 66.31 -49.43
N GLY D 370 1.29 66.31 -50.67
CA GLY D 370 0.53 66.70 -51.86
C GLY D 370 1.26 67.73 -52.69
N THR D 371 2.49 67.41 -53.14
CA THR D 371 3.32 68.29 -53.97
C THR D 371 2.65 68.49 -55.34
N PRO D 372 2.52 69.75 -55.80
CA PRO D 372 1.84 70.05 -57.08
C PRO D 372 2.13 69.18 -58.30
N LEU D 373 3.36 68.62 -58.42
CA LEU D 373 3.72 67.79 -59.57
C LEU D 373 4.01 66.32 -59.20
N THR D 374 3.29 65.78 -58.20
CA THR D 374 3.43 64.39 -57.78
C THR D 374 2.14 63.61 -58.02
N GLY D 375 2.29 62.29 -58.16
CA GLY D 375 1.17 61.36 -58.38
C GLY D 375 0.21 61.31 -57.22
N ASN D 376 0.76 61.47 -55.99
CA ASN D 376 0.03 61.47 -54.73
C ASN D 376 -0.97 62.63 -54.70
N PHE D 377 -0.58 63.82 -55.20
CA PHE D 377 -1.41 65.01 -55.26
C PHE D 377 -2.51 64.90 -56.33
N THR D 378 -2.12 64.56 -57.60
CA THR D 378 -3.03 64.42 -58.75
C THR D 378 -4.15 63.43 -58.47
N GLY D 379 -3.79 62.34 -57.79
CA GLY D 379 -4.73 61.30 -57.40
C GLY D 379 -5.66 61.73 -56.28
N GLU D 380 -5.08 62.35 -55.22
CA GLU D 380 -5.83 62.85 -54.05
C GLU D 380 -6.76 64.02 -54.37
N PHE D 381 -6.36 64.90 -55.32
CA PHE D 381 -7.18 66.05 -55.69
C PHE D 381 -8.43 65.63 -56.47
N LEU D 382 -8.26 64.96 -57.64
CA LEU D 382 -9.37 64.56 -58.50
C LEU D 382 -10.38 63.65 -57.80
N SER D 383 -9.93 62.82 -56.84
CA SER D 383 -10.79 61.94 -56.04
C SER D 383 -11.66 62.77 -55.08
N LEU D 384 -11.11 63.88 -54.57
CA LEU D 384 -11.78 64.81 -53.66
C LEU D 384 -12.66 65.79 -54.46
N GLN D 385 -12.32 66.01 -55.75
CA GLN D 385 -13.03 66.90 -56.68
C GLN D 385 -14.46 66.42 -56.92
N GLY D 386 -14.62 65.13 -57.24
CA GLY D 386 -15.91 64.50 -57.47
C GLY D 386 -16.62 64.16 -56.18
N GLY D 387 -15.87 64.15 -55.08
CA GLY D 387 -16.37 63.92 -53.73
C GLY D 387 -17.21 65.09 -53.27
N PHE D 388 -16.91 66.30 -53.81
CA PHE D 388 -17.63 67.53 -53.55
C PHE D 388 -18.96 67.55 -54.29
N ILE D 389 -18.99 67.03 -55.53
CA ILE D 389 -20.21 66.94 -56.34
C ILE D 389 -21.14 65.85 -55.77
N ARG D 390 -20.55 64.80 -55.15
CA ARG D 390 -21.27 63.69 -54.51
C ARG D 390 -21.95 64.19 -53.22
N ASN D 391 -21.20 64.90 -52.36
CA ASN D 391 -21.69 65.47 -51.12
C ASN D 391 -20.88 66.75 -50.81
N PRO D 392 -21.44 67.96 -51.06
CA PRO D 392 -20.67 69.19 -50.81
C PRO D 392 -20.42 69.51 -49.35
N ILE D 393 -21.34 69.09 -48.46
CA ILE D 393 -21.29 69.33 -47.01
C ILE D 393 -20.15 68.52 -46.36
N UNK D 394 -20.07 67.21 -46.67
CA UNK D 394 -19.06 66.31 -46.13
C UNK D 394 -17.67 66.56 -46.69
N UNK D 395 -17.55 66.86 -48.00
CA UNK D 395 -16.28 67.11 -48.67
C UNK D 395 -15.70 68.50 -48.45
N UNK D 396 -16.53 69.51 -48.12
CA UNK D 396 -16.05 70.88 -47.84
C UNK D 396 -15.28 70.87 -46.52
N UNK D 397 -15.77 70.07 -45.55
CA UNK D 397 -15.12 69.89 -44.25
C UNK D 397 -13.91 68.95 -44.42
N UNK D 398 -13.96 68.05 -45.44
CA UNK D 398 -12.90 67.10 -45.79
C UNK D 398 -11.91 67.66 -46.83
N UNK D 399 -12.08 68.94 -47.23
CA UNK D 399 -11.18 69.61 -48.17
C UNK D 399 -9.97 70.15 -47.43
N UNK D 400 -10.12 70.34 -46.09
CA UNK D 400 -9.08 70.80 -45.17
C UNK D 400 -8.11 69.66 -44.79
N UNK D 401 -8.31 68.46 -45.39
CA UNK D 401 -7.50 67.25 -45.20
C UNK D 401 -6.08 67.44 -45.73
N UNK D 402 -5.90 68.38 -46.67
CA UNK D 402 -4.61 68.72 -47.28
C UNK D 402 -3.67 69.34 -46.24
N UNK D 403 -4.20 70.21 -45.35
CA UNK D 403 -3.46 70.89 -44.28
C UNK D 403 -3.27 70.03 -43.04
N UNK D 404 -4.25 69.16 -42.72
CA UNK D 404 -4.24 68.28 -41.55
C UNK D 404 -3.12 67.23 -41.60
N UNK D 405 -2.99 66.50 -42.73
CA UNK D 405 -1.97 65.48 -42.93
C UNK D 405 -0.59 66.10 -43.13
N UNK D 406 -0.54 67.30 -43.74
CA UNK D 406 0.69 68.06 -44.02
C UNK D 406 1.35 68.58 -42.75
N UNK D 407 0.56 69.13 -41.80
CA UNK D 407 1.04 69.68 -40.53
C UNK D 407 1.74 68.61 -39.66
N UNK D 408 1.30 67.35 -39.78
CA UNK D 408 1.85 66.20 -39.07
C UNK D 408 3.13 65.68 -39.74
N UNK D 409 3.14 65.64 -41.09
CA UNK D 409 4.28 65.15 -41.89
C UNK D 409 5.44 66.15 -41.99
N UNK D 410 5.13 67.47 -42.06
CA UNK D 410 6.15 68.52 -42.14
C UNK D 410 6.90 68.68 -40.81
N UNK D 411 6.19 68.51 -39.66
CA UNK D 411 6.74 68.60 -38.31
C UNK D 411 7.75 67.49 -38.02
N UNK D 412 7.44 66.24 -38.42
CA UNK D 412 8.32 65.08 -38.24
C UNK D 412 9.57 65.19 -39.12
N UNK D 413 9.41 65.79 -40.32
CA UNK D 413 10.49 66.02 -41.29
C UNK D 413 11.41 67.16 -40.85
N UNK D 414 10.83 68.22 -40.23
CA UNK D 414 11.57 69.39 -39.73
C UNK D 414 12.37 69.05 -38.48
N UNK D 415 11.77 68.29 -37.53
CA UNK D 415 12.40 67.88 -36.27
C UNK D 415 13.62 67.00 -36.54
N UNK D 416 13.52 66.10 -37.54
CA UNK D 416 14.60 65.20 -37.96
C UNK D 416 15.74 66.00 -38.65
N UNK D 417 15.38 67.10 -39.32
CA UNK D 417 16.33 67.97 -40.03
C UNK D 417 17.04 68.96 -39.10
N UNK D 418 16.30 69.57 -38.14
CA UNK D 418 16.80 70.56 -37.18
C UNK D 418 17.82 70.02 -36.18
N UNK D 419 18.52 70.95 -35.48
CA UNK D 419 19.55 70.75 -34.44
C UNK D 419 20.88 70.18 -34.96
N UNK D 420 21.87 69.99 -34.05
CA UNK D 420 23.20 69.46 -34.35
C UNK D 420 23.20 67.94 -34.50
N UNK D 421 29.96 70.27 -34.52
CA UNK D 421 30.93 69.59 -35.38
C UNK D 421 31.46 68.31 -34.71
N UNK D 422 30.56 67.31 -34.55
CA UNK D 422 30.90 66.02 -33.94
C UNK D 422 31.62 65.14 -34.97
N UNK D 423 32.94 64.91 -34.74
CA UNK D 423 33.84 64.12 -35.60
C UNK D 423 33.36 62.68 -35.83
N UNK D 424 33.71 62.10 -36.99
CA UNK D 424 33.36 60.75 -37.48
C UNK D 424 31.88 60.57 -37.84
N UNK D 425 30.98 61.30 -37.13
CA UNK D 425 29.52 61.37 -37.29
C UNK D 425 28.74 60.08 -36.98
N UNK D 426 29.32 58.89 -37.30
CA UNK D 426 28.73 57.56 -37.14
C UNK D 426 27.35 57.49 -37.83
N UNK D 427 27.35 57.82 -39.14
CA UNK D 427 26.14 57.89 -39.94
C UNK D 427 26.20 57.13 -41.26
N UNK D 428 27.10 57.55 -42.20
CA UNK D 428 27.29 57.01 -43.55
C UNK D 428 25.98 57.05 -44.36
N UNK D 429 25.67 58.23 -44.94
CA UNK D 429 24.46 58.55 -45.69
C UNK D 429 24.19 57.64 -46.89
N UNK D 430 22.91 57.23 -47.03
CA UNK D 430 22.33 56.38 -48.09
C UNK D 430 23.26 55.29 -48.63
N UNK D 431 23.13 54.06 -48.09
CA UNK D 431 23.93 52.88 -48.46
C UNK D 431 23.93 52.60 -49.97
N UNK D 432 25.10 52.19 -50.50
CA UNK D 432 25.40 51.89 -51.92
C UNK D 432 24.20 51.45 -52.77
N UNK D 433 23.74 50.18 -52.62
CA UNK D 433 22.61 49.64 -53.37
C UNK D 433 21.25 50.12 -52.81
N UNK D 434 21.20 50.41 -51.50
CA UNK D 434 20.00 50.88 -50.79
C UNK D 434 19.50 52.25 -51.24
N UNK D 435 20.39 53.09 -51.82
CA UNK D 435 20.05 54.42 -52.32
C UNK D 435 19.13 54.33 -53.54
N PHE D 436 19.38 53.33 -54.43
CA PHE D 436 18.57 53.11 -55.63
C PHE D 436 17.24 52.40 -55.34
N ILE D 437 17.08 51.82 -54.13
CA ILE D 437 15.83 51.21 -53.66
C ILE D 437 14.87 52.38 -53.39
N MET D 438 15.41 53.46 -52.81
CA MET D 438 14.69 54.70 -52.53
C MET D 438 14.46 55.46 -53.83
N ASN D 439 15.49 55.52 -54.71
CA ASN D 439 15.47 56.21 -56.01
C ASN D 439 14.43 55.65 -56.99
N ILE D 440 14.28 54.32 -57.07
CA ILE D 440 13.27 53.68 -57.95
C ILE D 440 11.86 54.07 -57.50
N LEU D 441 11.68 54.34 -56.20
CA LEU D 441 10.41 54.78 -55.61
C LEU D 441 10.19 56.28 -55.85
N ILE D 442 11.29 57.09 -55.91
CA ILE D 442 11.22 58.54 -56.20
C ILE D 442 10.85 58.72 -57.68
N ILE D 443 11.56 57.98 -58.57
CA ILE D 443 11.35 58.00 -60.02
C ILE D 443 9.90 57.63 -60.39
N SER D 444 9.33 56.61 -59.70
CA SER D 444 7.96 56.15 -59.88
C SER D 444 6.92 57.24 -59.59
N THR D 445 7.19 58.11 -58.60
CA THR D 445 6.31 59.23 -58.25
C THR D 445 6.42 60.33 -59.29
N LEU D 446 7.59 60.44 -59.94
CA LEU D 446 7.86 61.44 -60.98
C LEU D 446 7.28 61.02 -62.33
N ILE D 447 7.10 59.69 -62.56
CA ILE D 447 6.52 59.16 -63.80
C ILE D 447 5.02 59.53 -63.86
N ILE D 448 4.25 59.14 -62.83
CA ILE D 448 2.81 59.42 -62.71
C ILE D 448 2.57 60.90 -62.32
N GLY D 449 3.58 61.53 -61.71
CA GLY D 449 3.54 62.90 -61.23
C GLY D 449 3.29 63.99 -62.26
N ILE D 450 4.28 64.21 -63.15
CA ILE D 450 4.22 65.25 -64.20
C ILE D 450 3.07 65.03 -65.20
N CYS D 451 2.72 63.76 -65.46
CA CYS D 451 1.64 63.36 -66.37
C CYS D 451 1.08 61.98 -65.94
N PRO D 452 -0.24 61.71 -66.12
CA PRO D 452 -0.78 60.38 -65.75
C PRO D 452 -0.02 59.23 -66.40
N GLN D 453 0.07 59.22 -67.76
CA GLN D 453 0.79 58.26 -68.60
C GLN D 453 0.40 56.78 -68.40
N ILE D 454 -0.52 56.50 -67.45
CA ILE D 454 -1.00 55.14 -67.11
C ILE D 454 -2.53 55.05 -67.28
N MET D 455 -3.27 56.16 -67.01
CA MET D 455 -4.73 56.26 -67.09
C MET D 455 -5.34 55.89 -68.45
N UNK D 456 -4.59 56.11 -69.55
CA UNK D 456 -5.03 55.82 -70.92
C UNK D 456 -5.17 54.31 -71.19
N UNK D 457 -4.45 53.47 -70.44
CA UNK D 457 -4.48 52.02 -70.61
C UNK D 457 -5.54 51.29 -69.77
N UNK D 458 -5.23 50.94 -68.50
CA UNK D 458 -6.09 50.19 -67.59
C UNK D 458 -7.24 50.97 -66.96
N UNK D 459 -6.99 52.23 -66.55
CA UNK D 459 -7.97 53.08 -65.88
C UNK D 459 -9.10 53.60 -66.78
N UNK D 460 -8.83 53.80 -68.10
CA UNK D 460 -9.77 54.33 -69.09
C UNK D 460 -11.12 53.60 -69.17
N UNK D 461 -11.13 52.28 -68.90
CA UNK D 461 -12.34 51.46 -68.95
C UNK D 461 -13.08 51.40 -67.61
N UNK D 462 -12.36 51.06 -66.51
CA UNK D 462 -12.89 50.93 -65.15
C UNK D 462 -13.48 52.24 -64.56
N UNK D 463 -13.20 53.38 -65.21
CA UNK D 463 -13.69 54.72 -64.83
C UNK D 463 -15.20 54.84 -65.13
N UNK D 464 -15.65 54.22 -66.23
CA UNK D 464 -17.05 54.24 -66.67
C UNK D 464 -17.76 52.90 -66.49
N UNK D 465 -17.01 51.77 -66.54
CA UNK D 465 -17.54 50.41 -66.37
C UNK D 465 -18.12 50.17 -64.98
N UNK D 466 -17.55 50.82 -63.95
CA UNK D 466 -18.00 50.73 -62.57
C UNK D 466 -18.80 51.98 -62.15
N UNK D 467 -19.74 52.43 -63.03
CA UNK D 467 -20.59 53.61 -62.80
C UNK D 467 -21.84 53.66 -63.69
N UNK D 468 -21.67 53.91 -65.02
CA UNK D 468 -22.76 54.06 -66.00
C UNK D 468 -23.39 52.76 -66.48
N UNK D 469 -22.57 51.77 -66.91
CA UNK D 469 -23.04 50.46 -67.39
C UNK D 469 -23.75 49.67 -66.30
N UNK D 470 -23.26 49.78 -65.04
CA UNK D 470 -23.82 49.12 -63.87
C UNK D 470 -24.98 49.93 -63.30
N UNK E 1 10.33 83.89 -76.44
CA UNK E 1 10.31 82.43 -76.59
C UNK E 1 11.15 81.75 -75.51
N UNK E 2 10.55 80.74 -74.83
CA UNK E 2 11.16 79.92 -73.76
C UNK E 2 11.91 80.75 -72.69
N UNK E 3 11.26 81.80 -72.17
CA UNK E 3 11.80 82.69 -71.14
C UNK E 3 11.92 82.01 -69.77
N UNK E 4 11.10 80.96 -69.53
CA UNK E 4 11.09 80.17 -68.30
C UNK E 4 12.29 79.22 -68.21
N UNK E 5 12.70 78.63 -69.36
CA UNK E 5 13.80 77.69 -69.50
C UNK E 5 15.18 78.26 -69.10
N UNK E 6 15.40 79.58 -69.34
CA UNK E 6 16.64 80.29 -69.01
C UNK E 6 16.84 80.42 -67.50
N UNK E 7 15.72 80.50 -66.74
CA UNK E 7 15.73 80.59 -65.28
C UNK E 7 15.69 79.19 -64.67
N UNK E 8 15.08 78.22 -65.39
CA UNK E 8 14.94 76.82 -64.99
C UNK E 8 16.29 76.12 -64.90
N UNK E 9 17.16 76.33 -65.92
CA UNK E 9 18.48 75.73 -66.04
C UNK E 9 19.41 76.11 -64.88
N UNK E 10 19.44 77.39 -64.49
CA UNK E 10 20.28 77.89 -63.40
C UNK E 10 19.64 77.73 -62.01
N UNK E 11 18.55 76.95 -61.92
CA UNK E 11 17.83 76.64 -60.69
C UNK E 11 17.95 75.15 -60.39
N UNK E 12 17.99 74.31 -61.45
CA UNK E 12 18.13 72.86 -61.38
C UNK E 12 19.60 72.44 -61.34
N UNK E 13 20.48 73.11 -62.14
CA UNK E 13 21.92 72.84 -62.17
C UNK E 13 22.58 73.39 -60.91
N UNK E 14 22.00 74.48 -60.34
CA UNK E 14 22.46 75.09 -59.10
C UNK E 14 22.11 74.16 -57.94
N UNK E 15 20.96 73.46 -58.04
CA UNK E 15 20.48 72.47 -57.06
C UNK E 15 21.28 71.17 -57.15
N UNK E 16 21.80 70.86 -58.35
CA UNK E 16 22.62 69.68 -58.61
C UNK E 16 23.97 69.78 -57.90
N UNK E 17 24.60 70.98 -57.92
CA UNK E 17 25.87 71.25 -57.25
C UNK E 17 25.67 71.57 -55.76
N UNK E 18 24.41 71.93 -55.38
CA UNK E 18 24.02 72.25 -54.00
C UNK E 18 23.83 71.00 -53.15
N UNK E 19 23.08 70.00 -53.68
CA UNK E 19 22.80 68.73 -53.02
C UNK E 19 24.07 67.89 -52.88
N UNK E 20 24.96 67.94 -53.89
CA UNK E 20 26.23 67.24 -53.88
C UNK E 20 27.25 68.00 -53.02
N UNK E 21 27.18 67.77 -51.69
CA UNK E 21 28.02 68.36 -50.63
C UNK E 21 28.01 69.90 -50.57
N UNK E 22 28.88 70.49 -49.72
CA UNK E 22 29.00 71.93 -49.50
C UNK E 22 30.45 72.41 -49.51
N UNK E 23 30.68 73.64 -50.01
CA UNK E 23 32.00 74.26 -50.10
C UNK E 23 32.53 74.70 -48.73
N UNK E 24 31.61 75.09 -47.81
CA UNK E 24 31.87 75.55 -46.43
C UNK E 24 32.85 76.72 -46.34
N UNK E 25 35.53 75.74 -53.34
CA UNK E 25 35.18 77.14 -53.50
C UNK E 25 34.79 77.48 -54.95
N UNK E 26 35.41 76.80 -55.93
CA UNK E 26 35.17 76.99 -57.37
C UNK E 26 33.75 76.60 -57.79
N UNK E 27 33.18 75.54 -57.18
CA UNK E 27 31.82 75.06 -57.45
C UNK E 27 30.78 76.08 -56.97
N UNK E 28 31.11 76.81 -55.89
CA UNK E 28 30.29 77.86 -55.29
C UNK E 28 30.37 79.17 -56.09
N UNK E 29 31.58 79.50 -56.60
CA UNK E 29 31.84 80.70 -57.39
C UNK E 29 31.21 80.60 -58.79
N UNK E 30 31.24 79.39 -59.40
CA UNK E 30 30.67 79.12 -60.73
C UNK E 30 29.14 79.15 -60.69
N UNK E 31 28.52 78.57 -59.63
CA UNK E 31 27.08 78.53 -59.45
C UNK E 31 26.50 79.93 -59.17
N UNK E 32 27.22 80.75 -58.37
CA UNK E 32 26.83 82.12 -58.03
C UNK E 32 26.89 83.00 -59.28
N UNK E 33 27.94 82.83 -60.10
CA UNK E 33 28.13 83.57 -61.35
C UNK E 33 27.11 83.13 -62.41
N UNK E 34 26.76 81.82 -62.45
CA UNK E 34 25.77 81.28 -63.38
C UNK E 34 24.39 81.81 -63.05
N UNK E 35 24.06 81.91 -61.73
CA UNK E 35 22.79 82.44 -61.23
C UNK E 35 22.68 83.95 -61.44
N UNK E 36 23.82 84.67 -61.32
CA UNK E 36 23.89 86.12 -61.53
C UNK E 36 23.75 86.45 -63.02
N UNK E 37 24.34 85.61 -63.90
CA UNK E 37 24.29 85.75 -65.35
C UNK E 37 23.11 84.97 -65.97
N UNK E 38 22.07 84.70 -65.15
CA UNK E 38 20.84 84.01 -65.54
C UNK E 38 19.69 84.94 -65.26
N UNK E 39 19.66 85.55 -64.06
CA UNK E 39 18.63 86.51 -63.63
C UNK E 39 18.74 87.79 -64.45
N UNK E 40 19.99 88.25 -64.73
CA UNK E 40 20.26 89.44 -65.52
C UNK E 40 20.07 89.17 -67.02
N UNK E 41 20.46 87.96 -67.48
CA UNK E 41 20.32 87.52 -68.88
C UNK E 41 18.86 87.31 -69.28
N UNK E 42 18.02 86.81 -68.34
CA UNK E 42 16.59 86.59 -68.57
C UNK E 42 15.79 87.88 -68.37
N UNK E 43 16.29 88.82 -67.53
CA UNK E 43 15.66 90.12 -67.29
C UNK E 43 15.73 90.98 -68.54
N UNK E 44 16.81 90.84 -69.35
CA UNK E 44 17.01 91.55 -70.61
C UNK E 44 15.98 91.08 -71.64
N UNK E 45 15.65 89.76 -71.63
CA UNK E 45 14.67 89.15 -72.52
C UNK E 45 13.26 89.48 -72.05
N UNK E 46 13.04 89.54 -70.71
CA UNK E 46 11.76 89.86 -70.08
C UNK E 46 11.35 91.32 -70.35
N UNK E 47 12.33 92.25 -70.31
CA UNK E 47 12.10 93.67 -70.58
C UNK E 47 11.86 93.91 -72.06
N UNK E 48 12.46 93.05 -72.92
CA UNK E 48 12.32 93.10 -74.38
C UNK E 48 10.92 92.70 -74.85
N UNK E 49 10.15 92.02 -73.97
CA UNK E 49 8.78 91.58 -74.23
C UNK E 49 7.74 92.72 -74.08
N UNK E 50 8.21 93.98 -73.97
CA UNK E 50 7.38 95.18 -73.83
C UNK E 50 7.64 96.20 -74.96
N UNK E 51 8.93 96.39 -75.33
CA UNK E 51 9.35 97.32 -76.38
C UNK E 51 9.28 96.71 -77.79
N UNK E 52 9.09 95.38 -77.89
CA UNK E 52 8.99 94.65 -79.16
C UNK E 52 7.61 93.99 -79.33
N UNK E 53 6.94 93.64 -78.21
CA UNK E 53 5.62 93.01 -78.21
C UNK E 53 4.67 93.76 -77.26
N UNK E 54 3.45 94.05 -77.74
CA UNK E 54 2.42 94.76 -76.98
C UNK E 54 1.02 94.21 -77.26
N UNK E 55 0.16 94.16 -76.22
CA UNK E 55 -1.23 93.67 -76.20
C UNK E 55 -1.39 92.17 -76.47
N UNK E 56 -0.81 91.67 -77.59
CA UNK E 56 -0.87 90.25 -77.97
C UNK E 56 -0.02 89.40 -77.04
N UNK E 57 -0.61 88.30 -76.53
CA UNK E 57 0.06 87.40 -75.60
C UNK E 57 0.37 86.04 -76.24
N UNK E 58 1.67 85.65 -76.22
CA UNK E 58 2.14 84.40 -76.80
C UNK E 58 1.87 83.23 -75.85
N UNK E 59 1.20 82.18 -76.36
CA UNK E 59 0.87 80.98 -75.61
C UNK E 59 1.85 79.85 -75.91
N UNK E 60 2.49 79.31 -74.86
CA UNK E 60 3.46 78.23 -74.96
C UNK E 60 2.88 76.90 -74.45
N UNK E 61 2.28 76.14 -75.37
CA UNK E 61 1.68 74.83 -75.09
C UNK E 61 2.77 73.77 -74.97
N UNK E 62 2.58 72.80 -74.07
CA UNK E 62 3.55 71.72 -73.84
C UNK E 62 2.87 70.34 -73.72
N UNK E 63 3.10 69.60 -72.62
CA UNK E 63 2.53 68.28 -72.37
C UNK E 63 1.03 68.33 -72.06
N UNK E 64 0.34 67.18 -72.16
CA UNK E 64 -1.09 67.07 -71.87
C UNK E 64 -1.34 66.13 -70.68
N UNK E 65 -1.72 66.71 -69.54
CA UNK E 65 -2.00 65.97 -68.30
C UNK E 65 -3.47 65.50 -68.24
N UNK E 66 -3.85 64.81 -67.13
CA UNK E 66 -5.15 64.21 -66.80
C UNK E 66 -6.32 64.60 -67.72
N UNK E 67 -6.76 63.64 -68.56
CA UNK E 67 -7.87 63.81 -69.49
C UNK E 67 -9.04 62.88 -69.13
N UNK E 68 -10.05 63.45 -68.45
CA UNK E 68 -11.25 62.74 -68.00
C UNK E 68 -12.51 63.49 -68.51
N UNK E 69 -13.72 62.99 -68.17
CA UNK E 69 -14.98 63.61 -68.59
C UNK E 69 -15.10 65.01 -67.96
N UNK E 70 -14.81 66.05 -68.78
CA UNK E 70 -14.78 67.51 -68.54
C UNK E 70 -13.37 68.10 -68.34
N LEU E 71 -12.35 67.24 -68.11
CA LEU E 71 -10.97 67.69 -67.90
C LEU E 71 -10.01 67.42 -69.05
N ASP E 72 -9.10 68.39 -69.29
CA ASP E 72 -8.03 68.37 -70.31
C ASP E 72 -6.97 69.42 -69.92
N ILE E 73 -6.45 69.30 -68.67
CA ILE E 73 -5.48 70.19 -68.05
C ILE E 73 -4.09 70.16 -68.74
N ASN E 74 -4.00 70.86 -69.89
CA ASN E 74 -2.78 70.97 -70.69
C ASN E 74 -1.86 72.05 -70.14
N TYR E 75 -0.55 71.95 -70.43
CA TYR E 75 0.46 72.91 -69.99
C TYR E 75 0.55 74.12 -70.94
N ASN E 76 -0.55 74.90 -71.03
CA ASN E 76 -0.64 76.09 -71.88
C ASN E 76 -0.22 77.33 -71.08
N PHE E 77 1.04 77.73 -71.24
CA PHE E 77 1.61 78.88 -70.54
C PHE E 77 1.58 80.15 -71.42
N GLU E 78 0.58 81.03 -71.20
CA GLU E 78 0.45 82.28 -71.95
C GLU E 78 0.92 83.48 -71.13
N ILE E 79 1.80 84.32 -71.73
CA ILE E 79 2.36 85.50 -71.08
C ILE E 79 1.52 86.76 -71.39
N ASP E 80 0.43 86.96 -70.62
CA ASP E 80 -0.48 88.10 -70.70
C ASP E 80 0.19 89.38 -70.19
N ALA E 81 -0.42 90.55 -70.46
CA ALA E 81 0.07 91.86 -70.03
C ALA E 81 0.15 91.97 -68.50
N LEU E 82 -0.76 91.28 -67.78
CA LEU E 82 -0.79 91.23 -66.31
C LEU E 82 0.37 90.39 -65.81
N THR E 83 0.70 89.30 -66.54
CA THR E 83 1.76 88.36 -66.20
C THR E 83 3.15 88.90 -66.54
N ILE E 84 3.31 89.64 -67.66
CA ILE E 84 4.63 90.21 -68.02
C ILE E 84 5.05 91.25 -66.98
N THR E 85 4.05 91.94 -66.37
CA THR E 85 4.21 92.92 -65.30
C THR E 85 4.63 92.16 -64.04
N MET E 86 4.05 90.96 -63.80
CA MET E 86 4.37 90.10 -62.67
C MET E 86 5.81 89.59 -62.83
N LEU E 87 6.15 89.05 -64.02
CA LEU E 87 7.47 88.54 -64.41
C LEU E 87 8.56 89.61 -64.25
N LEU E 88 8.20 90.88 -64.56
CA LEU E 88 9.09 92.05 -64.45
C LEU E 88 9.62 92.17 -63.03
N ALA E 89 8.71 92.14 -62.03
CA ALA E 89 9.05 92.22 -60.61
C ALA E 89 9.93 91.03 -60.19
N ILE E 90 9.59 89.81 -60.66
CA ILE E 90 10.32 88.57 -60.36
C ILE E 90 11.75 88.62 -60.91
N THR E 91 11.95 89.28 -62.06
CA THR E 91 13.27 89.44 -62.68
C THR E 91 14.05 90.60 -62.02
N THR E 92 13.46 91.81 -61.98
CA THR E 92 14.06 93.03 -61.43
C THR E 92 14.46 92.91 -59.95
N ILE E 93 13.66 92.17 -59.13
CA ILE E 93 13.99 91.97 -57.72
C ILE E 93 15.16 90.99 -57.62
N SER E 94 14.98 89.75 -58.15
CA SER E 94 15.97 88.67 -58.14
C SER E 94 17.33 89.06 -58.71
N SER E 95 17.36 89.83 -59.82
CA SER E 95 18.60 90.27 -60.46
C SER E 95 19.45 91.12 -59.51
N MET E 96 18.82 92.06 -58.79
CA MET E 96 19.50 92.94 -57.83
C MET E 96 19.71 92.25 -56.48
N VAL E 97 18.83 91.29 -56.12
CA VAL E 97 18.94 90.51 -54.89
C VAL E 97 20.16 89.58 -54.97
N HIS E 98 20.39 88.96 -56.15
CA HIS E 98 21.52 88.07 -56.42
C HIS E 98 22.89 88.72 -56.21
N ILE E 99 23.08 89.97 -56.68
CA ILE E 99 24.34 90.72 -56.54
C ILE E 99 24.60 91.05 -55.06
N TYR E 100 23.55 91.43 -54.32
CA TYR E 100 23.58 91.73 -52.88
C TYR E 100 23.86 90.45 -52.08
N SER E 101 23.33 89.30 -52.57
CA SER E 101 23.50 87.99 -51.95
C SER E 101 24.92 87.45 -52.11
N ILE E 102 25.62 87.78 -53.23
CA ILE E 102 26.98 87.33 -53.55
C ILE E 102 27.92 87.42 -52.32
N GLY E 103 27.95 88.57 -51.65
CA GLY E 103 28.77 88.77 -50.46
C GLY E 103 28.26 88.06 -49.23
N TYR E 104 26.93 88.03 -49.06
CA TYR E 104 26.21 87.40 -47.94
C TYR E 104 26.37 85.88 -47.88
N MET E 105 26.03 85.19 -48.98
CA MET E 105 26.07 83.72 -49.09
C MET E 105 27.49 83.16 -49.20
N GLU E 106 28.49 84.00 -49.58
CA GLU E 106 29.89 83.60 -49.70
C GLU E 106 30.54 83.40 -48.33
N THR E 107 30.30 84.33 -47.38
CA THR E 107 30.83 84.30 -46.01
C THR E 107 30.26 83.11 -45.23
N ASP E 108 28.97 82.83 -45.44
CA ASP E 108 28.22 81.73 -44.82
C ASP E 108 28.62 80.40 -45.49
N PRO E 109 28.72 79.25 -44.75
CA PRO E 109 29.04 77.97 -45.41
C PRO E 109 27.97 77.52 -46.42
N HIS E 110 28.18 76.37 -47.09
CA HIS E 110 27.31 75.79 -48.14
C HIS E 110 27.41 76.57 -49.45
N GLN E 111 27.03 77.87 -49.45
CA GLN E 111 27.06 78.83 -50.56
C GLN E 111 26.12 78.46 -51.72
N VAL E 112 26.38 77.31 -52.39
CA VAL E 112 25.65 76.77 -53.53
C VAL E 112 24.16 76.55 -53.21
N ARG E 113 23.87 75.90 -52.07
CA ARG E 113 22.50 75.61 -51.63
C ARG E 113 21.67 76.87 -51.41
N PHE E 114 22.30 77.94 -50.90
CA PHE E 114 21.67 79.24 -50.67
C PHE E 114 21.23 79.87 -52.00
N PHE E 115 22.15 79.91 -52.99
CA PHE E 115 21.92 80.45 -54.33
C PHE E 115 20.92 79.61 -55.12
N SER E 116 20.93 78.27 -54.92
CA SER E 116 20.03 77.32 -55.57
C SER E 116 18.58 77.66 -55.26
N LEU E 117 18.27 77.94 -53.98
CA LEU E 117 16.93 78.29 -53.53
C LEU E 117 16.58 79.71 -53.93
N LEU E 118 17.58 80.60 -54.08
CA LEU E 118 17.36 81.99 -54.52
C LEU E 118 17.01 82.01 -56.01
N SER E 119 17.45 80.98 -56.76
CA SER E 119 17.20 80.80 -58.18
C SER E 119 15.92 79.99 -58.42
N MET E 120 15.66 78.96 -57.58
CA MET E 120 14.47 78.12 -57.68
C MET E 120 13.22 78.84 -57.18
N PHE E 121 13.39 79.85 -56.29
CA PHE E 121 12.32 80.70 -55.77
C PHE E 121 11.82 81.61 -56.88
N THR E 122 12.72 81.98 -57.80
CA THR E 122 12.43 82.78 -58.98
C THR E 122 11.69 81.90 -59.99
N PHE E 123 12.17 80.65 -60.19
CA PHE E 123 11.60 79.68 -61.13
C PHE E 123 10.16 79.26 -60.82
N TRP E 124 9.84 78.83 -59.57
CA TRP E 124 8.47 78.43 -59.24
C TRP E 124 7.48 79.58 -59.45
N MET E 125 7.96 80.82 -59.23
CA MET E 125 7.17 82.03 -59.41
C MET E 125 6.93 82.25 -60.90
N ILE E 126 7.95 81.99 -61.73
CA ILE E 126 7.85 82.11 -63.20
C ILE E 126 6.82 81.08 -63.72
N ILE E 127 6.76 79.85 -63.14
CA ILE E 127 5.79 78.81 -63.50
C ILE E 127 4.35 79.33 -63.26
N LEU E 128 4.11 79.93 -62.07
CA LEU E 128 2.83 80.53 -61.65
C LEU E 128 2.47 81.67 -62.60
N VAL E 129 3.43 82.57 -62.87
CA VAL E 129 3.26 83.76 -63.70
C VAL E 129 2.94 83.40 -65.16
N THR E 130 3.83 82.63 -65.85
CA THR E 130 3.63 82.21 -67.24
C THR E 130 2.36 81.33 -67.37
N GLY E 131 2.01 80.64 -66.29
CA GLY E 131 0.84 79.77 -66.21
C GLY E 131 -0.47 80.52 -66.30
N SER E 132 -1.02 80.62 -67.52
CA SER E 132 -2.28 81.30 -67.80
C SER E 132 -3.45 80.49 -67.24
N ASN E 133 -3.54 79.18 -67.60
CA ASN E 133 -4.57 78.24 -67.13
C ASN E 133 -4.57 78.18 -65.61
N TYR E 134 -5.71 77.81 -65.01
CA TYR E 134 -5.80 77.74 -63.57
C TYR E 134 -4.94 76.63 -62.98
N PHE E 135 -4.95 75.40 -63.55
CA PHE E 135 -4.16 74.26 -63.04
C PHE E 135 -2.67 74.53 -62.93
N VAL E 136 -2.08 75.15 -63.96
CA VAL E 136 -0.65 75.48 -63.98
C VAL E 136 -0.32 76.61 -62.99
N LEU E 137 -1.31 77.50 -62.73
CA LEU E 137 -1.20 78.58 -61.75
C LEU E 137 -1.35 77.93 -60.36
N PHE E 138 -2.19 76.88 -60.26
CA PHE E 138 -2.43 76.10 -59.04
C PHE E 138 -1.16 75.34 -58.63
N VAL E 139 -0.34 74.94 -59.63
CA VAL E 139 0.93 74.22 -59.43
C VAL E 139 1.98 75.15 -58.81
N GLY E 140 2.18 76.33 -59.41
CA GLY E 140 3.15 77.33 -58.95
C GLY E 140 2.84 77.88 -57.56
N TRP E 141 1.54 77.98 -57.23
CA TRP E 141 1.04 78.49 -55.94
C TRP E 141 1.27 77.48 -54.81
N GLU E 142 1.25 76.18 -55.13
CA GLU E 142 1.50 75.14 -54.14
C GLU E 142 3.01 74.87 -54.06
N PHE E 143 3.76 75.40 -55.04
CA PHE E 143 5.22 75.32 -55.15
C PHE E 143 5.87 76.47 -54.36
N ILE E 144 5.05 77.37 -53.76
CA ILE E 144 5.48 78.50 -52.92
C ILE E 144 6.15 77.93 -51.67
N GLY E 145 5.35 77.22 -50.85
CA GLY E 145 5.77 76.58 -49.61
C GLY E 145 6.85 75.53 -49.75
N VAL E 146 7.24 75.19 -50.99
CA VAL E 146 8.29 74.23 -51.29
C VAL E 146 9.64 74.93 -51.06
N THR E 147 9.89 76.06 -51.76
CA THR E 147 11.14 76.83 -51.63
C THR E 147 11.06 77.87 -50.50
N SER E 148 9.84 78.33 -50.12
CA SER E 148 9.65 79.29 -49.02
C SER E 148 10.13 78.68 -47.71
N TYR E 149 9.75 77.41 -47.44
CA TYR E 149 10.13 76.63 -46.25
C TYR E 149 11.66 76.48 -46.16
N LEU E 150 12.28 75.95 -47.24
CA LEU E 150 13.72 75.67 -47.38
C LEU E 150 14.65 76.78 -46.90
N LEU E 151 14.27 78.05 -47.10
CA LEU E 151 15.06 79.22 -46.72
C LEU E 151 14.95 79.57 -45.24
N ILE E 152 13.75 79.44 -44.65
CA ILE E 152 13.53 79.71 -43.23
C ILE E 152 14.00 78.51 -42.39
N SER E 153 13.91 77.28 -42.97
CA SER E 153 14.34 76.03 -42.33
C SER E 153 15.81 75.69 -42.65
N PHE E 154 16.53 76.64 -43.27
CA PHE E 154 17.94 76.48 -43.63
C PHE E 154 18.82 76.51 -42.39
N TRP E 155 18.58 77.50 -41.51
CA TRP E 155 19.34 77.75 -40.28
C TRP E 155 19.31 76.57 -39.31
N VAL E 156 20.51 76.07 -38.98
CA VAL E 156 20.72 74.97 -38.05
C VAL E 156 20.94 75.58 -36.65
N THR E 157 21.69 76.70 -36.58
CA THR E 157 21.99 77.44 -35.34
C THR E 157 20.75 78.11 -34.75
N ARG E 158 19.81 78.56 -35.61
CA ARG E 158 18.57 79.21 -35.19
C ARG E 158 17.42 78.19 -35.12
N LEU E 159 17.13 77.72 -33.90
CA LEU E 159 16.08 76.73 -33.62
C LEU E 159 14.67 77.32 -33.75
N GLN E 160 14.52 78.64 -33.46
CA GLN E 160 13.24 79.35 -33.56
C GLN E 160 12.87 79.58 -35.03
N ALA E 161 13.89 79.66 -35.92
CA ALA E 161 13.72 79.84 -37.36
C ALA E 161 13.06 78.61 -37.99
N MET E 162 13.32 77.41 -37.42
CA MET E 162 12.75 76.13 -37.84
C MET E 162 11.24 76.10 -37.55
N LYS E 163 10.82 76.69 -36.41
CA LYS E 163 9.43 76.81 -35.97
C LYS E 163 8.68 77.78 -36.88
N SER E 164 9.30 78.93 -37.19
CA SER E 164 8.74 79.97 -38.06
C SER E 164 8.64 79.50 -39.52
N ALA E 165 9.48 78.52 -39.91
CA ALA E 165 9.48 77.90 -41.24
C ALA E 165 8.25 77.01 -41.34
N LEU E 166 7.95 76.27 -40.25
CA LEU E 166 6.79 75.40 -40.12
C LEU E 166 5.52 76.25 -40.04
N SER E 167 5.58 77.37 -39.30
CA SER E 167 4.49 78.34 -39.11
C SER E 167 4.07 78.99 -40.42
N ALA E 168 5.06 79.32 -41.28
CA ALA E 168 4.82 79.93 -42.58
C ALA E 168 4.09 78.98 -43.53
N VAL E 169 4.56 77.72 -43.62
CA VAL E 169 3.95 76.67 -44.45
C VAL E 169 2.60 76.24 -43.86
N LEU E 170 2.45 76.29 -42.51
CA LEU E 170 1.22 75.97 -41.78
C LEU E 170 0.13 77.00 -42.16
N MET E 171 0.46 78.31 -42.06
CA MET E 171 -0.43 79.42 -42.40
C MET E 171 -0.72 79.46 -43.91
N ASN E 172 0.21 78.95 -44.74
CA ASN E 172 0.02 78.83 -46.18
C ASN E 172 -0.92 77.67 -46.46
N ARG E 173 -0.81 76.56 -45.67
CA ARG E 173 -1.66 75.38 -45.77
C ARG E 173 -3.11 75.71 -45.42
N PHE E 174 -3.33 76.66 -44.49
CA PHE E 174 -4.66 77.19 -44.19
C PHE E 174 -4.84 78.24 -45.30
N GLY E 175 -5.07 77.74 -46.50
CA GLY E 175 -5.15 78.50 -47.72
C GLY E 175 -4.88 77.57 -48.89
N ASP E 176 -3.91 76.63 -48.70
CA ASP E 176 -3.56 75.57 -49.66
C ASP E 176 -4.69 74.54 -49.68
N ALA E 177 -5.34 74.35 -48.51
CA ALA E 177 -6.48 73.46 -48.32
C ALA E 177 -7.75 74.13 -48.84
N PHE E 178 -7.87 75.47 -48.64
CA PHE E 178 -8.98 76.30 -49.14
C PHE E 178 -8.87 76.48 -50.65
N PHE E 179 -7.65 76.29 -51.17
CA PHE E 179 -7.24 76.35 -52.57
C PHE E 179 -7.68 75.04 -53.23
N VAL E 180 -7.60 73.91 -52.47
CA VAL E 180 -8.04 72.59 -52.89
C VAL E 180 -9.59 72.62 -52.84
N LEU E 181 -10.16 73.23 -51.78
CA LEU E 181 -11.61 73.45 -51.59
C LEU E 181 -12.12 74.27 -52.78
N GLY E 182 -11.30 75.23 -53.21
CA GLY E 182 -11.56 76.08 -54.37
C GLY E 182 -11.52 75.24 -55.63
N LEU E 183 -10.34 74.66 -55.93
CA LEU E 183 -10.04 73.78 -57.09
C LEU E 183 -11.22 72.89 -57.52
N CYS E 184 -11.87 72.22 -56.53
CA CYS E 184 -13.01 71.33 -56.74
C CYS E 184 -14.26 72.08 -57.22
N VAL E 185 -14.61 73.18 -56.52
CA VAL E 185 -15.77 74.01 -56.83
C VAL E 185 -15.51 74.87 -58.12
N ILE E 186 -14.22 75.12 -58.46
CA ILE E 186 -13.81 75.83 -59.69
C ILE E 186 -14.12 74.90 -60.87
N ALA E 187 -13.84 73.58 -60.69
CA ALA E 187 -14.10 72.54 -61.69
C ALA E 187 -15.60 72.27 -61.84
N TYR E 188 -16.37 72.45 -60.76
CA TYR E 188 -17.82 72.25 -60.75
C TYR E 188 -18.57 73.41 -61.45
N VAL E 189 -17.93 74.61 -61.54
CA VAL E 189 -18.53 75.80 -62.17
C VAL E 189 -18.10 75.96 -63.65
N PHE E 190 -16.88 75.51 -64.03
CA PHE E 190 -16.37 75.67 -65.40
C PHE E 190 -16.21 74.36 -66.17
N GLY E 191 -15.67 73.33 -65.51
CA GLY E 191 -15.44 72.03 -66.11
C GLY E 191 -13.97 71.79 -66.40
N UNK E 192 -13.38 72.66 -67.23
CA UNK E 192 -11.98 72.60 -67.64
C UNK E 192 -11.05 73.33 -66.66
N UNK E 193 -11.59 74.29 -65.88
CA UNK E 193 -10.92 75.16 -64.89
C UNK E 193 -9.96 76.18 -65.52
N UNK E 194 -9.34 75.84 -66.69
CA UNK E 194 -8.40 76.66 -67.47
C UNK E 194 -8.87 78.10 -67.77
N UNK E 195 -7.90 79.00 -68.04
CA UNK E 195 -8.08 80.44 -68.29
C UNK E 195 -9.12 80.81 -69.36
N UNK E 196 -8.92 80.35 -70.62
CA UNK E 196 -9.78 80.65 -71.77
C UNK E 196 -11.27 80.33 -71.58
N UNK E 197 -11.57 79.19 -70.94
CA UNK E 197 -12.95 78.75 -70.68
C UNK E 197 -13.57 79.40 -69.43
N UNK E 198 -12.74 79.90 -68.49
CA UNK E 198 -13.17 80.53 -67.24
C UNK E 198 -13.88 81.88 -67.43
N UNK E 199 -13.46 82.66 -68.45
CA UNK E 199 -14.03 83.98 -68.76
C UNK E 199 -15.36 83.90 -69.53
N UNK E 200 -15.73 82.71 -70.02
CA UNK E 200 -16.94 82.46 -70.81
C UNK E 200 -18.25 82.57 -70.04
N UNK E 201 -18.28 82.15 -68.75
CA UNK E 201 -19.53 82.18 -67.97
C UNK E 201 -19.47 83.03 -66.69
N UNK E 202 -20.11 84.21 -66.75
CA UNK E 202 -20.28 85.14 -65.63
C UNK E 202 -21.75 85.07 -65.20
N UNK E 203 -22.65 84.83 -66.18
CA UNK E 203 -24.09 84.70 -65.98
C UNK E 203 -24.46 83.23 -65.82
N UNK E 204 -26.81 80.86 -62.55
CA UNK E 204 -25.98 80.28 -61.49
C UNK E 204 -24.88 81.26 -61.06
N THR E 205 -25.02 81.84 -59.85
CA THR E 205 -24.09 82.82 -59.28
C THR E 205 -23.69 82.53 -57.83
N ASP E 206 -24.57 81.87 -57.04
CA ASP E 206 -24.32 81.52 -55.63
C ASP E 206 -23.02 80.74 -55.43
N LEU E 207 -22.71 79.85 -56.38
CA LEU E 207 -21.51 79.02 -56.42
C LEU E 207 -20.29 79.93 -56.69
N LEU E 208 -20.43 80.90 -57.62
CA LEU E 208 -19.41 81.87 -58.00
C LEU E 208 -19.10 82.82 -56.82
N VAL E 209 -20.12 83.12 -55.97
CA VAL E 209 -19.97 83.95 -54.78
C VAL E 209 -19.13 83.17 -53.75
N LEU E 210 -19.39 81.85 -53.64
CA LEU E 210 -18.65 80.91 -52.78
C LEU E 210 -17.22 80.78 -53.30
N ILE E 211 -17.04 80.80 -54.64
CA ILE E 211 -15.76 80.71 -55.34
C ILE E 211 -14.83 81.87 -54.95
N MET E 212 -15.36 83.12 -54.93
CA MET E 212 -14.57 84.30 -54.59
C MET E 212 -14.20 84.37 -53.10
N LEU E 213 -15.04 83.79 -52.22
CA LEU E 213 -14.77 83.72 -50.79
C LEU E 213 -13.71 82.65 -50.52
N ALA E 214 -13.82 81.50 -51.21
CA ALA E 214 -12.89 80.37 -51.10
C ALA E 214 -11.54 80.66 -51.77
N LEU E 215 -11.49 81.62 -52.71
CA LEU E 215 -10.26 81.98 -53.41
C LEU E 215 -9.51 83.11 -52.70
N PHE E 216 -10.24 84.12 -52.17
CA PHE E 216 -9.66 85.27 -51.46
C PHE E 216 -9.02 84.86 -50.13
N ILE E 217 -9.77 84.12 -49.28
CA ILE E 217 -9.29 83.63 -47.98
C ILE E 217 -8.11 82.66 -48.18
N ALA E 218 -8.07 81.98 -49.35
CA ALA E 218 -6.99 81.08 -49.74
C ALA E 218 -5.74 81.89 -50.14
N ALA E 219 -5.92 82.94 -50.98
CA ALA E 219 -4.85 83.80 -51.48
C ALA E 219 -4.27 84.77 -50.44
N MET E 220 -5.10 85.28 -49.51
CA MET E 220 -4.66 86.22 -48.48
C MET E 220 -3.77 85.58 -47.39
N ALA E 221 -3.62 84.24 -47.43
CA ALA E 221 -2.79 83.46 -46.50
C ALA E 221 -1.29 83.75 -46.76
N LYS E 222 -0.94 84.03 -48.03
CA LYS E 222 0.42 84.35 -48.46
C LYS E 222 0.70 85.85 -48.25
N SER E 223 -0.33 86.70 -48.47
CA SER E 223 -0.28 88.15 -48.30
C SER E 223 -0.31 88.61 -46.84
N ALA E 224 -0.58 87.67 -45.90
CA ALA E 224 -0.67 87.85 -44.45
C ALA E 224 -1.76 88.85 -44.01
N GLN E 225 -2.98 88.35 -43.75
CA GLN E 225 -4.14 89.13 -43.32
C GLN E 225 -4.76 88.58 -42.03
N PHE E 226 -5.69 89.35 -41.39
CA PHE E 226 -6.38 89.05 -40.13
C PHE E 226 -6.57 87.54 -39.84
N GLY E 227 -6.01 87.10 -38.70
CA GLY E 227 -6.07 85.72 -38.25
C GLY E 227 -4.94 84.84 -38.76
N LEU E 228 -4.37 85.21 -39.94
CA LEU E 228 -3.29 84.47 -40.61
C LEU E 228 -2.10 85.40 -40.93
N HIS E 229 -2.09 86.62 -40.35
CA HIS E 229 -1.05 87.63 -40.60
C HIS E 229 0.26 87.39 -39.83
N ASN E 230 0.29 86.43 -38.90
CA ASN E 230 1.49 86.07 -38.10
C ASN E 230 2.62 85.53 -39.00
N TRP E 231 2.30 85.31 -40.29
CA TRP E 231 3.12 84.79 -41.38
C TRP E 231 4.43 85.55 -41.63
N LEU E 232 4.35 86.78 -42.20
CA LEU E 232 5.48 87.63 -42.60
C LEU E 232 6.58 87.83 -41.55
N THR E 233 6.24 88.39 -40.37
CA THR E 233 7.19 88.67 -39.28
C THR E 233 8.00 87.46 -38.84
N LEU E 234 7.36 86.28 -38.75
CA LEU E 234 8.01 85.03 -38.37
C LEU E 234 8.89 84.48 -39.51
N ALA E 235 8.32 84.38 -40.74
CA ALA E 235 8.99 83.86 -41.94
C ALA E 235 10.26 84.63 -42.34
N MET E 236 10.31 85.95 -42.07
CA MET E 236 11.45 86.78 -42.41
C MET E 236 12.59 86.72 -41.38
N GLU E 237 12.34 86.10 -40.20
CA GLU E 237 13.34 85.95 -39.13
C GLU E 237 14.40 84.91 -39.50
N GLY E 238 15.31 85.31 -40.39
CA GLY E 238 16.40 84.49 -40.89
C GLY E 238 17.36 85.31 -41.76
N PRO E 239 17.46 85.03 -43.07
CA PRO E 239 18.39 85.80 -43.91
C PRO E 239 17.76 87.07 -44.51
N THR E 240 18.49 88.20 -44.40
CA THR E 240 18.05 89.50 -44.91
C THR E 240 17.98 89.58 -46.46
N PRO E 241 18.94 89.03 -47.28
CA PRO E 241 18.77 89.12 -48.75
C PRO E 241 17.61 88.26 -49.26
N VAL E 242 17.32 87.17 -48.53
CA VAL E 242 16.24 86.22 -48.80
C VAL E 242 14.90 86.90 -48.47
N SER E 243 14.87 87.69 -47.37
CA SER E 243 13.69 88.44 -46.92
C SER E 243 13.22 89.46 -47.96
N SER E 244 14.13 89.91 -48.86
CA SER E 244 13.82 90.84 -49.94
C SER E 244 13.05 90.10 -51.05
N LEU E 245 13.40 88.81 -51.27
CA LEU E 245 12.79 87.92 -52.26
C LEU E 245 11.44 87.38 -51.78
N LEU E 246 11.19 87.43 -50.46
CA LEU E 246 9.94 87.02 -49.80
C LEU E 246 8.83 88.03 -50.17
N HIS E 247 9.22 89.30 -50.37
CA HIS E 247 8.36 90.43 -50.73
C HIS E 247 8.13 90.53 -52.25
N ALA E 248 8.71 89.58 -53.02
CA ALA E 248 8.55 89.42 -54.46
C ALA E 248 7.47 88.38 -54.72
N ALA E 249 7.38 87.37 -53.82
CA ALA E 249 6.39 86.29 -53.86
C ALA E 249 5.06 86.77 -53.31
N THR E 250 5.08 87.45 -52.15
CA THR E 250 3.93 88.02 -51.44
C THR E 250 3.18 89.02 -52.32
N UNK E 251 3.94 89.86 -53.07
CA UNK E 251 3.41 90.87 -53.99
C UNK E 251 2.68 90.19 -55.16
N UNK E 252 3.32 89.18 -55.78
CA UNK E 252 2.75 88.40 -56.88
C UNK E 252 1.61 87.47 -56.41
N UNK E 253 1.56 87.18 -55.09
CA UNK E 253 0.52 86.34 -54.47
C UNK E 253 -0.78 87.15 -54.28
N UNK E 254 -0.66 88.49 -54.25
CA UNK E 254 -1.82 89.39 -54.15
C UNK E 254 -2.51 89.44 -55.50
N UNK E 255 -1.74 89.23 -56.59
CA UNK E 255 -2.21 89.18 -57.97
C UNK E 255 -2.91 87.86 -58.27
N UNK E 256 -2.67 86.81 -57.44
CA UNK E 256 -3.32 85.49 -57.54
C UNK E 256 -4.82 85.71 -57.30
N UNK E 257 -5.17 86.63 -56.39
CA UNK E 257 -6.53 87.06 -56.13
C UNK E 257 -6.83 88.09 -57.23
N UNK E 258 -7.83 87.78 -58.07
CA UNK E 258 -8.29 88.54 -59.24
C UNK E 258 -7.29 88.55 -60.40
N UNK E 259 -7.57 87.70 -61.40
CA UNK E 259 -6.82 87.54 -62.64
C UNK E 259 -7.69 88.16 -63.75
N UNK E 260 -7.32 88.01 -65.05
CA UNK E 260 -8.11 88.57 -66.17
C UNK E 260 -9.55 88.02 -66.22
N UNK E 261 -9.71 86.70 -65.98
CA UNK E 261 -11.00 86.00 -65.95
C UNK E 261 -11.62 86.01 -64.55
N UNK E 262 -10.76 86.02 -63.50
CA UNK E 262 -11.18 86.01 -62.09
C UNK E 262 -11.72 87.34 -61.59
N UNK E 263 -11.14 88.49 -62.05
CA UNK E 263 -11.61 89.83 -61.65
C UNK E 263 -13.00 90.13 -62.24
N UNK E 264 -13.31 89.55 -63.41
CA UNK E 264 -14.61 89.67 -64.08
C UNK E 264 -15.66 88.88 -63.28
N UNK E 265 -15.23 87.75 -62.69
CA UNK E 265 -16.06 86.89 -61.83
C UNK E 265 -16.20 87.55 -60.45
N UNK E 266 -15.16 88.29 -60.01
CA UNK E 266 -15.13 89.03 -58.74
C UNK E 266 -16.08 90.23 -58.82
N UNK E 267 -16.15 90.88 -59.99
CA UNK E 267 -17.04 92.01 -60.26
C UNK E 267 -18.49 91.52 -60.32
N UNK E 268 -18.70 90.29 -60.83
CA UNK E 268 -20.01 89.64 -60.93
C UNK E 268 -20.49 89.29 -59.51
N UNK E 269 -19.56 88.88 -58.62
CA UNK E 269 -19.81 88.57 -57.21
C UNK E 269 -19.44 89.80 -56.37
N UNK E 270 -20.12 90.93 -56.64
CA UNK E 270 -19.92 92.24 -56.01
C UNK E 270 -19.97 92.22 -54.49
N UNK E 271 -20.87 91.40 -53.91
CA UNK E 271 -21.04 91.25 -52.46
C UNK E 271 -19.81 90.56 -51.83
N UNK E 272 -19.19 89.61 -52.57
CA UNK E 272 -18.01 88.88 -52.12
C UNK E 272 -16.75 89.74 -52.24
N UNK E 273 -16.64 90.56 -53.31
CA UNK E 273 -15.52 91.46 -53.58
C UNK E 273 -15.44 92.63 -52.59
N UNK E 274 -16.61 93.21 -52.23
CA UNK E 274 -16.71 94.33 -51.28
C UNK E 274 -16.38 93.88 -49.86
N UNK E 275 -16.78 92.63 -49.50
CA UNK E 275 -16.52 92.02 -48.21
C UNK E 275 -15.04 91.64 -48.09
N UNK E 276 -14.40 91.28 -49.22
CA UNK E 276 -12.98 90.92 -49.30
C UNK E 276 -12.10 92.16 -49.12
N UNK E 277 -12.45 93.27 -49.81
CA UNK E 277 -11.73 94.54 -49.77
C UNK E 277 -11.75 95.17 -48.37
N UNK E 278 -12.92 95.18 -47.71
CA UNK E 278 -13.12 95.75 -46.38
C UNK E 278 -12.45 94.96 -45.25
N UNK E 279 -12.46 93.60 -45.33
CA UNK E 279 -11.85 92.72 -44.32
C UNK E 279 -10.34 92.86 -44.26
N UNK E 280 -9.68 92.96 -45.44
CA UNK E 280 -8.23 93.12 -45.54
C UNK E 280 -7.80 94.58 -45.33
N UNK E 281 -8.77 95.53 -45.37
CA UNK E 281 -8.55 96.96 -45.14
C UNK E 281 -8.43 97.24 -43.65
N UNK E 282 -9.27 96.58 -42.83
CA UNK E 282 -9.29 96.71 -41.37
C UNK E 282 -8.06 96.07 -40.75
N UNK E 283 -7.51 95.02 -41.40
CA UNK E 283 -6.31 94.30 -40.97
C UNK E 283 -5.02 95.07 -41.34
N UNK E 284 -5.15 96.06 -42.26
CA UNK E 284 -4.04 96.91 -42.72
C UNK E 284 -3.74 98.06 -41.77
N UNK E 285 -4.79 98.67 -41.18
CA UNK E 285 -4.67 99.79 -40.22
C UNK E 285 -3.92 99.38 -38.95
N UNK E 286 -4.12 98.13 -38.49
CA UNK E 286 -3.47 97.58 -37.31
C UNK E 286 -2.01 97.21 -37.60
N UNK E 287 -1.73 96.85 -38.88
CA UNK E 287 -0.40 96.48 -39.37
C UNK E 287 0.57 97.66 -39.38
N UNK E 288 0.06 98.87 -39.73
CA UNK E 288 0.85 100.09 -39.76
C UNK E 288 1.10 100.59 -38.34
N UNK E 289 0.14 100.36 -37.42
CA UNK E 289 0.19 100.74 -36.00
C UNK E 289 1.23 99.90 -35.25
N UNK E 290 1.36 98.61 -35.61
CA UNK E 290 2.31 97.68 -35.01
C UNK E 290 3.75 97.99 -35.45
N UNK E 291 3.91 98.58 -36.66
CA UNK E 291 5.19 98.99 -37.21
C UNK E 291 5.65 100.30 -36.55
N UNK E 292 4.71 101.23 -36.28
CA UNK E 292 4.98 102.51 -35.63
C UNK E 292 5.34 102.28 -34.16
N UNK E 293 4.66 101.32 -33.49
CA UNK E 293 4.90 100.95 -32.10
C UNK E 293 5.78 99.70 -32.07
N UNK E 294 14.04 97.19 -36.82
CA UNK E 294 13.76 97.66 -38.18
C UNK E 294 13.20 96.55 -39.06
N LYS E 295 13.76 95.32 -38.97
CA LYS E 295 13.36 94.15 -39.75
C LYS E 295 11.86 93.86 -39.66
N ARG E 296 11.36 93.61 -38.43
CA ARG E 296 9.94 93.34 -38.16
C ARG E 296 9.03 94.50 -38.58
N ILE E 297 9.55 95.74 -38.52
CA ILE E 297 8.82 96.96 -38.91
C ILE E 297 8.59 96.99 -40.43
N ILE E 298 9.62 96.66 -41.25
CA ILE E 298 9.52 96.60 -42.73
C ILE E 298 8.57 95.45 -43.13
N ALA E 299 8.59 94.34 -42.35
CA ALA E 299 7.72 93.18 -42.56
C ALA E 299 6.26 93.54 -42.24
N LEU E 300 6.04 94.31 -41.15
CA LEU E 300 4.71 94.79 -40.74
C LEU E 300 4.21 95.91 -41.65
N SER E 301 5.15 96.66 -42.28
CA SER E 301 4.87 97.76 -43.19
C SER E 301 4.12 97.25 -44.42
N THR E 302 4.60 96.13 -45.03
CA THR E 302 4.00 95.48 -46.20
C THR E 302 2.57 95.02 -45.95
N MET E 303 2.26 94.52 -44.73
CA MET E 303 0.92 94.06 -44.33
C MET E 303 -0.12 95.18 -44.44
N SER E 304 0.31 96.45 -44.29
CA SER E 304 -0.52 97.65 -44.42
C SER E 304 -0.59 98.07 -45.90
N GLN E 305 0.50 97.83 -46.66
CA GLN E 305 0.62 98.16 -48.08
C GLN E 305 -0.25 97.23 -48.92
N LEU E 306 -0.22 95.91 -48.61
CA LEU E 306 -1.02 94.86 -49.25
C LEU E 306 -2.49 95.06 -48.91
N GLY E 307 -2.75 95.72 -47.78
CA GLY E 307 -4.09 96.07 -47.31
C GLY E 307 -4.70 97.16 -48.16
N MET E 308 -3.84 98.07 -48.69
CA MET E 308 -4.26 99.14 -49.60
C MET E 308 -4.49 98.53 -50.99
N MET E 309 -3.62 97.55 -51.37
CA MET E 309 -3.68 96.80 -52.63
C MET E 309 -5.03 96.07 -52.76
N THR E 310 -5.52 95.50 -51.65
CA THR E 310 -6.80 94.79 -51.56
C THR E 310 -8.01 95.72 -51.73
N ILE E 311 -7.89 96.99 -51.30
CA ILE E 311 -8.95 98.01 -51.45
C ILE E 311 -9.12 98.30 -52.94
N ALA E 312 -8.00 98.59 -53.63
CA ALA E 312 -7.94 98.88 -55.06
C ALA E 312 -8.42 97.70 -55.91
N ILE E 313 -7.98 96.47 -55.57
CA ILE E 313 -8.37 95.25 -56.30
C ILE E 313 -9.84 94.88 -56.02
N GLY E 314 -10.34 95.27 -54.83
CA GLY E 314 -11.70 95.03 -54.39
C GLY E 314 -12.71 95.96 -55.02
N LEU E 315 -12.29 97.21 -55.34
CA LEU E 315 -13.12 98.23 -55.98
C LEU E 315 -13.07 98.15 -57.51
N SER E 316 -12.70 96.95 -58.04
CA SER E 316 -12.56 96.59 -59.45
C SER E 316 -11.35 97.24 -60.17
N ALA E 317 -10.69 98.23 -59.52
CA ALA E 317 -9.51 98.92 -60.08
C ALA E 317 -8.26 98.04 -59.93
N UNK E 318 -8.24 96.91 -60.69
CA UNK E 318 -7.15 95.94 -60.70
C UNK E 318 -5.84 96.51 -61.23
N UNK E 319 -5.93 97.41 -62.24
CA UNK E 319 -4.78 98.07 -62.86
C UNK E 319 -3.98 98.89 -61.84
N LEU E 320 -4.67 99.63 -60.94
CA LEU E 320 -4.04 100.44 -59.90
C LEU E 320 -3.42 99.61 -58.79
N ALA E 321 -3.97 98.40 -58.54
CA ALA E 321 -3.47 97.45 -57.53
C ALA E 321 -2.13 96.85 -58.00
N LEU E 322 -1.90 96.85 -59.33
CA LEU E 322 -0.68 96.36 -59.98
C LEU E 322 0.46 97.38 -59.90
N PHE E 323 0.15 98.69 -59.94
CA PHE E 323 1.15 99.76 -59.83
C PHE E 323 1.69 99.80 -58.40
N HIS E 324 0.78 99.58 -57.43
CA HIS E 324 1.08 99.50 -55.99
C HIS E 324 2.02 98.32 -55.76
N LEU E 325 1.77 97.18 -56.46
CA LEU E 325 2.59 95.96 -56.44
C LEU E 325 4.01 96.34 -56.90
N LEU E 326 4.13 96.97 -58.09
CA LEU E 326 5.40 97.42 -58.69
C LEU E 326 6.17 98.36 -57.78
N GLY E 327 5.48 99.36 -57.23
CA GLY E 327 6.04 100.34 -56.31
C GLY E 327 6.73 99.67 -55.14
N HIS E 328 5.97 98.87 -54.37
CA HIS E 328 6.46 98.12 -53.21
C HIS E 328 7.51 97.07 -53.58
N ALA E 329 7.40 96.49 -54.80
CA ALA E 329 8.38 95.53 -55.32
C ALA E 329 9.74 96.21 -55.50
N PHE E 330 9.74 97.52 -55.81
CA PHE E 330 10.95 98.30 -56.02
C PHE E 330 11.48 99.01 -54.76
N PHE E 331 10.65 99.79 -54.04
CA PHE E 331 11.15 100.52 -52.87
C PHE E 331 11.21 99.68 -51.58
N LYS E 332 10.45 98.57 -51.46
CA LYS E 332 10.56 97.73 -50.26
C LYS E 332 11.80 96.86 -50.31
N ALA E 333 12.24 96.49 -51.52
CA ALA E 333 13.46 95.72 -51.76
C ALA E 333 14.67 96.64 -51.56
N LEU E 334 14.48 97.95 -51.83
CA LEU E 334 15.47 99.02 -51.67
C LEU E 334 15.79 99.22 -50.19
N LEU E 335 14.76 99.15 -49.31
CA LEU E 335 14.88 99.30 -47.86
C LEU E 335 15.70 98.18 -47.23
N PHE E 336 15.58 96.95 -47.77
CA PHE E 336 16.30 95.77 -47.30
C PHE E 336 17.78 95.73 -47.66
N MET E 337 18.21 96.50 -48.67
CA MET E 337 19.63 96.57 -49.07
C MET E 337 20.15 97.97 -48.72
N SER E 338 20.25 98.28 -47.41
CA SER E 338 20.70 99.60 -46.95
C SER E 338 21.40 99.60 -45.57
N ALA E 339 21.40 100.77 -44.88
CA ALA E 339 22.00 101.10 -43.58
C ALA E 339 22.07 99.97 -42.54
N GLY E 340 21.01 99.80 -41.74
CA GLY E 340 20.91 98.79 -40.69
C GLY E 340 21.10 97.35 -41.12
N SER E 341 20.84 97.06 -42.41
CA SER E 341 20.99 95.73 -43.00
C SER E 341 22.43 95.41 -43.44
N ILE E 342 23.25 96.44 -43.73
CA ILE E 342 24.65 96.25 -44.14
C ILE E 342 25.59 96.43 -42.93
N ILE E 343 25.29 97.37 -42.01
CA ILE E 343 26.10 97.61 -40.79
C ILE E 343 25.96 96.39 -39.83
N HIS E 344 24.93 95.54 -40.05
CA HIS E 344 24.67 94.29 -39.33
C HIS E 344 25.79 93.27 -39.63
N SER E 345 26.36 93.34 -40.85
CA SER E 345 27.47 92.50 -41.29
C SER E 345 28.80 93.01 -40.71
N ILE E 346 28.87 94.32 -40.37
CA ILE E 346 30.06 94.97 -39.80
C ILE E 346 30.11 94.75 -38.29
N LEU E 347 29.08 95.22 -37.55
CA LEU E 347 28.97 95.08 -36.09
C LEU E 347 27.65 94.41 -35.68
N UNK E 348 27.50 94.08 -34.38
CA UNK E 348 26.31 93.41 -33.82
C UNK E 348 25.07 94.33 -33.70
N UNK E 349 24.69 94.98 -34.82
CA UNK E 349 23.52 95.86 -34.90
C UNK E 349 22.46 95.19 -35.78
N UNK E 350 21.66 94.31 -35.16
CA UNK E 350 20.61 93.53 -35.83
C UNK E 350 19.32 94.33 -36.10
N UNK E 351 18.14 93.75 -35.83
CA UNK E 351 16.83 94.37 -36.02
C UNK E 351 16.56 95.48 -34.98
N UNK E 352 17.63 96.01 -34.36
CA UNK E 352 17.59 97.05 -33.35
C UNK E 352 18.19 98.37 -33.88
N UNK E 353 17.49 99.00 -34.84
CA UNK E 353 17.89 100.28 -35.44
C UNK E 353 17.61 101.42 -34.45
N UNK E 354 16.64 101.20 -33.55
CA UNK E 354 16.26 102.13 -32.48
C UNK E 354 17.34 102.14 -31.39
N UNK E 355 17.95 100.96 -31.13
CA UNK E 355 19.01 100.77 -30.14
C UNK E 355 20.41 100.98 -30.74
N UNK E 356 20.49 101.15 -32.08
CA UNK E 356 21.73 101.36 -32.83
C UNK E 356 22.41 102.69 -32.48
N UNK E 357 23.74 102.78 -32.70
CA UNK E 357 24.58 103.94 -32.41
C UNK E 357 24.18 105.19 -33.19
N UNK E 358 24.29 106.37 -32.53
CA UNK E 358 23.96 107.67 -33.12
C UNK E 358 25.12 108.14 -34.03
N UNK E 359 25.01 107.83 -35.33
CA UNK E 359 26.02 108.19 -36.33
C UNK E 359 25.37 108.53 -37.68
N UNK E 360 25.39 109.83 -38.03
CA UNK E 360 24.83 110.34 -39.29
C UNK E 360 25.82 110.12 -40.43
N UNK E 361 27.13 110.29 -40.15
CA UNK E 361 28.21 110.11 -41.11
C UNK E 361 28.89 108.74 -40.97
N UNK E 362 28.09 107.70 -40.64
CA UNK E 362 28.56 106.31 -40.49
C UNK E 362 29.05 105.79 -41.85
N LEU E 363 28.21 105.99 -42.89
CA LEU E 363 28.45 105.65 -44.30
C LEU E 363 27.60 106.61 -45.14
N PRO E 364 28.08 107.09 -46.32
CA PRO E 364 27.22 107.97 -47.14
C PRO E 364 26.02 107.21 -47.71
N TYR E 365 26.25 105.96 -48.18
CA TYR E 365 25.27 105.02 -48.75
C TYR E 365 24.14 104.70 -47.77
N THR E 366 24.42 104.85 -46.46
CA THR E 366 23.49 104.68 -45.35
C THR E 366 22.39 105.76 -45.42
N TYR E 367 22.74 106.96 -45.92
CA TYR E 367 21.82 108.08 -46.07
C TYR E 367 21.25 108.24 -47.50
N ILE E 368 21.89 107.64 -48.52
CA ILE E 368 21.45 107.77 -49.91
C ILE E 368 20.24 106.86 -50.22
N CYS E 369 20.48 105.54 -50.33
CA CYS E 369 19.48 104.54 -50.73
C CYS E 369 18.30 104.39 -49.76
N ILE E 370 18.53 104.42 -48.44
CA ILE E 370 17.44 104.24 -47.47
C ILE E 370 16.48 105.44 -47.42
N THR E 371 16.95 106.66 -47.80
CA THR E 371 16.10 107.85 -47.83
C THR E 371 15.20 107.80 -49.07
N ILE E 372 15.76 107.40 -50.23
CA ILE E 372 15.06 107.24 -51.52
C ILE E 372 13.84 106.32 -51.36
N ALA E 373 14.04 105.15 -50.71
CA ALA E 373 13.03 104.15 -50.44
C ALA E 373 11.96 104.62 -49.45
N SER E 374 12.38 105.34 -48.37
CA SER E 374 11.48 105.86 -47.34
C SER E 374 10.59 106.98 -47.87
N LEU E 375 11.15 107.87 -48.72
CA LEU E 375 10.41 108.98 -49.35
C LEU E 375 9.37 108.43 -50.33
N SER E 376 9.72 107.35 -51.04
CA SER E 376 8.85 106.67 -52.01
C SER E 376 7.62 106.05 -51.35
N LEU E 377 7.76 105.60 -50.07
CA LEU E 377 6.66 105.03 -49.29
C LEU E 377 5.83 106.18 -48.69
N MET E 378 6.50 107.30 -48.36
CA MET E 378 5.88 108.49 -47.76
C MET E 378 4.96 109.29 -48.70
N ALA E 379 4.69 108.75 -49.91
CA ALA E 379 3.83 109.33 -50.96
C ALA E 379 4.27 110.75 -51.39
N MET E 380 5.55 110.89 -51.76
CA MET E 380 6.18 112.14 -52.21
C MET E 380 5.65 112.57 -53.59
N PRO E 381 5.48 113.89 -53.86
CA PRO E 381 4.94 114.30 -55.17
C PRO E 381 5.88 114.08 -56.35
N GLY E 382 7.19 114.25 -56.13
CA GLY E 382 8.21 114.11 -57.16
C GLY E 382 8.86 112.75 -57.32
N LEU E 383 8.19 111.68 -56.83
CA LEU E 383 8.70 110.30 -56.91
C LEU E 383 7.56 109.32 -57.28
N THR E 384 7.81 108.00 -57.15
CA THR E 384 6.82 106.94 -57.42
C THR E 384 5.65 106.98 -56.41
N GLY E 385 5.88 107.69 -55.30
CA GLY E 385 4.92 107.87 -54.21
C GLY E 385 3.61 108.49 -54.62
N TYR E 386 3.64 109.56 -55.45
CA TYR E 386 2.40 110.19 -55.92
C TYR E 386 1.69 109.34 -56.96
N TYR E 387 2.45 108.65 -57.82
CA TYR E 387 1.91 107.80 -58.88
C TYR E 387 1.31 106.48 -58.38
N THR E 388 1.95 105.80 -57.42
CA THR E 388 1.49 104.50 -56.92
C THR E 388 0.60 104.61 -55.68
N LYS E 389 1.01 105.41 -54.67
CA LYS E 389 0.28 105.56 -53.41
C LYS E 389 -0.91 106.53 -53.48
N ASP E 390 -0.67 107.84 -53.70
CA ASP E 390 -1.70 108.89 -53.71
C ASP E 390 -2.80 108.75 -54.79
N ILE E 391 -2.55 107.97 -55.88
CA ILE E 391 -3.54 107.76 -56.95
C ILE E 391 -4.65 106.77 -56.49
N ILE E 392 -4.40 105.98 -55.42
CA ILE E 392 -5.38 105.03 -54.86
C ILE E 392 -6.62 105.77 -54.31
N ILE E 393 -6.41 106.93 -53.67
CA ILE E 393 -7.42 107.79 -53.05
C ILE E 393 -8.42 108.31 -54.10
N GLU E 394 -7.93 108.66 -55.31
CA GLU E 394 -8.76 109.16 -56.41
C GLU E 394 -9.82 108.14 -56.86
N SER E 395 -9.45 106.85 -56.93
CA SER E 395 -10.36 105.77 -57.32
C SER E 395 -11.37 105.40 -56.22
N THR E 396 -10.94 105.42 -54.93
CA THR E 396 -11.78 105.09 -53.77
C THR E 396 -12.92 106.09 -53.61
N TYR E 397 -12.60 107.40 -53.76
CA TYR E 397 -13.52 108.53 -53.65
C TYR E 397 -14.53 108.55 -54.80
N GLY E 398 -14.06 108.21 -56.01
CA GLY E 398 -14.87 108.17 -57.22
C GLY E 398 -15.98 107.13 -57.18
N SER E 399 -15.66 105.93 -56.67
CA SER E 399 -16.59 104.82 -56.51
C SER E 399 -17.62 105.14 -55.42
N UNK E 400 -17.15 105.84 -54.36
CA UNK E 400 -17.91 106.30 -53.19
C UNK E 400 -18.75 105.21 -52.50
N UNK E 401 -20.07 105.08 -52.85
CA UNK E 401 -21.06 104.14 -52.30
C UNK E 401 -21.20 104.24 -50.77
N UNK E 402 -20.25 103.64 -50.03
CA UNK E 402 -20.17 103.66 -48.56
C UNK E 402 -18.68 103.83 -48.20
N UNK E 403 -18.08 104.94 -48.68
CA UNK E 403 -16.67 105.30 -48.52
C UNK E 403 -16.21 105.45 -47.07
N UNK E 404 -15.01 104.93 -46.78
CA UNK E 404 -14.39 104.98 -45.45
C UNK E 404 -13.82 106.37 -45.14
N UNK E 405 -13.47 107.14 -46.20
CA UNK E 405 -12.92 108.51 -46.15
C UNK E 405 -11.66 108.65 -45.28
N UNK E 406 -10.64 106.23 -41.71
CA UNK E 406 -9.72 105.10 -41.76
C UNK E 406 -8.62 105.28 -42.81
N ALA E 407 -8.96 105.89 -43.97
CA ALA E 407 -8.03 106.14 -45.07
C ALA E 407 -6.95 107.16 -44.70
N TYR E 408 -7.31 108.18 -43.88
CA TYR E 408 -6.37 109.20 -43.43
C TYR E 408 -5.41 108.65 -42.38
N LEU E 409 -5.93 107.81 -41.45
CA LEU E 409 -5.16 107.15 -40.39
C LEU E 409 -4.15 106.16 -40.99
N SER E 410 -4.56 105.48 -42.09
CA SER E 410 -3.71 104.54 -42.83
C SER E 410 -2.55 105.28 -43.48
N ALA E 411 -2.84 106.46 -44.09
CA ALA E 411 -1.84 107.31 -44.74
C ALA E 411 -0.91 107.97 -43.73
N VAL E 412 -1.44 108.41 -42.57
CA VAL E 412 -0.67 109.06 -41.49
C VAL E 412 0.31 108.06 -40.85
N LEU E 413 -0.17 106.88 -40.44
CA LEU E 413 0.65 105.84 -39.81
C LEU E 413 1.75 105.28 -40.72
N THR E 414 1.48 105.14 -42.03
CA THR E 414 2.46 104.62 -43.00
C THR E 414 3.58 105.60 -43.32
N CYS E 415 3.24 106.89 -43.49
CA CYS E 415 4.19 107.95 -43.84
C CYS E 415 4.93 108.56 -42.62
N VAL E 416 5.02 107.82 -41.49
CA VAL E 416 5.69 108.28 -40.27
C VAL E 416 6.83 107.33 -39.86
N TYR E 417 6.59 106.00 -39.81
CA TYR E 417 7.61 105.01 -39.41
C TYR E 417 8.83 104.95 -40.34
N SER E 418 8.68 105.41 -41.60
CA SER E 418 9.72 105.44 -42.62
C SER E 418 10.95 106.23 -42.18
N MET E 419 10.75 107.46 -41.64
CA MET E 419 11.83 108.31 -41.14
C MET E 419 12.25 107.91 -39.73
N LYS E 420 11.33 107.28 -38.97
CA LYS E 420 11.55 106.84 -37.58
C LYS E 420 12.70 105.84 -37.45
N ILE E 421 12.59 104.66 -38.10
CA ILE E 421 13.59 103.58 -38.09
C ILE E 421 14.99 104.02 -38.58
N LEU E 422 15.08 105.23 -39.15
CA LEU E 422 16.32 105.77 -39.71
C LEU E 422 16.93 106.89 -38.89
N TYR E 423 16.13 107.90 -38.50
CA TYR E 423 16.64 109.01 -37.70
C TYR E 423 16.84 108.63 -36.20
N LEU E 424 16.92 107.30 -35.95
CA LEU E 424 17.24 106.69 -34.66
C LEU E 424 18.66 106.09 -34.80
N THR E 425 19.20 106.14 -36.03
CA THR E 425 20.54 105.67 -36.41
C THR E 425 21.43 106.87 -36.75
N PHE E 426 20.85 107.93 -37.38
CA PHE E 426 21.58 109.14 -37.75
C PHE E 426 21.87 110.03 -36.53
N UNK E 427 20.81 110.47 -35.82
CA UNK E 427 20.92 111.31 -34.63
C UNK E 427 20.35 110.63 -33.39
N UNK E 428 22.04 108.88 -28.81
CA UNK E 428 21.92 107.54 -28.24
C UNK E 428 22.90 106.56 -28.91
N UNK E 429 24.20 106.76 -28.66
CA UNK E 429 25.29 105.94 -29.22
C UNK E 429 25.53 104.65 -28.44
N UNK E 430 26.04 103.61 -29.12
CA UNK E 430 26.34 102.29 -28.54
C UNK E 430 27.53 101.62 -29.23
N UNK E 431 28.51 101.13 -28.42
CA UNK E 431 29.74 100.42 -28.80
C UNK E 431 30.71 101.25 -29.68
N UNK E 432 31.97 100.76 -29.81
CA UNK E 432 33.01 101.40 -30.62
C UNK E 432 32.69 101.17 -32.11
N UNK E 433 32.00 102.16 -32.71
CA UNK E 433 31.56 102.12 -34.10
C UNK E 433 32.70 102.18 -35.12
N UNK E 434 32.83 101.12 -35.93
CA UNK E 434 33.83 101.00 -37.00
C UNK E 434 33.18 101.42 -38.33
N UNK E 435 31.98 100.86 -38.63
CA UNK E 435 31.14 101.10 -39.80
C UNK E 435 31.91 101.23 -41.13
N UNK E 436 32.75 100.22 -41.44
CA UNK E 436 33.57 100.17 -42.65
C UNK E 436 32.80 99.50 -43.79
N UNK E 437 29.63 97.24 -47.79
CA UNK E 437 30.11 96.07 -48.53
C UNK E 437 30.23 96.37 -50.02
N UNK E 438 31.35 95.92 -50.65
CA UNK E 438 31.65 96.11 -52.07
C UNK E 438 30.65 95.40 -52.99
N UNK E 439 30.18 94.21 -52.58
CA UNK E 439 29.19 93.41 -53.33
C UNK E 439 27.78 94.02 -53.24
N UNK E 440 27.49 94.73 -52.14
CA UNK E 440 26.20 95.38 -51.87
C UNK E 440 26.04 96.73 -52.57
N THR E 441 27.15 97.46 -52.79
CA THR E 441 27.17 98.79 -53.44
C THR E 441 26.73 98.76 -54.91
N LEU E 442 26.96 97.64 -55.60
CA LEU E 442 26.62 97.45 -57.02
C LEU E 442 25.09 97.45 -57.29
N PRO E 443 24.23 96.58 -56.67
CA PRO E 443 22.80 96.62 -57.00
C PRO E 443 22.00 97.74 -56.33
N MET E 444 22.57 98.40 -55.30
CA MET E 444 21.94 99.49 -54.55
C MET E 444 21.48 100.66 -55.43
N PHE E 445 22.32 101.07 -56.38
CA PHE E 445 22.02 102.16 -57.31
C PHE E 445 21.01 101.74 -58.38
N ILE E 446 21.07 100.47 -58.83
CA ILE E 446 20.18 99.94 -59.87
C ILE E 446 18.72 99.91 -59.40
N LEU E 447 18.46 99.48 -58.16
CA LEU E 447 17.09 99.47 -57.60
C LEU E 447 16.61 100.88 -57.23
N ALA E 448 17.56 101.80 -56.96
CA ALA E 448 17.27 103.20 -56.60
C ALA E 448 16.60 104.01 -57.71
N ILE E 449 17.11 103.92 -58.96
CA ILE E 449 16.58 104.64 -60.13
C ILE E 449 15.16 104.15 -60.54
N PHE E 450 14.83 102.88 -60.23
CA PHE E 450 13.52 102.30 -60.54
C PHE E 450 12.39 102.83 -59.65
N ALA E 451 12.74 103.44 -58.49
CA ALA E 451 11.80 104.04 -57.55
C ALA E 451 11.83 105.56 -57.64
N MET E 452 12.95 106.12 -58.14
CA MET E 452 13.14 107.57 -58.30
C MET E 452 12.25 108.17 -59.39
N PHE E 453 12.38 107.72 -60.66
CA PHE E 453 11.58 108.28 -61.74
C PHE E 453 10.96 107.24 -62.68
N ALA E 454 11.31 105.94 -62.54
CA ALA E 454 10.72 104.89 -63.38
C ALA E 454 9.25 104.62 -63.01
N GLY E 455 8.81 105.16 -61.86
CA GLY E 455 7.44 105.07 -61.38
C GLY E 455 6.52 105.93 -62.21
N TRP E 456 6.88 107.23 -62.36
CA TRP E 456 6.14 108.22 -63.15
C TRP E 456 6.28 107.94 -64.65
N UNK E 457 7.46 107.46 -65.09
CA UNK E 457 7.78 107.14 -66.48
C UNK E 457 6.89 106.03 -67.05
N UNK E 458 6.62 104.97 -66.25
CA UNK E 458 5.75 103.87 -66.63
C UNK E 458 4.30 104.29 -66.38
N UNK E 459 3.55 104.54 -67.47
CA UNK E 459 2.16 104.98 -67.42
C UNK E 459 1.18 103.80 -67.36
N UNK E 460 0.19 103.74 -68.29
CA UNK E 460 -0.89 102.74 -68.41
C UNK E 460 -2.04 102.97 -67.41
N UNK E 461 -2.10 104.19 -66.82
CA UNK E 461 -3.17 104.62 -65.92
C UNK E 461 -4.26 105.22 -66.81
N UNK E 462 -5.50 104.69 -66.70
CA UNK E 462 -6.68 105.05 -67.52
C UNK E 462 -6.51 104.59 -68.99
N UNK E 463 -7.54 104.82 -69.84
CA UNK E 463 -7.59 104.44 -71.27
C UNK E 463 -7.35 102.93 -71.49
N UNK E 464 -6.15 102.53 -71.99
CA UNK E 464 -5.80 101.13 -72.22
C UNK E 464 -5.17 100.49 -71.00
N UNK E 465 -5.57 99.24 -70.69
CA UNK E 465 -5.09 98.45 -69.55
C UNK E 465 -5.22 96.94 -69.84
N UNK E 466 -5.10 96.10 -68.79
CA UNK E 466 -5.22 94.64 -68.91
C UNK E 466 -6.32 94.10 -67.97
N UNK E 467 -7.55 94.59 -68.17
CA UNK E 467 -8.72 94.20 -67.38
C UNK E 467 -9.90 93.83 -68.29
N UNK E 468 -10.71 92.85 -67.85
CA UNK E 468 -11.90 92.39 -68.58
C UNK E 468 -13.04 93.41 -68.55
N UNK E 469 -12.96 94.41 -67.63
CA UNK E 469 -13.89 95.51 -67.38
C UNK E 469 -15.28 95.08 -66.89
N UNK E 470 -15.69 95.63 -65.74
CA UNK E 470 -16.97 95.35 -65.09
C UNK E 470 -18.15 96.04 -65.78
N UNK E 471 -17.87 97.03 -66.67
CA UNK E 471 -18.82 97.87 -67.43
C UNK E 471 -19.56 98.88 -66.55
N UNK E 472 -19.88 98.49 -65.30
CA UNK E 472 -20.53 99.33 -64.29
C UNK E 472 -19.48 99.68 -63.24
N UNK E 473 -19.54 100.92 -62.68
CA UNK E 473 -18.61 101.48 -61.69
C UNK E 473 -17.15 101.49 -62.22
N UNK E 474 -16.14 101.64 -61.34
CA UNK E 474 -14.69 101.69 -61.66
C UNK E 474 -14.35 102.62 -62.84
N UNK E 475 -15.19 103.66 -63.04
CA UNK E 475 -15.05 104.65 -64.11
C UNK E 475 -14.99 106.05 -63.53
N UNK E 476 -14.18 106.92 -64.17
CA UNK E 476 -13.94 108.33 -63.81
C UNK E 476 -13.53 108.51 -62.34
N UNK E 477 -12.25 108.21 -62.05
CA UNK E 477 -11.66 108.33 -60.72
C UNK E 477 -11.44 109.82 -60.40
N UNK E 478 -11.05 110.59 -61.43
CA UNK E 478 -10.81 112.04 -61.34
C UNK E 478 -12.10 112.87 -61.26
N UNK E 479 -13.29 112.22 -61.44
CA UNK E 479 -14.61 112.87 -61.37
C UNK E 479 -14.84 113.46 -59.99
N UNK E 480 -15.58 114.61 -59.95
CA UNK E 480 -15.89 115.43 -58.77
C UNK E 480 -14.66 116.21 -58.28
N UNK E 481 -13.44 115.67 -58.54
CA UNK E 481 -12.12 116.23 -58.20
C UNK E 481 -11.92 116.57 -56.71
N UNK E 482 -12.93 116.26 -55.86
CA UNK E 482 -12.89 116.45 -54.41
C UNK E 482 -11.90 115.45 -53.82
N UNK E 483 -11.62 114.38 -54.61
CA UNK E 483 -10.65 113.33 -54.33
C UNK E 483 -9.26 113.95 -54.30
N UNK E 484 -8.96 114.86 -55.26
CA UNK E 484 -7.70 115.59 -55.37
C UNK E 484 -7.62 116.66 -54.28
N UNK E 485 -8.78 117.23 -53.88
CA UNK E 485 -8.90 118.24 -52.81
C UNK E 485 -8.67 117.58 -51.44
N UNK E 486 -8.80 116.24 -51.39
CA UNK E 486 -8.57 115.40 -50.21
C UNK E 486 -7.25 114.63 -50.32
N UNK E 487 -6.70 114.51 -51.54
CA UNK E 487 -5.42 113.84 -51.84
C UNK E 487 -4.27 114.81 -51.62
N UNK E 488 -4.48 116.10 -51.95
CA UNK E 488 -3.51 117.17 -51.72
C UNK E 488 -3.52 117.45 -50.22
N UNK E 489 -4.71 117.29 -49.59
CA UNK E 489 -4.91 117.43 -48.14
C UNK E 489 -4.27 116.25 -47.43
N UNK E 490 -4.28 115.05 -48.07
CA UNK E 490 -3.65 113.84 -47.52
C UNK E 490 -2.13 113.93 -47.71
N UNK E 491 -1.68 114.50 -48.86
CA UNK E 491 -0.26 114.70 -49.18
C UNK E 491 0.34 115.76 -48.26
N UNK E 492 -0.43 116.82 -47.95
CA UNK E 492 0.00 117.89 -47.04
C UNK E 492 0.04 117.37 -45.61
N UNK E 493 -0.95 116.53 -45.21
CA UNK E 493 -1.02 115.92 -43.87
C UNK E 493 0.11 114.92 -43.67
N UNK E 494 0.44 114.11 -44.71
CA UNK E 494 1.53 113.13 -44.66
C UNK E 494 2.89 113.83 -44.61
N UNK E 495 3.02 114.99 -45.29
CA UNK E 495 4.24 115.79 -45.31
C UNK E 495 4.41 116.55 -43.99
N UNK E 496 3.28 117.03 -43.41
CA UNK E 496 3.27 117.75 -42.13
C UNK E 496 3.58 116.80 -40.97
N UNK E 497 3.08 115.54 -41.05
CA UNK E 497 3.31 114.50 -40.05
C UNK E 497 4.77 114.04 -40.08
N UNK E 498 5.38 114.04 -41.29
CA UNK E 498 6.79 113.68 -41.50
C UNK E 498 7.69 114.75 -40.88
N UNK E 499 7.28 116.03 -40.99
CA UNK E 499 7.98 117.18 -40.42
C UNK E 499 7.80 117.21 -38.89
N UNK E 500 6.62 116.76 -38.41
CA UNK E 500 6.28 116.68 -36.99
C UNK E 500 7.04 115.54 -36.30
N UNK E 501 7.28 114.43 -37.02
CA UNK E 501 8.01 113.27 -36.52
C UNK E 501 9.51 113.58 -36.42
N UNK E 502 10.05 114.36 -37.38
CA UNK E 502 11.45 114.78 -37.43
C UNK E 502 11.77 115.78 -36.33
N UNK E 503 10.81 116.69 -36.03
CA UNK E 503 10.95 117.72 -34.98
C UNK E 503 10.90 117.09 -33.59
N UNK E 504 10.08 116.03 -33.42
CA UNK E 504 9.94 115.30 -32.15
C UNK E 504 11.15 114.42 -31.88
N UNK E 505 11.79 113.88 -32.94
CA UNK E 505 12.98 113.02 -32.87
C UNK E 505 14.21 113.79 -32.36
N UNK E 506 14.32 115.07 -32.72
CA UNK E 506 15.41 115.96 -32.31
C UNK E 506 15.17 116.56 -30.93
N UNK E 507 13.89 116.64 -30.50
CA UNK E 507 13.49 117.20 -29.20
C UNK E 507 13.61 116.21 -28.05
N UNK E 508 13.18 114.94 -28.25
CA UNK E 508 13.16 113.82 -27.29
C UNK E 508 12.36 114.13 -26.01
N UNK E 509 11.10 113.68 -25.97
CA UNK E 509 10.17 113.91 -24.86
C UNK E 509 10.04 112.72 -23.89
N UNK E 510 10.81 111.62 -24.13
CA UNK E 510 10.82 110.36 -23.35
C UNK E 510 9.42 109.75 -23.24
N UNK E 511 9.04 108.97 -24.27
CA UNK E 511 7.74 108.31 -24.43
C UNK E 511 7.29 107.47 -23.22
N UNK E 512 8.22 106.77 -22.55
CA UNK E 512 7.93 105.93 -21.39
C UNK E 512 7.61 106.75 -20.13
N UNK E 513 8.27 107.91 -19.94
CA UNK E 513 8.08 108.80 -18.80
C UNK E 513 6.71 109.51 -18.84
N UNK E 514 6.30 109.96 -20.04
CA UNK E 514 5.01 110.63 -20.28
C UNK E 514 3.84 109.64 -20.18
N UNK E 515 4.12 108.35 -20.42
CA UNK E 515 3.17 107.25 -20.38
C UNK E 515 2.83 106.80 -18.95
N UNK E 516 3.74 107.06 -17.99
CA UNK E 516 3.69 106.70 -16.57
C UNK E 516 3.74 105.18 -16.34
N UNK E 517 2.72 104.43 -16.83
CA UNK E 517 2.58 102.97 -16.77
C UNK E 517 1.46 102.47 -17.68
N UNK E 518 0.32 103.19 -17.70
CA UNK E 518 -0.89 102.86 -18.47
C UNK E 518 -0.70 102.95 -19.99
N UNK E 519 -0.14 104.08 -20.50
CA UNK E 519 0.08 104.28 -21.93
C UNK E 519 1.29 103.51 -22.47
N UNK E 520 2.19 103.05 -21.56
CA UNK E 520 3.38 102.26 -21.91
C UNK E 520 2.94 100.83 -22.25
N UNK E 521 1.92 100.31 -21.51
CA UNK E 521 1.33 98.99 -21.71
C UNK E 521 0.47 99.01 -22.98
N UNK E 522 -0.12 100.19 -23.31
CA UNK E 522 -0.94 100.41 -24.50
C UNK E 522 -0.04 100.40 -25.75
N UNK E 523 1.22 100.86 -25.60
CA UNK E 523 2.23 100.88 -26.65
C UNK E 523 2.92 99.52 -26.77
N UNK E 524 2.78 98.66 -25.73
CA UNK E 524 3.34 97.31 -25.69
C UNK E 524 2.40 96.32 -26.38
N UNK E 525 1.07 96.50 -26.19
CA UNK E 525 0.04 95.65 -26.80
C UNK E 525 -0.09 95.94 -28.30
N UNK E 526 -0.16 97.24 -28.67
CA UNK E 526 -0.26 97.70 -30.06
C UNK E 526 0.94 97.30 -30.90
N UNK E 527 2.16 97.24 -30.28
CA UNK E 527 3.41 96.85 -30.93
C UNK E 527 3.40 95.37 -31.36
N UNK E 528 2.94 94.48 -30.47
CA UNK E 528 2.85 93.04 -30.73
C UNK E 528 1.59 92.68 -31.53
N UNK E 529 0.89 93.73 -32.08
CA UNK E 529 -0.37 93.66 -32.84
C UNK E 529 -1.43 92.91 -32.02
N UNK E 530 -1.51 93.28 -30.72
CA UNK E 530 -2.38 92.70 -29.69
C UNK E 530 -2.06 91.22 -29.45
N UNK E 531 -0.74 90.90 -29.39
CA UNK E 531 -0.15 89.57 -29.20
C UNK E 531 -0.70 88.51 -30.18
N UNK E 532 -0.65 88.84 -31.49
CA UNK E 532 -1.13 87.99 -32.58
C UNK E 532 -0.23 86.78 -32.78
N UNK E 533 0.41 85.11 -29.45
CA UNK E 533 -0.25 84.45 -28.32
C UNK E 533 -1.67 83.99 -28.66
N UNK E 534 -2.42 84.81 -29.44
CA UNK E 534 -3.79 84.52 -29.87
C UNK E 534 -3.81 83.33 -30.84
N UNK E 535 -2.87 83.31 -31.81
CA UNK E 535 -2.72 82.24 -32.80
C UNK E 535 -2.15 80.97 -32.13
N UNK E 536 -1.32 81.16 -31.08
CA UNK E 536 -0.72 80.09 -30.30
C UNK E 536 -1.78 79.40 -29.41
N UNK E 537 -2.81 80.16 -28.98
CA UNK E 537 -3.92 79.65 -28.16
C UNK E 537 -4.82 78.72 -28.99
N UNK E 538 -4.98 79.02 -30.30
CA UNK E 538 -5.77 78.22 -31.24
C UNK E 538 -4.99 76.98 -31.70
N UNK E 539 -3.65 77.10 -31.80
CA UNK E 539 -2.75 76.02 -32.21
C UNK E 539 -2.60 74.96 -31.11
N UNK E 540 -2.18 75.39 -29.89
CA UNK E 540 -1.99 74.51 -28.71
C UNK E 540 -3.28 73.83 -28.26
N GLY E 541 -4.41 74.51 -28.51
CA GLY E 541 -5.75 74.00 -28.22
C GLY E 541 -6.07 72.79 -29.06
N LEU E 542 -5.69 72.83 -30.36
CA LEU E 542 -5.85 71.74 -31.31
C LEU E 542 -4.84 70.64 -31.02
N VAL E 543 -3.63 71.02 -30.54
CA VAL E 543 -2.55 70.08 -30.17
C VAL E 543 -3.02 69.23 -28.99
N THR E 544 -3.56 69.86 -27.92
CA THR E 544 -4.10 69.18 -26.73
C THR E 544 -5.27 68.28 -27.11
N SER E 545 -6.18 68.77 -27.99
CA SER E 545 -7.33 68.02 -28.51
C SER E 545 -6.86 66.83 -29.34
N GLY E 546 -5.72 67.00 -30.02
CA GLY E 546 -5.08 65.97 -30.82
C GLY E 546 -4.40 64.92 -29.96
N ASN E 547 -3.87 65.35 -28.80
CA ASN E 547 -3.21 64.50 -27.80
C ASN E 547 -4.26 63.67 -27.05
N ILE E 548 -5.44 64.26 -26.79
CA ILE E 548 -6.58 63.62 -26.14
C ILE E 548 -7.18 62.59 -27.12
N ALA E 549 -7.21 62.93 -28.44
CA ALA E 549 -7.70 62.08 -29.52
C ALA E 549 -6.95 60.75 -29.61
N HIS E 550 -5.64 60.76 -29.27
CA HIS E 550 -4.79 59.56 -29.26
C HIS E 550 -5.18 58.71 -28.04
N HIS E 551 -5.55 59.35 -26.91
CA HIS E 551 -6.00 58.66 -25.70
C HIS E 551 -7.43 58.13 -25.92
N VAL E 552 -8.19 58.75 -26.84
CA VAL E 552 -9.54 58.34 -27.26
C VAL E 552 -9.35 57.08 -28.12
N ASP E 553 -8.31 57.07 -28.97
CA ASP E 553 -7.92 55.92 -29.81
C ASP E 553 -7.41 54.80 -28.89
N LYS E 554 -6.73 55.18 -27.78
CA LYS E 554 -6.26 54.26 -26.74
C LYS E 554 -7.45 53.77 -25.92
N GLY E 555 -8.51 54.58 -25.89
CA GLY E 555 -9.78 54.25 -25.24
C GLY E 555 -10.53 53.23 -26.07
N SER E 556 -10.38 53.31 -27.41
CA SER E 556 -10.96 52.37 -28.38
C SER E 556 -10.14 51.08 -28.34
N LEU E 557 -8.81 51.21 -28.06
CA LEU E 557 -7.88 50.10 -27.89
C LEU E 557 -8.18 49.42 -26.54
N TYR E 558 -8.70 50.19 -25.57
CA TYR E 558 -9.11 49.71 -24.25
C TYR E 558 -10.36 48.85 -24.36
N ARG E 559 -11.26 49.14 -25.33
CA ARG E 559 -12.50 48.36 -25.56
C ARG E 559 -12.17 46.88 -25.82
N LEU E 560 -11.02 46.62 -26.47
CA LEU E 560 -10.49 45.28 -26.77
C LEU E 560 -10.05 44.58 -25.47
N GLY E 561 -9.60 45.38 -24.48
CA GLY E 561 -9.17 44.94 -23.17
C GLY E 561 -10.28 44.20 -22.42
N PRO E 562 -11.26 44.90 -21.79
CA PRO E 562 -12.35 44.19 -21.08
C PRO E 562 -13.09 43.10 -21.87
N VAL E 563 -13.00 43.08 -23.22
CA VAL E 563 -13.60 42.04 -24.06
C VAL E 563 -12.75 40.76 -23.92
N GLY E 564 -11.43 40.91 -24.02
CA GLY E 564 -10.46 39.83 -23.85
C GLY E 564 -10.31 39.44 -22.39
N ILE E 565 -10.54 40.42 -21.48
CA ILE E 565 -10.50 40.25 -20.02
C ILE E 565 -11.78 39.53 -19.57
N UNK E 566 -12.93 39.76 -20.27
CA UNK E 566 -14.21 39.08 -20.00
C UNK E 566 -14.07 37.60 -20.37
N UNK E 567 -13.26 37.32 -21.43
CA UNK E 567 -12.95 35.96 -21.90
C UNK E 567 -12.04 35.29 -20.88
N UNK E 568 -11.15 36.08 -20.22
CA UNK E 568 -10.23 35.63 -19.18
C UNK E 568 -10.98 35.41 -17.86
N UNK E 569 -12.08 36.16 -17.65
CA UNK E 569 -12.95 36.06 -16.48
C UNK E 569 -13.88 34.84 -16.61
N UNK E 570 -14.33 34.54 -17.84
CA UNK E 570 -15.19 33.39 -18.16
C UNK E 570 -14.35 32.10 -18.09
N UNK E 571 -13.04 32.23 -18.39
CA UNK E 571 -12.06 31.14 -18.36
C UNK E 571 -11.73 30.72 -16.93
N UNK E 572 -11.84 31.67 -15.97
CA UNK E 572 -11.57 31.45 -14.54
C UNK E 572 -12.51 30.40 -13.92
N UNK E 573 -13.71 30.22 -14.51
CA UNK E 573 -14.71 29.24 -14.07
C UNK E 573 -14.45 27.90 -14.80
N UNK E 574 -13.28 27.28 -14.50
CA UNK E 574 -12.83 26.01 -15.05
C UNK E 574 -11.88 25.31 -14.05
N UNK E 575 -12.42 24.99 -12.85
CA UNK E 575 -11.70 24.35 -11.76
C UNK E 575 -11.30 22.89 -12.06
N UNK E 576 -10.28 22.37 -11.33
CA UNK E 576 -9.77 21.01 -11.49
C UNK E 576 -10.48 19.99 -10.59
N UNK E 577 -10.52 20.26 -9.26
CA UNK E 577 -11.17 19.39 -8.27
C UNK E 577 -11.90 20.18 -7.19
N MET E 578 -18.66 17.90 -7.58
CA MET E 578 -18.45 18.08 -9.02
C MET E 578 -18.83 16.84 -9.82
N ASN E 579 -18.41 15.65 -9.37
CA ASN E 579 -18.70 14.37 -10.04
C ASN E 579 -20.04 13.80 -9.60
N SER E 580 -20.28 13.70 -8.29
CA SER E 580 -21.52 13.18 -7.72
C SER E 580 -22.64 14.24 -7.66
N MET E 581 -22.34 15.49 -8.06
CA MET E 581 -23.28 16.62 -8.06
C MET E 581 -23.10 17.48 -9.32
N LEU E 582 -24.11 17.48 -10.25
CA LEU E 582 -24.16 18.28 -11.49
C LEU E 582 -25.33 17.92 -12.41
N ILE E 583 -25.31 16.70 -12.98
CA ILE E 583 -26.25 16.13 -13.96
C ILE E 583 -27.74 16.28 -13.60
N LEU E 584 -28.11 16.18 -12.30
CA LEU E 584 -29.51 16.34 -11.85
C LEU E 584 -29.98 17.78 -12.08
N ILE E 585 -29.10 18.76 -11.82
CA ILE E 585 -29.39 20.19 -11.97
C ILE E 585 -29.62 20.54 -13.46
N THR E 586 -28.75 20.05 -14.38
CA THR E 586 -28.81 20.31 -15.82
C THR E 586 -30.11 19.83 -16.48
N ILE E 587 -30.58 18.60 -16.14
CA ILE E 587 -31.83 18.03 -16.69
C ILE E 587 -33.07 18.76 -16.14
N VAL E 588 -33.07 19.10 -14.84
CA VAL E 588 -34.16 19.82 -14.20
C VAL E 588 -34.24 21.27 -14.72
N SER E 589 -33.07 21.91 -14.95
CA SER E 589 -32.97 23.28 -15.49
C SER E 589 -33.45 23.33 -16.94
N LEU E 590 -33.14 22.29 -17.74
CA LEU E 590 -33.53 22.17 -19.15
C LEU E 590 -35.04 21.92 -19.27
N LEU E 591 -35.61 21.11 -18.35
CA LEU E 591 -37.05 20.82 -18.30
C LEU E 591 -37.79 22.10 -17.90
N LEU E 592 -37.11 22.96 -17.10
CA LEU E 592 -37.58 24.26 -16.66
C LEU E 592 -37.49 25.26 -17.83
N LEU E 593 -36.53 25.06 -18.78
CA LEU E 593 -36.37 25.95 -19.94
C LEU E 593 -37.55 25.88 -20.94
N VAL E 594 -38.44 24.88 -20.78
CA VAL E 594 -39.65 24.71 -21.59
C VAL E 594 -40.69 25.77 -21.16
N LEU E 595 -40.62 26.21 -19.86
CA LEU E 595 -41.46 27.22 -19.19
C LEU E 595 -41.95 28.33 -20.13
N VAL E 596 -41.03 28.94 -20.90
CA VAL E 596 -41.36 30.01 -21.85
C VAL E 596 -42.19 29.41 -23.00
N MET E 597 -41.61 28.48 -23.78
CA MET E 597 -42.21 27.79 -24.94
C MET E 597 -43.66 27.30 -24.75
N ASN E 598 -44.03 26.81 -23.54
CA ASN E 598 -45.37 26.29 -23.29
C ASN E 598 -46.43 27.37 -22.96
N VAL E 599 -46.09 28.42 -22.20
CA VAL E 599 -47.09 29.45 -21.82
C VAL E 599 -46.78 30.82 -22.50
N ASN E 600 -45.54 31.32 -22.40
CA ASN E 600 -45.13 32.61 -22.99
C ASN E 600 -44.41 32.43 -24.34
N PHE E 601 -43.58 33.42 -24.75
CA PHE E 601 -42.82 33.42 -26.01
C PHE E 601 -41.74 34.52 -26.09
N ILE E 602 -41.70 35.43 -25.09
CA ILE E 602 -40.75 36.54 -25.07
C ILE E 602 -39.62 36.32 -24.03
N ILE E 603 -39.96 35.91 -22.78
CA ILE E 603 -39.06 35.71 -21.63
C ILE E 603 -37.67 35.16 -22.04
N VAL E 604 -36.62 35.98 -21.80
CA VAL E 604 -35.21 35.68 -22.08
C VAL E 604 -34.38 35.59 -20.79
N ILE E 605 -35.04 35.79 -19.62
CA ILE E 605 -34.47 35.78 -18.27
C ILE E 605 -33.69 34.47 -17.95
N PRO E 606 -34.22 33.24 -18.20
CA PRO E 606 -33.41 32.03 -17.90
C PRO E 606 -32.21 31.82 -18.82
N VAL E 607 -31.95 32.78 -19.73
CA VAL E 607 -30.81 32.80 -20.66
C VAL E 607 -29.94 34.01 -20.26
N LEU E 608 -30.56 35.09 -19.74
CA LEU E 608 -29.86 36.29 -19.25
C LEU E 608 -29.12 35.98 -17.93
N ILE E 609 -29.40 34.79 -17.35
CA ILE E 609 -28.77 34.26 -16.14
C ILE E 609 -27.31 33.85 -16.45
N SER E 610 -27.03 33.50 -17.73
CA SER E 610 -25.71 33.09 -18.19
C SER E 610 -24.74 34.27 -18.32
N ILE E 611 -25.23 35.44 -18.75
CA ILE E 611 -24.41 36.65 -18.89
C ILE E 611 -24.37 37.48 -17.59
N LEU E 612 -24.53 36.79 -16.44
CA LEU E 612 -24.48 37.36 -15.09
C LEU E 612 -23.89 36.37 -14.08
N TYR E 613 -24.47 35.15 -13.97
CA TYR E 613 -23.98 34.11 -13.06
C TYR E 613 -22.84 33.30 -13.69
N ILE E 614 -23.03 32.85 -14.95
CA ILE E 614 -22.02 32.07 -15.68
C ILE E 614 -21.04 33.08 -16.38
N LEU E 615 -20.49 34.01 -15.57
CA LEU E 615 -19.55 35.08 -15.92
C LEU E 615 -18.97 35.68 -14.62
N UNK E 616 -19.85 36.08 -13.68
CA UNK E 616 -19.46 36.68 -12.39
C UNK E 616 -20.05 35.91 -11.20
N UNK F 1 -65.75 -8.64 -3.52
CA UNK F 1 -64.90 -9.82 -3.33
C UNK F 1 -63.43 -9.53 -3.58
N UNK F 2 -62.53 -10.23 -2.85
CA UNK F 2 -61.06 -10.13 -2.90
C UNK F 2 -60.54 -8.68 -2.75
N UNK F 3 -60.82 -8.09 -1.57
CA UNK F 3 -60.43 -6.72 -1.22
C UNK F 3 -58.91 -6.56 -1.09
N UNK F 4 -58.20 -7.61 -0.63
CA UNK F 4 -56.75 -7.63 -0.45
C UNK F 4 -56.03 -7.61 -1.82
N UNK F 5 -56.64 -8.21 -2.85
CA UNK F 5 -56.11 -8.27 -4.21
C UNK F 5 -56.27 -6.92 -4.91
N UNK F 6 -57.31 -6.14 -4.54
CA UNK F 6 -57.57 -4.81 -5.08
C UNK F 6 -56.69 -3.79 -4.36
N UNK F 7 -56.43 -4.00 -3.06
CA UNK F 7 -55.57 -3.16 -2.22
C UNK F 7 -54.09 -3.58 -2.35
N UNK F 8 -53.78 -4.45 -3.34
CA UNK F 8 -52.42 -4.92 -3.64
C UNK F 8 -51.56 -3.83 -4.30
N UNK F 9 -52.03 -2.56 -4.23
CA UNK F 9 -51.32 -1.36 -4.68
C UNK F 9 -50.23 -1.08 -3.64
N ILE F 10 -50.31 -1.79 -2.49
CA ILE F 10 -49.39 -1.80 -1.34
C ILE F 10 -47.92 -1.96 -1.80
N THR F 11 -47.72 -2.45 -3.03
CA THR F 11 -46.42 -2.63 -3.68
C THR F 11 -45.72 -1.28 -3.82
N ILE F 12 -46.47 -0.22 -4.22
CA ILE F 12 -45.95 1.15 -4.37
C ILE F 12 -45.64 1.76 -2.99
N PHE F 13 -46.47 1.42 -1.96
CA PHE F 13 -46.35 1.85 -0.56
C PHE F 13 -45.13 1.20 0.07
N LEU F 14 -44.82 -0.05 -0.35
CA LEU F 14 -43.69 -0.83 0.12
C LEU F 14 -42.41 -0.43 -0.60
N ALA F 15 -42.48 -0.17 -1.93
CA ALA F 15 -41.33 0.25 -2.74
C ALA F 15 -40.79 1.62 -2.34
N ILE F 16 -41.67 2.61 -2.07
CA ILE F 16 -41.28 3.96 -1.65
C ILE F 16 -40.58 3.93 -0.28
N LEU F 17 -41.04 3.01 0.61
CA LEU F 17 -40.50 2.78 1.95
C LEU F 17 -39.18 2.02 1.85
N CYS F 18 -39.10 1.03 0.94
CA CYS F 18 -37.92 0.20 0.73
C CYS F 18 -36.78 1.00 0.12
N THR F 19 -37.06 1.85 -0.91
CA THR F 19 -36.05 2.68 -1.57
C THR F 19 -35.57 3.80 -0.64
N ILE F 20 -36.45 4.35 0.22
CA ILE F 20 -36.04 5.39 1.18
C ILE F 20 -35.20 4.74 2.30
N PHE F 21 -35.33 3.41 2.47
CA PHE F 21 -34.57 2.61 3.44
C PHE F 21 -33.18 2.23 2.91
N ILE F 22 -32.99 2.16 1.57
CA ILE F 22 -31.68 1.84 0.97
C ILE F 22 -30.70 3.02 1.16
N ILE F 23 -31.24 4.26 1.13
CA ILE F 23 -30.49 5.50 1.29
C ILE F 23 -30.18 5.75 2.78
N SER F 24 -31.21 5.62 3.63
CA SER F 24 -31.13 5.84 5.08
C SER F 24 -30.25 4.82 5.82
N ALA F 25 -30.11 3.60 5.28
CA ALA F 25 -29.33 2.51 5.89
C ALA F 25 -27.84 2.82 6.02
N LYS F 26 -27.34 2.82 7.27
CA LYS F 26 -25.93 3.01 7.60
C LYS F 26 -25.24 1.67 7.34
N ASN F 27 -24.09 1.70 6.64
CA ASN F 27 -23.30 0.54 6.18
C ASN F 27 -23.94 -0.06 4.91
N PRO F 28 -23.15 -0.44 3.87
CA PRO F 28 -23.78 -1.00 2.65
C PRO F 28 -24.44 -2.35 2.82
N MET F 29 -24.04 -3.11 3.85
CA MET F 29 -24.54 -4.45 4.20
C MET F 29 -26.07 -4.50 4.24
N VAL F 30 -26.69 -3.48 4.88
CA VAL F 30 -28.14 -3.34 5.03
C VAL F 30 -28.74 -2.88 3.70
N SER F 31 -28.06 -1.94 3.00
CA SER F 31 -28.50 -1.37 1.71
C SER F 31 -28.64 -2.42 0.60
N ILE F 32 -27.73 -3.42 0.55
CA ILE F 32 -27.79 -4.50 -0.45
C ILE F 32 -28.95 -5.44 -0.11
N LEU F 33 -29.11 -5.79 1.19
CA LEU F 33 -30.21 -6.64 1.68
C LEU F 33 -31.56 -5.99 1.33
N TYR F 34 -31.63 -4.65 1.42
CA TYR F 34 -32.82 -3.86 1.07
C TYR F 34 -33.01 -3.75 -0.45
N MET F 35 -31.92 -3.88 -1.22
CA MET F 35 -31.95 -3.88 -2.69
C MET F 35 -32.59 -5.20 -3.15
N ILE F 36 -32.24 -6.32 -2.45
CA ILE F 36 -32.77 -7.67 -2.68
C ILE F 36 -34.27 -7.66 -2.36
N ALA F 37 -34.64 -7.05 -1.21
CA ALA F 37 -36.02 -6.91 -0.75
C ALA F 37 -36.84 -6.08 -1.73
N LEU F 38 -36.25 -5.00 -2.29
CA LEU F 38 -36.89 -4.14 -3.30
C LEU F 38 -37.11 -4.91 -4.60
N PHE F 39 -36.13 -5.76 -4.98
CA PHE F 39 -36.24 -6.60 -6.17
C PHE F 39 -37.27 -7.73 -5.96
N VAL F 40 -37.42 -8.18 -4.70
CA VAL F 40 -38.41 -9.20 -4.31
C VAL F 40 -39.82 -8.57 -4.32
N ILE F 41 -39.91 -7.25 -4.00
CA ILE F 41 -41.16 -6.46 -4.01
C ILE F 41 -41.59 -6.30 -5.49
N ALA F 42 -40.61 -6.06 -6.38
CA ALA F 42 -40.82 -5.92 -7.83
C ALA F 42 -41.21 -7.27 -8.43
N ALA F 43 -40.68 -8.39 -7.86
CA ALA F 43 -40.99 -9.76 -8.29
C ALA F 43 -42.43 -10.09 -7.91
N MET F 44 -42.88 -9.62 -6.71
CA MET F 44 -44.24 -9.79 -6.21
C MET F 44 -45.22 -8.97 -7.07
N TYR F 45 -44.74 -7.87 -7.70
CA TYR F 45 -45.50 -7.01 -8.59
C TYR F 45 -45.68 -7.69 -9.96
N LEU F 46 -44.74 -8.58 -10.32
CA LEU F 46 -44.80 -9.32 -11.59
C LEU F 46 -45.69 -10.58 -11.49
N TYR F 47 -46.48 -10.66 -10.40
CA TYR F 47 -47.51 -11.67 -10.12
C TYR F 47 -48.86 -10.96 -10.31
N LEU F 48 -48.81 -9.63 -10.43
CA LEU F 48 -49.95 -8.72 -10.63
C LEU F 48 -50.06 -8.27 -12.09
N ILE F 53 -43.70 -15.08 -14.56
CA ILE F 53 -42.47 -15.69 -15.06
C ILE F 53 -41.26 -14.75 -14.83
N PHE F 54 -41.44 -13.43 -15.06
CA PHE F 54 -40.40 -12.43 -14.89
C PHE F 54 -39.96 -12.26 -13.42
N SER F 55 -40.80 -12.72 -12.48
CA SER F 55 -40.53 -12.72 -11.04
C SER F 55 -39.37 -13.70 -10.79
N LEU F 56 -39.53 -14.93 -11.30
CA LEU F 56 -38.58 -16.04 -11.21
C LEU F 56 -37.35 -15.79 -12.08
N LEU F 57 -37.51 -14.99 -13.15
CA LEU F 57 -36.42 -14.60 -14.05
C LEU F 57 -35.53 -13.58 -13.34
N TYR F 58 -36.16 -12.69 -12.52
CA TYR F 58 -35.47 -11.67 -11.75
C TYR F 58 -34.77 -12.24 -10.51
N ILE F 59 -35.46 -13.12 -9.75
CA ILE F 59 -34.92 -13.77 -8.55
C ILE F 59 -33.66 -14.61 -8.90
N MET F 60 -33.65 -15.26 -10.07
CA MET F 60 -32.55 -16.08 -10.55
C MET F 60 -31.31 -15.27 -11.00
N ILE F 61 -31.52 -14.10 -11.64
CA ILE F 61 -30.40 -13.30 -12.15
C ILE F 61 -30.09 -12.08 -11.23
N TYR F 62 -31.05 -11.16 -11.02
CA TYR F 62 -30.85 -9.96 -10.20
C TYR F 62 -30.52 -10.29 -8.74
N ILE F 63 -31.34 -11.11 -8.09
CA ILE F 63 -31.12 -11.53 -6.69
C ILE F 63 -30.08 -12.66 -6.64
N GLY F 64 -30.15 -13.56 -7.60
CA GLY F 64 -29.31 -14.74 -7.71
C GLY F 64 -27.84 -14.53 -8.05
N ALA F 65 -27.53 -13.52 -8.89
CA ALA F 65 -26.15 -13.27 -9.30
C ALA F 65 -25.68 -11.86 -8.99
N ILE F 66 -26.42 -10.83 -9.47
CA ILE F 66 -26.11 -9.40 -9.28
C ILE F 66 -25.98 -9.06 -7.79
N ALA F 67 -27.02 -9.35 -7.00
CA ALA F 67 -27.08 -9.09 -5.56
C ALA F 67 -26.04 -9.89 -4.77
N VAL F 68 -25.76 -11.13 -5.21
CA VAL F 68 -24.77 -12.03 -4.62
C VAL F 68 -23.38 -11.41 -4.80
N LEU F 69 -23.13 -10.84 -6.00
CA LEU F 69 -21.89 -10.16 -6.36
C LEU F 69 -21.73 -8.87 -5.58
N PHE F 70 -22.83 -8.12 -5.39
CA PHE F 70 -22.87 -6.86 -4.63
C PHE F 70 -22.48 -7.09 -3.16
N LEU F 71 -22.84 -8.26 -2.62
CA LEU F 71 -22.51 -8.66 -1.24
C LEU F 71 -21.10 -9.24 -1.17
N PHE F 72 -20.66 -9.93 -2.24
CA PHE F 72 -19.33 -10.54 -2.33
C PHE F 72 -18.21 -9.50 -2.39
N ILE F 73 -18.48 -8.33 -3.01
CA ILE F 73 -17.49 -7.26 -3.16
C ILE F 73 -17.33 -6.41 -1.88
N ILE F 74 -18.42 -6.16 -1.13
CA ILE F 74 -18.39 -5.34 0.10
C ILE F 74 -17.72 -6.05 1.28
N THR F 75 -17.95 -7.38 1.40
CA THR F 75 -17.41 -8.24 2.46
C THR F 75 -15.90 -8.41 2.33
N LEU F 76 -15.40 -8.34 1.08
CA LEU F 76 -14.00 -8.53 0.72
C LEU F 76 -13.25 -7.18 0.58
N LEU F 77 -13.77 -6.25 -0.25
CA LEU F 77 -13.16 -4.92 -0.41
C LEU F 77 -13.66 -4.04 0.73
N ASP F 78 -12.76 -3.70 1.65
CA ASP F 78 -13.03 -2.91 2.87
C ASP F 78 -13.72 -1.57 2.59
N ILE F 79 -13.14 -0.73 1.69
CA ILE F 79 -13.60 0.60 1.24
C ILE F 79 -14.35 1.36 2.40
N ASN F 80 -15.71 1.37 2.44
CA ASN F 80 -16.61 1.98 3.43
C ASN F 80 -16.48 3.51 3.62
N SER F 81 -17.58 4.13 4.11
CA SER F 81 -17.74 5.57 4.42
C SER F 81 -19.11 5.83 5.07
N THR F 82 -19.20 6.90 5.89
CA THR F 82 -20.43 7.29 6.58
C THR F 82 -20.72 8.79 6.42
N THR F 144 -49.45 -20.98 -27.18
CA THR F 144 -49.57 -22.12 -26.29
C THR F 144 -48.42 -22.20 -25.28
N LEU F 145 -47.24 -21.65 -25.63
CA LEU F 145 -46.04 -21.65 -24.78
C LEU F 145 -45.99 -20.46 -23.82
N LEU F 146 -45.38 -20.67 -22.64
CA LEU F 146 -45.26 -19.67 -21.57
C LEU F 146 -44.37 -18.48 -21.91
N THR F 147 -45.00 -17.40 -22.43
CA THR F 147 -44.44 -16.09 -22.84
C THR F 147 -43.33 -16.15 -23.93
N THR F 148 -42.80 -17.36 -24.22
CA THR F 148 -41.74 -17.68 -25.20
C THR F 148 -40.52 -16.75 -25.16
N ILE F 149 -40.59 -15.59 -25.86
CA ILE F 149 -39.53 -14.59 -26.07
C ILE F 149 -38.52 -15.13 -27.10
N GLY F 150 -38.13 -16.40 -26.95
CA GLY F 150 -37.21 -17.11 -27.83
C GLY F 150 -37.59 -17.15 -29.29
N ASN F 151 -38.89 -17.04 -29.62
CA ASN F 151 -39.38 -17.04 -31.00
C ASN F 151 -38.88 -15.82 -31.79
N VAL F 152 -38.78 -14.66 -31.13
CA VAL F 152 -38.32 -13.41 -31.76
C VAL F 152 -36.79 -13.28 -31.67
N LEU F 153 -36.20 -13.43 -30.46
CA LEU F 153 -34.75 -13.31 -30.21
C LEU F 153 -33.89 -14.29 -31.00
N LEU F 154 -34.36 -15.53 -31.21
CA LEU F 154 -33.62 -16.55 -31.95
C LEU F 154 -33.85 -16.49 -33.47
N THR F 155 -35.00 -15.96 -33.93
CA THR F 155 -35.32 -15.88 -35.36
C THR F 155 -35.18 -14.44 -35.91
N ASN F 156 -36.11 -13.53 -35.53
CA ASN F 156 -36.15 -12.13 -36.00
C ASN F 156 -34.96 -11.29 -35.52
N ASN F 157 -34.79 -11.17 -34.19
CA ASN F 157 -33.71 -10.42 -33.55
C ASN F 157 -32.47 -11.30 -33.30
N ALA F 158 -32.15 -12.17 -34.30
CA ALA F 158 -31.00 -13.08 -34.28
C ALA F 158 -29.70 -12.29 -34.37
N PHE F 159 -29.74 -11.08 -34.96
CA PHE F 159 -28.60 -10.17 -35.06
C PHE F 159 -28.27 -9.67 -33.65
N ILE F 160 -29.31 -9.36 -32.85
CA ILE F 160 -29.19 -8.90 -31.47
C ILE F 160 -28.75 -10.04 -30.55
N LEU F 161 -29.17 -11.28 -30.88
CA LEU F 161 -28.80 -12.51 -30.15
C LEU F 161 -27.28 -12.75 -30.26
N LEU F 162 -26.72 -12.53 -31.47
CA LEU F 162 -25.30 -12.65 -31.80
C LEU F 162 -24.51 -11.56 -31.08
N VAL F 163 -25.05 -10.31 -31.06
CA VAL F 163 -24.44 -9.15 -30.41
C VAL F 163 -24.55 -9.27 -28.87
N LEU F 164 -25.55 -10.02 -28.36
CA LEU F 164 -25.69 -10.24 -26.92
C LEU F 164 -24.65 -11.24 -26.43
N ALA F 165 -24.14 -12.09 -27.33
CA ALA F 165 -23.04 -13.02 -27.03
C ALA F 165 -21.76 -12.17 -27.04
N ILE F 166 -21.69 -11.17 -27.96
CA ILE F 166 -20.59 -10.22 -28.11
C ILE F 166 -20.47 -9.32 -26.86
N VAL F 167 -21.60 -8.84 -26.33
CA VAL F 167 -21.61 -8.02 -25.11
C VAL F 167 -21.18 -8.89 -23.91
N LEU F 168 -21.42 -10.22 -24.00
CA LEU F 168 -21.01 -11.18 -22.98
C LEU F 168 -19.54 -11.57 -23.13
N LEU F 169 -18.90 -11.30 -24.32
CA LEU F 169 -17.47 -11.58 -24.49
C LEU F 169 -16.72 -10.61 -23.58
N LEU F 170 -17.04 -9.31 -23.75
CA LEU F 170 -16.51 -8.17 -23.02
C LEU F 170 -16.76 -8.29 -21.51
N GLY F 171 -17.90 -8.88 -21.14
CA GLY F 171 -18.32 -9.10 -19.75
C GLY F 171 -17.35 -9.90 -18.90
N ILE F 172 -16.63 -10.85 -19.53
CA ILE F 172 -15.64 -11.71 -18.85
C ILE F 172 -14.19 -11.35 -19.26
N ILE F 173 -14.00 -10.81 -20.47
CA ILE F 173 -12.69 -10.43 -21.00
C ILE F 173 -12.23 -9.08 -20.41
N GLY F 174 -13.19 -8.19 -20.14
CA GLY F 174 -12.96 -6.89 -19.52
C GLY F 174 -12.25 -6.99 -18.17
N PRO F 175 -12.86 -7.69 -17.16
CA PRO F 175 -12.18 -7.84 -15.87
C PRO F 175 -10.82 -8.54 -15.92
N ILE F 176 -10.59 -9.31 -16.98
CA ILE F 176 -9.38 -10.08 -17.23
C ILE F 176 -8.25 -9.16 -17.71
N SER F 177 -8.60 -7.98 -18.24
CA SER F 177 -7.63 -6.99 -18.70
C SER F 177 -7.67 -5.74 -17.79
N ILE F 178 -8.28 -5.87 -16.59
CA ILE F 178 -8.42 -4.78 -15.62
C ILE F 178 -7.81 -5.10 -14.24
N THR F 179 -7.84 -6.39 -13.82
CA THR F 179 -7.37 -6.85 -12.51
C THR F 179 -6.47 -8.09 -12.60
N MET F 180 -5.62 -8.14 -13.63
CA MET F 180 -4.80 -9.32 -13.85
C MET F 180 -3.40 -9.30 -13.23
N LYS F 181 -2.45 -8.56 -13.85
CA LYS F 181 -1.02 -8.50 -13.49
C LYS F 181 -0.40 -9.91 -13.66
N HIS F 182 -0.33 -10.36 -14.93
CA HIS F 182 0.21 -11.66 -15.34
C HIS F 182 1.63 -11.54 -15.91
N LYS F 183 2.45 -12.58 -15.73
CA LYS F 183 3.83 -12.62 -16.23
C LYS F 183 3.97 -13.59 -17.40
N UNK G 1 57.76 -41.56 60.84
CA UNK G 1 56.66 -42.31 60.23
C UNK G 1 57.15 -43.30 59.19
N UNK G 2 56.56 -44.52 59.17
CA UNK G 2 56.91 -45.58 58.24
C UNK G 2 56.19 -45.38 56.90
N UNK G 3 56.97 -45.26 55.81
CA UNK G 3 56.44 -45.06 54.46
C UNK G 3 55.97 -46.39 53.87
N UNK G 4 54.63 -46.58 53.80
CA UNK G 4 54.01 -47.79 53.27
C UNK G 4 53.18 -47.50 52.02
N UNK G 5 53.33 -48.36 51.00
CA UNK G 5 52.61 -48.22 49.72
C UNK G 5 51.35 -49.08 49.70
N UNK G 6 50.26 -48.51 49.16
CA UNK G 6 48.97 -49.19 49.04
C UNK G 6 48.90 -49.93 47.68
N UNK G 7 47.87 -49.67 46.86
CA UNK G 7 47.72 -50.31 45.55
C UNK G 7 48.69 -49.72 44.53
N UNK G 8 48.54 -48.41 44.21
CA UNK G 8 49.39 -47.69 43.25
C UNK G 8 49.88 -46.33 43.83
N UNK G 9 49.49 -46.03 45.08
CA UNK G 9 49.86 -44.79 45.77
C UNK G 9 50.57 -45.07 47.11
N UNK G 10 51.40 -44.11 47.56
CA UNK G 10 52.14 -44.21 48.83
C UNK G 10 51.42 -43.42 49.93
N UNK G 11 51.40 -43.98 51.15
CA UNK G 11 50.73 -43.36 52.31
C UNK G 11 51.64 -43.26 53.54
N UNK G 12 51.52 -42.15 54.28
CA UNK G 12 52.30 -41.90 55.50
C UNK G 12 51.52 -42.36 56.73
N UNK G 13 52.14 -43.24 57.55
CA UNK G 13 51.56 -43.79 58.77
C UNK G 13 52.62 -44.09 59.82
N UNK G 14 52.27 -43.95 61.11
CA UNK G 14 53.16 -44.20 62.25
C UNK G 14 53.49 -45.70 62.39
N UNK G 15 54.59 -46.02 63.10
CA UNK G 15 55.08 -47.39 63.33
C UNK G 15 54.06 -48.32 64.00
N UNK G 16 53.32 -47.82 65.01
CA UNK G 16 52.30 -48.58 65.73
C UNK G 16 50.91 -48.36 65.13
N UNK G 17 50.71 -48.85 63.89
CA UNK G 17 49.45 -48.71 63.15
C UNK G 17 49.07 -50.00 62.42
N UNK G 18 47.76 -50.20 62.19
CA UNK G 18 47.20 -51.37 61.50
C UNK G 18 47.32 -51.22 59.98
N UNK G 19 47.41 -52.35 59.25
CA UNK G 19 47.49 -52.39 57.79
C UNK G 19 46.16 -51.94 57.16
N UNK G 20 45.04 -52.11 57.90
CA UNK G 20 43.70 -51.69 57.50
C UNK G 20 43.62 -50.16 57.56
N UNK G 21 44.23 -49.55 58.59
CA UNK G 21 44.30 -48.10 58.79
C UNK G 21 45.23 -47.46 57.76
N UNK G 22 46.29 -48.19 57.35
CA UNK G 22 47.26 -47.76 56.34
C UNK G 22 46.62 -47.80 54.95
N UNK G 23 45.70 -48.76 54.72
CA UNK G 23 44.96 -48.90 53.46
C UNK G 23 43.87 -47.82 53.36
N UNK G 24 43.18 -47.53 54.49
CA UNK G 24 42.12 -46.52 54.60
C UNK G 24 42.66 -45.09 54.45
N UNK G 25 43.94 -44.87 54.79
CA UNK G 25 44.62 -43.57 54.70
C UNK G 25 44.80 -43.12 53.24
N UNK G 26 44.95 -44.08 52.31
CA UNK G 26 45.11 -43.86 50.87
C UNK G 26 43.74 -43.84 50.15
N UNK G 27 42.63 -43.91 50.94
CA UNK G 27 41.21 -43.93 50.56
C UNK G 27 40.76 -45.25 49.91
N UNK G 28 40.59 -46.28 50.77
CA UNK G 28 40.14 -47.64 50.40
C UNK G 28 39.17 -48.18 51.45
N UNK G 29 38.55 -49.35 51.18
CA UNK G 29 37.59 -49.99 52.08
C UNK G 29 38.00 -51.40 52.50
N UNK G 30 37.59 -51.81 53.72
CA UNK G 30 37.87 -53.14 54.28
C UNK G 30 36.66 -54.06 54.15
N UNK G 31 36.90 -55.30 53.70
CA UNK G 31 35.86 -56.31 53.51
C UNK G 31 35.58 -57.04 54.82
N UNK G 32 34.33 -56.90 55.34
CA UNK G 32 33.82 -57.45 56.60
C UNK G 32 34.66 -57.04 57.82
N UNK G 33 34.21 -56.00 58.54
CA UNK G 33 34.94 -55.47 59.69
C UNK G 33 34.08 -55.37 60.95
N CYS G 34 34.64 -55.85 62.08
CA CYS G 34 34.01 -55.79 63.40
C CYS G 34 34.13 -54.35 63.90
N TYR G 35 35.40 -53.85 64.00
CA TYR G 35 35.82 -52.50 64.39
C TYR G 35 37.35 -52.44 64.48
N HIS G 36 37.98 -51.61 63.64
CA HIS G 36 39.44 -51.41 63.61
C HIS G 36 39.81 -50.12 64.33
N ASP G 37 38.88 -49.14 64.35
CA ASP G 37 39.05 -47.85 65.02
C ASP G 37 38.27 -47.77 66.33
N LYS G 38 38.84 -47.06 67.33
CA LYS G 38 38.31 -46.81 68.68
C LYS G 38 38.11 -48.05 69.57
N LEU G 39 38.15 -49.27 68.99
CA LEU G 39 37.98 -50.52 69.74
C LEU G 39 39.19 -51.46 69.62
N ALA G 40 39.39 -52.34 70.62
CA ALA G 40 40.49 -53.29 70.68
C ALA G 40 40.50 -54.26 69.50
N ILE G 41 41.57 -54.19 68.68
CA ILE G 41 41.73 -55.01 67.48
C ILE G 41 42.01 -56.48 67.82
N ALA G 42 41.18 -57.37 67.29
CA ALA G 42 41.26 -58.82 67.42
C ALA G 42 40.54 -59.43 66.22
N GLY G 43 41.31 -60.12 65.37
CA GLY G 43 40.80 -60.78 64.17
C GLY G 43 39.80 -61.85 64.53
N ASN G 44 38.52 -61.62 64.19
CA ASN G 44 37.43 -62.54 64.52
C ASN G 44 36.76 -63.08 63.25
N CYS G 45 36.11 -62.19 62.46
CA CYS G 45 35.40 -62.56 61.23
C CYS G 45 36.34 -62.96 60.09
N ARG G 46 37.59 -62.44 60.11
CA ARG G 46 38.66 -62.66 59.12
C ARG G 46 38.26 -62.30 57.68
N VAL G 50 47.48 -58.05 50.47
CA VAL G 50 47.85 -59.32 49.87
C VAL G 50 49.37 -59.46 49.69
N ASP G 51 50.07 -58.35 49.42
CA ASP G 51 51.52 -58.33 49.24
C ASP G 51 52.27 -58.30 50.57
N VAL G 52 53.51 -58.85 50.59
CA VAL G 52 54.37 -58.91 51.78
C VAL G 52 55.70 -58.21 51.54
N GLU G 53 56.23 -57.55 52.60
CA GLU G 53 57.50 -56.81 52.64
C GLU G 53 57.66 -55.80 51.50
N ARG G 54 56.44 -61.65 47.31
CA ARG G 54 55.25 -61.27 48.06
C ARG G 54 54.18 -62.38 47.99
N ALA G 55 54.11 -63.21 49.04
CA ALA G 55 53.15 -64.32 49.14
C ALA G 55 51.75 -63.85 49.48
N PRO G 56 50.74 -64.39 48.76
CA PRO G 56 49.33 -64.05 48.95
C PRO G 56 48.67 -64.97 50.00
N LYS G 57 49.18 -64.88 51.24
CA LYS G 57 48.72 -65.67 52.40
C LYS G 57 47.52 -65.00 53.09
N PRO G 58 46.57 -65.77 53.70
CA PRO G 58 45.43 -65.13 54.37
C PRO G 58 45.79 -64.44 55.69
N VAL G 59 45.81 -63.09 55.67
CA VAL G 59 46.15 -62.24 56.81
C VAL G 59 45.10 -61.13 56.96
N ALA G 60 44.56 -60.96 58.18
CA ALA G 60 43.57 -59.92 58.49
C ALA G 60 44.30 -58.56 58.56
N SER G 61 43.84 -57.59 57.75
CA SER G 61 44.41 -56.24 57.64
C SER G 61 44.41 -55.46 58.95
N CYS G 62 43.41 -55.68 59.81
CA CYS G 62 43.28 -55.01 61.11
C CYS G 62 44.35 -55.53 62.10
N ALA G 63 44.49 -56.86 62.23
CA ALA G 63 45.43 -57.51 63.13
C ALA G 63 46.90 -57.36 62.70
N TYR G 64 47.15 -57.18 61.39
CA TYR G 64 48.50 -57.02 60.84
C TYR G 64 49.14 -55.68 61.21
N PRO G 65 50.41 -55.73 61.64
CA PRO G 65 51.19 -54.55 62.02
C PRO G 65 51.93 -53.98 60.82
N VAL G 66 52.04 -52.63 60.75
CA VAL G 66 52.70 -51.94 59.65
C VAL G 66 54.23 -51.98 59.78
N ALA G 67 54.91 -52.40 58.71
CA ALA G 67 56.36 -52.52 58.62
C ALA G 67 56.91 -51.47 57.62
N PRO G 68 58.15 -50.94 57.80
CA PRO G 68 58.65 -49.93 56.83
C PRO G 68 58.90 -50.48 55.44
N GLY G 69 58.35 -49.79 54.44
CA GLY G 69 58.47 -50.14 53.02
C GLY G 69 57.64 -51.34 52.63
N MET G 70 56.43 -51.47 53.21
CA MET G 70 55.51 -52.59 52.95
C MET G 70 54.46 -52.22 51.88
N VAL G 71 54.11 -53.21 51.04
CA VAL G 71 53.12 -53.08 49.96
C VAL G 71 51.83 -53.81 50.38
N VAL G 72 50.65 -53.18 50.19
CA VAL G 72 49.34 -53.75 50.54
C VAL G 72 48.44 -53.77 49.29
N ARG G 73 48.16 -54.97 48.76
CA ARG G 73 47.30 -55.14 47.58
C ARG G 73 45.85 -55.47 47.97
N THR G 74 44.89 -54.69 47.44
CA THR G 74 43.46 -54.85 47.70
C THR G 74 42.64 -54.93 46.42
N ASP G 75 43.14 -54.34 45.32
CA ASP G 75 42.49 -54.32 44.00
C ASP G 75 42.66 -55.63 43.21
N THR G 76 43.47 -56.58 43.74
CA THR G 76 43.75 -57.88 43.14
C THR G 76 42.50 -58.75 42.96
N GLU G 77 42.45 -59.50 41.85
CA GLU G 77 41.34 -60.39 41.49
C GLU G 77 41.15 -61.54 42.48
N ARG G 78 42.26 -62.06 43.06
CA ARG G 78 42.26 -63.12 44.05
C ARG G 78 41.75 -62.62 45.40
N VAL G 79 42.07 -61.35 45.74
CA VAL G 79 41.65 -60.69 46.98
C VAL G 79 40.15 -60.35 46.94
N LYS G 80 39.64 -59.92 45.78
CA LYS G 80 38.23 -59.57 45.56
C LYS G 80 37.33 -60.81 45.57
N GLN G 81 37.83 -61.94 45.02
CA GLN G 81 37.12 -63.22 44.98
C GLN G 81 37.02 -63.84 46.37
N ALA G 82 38.06 -63.64 47.21
CA ALA G 82 38.11 -64.13 48.59
C ALA G 82 37.24 -63.29 49.52
N ARG G 83 37.10 -61.98 49.22
CA ARG G 83 36.29 -61.02 49.98
C ARG G 83 34.79 -61.37 49.92
N GLU G 84 34.30 -61.70 48.70
CA GLU G 84 32.91 -62.09 48.45
C GLU G 84 32.66 -63.50 49.00
N ASN G 85 33.71 -64.36 48.98
CA ASN G 85 33.70 -65.74 49.46
C ASN G 85 33.49 -65.82 50.98
N VAL G 86 34.20 -64.96 51.75
CA VAL G 86 34.11 -64.89 53.21
C VAL G 86 32.75 -64.29 53.61
N MET G 87 32.29 -63.24 52.89
CA MET G 87 31.01 -62.56 53.12
C MET G 87 29.82 -63.52 52.91
N GLU G 88 29.93 -64.44 51.92
CA GLU G 88 28.91 -65.45 51.61
C GLU G 88 28.85 -66.48 52.75
N MET G 89 30.02 -66.82 53.34
CA MET G 89 30.15 -67.76 54.45
C MET G 89 29.60 -67.16 55.76
N MET G 90 29.70 -65.83 55.91
CA MET G 90 29.23 -65.07 57.08
C MET G 90 27.70 -65.16 57.23
N LEU G 91 26.95 -64.95 56.13
CA LEU G 91 25.49 -64.99 56.11
C LEU G 91 24.90 -66.41 56.00
N GLN G 92 25.77 -67.41 55.71
CA GLN G 92 25.38 -68.82 55.57
C GLN G 92 24.96 -69.44 56.90
N LEU G 96 16.31 -66.80 57.95
CA LEU G 96 15.09 -66.00 57.93
C LEU G 96 15.28 -64.69 58.69
N ASP G 97 15.25 -63.55 57.96
CA ASP G 97 15.44 -62.19 58.51
C ASP G 97 14.86 -61.10 57.58
N CYS G 98 15.28 -59.82 57.79
CA CYS G 98 14.91 -58.60 57.05
C CYS G 98 13.45 -58.17 57.23
N PRO G 99 12.89 -57.45 56.22
CA PRO G 99 11.53 -56.88 56.14
C PRO G 99 11.25 -55.81 57.21
N VAL G 100 10.82 -56.21 58.42
CA VAL G 100 10.51 -55.29 59.53
C VAL G 100 11.76 -54.76 60.22
N CYS G 101 12.84 -55.56 60.25
CA CYS G 101 14.12 -55.23 60.88
C CYS G 101 14.79 -54.00 60.25
N ASP G 102 14.79 -53.92 58.91
CA ASP G 102 15.37 -52.79 58.18
C ASP G 102 14.50 -52.34 57.01
N GLN G 103 13.89 -51.15 57.14
CA GLN G 103 13.07 -50.53 56.11
C GLN G 103 13.88 -49.36 55.53
N GLY G 104 15.08 -49.70 55.03
CA GLY G 104 16.04 -48.78 54.47
C GLY G 104 17.18 -48.45 55.44
N GLY G 105 17.20 -49.16 56.57
CA GLY G 105 18.21 -49.00 57.62
C GLY G 105 19.59 -49.43 57.18
N GLU G 106 20.63 -48.79 57.77
CA GLU G 106 22.04 -49.05 57.47
C GLU G 106 22.43 -50.52 57.69
N CYS G 107 22.81 -51.20 56.60
CA CYS G 107 23.19 -52.61 56.61
C CYS G 107 24.60 -52.84 56.05
N ASP G 108 25.14 -54.06 56.21
CA ASP G 108 26.47 -54.47 55.76
C ASP G 108 26.71 -54.39 54.25
N LEU G 109 25.66 -54.65 53.43
CA LEU G 109 25.75 -54.63 51.97
C LEU G 109 25.29 -53.30 51.35
N GLN G 110 25.80 -52.17 51.88
CA GLN G 110 25.50 -50.81 51.41
C GLN G 110 26.67 -49.84 51.67
N ASP G 111 27.85 -50.16 51.10
CA ASP G 111 29.08 -49.37 51.24
C ASP G 111 29.98 -49.46 49.99
N GLN G 112 30.98 -48.54 49.89
CA GLN G 112 31.97 -48.42 48.82
C GLN G 112 31.34 -48.30 47.41
N SER G 113 31.89 -49.02 46.40
CA SER G 113 31.40 -49.00 45.02
C SER G 113 31.09 -50.41 44.52
N UNK G 114 25.85 -71.46 32.16
CA UNK G 114 26.09 -70.04 32.45
C UNK G 114 25.35 -69.56 33.70
N UNK G 115 24.20 -70.20 34.03
CA UNK G 115 23.38 -69.85 35.19
C UNK G 115 23.94 -70.39 36.50
N UNK G 116 24.44 -69.49 37.36
CA UNK G 116 25.00 -69.83 38.68
C UNK G 116 23.93 -69.61 39.76
N UNK G 117 23.71 -70.64 40.61
CA UNK G 117 22.72 -70.62 41.67
C UNK G 117 23.18 -69.87 42.92
N UNK G 118 22.26 -69.11 43.55
CA UNK G 118 22.52 -68.34 44.77
C UNK G 118 22.23 -69.19 46.01
N UNK G 119 23.27 -69.44 46.83
CA UNK G 119 23.28 -70.23 48.07
C UNK G 119 22.96 -71.73 47.87
N UNK G 120 23.71 -72.58 48.58
CA UNK G 120 23.56 -74.04 48.52
C UNK G 120 22.61 -74.60 49.59
N UNK G 121 22.50 -73.91 50.74
CA UNK G 121 21.66 -74.32 51.88
C UNK G 121 20.16 -74.26 51.57
N UNK G 122 19.51 -75.43 51.64
CA UNK G 122 18.07 -75.61 51.40
C UNK G 122 17.35 -76.10 52.67
N UNK G 123 18.11 -76.57 53.67
CA UNK G 123 17.62 -77.06 54.95
C UNK G 123 17.11 -75.93 55.86
N UNK G 124 16.44 -76.28 56.97
CA UNK G 124 15.88 -75.34 57.95
C UNK G 124 16.96 -74.49 58.62
N UNK G 125 16.69 -73.17 58.74
CA UNK G 125 17.60 -72.19 59.33
C UNK G 125 17.84 -72.42 60.83
N UNK G 126 19.05 -72.04 61.32
CA UNK G 126 19.46 -72.19 62.72
C UNK G 126 18.65 -71.25 63.63
N UNK G 127 17.97 -71.82 64.63
CA UNK G 127 17.14 -71.09 65.58
C UNK G 127 17.83 -70.89 66.93
N UNK G 128 17.72 -69.66 67.46
CA UNK G 128 18.29 -69.25 68.76
C UNK G 128 17.25 -68.49 69.59
N UNK G 129 17.57 -68.18 70.86
CA UNK G 129 16.69 -67.46 71.79
C UNK G 129 16.37 -66.06 71.28
N UNK G 130 15.07 -65.78 71.08
CA UNK G 130 14.55 -64.51 70.58
C UNK G 130 14.02 -63.62 71.69
N UNK G 131 14.12 -62.28 71.48
CA UNK G 131 13.68 -61.20 72.38
C UNK G 131 14.24 -61.31 73.82
N UNK G 132 15.58 -61.42 73.92
CA UNK G 132 16.30 -61.50 75.20
C UNK G 132 16.79 -60.08 75.53
N UNK G 133 15.89 -59.26 76.10
CA UNK G 133 16.13 -57.87 76.45
C UNK G 133 17.22 -57.66 77.49
N UNK G 134 18.15 -56.73 77.20
CA UNK G 134 19.26 -56.39 78.09
C UNK G 134 18.77 -55.33 79.08
N UNK G 135 18.48 -54.11 78.58
CA UNK G 135 17.99 -52.98 79.36
C UNK G 135 16.71 -52.39 78.73
N UNK G 136 16.21 -51.26 79.27
CA UNK G 136 15.01 -50.58 78.78
C UNK G 136 15.22 -49.92 77.40
N UNK G 137 16.49 -49.60 77.06
CA UNK G 137 16.87 -48.96 75.81
C UNK G 137 17.39 -49.94 74.74
N UNK G 138 17.86 -51.14 75.16
CA UNK G 138 18.39 -52.14 74.24
C UNK G 138 17.61 -53.45 74.21
N UNK G 139 17.26 -53.91 73.00
CA UNK G 139 16.53 -55.16 72.76
C UNK G 139 17.25 -55.98 71.68
N UNK G 140 17.47 -57.29 71.96
CA UNK G 140 18.17 -58.20 71.07
C UNK G 140 17.26 -59.12 70.24
N UNK G 141 17.73 -59.49 69.04
CA UNK G 141 17.03 -60.37 68.10
C UNK G 141 17.74 -61.73 68.01
N UNK G 142 17.02 -62.79 67.58
CA UNK G 142 17.54 -64.15 67.45
C UNK G 142 18.66 -64.28 66.41
N UNK G 143 18.48 -63.71 65.21
CA UNK G 143 19.46 -63.76 64.12
C UNK G 143 19.37 -62.51 63.26
N CYS G 144 22.74 -62.59 67.29
CA CYS G 144 24.18 -62.35 67.42
C CYS G 144 24.96 -63.12 66.35
N ILE G 145 25.80 -62.39 65.58
CA ILE G 145 26.63 -62.97 64.51
C ILE G 145 28.09 -63.14 65.01
N HIS G 146 28.28 -63.17 66.35
CA HIS G 146 29.54 -63.38 67.08
C HIS G 146 30.71 -62.49 66.61
N CYS G 147 30.43 -61.22 66.26
CA CYS G 147 31.44 -60.28 65.78
C CYS G 147 32.10 -59.45 66.91
N THR G 148 31.39 -59.33 68.07
CA THR G 148 31.78 -58.59 69.28
C THR G 148 32.00 -57.09 68.99
N ARG G 149 30.89 -56.32 69.03
CA ARG G 149 30.87 -54.87 68.83
C ARG G 149 30.40 -54.20 70.12
N CYS G 150 29.23 -54.63 70.65
CA CYS G 150 28.65 -54.15 71.90
C CYS G 150 29.39 -54.79 73.07
N VAL G 151 29.84 -56.05 72.91
CA VAL G 151 30.60 -56.84 73.89
C VAL G 151 31.98 -56.18 74.08
N ARG G 152 32.63 -55.79 72.95
CA ARG G 152 33.92 -55.12 72.90
C ARG G 152 33.84 -53.73 73.55
N PHE G 153 32.71 -53.02 73.35
CA PHE G 153 32.44 -51.69 73.89
C PHE G 153 32.21 -51.75 75.41
N ALA G 154 31.47 -52.77 75.88
CA ALA G 154 31.14 -52.97 77.30
C ALA G 154 32.36 -53.29 78.17
N ASN G 155 33.37 -53.96 77.60
CA ASN G 155 34.60 -54.33 78.31
C ASN G 155 35.67 -53.23 78.26
N ASP G 156 35.78 -52.51 77.14
CA ASP G 156 36.77 -51.45 76.96
C ASP G 156 36.30 -50.06 77.42
N ILE G 157 35.25 -49.51 76.78
CA ILE G 157 34.73 -48.17 77.08
C ILE G 157 33.94 -48.08 78.39
N ALA G 158 32.87 -48.88 78.53
CA ALA G 158 32.01 -48.89 79.73
C ALA G 158 32.69 -49.52 80.94
N GLY G 159 33.44 -50.61 80.72
CA GLY G 159 34.15 -51.33 81.77
C GLY G 159 33.32 -52.40 82.47
N ALA G 160 32.01 -52.46 82.16
CA ALA G 160 31.09 -53.43 82.75
C ALA G 160 30.93 -54.65 81.83
N UNK G 161 31.68 -55.72 82.15
CA UNK G 161 31.66 -56.97 81.39
C UNK G 161 30.48 -57.85 81.80
N UNK G 162 29.26 -57.43 81.41
CA UNK G 162 28.01 -58.13 81.70
C UNK G 162 27.50 -58.92 80.50
N UNK G 163 27.93 -58.54 79.27
CA UNK G 163 27.54 -59.19 78.03
C UNK G 163 28.71 -59.98 77.41
N UNK G 164 28.49 -61.28 77.16
CA UNK G 164 29.44 -62.24 76.58
C UNK G 164 28.71 -63.50 76.09
N UNK G 165 29.42 -64.36 75.33
CA UNK G 165 28.88 -65.64 74.81
C UNK G 165 28.65 -66.62 75.96
N UNK G 166 27.61 -67.47 75.86
CA UNK G 166 27.27 -68.42 76.93
C UNK G 166 27.69 -69.87 76.62
N UNK G 167 26.87 -70.62 75.86
CA UNK G 167 27.10 -72.03 75.52
C UNK G 167 28.24 -72.25 74.50
N UNK G 168 28.60 -73.52 74.24
CA UNK G 168 29.65 -73.93 73.32
C UNK G 168 29.09 -74.68 72.10
N UNK G 169 29.79 -74.59 70.98
CA UNK G 169 29.42 -75.23 69.72
C UNK G 169 28.33 -74.50 68.98
N UNK G 170 27.30 -75.25 68.54
CA UNK G 170 26.15 -74.72 67.79
C UNK G 170 25.21 -73.90 68.69
N UNK G 171 25.13 -74.26 69.98
CA UNK G 171 24.28 -73.60 70.98
C UNK G 171 24.81 -72.24 71.47
N UNK G 172 26.02 -71.83 71.01
CA UNK G 172 26.68 -70.58 71.38
C UNK G 172 25.86 -69.34 70.99
N UNK G 173 25.50 -68.52 72.01
CA UNK G 173 24.72 -67.29 71.88
C UNK G 173 24.98 -66.35 73.07
N UNK G 174 24.51 -65.09 72.98
CA UNK G 174 24.68 -64.07 74.03
C UNK G 174 23.82 -64.40 75.26
N UNK G 175 24.40 -64.24 76.44
CA UNK G 175 23.75 -64.51 77.72
C UNK G 175 24.08 -63.51 78.80
N UNK G 176 23.10 -62.66 79.16
CA UNK G 176 23.23 -61.65 80.20
C UNK G 176 22.35 -61.97 81.40
N UNK G 177 22.96 -62.00 82.60
CA UNK G 177 22.28 -62.29 83.86
C UNK G 177 21.39 -61.15 84.32
N UNK G 178 20.26 -61.48 84.98
CA UNK G 178 19.30 -60.51 85.48
C UNK G 178 19.65 -59.99 86.88
N UNK G 179 20.49 -58.94 86.92
CA UNK G 179 20.93 -58.27 88.14
C UNK G 179 20.33 -56.85 88.09
N UNK G 180 19.01 -56.76 88.39
CA UNK G 180 18.16 -55.56 88.34
C UNK G 180 18.15 -54.98 86.90
N UNK G 181 18.21 -55.89 85.93
CA UNK G 181 18.29 -55.60 84.50
C UNK G 181 19.73 -55.68 84.04
N UNK G 182 20.14 -54.76 83.15
CA UNK G 182 21.53 -54.70 82.68
C UNK G 182 22.25 -53.59 83.43
N UNK G 183 23.31 -53.94 84.17
CA UNK G 183 24.12 -53.01 84.96
C UNK G 183 24.99 -52.09 84.07
N UNK G 184 25.16 -52.46 82.78
CA UNK G 184 25.94 -51.77 81.76
C UNK G 184 25.77 -50.25 81.75
N UNK G 185 26.90 -49.54 81.70
CA UNK G 185 26.94 -48.08 81.67
C UNK G 185 26.92 -47.49 80.27
N UNK G 186 26.45 -48.29 79.29
CA UNK G 186 26.33 -47.89 77.89
C UNK G 186 24.92 -47.34 77.62
N UNK G 187 24.58 -46.25 78.35
CA UNK G 187 23.28 -45.58 78.26
C UNK G 187 23.15 -44.78 76.96
N UNK G 188 22.48 -45.39 75.98
CA UNK G 188 22.24 -44.81 74.66
C UNK G 188 23.32 -45.05 73.63
N UNK G 189 24.59 -45.17 74.08
CA UNK G 189 25.76 -45.39 73.23
C UNK G 189 25.81 -46.78 72.59
N UNK G 190 25.20 -47.79 73.25
CA UNK G 190 25.15 -49.18 72.78
C UNK G 190 24.31 -49.37 71.52
N UNK G 191 23.21 -48.60 71.37
CA UNK G 191 22.28 -48.66 70.24
C UNK G 191 22.93 -48.27 68.90
N UNK G 192 23.79 -47.24 68.91
CA UNK G 192 24.50 -46.75 67.72
C UNK G 192 25.66 -47.67 67.34
N UNK G 193 26.33 -48.28 68.35
CA UNK G 193 27.46 -49.20 68.18
C UNK G 193 27.02 -50.56 67.62
N CYS G 194 25.88 -51.09 68.14
CA CYS G 194 25.31 -52.39 67.72
C CYS G 194 24.74 -52.31 66.31
N UNK G 195 25.36 -53.04 65.37
CA UNK G 195 24.96 -53.11 63.97
C UNK G 195 24.18 -54.41 63.66
N UNK G 196 23.67 -54.53 62.41
CA UNK G 196 22.89 -55.66 61.90
C UNK G 196 21.65 -55.99 62.75
N UNK G 197 20.82 -54.97 62.97
CA UNK G 197 19.59 -55.06 63.75
C UNK G 197 19.83 -55.17 65.25
N UNK G 198 17.69 -51.39 68.90
CA UNK G 198 17.19 -50.29 69.72
C UNK G 198 15.73 -50.48 70.10
N UNK G 199 15.39 -50.10 71.34
CA UNK G 199 14.03 -50.22 71.90
C UNK G 199 13.27 -48.89 71.89
N UNK G 200 14.00 -47.76 72.03
CA UNK G 200 13.44 -46.41 72.04
C UNK G 200 12.85 -45.99 70.69
N UNK G 201 13.50 -46.41 69.58
CA UNK G 201 13.07 -46.11 68.21
C UNK G 201 12.69 -47.39 67.45
N UNK G 202 12.13 -48.38 68.17
CA UNK G 202 11.71 -49.68 67.63
C UNK G 202 10.58 -49.56 66.61
N UNK G 203 10.75 -50.22 65.45
CA UNK G 203 9.85 -50.27 64.29
C UNK G 203 9.65 -48.93 63.56
N UNK G 204 9.38 -47.84 64.32
CA UNK G 204 9.16 -46.48 63.79
C UNK G 204 10.47 -45.87 63.30
N UNK G 205 13.18 -47.65 58.82
CA UNK G 205 12.64 -46.37 58.38
C UNK G 205 13.70 -45.26 58.33
N UNK G 206 15.00 -45.64 58.50
CA UNK G 206 16.16 -44.74 58.49
C UNK G 206 16.41 -44.01 57.17
N UNK G 207 16.08 -44.64 56.02
CA UNK G 207 16.26 -44.07 54.68
C UNK G 207 15.32 -42.90 54.35
N UNK G 208 14.26 -42.72 55.17
CA UNK G 208 13.26 -41.65 55.01
C UNK G 208 13.53 -40.44 55.93
N UNK G 209 14.30 -40.63 57.01
CA UNK G 209 14.63 -39.59 57.99
C UNK G 209 15.69 -38.61 57.49
N UNK G 210 15.37 -37.30 57.55
CA UNK G 210 16.28 -36.23 57.15
C UNK G 210 17.16 -35.83 58.32
N UNK G 211 18.49 -35.70 58.08
CA UNK G 211 19.47 -35.37 59.11
C UNK G 211 19.63 -33.88 59.39
N UNK G 212 19.83 -33.53 60.68
CA UNK G 212 20.04 -32.17 61.17
C UNK G 212 21.07 -32.22 62.32
N UNK G 213 22.34 -31.88 61.99
CA UNK G 213 23.46 -31.91 62.94
C UNK G 213 23.51 -30.68 63.84
N UNK G 214 23.35 -30.88 65.16
CA UNK G 214 23.38 -29.84 66.18
C UNK G 214 24.26 -30.26 67.36
N UNK G 215 28.85 -30.36 71.97
CA UNK G 215 28.83 -31.79 71.70
C UNK G 215 28.17 -32.10 70.36
N UNK G 216 28.78 -33.05 69.63
CA UNK G 216 28.30 -33.49 68.32
C UNK G 216 27.14 -34.44 68.40
N UNK G 217 25.98 -34.02 67.84
CA UNK G 217 24.74 -34.82 67.81
C UNK G 217 23.98 -34.61 66.50
N UNK G 218 23.40 -35.70 65.97
CA UNK G 218 22.62 -35.68 64.73
C UNK G 218 21.15 -36.00 65.03
N UNK G 219 20.27 -35.01 64.82
CA UNK G 219 18.83 -35.15 65.06
C UNK G 219 18.08 -35.55 63.78
N UNK G 220 17.75 -36.85 63.67
CA UNK G 220 17.02 -37.39 62.52
C UNK G 220 15.54 -37.08 62.66
N UNK G 221 15.03 -36.18 61.79
CA UNK G 221 13.63 -35.75 61.81
C UNK G 221 12.97 -35.87 60.44
N UNK G 222 11.80 -36.54 60.41
CA UNK G 222 11.00 -36.74 59.20
C UNK G 222 9.53 -36.46 59.51
N UNK G 223 8.98 -35.41 58.87
CA UNK G 223 7.60 -34.93 59.01
C UNK G 223 7.21 -34.63 60.47
N UNK G 224 7.87 -33.61 61.06
CA UNK G 224 7.69 -33.09 62.43
C UNK G 224 7.99 -34.09 63.58
N UNK G 225 8.27 -35.37 63.27
CA UNK G 225 8.56 -36.40 64.27
C UNK G 225 10.04 -36.77 64.34
N UNK G 226 10.61 -36.74 65.56
CA UNK G 226 12.01 -37.09 65.84
C UNK G 226 12.12 -38.62 65.92
N UNK G 227 12.70 -39.23 64.88
CA UNK G 227 12.86 -40.69 64.77
C UNK G 227 14.06 -41.21 65.57
N UNK G 228 15.25 -40.60 65.40
CA UNK G 228 16.48 -41.00 66.09
C UNK G 228 17.20 -39.80 66.70
N UNK G 229 24.23 -39.63 66.78
CA UNK G 229 25.46 -39.12 67.36
C UNK G 229 26.49 -38.76 66.28
N UNK G 230 27.04 -37.54 66.35
CA UNK G 230 28.04 -37.02 65.41
C UNK G 230 29.44 -37.00 66.03
N UNK G 231 30.46 -37.33 65.21
CA UNK G 231 31.85 -37.37 65.65
C UNK G 231 32.52 -35.99 65.67
N UNK G 232 33.06 -35.61 66.84
CA UNK G 232 33.75 -34.34 67.08
C UNK G 232 34.82 -34.56 68.18
N UNK G 233 35.90 -35.30 67.81
CA UNK G 233 37.04 -35.72 68.64
C UNK G 233 37.57 -34.68 69.65
N UNK G 234 37.44 -33.37 69.36
CA UNK G 234 37.89 -32.27 70.22
C UNK G 234 37.19 -32.27 71.58
N UNK G 235 35.86 -32.48 71.61
CA UNK G 235 35.06 -32.53 72.83
C UNK G 235 34.39 -33.91 72.97
N UNK G 236 33.20 -34.11 72.34
CA UNK G 236 32.47 -35.38 72.35
C UNK G 236 32.85 -36.18 71.11
N UNK G 237 33.67 -37.23 71.30
CA UNK G 237 34.20 -38.09 70.24
C UNK G 237 33.15 -39.02 69.59
N UNK G 238 33.31 -40.35 69.69
CA UNK G 238 32.40 -41.35 69.11
C UNK G 238 31.30 -41.80 70.08
N UNK G 239 31.43 -41.45 71.37
CA UNK G 239 30.47 -41.80 72.42
C UNK G 239 29.39 -40.73 72.56
N UNK G 240 28.13 -41.17 72.82
CA UNK G 240 26.96 -40.30 72.98
C UNK G 240 26.54 -40.17 74.45
N UNK G 241 25.98 -39.00 74.80
CA UNK G 241 25.51 -38.69 76.16
C UNK G 241 24.12 -39.30 76.40
N UNK G 242 23.86 -39.75 77.65
CA UNK G 242 22.60 -40.38 78.07
C UNK G 242 21.38 -39.47 77.92
N UNK G 243 21.54 -38.15 78.19
CA UNK G 243 20.48 -37.16 78.10
C UNK G 243 20.05 -36.88 76.65
N UNK G 244 21.00 -36.98 75.69
CA UNK G 244 20.76 -36.73 74.26
C UNK G 244 20.19 -37.95 73.53
N UNK G 245 20.77 -39.15 73.76
CA UNK G 245 20.37 -40.39 73.11
C UNK G 245 19.06 -40.97 73.66
N UNK G 246 18.98 -41.20 74.99
CA UNK G 246 17.79 -41.76 75.64
C UNK G 246 16.78 -40.68 75.98
N UNK G 247 10.62 -38.39 74.20
CA UNK G 247 10.10 -37.29 75.03
C UNK G 247 9.90 -36.00 74.23
N UNK G 248 10.84 -35.68 73.33
CA UNK G 248 10.81 -34.47 72.50
C UNK G 248 9.70 -34.51 71.43
N UNK G 249 9.44 -35.71 70.86
CA UNK G 249 8.42 -35.90 69.83
C UNK G 249 7.19 -36.68 70.36
N UNK G 250 6.55 -36.14 71.41
CA UNK G 250 5.36 -36.73 72.03
C UNK G 250 4.39 -35.66 72.56
N UNK G 251 4.64 -35.13 73.78
CA UNK G 251 3.80 -34.10 74.40
C UNK G 251 4.65 -33.01 75.04
N UNK G 252 4.48 -31.77 74.54
CA UNK G 252 5.20 -30.57 75.01
C UNK G 252 4.28 -29.34 75.00
N UNK G 253 4.75 -28.21 75.59
CA UNK G 253 4.00 -26.95 75.65
C UNK G 253 3.85 -26.35 74.25
N UNK G 254 2.59 -26.21 73.79
CA UNK G 254 2.26 -25.70 72.46
C UNK G 254 1.55 -24.34 72.48
N UNK G 255 0.72 -24.09 73.49
CA UNK G 255 -0.05 -22.84 73.63
C UNK G 255 0.43 -21.95 74.79
N UNK G 256 0.36 -20.62 74.60
CA UNK G 256 0.74 -19.64 75.60
C UNK G 256 -0.37 -19.50 76.65
N UNK G 257 0.02 -19.55 77.94
CA UNK G 257 -0.93 -19.47 79.06
C UNK G 257 -0.92 -18.12 79.76
N UNK G 258 -2.10 -17.70 80.25
CA UNK G 258 -2.31 -16.43 80.96
C UNK G 258 -3.20 -16.63 82.19
N UNK G 259 -2.87 -15.93 83.29
CA UNK G 259 -3.61 -16.00 84.56
C UNK G 259 -4.96 -15.29 84.48
N UNK G 260 -5.80 -19.25 87.99
CA UNK G 260 -5.63 -20.40 87.10
C UNK G 260 -5.18 -19.99 85.70
N UNK G 261 -4.34 -20.84 85.07
CA UNK G 261 -3.81 -20.60 83.72
C UNK G 261 -4.76 -21.12 82.63
N UNK G 262 -4.96 -20.30 81.58
CA UNK G 262 -5.84 -20.62 80.45
C UNK G 262 -5.15 -20.32 79.12
N UNK G 263 -5.44 -21.11 78.07
CA UNK G 263 -4.88 -20.97 76.73
C UNK G 263 -5.30 -19.65 76.07
N UNK G 264 -4.31 -18.83 75.68
CA UNK G 264 -4.53 -17.51 75.06
C UNK G 264 -3.52 -17.22 73.94
N UNK G 265 -3.85 -16.26 73.07
CA UNK G 265 -3.01 -15.83 71.94
C UNK G 265 -1.75 -15.08 72.41
N UNK G 266 -0.73 -15.02 71.53
CA UNK G 266 0.57 -14.36 71.79
C UNK G 266 0.41 -12.85 72.03
N UNK G 267 -0.56 -12.20 71.35
CA UNK G 267 -0.85 -10.77 71.49
C UNK G 267 -1.50 -10.46 72.83
N UNK G 268 -2.38 -11.38 73.32
CA UNK G 268 -3.07 -11.25 74.61
C UNK G 268 -2.10 -11.46 75.77
N UNK G 269 -1.11 -12.36 75.59
CA UNK G 269 -0.08 -12.66 76.59
C UNK G 269 0.93 -11.52 76.70
N UNK G 270 1.19 -10.81 75.58
CA UNK G 270 2.11 -9.67 75.51
C UNK G 270 1.54 -8.45 76.25
N UNK G 271 0.21 -8.22 76.13
CA UNK G 271 -0.50 -7.13 76.80
C UNK G 271 -0.58 -7.37 78.30
N UNK G 272 -0.71 -8.66 78.71
CA UNK G 272 -0.76 -9.08 80.11
C UNK G 272 0.61 -8.97 80.77
N UNK G 273 1.70 -9.24 80.01
CA UNK G 273 3.08 -9.14 80.47
C UNK G 273 3.49 -7.68 80.67
N UNK G 274 2.95 -6.78 79.82
CA UNK G 274 3.19 -5.33 79.89
C UNK G 274 2.49 -4.72 81.11
N UNK G 275 1.30 -5.26 81.46
CA UNK G 275 0.50 -4.84 82.61
C UNK G 275 1.10 -5.33 83.93
N UNK G 276 1.74 -6.52 83.91
CA UNK G 276 2.39 -7.13 85.08
C UNK G 276 3.69 -6.40 85.45
N UNK G 277 4.41 -5.88 84.44
CA UNK G 277 5.67 -5.15 84.62
C UNK G 277 5.47 -3.64 84.80
N UNK G 278 4.24 -3.13 84.58
CA UNK G 278 3.87 -1.72 84.71
C UNK G 278 3.90 -1.22 86.15
N UNK G 279 3.34 -2.01 87.11
CA UNK G 279 3.27 -1.68 88.52
C UNK G 279 4.49 -2.17 89.34
N UNK G 280 5.57 -2.59 88.64
CA UNK G 280 6.81 -3.08 89.27
C UNK G 280 7.92 -2.04 89.18
N UNK G 281 8.51 -1.69 90.34
CA UNK G 281 9.59 -0.71 90.45
C UNK G 281 10.95 -1.38 90.28
N UNK G 282 13.51 -2.42 92.08
CA UNK G 282 14.89 -2.73 91.75
C UNK G 282 15.15 -4.24 91.70
N UNK G 283 14.32 -5.04 92.38
CA UNK G 283 14.44 -6.50 92.43
C UNK G 283 13.98 -7.16 91.13
N UNK G 284 14.88 -7.94 90.50
CA UNK G 284 14.64 -8.67 89.26
C UNK G 284 15.46 -9.96 89.24
N UNK G 285 14.77 -11.08 89.00
CA UNK G 285 15.37 -12.41 88.95
C UNK G 285 15.52 -12.96 87.55
N UNK G 286 16.77 -13.33 87.19
CA UNK G 286 17.10 -13.88 85.89
C UNK G 286 17.61 -15.33 86.03
N UNK G 287 16.90 -16.28 85.39
CA UNK G 287 17.24 -17.70 85.43
C UNK G 287 17.16 -18.34 84.06
N UNK G 288 18.14 -19.22 83.74
CA UNK G 288 18.23 -19.94 82.48
C UNK G 288 17.99 -21.45 82.68
N UNK G 289 18.29 -22.28 81.66
CA UNK G 289 18.13 -23.73 81.69
C UNK G 289 19.49 -24.43 81.52
N UNK G 290 19.55 -25.75 81.81
CA UNK G 290 20.75 -26.58 81.72
C UNK G 290 21.40 -26.63 80.32
N UNK G 291 20.57 -26.55 79.27
CA UNK G 291 21.01 -26.57 77.86
C UNK G 291 20.47 -25.39 77.05
N UNK G 292 20.13 -24.27 77.74
CA UNK G 292 19.59 -23.04 77.14
C UNK G 292 20.60 -22.36 76.22
N UNK G 293 20.09 -21.67 75.18
CA UNK G 293 20.89 -20.95 74.18
C UNK G 293 21.64 -19.76 74.78
N UNK G 294 22.86 -19.50 74.28
CA UNK G 294 23.71 -18.38 74.71
C UNK G 294 23.10 -17.04 74.30
N UNK G 295 22.38 -17.02 73.16
CA UNK G 295 21.68 -15.84 72.63
C UNK G 295 20.50 -15.46 73.53
N UNK G 296 19.86 -16.47 74.16
CA UNK G 296 18.73 -16.29 75.08
C UNK G 296 19.21 -15.69 76.40
N UNK G 297 20.38 -16.13 76.89
CA UNK G 297 21.01 -15.63 78.12
C UNK G 297 21.54 -14.22 77.94
N UNK G 298 22.03 -13.89 76.73
CA UNK G 298 22.54 -12.56 76.38
C UNK G 298 21.41 -11.53 76.25
N UNK G 299 20.26 -11.94 75.66
CA UNK G 299 19.08 -11.09 75.49
C UNK G 299 18.40 -10.79 76.81
N UNK G 300 18.41 -11.76 77.75
CA UNK G 300 17.82 -11.63 79.09
C UNK G 300 18.65 -10.68 79.95
N UNK G 301 19.99 -10.69 79.76
CA UNK G 301 20.93 -9.82 80.48
C UNK G 301 20.90 -8.39 79.94
N UNK G 302 20.69 -8.23 78.61
CA UNK G 302 20.63 -6.93 77.93
C UNK G 302 19.32 -6.19 78.26
N UNK G 303 18.20 -6.93 78.40
CA UNK G 303 16.89 -6.38 78.72
C UNK G 303 16.80 -5.91 80.18
N UNK G 304 17.57 -6.55 81.09
CA UNK G 304 17.61 -6.25 82.51
C UNK G 304 18.31 -4.92 82.77
N UNK G 305 18.30 -21.78 87.03
CA UNK G 305 19.64 -22.35 87.07
C UNK G 305 20.63 -21.45 87.83
N UNK G 306 20.27 -21.07 89.08
CA UNK G 306 21.09 -20.22 89.93
C UNK G 306 20.93 -20.59 91.42
N UNK G 307 22.05 -20.90 92.09
CA UNK G 307 22.09 -21.28 93.50
C UNK G 307 23.14 -20.47 94.27
N UNK G 308 24.41 -20.90 94.24
CA UNK G 308 25.52 -20.22 94.92
C UNK G 308 26.61 -19.81 93.93
N UNK G 309 33.17 -17.98 84.06
CA UNK G 309 33.81 -18.08 82.75
C UNK G 309 34.98 -17.10 82.57
N UNK G 310 35.10 -16.10 83.49
CA UNK G 310 36.16 -15.09 83.49
C UNK G 310 37.54 -15.70 83.76
N UNK G 311 37.56 -16.84 84.49
CA UNK G 311 38.78 -17.59 84.83
C UNK G 311 39.05 -18.69 83.80
N UNK G 312 40.34 -19.03 83.59
CA UNK G 312 40.81 -20.04 82.64
C UNK G 312 40.43 -21.48 83.03
N UNK G 313 40.50 -22.41 82.05
CA UNK G 313 40.18 -23.83 82.23
C UNK G 313 41.10 -24.73 81.40
N UNK G 314 41.41 -25.93 81.91
CA UNK G 314 42.25 -26.91 81.21
C UNK G 314 41.42 -27.66 80.19
N UNK G 315 41.85 -27.60 78.91
CA UNK G 315 41.19 -28.21 77.75
C UNK G 315 40.96 -29.73 77.85
N UNK G 316 39.99 -30.25 77.07
CA UNK G 316 39.62 -31.68 77.02
C UNK G 316 40.79 -32.55 76.55
N UNK G 317 41.59 -32.05 75.59
CA UNK G 317 42.78 -32.73 75.07
C UNK G 317 43.94 -32.63 76.07
N UNK G 318 44.00 -31.52 76.83
CA UNK G 318 45.03 -31.26 77.85
C UNK G 318 44.86 -32.20 79.06
N UNK G 319 43.60 -32.58 79.38
CA UNK G 319 43.27 -33.50 80.47
C UNK G 319 43.68 -34.93 80.14
N UNK G 320 43.66 -35.29 78.84
CA UNK G 320 44.06 -36.61 78.34
C UNK G 320 45.59 -36.79 78.39
N UNK G 321 46.34 -35.67 78.25
CA UNK G 321 47.80 -35.65 78.28
C UNK G 321 48.35 -35.14 79.63
N UNK G 322 47.44 -34.87 80.60
CA UNK G 322 47.76 -34.37 81.94
C UNK G 322 48.55 -35.38 82.77
N UNK G 323 49.50 -34.88 83.59
CA UNK G 323 50.35 -35.68 84.48
C UNK G 323 49.53 -36.23 85.65
N UNK G 324 48.60 -35.42 86.18
CA UNK G 324 47.71 -35.78 87.30
C UNK G 324 46.37 -35.06 87.18
N UNK G 325 45.29 -35.69 87.71
CA UNK G 325 43.95 -35.12 87.68
C UNK G 325 43.26 -35.17 89.05
N UNK G 326 43.36 -34.08 89.81
CA UNK G 326 42.75 -33.95 91.13
C UNK G 326 41.27 -33.60 90.92
N UNK G 327 40.37 -34.48 91.38
CA UNK G 327 38.93 -34.29 91.18
C UNK G 327 38.12 -34.23 92.46
N UNK G 328 37.20 -33.24 92.51
CA UNK G 328 36.26 -33.01 93.59
C UNK G 328 34.86 -33.21 93.00
N UNK G 329 34.04 -34.07 93.64
CA UNK G 329 32.68 -34.48 93.22
C UNK G 329 32.70 -35.37 91.96
N UNK G 330 31.55 -35.98 91.61
CA UNK G 330 31.43 -36.87 90.46
C UNK G 330 31.21 -36.14 89.12
N UNK G 331 32.05 -36.47 88.14
CA UNK G 331 32.00 -35.92 86.78
C UNK G 331 31.06 -36.74 85.90
N UNK G 332 30.97 -38.06 86.15
CA UNK G 332 30.12 -39.02 85.42
C UNK G 332 28.62 -38.76 85.61
N UNK G 333 28.24 -38.09 86.72
CA UNK G 333 26.84 -37.75 87.04
C UNK G 333 26.48 -36.32 86.63
N UNK G 334 27.40 -35.36 86.81
CA UNK G 334 27.20 -33.94 86.46
C UNK G 334 27.21 -33.73 84.94
N UNK G 335 28.25 -34.25 84.26
CA UNK G 335 28.42 -34.16 82.81
C UNK G 335 28.92 -35.52 82.28
N UNK G 336 27.96 -36.45 82.07
CA UNK G 336 28.16 -37.83 81.63
C UNK G 336 29.09 -38.03 80.42
N UNK G 337 29.03 -37.12 79.43
CA UNK G 337 29.84 -37.18 78.20
C UNK G 337 31.34 -36.98 78.44
N UNK G 338 31.73 -36.23 79.48
CA UNK G 338 33.13 -35.93 79.83
C UNK G 338 33.93 -37.14 80.33
N UNK G 339 33.25 -38.14 80.92
CA UNK G 339 33.87 -39.36 81.43
C UNK G 339 34.36 -40.27 80.32
N UNK G 340 36.75 -42.90 80.65
CA UNK G 340 37.78 -42.81 81.69
C UNK G 340 38.84 -43.91 81.56
N UNK G 341 38.47 -45.07 80.99
CA UNK G 341 39.36 -46.22 80.78
C UNK G 341 40.47 -45.91 79.78
N UNK G 342 40.17 -45.08 78.77
CA UNK G 342 41.13 -44.65 77.74
C UNK G 342 42.07 -43.59 78.32
N UNK G 343 41.59 -42.78 79.28
CA UNK G 343 42.34 -41.73 79.95
C UNK G 343 43.40 -42.30 80.90
N UNK G 344 43.09 -43.45 81.56
CA UNK G 344 43.99 -44.15 82.49
C UNK G 344 45.21 -44.72 81.76
N UNK G 345 45.03 -45.17 80.51
CA UNK G 345 46.10 -45.71 79.66
C UNK G 345 46.99 -44.58 79.13
N UNK G 346 46.42 -43.36 78.98
CA UNK G 346 47.05 -42.12 78.51
C UNK G 346 47.78 -42.27 77.16
N UNK G 347 47.01 -42.60 76.10
CA UNK G 347 47.50 -42.80 74.73
C UNK G 347 46.46 -42.37 73.70
N UNK G 348 46.91 -42.03 72.46
CA UNK G 348 46.04 -41.59 71.37
C UNK G 348 46.53 -41.98 69.97
N UNK G 349 45.57 -42.19 69.04
CA UNK G 349 45.72 -42.53 67.61
C UNK G 349 46.48 -43.83 67.30
N UNK G 350 46.61 -44.76 68.28
CA UNK G 350 47.28 -46.03 68.07
C UNK G 350 46.27 -47.19 67.96
N UNK G 351 46.00 -47.64 66.72
CA UNK G 351 45.05 -48.72 66.43
C UNK G 351 45.58 -50.10 66.82
N UNK G 352 46.83 -50.43 66.40
CA UNK G 352 47.49 -51.72 66.68
C UNK G 352 47.72 -51.97 68.18
N UNK G 353 47.98 -50.90 68.94
CA UNK G 353 48.20 -50.98 70.40
C UNK G 353 46.89 -51.22 71.15
N UNK G 354 45.76 -50.72 70.61
CA UNK G 354 44.43 -50.87 71.19
C UNK G 354 43.90 -52.29 71.02
N UNK G 355 42.25 -55.44 79.78
CA UNK G 355 41.82 -54.17 79.21
C UNK G 355 42.66 -53.01 79.74
N UNK G 356 42.96 -52.03 78.85
CA UNK G 356 43.77 -50.82 79.10
C UNK G 356 45.11 -51.14 79.79
N UNK G 357 45.96 -51.93 79.09
CA UNK G 357 47.28 -52.40 79.53
C UNK G 357 48.15 -51.33 80.18
N UNK G 358 48.85 -51.71 81.28
CA UNK G 358 49.72 -50.86 82.11
C UNK G 358 48.96 -49.64 82.68
N UNK G 359 47.74 -49.90 83.21
CA UNK G 359 46.83 -48.90 83.79
C UNK G 359 47.43 -48.22 85.01
N UNK G 360 47.44 -46.88 85.01
CA UNK G 360 47.98 -46.06 86.09
C UNK G 360 46.89 -45.59 87.04
N UNK G 361 47.03 -45.92 88.33
CA UNK G 361 46.10 -45.54 89.40
C UNK G 361 46.45 -44.18 89.99
N UNK G 362 47.73 -43.78 89.91
CA UNK G 362 48.25 -42.51 90.41
C UNK G 362 47.92 -41.33 89.48
N UNK G 363 47.45 -41.62 88.26
CA UNK G 363 47.09 -40.64 87.23
C UNK G 363 45.91 -39.73 87.61
N UNK G 364 44.97 -40.23 88.44
CA UNK G 364 43.80 -39.47 88.88
C UNK G 364 43.44 -39.71 90.34
N UNK G 365 43.05 -38.63 91.04
CA UNK G 365 42.64 -38.65 92.45
C UNK G 365 41.20 -38.13 92.60
N UNK G 366 40.41 -38.78 93.46
CA UNK G 366 39.00 -38.43 93.70
C UNK G 366 38.77 -37.95 95.13
N UNK G 367 33.03 -42.85 100.77
CA UNK G 367 32.21 -43.44 99.71
C UNK G 367 31.95 -42.46 98.57
N UNK G 368 31.97 -42.96 97.32
CA UNK G 368 31.74 -42.17 96.10
C UNK G 368 30.60 -42.73 95.25
N UNK G 369 30.29 -42.06 94.12
CA UNK G 369 29.23 -42.44 93.17
C UNK G 369 29.50 -43.78 92.48
N UNK G 370 30.79 -44.08 92.21
CA UNK G 370 31.22 -45.32 91.57
C UNK G 370 32.20 -46.09 92.45
N UNK G 371 40.24 -48.10 90.68
CA UNK G 371 40.71 -47.27 89.57
C UNK G 371 41.60 -46.11 90.06
N UNK G 372 41.16 -45.42 91.13
CA UNK G 372 41.90 -44.29 91.72
C UNK G 372 42.62 -44.72 93.00
N UNK G 373 43.93 -44.40 93.09
CA UNK G 373 44.79 -44.70 94.25
C UNK G 373 44.34 -43.90 95.48
N UNK G 374 43.98 -42.62 95.27
CA UNK G 374 43.48 -41.72 96.31
C UNK G 374 42.00 -41.42 96.00
N UNK G 375 41.10 -42.08 96.75
CA UNK G 375 39.64 -41.95 96.56
C UNK G 375 38.89 -41.84 97.89
N UNK G 376 37.57 -41.52 97.82
CA UNK G 376 36.63 -41.35 98.93
C UNK G 376 37.09 -40.33 99.98
N UNK G 377 35.42 -37.75 102.17
CA UNK G 377 34.91 -36.72 103.09
C UNK G 377 33.39 -36.79 103.24
N UNK G 378 32.90 -36.55 104.47
CA UNK G 378 31.47 -36.57 104.81
C UNK G 378 30.81 -35.20 104.54
N UNK G 379 29.52 -35.05 104.94
CA UNK G 379 28.74 -33.82 104.77
C UNK G 379 29.30 -32.67 105.61
N UNK G 380 29.39 -31.47 105.00
CA UNK G 380 29.92 -30.21 105.58
C UNK G 380 31.38 -30.29 106.06
N UNK G 381 32.10 -31.37 105.65
CA UNK G 381 33.50 -31.62 106.00
C UNK G 381 34.45 -31.36 104.81
N UNK G 382 33.90 -30.74 103.73
CA UNK G 382 34.64 -30.40 102.50
C UNK G 382 35.73 -29.36 102.72
N UNK G 383 35.51 -28.43 103.68
CA UNK G 383 36.45 -27.36 104.04
C UNK G 383 37.73 -27.93 104.67
N UNK G 384 37.60 -29.02 105.45
CA UNK G 384 38.72 -29.70 106.11
C UNK G 384 39.52 -30.53 105.09
N UNK G 385 38.83 -31.13 104.09
CA UNK G 385 39.43 -31.94 103.03
C UNK G 385 40.19 -31.07 102.02
N UNK G 386 39.69 -29.85 101.75
CA UNK G 386 40.31 -28.89 100.83
C UNK G 386 41.56 -28.25 101.44
N UNK G 387 41.55 -28.00 102.76
CA UNK G 387 42.67 -27.41 103.50
C UNK G 387 43.85 -28.38 103.60
N UNK G 388 43.56 -29.69 103.73
CA UNK G 388 44.56 -30.76 103.82
C UNK G 388 45.19 -31.05 102.45
N UNK G 389 44.45 -30.78 101.35
CA UNK G 389 44.90 -30.99 99.98
C UNK G 389 45.60 -29.75 99.44
N UNK G 390 43.57 -35.80 106.25
CA UNK G 390 43.52 -37.25 106.00
C UNK G 390 44.76 -37.75 105.24
N UNK G 391 45.06 -39.06 105.36
CA UNK G 391 46.20 -39.72 104.71
C UNK G 391 46.10 -39.68 103.17
N UNK G 392 44.87 -39.77 102.63
CA UNK G 392 44.59 -39.72 101.19
C UNK G 392 44.74 -38.29 100.66
N UNK G 393 44.30 -37.28 101.45
CA UNK G 393 44.36 -35.86 101.11
C UNK G 393 45.81 -35.34 101.14
N UNK G 394 46.63 -35.83 102.09
CA UNK G 394 48.04 -35.47 102.23
C UNK G 394 48.86 -36.03 101.07
N UNK G 395 48.50 -37.26 100.61
CA UNK G 395 49.15 -37.93 99.49
C UNK G 395 48.77 -37.26 98.17
N UNK G 396 47.53 -36.73 98.08
CA UNK G 396 47.01 -36.01 96.91
C UNK G 396 47.69 -34.65 96.78
N UNK G 397 48.01 -34.01 97.92
CA UNK G 397 48.70 -32.71 97.98
C UNK G 397 50.17 -32.88 97.55
N UNK G 398 50.76 -34.05 97.88
CA UNK G 398 52.14 -34.40 97.51
C UNK G 398 52.23 -34.76 96.03
N UNK G 399 51.18 -35.41 95.48
CA UNK G 399 51.11 -35.81 94.08
C UNK G 399 50.88 -34.60 93.16
N UNK G 400 50.13 -33.59 93.65
CA UNK G 400 49.83 -32.35 92.92
C UNK G 400 51.09 -31.48 92.77
N UNK G 401 51.99 -31.52 93.76
CA UNK G 401 53.25 -30.77 93.77
C UNK G 401 54.26 -31.40 92.80
N UNK G 402 54.29 -32.75 92.73
CA UNK G 402 55.17 -33.52 91.85
C UNK G 402 54.76 -33.42 90.38
N UNK G 403 53.45 -33.22 90.12
CA UNK G 403 52.88 -33.09 88.77
C UNK G 403 53.28 -31.79 88.10
N UNK G 404 53.61 -31.85 86.79
CA UNK G 404 54.03 -30.71 85.98
C UNK G 404 52.88 -30.06 85.22
N UNK G 405 52.03 -30.87 84.54
CA UNK G 405 50.88 -30.39 83.77
C UNK G 405 49.56 -30.94 84.34
N UNK G 406 49.31 -30.65 85.63
CA UNK G 406 48.13 -31.10 86.37
C UNK G 406 46.84 -30.32 86.02
N UNK G 407 45.68 -30.85 86.42
CA UNK G 407 44.36 -30.27 86.21
C UNK G 407 43.49 -30.52 87.45
N UNK G 408 43.00 -29.43 88.09
CA UNK G 408 42.16 -29.50 89.29
C UNK G 408 40.69 -29.29 88.96
N UNK G 409 39.92 -30.40 88.92
CA UNK G 409 38.49 -30.40 88.60
C UNK G 409 37.59 -30.16 89.82
N UNK G 410 36.53 -29.36 89.60
CA UNK G 410 35.51 -29.02 90.60
C UNK G 410 34.14 -29.05 89.89
N UNK G 411 33.19 -29.82 90.45
CA UNK G 411 31.86 -29.99 89.85
C UNK G 411 30.72 -29.32 90.63
N UNK G 412 29.60 -30.05 90.88
CA UNK G 412 28.39 -29.57 91.53
C UNK G 412 28.56 -29.21 93.01
N UNK G 413 29.14 -30.14 93.83
CA UNK G 413 29.34 -29.97 95.27
C UNK G 413 30.21 -28.77 95.65
N UNK G 414 31.26 -28.49 94.86
CA UNK G 414 32.17 -27.36 95.09
C UNK G 414 31.55 -26.01 94.74
N UNK G 415 30.73 -25.97 93.67
CA UNK G 415 30.06 -24.75 93.20
C UNK G 415 28.83 -24.37 94.03
N UNK G 416 28.04 -25.36 94.49
CA UNK G 416 26.85 -25.16 95.30
C UNK G 416 27.12 -24.71 96.74
N UNK G 417 28.36 -24.93 97.24
CA UNK G 417 28.77 -24.54 98.59
C UNK G 417 29.79 -23.40 98.54
N UNK G 418 29.46 -22.28 99.22
CA UNK G 418 30.32 -21.09 99.26
C UNK G 418 31.43 -21.26 100.29
N UNK G 419 37.91 -21.29 97.66
CA UNK G 419 39.06 -20.43 97.94
C UNK G 419 40.33 -21.23 98.16
N UNK G 420 40.26 -22.34 98.92
CA UNK G 420 41.39 -23.22 99.22
C UNK G 420 41.86 -23.98 97.97
N UNK G 421 40.91 -24.32 97.07
CA UNK G 421 41.18 -25.03 95.81
C UNK G 421 41.88 -24.10 94.82
N UNK G 422 41.52 -22.80 94.82
CA UNK G 422 42.09 -21.76 93.96
C UNK G 422 43.52 -21.41 94.39
N UNK G 423 43.83 -21.57 95.69
CA UNK G 423 45.15 -21.30 96.27
C UNK G 423 46.20 -22.31 95.80
N UNK G 424 45.80 -23.60 95.68
CA UNK G 424 46.66 -24.69 95.21
C UNK G 424 46.88 -24.61 93.69
N UNK G 425 45.86 -24.12 92.95
CA UNK G 425 45.90 -23.95 91.49
C UNK G 425 46.75 -22.75 91.08
N UNK G 426 46.97 -21.78 92.00
CA UNK G 426 47.76 -20.57 91.78
C UNK G 426 49.25 -20.78 92.08
N UNK G 427 49.57 -21.65 93.06
CA UNK G 427 50.95 -21.98 93.48
C UNK G 427 51.70 -22.71 92.36
N UNK G 428 51.12 -23.83 91.87
CA UNK G 428 51.68 -24.62 90.78
C UNK G 428 50.84 -24.37 89.52
N UNK G 429 51.50 -24.05 88.39
CA UNK G 429 50.87 -23.74 87.11
C UNK G 429 49.90 -24.83 86.61
N UNK G 430 48.61 -24.70 86.98
CA UNK G 430 47.53 -25.62 86.63
C UNK G 430 46.19 -24.89 86.56
N UNK G 431 45.36 -25.26 85.57
CA UNK G 431 44.03 -24.68 85.34
C UNK G 431 42.90 -25.55 85.94
N UNK G 432 41.74 -24.93 86.21
CA UNK G 432 40.58 -25.61 86.81
C UNK G 432 39.47 -25.94 85.80
N UNK G 433 39.08 -27.22 85.73
CA UNK G 433 38.03 -27.72 84.83
C UNK G 433 36.68 -27.80 85.52
N UNK G 434 26.06 -25.38 79.05
CA UNK G 434 25.54 -24.08 78.67
C UNK G 434 25.70 -23.03 79.79
N UNK G 435 26.04 -23.48 81.02
CA UNK G 435 26.24 -22.63 82.20
C UNK G 435 27.43 -21.68 82.05
N UNK G 436 28.47 -22.10 81.32
CA UNK G 436 29.69 -21.30 81.06
C UNK G 436 29.37 -20.12 80.12
N UNK G 437 28.50 -20.34 79.12
CA UNK G 437 28.08 -19.31 78.16
C UNK G 437 27.24 -18.22 78.83
N UNK G 438 26.42 -18.62 79.83
CA UNK G 438 25.57 -17.71 80.61
C UNK G 438 26.43 -16.89 81.58
N UNK G 439 27.48 -17.51 82.14
CA UNK G 439 28.44 -16.87 83.05
C UNK G 439 29.30 -15.85 82.32
N UNK G 440 29.63 -16.12 81.04
CA UNK G 440 30.42 -15.24 80.17
C UNK G 440 29.61 -14.01 79.77
N UNK G 441 28.27 -14.17 79.67
CA UNK G 441 27.32 -13.10 79.32
C UNK G 441 26.92 -12.28 80.57
N UNK G 442 27.57 -12.56 81.73
CA UNK G 442 27.39 -11.92 83.04
C UNK G 442 25.95 -12.02 83.58
N UNK G 443 25.39 -13.25 83.57
CA UNK G 443 24.04 -13.52 84.06
C UNK G 443 24.12 -14.22 85.44
N UNK G 444 24.25 -13.40 86.50
CA UNK G 444 24.36 -13.84 87.90
C UNK G 444 23.80 -12.79 88.85
N UNK G 445 23.49 -13.19 90.11
CA UNK G 445 22.97 -12.32 91.15
C UNK G 445 24.03 -11.33 91.63
N UNK G 446 23.65 -10.05 91.78
CA UNK G 446 24.56 -8.98 92.19
C UNK G 446 24.36 -8.52 93.64
N UNK G 447 24.15 -7.20 93.86
CA UNK G 447 23.99 -6.57 95.18
C UNK G 447 22.62 -6.78 95.84
N UNK G 448 21.58 -7.09 95.05
CA UNK G 448 20.20 -7.31 95.53
C UNK G 448 20.11 -8.42 96.59
N UNK G 449 20.42 -9.68 96.19
CA UNK G 449 20.44 -10.90 97.01
C UNK G 449 20.89 -12.08 96.15
N UNK G 450 11.92 -15.60 95.97
CA UNK G 450 12.71 -14.64 96.73
C UNK G 450 12.61 -13.23 96.13
N UNK G 451 12.65 -13.11 94.79
CA UNK G 451 12.58 -11.85 94.06
C UNK G 451 11.13 -11.41 93.81
N UNK G 452 10.91 -10.09 93.65
CA UNK G 452 9.59 -9.50 93.40
C UNK G 452 9.10 -9.84 91.97
N UNK G 453 9.99 -9.69 90.97
CA UNK G 453 9.74 -10.01 89.56
C UNK G 453 10.80 -11.01 89.10
N UNK G 454 10.38 -12.15 88.52
CA UNK G 454 11.32 -13.18 88.09
C UNK G 454 11.04 -13.78 86.71
N UNK G 455 12.11 -14.24 86.04
CA UNK G 455 12.08 -14.88 84.73
C UNK G 455 12.82 -16.22 84.80
N UNK G 456 12.08 -17.33 84.60
CA UNK G 456 12.62 -18.69 84.67
C UNK G 456 12.59 -19.41 83.33
N UNK G 457 13.61 -20.25 83.06
CA UNK G 457 13.74 -21.01 81.82
C UNK G 457 14.22 -22.44 82.12
N UNK G 458 18.98 -24.28 89.80
CA UNK G 458 18.24 -24.57 91.02
C UNK G 458 16.77 -24.15 90.93
N UNK G 459 15.86 -25.06 91.29
CA UNK G 459 14.42 -24.83 91.29
C UNK G 459 13.96 -24.43 92.68
N UNK G 460 13.31 -23.25 92.80
CA UNK G 460 12.83 -22.71 94.07
C UNK G 460 11.33 -22.97 94.28
N UNK G 461 11.00 -24.11 94.92
CA UNK G 461 9.63 -24.50 95.23
C UNK G 461 9.10 -23.69 96.41
N UNK G 462 7.82 -23.28 96.34
CA UNK G 462 7.08 -22.45 97.31
C UNK G 462 7.58 -20.99 97.43
N UNK G 463 8.76 -20.69 96.84
CA UNK G 463 9.36 -19.35 96.83
C UNK G 463 8.78 -18.49 95.71
N UNK G 464 8.34 -19.14 94.61
CA UNK G 464 7.73 -18.48 93.44
C UNK G 464 6.36 -17.89 93.77
N UNK G 465 5.60 -18.53 94.69
CA UNK G 465 4.29 -18.07 95.14
C UNK G 465 4.44 -16.82 96.01
N UNK G 466 3.52 -15.84 95.81
CA UNK G 466 3.39 -14.51 96.45
C UNK G 466 4.16 -13.38 95.70
N UNK G 467 4.90 -13.73 94.63
CA UNK G 467 5.66 -12.77 93.81
C UNK G 467 4.71 -11.93 92.94
N UNK G 468 5.14 -10.68 92.60
CA UNK G 468 4.36 -9.73 91.80
C UNK G 468 4.15 -10.18 90.34
N UNK G 469 5.23 -10.55 89.63
CA UNK G 469 5.16 -11.00 88.23
C UNK G 469 6.15 -12.13 87.96
N UNK G 470 5.63 -13.32 87.64
CA UNK G 470 6.43 -14.51 87.35
C UNK G 470 6.19 -14.99 85.91
N UNK G 471 7.23 -14.93 85.07
CA UNK G 471 7.19 -15.35 83.67
C UNK G 471 8.08 -16.57 83.45
N UNK G 472 7.53 -17.61 82.80
CA UNK G 472 8.27 -18.84 82.52
C UNK G 472 8.28 -19.21 81.04
N UNK G 473 9.47 -19.54 80.52
CA UNK G 473 9.69 -19.94 79.13
C UNK G 473 9.99 -21.44 79.07
N UNK G 474 8.93 -22.26 79.16
CA UNK G 474 9.00 -23.72 79.15
C UNK G 474 9.08 -24.32 77.75
N UNK G 475 9.74 -25.49 77.63
CA UNK G 475 9.91 -26.22 76.38
C UNK G 475 9.06 -27.49 76.36
N UNK G 476 2.62 -16.51 86.49
CA UNK G 476 1.61 -15.59 86.00
C UNK G 476 1.42 -15.69 84.47
N UNK G 477 2.54 -15.80 83.72
CA UNK G 477 2.53 -15.91 82.26
C UNK G 477 3.48 -17.02 81.78
N UNK G 478 3.00 -17.87 80.86
CA UNK G 478 3.79 -18.98 80.30
C UNK G 478 3.96 -18.81 78.80
N UNK G 479 5.22 -18.97 78.33
CA UNK G 479 5.58 -18.85 76.92
C UNK G 479 6.20 -20.15 76.40
N UNK G 480 5.74 -20.61 75.22
CA UNK G 480 6.23 -21.84 74.59
C UNK G 480 7.59 -21.58 73.93
N UNK G 481 8.56 -22.49 74.17
CA UNK G 481 9.92 -22.40 73.65
C UNK G 481 10.35 -23.69 72.95
N UNK G 482 11.22 -23.57 71.94
CA UNK G 482 11.75 -24.71 71.18
C UNK G 482 12.90 -25.38 71.92
N UNK G 483 12.96 -26.72 71.86
CA UNK G 483 13.99 -27.54 72.51
C UNK G 483 15.37 -27.34 71.88
N UNK G 484 16.44 -27.69 72.63
CA UNK G 484 17.85 -27.58 72.22
C UNK G 484 18.16 -28.23 70.86
N UNK G 485 17.50 -29.36 70.54
CA UNK G 485 17.65 -30.08 69.29
C UNK G 485 17.09 -29.30 68.09
N UNK G 486 16.01 -28.51 68.32
CA UNK G 486 15.34 -27.69 67.30
C UNK G 486 15.71 -26.20 67.38
N UNK G 487 16.60 -25.83 68.34
CA UNK G 487 17.06 -24.44 68.56
C UNK G 487 18.18 -24.05 67.59
N UNK G 488 18.28 -22.75 67.27
CA UNK G 488 19.30 -22.21 66.36
C UNK G 488 20.07 -21.02 66.95
N UNK G 489 21.09 -21.33 67.77
CA UNK G 489 21.99 -20.37 68.44
C UNK G 489 23.29 -21.07 68.91
N UNK G 490 23.96 -20.52 69.95
CA UNK G 490 25.19 -21.08 70.51
C UNK G 490 24.93 -21.87 71.78
N UNK G 491 25.57 -23.06 71.91
CA UNK G 491 25.43 -23.95 73.06
C UNK G 491 26.76 -24.66 73.37
N UNK G 492 32.51 -25.64 75.79
CA UNK G 492 32.92 -25.43 74.40
C UNK G 492 31.71 -25.19 73.49
N UNK G 493 31.84 -24.24 72.55
CA UNK G 493 30.79 -23.90 71.59
C UNK G 493 30.83 -24.83 70.38
N UNK G 494 29.68 -25.44 70.05
CA UNK G 494 29.53 -26.36 68.92
C UNK G 494 28.51 -25.87 67.88
N UNK G 495 27.71 -24.84 68.24
CA UNK G 495 26.65 -24.19 67.44
C UNK G 495 25.48 -25.11 67.10
N UNK G 496 24.27 -24.73 67.57
CA UNK G 496 23.05 -25.49 67.36
C UNK G 496 22.34 -25.12 66.06
N UNK G 497 21.88 -26.14 65.32
CA UNK G 497 21.15 -25.98 64.06
C UNK G 497 19.70 -26.44 64.24
N UNK G 498 18.75 -25.63 63.77
CA UNK G 498 17.31 -25.90 63.88
C UNK G 498 16.84 -27.12 63.11
N UNK G 499 16.31 -28.11 63.83
CA UNK G 499 15.78 -29.36 63.26
C UNK G 499 14.30 -29.17 62.93
N UNK G 500 13.79 -29.94 61.94
CA UNK G 500 12.40 -29.87 61.50
C UNK G 500 11.43 -30.58 62.48
N UNK G 501 11.49 -30.19 63.76
CA UNK G 501 10.66 -30.74 64.84
C UNK G 501 9.45 -29.85 65.12
N UNK G 502 8.33 -30.46 65.52
CA UNK G 502 7.08 -29.75 65.82
C UNK G 502 7.14 -28.92 67.10
N UNK G 503 7.39 -27.61 66.95
CA UNK G 503 7.44 -26.65 68.04
C UNK G 503 6.06 -25.98 68.21
N UNK G 504 5.20 -26.13 67.18
CA UNK G 504 3.83 -25.59 67.05
C UNK G 504 3.80 -24.05 67.01
N UNK G 505 3.63 -23.37 68.16
CA UNK G 505 3.59 -21.91 68.24
C UNK G 505 4.78 -21.34 69.03
N UNK G 506 5.75 -22.22 69.39
CA UNK G 506 6.94 -21.88 70.16
C UNK G 506 7.94 -20.99 69.44
N UNK G 507 8.63 -20.15 70.22
CA UNK G 507 9.68 -19.22 69.79
C UNK G 507 10.69 -19.09 70.93
N UNK G 508 11.97 -18.94 70.58
CA UNK G 508 13.09 -18.81 71.54
C UNK G 508 12.91 -17.61 72.48
N UNK G 509 13.38 -17.75 73.74
CA UNK G 509 13.31 -16.73 74.80
C UNK G 509 13.96 -15.40 74.40
N UNK G 510 14.97 -15.44 73.50
CA UNK G 510 15.67 -14.26 72.99
C UNK G 510 14.75 -13.38 72.13
N UNK G 511 13.96 -14.01 71.24
CA UNK G 511 13.01 -13.33 70.36
C UNK G 511 11.76 -12.90 71.13
N UNK G 512 11.38 -13.66 72.17
CA UNK G 512 10.21 -13.40 73.01
C UNK G 512 10.41 -12.16 73.90
N UNK G 513 11.61 -12.02 74.51
CA UNK G 513 11.96 -10.89 75.37
C UNK G 513 12.16 -9.60 74.57
N UNK G 514 12.63 -9.73 73.32
CA UNK G 514 12.85 -8.61 72.39
C UNK G 514 11.53 -7.97 71.97
N UNK G 515 10.46 -8.78 71.86
CA UNK G 515 9.11 -8.34 71.49
C UNK G 515 8.33 -7.83 72.71
N UNK G 516 8.64 -8.38 73.91
CA UNK G 516 8.02 -8.02 75.18
C UNK G 516 8.43 -6.61 75.63
N UNK G 517 9.67 -6.19 75.28
CA UNK G 517 10.22 -4.87 75.60
C UNK G 517 9.57 -3.76 74.78
N UNK G 518 9.09 -4.08 73.56
CA UNK G 518 8.42 -3.14 72.64
C UNK G 518 7.14 -2.54 73.23
N UNK G 519 6.41 -3.33 74.05
CA UNK G 519 5.18 -2.90 74.73
C UNK G 519 5.51 -2.02 75.95
N UNK G 520 6.76 -2.11 76.45
CA UNK G 520 7.28 -1.35 77.59
C UNK G 520 7.97 -0.04 77.18
N UNK G 521 8.19 0.16 75.84
CA UNK G 521 8.80 1.29 75.13
C UNK G 521 10.30 1.11 74.79
N UNK G 522 11.06 0.37 75.62
CA UNK G 522 12.49 0.13 75.39
C UNK G 522 12.78 -0.82 74.23
N UNK G 523 13.85 -0.55 73.47
CA UNK G 523 14.28 -1.37 72.33
C UNK G 523 15.50 -2.21 72.72
N UNK G 524 15.36 -3.56 72.67
CA UNK G 524 16.41 -4.50 73.05
C UNK G 524 17.49 -4.69 71.97
N UNK G 525 17.22 -5.52 70.94
CA UNK G 525 18.14 -5.82 69.84
C UNK G 525 18.08 -4.76 68.72
N UNK G 526 18.97 -4.89 67.70
CA UNK G 526 19.03 -3.98 66.56
C UNK G 526 17.81 -4.09 65.64
N UNK G 527 17.60 -5.28 65.02
CA UNK G 527 16.47 -5.54 64.12
C UNK G 527 16.11 -7.03 64.05
N UNK G 528 17.00 -7.86 63.45
CA UNK G 528 16.79 -9.30 63.27
C UNK G 528 17.80 -10.13 64.08
N UNK G 529 17.69 -11.48 63.99
CA UNK G 529 18.55 -12.44 64.70
C UNK G 529 20.03 -12.34 64.28
N UNK G 530 20.29 -12.01 62.99
CA UNK G 530 21.63 -11.85 62.43
C UNK G 530 22.28 -10.57 62.97
N UNK G 531 21.48 -9.48 63.10
CA UNK G 531 21.92 -8.19 63.62
C UNK G 531 22.13 -8.25 65.13
N UNK G 532 21.34 -9.09 65.84
CA UNK G 532 21.42 -9.31 67.28
C UNK G 532 22.71 -10.07 67.63
N UNK G 533 23.14 -10.99 66.75
CA UNK G 533 24.37 -11.78 66.89
C UNK G 533 25.59 -10.86 66.73
N UNK G 534 25.48 -9.85 65.84
CA UNK G 534 26.52 -8.85 65.59
C UNK G 534 26.58 -7.87 66.76
N UNK G 535 25.43 -7.63 67.43
CA UNK G 535 25.30 -6.76 68.59
C UNK G 535 25.86 -7.46 69.83
N UNK G 536 25.76 -8.80 69.87
CA UNK G 536 26.25 -9.66 70.95
C UNK G 536 27.78 -9.78 70.94
N UNK G 537 28.42 -9.43 69.80
CA UNK G 537 29.88 -9.46 69.60
C UNK G 537 30.63 -8.43 70.47
N UNK G 538 29.90 -7.49 71.09
CA UNK G 538 30.43 -6.46 72.00
C UNK G 538 31.00 -7.09 73.27
N UNK G 539 30.41 -8.22 73.71
CA UNK G 539 30.85 -8.98 74.88
C UNK G 539 32.01 -9.93 74.53
N UNK G 540 32.29 -10.08 73.21
CA UNK G 540 33.34 -10.91 72.60
C UNK G 540 33.28 -12.40 73.02
N UNK G 541 32.24 -13.10 72.54
CA UNK G 541 32.02 -14.52 72.81
C UNK G 541 32.93 -15.38 71.93
N UNK G 542 33.35 -16.55 72.46
CA UNK G 542 34.22 -17.50 71.77
C UNK G 542 33.55 -18.12 70.54
N UNK G 543 34.33 -18.27 69.44
CA UNK G 543 33.87 -18.84 68.18
C UNK G 543 33.76 -20.38 68.24
N UNK G 544 33.46 -21.03 67.09
CA UNK G 544 33.32 -22.49 66.95
C UNK G 544 34.58 -23.23 67.41
N UNK G 545 34.37 -24.36 68.13
CA UNK G 545 35.39 -25.26 68.72
C UNK G 545 36.14 -24.66 69.93
N UNK G 546 36.16 -23.31 70.05
CA UNK G 546 36.82 -22.59 71.15
C UNK G 546 36.00 -22.66 72.43
N UNK G 547 36.69 -22.73 73.60
CA UNK G 547 36.07 -22.80 74.92
C UNK G 547 35.74 -21.41 75.48
N UNK G 548 34.56 -21.28 76.13
CA UNK G 548 34.08 -20.04 76.73
C UNK G 548 34.28 -20.04 78.25
N UNK G 549 35.41 -16.49 89.09
CA UNK G 549 34.05 -17.03 89.12
C UNK G 549 33.38 -16.75 90.47
N UNK G 550 32.34 -15.88 90.46
CA UNK G 550 31.58 -15.47 91.63
C UNK G 550 30.17 -14.98 91.26
N UNK G 551 29.19 -15.22 92.15
CA UNK G 551 27.81 -14.80 91.98
C UNK G 551 27.21 -14.24 93.29
N UNK G 552 26.65 -15.10 94.16
CA UNK G 552 26.07 -14.74 95.45
C UNK G 552 26.08 -15.91 96.43
N UNK G 553 26.54 -15.67 97.67
CA UNK G 553 26.62 -16.68 98.72
C UNK G 553 25.28 -16.85 99.44
N UNK G 554 24.83 -18.10 99.61
CA UNK G 554 23.57 -18.46 100.27
C UNK G 554 23.72 -19.67 101.19
N UNK G 555 23.05 -19.63 102.36
CA UNK G 555 23.07 -20.70 103.35
C UNK G 555 22.25 -21.91 102.91
N UNK G 556 22.74 -23.13 103.24
CA UNK G 556 22.08 -24.38 102.91
C UNK G 556 21.52 -25.06 104.15
N UNK G 557 20.20 -25.35 104.16
CA UNK G 557 19.51 -25.98 105.28
C UNK G 557 19.58 -27.51 105.16
N UNK G 558 20.26 -28.14 106.14
CA UNK G 558 20.44 -29.60 106.17
C UNK G 558 19.22 -30.33 106.74
N UNK G 559 18.52 -31.06 105.85
CA UNK G 559 17.33 -31.87 106.15
C UNK G 559 17.15 -32.93 105.05
N UNK G 560 17.19 -32.50 103.77
CA UNK G 560 17.08 -33.36 102.59
C UNK G 560 18.15 -32.97 101.58
N UNK G 561 19.05 -33.92 101.26
CA UNK G 561 20.15 -33.70 100.32
C UNK G 561 19.76 -34.07 98.90
N UNK G 562 20.04 -33.16 97.95
CA UNK G 562 19.73 -33.38 96.53
C UNK G 562 20.97 -33.96 95.83
N UNK G 563 20.96 -35.29 95.61
CA UNK G 563 22.06 -36.01 94.98
C UNK G 563 22.13 -35.77 93.47
N UNK G 564 23.30 -35.31 92.99
CA UNK G 564 23.55 -35.03 91.57
C UNK G 564 23.58 -36.34 90.78
N UNK G 565 22.66 -36.50 89.82
CA UNK G 565 22.53 -37.69 88.98
C UNK G 565 22.51 -37.38 87.49
N UNK G 566 22.88 -38.37 86.66
CA UNK G 566 22.91 -38.26 85.19
C UNK G 566 21.51 -38.18 84.57
N UNK G 567 20.52 -38.85 85.20
CA UNK G 567 19.13 -38.88 84.75
C UNK G 567 18.43 -37.54 85.02
N UNK G 568 18.06 -36.82 83.94
CA UNK G 568 17.40 -35.51 83.99
C UNK G 568 15.87 -35.64 84.04
N UNK G 569 15.19 -34.55 84.48
CA UNK G 569 13.73 -34.47 84.60
C UNK G 569 13.00 -34.54 83.26
N UNK G 570 13.64 -34.02 82.18
CA UNK G 570 13.08 -34.02 80.82
C UNK G 570 13.26 -35.38 80.13
N UNK G 571 14.12 -36.26 80.66
CA UNK G 571 14.41 -37.59 80.13
C UNK G 571 13.44 -38.68 80.58
N UNK G 572 12.78 -38.51 81.76
CA UNK G 572 11.84 -39.47 82.33
C UNK G 572 10.54 -39.59 81.50
N UNK G 573 10.58 -40.44 80.46
CA UNK G 573 9.46 -40.70 79.54
C UNK G 573 9.60 -42.06 78.85
N UNK G 574 8.45 -42.66 78.46
CA UNK G 574 8.31 -43.97 77.79
C UNK G 574 9.03 -45.12 78.52
N UNK G 575 10.19 -45.58 78.00
CA UNK G 575 10.99 -46.66 78.60
C UNK G 575 11.87 -46.12 79.72
N UNK G 576 12.29 -44.85 79.60
CA UNK G 576 13.14 -44.15 80.57
C UNK G 576 12.33 -43.54 81.74
N UNK G 577 10.99 -43.65 81.69
CA UNK G 577 10.07 -43.14 82.72
C UNK G 577 10.27 -43.80 84.09
N UNK G 578 10.60 -45.10 84.12
CA UNK G 578 10.84 -45.86 85.34
C UNK G 578 12.32 -45.82 85.77
N UNK G 579 13.24 -45.74 84.79
CA UNK G 579 14.68 -45.68 85.03
C UNK G 579 15.15 -44.34 85.59
N UNK G 580 14.57 -43.22 85.10
CA UNK G 580 14.92 -41.86 85.53
C UNK G 580 14.01 -41.32 86.66
N UNK G 581 13.29 -42.23 87.36
CA UNK G 581 12.40 -41.89 88.47
C UNK G 581 13.16 -41.41 89.70
N UNK G 582 12.56 -40.48 90.47
CA UNK G 582 13.14 -39.90 91.69
C UNK G 582 13.18 -40.93 92.82
N UNK G 583 14.38 -41.15 93.39
CA UNK G 583 14.61 -42.12 94.47
C UNK G 583 15.17 -41.46 95.73
N UNK G 584 14.64 -41.85 96.90
CA UNK G 584 15.07 -41.34 98.20
C UNK G 584 15.91 -42.39 98.92
N UNK G 585 17.17 -42.04 99.26
CA UNK G 585 18.11 -42.93 99.93
C UNK G 585 18.34 -42.52 101.38
N UNK G 586 18.21 -43.50 102.30
CA UNK G 586 18.39 -43.31 103.74
C UNK G 586 18.87 -44.60 104.39
N UNK G 587 19.66 -44.49 105.48
CA UNK G 587 20.20 -45.63 106.24
C UNK G 587 19.06 -46.45 106.87
N UNK G 588 19.24 -47.78 106.93
CA UNK G 588 18.28 -48.77 107.46
C UNK G 588 17.56 -48.36 108.75
N UNK G 589 18.28 -47.73 109.70
CA UNK G 589 17.72 -47.26 110.97
C UNK G 589 16.85 -46.00 110.78
N UNK G 590 17.32 -45.04 109.97
CA UNK G 590 16.62 -43.78 109.68
C UNK G 590 15.41 -43.99 108.77
N UNK G 591 15.49 -44.98 107.86
CA UNK G 591 14.41 -45.35 106.93
C UNK G 591 13.25 -46.00 107.66
N UNK G 592 13.54 -46.83 108.69
CA UNK G 592 12.55 -47.53 109.51
C UNK G 592 11.79 -46.55 110.41
N UNK G 593 12.46 -45.46 110.85
CA UNK G 593 11.88 -44.40 111.69
C UNK G 593 10.90 -43.55 110.89
N UNK G 594 11.19 -43.30 109.60
CA UNK G 594 10.37 -42.52 108.68
C UNK G 594 9.40 -43.43 107.88
N UNK G 595 9.45 -44.76 108.17
CA UNK G 595 8.64 -45.83 107.56
C UNK G 595 8.76 -45.89 106.02
N UNK G 596 9.97 -46.23 105.54
CA UNK G 596 10.28 -46.35 104.12
C UNK G 596 10.59 -47.80 103.74
N UNK G 597 9.72 -48.40 102.91
CA UNK G 597 9.84 -49.78 102.44
C UNK G 597 10.94 -49.93 101.37
N UNK G 598 11.40 -51.18 101.15
CA UNK G 598 12.45 -51.52 100.18
C UNK G 598 12.10 -51.17 98.73
N UNK G 599 10.82 -51.32 98.34
CA UNK G 599 10.36 -51.02 96.99
C UNK G 599 9.05 -50.21 97.01
N UNK G 600 9.13 -48.95 97.50
CA UNK G 600 7.99 -48.03 97.58
C UNK G 600 8.36 -46.62 97.13
N UNK G 601 7.52 -46.03 96.25
CA UNK G 601 7.71 -44.68 95.73
C UNK G 601 7.16 -43.67 96.75
N UNK G 602 8.07 -43.01 97.48
CA UNK G 602 7.73 -42.04 98.52
C UNK G 602 7.58 -40.62 97.98
N UNK G 603 6.59 -39.88 98.52
CA UNK G 603 6.32 -38.49 98.15
C UNK G 603 7.18 -37.55 98.99
N UNK G 604 7.89 -36.61 98.32
CA UNK G 604 8.77 -35.65 98.98
C UNK G 604 8.31 -34.22 98.78
N UNK G 605 8.28 -33.45 99.89
CA UNK G 605 7.88 -32.04 99.92
C UNK G 605 9.09 -31.13 99.78
N UNK G 606 8.98 -30.11 98.89
CA UNK G 606 10.06 -29.15 98.64
C UNK G 606 9.61 -27.71 98.88
N UNK G 607 7.48 -33.86 94.88
CA UNK G 607 7.84 -34.84 93.85
C UNK G 607 7.89 -36.25 94.42
N UNK G 608 7.32 -37.22 93.67
CA UNK G 608 7.28 -38.63 94.06
C UNK G 608 8.49 -39.41 93.54
N UNK G 609 14.77 -46.25 98.80
CA UNK G 609 15.68 -47.39 98.83
C UNK G 609 16.67 -47.30 100.00
N UNK G 610 16.80 -48.40 100.77
CA UNK G 610 17.70 -48.49 101.92
C UNK G 610 19.14 -48.77 101.48
N UNK G 611 20.10 -48.04 102.09
CA UNK G 611 21.53 -48.17 101.80
C UNK G 611 22.38 -48.02 103.06
N UNK G 612 23.31 -48.97 103.28
CA UNK G 612 24.23 -48.99 104.41
C UNK G 612 25.39 -48.01 104.23
N UNK G 613 25.76 -47.73 102.96
CA UNK G 613 26.84 -46.82 102.58
C UNK G 613 26.51 -45.35 102.89
N UNK G 614 25.20 -44.99 102.85
CA UNK G 614 24.71 -43.64 103.12
C UNK G 614 24.69 -43.34 104.62
N UNK G 615 24.97 -42.06 104.98
CA UNK G 615 25.01 -41.57 106.36
C UNK G 615 23.62 -41.54 107.00
N UNK G 616 23.56 -41.81 108.33
CA UNK G 616 22.33 -41.82 109.13
C UNK G 616 21.69 -40.43 109.28
N UNK G 617 20.36 -40.39 109.49
CA UNK G 617 19.52 -39.20 109.67
C UNK G 617 19.49 -38.24 108.45
N UNK G 618 20.01 -38.70 107.29
CA UNK G 618 20.06 -37.93 106.05
C UNK G 618 19.25 -38.60 104.94
N UNK G 619 18.52 -37.80 104.14
CA UNK G 619 17.71 -38.28 103.04
C UNK G 619 18.25 -37.78 101.70
N UNK G 620 18.85 -38.68 100.91
CA UNK G 620 19.44 -38.38 99.61
C UNK G 620 18.43 -38.59 98.47
N UNK G 621 17.79 -37.49 98.03
CA UNK G 621 16.81 -37.49 96.95
C UNK G 621 17.50 -37.27 95.61
N UNK G 622 17.12 -38.06 94.59
CA UNK G 622 17.69 -37.96 93.24
C UNK G 622 17.28 -36.64 92.57
N UNK G 623 18.25 -35.73 92.40
CA UNK G 623 18.03 -34.42 91.79
C UNK G 623 18.05 -34.47 90.27
N UNK G 624 16.86 -34.67 89.67
CA UNK G 624 16.67 -34.73 88.22
C UNK G 624 16.68 -33.32 87.64
N UNK G 625 16.29 -32.32 88.47
CA UNK G 625 16.25 -30.90 88.11
C UNK G 625 17.63 -30.23 88.33
N UNK G 626 17.74 -28.92 88.04
CA UNK G 626 18.97 -28.13 88.18
C UNK G 626 19.37 -27.82 89.64
N UNK G 627 18.59 -28.31 90.62
CA UNK G 627 18.83 -28.10 92.06
C UNK G 627 19.79 -29.13 92.70
N UNK G 628 20.73 -29.67 91.88
CA UNK G 628 21.72 -30.66 92.30
C UNK G 628 22.75 -30.12 93.31
N UNK G 629 23.21 -30.99 94.24
CA UNK G 629 24.19 -30.74 95.31
C UNK G 629 23.81 -29.61 96.30
N UNK G 630 22.51 -29.26 96.36
CA UNK G 630 22.02 -28.21 97.26
C UNK G 630 21.14 -28.80 98.36
N UNK G 631 21.44 -28.44 99.62
CA UNK G 631 20.68 -28.89 100.79
C UNK G 631 19.45 -28.02 101.00
N UNK G 632 18.25 -28.65 101.00
CA UNK G 632 16.97 -27.98 101.16
C UNK G 632 16.19 -28.47 102.38
N UNK G 633 15.33 -27.59 102.93
CA UNK G 633 14.50 -27.89 104.11
C UNK G 633 13.27 -28.74 103.74
N UNK G 634 13.02 -29.79 104.55
CA UNK G 634 11.89 -30.72 104.37
C UNK G 634 11.42 -31.32 105.69
N UNK H 1 64.70 -98.18 73.44
CA UNK H 1 65.37 -97.44 74.51
C UNK H 1 64.37 -96.69 75.41
N UNK H 2 63.34 -96.07 74.81
CA UNK H 2 62.30 -95.31 75.52
C UNK H 2 61.14 -96.18 76.03
N UNK H 3 60.91 -97.35 75.39
CA UNK H 3 59.84 -98.29 75.75
C UNK H 3 60.22 -99.27 76.88
N UNK H 4 61.49 -99.23 77.34
CA UNK H 4 62.04 -100.11 78.38
C UNK H 4 61.34 -100.03 79.74
N UNK H 5 61.06 -98.80 80.25
CA UNK H 5 60.43 -98.59 81.55
C UNK H 5 58.95 -98.15 81.47
N UNK H 6 58.29 -98.36 80.32
CA UNK H 6 56.89 -98.00 80.12
C UNK H 6 55.96 -98.96 80.88
N UNK H 7 55.48 -98.51 82.07
CA UNK H 7 54.58 -99.20 83.01
C UNK H 7 55.15 -100.44 83.70
N UNK H 8 56.05 -101.18 83.01
CA UNK H 8 56.70 -102.43 83.46
C UNK H 8 57.35 -102.38 84.86
N UNK H 9 57.53 -103.57 85.48
CA UNK H 9 58.13 -103.79 86.81
C UNK H 9 59.48 -103.10 86.98
N UNK H 10 59.85 -102.78 88.26
CA UNK H 10 61.05 -102.05 88.68
C UNK H 10 61.03 -100.65 88.04
N UNK H 11 59.87 -99.96 88.20
CA UNK H 11 59.53 -98.64 87.68
C UNK H 11 60.62 -97.59 87.85
N UNK H 12 60.85 -96.80 86.76
CA UNK H 12 61.86 -95.73 86.61
C UNK H 12 63.31 -96.24 86.63
N UNK H 13 63.70 -96.97 87.71
CA UNK H 13 65.04 -97.54 87.93
C UNK H 13 65.55 -98.46 86.82
N UNK H 14 64.63 -99.12 86.07
CA UNK H 14 64.96 -100.02 84.96
C UNK H 14 65.66 -99.27 83.81
N UNK H 15 65.30 -98.00 83.59
CA UNK H 15 65.89 -97.12 82.58
C UNK H 15 66.82 -96.08 83.25
N UNK H 16 67.56 -96.53 84.29
CA UNK H 16 68.53 -95.78 85.10
C UNK H 16 67.95 -94.55 85.85
N UNK H 17 66.62 -94.56 86.12
CA UNK H 17 65.85 -93.52 86.83
C UNK H 17 66.05 -92.09 86.25
N UNK H 18 66.15 -91.07 87.12
CA UNK H 18 66.31 -89.66 86.73
C UNK H 18 67.80 -89.24 86.59
N UNK H 19 68.62 -90.10 85.99
CA UNK H 19 70.05 -89.86 85.76
C UNK H 19 70.31 -88.87 84.62
N UNK H 20 69.35 -88.78 83.66
CA UNK H 20 69.44 -87.89 82.49
C UNK H 20 69.36 -86.41 82.85
N UNK H 21 68.37 -86.02 83.69
CA UNK H 21 68.17 -84.63 84.11
C UNK H 21 69.19 -84.16 85.15
N UNK H 22 69.61 -85.06 86.05
CA UNK H 22 70.59 -84.78 87.11
C UNK H 22 71.99 -84.48 86.58
N UNK H 23 72.41 -85.17 85.50
CA UNK H 23 73.73 -85.02 84.88
C UNK H 23 73.80 -83.82 83.93
N UNK H 24 72.71 -83.55 83.18
CA UNK H 24 72.63 -82.45 82.22
C UNK H 24 72.57 -81.07 82.86
N UNK H 25 71.92 -80.95 84.05
CA UNK H 25 71.78 -79.69 84.78
C UNK H 25 73.09 -79.18 85.38
N UNK H 26 73.96 -80.11 85.83
CA UNK H 26 75.24 -79.77 86.46
C UNK H 26 76.40 -79.63 85.47
N UNK H 27 76.42 -80.42 84.39
CA UNK H 27 77.49 -80.41 83.39
C UNK H 27 77.19 -79.54 82.15
N UNK H 28 76.16 -79.91 81.36
CA UNK H 28 75.78 -79.20 80.14
C UNK H 28 75.18 -77.81 80.41
N UNK H 29 75.46 -76.86 79.50
CA UNK H 29 74.97 -75.48 79.58
C UNK H 29 73.70 -75.30 78.74
N UNK H 30 72.93 -74.21 79.01
CA UNK H 30 71.68 -73.87 78.32
C UNK H 30 71.82 -73.73 76.80
N UNK H 31 72.97 -73.19 76.33
CA UNK H 31 73.28 -73.03 74.91
C UNK H 31 73.59 -74.38 74.26
N UNK H 32 74.33 -75.25 74.97
CA UNK H 32 74.69 -76.60 74.52
C UNK H 32 73.49 -77.55 74.53
N UNK H 33 72.53 -77.32 75.45
CA UNK H 33 71.29 -78.10 75.58
C UNK H 33 70.38 -77.84 74.38
N UNK H 34 70.30 -76.57 73.92
CA UNK H 34 69.52 -76.14 72.77
C UNK H 34 70.20 -76.60 71.47
N UNK H 35 71.55 -76.67 71.49
CA UNK H 35 72.37 -77.14 70.37
C UNK H 35 72.20 -78.64 70.17
N UNK H 36 71.95 -79.38 71.28
CA UNK H 36 71.73 -80.83 71.27
C UNK H 36 70.37 -81.15 70.62
N UNK H 37 69.35 -80.30 70.84
CA UNK H 37 68.01 -80.45 70.29
C UNK H 37 67.98 -80.07 68.81
N UNK H 38 68.79 -79.07 68.41
CA UNK H 38 68.89 -78.58 67.02
C UNK H 38 69.62 -79.58 66.12
N UNK H 39 70.71 -80.20 66.64
CA UNK H 39 71.50 -81.19 65.90
C UNK H 39 70.78 -82.54 65.81
N UNK H 40 69.86 -82.82 66.75
CA UNK H 40 69.07 -84.06 66.79
C UNK H 40 67.98 -84.08 65.71
N UNK H 41 67.69 -82.91 65.08
CA UNK H 41 66.68 -82.70 64.02
C UNK H 41 65.26 -83.16 64.43
N UNK H 42 64.91 -82.93 65.70
CA UNK H 42 63.62 -83.32 66.28
C UNK H 42 62.49 -82.39 65.84
N UNK H 43 61.57 -82.92 65.02
CA UNK H 43 60.41 -82.19 64.53
C UNK H 43 59.28 -82.30 65.57
N UNK H 44 58.18 -81.52 65.40
CA UNK H 44 57.02 -81.51 66.31
C UNK H 44 56.32 -82.88 66.39
N UNK H 45 56.46 -83.54 67.55
CA UNK H 45 55.89 -84.87 67.83
C UNK H 45 54.37 -84.84 67.94
N PHE H 46 57.47 -78.63 62.40
CA PHE H 46 58.31 -77.53 62.89
C PHE H 46 59.51 -78.07 63.70
N PRO H 47 60.74 -77.52 63.49
CA PRO H 47 61.90 -78.02 64.26
C PRO H 47 61.93 -77.46 65.68
N SER H 48 61.87 -78.36 66.68
CA SER H 48 61.88 -78.01 68.11
C SER H 48 63.16 -77.32 68.56
N GLY H 49 64.29 -77.69 67.95
CA GLY H 49 65.60 -77.12 68.24
C GLY H 49 65.67 -75.65 67.85
N LEU H 50 65.13 -75.31 66.66
CA LEU H 50 65.08 -73.94 66.15
C LEU H 50 63.94 -73.15 66.81
N LYS H 51 62.91 -73.86 67.32
CA LYS H 51 61.75 -73.27 68.03
C LYS H 51 62.22 -72.64 69.34
N TRP H 52 63.18 -73.28 70.03
CA TRP H 52 63.76 -72.80 71.29
C TRP H 52 64.70 -71.60 71.05
N SER H 53 65.25 -71.48 69.82
CA SER H 53 66.13 -70.37 69.43
C SER H 53 65.33 -69.11 69.06
N PHE H 54 64.00 -69.26 68.81
CA PHE H 54 63.09 -68.16 68.48
C PHE H 54 62.71 -67.36 69.74
N MET H 55 62.96 -67.94 70.94
CA MET H 55 62.69 -67.34 72.25
C MET H 55 63.49 -66.05 72.46
N ASN H 56 62.91 -65.09 73.22
CA ASN H 56 63.54 -63.82 73.53
C ASN H 56 64.76 -64.01 74.45
N PRO H 57 65.92 -63.49 74.01
CA PRO H 57 67.20 -63.60 74.74
C PRO H 57 67.18 -62.75 76.02
N PRO H 58 66.88 -61.45 75.89
CA PRO H 58 66.79 -60.51 77.02
C PRO H 58 65.37 -59.95 77.10
N GLY H 59 64.61 -60.39 78.12
CA GLY H 59 63.21 -60.00 78.34
C GLY H 59 62.96 -59.53 79.78
N TRP H 60 61.77 -58.92 80.02
CA TRP H 60 61.35 -58.40 81.33
C TRP H 60 61.12 -59.51 82.37
N GLU H 61 60.47 -60.63 81.97
CA GLU H 61 60.18 -61.76 82.86
C GLU H 61 60.26 -63.11 82.16
N LYS H 62 60.65 -64.16 82.92
CA LYS H 62 60.78 -65.53 82.46
C LYS H 62 59.47 -66.30 82.63
N ASN H 63 59.20 -67.26 81.73
CA ASN H 63 57.98 -68.08 81.78
C ASN H 63 58.29 -69.58 81.69
N UNK H 64 47.56 -80.30 76.41
CA UNK H 64 47.47 -81.75 76.35
C UNK H 64 46.01 -82.27 76.30
N UNK H 65 45.03 -81.41 76.65
CA UNK H 65 43.61 -81.73 76.64
C UNK H 65 43.11 -81.92 75.20
N UNK H 66 43.04 -83.19 74.76
CA UNK H 66 42.62 -83.55 73.40
C UNK H 66 41.32 -84.36 73.36
N UNK H 67 40.48 -84.08 72.34
CA UNK H 67 39.20 -84.75 72.10
C UNK H 67 39.15 -85.32 70.67
N UNK H 68 40.34 -85.59 70.08
CA UNK H 68 40.49 -86.13 68.73
C UNK H 68 41.04 -87.57 68.74
N UNK H 69 40.72 -88.34 67.69
CA UNK H 69 41.14 -89.74 67.53
C UNK H 69 42.64 -89.85 67.24
N ASP H 70 50.26 -89.23 73.58
CA ASP H 70 50.52 -88.28 74.67
C ASP H 70 49.85 -88.70 75.98
N ARG H 71 48.66 -89.35 75.90
CA ARG H 71 47.89 -89.82 77.06
C ARG H 71 48.60 -90.96 77.80
N GLU H 72 49.19 -91.92 77.06
CA GLU H 72 49.94 -93.05 77.61
C GLU H 72 51.30 -92.60 78.17
N ILE H 73 51.82 -91.46 77.66
CA ILE H 73 53.08 -90.86 78.07
C ILE H 73 53.01 -90.28 79.48
N MET H 74 51.83 -89.77 79.90
CA MET H 74 51.61 -89.20 81.24
C MET H 74 51.20 -90.28 82.26
N ARG H 75 50.58 -91.36 81.78
CA ARG H 75 50.09 -92.48 82.59
C ARG H 75 51.19 -93.47 82.98
N LYS H 76 52.10 -93.81 82.05
CA LYS H 76 53.14 -94.82 82.26
C LYS H 76 54.56 -94.26 82.47
N ASP H 77 54.95 -93.20 81.72
CA ASP H 77 56.28 -92.60 81.88
C ASP H 77 56.20 -91.09 82.26
N PRO H 78 55.73 -90.73 83.49
CA PRO H 78 55.64 -89.29 83.83
C PRO H 78 56.98 -88.61 84.08
N HIS H 79 57.93 -89.32 84.73
CA HIS H 79 59.27 -88.82 85.06
C HIS H 79 60.11 -88.49 83.83
N LYS H 80 59.89 -89.22 82.71
CA LYS H 80 60.59 -89.02 81.43
C LYS H 80 60.21 -87.67 80.81
N LEU H 81 58.92 -87.27 80.95
CA LEU H 81 58.40 -85.99 80.44
C LEU H 81 58.85 -84.84 81.35
N VAL H 82 58.94 -85.10 82.67
CA VAL H 82 59.39 -84.14 83.69
C VAL H 82 60.86 -83.80 83.40
N GLU H 83 61.68 -84.81 83.03
CA GLU H 83 63.08 -84.68 82.63
C GLU H 83 63.19 -83.75 81.42
N GLY H 84 62.34 -83.98 80.42
CA GLY H 84 62.26 -83.18 79.19
C GLY H 84 61.81 -81.75 79.44
N CYS H 85 60.90 -81.56 80.40
CA CYS H 85 60.38 -80.25 80.80
C CYS H 85 61.44 -79.43 81.54
N LEU H 86 62.34 -80.11 82.28
CA LEU H 86 63.44 -79.50 83.02
C LEU H 86 64.51 -78.93 82.06
N LEU H 87 64.83 -79.69 80.98
CA LEU H 87 65.80 -79.29 79.94
C LEU H 87 65.25 -78.11 79.15
N ALA H 88 63.95 -78.16 78.81
CA ALA H 88 63.23 -77.11 78.09
C ALA H 88 63.18 -75.85 78.95
N GLY H 89 62.98 -76.03 80.25
CA GLY H 89 62.97 -74.94 81.23
C GLY H 89 64.34 -74.37 81.52
N ARG H 90 65.41 -75.16 81.26
CA ARG H 90 66.80 -74.76 81.47
C ARG H 90 67.38 -74.03 80.26
N ALA H 91 67.12 -74.56 79.04
CA ALA H 91 67.60 -73.98 77.78
C ALA H 91 66.90 -72.67 77.43
N MET H 92 65.58 -72.58 77.69
CA MET H 92 64.76 -71.38 77.43
C MET H 92 64.75 -70.41 78.63
N ASN H 93 65.44 -70.79 79.74
CA ASN H 93 65.57 -70.06 81.01
C ASN H 93 64.21 -69.75 81.65
N ALA H 94 63.29 -70.74 81.61
CA ALA H 94 61.95 -70.68 82.16
C ALA H 94 61.94 -70.93 83.67
N THR H 95 61.39 -69.98 84.44
CA THR H 95 61.30 -70.07 85.91
C THR H 95 60.07 -70.86 86.35
N ALA H 96 58.95 -70.73 85.62
CA ALA H 96 57.69 -71.41 85.91
C ALA H 96 57.24 -72.29 84.73
N ALA H 97 56.55 -73.38 85.05
CA ALA H 97 56.04 -74.33 84.06
C ALA H 97 54.72 -74.96 84.46
N TYR H 98 53.84 -75.21 83.47
CA TYR H 98 52.53 -75.81 83.69
C TYR H 98 52.20 -76.91 82.68
N ILE H 99 51.63 -78.03 83.17
CA ILE H 99 51.23 -79.17 82.36
C ILE H 99 49.71 -79.39 82.48
N TYR H 100 48.95 -78.84 81.53
CA TYR H 100 47.48 -78.92 81.50
C TYR H 100 46.99 -79.81 80.35
N UNK H 101 39.34 -85.77 81.54
CA UNK H 101 38.83 -87.11 81.25
C UNK H 101 39.75 -88.20 81.79
N UNK H 102 41.08 -88.04 81.63
CA UNK H 102 42.07 -89.00 82.09
C UNK H 102 42.34 -88.84 83.60
N UNK H 103 41.88 -89.82 84.39
CA UNK H 103 42.04 -89.84 85.84
C UNK H 103 43.35 -90.52 86.27
N UNK H 104 43.76 -91.57 85.52
CA UNK H 104 45.00 -92.33 85.77
C UNK H 104 46.23 -91.47 85.49
N UNK H 105 46.15 -90.56 84.49
CA UNK H 105 47.22 -89.64 84.11
C UNK H 105 47.41 -88.55 85.16
N UNK H 106 46.29 -87.98 85.67
CA UNK H 106 46.28 -86.93 86.69
C UNK H 106 46.84 -87.43 88.03
N UNK H 107 46.56 -88.70 88.39
CA UNK H 107 47.04 -89.34 89.61
C UNK H 107 48.55 -89.63 89.50
N UNK H 108 49.01 -90.07 88.31
CA UNK H 108 50.41 -90.37 88.03
C UNK H 108 51.26 -89.10 87.91
N UNK H 109 50.63 -87.98 87.49
CA UNK H 109 51.29 -86.68 87.34
C UNK H 109 51.44 -85.95 88.68
N UNK H 110 50.41 -86.06 89.56
CA UNK H 110 50.41 -85.44 90.89
C UNK H 110 51.40 -86.16 91.81
N UNK H 111 51.56 -87.49 91.63
CA UNK H 111 52.50 -88.31 92.39
C UNK H 111 53.93 -88.05 91.92
N UNK H 112 54.13 -87.82 90.60
CA UNK H 112 55.43 -87.52 89.99
C UNK H 112 55.91 -86.13 90.41
N UNK H 113 54.97 -85.17 90.58
CA UNK H 113 55.25 -83.81 91.03
C UNK H 113 55.65 -83.82 92.51
N UNK H 114 55.07 -84.75 93.29
CA UNK H 114 55.36 -84.96 94.71
C UNK H 114 56.69 -85.70 94.88
N UNK H 115 56.99 -86.64 93.97
CA UNK H 115 58.24 -87.42 93.95
C UNK H 115 59.43 -86.55 93.56
N UNK H 116 59.21 -85.60 92.61
CA UNK H 116 60.23 -84.66 92.14
C UNK H 116 60.55 -83.65 93.24
N UNK H 117 59.53 -83.23 94.02
CA UNK H 117 59.66 -82.29 95.13
C UNK H 117 60.42 -82.93 96.30
N UNK H 118 60.28 -84.27 96.47
CA UNK H 118 60.98 -85.04 97.50
C UNK H 118 62.42 -85.32 97.12
N UNK H 119 62.70 -85.46 95.80
CA UNK H 119 64.03 -85.72 95.25
C UNK H 119 64.79 -84.43 94.87
N UNK H 120 64.23 -83.25 95.25
CA UNK H 120 64.75 -81.89 95.04
C UNK H 120 64.97 -81.53 93.55
N UNK H 121 64.11 -82.06 92.66
CA UNK H 121 64.14 -81.77 91.22
C UNK H 121 63.47 -80.42 90.94
N UNK H 122 62.45 -80.07 91.75
CA UNK H 122 61.70 -78.81 91.66
C UNK H 122 61.54 -78.20 93.06
N UNK H 123 62.29 -77.11 93.32
CA UNK H 123 62.30 -76.39 94.61
C UNK H 123 62.72 -74.92 94.40
N UNK H 124 63.21 -74.25 95.48
CA UNK H 124 63.68 -72.86 95.45
C UNK H 124 64.98 -72.73 94.64
N UNK H 125 65.76 -73.83 94.56
CA UNK H 125 67.01 -73.94 93.81
C UNK H 125 67.09 -75.36 93.21
N UNK H 126 67.03 -75.44 91.86
CA UNK H 126 67.07 -76.71 91.13
C UNK H 126 68.50 -77.21 90.91
N UNK H 127 68.79 -78.42 91.44
CA UNK H 127 70.09 -79.13 91.37
C UNK H 127 71.29 -78.24 91.75
N UNK H 128 71.23 -77.63 92.96
CA UNK H 128 72.23 -76.75 93.59
C UNK H 128 72.48 -75.41 92.84
N UNK H 129 71.94 -75.26 91.61
CA UNK H 129 72.08 -74.04 90.79
C UNK H 129 71.21 -72.90 91.32
N UNK H 130 71.61 -71.65 91.03
CA UNK H 130 70.93 -70.41 91.46
C UNK H 130 69.51 -70.24 90.89
N UNK H 131 69.25 -70.79 89.70
CA UNK H 131 67.95 -70.72 89.02
C UNK H 131 66.85 -71.50 89.75
N UNK H 132 65.63 -70.92 89.80
CA UNK H 132 64.46 -71.51 90.46
C UNK H 132 63.50 -72.12 89.44
N UNK H 133 62.96 -73.32 89.74
CA UNK H 133 62.03 -74.03 88.88
C UNK H 133 60.83 -74.58 89.65
N UNK H 134 59.62 -74.20 89.22
CA UNK H 134 58.35 -74.64 89.82
C UNK H 134 57.43 -75.21 88.74
N UNK H 135 56.85 -76.40 89.01
CA UNK H 135 55.98 -77.09 88.07
C UNK H 135 54.62 -77.44 88.66
N UNK H 136 53.56 -77.36 87.84
CA UNK H 136 52.18 -77.69 88.22
C UNK H 136 51.54 -78.57 87.14
N UNK H 137 51.11 -79.78 87.53
CA UNK H 137 50.49 -80.75 86.63
C UNK H 137 49.00 -80.93 86.89
N UNK H 138 39.20 -79.45 75.93
CA UNK H 138 38.61 -78.92 74.71
C UNK H 138 39.58 -79.02 73.53
N UNK H 139 39.03 -79.29 72.33
CA UNK H 139 39.81 -79.41 71.09
C UNK H 139 40.34 -78.06 70.59
N UNK H 140 39.68 -76.95 70.97
CA UNK H 140 40.07 -75.58 70.61
C UNK H 140 41.37 -75.16 71.30
N UNK H 141 41.66 -75.74 72.48
CA UNK H 141 42.86 -75.48 73.28
C UNK H 141 44.15 -76.07 72.69
N UNK H 142 44.05 -76.85 71.58
CA UNK H 142 45.20 -77.45 70.90
C UNK H 142 46.03 -76.41 70.13
N UNK H 143 45.38 -75.32 69.67
CA UNK H 143 46.03 -74.23 68.93
C UNK H 143 46.94 -73.42 69.86
N UNK H 144 48.16 -73.11 69.39
CA UNK H 144 49.22 -72.39 70.13
C UNK H 144 48.77 -71.06 70.76
N UNK H 145 47.95 -70.26 70.04
CA UNK H 145 47.45 -68.98 70.52
C UNK H 145 46.28 -69.15 71.49
N UNK H 146 45.37 -70.11 71.20
CA UNK H 146 44.20 -70.40 72.01
C UNK H 146 44.52 -71.13 73.32
N UNK H 147 45.68 -71.83 73.37
CA UNK H 147 46.16 -72.56 74.56
C UNK H 147 46.55 -71.59 75.68
N UNK H 148 47.13 -70.43 75.31
CA UNK H 148 47.56 -69.39 76.24
C UNK H 148 46.37 -68.73 76.94
N UNK H 149 45.31 -68.37 76.18
CA UNK H 149 44.09 -67.74 76.70
C UNK H 149 43.31 -68.64 77.65
N UNK H 150 43.27 -69.96 77.37
CA UNK H 150 42.57 -70.96 78.19
C UNK H 150 43.21 -71.13 79.58
N UNK H 151 44.53 -70.92 79.67
CA UNK H 151 45.30 -71.03 80.91
C UNK H 151 45.47 -69.68 81.62
N UNK H 152 45.48 -68.56 80.86
CA UNK H 152 45.62 -67.20 81.40
C UNK H 152 44.33 -66.61 82.02
N UNK H 153 43.27 -67.45 82.15
CA UNK H 153 41.94 -67.19 82.74
C UNK H 153 40.93 -66.50 81.80
N UNK H 154 41.04 -66.74 80.49
CA UNK H 154 40.13 -66.20 79.48
C UNK H 154 39.48 -67.35 78.70
N UNK H 155 38.55 -67.03 77.77
CA UNK H 155 37.86 -68.03 76.95
C UNK H 155 38.86 -68.69 76.00
N UNK H 156 38.64 -69.99 75.67
CA UNK H 156 39.51 -70.78 74.80
C UNK H 156 39.39 -70.40 73.31
N UNK H 157 39.66 -69.13 73.00
CA UNK H 157 39.62 -68.55 71.66
C UNK H 157 40.99 -67.99 71.27
N UNK H 158 41.40 -68.18 70.01
CA UNK H 158 42.69 -67.74 69.48
C UNK H 158 42.79 -66.22 69.35
N UNK H 159 43.91 -65.65 69.82
CA UNK H 159 44.20 -64.22 69.77
C UNK H 159 44.91 -63.84 68.45
N UNK H 160 45.37 -62.58 68.33
CA UNK H 160 46.07 -62.08 67.14
C UNK H 160 47.44 -62.77 66.99
N UNK H 161 47.58 -63.57 65.92
CA UNK H 161 48.78 -64.36 65.62
C UNK H 161 50.00 -63.53 65.16
N UNK H 162 49.82 -62.21 64.92
CA UNK H 162 50.87 -61.28 64.50
C UNK H 162 52.05 -61.26 65.49
N UNK H 163 51.74 -61.26 66.81
CA UNK H 163 52.72 -61.32 67.89
C UNK H 163 52.85 -62.79 68.30
N UNK H 164 54.06 -63.36 68.12
CA UNK H 164 54.38 -64.76 68.41
C UNK H 164 54.14 -65.19 69.86
N UNK H 165 53.76 -66.48 70.05
CA UNK H 165 53.50 -67.08 71.35
C UNK H 165 54.78 -67.20 72.17
N UNK H 166 55.92 -67.44 71.49
CA UNK H 166 57.25 -67.54 72.09
C UNK H 166 57.75 -66.18 72.61
N UNK H 167 57.12 -65.08 72.15
CA UNK H 167 57.44 -63.70 72.54
C UNK H 167 56.49 -63.21 73.65
N UNK H 168 55.20 -63.60 73.58
CA UNK H 168 54.16 -63.24 74.56
C UNK H 168 53.04 -64.30 74.55
N UNK H 169 52.73 -64.87 75.74
CA UNK H 169 51.71 -65.90 75.89
C UNK H 169 50.86 -65.75 77.17
N UNK H 170 51.01 -66.68 78.16
CA UNK H 170 50.27 -66.70 79.42
C UNK H 170 50.57 -65.45 80.27
N UNK H 171 49.55 -64.57 80.40
CA UNK H 171 49.59 -63.29 81.15
C UNK H 171 50.70 -62.33 80.68
N GLY H 172 51.06 -62.43 79.39
CA GLY H 172 52.09 -61.60 78.78
C GLY H 172 53.48 -62.21 78.77
N UNK H 173 53.71 -63.23 79.62
CA UNK H 173 54.99 -63.93 79.76
C UNK H 173 55.31 -64.82 78.55
N UNK H 174 56.56 -64.74 78.06
CA UNK H 174 57.08 -65.47 76.90
C UNK H 174 57.21 -66.98 77.14
N UNK H 175 56.13 -67.73 76.84
CA UNK H 175 56.09 -69.18 77.02
C UNK H 175 56.34 -69.93 75.71
N UNK H 176 56.04 -72.66 72.10
CA UNK H 176 55.28 -73.85 72.47
C UNK H 176 55.51 -74.99 71.48
N UNK H 177 55.78 -76.20 72.01
CA UNK H 177 56.04 -77.41 71.23
C UNK H 177 55.11 -78.56 71.65
N UNK H 178 55.21 -79.72 70.96
CA UNK H 178 54.42 -80.93 71.23
C UNK H 178 54.68 -81.49 72.62
N UNK H 179 53.65 -82.07 73.26
CA UNK H 179 53.71 -82.66 74.61
C UNK H 179 54.72 -83.81 74.71
N UNK H 180 54.79 -84.67 73.68
CA UNK H 180 55.71 -85.82 73.62
C UNK H 180 57.16 -85.38 73.41
N UNK H 181 57.38 -84.28 72.65
CA UNK H 181 58.71 -83.73 72.36
C UNK H 181 59.32 -83.06 73.59
N UNK H 182 66.10 -89.60 75.43
CA UNK H 182 67.24 -90.07 74.64
C UNK H 182 68.25 -88.95 74.35
N UNK H 183 67.76 -87.76 73.96
CA UNK H 183 68.58 -86.58 73.68
C UNK H 183 69.15 -85.95 74.96
N UNK H 184 68.51 -86.25 76.12
CA UNK H 184 68.89 -85.76 77.44
C UNK H 184 70.11 -86.47 78.01
N UNK H 185 70.06 -87.82 78.09
CA UNK H 185 71.12 -88.66 78.64
C UNK H 185 72.38 -88.69 77.79
N UNK H 186 72.23 -88.95 76.46
CA UNK H 186 73.36 -89.01 75.53
C UNK H 186 73.72 -87.60 75.00
N UNK H 187 73.42 -87.30 73.72
CA UNK H 187 73.69 -86.01 73.09
C UNK H 187 72.70 -85.70 71.94
N UNK H 188 73.10 -85.94 70.68
CA UNK H 188 72.30 -85.69 69.48
C UNK H 188 72.50 -86.77 68.42
N UNK H 189 73.69 -87.41 68.41
CA UNK H 189 74.07 -88.47 67.48
C UNK H 189 73.19 -89.73 67.58
N UNK H 190 72.71 -90.05 68.80
CA UNK H 190 71.84 -91.19 69.08
C UNK H 190 70.44 -91.03 68.45
N UNK H 191 69.92 -89.79 68.42
CA UNK H 191 68.61 -89.47 67.85
C UNK H 191 68.65 -89.42 66.32
N UNK H 192 69.76 -88.91 65.74
CA UNK H 192 69.95 -88.78 64.29
C UNK H 192 70.30 -90.11 63.59
N UNK H 193 70.72 -91.14 64.38
CA UNK H 193 71.10 -92.46 63.87
C UNK H 193 69.91 -93.41 63.60
N UNK H 194 68.66 -92.91 63.75
CA UNK H 194 67.45 -93.70 63.54
C UNK H 194 67.00 -93.80 62.07
N UNK H 195 66.51 -92.68 61.48
CA UNK H 195 66.00 -92.64 60.12
C UNK H 195 66.89 -91.87 59.12
N UNK H 196 66.27 -91.28 58.07
CA UNK H 196 66.92 -90.52 56.99
C UNK H 196 67.60 -89.20 57.43
N UNK H 197 68.16 -88.45 56.46
CA UNK H 197 68.86 -87.18 56.69
C UNK H 197 67.92 -86.04 57.12
N UNK H 198 66.68 -86.01 56.57
CA UNK H 198 65.69 -84.98 56.87
C UNK H 198 64.86 -85.31 58.11
N UNK H 199 64.27 -86.53 58.17
CA UNK H 199 63.46 -86.98 59.29
C UNK H 199 64.31 -87.79 60.27
N UNK H 200 64.28 -87.40 61.56
CA UNK H 200 65.07 -88.05 62.61
C UNK H 200 64.21 -88.51 63.81
N UNK H 201 64.85 -89.27 64.74
CA UNK H 201 64.27 -89.85 65.97
C UNK H 201 63.08 -90.76 65.72
N UNK H 202 39.47 -102.40 62.88
CA UNK H 202 39.28 -103.78 63.33
C UNK H 202 40.57 -104.60 63.14
N UNK H 203 41.60 -104.29 63.94
CA UNK H 203 42.90 -104.94 63.91
C UNK H 203 43.04 -105.99 65.02
N UNK H 204 43.85 -107.04 64.78
CA UNK H 204 44.10 -108.13 65.72
C UNK H 204 44.84 -107.65 66.98
N UNK H 205 45.71 -106.63 66.83
CA UNK H 205 46.49 -106.04 67.93
C UNK H 205 46.71 -104.54 67.75
N UNK H 206 45.63 -103.75 67.84
CA UNK H 206 45.67 -102.29 67.73
C UNK H 206 46.35 -101.72 68.98
N UNK H 207 47.49 -101.03 68.80
CA UNK H 207 48.30 -100.50 69.90
C UNK H 207 49.07 -99.22 69.58
N UNK H 208 49.93 -98.79 70.52
CA UNK H 208 50.83 -97.65 70.42
C UNK H 208 52.24 -98.22 70.56
N UNK H 209 52.76 -98.78 69.46
CA UNK H 209 54.08 -99.43 69.39
C UNK H 209 55.22 -98.46 69.14
N UNK H 210 56.31 -98.62 69.89
CA UNK H 210 57.51 -97.78 69.77
C UNK H 210 58.33 -98.25 68.57
N UNK H 211 58.23 -97.51 67.46
CA UNK H 211 58.92 -97.81 66.21
C UNK H 211 59.62 -96.56 65.66
N UNK H 212 60.85 -96.74 65.17
CA UNK H 212 61.65 -95.66 64.57
C UNK H 212 61.07 -95.24 63.23
N UNK H 213 61.28 -93.96 62.84
CA UNK H 213 60.78 -93.37 61.59
C UNK H 213 61.27 -94.12 60.35
N UNK H 214 60.49 -94.04 59.25
CA UNK H 214 60.66 -94.69 57.93
C UNK H 214 60.08 -96.12 57.90
N UNK H 215 59.17 -96.43 58.85
CA UNK H 215 58.48 -97.72 58.95
C UNK H 215 57.25 -97.71 58.06
N UNK H 216 57.14 -98.73 57.17
CA UNK H 216 56.05 -98.88 56.20
C UNK H 216 54.70 -99.19 56.86
N UNK H 217 53.60 -98.81 56.19
CA UNK H 217 52.22 -99.03 56.65
C UNK H 217 51.85 -100.52 56.69
N UNK H 218 52.45 -101.33 55.80
CA UNK H 218 52.23 -102.78 55.72
C UNK H 218 52.87 -103.52 56.90
N UNK H 219 54.09 -103.09 57.31
CA UNK H 219 54.83 -103.68 58.42
C UNK H 219 54.19 -103.40 59.78
N UNK H 220 53.56 -102.22 59.93
CA UNK H 220 52.90 -101.82 61.18
C UNK H 220 51.55 -102.52 61.39
N UNK H 221 50.83 -102.84 60.30
CA UNK H 221 49.52 -103.49 60.33
C UNK H 221 49.55 -105.03 60.31
N UNK H 222 50.55 -105.64 59.64
CA UNK H 222 50.66 -107.09 59.54
C UNK H 222 51.59 -107.75 60.56
N UNK H 223 52.78 -107.15 60.80
CA UNK H 223 53.76 -107.71 61.74
C UNK H 223 53.55 -107.26 63.19
N UNK H 224 53.28 -105.95 63.41
CA UNK H 224 53.07 -105.39 64.76
C UNK H 224 51.62 -105.52 65.25
N UNK H 225 50.64 -105.22 64.37
CA UNK H 225 49.21 -105.29 64.69
C UNK H 225 48.57 -106.66 64.40
N UNK H 226 49.39 -107.66 64.00
CA UNK H 226 49.01 -109.05 63.68
C UNK H 226 47.83 -109.16 62.72
N UNK H 227 42.14 -108.10 61.16
CA UNK H 227 41.03 -109.06 61.11
C UNK H 227 40.08 -108.78 59.94
N UNK H 228 39.78 -107.50 59.67
CA UNK H 228 38.89 -107.07 58.59
C UNK H 228 39.64 -106.28 57.51
N UNK H 229 39.11 -106.30 56.26
CA UNK H 229 39.70 -105.60 55.12
C UNK H 229 39.47 -104.09 55.24
N UNK H 230 40.58 -103.33 55.26
CA UNK H 230 40.55 -101.87 55.38
C UNK H 230 40.47 -101.18 54.02
N UNK H 231 39.56 -100.18 53.91
CA UNK H 231 39.35 -99.41 52.70
C UNK H 231 40.29 -98.20 52.62
N UNK H 232 40.48 -97.51 53.77
CA UNK H 232 41.34 -96.33 53.91
C UNK H 232 41.97 -96.25 55.31
N UNK H 233 43.01 -95.41 55.48
CA UNK H 233 43.69 -95.24 56.76
C UNK H 233 44.20 -93.81 56.99
N UNK H 234 43.82 -93.21 58.13
CA UNK H 234 44.26 -91.87 58.53
C UNK H 234 45.63 -92.03 59.20
N UNK H 235 46.69 -91.54 58.53
CA UNK H 235 48.09 -91.66 58.94
C UNK H 235 48.45 -91.02 60.30
N UNK H 236 48.33 -89.68 60.43
CA UNK H 236 48.70 -88.96 61.66
C UNK H 236 47.66 -89.05 62.78
N UNK H 237 46.48 -88.41 62.61
CA UNK H 237 45.40 -88.38 63.60
C UNK H 237 44.02 -88.24 62.93
N UNK H 238 43.00 -87.72 63.67
CA UNK H 238 41.64 -87.50 63.17
C UNK H 238 41.61 -86.37 62.14
N UNK H 239 42.51 -85.38 62.31
CA UNK H 239 42.66 -84.22 61.43
C UNK H 239 43.33 -84.59 60.10
N UNK H 240 44.15 -85.68 60.11
CA UNK H 240 44.89 -86.18 58.94
C UNK H 240 43.99 -86.66 57.82
N UNK H 241 44.43 -86.43 56.57
CA UNK H 241 43.73 -86.80 55.35
C UNK H 241 43.76 -88.32 55.13
N UNK H 242 42.58 -88.91 54.84
CA UNK H 242 42.43 -90.35 54.61
C UNK H 242 42.99 -90.77 53.26
N UNK H 243 43.91 -91.75 53.26
CA UNK H 243 44.55 -92.29 52.06
C UNK H 243 44.06 -93.71 51.78
N UNK H 244 43.76 -94.01 50.51
CA UNK H 244 43.26 -95.30 50.04
C UNK H 244 44.26 -96.45 50.23
N UNK H 245 43.74 -97.66 50.53
CA UNK H 245 44.56 -98.85 50.74
C UNK H 245 44.98 -99.48 49.39
N UNK H 246 46.23 -99.25 49.00
CA UNK H 246 46.82 -99.73 47.75
C UNK H 246 48.26 -100.22 47.98
N UNK H 247 48.80 -101.02 47.04
CA UNK H 247 50.16 -101.58 47.08
C UNK H 247 51.24 -100.48 47.10
N UNK H 248 51.01 -99.37 46.36
CA UNK H 248 51.92 -98.23 46.28
C UNK H 248 51.85 -97.37 47.56
N UNK H 249 50.68 -97.38 48.25
CA UNK H 249 50.44 -96.63 49.48
C UNK H 249 50.94 -97.37 50.72
N UNK H 250 50.78 -98.71 50.76
CA UNK H 250 51.23 -99.57 51.87
C UNK H 250 52.76 -99.66 51.95
N UNK H 251 53.44 -99.59 50.79
CA UNK H 251 54.90 -99.64 50.67
C UNK H 251 55.55 -98.30 51.04
N UNK H 252 54.77 -97.20 50.98
CA UNK H 252 55.21 -95.84 51.31
C UNK H 252 55.43 -95.67 52.81
N UNK H 253 56.62 -95.18 53.20
CA UNK H 253 56.99 -94.96 54.60
C UNK H 253 56.36 -93.67 55.14
N UNK H 254 55.86 -93.73 56.40
CA UNK H 254 55.25 -92.59 57.07
C UNK H 254 56.33 -91.61 57.54
N UNK H 255 56.53 -90.53 56.76
CA UNK H 255 57.53 -89.50 57.03
C UNK H 255 56.96 -88.07 56.87
N UNK H 256 57.84 -87.04 56.89
CA UNK H 256 57.46 -85.64 56.75
C UNK H 256 57.39 -85.17 55.29
N UNK H 257 57.96 -85.97 54.35
CA UNK H 257 57.98 -85.65 52.92
C UNK H 257 57.19 -86.65 52.06
N UNK H 258 57.34 -87.96 52.32
CA UNK H 258 56.67 -89.03 51.59
C UNK H 258 55.15 -89.03 51.80
N UNK H 259 54.70 -88.85 53.06
CA UNK H 259 53.27 -88.80 53.41
C UNK H 259 52.62 -87.50 52.91
N UNK H 260 53.38 -86.38 52.95
CA UNK H 260 52.94 -85.05 52.50
C UNK H 260 52.70 -85.02 50.98
N UNK H 261 53.50 -85.80 50.22
CA UNK H 261 53.37 -85.93 48.76
C UNK H 261 52.14 -86.78 48.41
N UNK H 262 51.77 -87.72 49.30
CA UNK H 262 50.62 -88.61 49.16
C UNK H 262 49.34 -87.99 49.79
N UNK H 263 49.34 -86.64 49.95
CA UNK H 263 48.27 -85.78 50.50
C UNK H 263 47.97 -85.96 52.01
N UNK H 264 48.65 -86.92 52.69
CA UNK H 264 48.45 -87.19 54.11
C UNK H 264 49.65 -86.78 54.96
N UNK H 265 47.83 -93.93 64.02
CA UNK H 265 47.19 -94.41 62.81
C UNK H 265 45.87 -95.14 63.10
N UNK H 266 44.85 -94.90 62.26
CA UNK H 266 43.53 -95.52 62.39
C UNK H 266 43.10 -96.18 61.08
N UNK H 267 42.92 -97.51 61.11
CA UNK H 267 42.51 -98.30 59.96
C UNK H 267 40.99 -98.36 59.84
N UNK H 268 40.44 -97.80 58.74
CA UNK H 268 39.00 -97.77 58.48
C UNK H 268 38.58 -98.90 57.54
N UNK H 269 37.72 -99.80 58.04
CA UNK H 269 37.21 -100.96 57.30
C UNK H 269 36.17 -100.58 56.24
N UNK H 270 36.02 -101.43 55.20
CA UNK H 270 35.07 -101.25 54.10
C UNK H 270 33.61 -101.43 54.52
N UNK H 271 33.36 -102.23 55.59
CA UNK H 271 32.03 -102.51 56.13
C UNK H 271 31.28 -101.26 56.59
N UNK H 272 31.97 -100.38 57.35
CA UNK H 272 31.41 -99.12 57.83
C UNK H 272 31.53 -98.07 56.72
N UNK H 273 30.48 -97.26 56.53
CA UNK H 273 30.42 -96.22 55.50
C UNK H 273 31.40 -95.08 55.78
N UNK H 274 32.22 -94.72 54.77
CA UNK H 274 33.21 -93.65 54.83
C UNK H 274 32.56 -92.27 54.98
N UNK H 275 31.37 -92.09 54.37
CA UNK H 275 30.58 -90.86 54.43
C UNK H 275 30.02 -90.66 55.84
N UNK H 276 29.55 -91.75 56.48
CA UNK H 276 29.02 -91.75 57.85
C UNK H 276 30.14 -91.50 58.86
N UNK H 277 31.37 -91.96 58.53
CA UNK H 277 32.58 -91.79 59.33
C UNK H 277 33.02 -90.32 59.26
N UNK H 278 32.94 -89.71 58.07
CA UNK H 278 33.29 -88.31 57.83
C UNK H 278 32.24 -87.38 58.48
N UNK H 279 30.96 -87.84 58.53
CA UNK H 279 29.85 -87.11 59.14
C UNK H 279 30.01 -87.03 60.66
N UNK H 280 30.52 -88.11 61.28
CA UNK H 280 30.79 -88.18 62.72
C UNK H 280 32.01 -87.33 63.09
N UNK H 281 33.01 -87.27 62.18
CA UNK H 281 34.24 -86.48 62.36
C UNK H 281 33.97 -84.99 62.21
N UNK H 282 33.08 -84.60 61.27
CA UNK H 282 32.71 -83.21 61.02
C UNK H 282 31.81 -82.65 62.12
N UNK H 283 30.91 -83.48 62.69
CA UNK H 283 30.00 -83.10 63.78
C UNK H 283 30.74 -82.93 65.11
N UNK H 284 31.79 -83.75 65.34
CA UNK H 284 32.62 -83.71 66.55
C UNK H 284 33.48 -82.45 66.57
N UNK H 285 33.97 -82.02 65.39
CA UNK H 285 34.77 -80.81 65.21
C UNK H 285 33.88 -79.57 65.29
N UNK H 286 32.59 -79.71 64.90
CA UNK H 286 31.58 -78.66 64.91
C UNK H 286 31.20 -78.25 66.34
N UNK H 287 31.00 -79.24 67.22
CA UNK H 287 30.65 -79.04 68.63
C UNK H 287 31.80 -78.44 69.46
N UNK H 288 33.03 -78.53 68.94
CA UNK H 288 34.25 -78.03 69.60
C UNK H 288 34.58 -76.56 69.25
N UNK H 289 33.81 -75.94 68.33
CA UNK H 289 34.02 -74.54 67.91
C UNK H 289 33.63 -73.55 69.01
N CYS H 290 34.52 -72.57 69.27
CA CYS H 290 34.30 -71.54 70.30
C CYS H 290 33.25 -70.50 69.88
N GLY H 291 33.28 -70.10 68.61
CA GLY H 291 32.33 -69.14 68.05
C GLY H 291 32.91 -67.84 67.52
N GLN H 292 34.17 -67.52 67.88
CA GLN H 292 34.88 -66.30 67.49
C GLN H 292 34.96 -66.08 65.97
N CYS H 293 35.19 -67.16 65.20
CA CYS H 293 35.31 -67.10 63.74
C CYS H 293 33.99 -67.27 63.00
N THR H 294 33.64 -66.30 62.13
CA THR H 294 32.44 -66.37 61.29
C THR H 294 32.58 -67.48 60.23
N PRO H 295 33.75 -67.74 59.58
CA PRO H 295 33.81 -68.83 58.60
C PRO H 295 33.85 -70.24 59.22
N CYS H 296 33.97 -70.36 60.56
CA CYS H 296 34.04 -71.63 61.26
C CYS H 296 32.71 -72.03 61.94
N ARG H 297 32.17 -71.18 62.84
CA ARG H 297 30.90 -71.48 63.54
C ARG H 297 29.67 -71.41 62.63
N GLU H 298 29.76 -70.66 61.51
CA GLU H 298 28.68 -70.53 60.53
C GLU H 298 29.00 -71.36 59.27
N GLY H 299 30.24 -71.83 59.17
CA GLY H 299 30.72 -72.64 58.06
C GLY H 299 30.80 -74.13 58.35
N THR H 300 31.70 -74.52 59.28
CA THR H 300 31.90 -75.93 59.65
C THR H 300 30.76 -76.48 60.52
N THR H 301 30.24 -75.65 61.45
CA THR H 301 29.18 -76.04 62.39
C THR H 301 27.78 -75.98 61.77
N TRP H 302 27.48 -74.90 61.01
CA TRP H 302 26.16 -74.70 60.41
C TRP H 302 25.96 -75.34 59.03
N LEU H 303 26.98 -75.25 58.15
CA LEU H 303 26.86 -75.79 56.78
C LEU H 303 27.48 -77.19 56.59
N LEU H 304 28.79 -77.35 56.87
CA LEU H 304 29.53 -78.61 56.69
C LEU H 304 28.96 -79.83 57.45
N LYS H 305 28.46 -79.62 58.68
CA LYS H 305 27.88 -80.67 59.50
C LYS H 305 26.54 -81.14 58.94
N ALA H 306 25.68 -80.18 58.51
CA ALA H 306 24.36 -80.45 57.92
C ALA H 306 24.50 -81.02 56.50
N MET H 307 25.60 -80.67 55.81
CA MET H 307 25.94 -81.13 54.45
C MET H 307 26.23 -82.62 54.45
N ASP H 308 27.03 -83.08 55.44
CA ASP H 308 27.40 -84.48 55.62
C ASP H 308 26.19 -85.29 56.12
N ARG H 309 25.32 -84.65 56.93
CA ARG H 309 24.11 -85.26 57.48
C ARG H 309 23.07 -85.53 56.38
N PHE H 310 23.00 -84.63 55.37
CA PHE H 310 22.09 -84.75 54.22
C PHE H 310 22.55 -85.86 53.27
N ARG H 311 23.88 -86.00 53.07
CA ARG H 311 24.47 -87.02 52.21
C ARG H 311 24.40 -88.41 52.85
N THR H 312 24.63 -88.50 54.18
CA THR H 312 24.58 -89.75 54.94
C THR H 312 23.22 -89.94 55.59
N LYS H 316 22.21 -84.95 46.32
CA LYS H 316 22.26 -84.88 44.86
C LYS H 316 23.70 -84.73 44.35
N GLU H 317 23.93 -85.09 43.06
CA GLU H 317 25.22 -85.03 42.37
C GLU H 317 25.80 -83.60 42.38
N ARG H 318 24.93 -82.58 42.17
CA ARG H 318 25.30 -81.16 42.17
C ARG H 318 25.72 -80.71 43.58
N GLU H 319 25.06 -81.26 44.63
CA GLU H 319 25.33 -80.96 46.03
C GLU H 319 26.74 -81.43 46.43
N ILE H 320 27.12 -82.68 46.08
CA ILE H 320 28.44 -83.28 46.34
C ILE H 320 29.57 -82.40 45.78
N ASP H 321 29.39 -81.91 44.54
CA ASP H 321 30.34 -81.01 43.86
C ASP H 321 30.42 -79.65 44.53
N MET H 322 29.29 -79.19 45.14
CA MET H 322 29.23 -77.92 45.86
C MET H 322 29.91 -78.03 47.23
N LEU H 323 29.65 -79.13 47.99
CA LEU H 323 30.22 -79.39 49.32
C LEU H 323 31.74 -79.53 49.29
N TYR H 324 32.29 -80.10 48.20
CA TYR H 324 33.73 -80.28 47.98
C TYR H 324 34.39 -78.91 47.74
N GLU H 325 33.67 -77.99 47.07
CA GLU H 325 34.13 -76.63 46.77
C GLU H 325 33.94 -75.70 47.97
N LEU H 326 33.05 -76.06 48.92
CA LEU H 326 32.78 -75.29 50.14
C LEU H 326 33.89 -75.41 51.19
N THR H 327 34.58 -76.58 51.22
CA THR H 327 35.67 -76.87 52.16
C THR H 327 36.89 -75.96 51.98
N LYS H 328 37.20 -75.60 50.72
CA LYS H 328 38.32 -74.73 50.35
C LYS H 328 38.12 -73.28 50.84
N ASP H 329 36.84 -72.86 50.97
CA ASP H 329 36.45 -71.52 51.43
C ASP H 329 36.76 -71.31 52.91
N ILE H 330 36.51 -72.32 53.76
CA ILE H 330 36.76 -72.29 55.20
C ILE H 330 38.22 -72.56 55.57
N GLU H 331 38.91 -73.44 54.81
CA GLU H 331 40.30 -73.82 55.02
C GLU H 331 41.29 -72.66 54.82
N GLY H 332 40.92 -71.72 53.96
CA GLY H 332 41.72 -70.54 53.66
C GLY H 332 41.79 -69.55 54.80
N HIS H 333 40.72 -68.75 54.98
CA HIS H 333 40.63 -67.74 56.03
C HIS H 333 39.93 -68.27 57.30
N THR H 334 40.71 -68.41 58.39
CA THR H 334 40.33 -68.84 59.74
C THR H 334 41.45 -68.44 60.70
N ILE H 335 41.10 -67.83 61.85
CA ILE H 335 42.06 -67.38 62.86
C ILE H 335 42.72 -68.58 63.57
N CYS H 336 41.96 -69.68 63.75
CA CYS H 336 42.44 -70.92 64.40
C CYS H 336 42.30 -72.12 63.45
N ALA H 337 43.21 -73.11 63.62
CA ALA H 337 43.30 -74.34 62.83
C ALA H 337 42.10 -75.32 62.98
N LEU H 338 41.06 -74.96 63.76
CA LEU H 338 39.86 -75.77 63.96
C LEU H 338 39.05 -75.96 62.66
N GLY H 339 39.09 -74.96 61.79
CA GLY H 339 38.43 -74.98 60.49
C GLY H 339 39.20 -75.78 59.46
N ASP H 340 40.54 -75.63 59.46
CA ASP H 340 41.47 -76.32 58.56
C ASP H 340 41.54 -77.82 58.82
N ALA H 341 41.57 -78.23 60.11
CA ALA H 341 41.63 -79.63 60.55
C ALA H 341 40.37 -80.41 60.17
N ALA H 342 39.20 -79.75 60.22
CA ALA H 342 37.91 -80.33 59.87
C ALA H 342 37.73 -80.41 58.36
N ALA H 343 38.36 -79.48 57.60
CA ALA H 343 38.29 -79.41 56.15
C ALA H 343 39.29 -80.34 55.44
N UNK H 344 40.49 -80.55 56.04
CA UNK H 344 41.56 -81.40 55.49
C UNK H 344 41.14 -82.86 55.30
N UNK H 345 40.30 -83.39 56.22
CA UNK H 345 39.78 -84.75 56.16
C UNK H 345 38.65 -84.88 55.14
N UNK H 346 37.84 -83.81 54.97
CA UNK H 346 36.71 -83.76 54.05
C UNK H 346 37.13 -83.49 52.60
N UNK H 347 38.20 -82.68 52.39
CA UNK H 347 38.73 -82.35 51.07
C UNK H 347 39.38 -83.56 50.39
N UNK H 348 39.99 -84.45 51.20
CA UNK H 348 40.64 -85.67 50.72
C UNK H 348 39.64 -86.84 50.62
N UNK H 349 38.49 -86.71 51.32
CA UNK H 349 37.41 -87.71 51.32
C UNK H 349 36.76 -87.85 49.95
N UNK H 350 36.74 -86.74 49.17
CA UNK H 350 36.19 -86.70 47.82
C UNK H 350 37.30 -86.66 46.74
N UNK H 351 38.56 -86.45 47.16
CA UNK H 351 39.72 -86.42 46.25
C UNK H 351 40.22 -87.84 45.96
N UNK H 352 39.95 -88.80 46.87
CA UNK H 352 40.36 -90.19 46.75
C UNK H 352 39.17 -91.15 46.72
N UNK H 353 38.15 -90.92 47.58
CA UNK H 353 36.96 -91.76 47.66
C UNK H 353 35.67 -90.99 47.30
N UNK H 354 35.65 -90.41 46.09
CA UNK H 354 34.51 -89.63 45.55
C UNK H 354 33.27 -90.49 45.34
N UNK H 355 33.48 -91.79 44.99
CA UNK H 355 32.41 -92.77 44.74
C UNK H 355 31.52 -93.04 45.95
N UNK H 356 32.10 -93.01 47.18
CA UNK H 356 31.39 -93.23 48.44
C UNK H 356 30.35 -92.13 48.72
N UNK H 357 30.72 -90.87 48.45
CA UNK H 357 29.84 -89.71 48.63
C UNK H 357 28.82 -89.62 47.49
N UNK H 358 29.22 -90.06 46.27
CA UNK H 358 28.38 -90.05 45.07
C UNK H 358 27.25 -91.08 45.14
N UNK H 359 27.57 -92.33 45.56
CA UNK H 359 26.59 -93.43 45.68
C UNK H 359 25.61 -93.20 46.82
N UNK H 360 26.02 -92.43 47.84
CA UNK H 360 25.22 -92.09 49.03
C UNK H 360 24.01 -91.20 48.71
N UNK H 361 24.13 -90.31 47.71
CA UNK H 361 23.08 -89.38 47.30
C UNK H 361 22.32 -89.80 46.03
N UNK H 362 23.01 -90.44 45.07
CA UNK H 362 22.42 -90.89 43.80
C UNK H 362 21.41 -92.02 43.99
N UNK H 363 21.70 -92.96 44.90
CA UNK H 363 20.83 -94.10 45.21
C UNK H 363 19.78 -93.76 46.28
N UNK H 364 19.88 -92.54 46.88
CA UNK H 364 19.01 -92.00 47.93
C UNK H 364 18.92 -92.87 49.20
N UNK H 365 20.04 -93.54 49.54
CA UNK H 365 20.20 -94.41 50.71
C UNK H 365 21.66 -94.44 51.15
N UNK H 366 21.91 -94.14 52.44
CA UNK H 366 23.25 -94.09 53.03
C UNK H 366 23.27 -94.40 54.52
N UNK H 367 24.49 -94.41 55.13
CA UNK H 367 24.80 -94.65 56.55
C UNK H 367 24.25 -95.99 57.08
N UNK H 368 25.10 -97.02 57.09
CA UNK H 368 24.75 -98.37 57.55
C UNK H 368 24.53 -98.40 59.07
N UNK H 369 23.32 -98.79 59.49
CA UNK H 369 22.94 -98.86 60.90
C UNK H 369 23.05 -100.31 61.41
N UNK H 370 24.10 -100.58 62.20
CA UNK H 370 24.37 -101.90 62.77
C UNK H 370 23.60 -102.13 64.07
N PHE I 1 -1.52 -10.78 7.86
CA PHE I 1 -2.57 -11.63 8.43
C PHE I 1 -1.96 -12.80 9.18
N THR I 2 -2.34 -12.96 10.47
CA THR I 2 -1.85 -14.02 11.35
C THR I 2 -2.97 -14.77 12.07
N ILE I 3 -2.81 -16.11 12.19
CA ILE I 3 -3.76 -17.01 12.86
C ILE I 3 -3.04 -18.04 13.74
N ASN I 4 -3.69 -18.48 14.83
CA ASN I 4 -3.14 -19.48 15.74
C ASN I 4 -3.84 -20.83 15.53
N PHE I 5 -3.26 -21.67 14.64
CA PHE I 5 -3.77 -22.99 14.23
C PHE I 5 -4.15 -23.90 15.40
N GLY I 6 -5.42 -23.83 15.77
CA GLY I 6 -6.06 -24.60 16.84
C GLY I 6 -5.49 -24.43 18.23
N PRO I 7 -6.19 -23.73 19.16
CA PRO I 7 -5.68 -23.62 20.54
C PRO I 7 -5.60 -24.97 21.26
N GLN I 8 -6.38 -25.94 20.74
CA GLN I 8 -6.47 -27.36 21.12
C GLN I 8 -7.19 -28.07 19.96
N HIS I 9 -7.17 -29.42 19.92
CA HIS I 9 -7.80 -30.25 18.87
C HIS I 9 -7.47 -29.76 17.41
N PRO I 10 -6.17 -29.67 17.00
CA PRO I 10 -5.86 -29.18 15.64
C PRO I 10 -6.02 -30.25 14.56
N ALA I 11 -5.48 -31.47 14.80
CA ALA I 11 -5.56 -32.61 13.88
C ALA I 11 -6.33 -33.78 14.50
N ALA I 12 -5.89 -34.24 15.69
CA ALA I 12 -6.52 -35.34 16.45
C ALA I 12 -6.85 -34.88 17.88
N HIS I 13 -5.86 -34.29 18.57
CA HIS I 13 -5.96 -33.75 19.93
C HIS I 13 -4.91 -32.67 20.15
N GLY I 14 -3.70 -32.92 19.61
CA GLY I 14 -2.52 -32.06 19.60
C GLY I 14 -2.18 -31.24 20.83
N VAL I 15 -2.91 -30.11 21.03
CA VAL I 15 -2.78 -29.08 22.08
C VAL I 15 -2.02 -27.86 21.53
N LEU I 16 -1.05 -28.12 20.64
CA LEU I 16 -0.17 -27.14 19.96
C LEU I 16 -0.82 -25.81 19.56
N ARG I 17 -0.21 -24.68 19.96
CA ARG I 17 -0.67 -23.33 19.64
C ARG I 17 0.29 -22.75 18.59
N LEU I 18 0.08 -23.17 17.33
CA LEU I 18 0.89 -22.82 16.16
C LEU I 18 0.51 -21.46 15.57
N ILE I 19 1.31 -20.42 15.86
CA ILE I 19 1.07 -19.06 15.36
C ILE I 19 1.52 -18.95 13.89
N LEU I 20 0.68 -19.48 12.96
CA LEU I 20 0.98 -19.45 11.53
C LEU I 20 0.54 -18.12 10.92
N GLU I 21 1.53 -17.27 10.53
CA GLU I 21 1.26 -15.97 9.91
C GLU I 21 0.83 -16.20 8.46
N LEU I 22 -0.46 -16.52 8.28
CA LEU I 22 -1.09 -16.83 7.00
C LEU I 22 -1.18 -15.60 6.10
N SER I 23 -0.15 -15.36 5.29
CA SER I 23 -0.10 -14.23 4.35
C SER I 23 -1.04 -14.45 3.17
N GLY I 24 -1.57 -13.34 2.64
CA GLY I 24 -2.51 -13.26 1.52
C GLY I 24 -2.80 -14.51 0.73
N GLU I 25 -4.03 -15.05 0.88
CA GLU I 25 -4.56 -16.28 0.25
C GLU I 25 -3.76 -17.55 0.58
N GLU I 26 -3.25 -17.61 1.85
CA GLU I 26 -2.47 -18.71 2.45
C GLU I 26 -1.18 -19.07 1.69
N ILE I 27 -0.03 -18.57 2.20
CA ILE I 27 1.31 -18.84 1.66
C ILE I 27 2.19 -19.44 2.79
N ILE I 28 1.80 -19.16 4.06
CA ILE I 28 2.38 -19.66 5.33
C ILE I 28 3.75 -19.02 5.66
N ARG I 29 3.86 -18.53 6.91
CA ARG I 29 5.03 -17.98 7.58
C ARG I 29 4.97 -18.61 8.98
N SER I 30 5.66 -19.75 9.13
CA SER I 30 5.62 -20.56 10.35
C SER I 30 6.35 -19.96 11.55
N ASP I 31 5.66 -20.01 12.70
CA ASP I 31 6.12 -19.59 14.03
C ASP I 31 5.43 -20.55 15.01
N PRO I 32 6.00 -21.76 15.22
CA PRO I 32 5.32 -22.76 16.08
C PRO I 32 5.22 -22.38 17.55
N HIS I 33 6.37 -22.04 18.20
CA HIS I 33 6.48 -21.65 19.61
C HIS I 33 6.29 -22.87 20.55
N VAL I 34 5.03 -23.31 20.78
CA VAL I 34 4.54 -24.41 21.65
C VAL I 34 5.62 -25.05 22.55
N GLY I 35 5.96 -26.32 22.26
CA GLY I 35 6.92 -27.13 23.00
C GLY I 35 6.58 -27.38 24.46
N LEU I 36 5.27 -27.43 24.78
CA LEU I 36 4.78 -27.64 26.15
C LEU I 36 4.88 -29.10 26.63
N LEU I 37 4.99 -29.28 27.97
CA LEU I 37 5.14 -30.49 28.80
C LEU I 37 6.47 -30.48 29.53
N LEU I 44 12.25 -34.42 37.01
CA LEU I 44 11.76 -35.53 37.83
C LEU I 44 12.50 -36.82 37.55
N ILE I 45 12.89 -37.06 36.28
CA ILE I 45 13.63 -38.24 35.83
C ILE I 45 14.99 -38.31 36.57
N GLU I 46 15.55 -37.14 36.92
CA GLU I 46 16.78 -36.97 37.70
C GLU I 46 16.52 -37.34 39.17
N TYR I 47 15.48 -36.74 39.79
CA TYR I 47 15.08 -36.95 41.19
C TYR I 47 14.73 -38.39 41.52
N LYS I 48 13.96 -39.07 40.65
CA LYS I 48 13.56 -40.46 40.82
C LYS I 48 14.76 -41.39 40.51
N THR I 49 14.79 -42.59 41.12
CA THR I 49 15.87 -43.58 40.92
C THR I 49 15.86 -44.16 39.49
N TYR I 50 16.96 -44.83 39.10
CA TYR I 50 17.15 -45.46 37.79
C TYR I 50 16.00 -46.40 37.38
N MET I 51 15.46 -47.17 38.34
CA MET I 51 14.35 -48.09 38.14
C MET I 51 13.03 -47.33 38.12
N GLN I 52 12.91 -46.27 38.94
CA GLN I 52 11.73 -45.41 39.08
C GLN I 52 11.52 -44.53 37.83
N ALA I 53 12.61 -44.18 37.14
CA ALA I 53 12.59 -43.34 35.94
C ALA I 53 12.00 -44.03 34.72
N LEU I 54 12.17 -45.35 34.61
CA LEU I 54 11.71 -46.19 33.49
C LEU I 54 10.17 -46.17 33.25
N PRO I 55 9.25 -46.42 34.25
CA PRO I 55 7.81 -46.35 33.94
C PRO I 55 7.31 -44.93 33.70
N TYR I 56 8.08 -43.94 34.16
CA TYR I 56 7.80 -42.51 34.00
C TYR I 56 8.29 -42.05 32.63
N PHE I 57 9.26 -42.77 32.05
CA PHE I 57 9.88 -42.48 30.75
C PHE I 57 8.95 -42.77 29.57
N ASP I 58 8.26 -43.94 29.57
CA ASP I 58 7.37 -44.36 28.48
C ASP I 58 6.19 -43.43 28.21
N ARG I 59 5.80 -42.61 29.20
CA ARG I 59 4.67 -41.69 29.11
C ARG I 59 4.92 -40.46 28.19
N LEU I 60 6.01 -40.50 27.38
CA LEU I 60 6.34 -39.47 26.40
C LEU I 60 5.49 -39.75 25.16
N ASP I 61 5.83 -40.82 24.40
CA ASP I 61 5.06 -41.27 23.24
C ASP I 61 4.19 -42.42 23.72
N TYR I 62 2.92 -42.10 24.04
CA TYR I 62 1.90 -43.00 24.59
C TYR I 62 1.65 -44.27 23.76
N VAL I 63 1.59 -44.16 22.41
CA VAL I 63 1.31 -45.28 21.51
C VAL I 63 2.50 -46.24 21.46
N SER I 64 3.69 -45.73 21.08
CA SER I 64 4.88 -46.57 21.05
C SER I 64 5.61 -46.52 22.41
N MET I 65 4.87 -46.74 23.51
CA MET I 65 5.39 -46.73 24.89
C MET I 65 6.35 -47.88 25.17
N MET I 66 6.09 -49.07 24.60
CA MET I 66 6.94 -50.25 24.78
C MET I 66 8.26 -50.10 24.03
N THR I 67 8.25 -49.43 22.87
CA THR I 67 9.45 -49.16 22.07
C THR I 67 10.18 -47.95 22.67
N ASN I 68 9.44 -47.05 23.37
CA ASN I 68 9.95 -45.88 24.08
C ASN I 68 10.75 -46.37 25.30
N GLU I 69 10.28 -47.48 25.91
CA GLU I 69 10.91 -48.14 27.07
C GLU I 69 12.22 -48.81 26.66
N GLN I 70 12.23 -49.46 25.47
CA GLN I 70 13.36 -50.20 24.90
C GLN I 70 14.66 -49.41 24.77
N VAL I 71 14.59 -48.17 24.25
CA VAL I 71 15.78 -47.32 24.08
C VAL I 71 16.38 -46.91 25.45
N PHE I 72 15.53 -46.58 26.44
CA PHE I 72 15.98 -46.23 27.79
C PHE I 72 16.55 -47.46 28.49
N SER I 73 15.94 -48.64 28.29
CA SER I 73 16.41 -49.91 28.86
C SER I 73 17.79 -50.26 28.31
N LEU I 74 18.02 -50.04 27.00
CA LEU I 74 19.30 -50.27 26.31
C LEU I 74 20.37 -49.26 26.74
N ALA I 75 19.96 -48.01 27.02
CA ALA I 75 20.85 -46.92 27.46
C ALA I 75 21.39 -47.18 28.86
N VAL I 76 20.55 -47.75 29.76
CA VAL I 76 20.92 -48.11 31.12
C VAL I 76 21.82 -49.36 31.07
N GLU I 77 21.53 -50.28 30.12
CA GLU I 77 22.29 -51.51 29.86
C GLU I 77 23.73 -51.21 29.44
N LYS I 78 23.93 -50.23 28.55
CA LYS I 78 25.24 -49.79 28.05
C LYS I 78 26.07 -49.13 29.16
N LEU I 79 25.39 -48.39 30.07
CA LEU I 79 26.00 -47.73 31.22
C LEU I 79 26.39 -48.77 32.28
N LEU I 80 25.56 -49.81 32.48
CA LEU I 80 25.79 -50.89 33.43
C LEU I 80 26.89 -51.85 32.95
N ASN I 81 27.00 -52.02 31.61
CA ASN I 81 27.96 -52.90 30.91
C ASN I 81 27.69 -54.41 31.19
N VAL I 82 26.44 -54.74 31.56
CA VAL I 82 25.94 -56.09 31.83
C VAL I 82 24.54 -56.21 31.20
N GLU I 83 24.39 -56.99 30.10
CA GLU I 83 23.12 -57.09 29.36
C GLU I 83 22.95 -58.33 28.43
N VAL I 84 22.98 -59.59 28.95
CA VAL I 84 22.85 -60.70 27.99
C VAL I 84 21.63 -61.66 28.26
N PRO I 85 20.40 -61.29 27.84
CA PRO I 85 19.28 -62.25 27.94
C PRO I 85 19.12 -63.02 26.61
N LEU I 86 18.40 -64.17 26.60
CA LEU I 86 18.20 -64.92 25.36
C LEU I 86 16.72 -64.90 24.96
N ARG I 87 15.86 -65.51 25.78
CA ARG I 87 14.40 -65.54 25.62
C ARG I 87 13.89 -64.15 26.07
N GLY I 88 14.64 -63.52 26.97
CA GLY I 88 14.39 -62.17 27.47
C GLY I 88 14.75 -61.10 26.45
N LYS I 89 15.44 -61.51 25.37
CA LYS I 89 15.85 -60.68 24.24
C LYS I 89 14.89 -60.90 23.06
N TYR I 90 14.28 -62.11 23.00
CA TYR I 90 13.30 -62.54 22.00
C TYR I 90 11.97 -61.80 22.22
N ILE I 91 11.69 -61.45 23.48
CA ILE I 91 10.48 -60.73 23.92
C ILE I 91 10.68 -59.19 23.79
N ARG I 92 11.62 -58.78 22.91
CA ARG I 92 11.93 -57.37 22.63
C ARG I 92 11.76 -57.04 21.15
N THR I 93 12.24 -57.94 20.25
CA THR I 93 12.12 -57.78 18.79
C THR I 93 10.68 -58.03 18.35
N MET I 94 10.02 -59.04 18.95
CA MET I 94 8.63 -59.40 18.67
C MET I 94 7.72 -58.25 19.11
N PHE I 95 7.81 -57.85 20.39
CA PHE I 95 7.00 -56.79 21.00
C PHE I 95 7.35 -55.38 20.49
N GLY I 96 8.58 -55.18 20.04
CA GLY I 96 9.04 -53.91 19.47
C GLY I 96 8.44 -53.67 18.10
N GLU I 97 8.15 -54.77 17.37
CA GLU I 97 7.54 -54.77 16.05
C GLU I 97 6.01 -55.01 16.13
N ILE I 98 5.48 -54.99 17.37
CA ILE I 98 4.05 -55.12 17.69
C ILE I 98 3.55 -53.74 18.11
N THR I 99 4.38 -53.01 18.89
CA THR I 99 4.11 -51.64 19.32
C THR I 99 4.38 -50.68 18.14
N ARG I 100 5.13 -51.16 17.13
CA ARG I 100 5.41 -50.44 15.89
C ARG I 100 4.14 -50.36 15.04
N VAL I 101 3.31 -51.44 15.07
CA VAL I 101 2.02 -51.53 14.38
C VAL I 101 1.10 -50.47 15.00
N LEU I 102 1.08 -50.40 16.35
CA LEU I 102 0.29 -49.48 17.16
C LEU I 102 0.56 -48.00 16.85
N ASN I 103 1.84 -47.58 16.83
CA ASN I 103 2.26 -46.21 16.53
C ASN I 103 1.97 -45.82 15.08
N HIS I 104 2.24 -46.73 14.14
CA HIS I 104 1.98 -46.51 12.71
C HIS I 104 0.47 -46.44 12.41
N LEU I 105 -0.37 -47.11 13.24
CA LEU I 105 -1.83 -47.06 13.11
C LEU I 105 -2.32 -45.65 13.45
N MET I 106 -1.98 -45.16 14.66
CA MET I 106 -2.34 -43.83 15.18
C MET I 106 -1.91 -42.69 14.23
N SER I 107 -0.69 -42.75 13.68
CA SER I 107 -0.11 -41.75 12.77
C SER I 107 -0.83 -41.67 11.43
N VAL I 108 -1.12 -42.82 10.80
CA VAL I 108 -1.83 -42.93 9.52
C VAL I 108 -3.31 -42.54 9.69
N CYS I 109 -3.92 -42.99 10.80
CA CYS I 109 -5.32 -42.69 11.13
C CYS I 109 -5.57 -41.22 11.46
N SER I 110 -4.63 -40.56 12.19
CA SER I 110 -4.71 -39.13 12.55
C SER I 110 -4.67 -38.26 11.29
N HIS I 111 -3.91 -38.71 10.28
CA HIS I 111 -3.76 -38.07 8.98
C HIS I 111 -5.09 -38.22 8.22
N ALA I 112 -5.61 -39.47 8.14
CA ALA I 112 -6.88 -39.81 7.48
C ALA I 112 -8.10 -39.16 8.12
N MET I 113 -8.08 -38.93 9.44
CA MET I 113 -9.16 -38.31 10.23
C MET I 113 -9.46 -36.90 9.68
N ASP I 114 -8.42 -36.06 9.57
CA ASP I 114 -8.54 -34.70 9.04
C ASP I 114 -8.65 -34.72 7.52
N VAL I 115 -7.94 -35.67 6.85
CA VAL I 115 -7.98 -35.81 5.41
C VAL I 115 -9.18 -36.73 5.03
N GLY I 116 -10.38 -36.21 5.29
CA GLY I 116 -11.67 -36.83 5.02
C GLY I 116 -11.93 -38.21 5.58
N ALA I 117 -11.42 -39.24 4.87
CA ALA I 117 -11.54 -40.68 5.15
C ALA I 117 -11.57 -41.06 6.64
N LEU I 118 -12.78 -41.09 7.22
CA LEU I 118 -13.02 -41.43 8.62
C LEU I 118 -13.07 -42.93 8.88
N THR I 119 -13.32 -43.74 7.83
CA THR I 119 -13.41 -45.21 7.92
C THR I 119 -12.05 -45.85 8.26
N PRO I 120 -10.90 -45.51 7.60
CA PRO I 120 -9.62 -46.12 8.01
C PRO I 120 -9.21 -45.73 9.44
N PHE I 121 -9.65 -44.53 9.89
CA PHE I 121 -9.41 -44.01 11.23
C PHE I 121 -9.99 -44.94 12.30
N LEU I 122 -11.25 -45.40 12.10
CA LEU I 122 -11.90 -46.32 13.02
C LEU I 122 -11.45 -47.76 12.83
N TRP I 123 -11.14 -48.15 11.58
CA TRP I 123 -10.63 -49.49 11.23
C TRP I 123 -9.30 -49.76 11.94
N GLY I 124 -8.55 -48.69 12.18
CA GLY I 124 -7.26 -48.72 12.88
C GLY I 124 -7.40 -49.06 14.34
N PHE I 125 -8.30 -48.35 15.06
CA PHE I 125 -8.58 -48.55 16.48
C PHE I 125 -9.28 -49.90 16.77
N GLU I 126 -9.98 -50.46 15.76
CA GLU I 126 -10.69 -51.74 15.83
C GLU I 126 -9.71 -52.90 15.97
N GLU I 127 -8.62 -52.89 15.17
CA GLU I 127 -7.57 -53.91 15.18
C GLU I 127 -6.71 -53.79 16.44
N ARG I 128 -6.56 -52.55 16.97
CA ARG I 128 -5.79 -52.20 18.17
C ARG I 128 -6.27 -52.94 19.43
N GLU I 129 -7.60 -53.19 19.53
CA GLU I 129 -8.24 -53.91 20.64
C GLU I 129 -7.77 -55.37 20.73
N LYS I 130 -7.39 -55.97 19.58
CA LYS I 130 -6.88 -57.34 19.51
C LYS I 130 -5.45 -57.39 20.03
N LEU I 131 -4.72 -56.26 19.93
CA LEU I 131 -3.35 -56.10 20.43
C LEU I 131 -3.36 -55.81 21.94
N MET I 132 -4.49 -55.30 22.46
CA MET I 132 -4.67 -54.97 23.88
C MET I 132 -4.58 -56.21 24.78
N GLU I 133 -4.90 -57.40 24.22
CA GLU I 133 -4.80 -58.69 24.90
C GLU I 133 -3.32 -59.03 25.09
N PHE I 134 -2.48 -58.65 24.10
CA PHE I 134 -1.02 -58.83 24.13
C PHE I 134 -0.36 -57.79 25.07
N TYR I 135 -1.12 -56.75 25.48
CA TYR I 135 -0.65 -55.69 26.36
C TYR I 135 -1.11 -55.86 27.81
N GLU I 136 -2.35 -56.35 28.02
CA GLU I 136 -2.93 -56.53 29.36
C GLU I 136 -2.56 -57.87 30.01
N ARG I 137 -2.69 -58.99 29.27
CA ARG I 137 -2.39 -60.35 29.76
C ARG I 137 -0.92 -60.56 30.10
N VAL I 138 -0.01 -59.94 29.34
CA VAL I 138 1.44 -60.07 29.55
C VAL I 138 1.92 -59.08 30.63
N SER I 139 1.66 -57.77 30.45
CA SER I 139 2.07 -56.73 31.40
C SER I 139 1.04 -56.48 32.51
N GLY I 140 0.17 -55.49 32.32
CA GLY I 140 -0.87 -55.12 33.27
C GLY I 140 -1.29 -53.67 33.16
N TYR I 147 6.34 -52.15 30.48
CA TYR I 147 6.64 -53.58 30.51
C TYR I 147 8.13 -53.88 30.30
N VAL I 148 8.75 -53.23 29.29
CA VAL I 148 10.18 -53.42 28.97
C VAL I 148 11.04 -52.77 30.07
N ARG I 149 11.87 -53.59 30.73
CA ARG I 149 12.75 -53.18 31.84
C ARG I 149 14.24 -53.22 31.43
N PRO I 150 15.17 -52.50 32.11
CA PRO I 150 16.59 -52.58 31.70
C PRO I 150 17.21 -53.96 31.86
N GLY I 151 16.75 -54.70 32.87
CA GLY I 151 17.22 -56.06 33.14
C GLY I 151 16.40 -57.14 32.46
N GLY I 152 15.73 -56.79 31.36
CA GLY I 152 14.90 -57.72 30.59
C GLY I 152 13.48 -57.23 30.35
N VAL I 153 12.51 -57.84 31.06
CA VAL I 153 11.08 -57.53 31.00
C VAL I 153 10.43 -57.67 32.38
N SER I 154 9.32 -56.93 32.63
CA SER I 154 8.57 -56.94 33.90
C SER I 154 8.23 -58.34 34.43
N GLN I 155 7.73 -59.24 33.54
CA GLN I 155 7.36 -60.61 33.89
C GLN I 155 7.38 -61.56 32.66
N ASP I 156 7.09 -62.86 32.90
CA ASP I 156 7.07 -63.91 31.88
C ASP I 156 5.78 -63.88 31.04
N LEU I 157 5.87 -64.39 29.79
CA LEU I 157 4.73 -64.47 28.87
C LEU I 157 3.76 -65.60 29.25
N PRO I 158 2.42 -65.42 29.10
CA PRO I 158 1.49 -66.50 29.48
C PRO I 158 1.45 -67.65 28.47
N ALA I 159 0.71 -68.73 28.80
CA ALA I 159 0.55 -69.92 27.95
C ALA I 159 -0.26 -69.60 26.68
N GLY I 160 -1.19 -68.65 26.79
CA GLY I 160 -2.03 -68.21 25.70
C GLY I 160 -1.47 -67.01 24.95
N LEU I 161 -0.13 -66.95 24.80
CA LEU I 161 0.57 -65.88 24.10
C LEU I 161 1.01 -66.36 22.72
N LEU I 162 1.88 -67.39 22.66
CA LEU I 162 2.39 -67.95 21.40
C LEU I 162 1.40 -68.89 20.73
N ASP I 163 0.60 -69.63 21.52
CA ASP I 163 -0.41 -70.57 21.05
C ASP I 163 -1.49 -69.90 20.18
N ASP I 164 -1.78 -68.60 20.45
CA ASP I 164 -2.78 -67.85 19.70
C ASP I 164 -2.26 -66.48 19.22
N ILE I 165 -1.51 -66.51 18.09
CA ILE I 165 -0.99 -65.34 17.38
C ILE I 165 -1.66 -65.35 16.01
N TYR I 166 -1.88 -66.56 15.44
CA TYR I 166 -2.53 -66.82 14.15
C TYR I 166 -3.91 -66.17 14.03
N MET I 167 -4.61 -65.98 15.17
CA MET I 167 -5.93 -65.31 15.24
C MET I 167 -5.80 -63.83 14.85
N TRP I 168 -4.59 -63.27 14.96
CA TRP I 168 -4.24 -61.90 14.61
C TRP I 168 -3.41 -61.89 13.32
N ALA I 169 -2.36 -62.74 13.24
CA ALA I 169 -1.43 -62.86 12.11
C ALA I 169 -2.08 -63.12 10.75
N THR I 170 -3.16 -63.94 10.71
CA THR I 170 -3.88 -64.26 9.47
C THR I 170 -5.04 -63.29 9.20
N GLN I 171 -5.75 -62.87 10.27
CA GLN I 171 -6.88 -61.94 10.17
C GLN I 171 -6.44 -60.50 9.87
N PHE I 172 -5.18 -60.16 10.23
CA PHE I 172 -4.55 -58.87 9.95
C PHE I 172 -3.59 -59.08 8.78
N GLY I 173 -3.51 -58.08 7.91
CA GLY I 173 -2.74 -58.14 6.68
C GLY I 173 -3.68 -57.98 5.52
N ASP I 174 -4.83 -58.69 5.58
CA ASP I 174 -5.92 -58.60 4.63
C ASP I 174 -6.69 -57.31 4.95
N ARG I 175 -6.79 -56.97 6.25
CA ARG I 175 -7.43 -55.76 6.76
C ARG I 175 -6.52 -54.55 6.55
N LEU I 176 -5.19 -54.80 6.39
CA LEU I 176 -4.16 -53.80 6.10
C LEU I 176 -4.34 -53.39 4.64
N ASP I 177 -4.74 -54.37 3.79
CA ASP I 177 -5.00 -54.19 2.36
C ASP I 177 -6.42 -53.64 2.08
N GLU I 178 -7.16 -53.27 3.14
CA GLU I 178 -8.49 -52.65 3.04
C GLU I 178 -8.34 -51.15 3.28
N ILE I 179 -7.35 -50.78 4.12
CA ILE I 179 -6.99 -49.39 4.44
C ILE I 179 -6.13 -48.85 3.29
N GLU I 180 -5.15 -49.64 2.83
CA GLU I 180 -4.24 -49.31 1.72
C GLU I 180 -5.03 -49.09 0.42
N GLU I 181 -5.89 -50.05 0.03
CA GLU I 181 -6.73 -49.99 -1.18
C GLU I 181 -7.70 -48.81 -1.17
N LEU I 182 -8.01 -48.26 0.02
CA LEU I 182 -8.90 -47.12 0.19
C LEU I 182 -8.14 -45.78 0.05
N LEU I 183 -6.81 -45.79 0.29
CA LEU I 183 -6.01 -44.55 0.18
C LEU I 183 -5.13 -44.47 -1.07
N THR I 184 -4.16 -45.40 -1.27
CA THR I 184 -3.21 -45.36 -2.39
C THR I 184 -3.90 -45.27 -3.78
N ASP I 185 -5.01 -46.00 -3.99
CA ASP I 185 -5.75 -45.95 -5.24
C ASP I 185 -6.79 -44.83 -5.15
N ASN I 186 -6.33 -43.59 -5.39
CA ASN I 186 -7.16 -42.39 -5.33
C ASN I 186 -6.67 -41.27 -6.26
N ARG I 187 -7.42 -40.16 -6.29
CA ARG I 187 -7.14 -38.95 -7.03
C ARG I 187 -6.95 -37.86 -5.99
N ILE I 188 -7.98 -37.66 -5.15
CA ILE I 188 -8.10 -36.68 -4.06
C ILE I 188 -6.95 -36.80 -3.04
N TRP I 189 -6.72 -38.02 -2.53
CA TRP I 189 -5.64 -38.33 -1.57
C TRP I 189 -4.27 -38.24 -2.24
N LYS I 190 -4.17 -38.76 -3.47
CA LYS I 190 -2.93 -38.83 -4.25
C LYS I 190 -2.37 -37.46 -4.68
N LEU I 191 -3.18 -36.62 -5.38
CA LEU I 191 -2.75 -35.32 -5.91
C LEU I 191 -2.20 -34.37 -4.83
N ARG I 192 -2.80 -34.37 -3.63
CA ARG I 192 -2.39 -33.50 -2.52
C ARG I 192 -1.07 -33.92 -1.90
N THR I 193 -0.98 -35.20 -1.44
CA THR I 193 0.20 -35.79 -0.80
C THR I 193 1.46 -35.77 -1.70
N VAL I 194 1.28 -35.87 -3.03
CA VAL I 194 2.36 -35.83 -4.03
C VAL I 194 2.94 -34.40 -4.11
N ASN I 195 2.06 -33.38 -4.10
CA ASN I 195 2.44 -31.96 -4.18
C ASN I 195 3.09 -31.45 -2.89
N ILE I 196 2.47 -31.73 -1.73
CA ILE I 196 2.95 -31.30 -0.41
C ILE I 196 4.13 -32.15 0.09
N GLY I 197 4.89 -31.60 1.03
CA GLY I 197 6.06 -32.23 1.62
C GLY I 197 7.33 -31.78 0.95
N THR I 198 7.99 -30.75 1.51
CA THR I 198 9.22 -30.17 0.97
C THR I 198 10.46 -30.87 1.55
N VAL I 199 10.66 -32.15 1.16
CA VAL I 199 11.79 -32.97 1.59
C VAL I 199 12.93 -32.68 0.62
N THR I 200 13.73 -31.65 0.93
CA THR I 200 14.84 -31.18 0.10
C THR I 200 16.14 -31.99 0.32
N ALA I 201 16.04 -33.17 0.97
CA ALA I 201 17.10 -34.15 1.29
C ALA I 201 18.26 -33.56 2.11
N GLN I 202 19.11 -32.70 1.50
CA GLN I 202 20.26 -32.08 2.16
C GLN I 202 19.86 -31.14 3.30
N ASP I 203 18.83 -30.29 3.08
CA ASP I 203 18.30 -29.38 4.09
C ASP I 203 17.54 -30.16 5.16
N ALA I 204 16.94 -31.30 4.77
CA ALA I 204 16.22 -32.22 5.65
C ALA I 204 17.20 -32.94 6.59
N LEU I 205 18.46 -33.15 6.14
CA LEU I 205 19.53 -33.73 6.94
C LEU I 205 20.05 -32.65 7.89
N ASN I 206 20.12 -31.39 7.41
CA ASN I 206 20.54 -30.21 8.18
C ASN I 206 19.55 -29.89 9.30
N LEU I 207 18.25 -30.18 9.08
CA LEU I 207 17.18 -29.98 10.07
C LEU I 207 17.08 -31.13 11.09
N GLY I 208 17.87 -32.19 10.88
CA GLY I 208 17.96 -33.34 11.76
C GLY I 208 16.72 -34.20 11.86
N LEU I 209 16.21 -34.65 10.70
CA LEU I 209 15.02 -35.50 10.58
C LEU I 209 15.41 -36.98 10.83
N SER I 210 14.41 -37.89 10.99
CA SER I 210 14.67 -39.31 11.28
C SER I 210 13.51 -40.26 10.99
N GLY I 211 13.85 -41.51 10.67
CA GLY I 211 12.89 -42.58 10.37
C GLY I 211 12.05 -42.33 9.14
N PRO I 212 10.72 -42.61 9.18
CA PRO I 212 9.87 -42.32 8.00
C PRO I 212 9.81 -40.84 7.60
N MET I 213 10.38 -39.97 8.46
CA MET I 213 10.49 -38.53 8.29
C MET I 213 11.72 -38.17 7.42
N LEU I 214 12.74 -39.04 7.38
CA LEU I 214 13.94 -38.79 6.57
C LEU I 214 14.24 -39.89 5.53
N ARG I 215 13.68 -41.11 5.68
CA ARG I 215 13.92 -42.18 4.72
C ARG I 215 12.84 -42.29 3.61
N GLY I 216 11.99 -41.26 3.52
CA GLY I 216 10.93 -41.16 2.53
C GLY I 216 11.45 -40.96 1.12
N SER I 217 12.48 -40.12 0.96
CA SER I 217 13.11 -39.82 -0.32
C SER I 217 14.02 -40.97 -0.77
N GLY I 218 14.67 -41.64 0.19
CA GLY I 218 15.57 -42.76 -0.05
C GLY I 218 16.96 -42.49 0.45
N ILE I 219 17.12 -42.41 1.78
CA ILE I 219 18.40 -42.14 2.44
C ILE I 219 19.11 -43.45 2.84
N ASP I 222 19.64 -45.71 8.54
CA ASP I 222 18.62 -46.36 9.37
C ASP I 222 19.26 -47.00 10.60
N ILE I 223 18.87 -46.53 11.81
CA ILE I 223 19.40 -47.04 13.08
C ILE I 223 18.82 -48.42 13.44
N ARG I 224 17.63 -48.77 12.90
CA ARG I 224 16.98 -50.07 13.13
C ARG I 224 17.81 -51.20 12.49
N LYS I 225 18.35 -50.94 11.29
CA LYS I 225 19.23 -51.85 10.54
C LYS I 225 20.69 -51.41 10.70
N ASN I 226 21.62 -51.98 9.89
CA ASN I 226 23.09 -51.78 9.82
C ASN I 226 23.79 -51.94 11.18
N ALA I 227 23.51 -51.05 12.17
CA ALA I 227 24.01 -51.11 13.55
C ALA I 227 22.73 -51.39 14.38
N PRO I 228 22.27 -52.66 14.47
CA PRO I 228 20.99 -52.93 15.15
C PRO I 228 21.07 -53.17 16.65
N TYR I 229 19.95 -52.90 17.32
CA TYR I 229 19.75 -53.06 18.75
C TYR I 229 19.09 -54.41 19.04
N ASP I 230 19.66 -55.15 20.01
CA ASP I 230 19.33 -56.49 20.55
C ASP I 230 18.29 -57.34 19.78
N ALA I 231 18.74 -58.52 19.32
CA ALA I 231 18.01 -59.60 18.61
C ALA I 231 17.41 -59.21 17.23
N TYR I 232 17.40 -57.91 16.86
CA TYR I 232 16.91 -57.43 15.56
C TYR I 232 17.86 -57.81 14.43
N ASP I 233 19.14 -58.10 14.79
CA ASP I 233 20.26 -58.46 13.92
C ASP I 233 20.02 -59.69 13.03
N LYS I 234 19.51 -60.79 13.63
CA LYS I 234 19.28 -62.08 12.95
C LYS I 234 18.05 -62.11 12.03
N VAL I 235 16.95 -61.45 12.43
CA VAL I 235 15.69 -61.45 11.66
C VAL I 235 15.80 -60.61 10.38
N ASP I 236 15.15 -61.09 9.29
CA ASP I 236 15.14 -60.46 7.97
C ASP I 236 14.38 -59.14 7.94
N PHE I 237 14.94 -58.15 7.23
CA PHE I 237 14.38 -56.81 7.04
C PHE I 237 14.59 -56.36 5.59
N ASP I 238 13.50 -55.96 4.91
CA ASP I 238 13.55 -55.50 3.53
C ASP I 238 13.79 -54.00 3.42
N VAL I 239 14.48 -53.57 2.35
CA VAL I 239 14.82 -52.17 2.09
C VAL I 239 13.60 -51.35 1.60
N PRO I 240 13.09 -50.38 2.41
CA PRO I 240 11.96 -49.55 1.94
C PRO I 240 12.47 -48.54 0.92
N VAL I 241 12.07 -48.73 -0.36
CA VAL I 241 12.49 -47.95 -1.53
C VAL I 241 12.25 -46.43 -1.38
N GLY I 242 11.03 -45.97 -1.68
CA GLY I 242 10.68 -44.56 -1.62
C GLY I 242 11.21 -43.81 -2.83
N MET I 243 10.32 -43.47 -3.78
CA MET I 243 10.66 -42.79 -5.02
C MET I 243 10.99 -41.30 -4.84
N ASN I 244 9.96 -40.47 -4.56
CA ASN I 244 10.10 -39.02 -4.38
C ASN I 244 10.17 -38.58 -2.92
N GLY I 245 10.42 -37.29 -2.71
CA GLY I 245 10.47 -36.66 -1.40
C GLY I 245 9.19 -35.90 -1.14
N ASP I 246 8.09 -36.63 -0.91
CA ASP I 246 6.77 -36.07 -0.65
C ASP I 246 5.94 -36.92 0.32
N CYS I 247 4.84 -36.34 0.84
CA CYS I 247 3.91 -36.95 1.81
C CYS I 247 3.29 -38.29 1.35
N TYR I 248 3.15 -38.52 0.02
CA TYR I 248 2.62 -39.77 -0.54
C TYR I 248 3.62 -40.91 -0.35
N ASP I 249 4.91 -40.65 -0.63
CA ASP I 249 5.99 -41.63 -0.46
C ASP I 249 6.21 -41.90 1.03
N ARG I 250 6.08 -40.86 1.88
CA ARG I 250 6.21 -40.92 3.34
C ARG I 250 5.19 -41.91 3.92
N TYR I 251 3.94 -41.83 3.43
CA TYR I 251 2.83 -42.70 3.81
C TYR I 251 3.06 -44.11 3.29
N LEU I 252 3.57 -44.24 2.04
CA LEU I 252 3.87 -45.52 1.38
C LEU I 252 4.95 -46.28 2.18
N ILE I 253 5.95 -45.55 2.71
CA ILE I 253 7.03 -46.07 3.54
C ILE I 253 6.45 -46.62 4.86
N ARG I 254 5.55 -45.84 5.50
CA ARG I 254 4.86 -46.22 6.74
C ARG I 254 3.96 -47.43 6.50
N MET I 255 3.30 -47.49 5.32
CA MET I 255 2.43 -48.59 4.91
C MET I 255 3.26 -49.83 4.54
N ALA I 256 4.52 -49.63 4.07
CA ALA I 256 5.44 -50.73 3.76
C ALA I 256 5.99 -51.27 5.08
N GLU I 257 6.20 -50.37 6.07
CA GLU I 257 6.66 -50.69 7.42
C GLU I 257 5.62 -51.49 8.17
N PHE I 258 4.32 -51.29 7.83
CA PHE I 258 3.16 -52.00 8.39
C PHE I 258 3.25 -53.48 8.05
N ARG I 259 3.52 -53.80 6.76
CA ARG I 259 3.69 -55.16 6.25
C ARG I 259 5.00 -55.75 6.76
N GLN I 260 6.05 -54.89 6.90
CA GLN I 260 7.37 -55.25 7.42
C GLN I 260 7.27 -55.67 8.88
N SER I 261 6.39 -55.01 9.66
CA SER I 261 6.14 -55.29 11.08
C SER I 261 5.37 -56.60 11.29
N LEU I 262 4.75 -57.15 10.23
CA LEU I 262 3.99 -58.41 10.26
C LEU I 262 4.86 -59.58 9.75
N ARG I 263 5.64 -59.35 8.67
CA ARG I 263 6.52 -60.35 8.06
C ARG I 263 7.65 -60.80 9.01
N ILE I 264 8.03 -59.94 9.98
CA ILE I 264 9.05 -60.22 10.99
C ILE I 264 8.56 -61.25 12.02
N ILE I 265 7.36 -61.05 12.60
CA ILE I 265 6.72 -61.88 13.65
C ILE I 265 6.73 -63.38 13.29
N GLU I 266 6.36 -63.73 12.04
CA GLU I 266 6.35 -65.12 11.58
C GLU I 266 7.76 -65.70 11.48
N GLN I 267 8.74 -64.86 11.07
CA GLN I 267 10.16 -65.24 10.94
C GLN I 267 10.91 -65.15 12.28
N CYS I 268 10.27 -64.58 13.32
CA CYS I 268 10.80 -64.39 14.67
C CYS I 268 10.10 -65.32 15.68
N CYS I 269 9.06 -66.06 15.23
CA CYS I 269 8.29 -67.00 16.04
C CYS I 269 9.14 -68.25 16.36
N ASN I 270 10.07 -68.10 17.32
CA ASN I 270 11.00 -69.14 17.76
C ASN I 270 11.14 -69.17 19.28
N ASP I 271 11.40 -70.37 19.85
CA ASP I 271 11.58 -70.64 21.28
C ASP I 271 10.35 -70.23 22.12
N MET I 272 10.38 -69.02 22.71
CA MET I 272 9.38 -68.36 23.56
C MET I 272 9.02 -69.22 24.82
N PRO I 273 7.97 -70.11 24.95
CA PRO I 273 7.78 -70.83 26.22
C PRO I 273 8.97 -71.65 26.70
N ALA I 274 9.36 -71.45 27.98
CA ALA I 274 10.48 -72.07 28.72
C ALA I 274 11.86 -71.72 28.12
N GLY I 275 12.60 -70.87 28.86
CA GLY I 275 13.93 -70.40 28.49
C GLY I 275 14.52 -69.43 29.49
N ALA I 276 15.20 -68.36 28.99
CA ALA I 276 15.83 -67.32 29.81
C ALA I 276 14.79 -66.34 30.36
N VAL I 277 14.66 -66.28 31.70
CA VAL I 277 13.68 -65.48 32.43
C VAL I 277 13.87 -63.94 32.19
N LYS I 278 14.85 -63.29 32.85
CA LYS I 278 15.07 -61.84 32.75
C LYS I 278 16.57 -61.52 32.62
N VAL I 279 17.31 -61.58 33.76
CA VAL I 279 18.75 -61.35 33.89
C VAL I 279 19.24 -62.25 35.03
N GLU I 280 20.37 -62.96 34.82
CA GLU I 280 20.91 -63.91 35.79
C GLU I 280 22.05 -63.37 36.66
N ASP I 281 21.78 -63.29 37.99
CA ASP I 281 22.62 -62.85 39.13
C ASP I 281 21.70 -62.51 40.33
N PHE I 282 22.28 -61.97 41.44
CA PHE I 282 21.49 -61.56 42.61
C PHE I 282 20.78 -60.24 42.31
N LYS I 283 21.56 -59.21 41.91
CA LYS I 283 21.16 -57.84 41.63
C LYS I 283 20.48 -57.61 40.27
N ILE I 284 20.12 -56.33 40.00
CA ILE I 284 19.47 -55.80 38.80
C ILE I 284 18.17 -56.57 38.51
N ASN I 285 17.15 -56.32 39.36
CA ASN I 285 15.81 -56.92 39.34
C ASN I 285 15.86 -58.45 39.50
N SER I 286 15.66 -58.92 40.75
CA SER I 286 15.69 -60.35 41.11
C SER I 286 14.48 -61.12 40.57
N PRO I 287 14.70 -62.24 39.83
CA PRO I 287 13.56 -62.97 39.25
C PRO I 287 13.23 -64.36 39.86
N PRO I 288 13.15 -64.58 41.21
CA PRO I 288 12.82 -65.93 41.69
C PRO I 288 11.33 -66.25 41.69
N ARG I 289 10.49 -65.32 42.22
CA ARG I 289 9.03 -65.37 42.34
C ARG I 289 8.55 -66.52 43.26
N ASN I 290 8.72 -67.79 42.83
CA ASN I 290 8.31 -68.99 43.56
C ASN I 290 9.26 -69.35 44.72
N LEU I 291 10.57 -69.40 44.45
CA LEU I 291 11.59 -69.78 45.45
C LEU I 291 12.35 -68.59 46.08
N MET I 292 11.71 -67.41 46.18
CA MET I 292 12.32 -66.22 46.78
C MET I 292 12.47 -66.32 48.30
N LYS I 293 11.65 -67.19 48.96
CA LYS I 293 11.69 -67.42 50.41
C LYS I 293 12.83 -68.37 50.78
N GLU I 294 13.12 -69.37 49.93
CA GLU I 294 14.20 -70.34 50.14
C GLU I 294 15.55 -69.71 49.81
N ASP I 295 15.58 -68.90 48.73
CA ASP I 295 16.77 -68.15 48.28
C ASP I 295 16.65 -66.75 48.91
N MET I 296 16.82 -66.69 50.24
CA MET I 296 16.70 -65.47 51.04
C MET I 296 18.00 -64.66 51.21
N GLU I 297 19.14 -65.22 50.75
CA GLU I 297 20.43 -64.52 50.82
C GLU I 297 20.48 -63.35 49.84
N ALA I 298 19.54 -63.31 48.89
CA ALA I 298 19.39 -62.27 47.87
C ALA I 298 18.28 -61.26 48.23
N LEU I 299 17.63 -61.41 49.42
CA LEU I 299 16.58 -60.49 49.87
C LEU I 299 17.15 -59.12 50.26
N ILE I 300 18.39 -59.09 50.78
CA ILE I 300 19.12 -57.86 51.14
C ILE I 300 19.41 -57.08 49.84
N HIS I 301 19.60 -57.81 48.71
CA HIS I 301 19.82 -57.24 47.38
C HIS I 301 18.48 -56.80 46.79
N HIS I 302 17.45 -57.69 46.84
CA HIS I 302 16.09 -57.50 46.34
C HIS I 302 15.45 -56.20 46.84
N PHE I 303 15.39 -56.03 48.17
CA PHE I 303 14.79 -54.86 48.82
C PHE I 303 15.62 -53.57 48.62
N LEU I 304 16.95 -53.70 48.44
CA LEU I 304 17.87 -52.57 48.24
C LEU I 304 17.65 -51.85 46.92
N LEU I 305 17.21 -52.58 45.87
CA LEU I 305 16.93 -52.04 44.53
C LEU I 305 15.73 -51.10 44.57
N TYR I 306 14.78 -51.36 45.50
CA TYR I 306 13.57 -50.56 45.71
C TYR I 306 13.82 -49.40 46.69
N THR I 307 14.53 -49.66 47.81
CA THR I 307 14.82 -48.65 48.84
C THR I 307 15.81 -47.59 48.36
N LYS I 308 17.13 -47.86 48.44
CA LYS I 308 18.18 -46.92 48.03
C LYS I 308 18.47 -46.95 46.52
N GLY I 309 18.76 -48.13 46.01
CA GLY I 309 19.07 -48.34 44.59
C GLY I 309 20.55 -48.58 44.35
N TYR I 310 20.87 -49.47 43.40
CA TYR I 310 22.25 -49.81 43.04
C TYR I 310 22.93 -48.71 42.23
N SER I 311 24.19 -48.40 42.57
CA SER I 311 24.99 -47.36 41.90
C SER I 311 25.50 -47.79 40.53
N VAL I 312 25.75 -46.81 39.64
CA VAL I 312 26.24 -47.01 38.26
C VAL I 312 27.55 -46.25 38.00
N PRO I 313 28.48 -46.77 37.14
CA PRO I 313 29.75 -46.05 36.92
C PRO I 313 29.60 -44.71 36.19
N PRO I 314 30.43 -43.69 36.51
CA PRO I 314 30.29 -42.39 35.83
C PRO I 314 30.88 -42.36 34.42
N GLY I 315 30.14 -41.76 33.50
CA GLY I 315 30.53 -41.64 32.10
C GLY I 315 29.39 -41.23 31.19
N GLU I 316 29.67 -40.31 30.24
CA GLU I 316 28.69 -39.79 29.29
C GLU I 316 28.39 -40.83 28.21
N THR I 317 27.10 -41.21 28.07
CA THR I 317 26.64 -42.20 27.09
C THR I 317 25.40 -41.75 26.34
N TYR I 318 25.36 -42.04 25.03
CA TYR I 318 24.23 -41.75 24.15
C TYR I 318 24.07 -42.87 23.12
N THR I 319 22.98 -43.62 23.25
CA THR I 319 22.66 -44.74 22.35
C THR I 319 21.32 -44.49 21.67
N ALA I 320 21.37 -43.92 20.45
CA ALA I 320 20.19 -43.63 19.65
C ALA I 320 19.64 -44.91 19.04
N ILE I 321 18.31 -45.08 19.07
CA ILE I 321 17.60 -46.25 18.54
C ILE I 321 16.39 -45.78 17.75
N GLU I 322 16.29 -46.22 16.47
CA GLU I 322 15.16 -45.83 15.62
C GLU I 322 13.92 -46.64 15.98
N ALA I 323 12.94 -45.94 16.55
CA ALA I 323 11.66 -46.48 16.98
C ALA I 323 10.60 -46.30 15.85
N PRO I 324 9.26 -46.51 16.03
CA PRO I 324 8.33 -46.33 14.90
C PRO I 324 8.19 -44.90 14.39
N LYS I 325 8.24 -43.92 15.32
CA LYS I 325 8.12 -42.50 15.03
C LYS I 325 9.39 -41.96 14.34
N GLY I 326 10.55 -42.31 14.89
CA GLY I 326 11.86 -41.90 14.38
C GLY I 326 12.99 -42.17 15.35
N GLU I 327 13.98 -41.25 15.39
CA GLU I 327 15.15 -41.35 16.25
C GLU I 327 14.83 -40.95 17.70
N MET I 328 14.60 -41.95 18.55
CA MET I 328 14.36 -41.77 19.98
C MET I 328 15.70 -42.08 20.64
N GLY I 329 16.37 -41.05 21.12
CA GLY I 329 17.69 -41.17 21.73
C GLY I 329 17.74 -40.68 23.17
N VAL I 330 18.35 -41.50 24.05
CA VAL I 330 18.49 -41.16 25.47
C VAL I 330 19.95 -40.85 25.81
N TYR I 331 20.16 -39.73 26.51
CA TYR I 331 21.47 -39.26 26.94
C TYR I 331 21.61 -39.44 28.47
N VAL I 332 21.79 -40.71 28.89
CA VAL I 332 21.92 -41.11 30.30
C VAL I 332 23.34 -40.80 30.79
N VAL I 333 23.47 -39.78 31.65
CA VAL I 333 24.74 -39.36 32.25
C VAL I 333 24.63 -39.46 33.76
N SER I 334 25.49 -40.29 34.37
CA SER I 334 25.53 -40.52 35.81
C SER I 334 26.80 -39.97 36.45
N ASP I 335 26.67 -39.43 37.67
CA ASP I 335 27.79 -38.87 38.44
C ASP I 335 28.51 -39.99 39.21
N GLY I 336 27.80 -41.08 39.48
CA GLY I 336 28.31 -42.24 40.21
C GLY I 336 27.31 -42.78 41.20
N SER I 337 26.25 -42.00 41.48
CA SER I 337 25.16 -42.34 42.40
C SER I 337 24.22 -43.42 41.83
N GLU I 338 23.17 -43.79 42.61
CA GLU I 338 22.17 -44.78 42.22
C GLU I 338 21.40 -44.35 40.97
N ARG I 339 20.91 -43.10 40.96
CA ARG I 339 20.17 -42.51 39.85
C ARG I 339 21.10 -41.66 38.95
N PRO I 340 20.89 -41.62 37.61
CA PRO I 340 21.77 -40.80 36.77
C PRO I 340 21.58 -39.29 37.00
N TYR I 341 22.68 -38.52 36.92
CA TYR I 341 22.73 -37.07 37.14
C TYR I 341 21.79 -36.27 36.22
N LYS I 342 21.86 -36.52 34.89
CA LYS I 342 21.02 -35.85 33.90
C LYS I 342 20.59 -36.79 32.79
N CYS I 343 19.30 -36.73 32.42
CA CYS I 343 18.71 -37.57 31.37
C CYS I 343 18.07 -36.69 30.30
N LYS I 344 18.61 -36.76 29.06
CA LYS I 344 18.13 -35.98 27.93
C LYS I 344 17.42 -36.85 26.89
N ILE I 345 16.29 -36.35 26.38
CA ILE I 345 15.48 -37.06 25.39
C ILE I 345 15.46 -36.33 24.04
N ARG I 346 16.26 -36.82 23.09
CA ARG I 346 16.32 -36.30 21.72
C ARG I 346 15.31 -37.11 20.92
N ALA I 347 14.06 -36.60 20.84
CA ALA I 347 12.91 -37.25 20.22
C ALA I 347 12.56 -36.72 18.81
N PRO I 348 11.94 -37.56 17.92
CA PRO I 348 11.57 -37.06 16.58
C PRO I 348 10.40 -36.08 16.58
N GLY I 349 9.60 -36.10 17.66
CA GLY I 349 8.45 -35.21 17.85
C GLY I 349 8.87 -33.78 18.14
N PHE I 350 10.13 -33.60 18.58
CA PHE I 350 10.73 -32.29 18.84
C PHE I 350 11.39 -31.79 17.56
N ALA I 351 11.76 -32.73 16.65
CA ALA I 351 12.32 -32.45 15.34
C ALA I 351 11.20 -32.08 14.36
N HIS I 352 9.92 -32.35 14.75
CA HIS I 352 8.70 -32.03 14.01
C HIS I 352 8.58 -30.51 13.91
N LEU I 353 8.45 -29.83 15.08
CA LEU I 353 8.33 -28.37 15.21
C LEU I 353 9.55 -27.66 14.62
N GLY I 354 10.71 -28.33 14.69
CA GLY I 354 11.97 -27.84 14.14
C GLY I 354 11.99 -27.85 12.63
N ALA I 355 11.27 -28.80 12.01
CA ALA I 355 11.17 -28.95 10.57
C ALA I 355 9.88 -28.37 9.96
N PHE I 356 8.92 -27.93 10.81
CA PHE I 356 7.65 -27.36 10.34
C PHE I 356 7.86 -26.13 9.44
N ASP I 357 8.77 -25.23 9.83
CA ASP I 357 9.11 -24.05 9.02
C ASP I 357 9.97 -24.53 7.83
N HIS I 358 9.91 -23.80 6.70
CA HIS I 358 10.59 -24.08 5.43
C HIS I 358 9.87 -25.18 4.62
N ILE I 359 9.46 -26.28 5.29
CA ILE I 359 8.72 -27.39 4.66
C ILE I 359 7.29 -26.98 4.35
N ALA I 360 6.54 -26.50 5.37
CA ALA I 360 5.16 -26.05 5.21
C ALA I 360 5.10 -24.66 4.55
N ARG I 361 6.21 -23.89 4.62
CA ARG I 361 6.33 -22.55 4.04
C ARG I 361 6.32 -22.64 2.51
N GLY I 362 5.16 -22.37 1.92
CA GLY I 362 4.94 -22.41 0.47
C GLY I 362 3.78 -23.30 0.06
N HIS I 363 2.77 -23.46 0.95
CA HIS I 363 1.58 -24.27 0.72
C HIS I 363 0.31 -23.46 1.09
N PHE I 364 -0.76 -24.14 1.58
CA PHE I 364 -2.02 -23.53 1.99
C PHE I 364 -2.41 -23.97 3.40
N LEU I 365 -3.46 -23.33 3.99
CA LEU I 365 -3.95 -23.67 5.33
C LEU I 365 -4.48 -25.13 5.43
N PRO I 366 -5.38 -25.65 4.55
CA PRO I 366 -5.79 -27.06 4.70
C PRO I 366 -4.67 -28.06 4.42
N ASP I 367 -3.62 -27.62 3.68
CA ASP I 367 -2.43 -28.41 3.36
C ASP I 367 -1.58 -28.55 4.63
N ALA I 368 -1.50 -27.47 5.45
CA ALA I 368 -0.75 -27.38 6.70
C ALA I 368 -1.22 -28.36 7.80
N VAL I 369 -2.37 -29.03 7.59
CA VAL I 369 -2.93 -30.01 8.53
C VAL I 369 -2.41 -31.41 8.18
N ALA I 370 -2.31 -31.71 6.88
CA ALA I 370 -1.83 -32.99 6.35
C ALA I 370 -0.31 -33.19 6.55
N ILE I 371 0.43 -32.08 6.84
CA ILE I 371 1.88 -32.08 7.10
C ILE I 371 2.14 -32.86 8.41
N ILE I 372 1.36 -32.55 9.46
CA ILE I 372 1.40 -33.13 10.81
C ILE I 372 1.27 -34.67 10.78
N GLY I 373 0.37 -35.19 9.93
CA GLY I 373 0.10 -36.61 9.76
C GLY I 373 1.31 -37.44 9.36
N THR I 374 2.14 -36.90 8.45
CA THR I 374 3.36 -37.53 7.96
C THR I 374 4.53 -37.22 8.90
N MET I 375 4.56 -35.99 9.45
CA MET I 375 5.59 -35.51 10.36
C MET I 375 5.56 -36.19 11.72
N ASP I 376 4.37 -36.69 12.13
CA ASP I 376 4.07 -37.41 13.38
C ASP I 376 4.30 -36.55 14.63
N LEU I 377 3.19 -36.18 15.32
CA LEU I 377 3.30 -35.35 16.51
C LEU I 377 2.57 -35.90 17.73
N VAL I 378 3.30 -35.91 18.86
CA VAL I 378 2.85 -36.33 20.19
C VAL I 378 3.30 -35.23 21.17
N PHE I 379 2.34 -34.64 21.89
CA PHE I 379 2.54 -33.57 22.88
C PHE I 379 3.56 -33.94 23.96
N GLY I 380 3.48 -35.16 24.46
CA GLY I 380 4.36 -35.70 25.49
C GLY I 380 5.79 -35.87 25.03
N GLU I 381 5.98 -36.55 23.89
CA GLU I 381 7.27 -36.84 23.29
C GLU I 381 8.08 -35.58 22.91
N VAL I 382 7.38 -34.47 22.57
CA VAL I 382 7.97 -33.19 22.19
C VAL I 382 8.92 -32.65 23.28
N ASP I 383 8.51 -32.73 24.55
CA ASP I 383 9.32 -32.28 25.67
C ASP I 383 10.31 -33.35 26.11
N UNK J 1 -15.71 -23.10 61.02
CA UNK J 1 -15.88 -22.95 59.58
C UNK J 1 -17.03 -21.99 59.27
N UNK J 2 -16.75 -20.98 58.41
CA UNK J 2 -17.72 -19.97 58.00
C UNK J 2 -18.78 -20.53 57.03
N UNK J 3 -20.04 -20.61 57.51
CA UNK J 3 -21.17 -21.13 56.73
C UNK J 3 -21.73 -20.10 55.75
N UNK J 4 -22.38 -20.58 54.68
CA UNK J 4 -23.00 -19.75 53.65
C UNK J 4 -24.51 -19.98 53.66
N UNK J 5 -25.28 -18.95 54.06
CA UNK J 5 -26.74 -19.02 54.15
C UNK J 5 -27.44 -18.46 52.91
N UNK J 6 -28.53 -19.15 52.48
CA UNK J 6 -29.39 -18.85 51.32
C UNK J 6 -28.66 -18.92 49.98
N UNK J 7 -29.06 -19.89 49.14
CA UNK J 7 -28.49 -20.13 47.82
C UNK J 7 -29.19 -19.35 46.68
N UNK J 8 -30.09 -18.41 47.04
CA UNK J 8 -30.81 -17.57 46.08
C UNK J 8 -29.84 -16.56 45.44
N UNK J 9 -28.90 -16.03 46.24
CA UNK J 9 -27.86 -15.10 45.81
C UNK J 9 -26.47 -15.75 46.00
N UNK J 10 -25.72 -15.90 44.89
CA UNK J 10 -24.39 -16.51 44.89
C UNK J 10 -23.25 -15.49 45.09
N UNK J 11 -23.61 -14.25 45.50
CA UNK J 11 -22.68 -13.15 45.77
C UNK J 11 -21.81 -13.40 47.01
N UNK J 12 -22.25 -14.32 47.89
CA UNK J 12 -21.55 -14.71 49.12
C UNK J 12 -20.25 -15.48 48.86
N UNK J 13 -20.06 -15.97 47.61
CA UNK J 13 -18.88 -16.72 47.16
C UNK J 13 -17.59 -15.90 47.28
N UNK J 14 -17.68 -14.56 47.07
CA UNK J 14 -16.57 -13.61 47.20
C UNK J 14 -16.12 -13.52 48.66
N UNK J 15 -17.08 -13.53 49.61
CA UNK J 15 -16.83 -13.50 51.05
C UNK J 15 -16.36 -14.87 51.53
N UNK J 16 -16.82 -15.94 50.84
CA UNK J 16 -16.46 -17.34 51.13
C UNK J 16 -15.04 -17.64 50.63
N UNK J 17 -14.59 -16.93 49.56
CA UNK J 17 -13.25 -17.07 48.97
C UNK J 17 -12.16 -16.57 49.93
N UNK J 18 -12.49 -15.54 50.74
CA UNK J 18 -11.59 -14.95 51.75
C UNK J 18 -11.34 -15.95 52.88
N UNK J 19 -12.39 -16.71 53.27
CA UNK J 19 -12.33 -17.74 54.30
C UNK J 19 -11.59 -18.99 53.79
N UNK J 20 -11.65 -19.24 52.46
CA UNK J 20 -11.00 -20.36 51.79
C UNK J 20 -9.48 -20.22 51.76
N UNK J 21 -8.97 -18.96 51.79
CA UNK J 21 -7.55 -18.63 51.77
C UNK J 21 -6.87 -18.84 53.14
N UNK J 22 -7.66 -19.09 54.20
CA UNK J 22 -7.18 -19.32 55.57
C UNK J 22 -6.83 -20.80 55.85
N UNK J 23 -6.12 -21.45 54.88
CA UNK J 23 -5.67 -22.85 54.92
C UNK J 23 -6.76 -23.85 55.25
N UNK J 24 -11.39 -23.09 56.30
CA UNK J 24 -12.52 -23.95 56.02
C UNK J 24 -13.82 -23.14 55.90
N UNK J 25 -14.66 -23.47 54.90
CA UNK J 25 -15.93 -22.79 54.66
C UNK J 25 -17.05 -23.74 54.25
N UNK J 26 -18.16 -23.73 55.01
CA UNK J 26 -19.35 -24.55 54.75
C UNK J 26 -20.30 -23.81 53.81
N UNK J 27 -21.05 -24.54 52.96
CA UNK J 27 -21.97 -23.92 52.01
C UNK J 27 -23.29 -24.68 51.86
N UNK J 28 -24.40 -23.93 51.74
CA UNK J 28 -25.75 -24.47 51.56
C UNK J 28 -26.23 -24.19 50.13
N UNK J 29 -26.65 -25.25 49.42
CA UNK J 29 -27.11 -25.18 48.04
C UNK J 29 -28.64 -25.33 47.89
N UNK J 30 -29.16 -24.93 46.72
CA UNK J 30 -30.60 -24.99 46.40
C UNK J 30 -30.90 -26.26 45.61
N UNK J 31 -15.75 -26.72 51.95
CA UNK J 31 -16.60 -27.85 51.58
C UNK J 31 -18.05 -27.39 51.35
N UNK J 32 -18.55 -27.56 50.11
CA UNK J 32 -19.91 -27.19 49.71
C UNK J 32 -20.86 -28.39 49.72
N UNK J 33 -21.96 -28.28 50.48
CA UNK J 33 -22.98 -29.32 50.61
C UNK J 33 -24.39 -28.76 50.28
N UNK J 34 -25.40 -29.03 51.13
CA UNK J 34 -26.78 -28.56 50.94
C UNK J 34 -27.55 -28.44 52.26
N UNK J 35 -28.32 -27.34 52.41
CA UNK J 35 -29.17 -27.04 53.57
C UNK J 35 -30.29 -26.09 53.15
N UNK J 36 -31.53 -26.61 53.10
CA UNK J 36 -32.73 -25.87 52.67
C UNK J 36 -33.14 -24.76 53.64
N UNK J 37 -33.70 -23.67 53.09
CA UNK J 37 -34.18 -22.51 53.85
C UNK J 37 -35.58 -22.73 54.42
N UNK J 38 -36.36 -23.67 53.84
CA UNK J 38 -37.72 -24.00 54.27
C UNK J 38 -37.76 -24.70 55.62
N UNK J 39 -36.87 -25.69 55.83
CA UNK J 39 -36.77 -26.46 57.08
C UNK J 39 -35.35 -26.92 57.37
N UNK J 40 -34.96 -26.89 58.66
CA UNK J 40 -33.64 -27.32 59.12
C UNK J 40 -33.70 -28.76 59.64
N UNK J 41 -34.09 -29.69 58.75
CA UNK J 41 -34.22 -31.13 59.05
C UNK J 41 -32.89 -31.90 58.93
N UNK J 42 -31.83 -31.24 58.44
CA UNK J 42 -30.49 -31.82 58.26
C UNK J 42 -29.37 -30.79 58.50
N UNK J 43 -29.74 -29.54 58.81
CA UNK J 43 -28.82 -28.42 59.06
C UNK J 43 -28.06 -28.49 60.40
N UNK J 44 -28.22 -29.59 61.17
CA UNK J 44 -27.56 -29.82 62.46
C UNK J 44 -26.03 -29.81 62.37
N UNK J 45 -25.48 -30.34 61.27
CA UNK J 45 -24.04 -30.39 61.00
C UNK J 45 -23.53 -29.05 60.43
N UNK J 46 -24.37 -28.37 59.63
CA UNK J 46 -24.06 -27.08 59.00
C UNK J 46 -24.06 -25.92 59.99
N UNK J 47 -25.08 -25.85 60.88
CA UNK J 47 -25.23 -24.81 61.89
C UNK J 47 -24.17 -24.91 62.99
N UNK J 48 -23.68 -26.13 63.27
CA UNK J 48 -22.64 -26.39 64.28
C UNK J 48 -21.28 -25.89 63.78
N UNK J 49 -20.56 -25.15 64.65
CA UNK J 49 -19.24 -24.54 64.40
C UNK J 49 -19.26 -23.49 63.26
N UNK J 50 -20.44 -22.86 63.02
CA UNK J 50 -20.63 -21.84 62.00
C UNK J 50 -20.31 -20.46 62.59
N UNK J 51 -19.01 -20.22 62.85
CA UNK J 51 -18.43 -19.01 63.45
C UNK J 51 -18.95 -17.69 62.86
N UNK J 52 -18.87 -17.54 61.53
CA UNK J 52 -19.35 -16.34 60.83
C UNK J 52 -20.22 -16.74 59.63
N UNK J 53 -21.48 -17.11 59.92
CA UNK J 53 -22.46 -17.55 58.92
C UNK J 53 -22.92 -16.37 58.04
N UNK J 54 -22.49 -16.37 56.77
CA UNK J 54 -22.83 -15.34 55.80
C UNK J 54 -24.30 -15.44 55.38
N UNK J 55 -25.16 -14.64 56.02
CA UNK J 55 -26.60 -14.61 55.76
C UNK J 55 -26.93 -13.80 54.52
N UNK J 56 -27.86 -14.32 53.70
CA UNK J 56 -28.32 -13.69 52.46
C UNK J 56 -29.84 -13.85 52.28
N UNK J 57 -30.42 -13.14 51.29
CA UNK J 57 -31.85 -13.18 50.98
C UNK J 57 -32.28 -14.51 50.37
N UNK J 58 -39.95 -0.36 51.76
CA UNK J 58 -40.71 -0.45 53.01
C UNK J 58 -40.75 -1.87 53.58
N UNK J 59 -40.95 -2.87 52.69
CA UNK J 59 -41.00 -4.29 53.07
C UNK J 59 -39.64 -4.82 53.51
N UNK J 60 -38.55 -4.39 52.83
CA UNK J 60 -37.17 -4.77 53.13
C UNK J 60 -36.68 -4.12 54.44
N UNK J 61 -37.14 -2.89 54.72
CA UNK J 61 -36.79 -2.14 55.92
C UNK J 61 -37.45 -2.74 57.16
N UNK J 62 -38.70 -3.27 57.00
CA UNK J 62 -39.47 -3.91 58.06
C UNK J 62 -38.86 -5.26 58.46
N UNK J 63 -38.34 -6.00 57.46
CA UNK J 63 -37.68 -7.31 57.65
C UNK J 63 -36.31 -7.13 58.31
N UNK J 64 -35.62 -6.01 58.01
CA UNK J 64 -34.32 -5.65 58.56
C UNK J 64 -34.43 -5.28 60.04
N UNK J 65 -35.57 -4.67 60.43
CA UNK J 65 -35.88 -4.29 61.81
C UNK J 65 -36.19 -5.53 62.67
N UNK J 66 -36.80 -6.56 62.05
CA UNK J 66 -37.15 -7.82 62.70
C UNK J 66 -35.91 -8.66 63.00
N UNK J 67 -34.90 -8.62 62.09
CA UNK J 67 -33.64 -9.34 62.23
C UNK J 67 -32.67 -8.62 63.18
N UNK J 68 -32.88 -7.32 63.42
CA UNK J 68 -32.07 -6.46 64.29
C UNK J 68 -32.12 -6.87 65.76
N UNK J 69 -33.26 -7.44 66.21
CA UNK J 69 -33.46 -7.89 67.59
C UNK J 69 -32.84 -9.28 67.81
N UNK J 70 -31.50 -9.36 67.72
CA UNK J 70 -30.72 -10.59 67.88
C UNK J 70 -30.04 -10.66 69.25
N UNK J 71 -29.81 -11.89 69.74
CA UNK J 71 -29.17 -12.15 71.03
C UNK J 71 -27.64 -12.00 71.00
N UNK J 72 -27.02 -11.84 72.19
CA UNK J 72 -25.58 -11.69 72.44
C UNK J 72 -24.98 -10.48 71.70
N UNK J 73 -24.40 -10.69 70.50
CA UNK J 73 -23.79 -9.64 69.69
C UNK J 73 -24.44 -9.59 68.30
N UNK J 74 -25.06 -8.45 67.97
CA UNK J 74 -25.73 -8.24 66.68
C UNK J 74 -24.99 -7.24 65.81
N UNK J 75 -24.42 -7.73 64.69
CA UNK J 75 -23.68 -6.92 63.73
C UNK J 75 -24.38 -6.91 62.37
N UNK J 76 -24.70 -5.71 61.86
CA UNK J 76 -25.38 -5.53 60.57
C UNK J 76 -24.42 -4.96 59.53
N UNK J 77 -24.19 -5.73 58.45
CA UNK J 77 -23.30 -5.36 57.34
C UNK J 77 -24.02 -4.46 56.34
N UNK J 78 -28.95 -1.56 71.29
CA UNK J 78 -28.96 -1.21 69.87
C UNK J 78 -27.80 -1.88 69.11
N UNK J 79 -28.06 -2.25 67.84
CA UNK J 79 -27.09 -2.91 66.96
C UNK J 79 -26.34 -1.91 66.07
N UNK J 80 -25.12 -2.26 65.65
CA UNK J 80 -24.26 -1.43 64.80
C UNK J 80 -24.49 -1.70 63.32
N UNK J 81 -24.42 -0.63 62.49
CA UNK J 81 -24.60 -0.70 61.05
C UNK J 81 -23.33 -0.27 60.32
N UNK J 82 -22.77 -1.16 59.49
CA UNK J 82 -21.54 -0.91 58.73
C UNK J 82 -21.82 -0.22 57.39
N UNK J 83 -21.17 0.94 57.17
CA UNK J 83 -21.30 1.74 55.96
C UNK J 83 -19.97 1.76 55.20
N UNK J 84 -19.93 1.08 54.03
CA UNK J 84 -18.75 0.96 53.19
C UNK J 84 -18.86 1.75 51.89
N UNK J 85 -17.71 2.16 51.32
CA UNK J 85 -17.63 2.93 50.07
C UNK J 85 -16.90 2.14 48.99
N UNK J 86 -9.92 3.01 52.84
CA UNK J 86 -9.90 2.42 51.50
C UNK J 86 -11.29 2.48 50.84
N UNK J 87 -11.32 2.89 49.56
CA UNK J 87 -12.54 3.01 48.75
C UNK J 87 -12.28 2.65 47.29
N UNK J 88 -13.28 2.03 46.63
CA UNK J 88 -13.21 1.62 45.23
C UNK J 88 -13.57 2.74 44.26
N UNK J 89 -12.90 2.76 43.09
CA UNK J 89 -13.14 3.74 42.03
C UNK J 89 -14.44 3.41 41.29
N UNK J 90 -15.26 4.44 41.01
CA UNK J 90 -16.55 4.28 40.35
C UNK J 90 -16.48 4.19 38.83
N UNK J 91 -15.66 5.05 38.19
CA UNK J 91 -15.53 5.11 36.73
C UNK J 91 -14.59 4.06 36.13
N UNK J 92 -13.37 3.91 36.69
CA UNK J 92 -12.34 2.97 36.23
C UNK J 92 -12.74 1.49 36.29
N UNK J 93 -13.50 1.10 37.33
CA UNK J 93 -13.96 -0.28 37.53
C UNK J 93 -14.95 -0.75 36.46
N UNK J 94 -15.78 0.19 35.94
CA UNK J 94 -16.78 -0.08 34.90
C UNK J 94 -16.16 -0.43 33.55
N UNK J 95 -15.01 0.20 33.24
CA UNK J 95 -14.28 -0.01 31.98
C UNK J 95 -13.50 -1.32 32.02
N UNK J 96 -30.28 8.38 44.67
CA UNK J 96 -31.61 8.09 44.14
C UNK J 96 -31.98 9.02 42.98
N UNK J 97 -31.74 10.35 43.14
CA UNK J 97 -32.04 11.36 42.12
C UNK J 97 -30.75 11.89 41.48
N UNK J 98 -29.84 12.46 42.32
CA UNK J 98 -28.56 13.01 41.88
C UNK J 98 -27.58 11.88 41.53
N UNK J 99 -27.69 10.74 42.25
CA UNK J 99 -26.87 9.54 42.05
C UNK J 99 -27.21 8.90 40.69
N UNK J 100 -28.50 8.96 40.28
CA UNK J 100 -28.99 8.47 39.00
C UNK J 100 -28.49 9.34 37.84
N UNK J 101 -28.19 10.63 38.14
CA UNK J 101 -27.65 11.60 37.18
C UNK J 101 -26.11 11.55 37.13
N UNK J 102 -25.52 10.49 37.73
CA UNK J 102 -24.07 10.26 37.79
C UNK J 102 -23.72 8.80 37.44
N UNK J 103 -24.54 7.83 37.90
CA UNK J 103 -24.35 6.39 37.65
C UNK J 103 -24.82 5.96 36.26
N UNK J 104 -26.00 6.43 35.83
CA UNK J 104 -26.58 6.10 34.53
C UNK J 104 -25.81 6.78 33.38
N UNK J 105 -25.23 7.97 33.67
CA UNK J 105 -24.43 8.73 32.71
C UNK J 105 -23.01 8.14 32.57
N UNK J 106 -22.56 7.38 33.58
CA UNK J 106 -21.25 6.71 33.61
C UNK J 106 -21.16 5.54 32.62
N UNK J 107 -22.31 4.96 32.24
CA UNK J 107 -22.40 3.85 31.28
C UNK J 107 -22.08 4.31 29.86
N UNK J 108 -22.37 5.59 29.54
CA UNK J 108 -22.11 6.22 28.24
C UNK J 108 -20.62 6.45 27.99
N UNK J 109 -19.81 6.53 29.07
CA UNK J 109 -18.35 6.73 29.01
C UNK J 109 -17.63 5.55 28.36
N UNK J 110 -18.22 4.34 28.44
CA UNK J 110 -17.70 3.12 27.85
C UNK J 110 -18.31 2.85 26.45
N UNK J 111 -19.31 3.66 26.06
CA UNK J 111 -20.02 3.56 24.78
C UNK J 111 -19.29 4.30 23.64
N UNK J 112 -18.13 3.74 23.21
CA UNK J 112 -17.27 4.24 22.13
C UNK J 112 -16.34 3.12 21.65
N UNK J 113 -16.59 2.57 20.45
CA UNK J 113 -15.80 1.49 19.87
C UNK J 113 -15.74 1.52 18.34
N UNK J 114 -16.92 1.58 17.67
CA UNK J 114 -17.03 1.60 16.21
C UNK J 114 -17.69 2.89 15.72
N UNK J 115 -10.89 -9.37 62.25
CA UNK J 115 -10.37 -10.73 62.38
C UNK J 115 -11.18 -11.74 61.56
N UNK J 116 -12.51 -11.75 61.74
CA UNK J 116 -13.45 -12.63 61.05
C UNK J 116 -14.53 -11.83 60.32
N UNK J 117 -15.06 -10.78 60.98
CA UNK J 117 -16.08 -9.88 60.43
C UNK J 117 -15.48 -8.94 59.40
N UNK J 118 -14.19 -8.56 59.60
CA UNK J 118 -13.43 -7.66 58.71
C UNK J 118 -13.18 -8.29 57.33
N UNK J 119 -13.07 -9.63 57.27
CA UNK J 119 -12.85 -10.39 56.04
C UNK J 119 -14.08 -10.34 55.13
N UNK J 120 -15.29 -10.38 55.74
CA UNK J 120 -16.57 -10.29 55.04
C UNK J 120 -16.82 -8.86 54.56
N UNK J 121 -16.30 -7.86 55.31
CA UNK J 121 -16.40 -6.44 54.99
C UNK J 121 -15.52 -6.06 53.80
N UNK J 122 -14.41 -6.80 53.59
CA UNK J 122 -13.46 -6.60 52.49
C UNK J 122 -14.10 -6.93 51.15
N UNK J 123 -15.01 -7.91 51.13
CA UNK J 123 -15.76 -8.34 49.94
C UNK J 123 -16.81 -7.29 49.54
N UNK J 124 -17.28 -6.50 50.52
CA UNK J 124 -18.27 -5.43 50.32
C UNK J 124 -17.61 -4.14 49.83
N UNK J 125 -16.27 -4.00 50.01
CA UNK J 125 -15.48 -2.84 49.59
C UNK J 125 -15.34 -2.74 48.06
N UNK J 126 -15.53 -3.87 47.35
CA UNK J 126 -15.44 -3.96 45.89
C UNK J 126 -16.81 -4.24 45.24
N UNK J 127 -17.78 -4.72 46.04
CA UNK J 127 -19.14 -5.05 45.58
C UNK J 127 -20.02 -3.81 45.37
N UNK J 128 -19.70 -2.69 46.04
CA UNK J 128 -20.45 -1.43 45.95
C UNK J 128 -20.36 -0.78 44.58
N UNK J 129 -19.14 -0.64 44.02
CA UNK J 129 -18.89 -0.05 42.71
C UNK J 129 -18.33 -1.06 41.72
N UNK J 130 -32.02 -20.74 47.69
CA UNK J 130 -33.30 -21.45 47.75
C UNK J 130 -34.47 -20.52 47.46
N UNK J 131 -34.86 -20.43 46.17
CA UNK J 131 -35.97 -19.59 45.69
C UNK J 131 -37.32 -20.33 45.74
N UNK J 132 -37.33 -21.63 45.38
CA UNK J 132 -38.52 -22.47 45.36
C UNK J 132 -39.05 -22.76 46.77
N UNK J 133 -38.13 -22.89 47.76
CA UNK J 133 -38.45 -23.16 49.17
C UNK J 133 -39.27 -22.05 49.83
N UNK J 134 -38.85 -20.77 49.62
CA UNK J 134 -39.53 -19.59 50.15
C UNK J 134 -40.82 -19.29 49.37
N UNK J 135 -40.92 -19.81 48.12
CA UNK J 135 -42.04 -19.66 47.18
C UNK J 135 -42.30 -18.18 46.81
N UNK J 136 -43.57 -17.85 46.43
CA UNK J 136 -44.13 -16.56 46.00
C UNK J 136 -43.16 -15.36 46.11
N UNK J 137 -42.82 -14.76 44.94
CA UNK J 137 -41.91 -13.63 44.71
C UNK J 137 -41.59 -12.77 45.95
N UNK J 138 -42.64 -12.25 46.61
CA UNK J 138 -42.53 -11.46 47.84
C UNK J 138 -43.09 -12.24 49.03
N UNK J 139 -42.26 -12.44 50.07
CA UNK J 139 -42.64 -13.19 51.27
C UNK J 139 -42.16 -12.49 52.55
N UNK J 140 -40.86 -12.09 52.57
CA UNK J 140 -40.17 -11.40 53.69
C UNK J 140 -40.16 -12.19 55.02
N UNK J 141 -40.70 -13.42 55.02
CA UNK J 141 -40.76 -14.31 56.19
C UNK J 141 -39.44 -15.05 56.45
N UNK J 142 -38.38 -14.72 55.67
CA UNK J 142 -37.03 -15.30 55.76
C UNK J 142 -36.35 -15.05 57.11
N UNK J 143 -36.69 -13.93 57.78
CA UNK J 143 -36.13 -13.55 59.09
C UNK J 143 -36.62 -14.51 60.17
N UNK J 144 -35.92 -15.65 60.31
CA UNK J 144 -36.25 -16.70 61.28
C UNK J 144 -35.00 -17.37 61.87
N UNK J 145 -34.51 -18.45 61.23
CA UNK J 145 -33.34 -19.22 61.67
C UNK J 145 -31.99 -18.48 61.56
N UNK J 146 -32.00 -17.24 61.02
CA UNK J 146 -30.81 -16.40 60.87
C UNK J 146 -30.30 -15.88 62.22
N UNK J 147 -31.23 -15.54 63.14
CA UNK J 147 -30.92 -15.01 64.47
C UNK J 147 -31.45 -15.89 65.63
N UNK J 148 -32.35 -16.85 65.32
CA UNK J 148 -32.93 -17.75 66.32
C UNK J 148 -32.09 -19.02 66.53
N UNK J 149 -31.59 -19.62 65.43
CA UNK J 149 -30.76 -20.83 65.47
C UNK J 149 -29.31 -20.51 65.82
N UNK J 150 -28.79 -19.37 65.33
CA UNK J 150 -27.42 -18.89 65.57
C UNK J 150 -27.17 -18.54 67.04
N UNK J 151 -28.21 -18.00 67.72
CA UNK J 151 -28.15 -17.62 69.13
C UNK J 151 -28.10 -18.86 70.03
N UNK J 152 -28.87 -19.92 69.67
CA UNK J 152 -28.92 -21.19 70.38
C UNK J 152 -27.61 -21.96 70.21
N UNK J 153 -27.00 -21.87 69.01
CA UNK J 153 -25.73 -22.51 68.66
C UNK J 153 -24.54 -21.67 69.19
N UNK J 154 -23.31 -22.23 69.13
CA UNK J 154 -22.09 -21.57 69.59
C UNK J 154 -21.74 -20.33 68.77
N UNK J 155 -21.10 -20.51 67.59
CA UNK J 155 -20.68 -19.46 66.64
C UNK J 155 -19.73 -18.40 67.24
N UNK J 156 -19.43 -17.33 66.48
CA UNK J 156 -18.57 -16.23 66.89
C UNK J 156 -19.26 -14.87 66.66
N UNK J 157 -19.79 -14.66 65.44
CA UNK J 157 -20.49 -13.45 65.01
C UNK J 157 -21.49 -13.75 63.87
N UNK J 158 -22.16 -12.71 63.34
CA UNK J 158 -23.13 -12.85 62.26
C UNK J 158 -23.20 -11.60 61.39
N UNK J 159 -23.39 -11.79 60.07
CA UNK J 159 -23.51 -10.71 59.08
C UNK J 159 -24.97 -10.55 58.69
N UNK J 160 -25.55 -9.37 58.97
CA UNK J 160 -26.96 -9.06 58.69
C UNK J 160 -27.15 -8.07 57.54
N UNK J 161 -28.24 -8.24 56.79
CA UNK J 161 -28.60 -7.38 55.66
C UNK J 161 -29.17 -6.04 56.14
N UNK J 162 -28.79 -4.94 55.46
CA UNK J 162 -29.23 -3.59 55.77
C UNK J 162 -30.15 -3.02 54.69
N UNK J 163 -31.25 -2.37 55.11
CA UNK J 163 -32.23 -1.77 54.20
C UNK J 163 -32.83 -0.48 54.78
N UNK J 164 -24.48 -1.85 39.93
CA UNK J 164 -23.15 -2.36 39.58
C UNK J 164 -23.24 -3.67 38.79
N UNK J 165 -23.92 -4.69 39.35
CA UNK J 165 -24.11 -6.00 38.73
C UNK J 165 -25.25 -5.96 37.69
N UNK J 166 -26.37 -5.30 38.05
CA UNK J 166 -27.53 -5.13 37.18
C UNK J 166 -27.25 -4.08 36.09
N UNK J 167 -26.40 -3.08 36.42
CA UNK J 167 -25.99 -2.00 35.53
C UNK J 167 -25.09 -2.50 34.39
N UNK J 168 -24.30 -3.57 34.63
CA UNK J 168 -23.41 -4.20 33.65
C UNK J 168 -24.21 -4.89 32.55
N UNK J 169 -25.36 -5.50 32.92
CA UNK J 169 -26.26 -6.18 32.00
C UNK J 169 -27.27 -5.20 31.37
N UNK J 170 -27.40 -4.00 31.95
CA UNK J 170 -28.30 -2.93 31.50
C UNK J 170 -27.85 -2.27 30.18
N UNK J 171 -26.56 -2.43 29.81
CA UNK J 171 -25.97 -1.88 28.59
C UNK J 171 -26.60 -2.46 27.32
N UNK J 172 -26.90 -3.77 27.33
CA UNK J 172 -27.53 -4.49 26.22
C UNK J 172 -29.06 -4.59 26.39
N UNK J 173 -29.65 -3.65 27.16
CA UNK J 173 -31.09 -3.59 27.44
C UNK J 173 -31.62 -2.15 27.29
N UNK J 174 -30.98 -1.18 27.97
CA UNK J 174 -31.35 0.24 27.94
C UNK J 174 -30.13 1.13 28.22
N UNK J 175 -41.28 8.97 34.25
CA UNK J 175 -41.39 8.60 35.65
C UNK J 175 -41.91 7.17 35.82
N UNK J 176 -43.06 6.84 35.17
CA UNK J 176 -43.74 5.54 35.19
C UNK J 176 -44.03 5.03 36.61
N UNK J 177 -44.77 5.82 37.39
CA UNK J 177 -45.14 5.53 38.78
C UNK J 177 -46.21 4.46 38.93
N UNK J 178 -47.17 4.40 37.99
CA UNK J 178 -48.27 3.43 38.03
C UNK J 178 -48.35 2.51 36.81
N UNK J 179 -48.00 3.03 35.61
CA UNK J 179 -48.04 2.28 34.35
C UNK J 179 -47.11 1.07 34.32
N UNK J 180 -45.84 1.26 34.71
CA UNK J 180 -44.83 0.19 34.76
C UNK J 180 -45.01 -0.70 36.00
N UNK J 181 -45.58 -0.13 37.09
CA UNK J 181 -45.80 -0.83 38.36
C UNK J 181 -47.04 -1.75 38.29
N UNK J 182 -46.90 -2.85 37.50
CA UNK J 182 -47.92 -3.87 37.27
C UNK J 182 -47.30 -5.16 36.74
N UNK J 183 -46.34 -5.04 35.80
CA UNK J 183 -45.64 -6.16 35.18
C UNK J 183 -44.33 -6.55 35.89
N UNK J 184 -44.07 -5.95 37.08
CA UNK J 184 -42.87 -6.19 37.88
C UNK J 184 -42.84 -7.60 38.50
N UNK J 185 -43.81 -7.91 39.37
CA UNK J 185 -43.92 -9.22 40.04
C UNK J 185 -44.57 -10.29 39.17
N UNK J 186 -45.27 -9.88 38.09
CA UNK J 186 -45.97 -10.76 37.16
C UNK J 186 -45.03 -11.62 36.29
N UNK J 187 -43.75 -11.21 36.15
CA UNK J 187 -42.73 -11.90 35.36
C UNK J 187 -42.29 -13.24 35.96
N UNK J 188 -42.10 -13.29 37.29
CA UNK J 188 -41.65 -14.49 38.02
C UNK J 188 -42.67 -15.66 38.02
N UNK J 189 -43.95 -15.37 37.72
CA UNK J 189 -45.03 -16.37 37.69
C UNK J 189 -44.92 -17.34 36.51
N UNK J 190 -44.55 -16.86 35.31
CA UNK J 190 -44.43 -17.67 34.11
C UNK J 190 -42.99 -17.75 33.57
N UNK J 191 -42.31 -16.59 33.44
CA UNK J 191 -40.93 -16.51 32.93
C UNK J 191 -39.88 -16.93 33.97
N UNK J 192 -40.26 -17.01 35.27
CA UNK J 192 -39.47 -17.41 36.44
C UNK J 192 -38.35 -16.43 36.81
N UNK J 193 -38.39 -15.96 38.08
CA UNK J 193 -37.45 -15.02 38.74
C UNK J 193 -37.26 -13.70 37.97
N UNK J 194 -36.40 -13.70 36.92
CA UNK J 194 -36.10 -12.53 36.10
C UNK J 194 -35.86 -12.90 34.61
N UNK J 195 -36.26 -14.13 34.21
CA UNK J 195 -36.13 -14.70 32.86
C UNK J 195 -34.69 -14.75 32.34
N SER K 1 36.15 -52.09 20.20
CA SER K 1 37.20 -52.69 19.38
C SER K 1 37.57 -51.79 18.20
N ASP K 2 38.89 -51.61 17.98
CA ASP K 2 39.52 -50.81 16.90
C ASP K 2 39.09 -49.32 16.87
N LEU K 3 38.35 -48.85 17.90
CA LEU K 3 37.87 -47.47 18.02
C LEU K 3 38.99 -46.50 18.39
N HIS K 4 40.09 -47.01 18.98
CA HIS K 4 41.27 -46.24 19.41
C HIS K 4 42.00 -45.59 18.23
N GLN K 5 42.15 -46.33 17.11
CA GLN K 5 42.83 -45.89 15.88
C GLN K 5 42.19 -44.63 15.29
N TYR K 6 40.84 -44.61 15.21
CA TYR K 6 40.06 -43.50 14.68
C TYR K 6 39.98 -42.33 15.67
N ALA K 7 40.17 -42.60 16.98
CA ALA K 7 40.14 -41.57 18.04
C ALA K 7 41.54 -40.96 18.28
N LYS K 8 42.57 -41.47 17.58
CA LYS K 8 43.95 -40.99 17.64
C LYS K 8 44.26 -40.15 16.40
N TYR K 9 43.75 -40.61 15.23
CA TYR K 9 43.92 -40.00 13.91
C TYR K 9 43.26 -38.60 13.81
N ILE K 10 42.03 -38.45 14.33
CA ILE K 10 41.27 -37.19 14.29
C ILE K 10 41.89 -36.14 15.24
N MET K 11 42.28 -36.56 16.47
CA MET K 11 42.87 -35.69 17.50
C MET K 11 44.15 -34.98 17.04
N ALA K 12 45.06 -35.73 16.36
CA ALA K 12 46.32 -35.20 15.85
C ALA K 12 46.12 -34.17 14.73
N ALA K 13 45.06 -34.35 13.92
CA ALA K 13 44.70 -33.47 12.81
C ALA K 13 44.11 -32.14 13.29
N LEU K 14 43.39 -32.16 14.44
CA LEU K 14 42.75 -30.98 15.04
C LEU K 14 43.77 -29.93 15.51
N PRO K 15 43.46 -28.61 15.39
CA PRO K 15 44.45 -27.59 15.81
C PRO K 15 44.76 -27.58 17.31
N LYS K 16 43.82 -27.08 18.16
CA LYS K 16 43.99 -27.03 19.62
C LYS K 16 42.68 -27.43 20.31
N TYR K 17 42.27 -28.70 20.12
CA TYR K 17 41.04 -29.25 20.68
C TYR K 17 41.24 -30.63 21.30
N ILE K 18 40.99 -30.73 22.62
CA ILE K 18 41.11 -31.95 23.44
C ILE K 18 40.01 -32.95 23.05
N GLN K 19 40.25 -34.27 23.24
CA GLN K 19 39.29 -35.33 22.92
C GLN K 19 38.94 -36.21 24.14
N GLY K 20 38.20 -37.30 23.90
CA GLY K 20 37.77 -38.23 24.93
C GLY K 20 37.09 -39.47 24.40
N PHE K 21 37.39 -40.63 25.02
CA PHE K 21 36.81 -41.94 24.68
C PHE K 21 35.51 -42.16 25.46
N SER K 22 34.57 -42.92 24.87
CA SER K 22 33.27 -43.22 25.49
C SER K 22 33.25 -44.55 26.26
N UNK K 23 32.24 -44.72 27.14
CA UNK K 23 32.04 -45.92 27.96
C UNK K 23 31.65 -47.16 27.15
N UNK K 24 30.98 -46.96 26.00
CA UNK K 24 30.57 -48.05 25.10
C UNK K 24 31.68 -48.29 24.08
N UNK K 25 31.84 -47.35 23.11
CA UNK K 25 32.84 -47.31 22.02
C UNK K 25 32.54 -46.14 21.06
N UNK K 26 32.92 -44.91 21.46
CA UNK K 26 32.72 -43.68 20.67
C UNK K 26 33.69 -42.55 21.07
N UNK K 27 33.66 -41.42 20.32
CA UNK K 27 34.51 -40.26 20.56
C UNK K 27 33.72 -39.04 21.06
N UNK K 28 34.40 -38.16 21.84
CA UNK K 28 33.83 -36.93 22.40
C UNK K 28 34.94 -35.87 22.50
N UNK K 29 34.96 -34.93 21.53
CA UNK K 29 35.96 -33.87 21.45
C UNK K 29 35.54 -32.62 22.21
N UNK K 30 36.31 -32.27 23.27
CA UNK K 30 36.12 -31.08 24.11
C UNK K 30 36.35 -29.79 23.31
N UNK K 31 35.62 -28.71 23.66
CA UNK K 31 35.68 -27.43 22.97
C UNK K 31 36.50 -26.34 23.67
N UNK K 32 36.63 -25.19 22.97
CA UNK K 32 37.31 -23.98 23.42
C UNK K 32 36.32 -22.78 23.31
N UNK K 33 36.81 -21.54 23.41
CA UNK K 33 35.99 -20.32 23.33
C UNK K 33 35.36 -20.14 21.95
N UNK K 34 36.16 -20.28 20.87
CA UNK K 34 35.71 -20.16 19.48
C UNK K 34 35.78 -21.53 18.79
N UNK K 35 35.00 -22.49 19.30
CA UNK K 35 34.94 -23.87 18.80
C UNK K 35 33.97 -24.06 17.63
N UNK K 36 33.06 -23.09 17.40
CA UNK K 36 32.05 -23.10 16.33
C UNK K 36 32.66 -23.25 14.93
N UNK K 37 33.82 -22.61 14.68
CA UNK K 37 34.54 -22.67 13.41
C UNK K 37 35.14 -24.06 13.16
N UNK K 38 35.60 -24.73 14.23
CA UNK K 38 36.18 -26.07 14.18
C UNK K 38 35.09 -27.15 14.11
N UNK K 39 33.95 -26.92 14.81
CA UNK K 39 32.79 -27.82 14.82
C UNK K 39 32.17 -27.86 13.43
N UNK K 40 32.26 -26.72 12.69
CA UNK K 40 31.78 -26.59 11.31
C UNK K 40 32.71 -27.37 10.38
N UNK K 41 34.03 -27.32 10.64
CA UNK K 41 35.07 -28.02 9.89
C UNK K 41 35.00 -29.52 10.13
N UNK K 42 34.63 -29.95 11.35
CA UNK K 42 34.49 -31.35 11.74
C UNK K 42 33.28 -31.98 11.05
N UNK K 43 32.25 -31.15 10.78
CA UNK K 43 31.01 -31.54 10.09
C UNK K 43 31.14 -31.43 8.57
N UNK K 44 32.21 -30.77 8.09
CA UNK K 44 32.50 -30.60 6.66
C UNK K 44 33.51 -31.65 6.18
N UNK K 45 34.22 -32.31 7.12
CA UNK K 45 35.22 -33.34 6.83
C UNK K 45 34.59 -34.66 6.37
N UNK K 46 33.97 -35.43 7.30
CA UNK K 46 33.35 -36.73 7.00
C UNK K 46 31.92 -36.87 7.54
N UNK K 47 31.67 -36.35 8.77
CA UNK K 47 30.37 -36.41 9.44
C UNK K 47 29.29 -35.56 8.75
N UNK K 48 28.01 -35.83 9.05
CA UNK K 48 26.87 -35.11 8.48
C UNK K 48 25.77 -34.81 9.53
N UNK K 49 24.47 -34.90 9.13
CA UNK K 49 23.22 -34.65 9.88
C UNK K 49 23.31 -34.62 11.41
N UNK K 50 22.76 -33.54 12.01
CA UNK K 50 22.71 -33.34 13.46
C UNK K 50 21.64 -34.28 14.05
N UNK K 51 22.08 -35.39 14.66
CA UNK K 51 21.20 -36.42 15.21
C UNK K 51 20.67 -36.13 16.61
N UNK K 52 21.56 -36.00 17.61
CA UNK K 52 21.22 -35.77 19.01
C UNK K 52 20.89 -34.31 19.37
N UNK K 53 20.43 -34.11 20.62
CA UNK K 53 20.09 -32.81 21.18
C UNK K 53 21.38 -32.04 21.50
N UNK K 54 21.42 -30.77 21.10
CA UNK K 54 22.56 -29.89 21.33
C UNK K 54 22.41 -29.18 22.68
N UNK K 55 23.43 -29.33 23.54
CA UNK K 55 23.60 -28.79 24.90
C UNK K 55 22.67 -29.39 25.96
N UNK K 56 23.25 -29.66 27.14
CA UNK K 56 22.59 -30.21 28.33
C UNK K 56 23.20 -29.61 29.61
N UNK K 57 23.35 -30.42 30.69
CA UNK K 57 23.92 -30.11 32.02
C UNK K 57 24.04 -28.62 32.35
N UNK K 58 33.79 -26.27 34.28
CA UNK K 58 32.50 -25.69 33.91
C UNK K 58 31.33 -26.56 34.39
N UNK K 59 30.25 -25.92 34.85
CA UNK K 59 29.03 -26.57 35.37
C UNK K 59 28.22 -27.31 34.31
N UNK K 60 28.25 -26.83 33.05
CA UNK K 60 27.51 -27.43 31.94
C UNK K 60 28.40 -28.15 30.91
N UNK K 61 28.07 -29.41 30.62
CA UNK K 61 28.79 -30.26 29.66
C UNK K 61 27.86 -30.60 28.48
N UNK K 62 27.95 -29.81 27.41
CA UNK K 62 27.15 -29.92 26.20
C UNK K 62 27.72 -30.96 25.23
N UNK K 63 26.86 -31.82 24.65
CA UNK K 63 27.28 -32.85 23.69
C UNK K 63 26.32 -32.97 22.51
N UNK K 64 26.81 -32.62 21.30
CA UNK K 64 26.05 -32.67 20.06
C UNK K 64 26.61 -33.74 19.12
N UNK K 65 25.76 -34.68 18.68
CA UNK K 65 26.17 -35.76 17.79
C UNK K 65 25.93 -35.44 16.32
N UNK K 66 26.88 -35.88 15.46
CA UNK K 66 26.84 -35.69 14.01
C UNK K 66 27.08 -37.04 13.32
N UNK K 67 26.01 -37.61 12.73
CA UNK K 67 26.04 -38.90 12.03
C UNK K 67 26.17 -38.72 10.52
N UNK K 68 27.12 -39.44 9.91
CA UNK K 68 27.39 -39.40 8.47
C UNK K 68 26.28 -40.07 7.67
N UNK K 69 32.92 -46.60 12.76
CA UNK K 69 32.04 -47.33 13.66
C UNK K 69 32.08 -48.85 13.39
N UNK K 70 30.92 -49.54 13.40
CA UNK K 70 30.83 -51.00 13.19
C UNK K 70 31.03 -51.39 11.72
N UNK K 71 30.00 -51.17 10.86
CA UNK K 71 30.04 -51.51 9.43
C UNK K 71 29.09 -50.61 8.60
N UNK K 72 28.84 -49.37 9.06
CA UNK K 72 27.96 -48.41 8.38
C UNK K 72 28.39 -46.94 8.59
N UNK K 73 27.42 -46.05 8.86
CA UNK K 73 27.63 -44.61 9.08
C UNK K 73 28.36 -44.33 10.39
N UNK K 74 29.29 -43.36 10.36
CA UNK K 74 30.08 -42.96 11.52
C UNK K 74 29.41 -41.83 12.31
N UNK K 75 29.41 -41.94 13.64
CA UNK K 75 28.83 -40.95 14.55
C UNK K 75 29.86 -40.48 15.58
N UNK K 76 29.99 -39.15 15.73
CA UNK K 76 30.93 -38.53 16.66
C UNK K 76 30.27 -37.40 17.44
N UNK K 77 30.53 -37.35 18.77
CA UNK K 77 30.00 -36.33 19.66
C UNK K 77 30.97 -35.16 19.80
N UNK K 78 30.42 -33.93 19.85
CA UNK K 78 31.19 -32.70 19.99
C UNK K 78 30.91 -32.03 21.35
N UNK K 79 31.79 -32.29 22.33
CA UNK K 79 31.69 -31.75 23.69
C UNK K 79 32.02 -30.27 23.71
N UNK K 80 31.23 -29.49 24.47
CA UNK K 80 31.41 -28.03 24.58
C UNK K 80 31.44 -27.54 26.02
N UNK K 81 32.47 -26.74 26.36
CA UNK K 81 32.63 -26.16 27.70
C UNK K 81 31.68 -24.97 27.84
N UNK K 82 30.76 -25.03 28.83
CA UNK K 82 29.76 -24.00 29.03
C UNK K 82 29.61 -23.50 30.47
N UNK K 83 29.63 -22.17 30.63
CA UNK K 83 29.46 -21.47 31.90
C UNK K 83 28.58 -20.24 31.65
N UNK K 84 27.29 -20.33 32.06
CA UNK K 84 26.27 -19.29 31.88
C UNK K 84 26.57 -17.97 32.62
N UNK K 85 27.40 -18.02 33.67
CA UNK K 85 27.78 -16.87 34.49
C UNK K 85 28.67 -15.84 33.77
N UNK K 86 29.27 -16.20 32.60
CA UNK K 86 30.14 -15.30 31.85
C UNK K 86 30.17 -15.51 30.32
N THR K 87 30.39 -16.77 29.87
CA THR K 87 30.55 -17.11 28.45
C THR K 87 29.25 -17.28 27.64
N PRO K 88 29.05 -16.47 26.56
CA PRO K 88 27.88 -16.67 25.70
C PRO K 88 28.24 -17.70 24.61
N VAL K 89 28.22 -18.98 25.00
CA VAL K 89 28.58 -20.18 24.21
C VAL K 89 27.96 -20.18 22.79
N PRO K 90 28.78 -20.41 21.73
CA PRO K 90 28.22 -20.37 20.36
C PRO K 90 27.24 -21.49 19.99
N SER K 91 26.36 -21.19 19.03
CA SER K 91 25.34 -22.11 18.52
C SER K 91 25.74 -22.69 17.16
N ILE K 92 25.24 -23.91 16.86
CA ILE K 92 25.51 -24.67 15.64
C ILE K 92 24.44 -24.35 14.54
N THR K 93 23.61 -23.30 14.77
CA THR K 93 22.53 -22.86 13.87
C THR K 93 22.99 -22.50 12.45
N CYS K 94 24.22 -21.93 12.30
CA CYS K 94 24.80 -21.58 11.01
C CYS K 94 25.24 -22.81 10.21
N LEU K 95 25.52 -23.91 10.91
CA LEU K 95 25.94 -25.19 10.34
C LEU K 95 24.73 -26.10 10.10
N TYR K 96 23.94 -26.37 11.16
CA TYR K 96 22.73 -27.20 11.11
C TYR K 96 21.54 -26.41 11.65
N GLU K 97 20.47 -26.30 10.85
CA GLU K 97 19.24 -25.59 11.22
C GLU K 97 18.40 -26.36 12.25
N GLY K 98 18.70 -27.64 12.43
CA GLY K 98 18.04 -28.51 13.39
C GLY K 98 18.44 -28.23 14.83
N ALA K 99 19.65 -27.64 15.01
CA ALA K 99 20.19 -27.27 16.31
C ALA K 99 19.40 -26.13 16.98
N ASN K 100 18.71 -25.30 16.16
CA ASN K 100 17.88 -24.16 16.59
C ASN K 100 16.89 -24.50 17.69
N TRP K 101 16.18 -25.63 17.57
CA TRP K 101 15.20 -26.05 18.57
C TRP K 101 15.85 -26.73 19.75
N PHE K 102 16.85 -27.60 19.51
CA PHE K 102 17.59 -28.32 20.55
C PHE K 102 18.34 -27.36 21.49
N GLU K 103 18.77 -26.20 20.96
CA GLU K 103 19.49 -25.15 21.73
C GLU K 103 18.54 -24.16 22.40
N ARG K 104 17.38 -23.85 21.76
CA ARG K 104 16.37 -22.95 22.31
C ARG K 104 15.74 -23.60 23.57
N GLU K 105 15.71 -24.95 23.61
CA GLU K 105 15.23 -25.75 24.73
C GLU K 105 16.30 -25.68 25.84
N ALA K 106 17.58 -25.85 25.46
CA ALA K 106 18.74 -25.80 26.36
C ALA K 106 18.91 -24.43 27.01
N TYR K 107 18.58 -23.35 26.27
CA TYR K 107 18.62 -21.96 26.75
C TYR K 107 17.49 -21.73 27.77
N ASP K 108 16.34 -22.40 27.57
CA ASP K 108 15.17 -22.29 28.43
C ASP K 108 15.28 -23.12 29.71
N MET K 109 15.87 -24.32 29.62
CA MET K 109 15.99 -25.24 30.76
C MET K 109 17.29 -25.07 31.58
N TYR K 110 18.31 -24.39 31.03
CA TYR K 110 19.60 -24.20 31.75
C TYR K 110 20.05 -22.75 31.88
N GLY K 111 19.66 -21.90 30.93
CA GLY K 111 20.04 -20.50 30.90
C GLY K 111 21.31 -20.25 30.11
N VAL K 112 21.75 -21.28 29.34
CA VAL K 112 22.95 -21.23 28.51
C VAL K 112 22.66 -20.33 27.30
N PHE K 113 23.24 -19.12 27.31
CA PHE K 113 23.06 -18.12 26.26
C PHE K 113 23.83 -18.50 25.00
N PHE K 114 23.15 -18.53 23.85
CA PHE K 114 23.76 -18.89 22.57
C PHE K 114 24.11 -17.66 21.71
N GLU K 115 25.24 -17.73 20.99
CA GLU K 115 25.76 -16.64 20.16
C GLU K 115 24.92 -16.41 18.89
N GLY K 116 25.29 -17.03 17.76
CA GLY K 116 24.63 -16.86 16.47
C GLY K 116 23.26 -17.50 16.31
N HIS K 117 22.45 -17.50 17.40
CA HIS K 117 21.10 -18.06 17.41
C HIS K 117 20.10 -17.10 16.75
N PRO K 118 19.21 -17.59 15.85
CA PRO K 118 18.25 -16.69 15.18
C PRO K 118 17.14 -16.13 16.07
N ASP K 119 16.70 -16.90 17.09
CA ASP K 119 15.65 -16.46 18.02
C ASP K 119 15.81 -17.06 19.42
N LEU K 120 16.43 -16.30 20.34
CA LEU K 120 16.63 -16.74 21.72
C LEU K 120 15.35 -16.48 22.52
N ARG K 121 14.54 -17.54 22.66
CA ARG K 121 13.25 -17.50 23.36
C ARG K 121 13.07 -18.73 24.25
N ARG K 122 11.89 -18.87 24.89
CA ARG K 122 11.56 -19.97 25.80
C ARG K 122 10.64 -20.99 25.12
N ILE K 123 10.89 -22.29 25.38
CA ILE K 123 10.08 -23.37 24.80
C ILE K 123 9.09 -23.95 25.84
N MET K 124 9.60 -24.64 26.88
CA MET K 124 8.76 -25.28 27.91
C MET K 124 8.14 -24.30 28.90
N THR K 125 8.96 -23.44 29.53
CA THR K 125 8.49 -22.49 30.54
C THR K 125 7.67 -21.33 29.95
N ASP K 126 6.93 -20.63 30.83
CA ASP K 126 6.06 -19.48 30.55
C ASP K 126 6.88 -18.33 29.94
N TYR K 127 6.24 -17.54 29.05
CA TYR K 127 6.77 -16.38 28.31
C TYR K 127 7.78 -15.51 29.09
N GLY K 128 7.50 -15.27 30.37
CA GLY K 128 8.33 -14.45 31.25
C GLY K 128 8.56 -15.07 32.61
N PHE K 129 8.74 -16.40 32.65
CA PHE K 129 9.02 -17.18 33.86
C PHE K 129 10.45 -16.93 34.32
N GLU K 130 10.67 -16.81 35.64
CA GLU K 130 11.99 -16.59 36.20
C GLU K 130 12.56 -17.91 36.73
N GLY K 131 13.67 -18.35 36.13
CA GLY K 131 14.35 -19.59 36.48
C GLY K 131 14.48 -20.55 35.32
N HIS K 132 15.41 -21.52 35.46
CA HIS K 132 15.68 -22.54 34.44
C HIS K 132 15.76 -23.94 35.10
N PRO K 133 14.77 -24.84 34.84
CA PRO K 133 14.81 -26.16 35.49
C PRO K 133 15.62 -27.20 34.71
N UNK L 1 32.02 -78.52 99.41
CA UNK L 1 33.35 -79.12 99.53
C UNK L 1 34.41 -78.11 99.98
N UNK L 2 34.27 -76.84 99.56
CA UNK L 2 35.19 -75.75 99.89
C UNK L 2 35.14 -75.33 101.36
N UNK L 3 34.00 -75.57 102.04
CA UNK L 3 33.80 -75.23 103.45
C UNK L 3 34.55 -76.19 104.39
N UNK L 4 34.41 -77.51 104.18
CA UNK L 4 35.05 -78.55 104.99
C UNK L 4 36.55 -78.66 104.68
N UNK L 5 36.92 -78.55 103.38
CA UNK L 5 38.31 -78.62 102.93
C UNK L 5 38.82 -77.24 102.50
N UNK L 6 38.78 -76.27 103.45
CA UNK L 6 39.22 -74.88 103.24
C UNK L 6 40.74 -74.79 103.10
N UNK L 7 41.49 -75.57 103.91
CA UNK L 7 42.95 -75.62 103.90
C UNK L 7 43.46 -76.37 102.66
N UNK L 8 42.72 -77.40 102.22
CA UNK L 8 43.05 -78.21 101.04
C UNK L 8 42.86 -77.44 99.74
N UNK L 9 41.79 -76.61 99.67
CA UNK L 9 41.46 -75.78 98.49
C UNK L 9 42.45 -74.61 98.34
N UNK L 10 42.93 -74.05 99.46
CA UNK L 10 43.88 -72.94 99.49
C UNK L 10 45.29 -73.39 99.09
N UNK L 11 45.71 -74.59 99.54
CA UNK L 11 47.03 -75.16 99.25
C UNK L 11 47.16 -75.62 97.79
N UNK L 12 46.07 -76.19 97.23
CA UNK L 12 46.01 -76.66 95.84
C UNK L 12 45.96 -75.51 94.84
N UNK L 13 45.39 -74.35 95.26
CA UNK L 13 45.27 -73.16 94.41
C UNK L 13 46.63 -72.48 94.23
N UNK L 14 47.42 -72.98 93.26
CA UNK L 14 48.75 -72.46 92.93
C UNK L 14 48.64 -71.50 91.74
N UNK L 15 48.56 -70.20 92.04
CA UNK L 15 48.45 -69.14 91.03
C UNK L 15 49.82 -68.69 90.55
N UNK L 16 49.98 -68.53 89.21
CA UNK L 16 51.23 -68.12 88.59
C UNK L 16 51.23 -66.61 88.32
N UNK L 17 52.19 -65.89 88.93
CA UNK L 17 52.39 -64.42 88.83
C UNK L 17 51.12 -63.60 89.16
N UNK L 18 50.54 -63.87 90.36
CA UNK L 18 49.35 -63.24 90.93
C UNK L 18 48.08 -63.31 90.04
N UNK L 19 47.93 -64.40 89.26
CA UNK L 19 46.76 -64.62 88.40
C UNK L 19 45.77 -65.51 89.14
N UNK L 20 44.91 -64.87 89.98
CA UNK L 20 43.91 -65.53 90.82
C UNK L 20 42.78 -66.21 90.03
N UNK L 21 42.39 -65.63 88.89
CA UNK L 21 41.32 -66.15 88.04
C UNK L 21 41.69 -67.44 87.29
N UNK L 22 43.00 -67.82 87.27
CA UNK L 22 43.51 -69.03 86.63
C UNK L 22 43.09 -70.30 87.40
N UNK L 23 42.72 -70.13 88.69
CA UNK L 23 42.26 -71.18 89.59
C UNK L 23 40.81 -71.64 89.30
N UNK L 24 40.10 -70.95 88.38
CA UNK L 24 38.73 -71.25 87.98
C UNK L 24 38.58 -72.64 87.35
N MET L 25 39.64 -73.16 86.72
CA MET L 25 39.66 -74.49 86.11
C MET L 25 39.68 -75.58 87.18
N UNK L 26 40.44 -75.36 88.27
CA UNK L 26 40.57 -76.28 89.41
C UNK L 26 39.35 -76.19 90.34
N UNK L 27 38.74 -74.99 90.44
CA UNK L 27 37.56 -74.73 91.27
C UNK L 27 36.31 -75.39 90.69
N UNK L 28 36.14 -75.34 89.35
CA UNK L 28 35.00 -75.95 88.64
C UNK L 28 35.11 -77.47 88.63
N UNK L 29 36.33 -78.02 88.52
CA UNK L 29 36.60 -79.46 88.51
C UNK L 29 36.36 -80.10 89.88
N UNK L 30 36.58 -79.34 90.97
CA UNK L 30 36.39 -79.80 92.36
C UNK L 30 34.90 -79.93 92.71
N UNK L 31 34.07 -78.94 92.32
CA UNK L 31 32.63 -78.92 92.58
C UNK L 31 31.87 -79.94 91.74
N UNK L 32 32.36 -80.23 90.51
CA UNK L 32 31.77 -81.19 89.57
C UNK L 32 32.08 -82.65 89.94
N UNK L 33 33.13 -82.87 90.74
CA UNK L 33 33.55 -84.21 91.17
C UNK L 33 32.93 -84.61 92.51
N UNK L 34 32.74 -83.63 93.42
CA UNK L 34 32.18 -83.84 94.76
C UNK L 34 30.64 -83.81 94.81
N UNK L 35 30.01 -82.96 93.97
CA UNK L 35 28.55 -82.81 93.93
C UNK L 35 27.91 -83.18 92.58
N UNK L 36 28.65 -83.94 91.73
CA UNK L 36 28.29 -84.43 90.38
C UNK L 36 28.13 -83.31 89.33
N UNK L 37 27.41 -82.22 89.67
CA UNK L 37 27.16 -81.07 88.79
C UNK L 37 27.05 -79.77 89.57
N UNK L 38 27.23 -78.62 88.88
CA UNK L 38 27.15 -77.27 89.45
C UNK L 38 25.71 -76.92 89.84
N UNK L 39 25.54 -76.39 91.07
CA UNK L 39 24.24 -76.00 91.62
C UNK L 39 23.67 -74.74 90.95
N UNK L 40 22.35 -74.50 91.13
CA UNK L 40 21.61 -73.37 90.57
C UNK L 40 22.13 -71.99 91.05
N UNK L 41 22.69 -71.95 92.28
CA UNK L 41 23.25 -70.73 92.89
C UNK L 41 24.52 -70.25 92.17
N UNK L 42 25.31 -71.20 91.62
CA UNK L 42 26.55 -70.92 90.89
C UNK L 42 26.28 -70.28 89.53
N UNK L 43 25.14 -70.63 88.90
CA UNK L 43 24.73 -70.11 87.59
C UNK L 43 24.06 -68.75 87.73
N UNK L 44 33.76 -66.89 91.75
CA UNK L 44 33.98 -65.69 90.94
C UNK L 44 34.57 -64.54 91.76
N UNK L 45 34.08 -64.35 93.00
CA UNK L 45 34.54 -63.30 93.92
C UNK L 45 35.96 -63.53 94.42
N UNK L 46 36.32 -64.81 94.71
CA UNK L 46 37.64 -65.21 95.18
C UNK L 46 38.68 -65.13 94.06
N UNK L 47 38.25 -65.36 92.82
CA UNK L 47 39.10 -65.31 91.61
C UNK L 47 39.27 -63.88 91.07
N UNK L 48 38.57 -62.89 91.69
CA UNK L 48 38.55 -61.46 91.35
C UNK L 48 38.17 -61.19 89.88
N UNK L 49 37.02 -61.75 89.46
CA UNK L 49 36.48 -61.61 88.10
C UNK L 49 34.95 -61.47 88.11
N UNK L 50 34.38 -60.95 87.01
CA UNK L 50 32.94 -60.75 86.84
C UNK L 50 32.21 -62.09 86.68
N UNK L 51 30.94 -62.15 87.14
CA UNK L 51 30.09 -63.33 87.08
C UNK L 51 29.76 -63.77 85.65
N UNK L 52 29.56 -62.79 84.73
CA UNK L 52 29.25 -63.04 83.32
C UNK L 52 30.45 -63.63 82.57
N UNK L 53 31.67 -63.18 82.92
CA UNK L 53 32.92 -63.67 82.31
C UNK L 53 33.23 -65.10 82.78
N UNK L 54 32.85 -65.43 84.04
CA UNK L 54 33.03 -66.76 84.63
C UNK L 54 32.02 -67.74 84.02
N UNK L 55 30.77 -67.27 83.78
CA UNK L 55 29.69 -68.05 83.18
C UNK L 55 29.98 -68.31 81.69
N UNK L 56 30.74 -67.41 81.05
CA UNK L 56 31.14 -67.49 79.64
C UNK L 56 32.08 -68.67 79.40
N UNK L 57 33.00 -68.93 80.36
CA UNK L 57 33.98 -70.02 80.30
C UNK L 57 33.39 -71.33 80.79
N UNK L 58 32.51 -71.30 81.81
CA UNK L 58 31.88 -72.48 82.40
C UNK L 58 30.87 -73.17 81.47
N UNK L 59 29.98 -72.38 80.82
CA UNK L 59 28.98 -72.92 79.91
C UNK L 59 29.56 -73.12 78.51
N UNK L 60 23.09 -79.25 85.06
CA UNK L 60 21.99 -80.09 85.56
C UNK L 60 22.53 -81.30 86.32
N UNK L 61 21.94 -81.58 87.50
CA UNK L 61 22.30 -82.68 88.41
C UNK L 61 22.24 -84.06 87.75
N UNK L 62 23.29 -84.87 88.00
CA UNK L 62 23.43 -86.23 87.46
C UNK L 62 23.31 -87.30 88.55
N UNK L 63 22.84 -88.49 88.16
CA UNK L 63 22.66 -89.64 89.05
C UNK L 63 24.00 -90.27 89.47
N UNK L 64 23.99 -91.06 90.57
CA UNK L 64 25.16 -91.73 91.14
C UNK L 64 25.77 -92.77 90.21
N CYS L 65 30.80 -92.82 74.16
CA CYS L 65 31.64 -92.26 73.10
C CYS L 65 31.10 -92.61 71.72
N THR L 66 30.70 -91.58 70.93
CA THR L 66 30.13 -91.72 69.58
C THR L 66 31.17 -91.66 68.45
N THR L 67 32.39 -91.16 68.76
CA THR L 67 33.51 -90.97 67.82
C THR L 67 33.89 -92.27 67.07
N THR L 68 34.28 -92.10 65.79
CA THR L 68 34.64 -93.11 64.77
C THR L 68 35.39 -94.38 65.29
N PRO L 69 36.58 -94.33 65.96
CA PRO L 69 37.22 -95.60 66.39
C PRO L 69 36.36 -96.46 67.31
N CYS L 70 35.56 -95.83 68.19
CA CYS L 70 34.63 -96.53 69.09
C CYS L 70 33.47 -97.09 68.27
N GLN L 71 32.94 -96.29 67.30
CA GLN L 71 31.85 -96.64 66.38
C GLN L 71 32.22 -97.88 65.55
N LEU L 72 33.49 -97.93 65.06
CA LEU L 72 34.03 -99.04 64.28
C LEU L 72 34.24 -100.28 65.14
N CYS L 73 34.45 -100.10 66.47
CA CYS L 73 34.60 -101.17 67.45
C CYS L 73 33.22 -101.76 67.80
N GLY L 74 32.16 -100.98 67.55
CA GLY L 74 30.77 -101.37 67.78
C GLY L 74 29.98 -100.54 68.76
N SER L 75 30.36 -99.24 68.94
CA SER L 75 29.68 -98.31 69.87
C SER L 75 28.21 -98.05 69.54
N ASP L 76 27.83 -98.16 68.25
CA ASP L 76 26.45 -97.96 67.79
C ASP L 76 25.51 -98.98 68.45
N GLY L 77 25.96 -100.24 68.53
CA GLY L 77 25.22 -101.33 69.15
C GLY L 77 25.17 -101.25 70.66
N ILE L 78 26.27 -100.79 71.29
CA ILE L 78 26.40 -100.64 72.75
C ILE L 78 25.47 -99.53 73.25
N MET L 79 25.56 -98.32 72.64
CA MET L 79 24.76 -97.15 72.99
C MET L 79 23.25 -97.39 72.80
N GLU L 80 22.86 -98.06 71.69
CA GLU L 80 21.46 -98.40 71.38
C GLU L 80 20.86 -99.34 72.42
N ALA L 81 21.67 -100.27 72.97
CA ALA L 81 21.24 -101.24 73.98
C ALA L 81 21.21 -100.66 75.39
N VAL L 82 22.21 -99.84 75.76
CA VAL L 82 22.33 -99.22 77.09
C VAL L 82 21.26 -98.14 77.32
N GLN L 83 21.10 -97.21 76.35
CA GLN L 83 20.12 -96.10 76.43
C GLN L 83 18.66 -96.54 76.39
N UNK L 84 18.35 -97.70 75.76
CA UNK L 84 16.98 -98.21 75.64
C UNK L 84 16.53 -99.08 76.82
N UNK L 85 17.45 -99.88 77.40
CA UNK L 85 17.17 -100.76 78.54
C UNK L 85 16.80 -99.99 79.80
N UNK L 86 17.60 -98.95 80.14
CA UNK L 86 17.38 -98.10 81.30
C UNK L 86 16.29 -97.05 81.02
N GLY L 87 16.19 -96.63 79.75
CA GLY L 87 15.23 -95.63 79.29
C GLY L 87 15.52 -94.22 79.76
N UNK L 88 16.81 -93.91 79.98
CA UNK L 88 17.27 -92.61 80.44
C UNK L 88 17.93 -91.81 79.33
N GLY L 89 17.60 -90.52 79.27
CA GLY L 89 18.14 -89.58 78.30
C GLY L 89 19.38 -88.88 78.79
N UNK L 90 19.85 -87.87 78.03
CA UNK L 90 21.03 -87.08 78.36
C UNK L 90 20.78 -86.09 79.50
N GLY L 91 19.55 -85.64 79.65
CA GLY L 91 19.14 -84.67 80.67
C GLY L 91 18.61 -85.28 81.95
N UNK L 92 17.60 -86.17 81.84
CA UNK L 92 16.94 -86.83 82.97
C UNK L 92 17.71 -88.06 83.48
N UNK L 93 17.42 -88.47 84.74
CA UNK L 93 18.02 -89.61 85.41
C UNK L 93 17.12 -90.85 85.32
N UNK L 94 17.74 -92.05 85.32
CA UNK L 94 17.06 -93.35 85.22
C UNK L 94 16.17 -93.67 86.42
N UNK L 95 15.26 -94.65 86.26
CA UNK L 95 14.33 -95.14 87.29
C UNK L 95 15.06 -95.75 88.49
N UNK L 96 16.25 -96.35 88.24
CA UNK L 96 17.11 -96.96 89.26
C UNK L 96 17.79 -95.87 90.11
N GLY L 97 17.99 -94.70 89.53
CA GLY L 97 18.62 -93.55 90.18
C GLY L 97 20.14 -93.60 90.20
N UNK L 98 20.74 -94.38 89.29
CA UNK L 98 22.19 -94.56 89.18
C UNK L 98 22.75 -94.09 87.82
N UNK L 99 21.92 -94.14 86.77
CA UNK L 99 22.32 -93.72 85.42
C UNK L 99 21.77 -92.34 85.06
N UNK L 100 22.66 -91.45 84.58
CA UNK L 100 22.32 -90.08 84.19
C UNK L 100 21.85 -90.03 82.74
N UNK L 101 25.16 -88.43 74.04
CA UNK L 101 26.33 -88.62 73.18
C UNK L 101 27.60 -88.05 73.82
N UNK L 102 28.73 -88.74 73.62
CA UNK L 102 30.04 -88.34 74.15
C UNK L 102 31.12 -88.30 73.07
N UNK L 103 32.11 -87.40 73.24
CA UNK L 103 33.24 -87.22 72.32
C UNK L 103 34.38 -88.21 72.62
N CYS L 104 35.46 -88.18 71.81
CA CYS L 104 36.64 -89.04 71.93
C CYS L 104 37.36 -88.86 73.26
N UNK L 105 37.58 -89.97 73.99
CA UNK L 105 38.25 -89.99 75.29
C UNK L 105 39.78 -90.09 75.15
N GLY L 106 40.25 -90.81 74.14
CA GLY L 106 41.67 -91.01 73.87
C GLY L 106 42.12 -92.45 73.81
N UNK L 107 41.24 -93.39 74.22
CA UNK L 107 41.50 -94.82 74.22
C UNK L 107 40.82 -95.51 73.03
N CYS L 108 41.44 -95.39 71.84
CA CYS L 108 40.94 -95.95 70.58
C CYS L 108 41.19 -97.46 70.48
N UNK L 109 42.31 -97.93 71.07
CA UNK L 109 42.72 -99.34 71.08
C UNK L 109 41.77 -100.21 71.92
N UNK L 110 41.18 -99.63 72.98
CA UNK L 110 40.25 -100.30 73.88
C UNK L 110 38.83 -99.77 73.69
N UNK L 111 36.07 -89.57 83.47
CA UNK L 111 36.15 -88.48 84.46
C UNK L 111 36.03 -89.00 85.90
N UNK L 112 35.12 -89.95 86.14
CA UNK L 112 34.88 -90.55 87.46
C UNK L 112 34.87 -92.08 87.41
N UNK L 113 34.13 -92.66 86.44
CA UNK L 113 34.02 -94.11 86.26
C UNK L 113 35.05 -94.66 85.28
N UNK L 114 35.55 -95.88 85.53
CA UNK L 114 36.54 -96.58 84.70
C UNK L 114 35.94 -96.99 83.35
N UNK L 115 36.75 -96.91 82.29
CA UNK L 115 36.38 -97.22 80.91
C UNK L 115 36.00 -98.69 80.67
N UNK L 116 35.01 -98.92 79.79
CA UNK L 116 34.53 -100.25 79.41
C UNK L 116 35.26 -100.70 78.14
N UNK L 117 36.45 -101.30 78.34
CA UNK L 117 37.35 -101.77 77.28
C UNK L 117 36.79 -102.98 76.50
N UNK L 118 36.93 -102.94 75.16
CA UNK L 118 36.49 -103.96 74.19
C UNK L 118 35.07 -104.49 74.48
N UNK L 119 34.11 -103.55 74.57
CA UNK L 119 32.71 -103.87 74.86
C UNK L 119 31.99 -104.59 73.71
N UNK L 120 31.77 -105.90 73.89
CA UNK L 120 31.07 -106.78 72.96
C UNK L 120 29.63 -106.98 73.47
N UNK L 121 28.86 -107.90 72.85
CA UNK L 121 27.47 -108.21 73.24
C UNK L 121 27.38 -108.73 74.67
N UNK L 122 28.39 -109.50 75.13
CA UNK L 122 28.48 -110.05 76.48
C UNK L 122 29.12 -109.08 77.46
N UNK L 123 30.16 -108.34 77.01
CA UNK L 123 30.89 -107.35 77.82
C UNK L 123 30.06 -106.12 78.18
N UNK L 124 29.12 -105.72 77.31
CA UNK L 124 28.24 -104.58 77.55
C UNK L 124 27.15 -104.94 78.57
N UNK L 125 26.67 -106.20 78.53
CA UNK L 125 25.64 -106.72 79.44
C UNK L 125 26.21 -107.00 80.84
N UNK L 126 27.46 -107.52 80.91
CA UNK L 126 28.16 -107.83 82.17
C UNK L 126 28.50 -106.55 82.96
N UNK L 127 28.85 -105.46 82.23
CA UNK L 127 29.17 -104.16 82.81
C UNK L 127 27.89 -103.46 83.29
N UNK L 128 26.75 -103.70 82.58
CA UNK L 128 25.44 -103.13 82.92
C UNK L 128 24.86 -103.81 84.16
N UNK L 129 24.97 -105.15 84.25
CA UNK L 129 24.49 -105.96 85.39
C UNK L 129 25.32 -105.69 86.65
N GLY L 130 26.61 -105.40 86.46
CA GLY L 130 27.55 -105.07 87.54
C GLY L 130 27.27 -103.70 88.13
N UNK L 131 26.98 -102.71 87.25
CA UNK L 131 26.66 -101.33 87.64
C UNK L 131 25.27 -101.24 88.28
N UNK L 132 24.36 -102.17 87.92
CA UNK L 132 22.99 -102.25 88.43
C UNK L 132 22.97 -102.64 89.92
N UNK L 133 23.98 -103.43 90.35
CA UNK L 133 24.14 -103.87 91.74
C UNK L 133 24.79 -102.79 92.63
N GLY L 134 25.29 -101.72 91.99
CA GLY L 134 25.94 -100.59 92.66
C GLY L 134 27.41 -100.78 92.94
N UNK L 135 28.06 -101.71 92.20
CA UNK L 135 29.49 -102.00 92.33
C UNK L 135 30.33 -100.89 91.71
N UNK L 136 31.40 -100.47 92.42
CA UNK L 136 32.32 -99.41 92.00
C UNK L 136 33.10 -99.82 90.74
N UNK L 137 33.28 -98.87 89.81
CA UNK L 137 33.98 -99.05 88.53
C UNK L 137 35.47 -99.39 88.68
N UNK L 138 36.11 -98.94 89.79
CA UNK L 138 37.52 -99.19 90.10
C UNK L 138 37.81 -100.68 90.34
N UNK L 139 36.80 -101.44 90.80
CA UNK L 139 36.88 -102.88 91.06
C UNK L 139 35.59 -103.57 90.54
N UNK L 140 35.54 -103.80 89.21
CA UNK L 140 34.41 -104.43 88.53
C UNK L 140 34.82 -105.72 87.82
N UNK L 141 33.89 -106.69 87.76
CA UNK L 141 34.12 -108.00 87.14
C UNK L 141 33.92 -107.94 85.62
N UNK L 142 34.96 -108.32 84.87
CA UNK L 142 34.97 -108.36 83.41
C UNK L 142 35.82 -109.52 82.89
N UNK L 143 35.17 -110.49 82.22
CA UNK L 143 35.82 -111.69 81.68
C UNK L 143 36.67 -111.36 80.45
N GLY L 144 37.78 -112.08 80.30
CA GLY L 144 38.72 -111.91 79.19
C GLY L 144 39.91 -111.02 79.53
N UNK L 145 40.98 -111.15 78.74
CA UNK L 145 42.21 -110.38 78.92
C UNK L 145 42.15 -109.02 78.22
N UNK L 146 42.43 -107.95 78.99
CA UNK L 146 42.43 -106.57 78.50
C UNK L 146 43.72 -105.89 78.95
N UNK L 147 44.69 -105.77 78.01
CA UNK L 147 46.00 -105.16 78.26
C UNK L 147 45.95 -103.62 78.34
N UNK L 148 47.07 -102.97 78.73
CA UNK L 148 47.22 -101.52 78.91
C UNK L 148 47.17 -100.72 77.59
N UNK L 149 48.30 -100.10 77.17
CA UNK L 149 48.42 -99.30 75.94
C UNK L 149 48.20 -100.18 74.70
N UNK L 150 48.62 -101.45 74.79
CA UNK L 150 48.46 -102.46 73.75
C UNK L 150 47.16 -103.25 74.02
N UNK L 151 46.65 -103.99 73.01
CA UNK L 151 45.44 -104.79 73.13
C UNK L 151 45.48 -106.00 72.18
N UNK L 152 45.85 -107.17 72.72
CA UNK L 152 45.94 -108.42 71.95
C UNK L 152 44.64 -109.21 72.03
N UNK L 153 44.00 -109.42 70.86
CA UNK L 153 42.75 -110.17 70.74
C UNK L 153 42.97 -111.54 70.10
N UNK L 154 42.29 -112.56 70.65
CA UNK L 154 42.39 -113.95 70.17
C UNK L 154 41.00 -114.59 70.03
N SER M 1 -6.61 -44.71 -24.00
CA SER M 1 -7.72 -43.84 -23.64
C SER M 1 -8.15 -44.06 -22.18
N LYS M 2 -7.70 -43.17 -21.28
CA LYS M 2 -8.02 -43.21 -19.85
C LYS M 2 -9.49 -42.84 -19.61
N ALA M 3 -10.03 -41.91 -20.46
CA ALA M 3 -11.41 -41.38 -20.51
C ALA M 3 -11.92 -40.74 -19.21
N THR M 4 -12.64 -39.60 -19.34
CA THR M 4 -13.22 -38.84 -18.23
C THR M 4 -13.99 -39.72 -17.22
N LYS M 5 -15.08 -40.38 -17.68
CA LYS M 5 -15.90 -41.27 -16.85
C LYS M 5 -15.13 -42.52 -16.39
N TYR M 6 -14.24 -43.06 -17.26
CA TYR M 6 -13.43 -44.25 -16.95
C TYR M 6 -12.29 -43.98 -15.95
N PHE M 7 -11.92 -42.69 -15.74
CA PHE M 7 -10.89 -42.36 -14.75
C PHE M 7 -11.54 -41.75 -13.49
N LEU M 8 -12.64 -40.97 -13.65
CA LEU M 8 -13.39 -40.37 -12.53
C LEU M 8 -14.09 -41.43 -11.68
N LEU M 9 -14.48 -42.57 -12.30
CA LEU M 9 -15.14 -43.67 -11.59
C LEU M 9 -14.14 -44.64 -10.97
N ALA M 10 -13.41 -45.45 -11.79
CA ALA M 10 -12.44 -46.48 -11.40
C ALA M 10 -11.53 -46.13 -10.20
N GLU M 11 -11.07 -44.86 -10.10
CA GLU M 11 -10.19 -44.39 -9.03
C GLU M 11 -10.91 -44.26 -7.66
N MET M 12 -12.24 -44.15 -7.68
CA MET M 12 -13.11 -43.93 -6.52
C MET M 12 -14.11 -45.06 -6.27
N PHE M 13 -14.74 -45.56 -7.34
CA PHE M 13 -15.78 -46.62 -7.36
C PHE M 13 -15.35 -47.89 -6.62
N ARG M 14 -14.07 -48.27 -6.72
CA ARG M 14 -13.52 -49.45 -6.04
C ARG M 14 -13.54 -49.22 -4.52
N GLY M 15 -13.20 -47.99 -4.10
CA GLY M 15 -13.21 -47.57 -2.71
C GLY M 15 -14.58 -47.64 -2.07
N LEU M 16 -15.62 -47.36 -2.89
CA LEU M 16 -17.03 -47.43 -2.50
C LEU M 16 -17.41 -48.90 -2.29
N TYR M 17 -17.17 -49.77 -3.31
CA TYR M 17 -17.45 -51.20 -3.29
C TYR M 17 -16.71 -51.94 -2.15
N VAL M 18 -15.49 -51.49 -1.81
CA VAL M 18 -14.66 -52.04 -0.72
C VAL M 18 -15.36 -51.90 0.64
N VAL M 19 -16.02 -50.74 0.87
CA VAL M 19 -16.76 -50.47 2.10
C VAL M 19 -18.10 -51.24 2.04
N LEU M 20 -18.11 -52.44 2.62
CA LEU M 20 -19.28 -53.33 2.63
C LEU M 20 -19.61 -53.84 4.04
N GLU M 21 -19.89 -55.17 4.19
CA GLU M 21 -20.26 -55.88 5.43
C GLU M 21 -21.49 -55.29 6.12
N UNK M 22 -20.80 -49.58 29.56
CA UNK M 22 -20.82 -50.33 30.80
C UNK M 22 -20.69 -51.83 30.54
N UNK M 23 -21.82 -52.52 30.27
CA UNK M 23 -21.87 -53.95 29.97
C UNK M 23 -22.46 -54.21 28.57
N UNK M 24 -22.43 -53.17 27.70
CA UNK M 24 -22.93 -53.18 26.32
C UNK M 24 -22.28 -54.28 25.46
N UNK M 25 -20.98 -54.54 25.69
CA UNK M 25 -20.18 -55.56 25.02
C UNK M 25 -19.46 -56.42 26.07
N UNK M 26 -19.23 -55.85 27.28
CA UNK M 26 -18.56 -56.44 28.44
C UNK M 26 -17.16 -56.98 28.11
N UNK M 27 -16.16 -56.08 28.10
CA UNK M 27 -14.76 -56.40 27.78
C UNK M 27 -14.12 -57.24 28.88
N UNK M 28 -13.56 -58.39 28.50
CA UNK M 28 -12.91 -59.33 29.42
C UNK M 28 -11.56 -58.81 29.88
N UNK M 29 -11.40 -58.66 31.21
CA UNK M 29 -10.17 -58.18 31.83
C UNK M 29 -9.17 -59.33 32.00
N UNK M 30 -7.88 -59.02 31.84
CA UNK M 30 -6.79 -59.99 31.95
C UNK M 30 -6.46 -60.34 33.41
N UNK M 31 -5.66 -61.40 33.63
CA UNK M 31 -5.22 -61.89 34.95
C UNK M 31 -4.48 -60.78 35.70
N UNK M 32 -3.36 -60.29 35.14
CA UNK M 32 -2.59 -59.20 35.73
C UNK M 32 -3.21 -57.88 35.23
N UNK M 33 -4.05 -57.25 36.08
CA UNK M 33 -4.74 -56.01 35.74
C UNK M 33 -4.41 -54.90 36.74
N UNK M 34 -3.82 -53.81 36.25
CA UNK M 34 -3.44 -52.66 37.06
C UNK M 34 -4.60 -51.67 37.21
N UNK M 35 -5.34 -51.78 38.33
CA UNK M 35 -6.48 -50.93 38.65
C UNK M 35 -6.50 -50.57 40.16
N UNK M 36 -7.70 -50.46 40.78
CA UNK M 36 -7.91 -50.11 42.19
C UNK M 36 -6.99 -50.88 43.16
N UNK M 37 -6.11 -50.14 43.86
CA UNK M 37 -5.15 -50.69 44.81
C UNK M 37 -5.82 -51.11 46.11
N UNK M 38 -5.46 -52.31 46.61
CA UNK M 38 -6.01 -52.87 47.85
C UNK M 38 -4.95 -53.61 48.67
N UNK M 39 -5.00 -53.45 50.02
CA UNK M 39 -4.09 -54.07 50.98
C UNK M 39 -4.55 -55.47 51.39
N GLU M 40 -3.25 -60.36 58.95
CA GLU M 40 -2.56 -59.15 58.52
C GLU M 40 -1.38 -59.46 57.60
N ARG M 41 -1.20 -58.64 56.55
CA ARG M 41 -0.12 -58.79 55.57
C ARG M 41 0.83 -57.58 55.52
N CYS M 42 0.52 -56.54 56.33
CA CYS M 42 1.30 -55.31 56.45
C CYS M 42 2.33 -55.46 57.57
N ILE M 43 3.65 -55.39 57.23
CA ILE M 43 4.73 -55.53 58.22
C ILE M 43 5.51 -54.19 58.41
N ALA M 44 4.80 -53.06 58.20
CA ALA M 44 5.27 -51.66 58.35
C ALA M 44 6.54 -51.29 57.55
N CYS M 45 7.05 -52.18 56.68
CA CYS M 45 8.25 -51.92 55.87
C CYS M 45 7.99 -50.88 54.79
N LYS M 46 8.91 -49.91 54.64
CA LYS M 46 8.80 -48.85 53.64
C LYS M 46 9.35 -49.30 52.28
N LEU M 47 8.90 -50.48 51.80
CA LEU M 47 9.31 -51.04 50.52
C LEU M 47 8.54 -50.45 49.36
N CYS M 48 7.22 -50.24 49.53
CA CYS M 48 6.36 -49.66 48.50
C CYS M 48 6.55 -48.15 48.40
N GLU M 49 6.71 -47.48 49.57
CA GLU M 49 6.88 -46.03 49.70
C GLU M 49 8.21 -45.49 49.16
N ALA M 50 9.36 -46.07 49.58
CA ALA M 50 10.71 -45.63 49.18
C ALA M 50 10.91 -45.52 47.67
N ILE M 51 10.36 -46.49 46.91
CA ILE M 51 10.39 -46.51 45.44
C ILE M 51 9.18 -45.66 44.92
N CYS M 52 8.40 -46.14 43.92
CA CYS M 52 7.21 -45.52 43.34
C CYS M 52 7.46 -44.16 42.65
N PRO M 53 7.00 -44.01 41.39
CA PRO M 53 7.17 -42.70 40.69
C PRO M 53 6.30 -41.56 41.24
N ALA M 54 5.45 -41.84 42.25
CA ALA M 54 4.55 -40.88 42.89
C ALA M 54 4.48 -41.10 44.41
N LEU M 55 3.31 -40.83 45.05
CA LEU M 55 3.08 -41.02 46.47
C LEU M 55 2.45 -42.39 46.76
N ALA M 56 3.25 -43.32 47.29
CA ALA M 56 2.81 -44.67 47.63
C ALA M 56 2.51 -44.79 49.13
N ILE M 57 1.53 -43.98 49.59
CA ILE M 57 1.04 -43.88 50.97
C ILE M 57 2.11 -43.46 51.98
N THR M 58 1.94 -42.25 52.56
CA THR M 58 2.85 -41.72 53.58
C THR M 58 2.71 -42.58 54.84
N ILE M 59 3.50 -43.67 54.90
CA ILE M 59 3.46 -44.67 55.95
C ILE M 59 4.24 -44.32 57.20
N ASP M 60 3.53 -44.32 58.34
CA ASP M 60 4.07 -44.09 59.67
C ASP M 60 4.02 -45.43 60.38
N ALA M 61 5.14 -45.84 60.99
CA ALA M 61 5.25 -47.13 61.66
C ALA M 61 5.06 -47.02 63.19
N GLU M 62 4.54 -48.10 63.80
CA GLU M 62 4.30 -48.20 65.24
C GLU M 62 4.33 -49.66 65.70
N GLU M 63 4.72 -49.89 66.97
CA GLU M 63 4.81 -51.22 67.57
C GLU M 63 3.45 -51.66 68.12
N ARG M 64 3.06 -52.90 67.84
CA ARG M 64 1.78 -53.48 68.30
C ARG M 64 2.01 -54.59 69.33
N ILE M 65 1.33 -54.49 70.48
CA ILE M 65 1.43 -55.45 71.58
C ILE M 65 0.18 -56.34 71.69
N ARG M 69 5.71 -55.59 63.97
CA ARG M 69 5.57 -54.26 63.39
C ARG M 69 4.41 -54.18 62.41
N ARG M 70 3.59 -53.12 62.51
CA ARG M 70 2.42 -52.87 61.65
C ARG M 70 2.21 -51.37 61.41
N THR M 71 1.69 -51.02 60.22
CA THR M 71 1.42 -49.63 59.83
C THR M 71 0.32 -48.98 60.66
N THR M 72 0.57 -47.76 61.15
CA THR M 72 -0.41 -46.99 61.93
C THR M 72 -1.12 -45.99 61.01
N LYS M 73 -0.44 -45.56 59.93
CA LYS M 73 -0.96 -44.61 58.92
C LYS M 73 -0.61 -45.13 57.52
N TYR M 74 -1.59 -45.08 56.59
CA TYR M 74 -1.45 -45.55 55.20
C TYR M 74 -2.51 -44.85 54.34
N ASP M 75 -2.09 -43.88 53.51
CA ASP M 75 -2.98 -43.10 52.66
C ASP M 75 -2.50 -43.00 51.20
N ILE M 76 -2.88 -43.99 50.36
CA ILE M 76 -2.49 -44.02 48.94
C ILE M 76 -3.28 -42.97 48.17
N ASP M 77 -2.60 -41.94 47.67
CA ASP M 77 -3.22 -40.87 46.88
C ASP M 77 -3.44 -41.36 45.46
N MET M 78 -4.68 -41.79 45.16
CA MET M 78 -5.09 -42.30 43.83
C MET M 78 -5.05 -41.21 42.76
N THR M 79 -5.15 -39.94 43.18
CA THR M 79 -5.07 -38.76 42.31
C THR M 79 -3.63 -38.58 41.85
N LYS M 80 -2.65 -38.81 42.75
CA LYS M 80 -1.21 -38.70 42.47
C LYS M 80 -0.64 -39.97 41.82
N CYS M 81 -1.19 -41.15 42.17
CA CYS M 81 -0.82 -42.49 41.71
C CYS M 81 -0.71 -42.60 40.17
N ILE M 82 0.37 -43.22 39.68
CA ILE M 82 0.66 -43.38 38.25
C ILE M 82 0.29 -44.83 37.76
N TYR M 83 -0.30 -45.66 38.66
CA TYR M 83 -0.76 -47.04 38.38
C TYR M 83 0.23 -47.89 37.57
N CYS M 84 1.36 -48.24 38.18
CA CYS M 84 2.42 -49.05 37.55
C CYS M 84 2.54 -50.42 38.20
N GLY M 85 2.17 -50.53 39.46
CA GLY M 85 2.24 -51.76 40.23
C GLY M 85 3.54 -51.99 40.95
N TYR M 86 4.42 -50.95 41.01
CA TYR M 86 5.72 -51.00 41.68
C TYR M 86 5.61 -51.28 43.18
N CYS M 87 4.45 -50.91 43.78
CA CYS M 87 4.12 -51.16 45.19
C CYS M 87 3.91 -52.67 45.37
N GLN M 88 3.18 -53.30 44.44
CA GLN M 88 2.88 -54.74 44.39
C GLN M 88 4.16 -55.54 44.11
N GLU M 89 5.01 -55.03 43.19
CA GLU M 89 6.28 -55.65 42.79
C GLU M 89 7.30 -55.65 43.94
N SER M 90 7.26 -54.61 44.79
CA SER M 90 8.20 -54.42 45.91
C SER M 90 7.74 -54.98 47.26
N CYS M 91 6.41 -55.08 47.50
CA CYS M 91 5.76 -55.53 48.76
C CYS M 91 6.73 -56.23 49.76
N PRO M 92 7.20 -57.50 49.62
CA PRO M 92 6.91 -58.56 48.63
C PRO M 92 5.91 -59.62 49.16
N VAL M 93 5.37 -59.38 50.37
CA VAL M 93 4.48 -60.22 51.18
C VAL M 93 3.24 -60.74 50.44
N ASP M 94 2.52 -59.84 49.72
CA ASP M 94 1.28 -59.99 48.94
C ASP M 94 0.16 -59.10 49.55
N ALA M 95 0.56 -58.03 50.27
CA ALA M 95 -0.35 -57.08 50.91
C ALA M 95 -1.01 -56.18 49.85
N ILE M 96 -0.26 -55.19 49.32
CA ILE M 96 -0.75 -54.27 48.28
C ILE M 96 -0.82 -55.02 46.94
N VAL M 97 -2.06 -55.34 46.51
CA VAL M 97 -2.37 -56.05 45.28
C VAL M 97 -3.40 -55.24 44.51
N GLU M 98 -3.12 -54.93 43.23
CA GLU M 98 -4.03 -54.18 42.38
C GLU M 98 -5.16 -55.07 41.87
N THR M 99 -6.41 -54.71 42.22
CA THR M 99 -7.64 -55.44 41.86
C THR M 99 -8.02 -55.21 40.37
N PRO M 100 -8.97 -55.94 39.75
CA PRO M 100 -9.25 -55.69 38.32
C PRO M 100 -10.33 -54.66 37.98
N ASN M 101 -11.27 -54.35 38.91
CA ASN M 101 -12.37 -53.43 38.65
C ASN M 101 -11.99 -51.95 38.81
N VAL M 102 -12.32 -51.14 37.77
CA VAL M 102 -12.05 -49.71 37.65
C VAL M 102 -13.24 -48.81 38.03
N GLU M 103 -14.35 -49.39 38.51
CA GLU M 103 -15.55 -48.64 38.91
C GLU M 103 -15.35 -47.97 40.29
N TYR M 104 -14.38 -47.04 40.37
CA TYR M 104 -13.99 -46.32 41.58
C TYR M 104 -14.20 -44.80 41.51
N ALA M 105 -14.48 -44.26 40.30
CA ALA M 105 -14.70 -42.83 40.03
C ALA M 105 -15.72 -42.17 40.99
N THR M 106 -15.36 -41.01 41.56
CA THR M 106 -16.20 -40.28 42.54
C THR M 106 -16.53 -38.84 42.13
N GLU M 107 -17.45 -38.20 42.88
CA GLU M 107 -17.89 -36.82 42.68
C GLU M 107 -17.03 -35.79 43.43
N THR M 108 -16.32 -36.23 44.49
CA THR M 108 -15.45 -35.39 45.32
C THR M 108 -13.98 -35.78 45.14
N UNK M 109 -13.09 -34.76 45.09
CA UNK M 109 -11.65 -34.94 44.93
C UNK M 109 -11.00 -35.54 46.19
N UNK M 110 -11.49 -35.14 47.39
CA UNK M 110 -11.00 -35.62 48.68
C UNK M 110 -11.34 -37.11 48.90
N UNK M 111 -12.45 -37.57 48.29
CA UNK M 111 -12.92 -38.96 48.35
C UNK M 111 -12.00 -39.92 47.61
N UNK M 112 -11.32 -39.43 46.56
CA UNK M 112 -10.38 -40.21 45.75
C UNK M 112 -9.11 -40.60 46.52
N UNK M 113 -8.71 -39.79 47.53
CA UNK M 113 -7.55 -40.07 48.37
C UNK M 113 -7.91 -41.16 49.39
N UNK M 114 -7.68 -42.43 49.00
CA UNK M 114 -7.98 -43.62 49.79
C UNK M 114 -7.10 -43.78 51.03
N UNK M 115 -7.69 -44.27 52.14
CA UNK M 115 -7.03 -44.51 53.43
C UNK M 115 -6.77 -46.00 53.67
N UNK M 116 -6.18 -46.35 54.84
CA UNK M 116 -5.85 -47.72 55.24
C UNK M 116 -7.07 -48.62 55.41
N UNK M 117 -8.15 -48.11 56.02
CA UNK M 117 -9.41 -48.82 56.23
C UNK M 117 -10.15 -49.06 54.91
N UNK M 118 -10.09 -48.09 53.99
CA UNK M 118 -10.71 -48.15 52.66
C UNK M 118 -9.90 -49.03 51.69
N UNK M 119 -8.71 -49.51 52.14
CA UNK M 119 -7.80 -50.35 51.36
C UNK M 119 -8.01 -51.85 51.62
N UNK M 120 -8.73 -52.24 52.69
CA UNK M 120 -9.01 -53.63 53.08
C UNK M 120 -9.50 -54.51 51.91
N UNK M 121 -9.06 -55.78 51.89
CA UNK M 121 -9.36 -56.79 50.86
C UNK M 121 -10.84 -56.90 50.48
N UNK M 122 -11.74 -56.89 51.48
CA UNK M 122 -13.18 -56.99 51.31
C UNK M 122 -13.82 -55.78 50.61
N UNK M 123 -13.22 -54.58 50.75
CA UNK M 123 -13.71 -53.33 50.18
C UNK M 123 -13.71 -53.32 48.64
N UNK M 124 -14.81 -52.77 48.06
CA UNK M 124 -15.03 -52.66 46.62
C UNK M 124 -15.10 -51.20 46.20
N UNK M 125 -16.16 -57.07 32.86
CA UNK M 125 -16.38 -58.37 33.49
C UNK M 125 -15.04 -59.04 33.84
N UNK M 126 -14.79 -59.25 35.15
CA UNK M 126 -13.56 -59.85 35.68
C UNK M 126 -13.53 -61.37 35.55
N UNK M 127 -12.37 -61.93 35.15
CA UNK M 127 -12.11 -63.35 34.93
C UNK M 127 -12.53 -64.26 36.08
N UNK M 128 -6.98 -67.32 39.05
CA UNK M 128 -6.17 -68.54 38.91
C UNK M 128 -4.72 -68.23 38.56
N UNK M 129 -4.49 -67.40 37.51
CA UNK M 129 -3.16 -66.99 37.05
C UNK M 129 -2.63 -65.78 37.84
N UNK M 130 -3.51 -65.10 38.61
CA UNK M 130 -3.20 -63.94 39.44
C UNK M 130 -4.03 -63.91 40.74
N UNK M 131 -5.17 -64.64 40.76
CA UNK M 131 -6.15 -64.79 41.86
C UNK M 131 -6.93 -63.52 42.20
N UNK M 132 -8.28 -63.64 42.27
CA UNK M 132 -9.19 -62.53 42.59
C UNK M 132 -9.44 -62.43 44.11
N UNK M 133 -10.56 -63.02 44.61
CA UNK M 133 -11.01 -63.11 46.01
C UNK M 133 -11.32 -61.78 46.73
N UNK M 134 -10.69 -60.65 46.31
CA UNK M 134 -10.87 -59.33 46.93
C UNK M 134 -12.30 -58.77 46.82
N UNK M 135 -12.69 -58.24 45.64
CA UNK M 135 -14.02 -57.69 45.34
C UNK M 135 -14.48 -58.36 44.05
N UNK M 136 -15.61 -59.09 44.08
CA UNK M 136 -16.04 -59.83 42.90
C UNK M 136 -17.53 -59.81 42.56
N UNK M 137 -17.78 -60.02 41.26
CA UNK M 137 -19.00 -60.17 40.50
C UNK M 137 -18.46 -60.87 39.22
N UNK M 138 -17.45 -61.74 39.45
CA UNK M 138 -16.64 -62.50 38.50
C UNK M 138 -17.40 -63.36 37.50
N UNK M 139 -17.08 -63.15 36.20
CA UNK M 139 -17.59 -63.83 35.00
C UNK M 139 -16.78 -63.34 33.80
N UNK M 140 -16.46 -64.27 32.85
CA UNK M 140 -15.69 -64.01 31.62
C UNK M 140 -14.37 -63.30 31.85
N TYR N 1 -47.92 -31.15 42.72
CA TYR N 1 -47.64 -30.82 41.33
C TYR N 1 -47.96 -31.99 40.39
N THR N 2 -47.72 -33.25 40.85
CA THR N 2 -47.92 -34.55 40.17
C THR N 2 -47.05 -34.71 38.93
N LEU N 3 -47.20 -33.81 37.92
CA LEU N 3 -46.42 -33.85 36.68
C LEU N 3 -44.98 -33.33 36.88
N THR N 4 -44.28 -33.89 37.89
CA THR N 4 -42.88 -33.57 38.22
C THR N 4 -41.96 -34.20 37.17
N THR N 5 -42.52 -35.13 36.37
CA THR N 5 -41.88 -35.87 35.29
C THR N 5 -41.26 -34.98 34.21
N LEU N 6 -41.89 -33.82 33.88
CA LEU N 6 -41.38 -32.89 32.85
C LEU N 6 -39.97 -32.36 33.16
N ASP N 7 -39.61 -32.28 34.46
CA ASP N 7 -38.29 -31.85 34.92
C ASP N 7 -37.25 -32.96 34.66
N ALA N 8 -37.70 -34.24 34.63
CA ALA N 8 -36.87 -35.43 34.40
C ALA N 8 -36.88 -35.91 32.94
N VAL N 9 -37.94 -35.55 32.17
CA VAL N 9 -38.11 -35.89 30.74
C VAL N 9 -36.97 -35.23 29.96
N ALA N 10 -36.65 -33.97 30.31
CA ALA N 10 -35.55 -33.20 29.73
C ALA N 10 -34.21 -33.80 30.17
N ASN N 11 -34.12 -34.30 31.42
CA ASN N 11 -32.92 -34.93 32.01
C ASN N 11 -32.55 -36.25 31.33
N TRP N 12 -33.55 -37.14 31.10
CA TRP N 12 -33.36 -38.43 30.43
C TRP N 12 -32.92 -38.24 28.98
N ALA N 13 -33.42 -37.15 28.35
CA ALA N 13 -33.06 -36.76 26.99
C ALA N 13 -31.67 -36.10 26.99
N ARG N 14 -31.32 -35.39 28.08
CA ARG N 14 -30.02 -34.72 28.24
C ARG N 14 -28.87 -35.70 28.41
N GLN N 15 -29.05 -36.72 29.29
CA GLN N 15 -28.03 -37.74 29.58
C GLN N 15 -27.78 -38.72 28.41
N GLY N 16 -28.74 -38.87 27.51
CA GLY N 16 -28.63 -39.76 26.36
C GLY N 16 -28.20 -39.11 25.06
N SER N 17 -28.27 -37.76 25.02
CA SER N 17 -27.92 -36.97 23.82
C SER N 17 -26.74 -36.01 24.04
N PHE N 18 -26.21 -35.92 25.27
CA PHE N 18 -25.10 -35.02 25.63
C PHE N 18 -23.91 -35.12 24.69
N TRP N 19 -23.32 -33.97 24.34
CA TRP N 19 -22.18 -33.90 23.45
C TRP N 19 -20.88 -33.53 24.19
N PRO N 20 -19.98 -34.49 24.45
CA PRO N 20 -18.73 -34.14 25.16
C PRO N 20 -17.62 -33.58 24.26
N VAL N 21 -16.80 -32.66 24.81
CA VAL N 21 -15.68 -32.03 24.12
C VAL N 21 -14.38 -32.80 24.37
N THR N 22 -13.65 -33.12 23.29
CA THR N 22 -12.37 -33.83 23.38
C THR N 22 -11.23 -32.87 23.71
N PHE N 23 -10.91 -32.74 25.00
CA PHE N 23 -9.77 -31.91 25.38
C PHE N 23 -8.59 -32.87 25.60
N GLY N 24 -8.19 -33.52 24.51
CA GLY N 24 -7.10 -34.47 24.48
C GLY N 24 -5.75 -33.81 24.64
N LEU N 25 -5.04 -34.15 25.73
CA LEU N 25 -3.75 -33.56 26.06
C LEU N 25 -2.57 -34.52 25.85
N ALA N 26 -2.64 -35.75 26.38
CA ALA N 26 -1.54 -36.73 26.22
C ALA N 26 -1.99 -38.19 26.07
N CYS N 27 -1.76 -39.04 27.10
CA CYS N 27 -2.07 -40.47 27.10
C CYS N 27 -3.57 -40.79 27.18
N CYS N 28 -4.31 -40.05 28.04
CA CYS N 28 -5.76 -40.23 28.25
C CYS N 28 -6.60 -39.91 27.01
N ALA N 29 -6.05 -39.06 26.12
CA ALA N 29 -6.66 -38.62 24.86
C ALA N 29 -6.96 -39.80 23.94
N VAL N 30 -6.05 -40.77 23.87
CA VAL N 30 -6.14 -41.95 23.01
C VAL N 30 -6.95 -43.07 23.68
N GLU N 31 -7.06 -43.06 25.02
CA GLU N 31 -7.93 -44.01 25.73
C GLU N 31 -9.36 -43.54 25.46
N MET N 32 -9.54 -42.20 25.35
CA MET N 32 -10.80 -41.54 25.01
C MET N 32 -11.09 -41.76 23.51
N MET N 33 -10.03 -41.87 22.66
CA MET N 33 -10.16 -42.15 21.22
C MET N 33 -10.73 -43.55 21.04
N HIS N 34 -10.31 -44.51 21.90
CA HIS N 34 -10.78 -45.90 21.91
C HIS N 34 -12.22 -45.95 22.47
N VAL N 35 -12.57 -44.98 23.35
CA VAL N 35 -13.91 -44.84 23.94
C VAL N 35 -14.86 -44.34 22.86
N SER N 36 -14.59 -43.15 22.28
CA SER N 36 -15.38 -42.52 21.21
C SER N 36 -15.40 -43.34 19.89
N ALA N 37 -14.68 -44.49 19.88
CA ALA N 37 -14.57 -45.41 18.74
C ALA N 37 -15.77 -46.43 18.73
N PRO N 38 -15.65 -47.78 18.51
CA PRO N 38 -16.86 -48.62 18.51
C PRO N 38 -17.53 -48.87 19.87
N ARG N 39 -17.02 -48.24 20.94
CA ARG N 39 -17.55 -48.39 22.30
C ARG N 39 -18.66 -47.37 22.62
N TYR N 40 -18.32 -46.07 22.65
CA TYR N 40 -19.26 -44.97 22.91
C TYR N 40 -19.75 -44.35 21.59
N ASP N 41 -20.48 -45.17 20.83
CA ASP N 41 -21.07 -44.87 19.53
C ASP N 41 -22.60 -44.97 19.59
N GLN N 42 -23.15 -45.24 20.78
CA GLN N 42 -24.59 -45.41 21.02
C GLN N 42 -25.27 -44.15 21.55
N ASP N 43 -24.76 -43.57 22.67
CA ASP N 43 -25.36 -42.39 23.29
C ASP N 43 -24.42 -41.18 23.44
N ARG N 44 -23.09 -41.37 23.30
CA ARG N 44 -22.12 -40.27 23.40
C ARG N 44 -22.23 -39.40 22.14
N LEU N 45 -21.63 -39.84 21.01
CA LEU N 45 -21.66 -39.26 19.65
C LEU N 45 -21.15 -37.81 19.49
N GLY N 46 -21.01 -37.07 20.58
CA GLY N 46 -20.56 -35.68 20.56
C GLY N 46 -19.06 -35.49 20.53
N ILE N 47 -18.61 -34.46 19.78
CA ILE N 47 -17.21 -34.06 19.55
C ILE N 47 -17.23 -32.68 18.82
N ILE N 48 -16.09 -32.24 18.21
CA ILE N 48 -15.93 -31.05 17.35
C ILE N 48 -16.07 -29.68 18.10
N PHE N 49 -16.32 -29.69 19.43
CA PHE N 49 -16.54 -28.46 20.22
C PHE N 49 -15.33 -27.49 20.36
N ARG N 50 -14.28 -27.61 19.52
CA ARG N 50 -13.17 -26.65 19.54
C ARG N 50 -13.66 -25.40 18.78
N ALA N 51 -14.32 -25.61 17.62
CA ALA N 51 -14.91 -24.58 16.76
C ALA N 51 -15.82 -23.65 17.58
N SER N 52 -16.44 -24.22 18.62
CA SER N 52 -17.35 -23.57 19.55
C SER N 52 -16.52 -22.96 20.75
N PRO N 53 -16.56 -23.34 22.06
CA PRO N 53 -17.32 -24.38 22.78
C PRO N 53 -18.71 -23.93 23.29
N ARG N 54 -19.38 -23.02 22.55
CA ARG N 54 -20.75 -22.57 22.82
C ARG N 54 -21.71 -23.75 22.63
N GLN N 55 -21.35 -24.66 21.71
CA GLN N 55 -21.99 -25.94 21.40
C GLN N 55 -21.25 -26.97 22.27
N SER N 56 -21.97 -28.01 22.75
CA SER N 56 -21.50 -29.08 23.64
C SER N 56 -21.53 -28.62 25.10
N ASP N 57 -21.97 -29.50 26.01
CA ASP N 57 -22.15 -29.16 27.42
C ASP N 57 -21.21 -29.87 28.40
N ILE N 58 -20.71 -31.07 28.05
CA ILE N 58 -19.85 -31.85 28.94
C ILE N 58 -18.37 -31.66 28.55
N MET N 59 -17.56 -31.21 29.52
CA MET N 59 -16.13 -30.97 29.34
C MET N 59 -15.29 -32.08 29.96
N ILE N 60 -14.67 -32.91 29.10
CA ILE N 60 -13.82 -34.00 29.55
C ILE N 60 -12.35 -33.61 29.42
N VAL N 61 -11.72 -33.31 30.56
CA VAL N 61 -10.30 -32.93 30.64
C VAL N 61 -9.53 -34.26 30.66
N ALA N 62 -9.02 -34.67 29.48
CA ALA N 62 -8.30 -35.93 29.32
C ALA N 62 -6.83 -35.74 28.94
N GLY N 63 -5.95 -36.08 29.87
CA GLY N 63 -4.51 -36.00 29.70
C GLY N 63 -3.76 -35.29 30.81
N THR N 64 -2.63 -34.68 30.45
CA THR N 64 -1.75 -33.94 31.37
C THR N 64 -2.12 -32.44 31.39
N LEU N 65 -1.53 -31.67 32.32
CA LEU N 65 -1.83 -30.24 32.41
C LEU N 65 -0.62 -29.40 32.84
N THR N 66 -0.12 -28.56 31.91
CA THR N 66 1.02 -27.67 32.13
C THR N 66 0.58 -26.36 32.81
N ASN N 67 1.54 -25.65 33.45
CA ASN N 67 1.31 -24.37 34.14
C ASN N 67 0.95 -23.25 33.15
N LYS N 68 1.33 -23.41 31.87
CA LYS N 68 1.07 -22.47 30.78
C LYS N 68 -0.28 -22.77 30.08
N MET N 69 -0.83 -23.98 30.29
CA MET N 69 -2.10 -24.42 29.69
C MET N 69 -3.32 -23.95 30.52
N ALA N 70 -3.08 -23.42 31.74
CA ALA N 70 -4.09 -22.91 32.67
C ALA N 70 -5.04 -21.84 32.07
N PRO N 71 -4.60 -20.78 31.33
CA PRO N 71 -5.58 -19.82 30.79
C PRO N 71 -6.47 -20.37 29.68
N VAL N 72 -6.03 -21.46 29.00
CA VAL N 72 -6.78 -22.11 27.92
C VAL N 72 -7.97 -22.90 28.48
N LEU N 73 -7.74 -23.77 29.49
CA LEU N 73 -8.78 -24.58 30.14
C LEU N 73 -9.86 -23.73 30.81
N ARG N 74 -9.45 -22.62 31.45
CA ARG N 74 -10.33 -21.67 32.14
C ARG N 74 -11.27 -21.00 31.11
N CYS N 75 -10.73 -20.61 29.94
CA CYS N 75 -11.48 -19.96 28.87
C CYS N 75 -12.50 -20.87 28.18
N VAL N 76 -12.18 -22.17 28.00
CA VAL N 76 -13.07 -23.17 27.39
C VAL N 76 -14.38 -23.29 28.20
N TYR N 77 -14.25 -23.32 29.55
CA TYR N 77 -15.39 -23.37 30.48
C TYR N 77 -16.17 -22.04 30.45
N ASP N 78 -15.46 -20.90 30.25
CA ASP N 78 -16.06 -19.57 30.17
C ASP N 78 -16.83 -19.38 28.86
N GLN N 79 -16.33 -19.97 27.76
CA GLN N 79 -16.96 -19.91 26.44
C GLN N 79 -18.07 -20.98 26.30
N MET N 80 -18.16 -21.90 27.29
CA MET N 80 -19.15 -22.97 27.34
C MET N 80 -20.52 -22.45 27.82
N PRO N 81 -21.66 -23.10 27.43
CA PRO N 81 -22.97 -22.61 27.87
C PRO N 81 -23.25 -22.82 29.37
N GLU N 82 -24.41 -22.33 29.86
CA GLU N 82 -24.84 -22.44 31.26
C GLU N 82 -25.03 -23.89 31.77
N PRO N 83 -25.66 -24.85 31.04
CA PRO N 83 -25.77 -26.22 31.60
C PRO N 83 -24.49 -27.04 31.37
N ARG N 84 -23.35 -26.51 31.84
CA ARG N 84 -22.02 -27.11 31.70
C ARG N 84 -21.68 -28.08 32.83
N TRP N 85 -21.18 -29.27 32.44
CA TRP N 85 -20.75 -30.34 33.35
C TRP N 85 -19.27 -30.66 33.06
N VAL N 86 -18.50 -31.04 34.09
CA VAL N 86 -17.06 -31.32 33.93
C VAL N 86 -16.67 -32.74 34.41
N ILE N 87 -15.79 -33.41 33.63
CA ILE N 87 -15.23 -34.75 33.91
C ILE N 87 -13.69 -34.66 33.86
N SER N 88 -13.01 -35.09 34.94
CA SER N 88 -11.55 -35.07 35.05
C SER N 88 -10.96 -36.46 34.84
N MET N 89 -10.43 -36.71 33.64
CA MET N 89 -9.82 -38.00 33.29
C MET N 89 -8.30 -37.94 33.40
N GLY N 90 -7.74 -38.90 34.12
CA GLY N 90 -6.30 -39.02 34.32
C GLY N 90 -5.75 -38.47 35.61
N SER N 91 -4.65 -39.09 36.09
CA SER N 91 -3.93 -38.75 37.32
C SER N 91 -3.32 -37.34 37.29
N CYS N 92 -2.87 -36.86 36.12
CA CYS N 92 -2.28 -35.53 35.96
C CYS N 92 -3.29 -34.43 36.26
N ALA N 93 -4.55 -34.63 35.83
CA ALA N 93 -5.66 -33.69 36.06
C ALA N 93 -6.24 -33.85 37.47
N ASN N 94 -6.32 -35.10 37.98
CA ASN N 94 -6.84 -35.42 39.31
C ASN N 94 -5.90 -34.94 40.43
N GLY N 95 -4.60 -35.18 40.28
CA GLY N 95 -3.59 -34.80 41.26
C GLY N 95 -2.17 -35.03 40.77
N HIS N 100 2.98 -37.60 39.27
CA HIS N 100 2.70 -36.65 38.20
C HIS N 100 3.06 -35.20 38.59
N PHE N 101 3.24 -34.93 39.90
CA PHE N 101 3.58 -33.62 40.46
C PHE N 101 4.90 -33.07 39.90
N SER N 102 4.87 -31.81 39.39
CA SER N 102 6.02 -31.14 38.79
C SER N 102 6.03 -29.63 39.09
N TYR N 103 7.07 -28.92 38.58
CA TYR N 103 7.20 -27.47 38.72
C TYR N 103 6.79 -26.77 37.42
N SER N 104 6.72 -27.54 36.30
CA SER N 104 6.30 -27.08 34.98
C SER N 104 4.85 -27.56 34.69
N VAL N 105 4.33 -28.45 35.56
CA VAL N 105 2.99 -29.03 35.49
C VAL N 105 2.25 -28.70 36.80
N VAL N 106 1.02 -28.16 36.70
CA VAL N 106 0.21 -27.80 37.88
C VAL N 106 -0.31 -29.04 38.60
N ARG N 107 -0.47 -28.93 39.93
CA ARG N 107 -0.89 -29.99 40.85
C ARG N 107 -2.33 -30.51 40.65
N GLY N 108 -3.23 -29.66 40.15
CA GLY N 108 -4.62 -30.04 39.92
C GLY N 108 -5.41 -29.12 39.02
N CYS N 109 -6.39 -29.70 38.28
CA CYS N 109 -7.27 -28.96 37.37
C CYS N 109 -8.45 -28.28 38.08
N ASP N 110 -8.66 -28.62 39.37
CA ASP N 110 -9.73 -28.10 40.23
C ASP N 110 -9.51 -26.61 40.53
N ARG N 111 -8.24 -26.17 40.56
CA ARG N 111 -7.81 -24.78 40.78
C ARG N 111 -8.23 -23.91 39.58
N ILE N 112 -8.28 -24.52 38.38
CA ILE N 112 -8.64 -23.86 37.13
C ILE N 112 -10.16 -23.94 36.87
N VAL N 113 -10.70 -25.17 36.78
CA VAL N 113 -12.12 -25.43 36.49
C VAL N 113 -12.73 -26.38 37.55
N PRO N 114 -13.88 -26.05 38.19
CA PRO N 114 -14.48 -26.97 39.17
C PRO N 114 -15.07 -28.20 38.45
N VAL N 115 -14.65 -29.40 38.86
CA VAL N 115 -15.06 -30.66 38.25
C VAL N 115 -16.19 -31.36 39.03
N ASP N 116 -17.16 -31.93 38.28
CA ASP N 116 -18.32 -32.65 38.84
C ASP N 116 -17.98 -34.11 39.17
N VAL N 117 -17.38 -34.86 38.22
CA VAL N 117 -17.01 -36.28 38.39
C VAL N 117 -15.53 -36.49 38.01
N TYR N 118 -14.75 -37.12 38.91
CA TYR N 118 -13.32 -37.41 38.71
C TYR N 118 -13.15 -38.89 38.33
N VAL N 119 -12.38 -39.16 37.26
CA VAL N 119 -12.11 -40.52 36.78
C VAL N 119 -10.63 -40.88 37.04
N PRO N 120 -10.32 -41.81 37.98
CA PRO N 120 -8.92 -42.16 38.23
C PRO N 120 -8.37 -43.22 37.28
N GLY N 121 -7.04 -43.28 37.17
CA GLY N 121 -6.33 -44.20 36.30
C GLY N 121 -5.19 -43.53 35.57
N CYS N 122 -4.20 -44.33 35.12
CA CYS N 122 -3.03 -43.80 34.41
C CYS N 122 -2.49 -44.79 33.35
N PRO N 123 -3.14 -44.95 32.18
CA PRO N 123 -4.37 -44.29 31.72
C PRO N 123 -5.66 -45.04 32.08
N PRO N 124 -6.80 -44.34 32.34
CA PRO N 124 -8.05 -45.07 32.63
C PRO N 124 -8.55 -45.77 31.38
N THR N 125 -8.82 -47.08 31.49
CA THR N 125 -9.27 -47.98 30.41
C THR N 125 -10.57 -47.53 29.73
N SER N 126 -10.94 -48.19 28.61
CA SER N 126 -12.16 -47.92 27.85
C SER N 126 -13.41 -48.03 28.72
N GLU N 127 -13.44 -49.04 29.62
CA GLU N 127 -14.52 -49.30 30.57
C GLU N 127 -14.52 -48.29 31.73
N ALA N 128 -13.32 -47.81 32.13
CA ALA N 128 -13.12 -46.86 33.23
C ALA N 128 -13.74 -45.49 32.96
N LEU N 129 -13.47 -44.90 31.78
CA LEU N 129 -14.02 -43.60 31.39
C LEU N 129 -15.52 -43.70 31.11
N MET N 130 -15.96 -44.80 30.47
CA MET N 130 -17.36 -45.08 30.15
C MET N 130 -18.22 -45.09 31.41
N TYR N 131 -17.73 -45.70 32.52
CA TYR N 131 -18.44 -45.74 33.80
C TYR N 131 -18.55 -44.34 34.41
N GLY N 132 -17.48 -43.55 34.29
CA GLY N 132 -17.42 -42.17 34.76
C GLY N 132 -18.40 -41.28 34.01
N VAL N 133 -18.69 -41.65 32.75
CA VAL N 133 -19.65 -41.00 31.87
C VAL N 133 -21.07 -41.30 32.40
N PHE N 134 -21.36 -42.58 32.75
CA PHE N 134 -22.65 -43.02 33.30
C PHE N 134 -22.95 -42.45 34.68
N GLN N 135 -21.90 -42.13 35.47
CA GLN N 135 -22.02 -41.53 36.80
C GLN N 135 -22.43 -40.07 36.67
N LEU N 136 -21.89 -39.37 35.65
CA LEU N 136 -22.21 -37.98 35.35
C LEU N 136 -23.62 -37.92 34.74
N GLN N 137 -24.03 -38.98 34.00
CA GLN N 137 -25.37 -39.13 33.41
C GLN N 137 -26.42 -39.23 34.52
N ARG N 138 -26.05 -39.92 35.63
CA ARG N 138 -26.87 -40.11 36.82
C ARG N 138 -27.02 -38.78 37.58
N LYS N 139 -25.96 -37.93 37.56
CA LYS N 139 -25.94 -36.61 38.21
C LYS N 139 -26.87 -35.63 37.48
N MET N 140 -27.02 -35.79 36.14
CA MET N 140 -27.89 -34.98 35.30
C MET N 140 -29.36 -35.32 35.56
N ARG N 141 -29.63 -36.56 36.02
CA ARG N 141 -30.95 -37.10 36.34
C ARG N 141 -31.47 -36.67 37.72
N ASN N 142 -30.70 -35.81 38.44
CA ASN N 142 -30.99 -35.28 39.78
C ASN N 142 -31.11 -36.39 40.84
N THR N 143 -30.11 -37.29 40.87
CA THR N 143 -30.05 -38.42 41.81
C THR N 143 -28.70 -38.50 42.57
N LYS N 144 -27.95 -37.38 42.62
CA LYS N 144 -26.65 -37.30 43.30
C LYS N 144 -26.78 -37.40 44.83
N ILE N 145 -26.60 -38.63 45.36
CA ILE N 145 -26.69 -38.97 46.78
C ILE N 145 -25.38 -39.65 47.24
N THR N 146 -24.96 -39.41 48.50
CA THR N 146 -23.75 -39.98 49.11
C THR N 146 -23.85 -41.50 49.23
N ARG N 147 -22.91 -42.22 48.60
CA ARG N 147 -22.86 -43.68 48.61
C ARG N 147 -22.28 -44.23 49.92
N MET O 1 -46.27 0.65 -13.87
CA MET O 1 -45.99 1.89 -14.58
C MET O 1 -45.70 3.02 -13.60
N PHE O 2 -46.64 3.31 -12.69
CA PHE O 2 -46.51 4.36 -11.68
C PHE O 2 -45.51 3.93 -10.59
N ILE O 3 -45.39 2.61 -10.36
CA ILE O 3 -44.50 1.99 -9.39
C ILE O 3 -43.05 2.12 -9.85
N GLY O 4 -42.78 1.69 -11.09
CA GLY O 4 -41.45 1.75 -11.71
C GLY O 4 -40.92 3.15 -11.90
N THR O 5 -41.82 4.11 -12.19
CA THR O 5 -41.47 5.52 -12.38
C THR O 5 -41.02 6.12 -11.04
N ILE O 6 -41.76 5.83 -9.95
CA ILE O 6 -41.46 6.28 -8.58
C ILE O 6 -40.14 5.65 -8.09
N ILE O 7 -39.88 4.36 -8.44
CA ILE O 7 -38.63 3.67 -8.10
C ILE O 7 -37.45 4.40 -8.78
N LEU O 8 -37.62 4.76 -10.07
CA LEU O 8 -36.64 5.50 -10.89
C LEU O 8 -36.34 6.87 -10.29
N VAL O 9 -37.38 7.60 -9.83
CA VAL O 9 -37.32 8.93 -9.22
C VAL O 9 -36.48 8.90 -7.93
N LEU O 10 -36.91 8.10 -6.93
CA LEU O 10 -36.27 7.94 -5.62
C LEU O 10 -34.81 7.50 -5.74
N SER O 11 -34.52 6.65 -6.72
CA SER O 11 -33.18 6.15 -6.99
C SER O 11 -32.29 7.24 -7.60
N PHE O 12 -32.87 8.09 -8.49
CA PHE O 12 -32.16 9.20 -9.13
C PHE O 12 -31.88 10.31 -8.10
N LEU O 13 -32.81 10.49 -7.14
CA LEU O 13 -32.67 11.46 -6.04
C LEU O 13 -31.65 10.93 -5.04
N GLY O 14 -31.70 9.63 -4.78
CA GLY O 14 -30.80 8.92 -3.87
C GLY O 14 -29.37 8.87 -4.37
N PHE O 15 -29.22 8.96 -5.70
CA PHE O 15 -27.93 9.00 -6.39
C PHE O 15 -27.28 10.37 -6.16
N VAL O 16 -28.11 11.43 -6.17
CA VAL O 16 -27.73 12.83 -5.99
C VAL O 16 -28.03 13.26 -4.51
N PHE O 17 -27.64 12.36 -3.60
CA PHE O 17 -27.75 12.39 -2.12
C PHE O 17 -26.95 11.15 -1.67
N ASN O 18 -25.81 10.92 -2.36
CA ASN O 18 -24.91 9.79 -2.19
C ASN O 18 -24.13 9.77 -0.88
N ARG O 19 -23.72 10.96 -0.37
CA ARG O 19 -22.93 11.15 0.86
C ARG O 19 -21.55 10.46 0.74
N ARG O 20 -20.91 10.59 -0.46
CA ARG O 20 -19.60 10.06 -0.88
C ARG O 20 -19.57 8.54 -1.14
N ASN O 21 -20.34 7.76 -0.34
CA ASN O 21 -20.52 6.30 -0.29
C ASN O 21 -19.90 5.44 -1.42
N ILE O 22 -20.20 5.74 -2.71
CA ILE O 22 -19.76 5.03 -3.92
C ILE O 22 -20.58 3.74 -4.10
N ILE O 23 -20.58 2.84 -3.08
CA ILE O 23 -21.32 1.57 -3.05
C ILE O 23 -22.83 1.77 -3.21
N LEU O 24 -23.35 2.90 -2.70
CA LEU O 24 -24.77 3.29 -2.76
C LEU O 24 -25.21 3.57 -4.20
N ALA O 25 -24.34 4.21 -5.00
CA ALA O 25 -24.58 4.57 -6.40
C ALA O 25 -24.76 3.35 -7.30
N PHE O 26 -24.01 2.26 -7.03
CA PHE O 26 -24.08 0.99 -7.77
C PHE O 26 -25.45 0.33 -7.55
N ILE O 27 -25.94 0.34 -6.28
CA ILE O 27 -27.24 -0.18 -5.84
C ILE O 27 -28.33 0.65 -6.51
N CYS O 28 -28.14 2.00 -6.52
CA CYS O 28 -29.05 2.96 -7.13
C CYS O 28 -29.18 2.77 -8.65
N LEU O 29 -28.05 2.61 -9.37
CA LEU O 29 -28.05 2.38 -10.81
C LEU O 29 -28.79 1.10 -11.19
N GLU O 30 -28.63 0.03 -10.39
CA GLU O 30 -29.29 -1.28 -10.56
C GLU O 30 -30.80 -1.16 -10.40
N THR O 31 -31.26 -0.37 -9.40
CA THR O 31 -32.67 -0.14 -9.12
C THR O 31 -33.33 0.76 -10.18
N MET O 32 -32.52 1.60 -10.87
CA MET O 32 -32.98 2.46 -11.97
C MET O 32 -33.26 1.58 -13.18
N LEU O 33 -32.40 0.55 -13.40
CA LEU O 33 -32.52 -0.44 -14.47
C LEU O 33 -33.76 -1.30 -14.25
N LEU O 34 -34.08 -1.58 -12.98
CA LEU O 34 -35.25 -2.34 -12.52
C LEU O 34 -36.51 -1.50 -12.75
N GLY O 35 -36.43 -0.20 -12.47
CA GLY O 35 -37.51 0.78 -12.63
C GLY O 35 -37.98 0.93 -14.07
N ILE O 36 -37.02 1.00 -15.02
CA ILE O 36 -37.28 1.11 -16.46
C ILE O 36 -37.97 -0.16 -16.99
N ASN O 37 -37.52 -1.34 -16.52
CA ASN O 37 -38.07 -2.64 -16.92
C ASN O 37 -39.53 -2.84 -16.53
N LEU O 38 -39.89 -2.48 -15.27
CA LEU O 38 -41.25 -2.63 -14.76
C LEU O 38 -42.28 -1.81 -15.55
N ILE O 39 -41.89 -0.60 -16.00
CA ILE O 39 -42.77 0.26 -16.80
C ILE O 39 -42.87 -0.27 -18.24
N LEU O 40 -41.81 -0.94 -18.74
CA LEU O 40 -41.75 -1.54 -20.07
C LEU O 40 -42.58 -2.83 -20.10
N LEU O 41 -42.48 -3.65 -19.04
CA LEU O 41 -43.21 -4.91 -18.91
C LEU O 41 -44.71 -4.66 -18.78
N ARG O 42 -45.09 -3.57 -18.07
CA ARG O 42 -46.48 -3.14 -17.91
C ARG O 42 -47.03 -2.75 -19.29
N ASN O 43 -46.23 -2.00 -20.08
CA ASN O 43 -46.56 -1.60 -21.44
C ASN O 43 -46.67 -2.81 -22.36
N SER O 44 -45.78 -3.82 -22.17
CA SER O 44 -45.74 -5.07 -22.94
C SER O 44 -47.02 -5.88 -22.75
N VAL O 45 -47.56 -5.91 -21.51
CA VAL O 45 -48.80 -6.62 -21.17
C VAL O 45 -50.00 -5.79 -21.67
N LEU O 46 -49.92 -4.45 -21.55
CA LEU O 46 -50.95 -3.49 -22.00
C LEU O 46 -51.15 -3.58 -23.52
N PHE O 47 -50.04 -3.72 -24.27
CA PHE O 47 -50.04 -3.85 -25.74
C PHE O 47 -50.39 -5.27 -26.17
N ASP O 48 -49.87 -6.29 -25.44
CA ASP O 48 -50.02 -7.75 -25.65
C ASP O 48 -49.02 -8.28 -26.69
N ASP O 49 -48.57 -9.55 -26.50
CA ASP O 49 -47.60 -10.30 -27.33
C ASP O 49 -46.16 -9.77 -27.21
N ILE O 50 -45.18 -10.70 -27.29
CA ILE O 50 -43.74 -10.44 -27.16
C ILE O 50 -43.14 -9.47 -28.19
N SER O 51 -42.59 -8.36 -27.68
CA SER O 51 -41.92 -7.27 -28.42
C SER O 51 -41.18 -6.39 -27.40
N GLY O 52 -41.91 -5.97 -26.36
CA GLY O 52 -41.38 -5.15 -25.27
C GLY O 52 -40.66 -6.00 -24.25
N SER O 53 -41.20 -7.20 -23.96
CA SER O 53 -40.63 -8.19 -23.03
C SER O 53 -39.27 -8.69 -23.53
N LEU O 54 -39.06 -8.62 -24.86
CA LEU O 54 -37.83 -9.00 -25.55
C LEU O 54 -36.74 -8.00 -25.18
N PHE O 55 -37.05 -6.68 -25.29
CA PHE O 55 -36.15 -5.59 -24.95
C PHE O 55 -35.93 -5.56 -23.43
N ALA O 56 -36.90 -6.07 -22.64
CA ALA O 56 -36.82 -6.17 -21.19
C ALA O 56 -35.75 -7.17 -20.77
N ILE O 57 -35.63 -8.29 -21.52
CA ILE O 57 -34.61 -9.33 -21.28
C ILE O 57 -33.23 -8.77 -21.68
N VAL O 58 -33.20 -7.96 -22.76
CA VAL O 58 -32.01 -7.28 -23.29
C VAL O 58 -31.39 -6.35 -22.21
N ILE O 59 -32.24 -5.59 -21.49
CA ILE O 59 -31.81 -4.70 -20.39
C ILE O 59 -31.25 -5.55 -19.24
N ILE O 60 -31.90 -6.70 -18.93
CA ILE O 60 -31.49 -7.64 -17.88
C ILE O 60 -30.07 -8.18 -18.15
N ILE O 61 -29.74 -8.46 -19.43
CA ILE O 61 -28.40 -8.93 -19.85
C ILE O 61 -27.38 -7.79 -19.71
N LEU O 62 -27.71 -6.60 -20.26
CA LEU O 62 -26.85 -5.41 -20.22
C LEU O 62 -26.59 -4.90 -18.81
N ALA O 63 -27.58 -5.03 -17.90
CA ALA O 63 -27.49 -4.62 -16.50
C ALA O 63 -26.55 -5.57 -15.75
N GLY O 64 -26.65 -6.86 -16.09
CA GLY O 64 -25.81 -7.92 -15.54
C GLY O 64 -24.37 -7.75 -15.95
N VAL O 65 -24.15 -7.31 -17.20
CA VAL O 65 -22.84 -7.01 -17.76
C VAL O 65 -22.33 -5.72 -17.08
N GLU O 66 -23.21 -4.69 -16.94
CA GLU O 66 -22.94 -3.39 -16.28
C GLU O 66 -22.50 -3.58 -14.82
N SER O 67 -23.16 -4.50 -14.10
CA SER O 67 -22.84 -4.81 -12.70
C SER O 67 -21.50 -5.53 -12.60
N ALA O 68 -21.28 -6.57 -13.44
CA ALA O 68 -20.03 -7.35 -13.49
C ALA O 68 -18.84 -6.48 -13.92
N ILE O 69 -19.10 -5.49 -14.78
CA ILE O 69 -18.09 -4.57 -15.28
C ILE O 69 -17.74 -3.53 -14.20
N GLY O 70 -18.75 -2.90 -13.60
CA GLY O 70 -18.59 -1.89 -12.57
C GLY O 70 -17.99 -2.40 -11.27
N LEU O 71 -18.24 -3.68 -10.95
CA LEU O 71 -17.73 -4.32 -9.74
C LEU O 71 -16.27 -4.73 -9.90
N SER O 72 -15.87 -5.10 -11.14
CA SER O 72 -14.48 -5.45 -11.47
C SER O 72 -13.62 -4.18 -11.49
N LEU O 73 -14.27 -3.05 -11.79
CA LEU O 73 -13.69 -1.71 -11.82
C LEU O 73 -13.29 -1.31 -10.39
N LEU O 74 -14.13 -1.66 -9.38
CA LEU O 74 -13.86 -1.40 -7.96
C LEU O 74 -12.66 -2.21 -7.49
N VAL O 75 -12.48 -3.41 -8.06
CA VAL O 75 -11.38 -4.34 -7.76
C VAL O 75 -10.07 -3.79 -8.35
N SER O 76 -10.16 -3.10 -9.52
CA SER O 76 -9.02 -2.45 -10.18
C SER O 76 -8.59 -1.26 -9.33
N TYR O 77 -9.58 -0.59 -8.73
CA TYR O 77 -9.44 0.51 -7.79
C TYR O 77 -9.19 -0.16 -6.42
N TYR O 78 -8.92 0.63 -5.36
CA TYR O 78 -8.66 0.12 -4.00
C TYR O 78 -7.60 -1.01 -4.02
N ARG O 79 -6.39 -0.68 -4.52
CA ARG O 79 -5.27 -1.61 -4.65
C ARG O 79 -4.61 -1.94 -3.30
N UNK P 1 -50.77 -7.97 -31.05
CA UNK P 1 -51.07 -6.80 -30.24
C UNK P 1 -52.35 -6.12 -30.76
N UNK P 2 -52.20 -5.04 -31.55
CA UNK P 2 -53.27 -4.30 -32.20
C UNK P 2 -52.98 -4.31 -33.71
N UNK P 3 -52.44 -5.46 -34.18
CA UNK P 3 -52.02 -5.75 -35.56
C UNK P 3 -53.09 -5.49 -36.60
N UNK P 4 -54.38 -5.67 -36.24
CA UNK P 4 -55.52 -5.46 -37.12
C UNK P 4 -55.70 -3.98 -37.49
N UNK P 5 -55.64 -3.07 -36.50
CA UNK P 5 -55.78 -1.62 -36.70
C UNK P 5 -54.55 -1.03 -37.38
N UNK P 6 -53.36 -1.61 -37.13
CA UNK P 6 -52.09 -1.18 -37.69
C UNK P 6 -51.88 -1.64 -39.13
N UNK P 7 -52.50 -2.78 -39.53
CA UNK P 7 -52.39 -3.34 -40.88
C UNK P 7 -53.00 -2.41 -41.93
N UNK P 8 -54.18 -1.81 -41.62
CA UNK P 8 -54.86 -0.86 -42.49
C UNK P 8 -54.20 0.51 -42.39
N UNK P 9 -53.52 0.80 -41.26
CA UNK P 9 -52.81 2.05 -40.99
C UNK P 9 -51.55 2.13 -41.86
N UNK P 10 -50.86 0.99 -42.06
CA UNK P 10 -49.66 0.88 -42.89
C UNK P 10 -50.07 0.81 -44.37
N UNK P 11 -51.25 0.20 -44.66
CA UNK P 11 -51.81 0.07 -46.01
C UNK P 11 -52.22 1.43 -46.56
N UNK P 12 -52.73 2.33 -45.67
CA UNK P 12 -53.11 3.70 -46.01
C UNK P 12 -51.86 4.54 -46.30
N UNK P 13 -50.72 4.14 -45.69
CA UNK P 13 -49.42 4.78 -45.87
C UNK P 13 -48.74 4.30 -47.15
N UNK P 14 -49.02 3.04 -47.57
CA UNK P 14 -48.48 2.42 -48.77
C UNK P 14 -48.96 3.12 -50.04
N UNK P 15 -50.25 3.52 -50.06
CA UNK P 15 -50.87 4.21 -51.19
C UNK P 15 -50.61 5.72 -51.18
N UNK P 16 -50.47 6.32 -49.98
CA UNK P 16 -50.23 7.75 -49.81
C UNK P 16 -48.74 8.11 -49.82
N UNK P 17 -47.98 7.66 -48.80
CA UNK P 17 -46.54 7.94 -48.68
C UNK P 17 -45.73 6.97 -49.54
N UNK Q 1 -45.32 14.13 -49.84
CA UNK Q 1 -45.66 12.93 -50.61
C UNK Q 1 -47.18 12.75 -50.77
N UNK Q 2 -47.96 13.83 -50.49
CA UNK Q 2 -49.43 13.88 -50.54
C UNK Q 2 -50.07 12.81 -49.65
N UNK Q 3 -49.57 12.70 -48.39
CA UNK Q 3 -50.02 11.73 -47.39
C UNK Q 3 -51.48 11.97 -46.95
N UNK Q 4 -51.70 12.83 -45.91
CA UNK Q 4 -53.00 13.20 -45.33
C UNK Q 4 -53.91 12.00 -44.96
N UNK Q 5 -53.32 10.78 -44.92
CA UNK Q 5 -54.01 9.53 -44.59
C UNK Q 5 -54.17 9.33 -43.07
N UNK Q 6 -53.74 10.34 -42.27
CA UNK Q 6 -53.82 10.35 -40.80
C UNK Q 6 -55.27 10.57 -40.32
N UNK Q 7 -56.12 9.57 -40.60
CA UNK Q 7 -57.54 9.48 -40.25
C UNK Q 7 -57.81 7.99 -40.06
N UNK Q 8 -57.31 7.17 -41.01
CA UNK Q 8 -57.39 5.71 -40.99
C UNK Q 8 -56.04 5.14 -40.54
N UNK Q 9 -55.02 6.03 -40.38
CA UNK Q 9 -53.67 5.68 -39.94
C UNK Q 9 -53.48 5.92 -38.44
N UNK Q 10 -52.84 7.05 -38.06
CA UNK Q 10 -52.56 7.42 -36.67
C UNK Q 10 -53.82 7.64 -35.83
N UNK Q 11 -54.90 8.15 -36.44
CA UNK Q 11 -56.18 8.40 -35.75
C UNK Q 11 -56.91 7.10 -35.39
N UNK Q 12 -56.69 6.03 -36.18
CA UNK Q 12 -57.27 4.71 -35.95
C UNK Q 12 -56.52 4.01 -34.81
N UNK Q 13 -55.23 4.38 -34.60
CA UNK Q 13 -54.37 3.84 -33.54
C UNK Q 13 -54.53 4.61 -32.22
N UNK Q 14 -55.30 5.72 -32.23
CA UNK Q 14 -55.56 6.55 -31.05
C UNK Q 14 -56.48 5.82 -30.06
N UNK Q 15 -57.47 5.07 -30.59
CA UNK Q 15 -58.40 4.27 -29.80
C UNK Q 15 -57.77 2.91 -29.43
N UNK Q 16 -56.70 2.51 -30.14
CA UNK Q 16 -55.95 1.26 -29.92
C UNK Q 16 -55.14 1.31 -28.62
N UNK Q 17 -54.86 2.54 -28.11
CA UNK Q 17 -54.17 2.79 -26.85
C UNK Q 17 -55.19 3.01 -25.72
N UNK Q 18 -56.51 2.87 -26.07
CA UNK Q 18 -57.70 3.01 -25.22
C UNK Q 18 -57.82 4.40 -24.54
N UNK Q 19 -57.34 5.45 -25.23
CA UNK Q 19 -57.39 6.84 -24.75
C UNK Q 19 -58.58 7.59 -25.32
N UNK Q 20 -58.93 7.30 -26.60
CA UNK Q 20 -60.07 7.91 -27.30
C UNK Q 20 -61.40 7.37 -26.76
N UNK Q 21 -61.45 6.06 -26.43
CA UNK Q 21 -62.62 5.39 -25.87
C UNK Q 21 -62.86 5.84 -24.43
N UNK Q 22 -61.76 6.12 -23.68
CA UNK Q 22 -61.78 6.59 -22.29
C UNK Q 22 -62.34 8.01 -22.21
N UNK Q 23 -62.24 8.77 -23.32
CA UNK Q 23 -62.76 10.13 -23.45
C UNK Q 23 -64.28 10.12 -23.79
N UNK Q 24 -64.98 9.05 -23.34
CA UNK Q 24 -66.42 8.83 -23.53
C UNK Q 24 -66.95 7.81 -22.51
N UNK Q 25 -66.34 6.60 -22.47
CA UNK Q 25 -66.73 5.50 -21.59
C UNK Q 25 -66.55 5.80 -20.11
N UNK Q 26 -65.38 6.34 -19.72
CA UNK Q 26 -65.08 6.69 -18.33
C UNK Q 26 -65.62 8.08 -17.96
N UNK Q 27 -66.06 8.86 -18.97
CA UNK Q 27 -66.59 10.21 -18.80
C UNK Q 27 -68.12 10.26 -18.67
N UNK Q 28 -68.81 9.11 -18.90
CA UNK Q 28 -70.27 8.97 -18.82
C UNK Q 28 -70.81 9.09 -17.38
N UNK Q 29 -69.91 9.06 -16.38
CA UNK Q 29 -70.22 9.17 -14.96
C UNK Q 29 -70.79 10.55 -14.57
N UNK Q 30 -70.48 11.60 -15.37
CA UNK Q 30 -70.95 12.97 -15.18
C UNK Q 30 -72.48 13.10 -15.34
N UNK Q 31 -73.12 12.08 -15.94
CA UNK Q 31 -74.57 12.00 -16.15
C UNK Q 31 -75.18 10.92 -15.26
N UNK Q 32 -74.51 9.77 -15.12
CA UNK Q 32 -74.94 8.63 -14.31
C UNK Q 32 -74.89 8.93 -12.81
N UNK Q 33 -73.75 9.46 -12.34
CA UNK Q 33 -73.54 9.83 -10.93
C UNK Q 33 -73.87 11.31 -10.71
N UNK Q 34 -75.07 11.73 -11.19
CA UNK Q 34 -75.59 13.09 -11.08
C UNK Q 34 -77.12 13.08 -11.05
N UNK Q 35 -77.80 13.57 -12.12
CA UNK Q 35 -79.25 13.63 -12.23
C UNK Q 35 -79.84 12.34 -12.82
N UNK Q 36 -79.76 11.24 -12.06
CA UNK Q 36 -80.28 9.92 -12.46
C UNK Q 36 -81.72 9.78 -11.94
N UNK Q 37 -82.63 10.56 -12.56
CA UNK Q 37 -84.05 10.60 -12.22
C UNK Q 37 -84.80 9.32 -12.56
N UNK Q 38 -84.41 8.64 -13.65
CA UNK Q 38 -85.03 7.41 -14.14
C UNK Q 38 -84.93 6.22 -13.16
N UNK Q 39 -83.86 6.20 -12.31
CA UNK Q 39 -83.52 5.17 -11.32
C UNK Q 39 -83.07 3.85 -11.96
N UNK Q 40 -83.85 3.35 -12.95
CA UNK Q 40 -83.61 2.15 -13.74
C UNK Q 40 -83.37 0.90 -12.90
N UNK R 1 -0.20 13.47 -9.93
CA UNK R 1 0.85 13.03 -10.84
C UNK R 1 1.65 11.87 -10.26
N UNK R 2 2.25 11.05 -11.14
CA UNK R 2 3.08 9.89 -10.78
C UNK R 2 4.58 10.22 -10.75
N UNK R 3 4.92 11.54 -10.68
CA UNK R 3 6.29 12.05 -10.63
C UNK R 3 7.02 11.64 -9.36
N UNK R 4 6.31 11.67 -8.21
CA UNK R 4 6.86 11.27 -6.90
C UNK R 4 7.13 9.76 -6.89
N UNK R 5 6.23 8.98 -7.54
CA UNK R 5 6.27 7.52 -7.70
C UNK R 5 6.41 6.76 -6.38
N UNK R 6 5.60 7.13 -5.36
CA UNK R 6 5.58 6.50 -4.04
C UNK R 6 4.97 5.10 -4.18
N UNK R 7 5.79 4.06 -3.91
CA UNK R 7 5.40 2.66 -4.06
C UNK R 7 5.21 1.91 -2.73
N UNK R 8 4.72 0.64 -2.82
CA UNK R 8 4.49 -0.26 -1.70
C UNK R 8 4.65 -1.72 -2.14
N UNK R 9 5.33 -2.54 -1.30
CA UNK R 9 5.58 -3.96 -1.55
C UNK R 9 5.73 -4.76 -0.27
N UNK R 10 5.16 -5.99 -0.24
CA UNK R 10 5.16 -6.94 0.88
C UNK R 10 4.66 -6.36 2.20
N UNK S 1 -17.73 -6.04 -39.84
CA UNK S 1 -18.58 -4.86 -40.05
C UNK S 1 -18.39 -4.24 -41.44
N UNK S 2 -17.15 -3.87 -41.83
CA UNK S 2 -16.83 -3.25 -43.12
C UNK S 2 -17.20 -4.13 -44.32
N UNK S 3 -16.77 -5.41 -44.29
CA UNK S 3 -17.05 -6.39 -45.34
C UNK S 3 -18.37 -7.14 -45.07
N UNK S 4 -18.94 -6.96 -43.86
CA UNK S 4 -20.20 -7.57 -43.43
C UNK S 4 -21.39 -6.71 -43.89
N UNK S 5 -21.28 -5.37 -43.75
CA UNK S 5 -22.30 -4.39 -44.15
C UNK S 5 -22.43 -4.34 -45.67
N UNK S 6 -21.34 -4.65 -46.40
CA UNK S 6 -21.29 -4.70 -47.85
C UNK S 6 -22.13 -5.86 -48.35
N UNK S 7 -22.02 -7.03 -47.68
CA UNK S 7 -22.78 -8.24 -48.01
C UNK S 7 -24.12 -8.25 -47.25
N UNK S 8 -24.83 -7.11 -47.29
CA UNK S 8 -26.14 -6.90 -46.67
C UNK S 8 -27.16 -7.77 -47.41
N UNK S 9 -27.82 -8.68 -46.67
CA UNK S 9 -28.77 -9.67 -47.18
C UNK S 9 -28.10 -10.62 -48.19
N UNK S 10 -26.88 -11.09 -47.82
CA UNK S 10 -25.99 -12.06 -48.49
C UNK S 10 -25.70 -11.87 -50.01
N UNK S 11 -26.23 -10.79 -50.65
CA UNK S 11 -26.12 -10.46 -52.08
C UNK S 11 -26.88 -11.45 -53.00
N UNK S 12 -26.69 -12.78 -52.78
CA UNK S 12 -27.36 -13.85 -53.51
C UNK S 12 -28.59 -14.33 -52.74
N UNK S 13 -28.41 -14.70 -51.44
CA UNK S 13 -29.49 -15.10 -50.53
C UNK S 13 -30.09 -13.81 -49.91
N UNK S 14 -30.52 -13.84 -48.62
CA UNK S 14 -31.07 -12.66 -47.94
C UNK S 14 -31.33 -12.80 -46.44
N UNK S 15 -30.91 -11.77 -45.67
CA UNK S 15 -31.14 -11.60 -44.24
C UNK S 15 -32.46 -10.84 -44.15
N UNK S 16 -33.28 -11.13 -43.11
CA UNK S 16 -34.66 -10.64 -42.88
C UNK S 16 -35.63 -11.54 -43.65
N UNK S 17 -35.23 -11.94 -44.88
CA UNK S 17 -35.96 -12.87 -45.73
C UNK S 17 -35.65 -14.29 -45.27
N UNK S 18 -34.56 -14.47 -44.49
CA UNK S 18 -34.15 -15.74 -43.89
C UNK S 18 -35.19 -16.10 -42.82
N UNK S 19 -35.68 -15.08 -42.09
CA UNK S 19 -36.72 -15.19 -41.07
C UNK S 19 -38.06 -15.40 -41.77
N UNK S 20 -38.25 -14.77 -42.95
CA UNK S 20 -39.46 -14.88 -43.78
C UNK S 20 -39.53 -16.26 -44.44
N UNK S 21 -38.37 -16.92 -44.62
CA UNK S 21 -38.26 -18.27 -45.16
C UNK S 21 -38.52 -19.26 -44.02
N UNK S 22 -38.14 -18.85 -42.78
CA UNK S 22 -38.36 -19.62 -41.55
C UNK S 22 -39.82 -19.51 -41.11
N UNK S 23 -40.56 -18.51 -41.65
CA UNK S 23 -41.99 -18.28 -41.40
C UNK S 23 -42.81 -19.34 -42.13
N UNK S 24 -42.29 -19.82 -43.28
CA UNK S 24 -42.86 -20.90 -44.09
C UNK S 24 -42.46 -22.26 -43.49
N UNK S 25 -41.50 -22.24 -42.52
CA UNK S 25 -40.94 -23.37 -41.76
C UNK S 25 -40.30 -24.46 -42.65
N UNK S 26 -39.87 -24.08 -43.86
CA UNK S 26 -39.24 -24.98 -44.82
C UNK S 26 -37.80 -25.31 -44.43
N UNK S 27 -37.47 -26.61 -44.35
CA UNK S 27 -36.13 -27.09 -44.02
C UNK S 27 -35.26 -27.00 -45.27
N UNK S 28 -34.42 -25.94 -45.34
CA UNK S 28 -33.53 -25.66 -46.47
C UNK S 28 -32.15 -25.15 -46.03
N UNK S 29 -31.43 -24.45 -46.93
CA UNK S 29 -30.10 -23.89 -46.69
C UNK S 29 -29.90 -22.51 -47.33
N UNK S 30 -28.67 -21.96 -47.23
CA UNK S 30 -28.26 -20.67 -47.79
C UNK S 30 -27.89 -20.77 -49.30
N UNK S 31 -27.32 -19.68 -49.87
CA UNK S 31 -26.95 -19.62 -51.29
C UNK S 31 -25.66 -20.37 -51.66
N UNK S 32 -24.48 -19.83 -51.26
CA UNK S 32 -23.12 -20.34 -51.54
C UNK S 32 -22.75 -20.17 -53.04
N UNK S 33 -21.83 -19.23 -53.32
CA UNK S 33 -21.37 -18.90 -54.67
C UNK S 33 -19.88 -19.21 -54.91
N UNK S 34 -19.03 -18.17 -55.11
CA UNK S 34 -17.58 -18.20 -55.37
C UNK S 34 -17.21 -18.89 -56.70
N UNK S 35 -16.73 -18.09 -57.69
CA UNK S 35 -16.31 -18.53 -59.03
C UNK S 35 -15.43 -17.48 -59.73
N UNK S 36 -14.41 -17.95 -60.51
CA UNK S 36 -13.41 -17.25 -61.34
C UNK S 36 -13.10 -15.78 -60.97
N UNK S 37 -14.06 -14.85 -61.21
CA UNK S 37 -13.98 -13.42 -60.90
C UNK S 37 -13.72 -13.16 -59.42
N UNK S 38 -14.21 -14.07 -58.56
CA UNK S 38 -14.03 -14.05 -57.11
C UNK S 38 -12.58 -14.41 -56.76
N UNK S 39 -12.06 -15.50 -57.35
CA UNK S 39 -10.70 -16.02 -57.16
C UNK S 39 -9.60 -15.09 -57.71
N UNK S 40 -9.95 -14.16 -58.62
CA UNK S 40 -9.05 -13.19 -59.24
C UNK S 40 -8.37 -12.27 -58.20
N UNK S 41 -9.13 -11.86 -57.16
CA UNK S 41 -8.64 -11.01 -56.07
C UNK S 41 -8.41 -11.82 -54.79
N UNK S 42 -9.10 -12.96 -54.64
CA UNK S 42 -9.01 -13.86 -53.49
C UNK S 42 -7.63 -14.53 -53.37
N UNK S 43 -6.93 -14.69 -54.51
CA UNK S 43 -5.61 -15.30 -54.57
C UNK S 43 -4.54 -14.43 -53.89
N UNK S 44 -4.62 -13.10 -54.07
CA UNK S 44 -3.69 -12.12 -53.49
C UNK S 44 -3.81 -12.00 -51.97
N UNK S 45 -4.99 -12.31 -51.40
CA UNK S 45 -5.26 -12.24 -49.97
C UNK S 45 -4.49 -13.28 -49.16
N UNK S 46 -4.35 -14.52 -49.70
CA UNK S 46 -3.60 -15.61 -49.06
C UNK S 46 -2.08 -15.38 -49.19
N UNK S 47 -1.66 -14.10 -49.24
CA UNK S 47 -0.30 -13.59 -49.36
C UNK S 47 -0.25 -12.10 -48.97
N UNK S 48 -1.43 -11.49 -48.73
CA UNK S 48 -1.56 -10.08 -48.35
C UNK S 48 -0.97 -9.74 -46.98
N UNK S 49 -1.66 -10.12 -45.87
CA UNK S 49 -1.23 -9.86 -44.48
C UNK S 49 0.11 -10.50 -44.12
N UNK S 50 0.50 -11.58 -44.83
CA UNK S 50 1.78 -12.27 -44.64
C UNK S 50 2.93 -11.39 -45.15
N UNK S 51 2.76 -10.80 -46.35
CA UNK S 51 3.75 -9.90 -46.96
C UNK S 51 3.53 -8.44 -46.56
N UNK S 52 2.58 -8.18 -45.63
CA UNK S 52 2.28 -6.85 -45.09
C UNK S 52 2.93 -6.69 -43.71
N UNK S 53 2.95 -7.78 -42.90
CA UNK S 53 3.56 -7.79 -41.57
C UNK S 53 5.09 -7.80 -41.71
N UNK S 54 5.61 -8.63 -42.63
CA UNK S 54 7.04 -8.77 -42.91
C UNK S 54 7.59 -7.65 -43.82
N UNK S 55 6.70 -6.75 -44.32
CA UNK S 55 7.04 -5.60 -45.17
C UNK S 55 7.92 -4.58 -44.43
N UNK S 56 7.80 -4.54 -43.09
CA UNK S 56 8.55 -3.70 -42.16
C UNK S 56 8.42 -4.31 -40.75
N UNK S 57 9.38 -5.18 -40.37
CA UNK S 57 9.43 -5.86 -39.08
C UNK S 57 10.85 -6.33 -38.76
N UNK T 1 10.57 -1.22 -36.93
CA UNK T 1 11.17 -2.51 -37.31
C UNK T 1 11.72 -3.26 -36.10
N UNK T 2 11.43 -4.57 -36.02
CA UNK T 2 11.88 -5.45 -34.93
C UNK T 2 12.93 -6.49 -35.38
N UNK T 3 13.45 -6.33 -36.63
CA UNK T 3 14.48 -7.16 -37.30
C UNK T 3 14.02 -8.59 -37.63
N UNK T 4 13.44 -9.31 -36.65
CA UNK T 4 12.95 -10.68 -36.79
C UNK T 4 11.73 -10.78 -37.72
N UNK T 5 11.60 -11.92 -38.43
CA UNK T 5 10.50 -12.19 -39.36
C UNK T 5 9.19 -12.46 -38.61
N UNK T 6 8.83 -13.74 -38.39
CA UNK T 6 7.61 -14.14 -37.66
C UNK T 6 7.70 -15.60 -37.18
N UNK T 7 7.62 -16.57 -38.12
CA UNK T 7 7.65 -18.04 -37.91
C UNK T 7 6.50 -18.51 -37.02
N UNK T 8 5.55 -19.28 -37.62
CA UNK T 8 4.31 -19.79 -37.00
C UNK T 8 3.29 -18.67 -36.72
N UNK T 9 3.80 -17.43 -36.49
CA UNK T 9 3.00 -16.22 -36.31
C UNK T 9 2.54 -15.77 -37.69
N UNK T 10 3.37 -16.07 -38.72
CA UNK T 10 3.10 -15.80 -40.14
C UNK T 10 2.02 -16.76 -40.66
N UNK T 11 1.89 -17.95 -40.02
CA UNK T 11 0.88 -18.97 -40.35
C UNK T 11 -0.51 -18.46 -39.96
N UNK T 12 -0.59 -17.70 -38.84
CA UNK T 12 -1.81 -17.06 -38.35
C UNK T 12 -2.11 -15.85 -39.24
N UNK T 13 -1.05 -15.26 -39.83
CA UNK T 13 -1.11 -14.12 -40.76
C UNK T 13 -1.21 -14.63 -42.22
N UNK T 14 -1.60 -15.91 -42.40
CA UNK T 14 -1.81 -16.60 -43.67
C UNK T 14 -3.22 -17.18 -43.66
N UNK T 15 -3.68 -17.65 -42.47
CA UNK T 15 -5.01 -18.21 -42.23
C UNK T 15 -6.03 -17.07 -42.12
N UNK T 16 -5.70 -16.01 -41.34
CA UNK T 16 -6.54 -14.82 -41.17
C UNK T 16 -6.40 -13.88 -42.38
N UNK T 17 -5.38 -14.11 -43.22
CA UNK T 17 -5.11 -13.37 -44.45
C UNK T 17 -6.02 -13.91 -45.55
N UNK T 18 -6.22 -15.23 -45.60
CA UNK T 18 -7.09 -15.92 -46.55
C UNK T 18 -8.56 -15.74 -46.17
N UNK T 19 -8.83 -15.07 -45.03
CA UNK T 19 -10.16 -14.75 -44.52
C UNK T 19 -10.66 -13.48 -45.21
N UNK T 20 -9.73 -12.58 -45.61
CA UNK T 20 -10.03 -11.35 -46.35
C UNK T 20 -10.39 -11.68 -47.79
N UNK T 21 -10.03 -12.91 -48.25
CA UNK T 21 -10.29 -13.46 -49.58
C UNK T 21 -11.78 -13.68 -49.79
N UNK T 22 -12.46 -14.36 -48.84
CA UNK T 22 -13.90 -14.61 -48.87
C UNK T 22 -14.66 -13.29 -48.72
N UNK T 23 -14.02 -12.30 -48.05
CA UNK T 23 -14.51 -10.93 -47.84
C UNK T 23 -14.19 -10.06 -49.07
N UNK T 24 -13.86 -10.72 -50.20
CA UNK T 24 -13.54 -10.13 -51.50
C UNK T 24 -14.00 -11.08 -52.61
N UNK T 25 -14.52 -12.26 -52.22
CA UNK T 25 -15.04 -13.30 -53.12
C UNK T 25 -16.57 -13.27 -53.07
N UNK T 26 -17.13 -13.49 -51.86
CA UNK T 26 -18.58 -13.45 -51.62
C UNK T 26 -19.04 -11.98 -51.61
N UNK T 27 -18.11 -11.05 -51.31
CA UNK T 27 -18.33 -9.61 -51.30
C UNK T 27 -18.26 -9.00 -52.71
N UNK T 28 -17.86 -9.82 -53.71
CA UNK T 28 -17.79 -9.45 -55.12
C UNK T 28 -18.86 -10.26 -55.89
N UNK T 29 -20.11 -10.19 -55.41
CA UNK T 29 -21.26 -10.89 -55.98
C UNK T 29 -22.45 -9.96 -56.17
N UNK T 30 -23.06 -9.99 -57.37
CA UNK T 30 -24.22 -9.18 -57.76
C UNK T 30 -25.04 -9.86 -58.86
N UNK T 31 -26.22 -9.29 -59.21
CA UNK T 31 -27.12 -9.82 -60.24
C UNK T 31 -28.03 -8.72 -60.84
N UNK T 32 -29.07 -9.15 -61.61
CA UNK T 32 -30.12 -8.39 -62.28
C UNK T 32 -29.70 -7.73 -63.63
N UNK T 33 -29.59 -6.38 -63.67
CA UNK T 33 -29.33 -5.58 -64.88
C UNK T 33 -27.88 -5.58 -65.41
N UNK T 34 -27.20 -4.41 -65.38
CA UNK T 34 -25.87 -4.11 -65.92
C UNK T 34 -24.69 -4.84 -65.24
N UNK T 35 -23.47 -4.23 -65.35
CA UNK T 35 -22.16 -4.68 -64.85
C UNK T 35 -21.59 -5.84 -65.71
N UNK T 36 -20.51 -6.51 -65.23
CA UNK T 36 -19.87 -7.63 -65.93
C UNK T 36 -20.55 -8.98 -65.63
N UNK T 37 -21.81 -8.94 -65.15
CA UNK T 37 -22.63 -10.11 -64.80
C UNK T 37 -23.15 -10.88 -66.01
N UNK T 38 -22.84 -10.40 -67.25
CA UNK T 38 -23.26 -10.99 -68.53
C UNK T 38 -23.07 -12.51 -68.63
N UNK T 39 -21.82 -13.00 -68.59
CA UNK T 39 -21.48 -14.42 -68.68
C UNK T 39 -22.02 -15.23 -67.50
N UNK T 40 -22.05 -14.62 -66.30
CA UNK T 40 -22.56 -15.24 -65.07
C UNK T 40 -24.07 -15.45 -65.13
N UNK T 41 -24.81 -14.48 -65.72
CA UNK T 41 -26.26 -14.52 -65.90
C UNK T 41 -26.62 -15.37 -67.13
N UNK T 42 -25.65 -15.57 -68.06
CA UNK T 42 -25.82 -16.38 -69.27
C UNK T 42 -25.90 -17.87 -68.91
N UNK T 43 -25.42 -18.23 -67.70
CA UNK T 43 -25.43 -19.59 -67.15
C UNK T 43 -26.42 -19.70 -65.98
N UNK T 44 -26.67 -18.58 -65.27
CA UNK T 44 -27.61 -18.51 -64.13
C UNK T 44 -29.05 -18.63 -64.61
N UNK T 45 -29.36 -18.07 -65.79
CA UNK T 45 -30.68 -18.12 -66.42
C UNK T 45 -30.81 -19.34 -67.34
N UNK T 46 -29.69 -20.06 -67.56
CA UNK T 46 -29.64 -21.26 -68.39
C UNK T 46 -29.73 -22.53 -67.55
N UNK T 47 -28.98 -22.60 -66.41
CA UNK T 47 -28.96 -23.73 -65.49
C UNK T 47 -30.29 -23.86 -64.74
N UNK T 48 -30.91 -22.72 -64.38
CA UNK T 48 -32.20 -22.66 -63.71
C UNK T 48 -33.31 -23.12 -64.67
N UNK T 49 -33.17 -22.77 -65.97
CA UNK T 49 -34.08 -23.17 -67.05
C UNK T 49 -33.87 -24.65 -67.36
N UNK T 50 -32.61 -25.14 -67.24
CA UNK T 50 -32.22 -26.54 -67.45
C UNK T 50 -32.82 -27.40 -66.34
N UNK T 51 -32.99 -26.82 -65.14
CA UNK T 51 -33.61 -27.48 -63.98
C UNK T 51 -35.14 -27.41 -64.14
N UNK T 52 -35.64 -27.99 -65.24
CA UNK T 52 -37.06 -28.06 -65.58
C UNK T 52 -37.65 -29.42 -65.22
N UNK T 53 -36.79 -30.45 -65.09
CA UNK T 53 -37.18 -31.82 -64.74
C UNK T 53 -37.62 -31.92 -63.27
N UNK T 54 -36.79 -31.42 -62.33
CA UNK T 54 -37.07 -31.44 -60.90
C UNK T 54 -37.54 -30.08 -60.41
N UNK U 1 -31.84 12.31 -70.03
CA UNK U 1 -31.00 13.49 -70.20
C UNK U 1 -29.92 13.59 -69.12
N UNK U 2 -30.33 13.55 -67.83
CA UNK U 2 -29.43 13.64 -66.69
C UNK U 2 -28.80 12.29 -66.34
N UNK U 3 -29.59 11.19 -66.45
CA UNK U 3 -29.19 9.82 -66.15
C UNK U 3 -27.98 9.34 -66.98
N UNK U 4 -27.90 9.77 -68.25
CA UNK U 4 -26.81 9.42 -69.16
C UNK U 4 -25.51 10.14 -68.78
N UNK U 5 -25.62 11.36 -68.24
CA UNK U 5 -24.46 12.17 -67.84
C UNK U 5 -23.99 11.84 -66.41
N UNK U 6 -24.90 11.89 -65.42
CA UNK U 6 -24.62 11.64 -64.00
C UNK U 6 -24.11 10.23 -63.72
N UNK U 7 -24.84 9.19 -64.16
CA UNK U 7 -24.44 7.79 -63.95
C UNK U 7 -23.35 7.34 -64.94
N UNK U 8 -22.39 8.25 -65.22
CA UNK U 8 -21.24 8.06 -66.10
C UNK U 8 -20.09 8.95 -65.63
N UNK U 9 -20.38 10.22 -65.29
CA UNK U 9 -19.41 11.20 -64.78
C UNK U 9 -18.98 10.82 -63.38
N UNK U 10 -19.93 10.29 -62.57
CA UNK U 10 -19.69 9.83 -61.20
C UNK U 10 -18.84 8.56 -61.19
N UNK U 11 -19.07 7.66 -62.18
CA UNK U 11 -18.31 6.41 -62.37
C UNK U 11 -16.89 6.72 -62.85
N UNK U 12 -16.73 7.80 -63.65
CA UNK U 12 -15.45 8.27 -64.17
C UNK U 12 -14.67 9.05 -63.10
N UNK U 13 -15.39 9.65 -62.12
CA UNK U 13 -14.80 10.39 -61.00
C UNK U 13 -14.15 9.42 -60.02
N UNK U 14 -14.69 8.19 -59.92
CA UNK U 14 -14.17 7.12 -59.08
C UNK U 14 -12.93 6.50 -59.74
N UNK U 15 -12.85 6.57 -61.09
CA UNK U 15 -11.73 6.09 -61.89
C UNK U 15 -10.52 7.03 -61.72
N UNK U 16 -10.78 8.31 -61.40
CA UNK U 16 -9.76 9.32 -61.12
C UNK U 16 -9.25 9.14 -59.70
N UNK U 17 -10.07 8.50 -58.82
CA UNK U 17 -9.73 8.18 -57.44
C UNK U 17 -8.78 6.97 -57.42
N UNK U 18 -8.75 6.19 -58.52
CA UNK U 18 -7.85 5.05 -58.71
C UNK U 18 -6.49 5.59 -59.14
N UNK U 19 -6.48 6.78 -59.80
CA UNK U 19 -5.27 7.50 -60.21
C UNK U 19 -4.76 8.27 -58.99
N UNK U 20 -5.66 8.57 -58.03
CA UNK U 20 -5.37 9.22 -56.75
C UNK U 20 -4.91 8.15 -55.74
N UNK U 21 -5.10 6.86 -56.10
CA UNK U 21 -4.67 5.69 -55.34
C UNK U 21 -3.28 5.31 -55.86
N UNK U 22 -3.02 5.58 -57.17
CA UNK U 22 -1.74 5.37 -57.84
C UNK U 22 -0.76 6.46 -57.40
N UNK U 23 -1.29 7.67 -57.13
CA UNK U 23 -0.54 8.83 -56.64
C UNK U 23 -0.21 8.63 -55.17
N UNK U 24 -1.08 7.92 -54.44
CA UNK U 24 -0.91 7.60 -53.02
C UNK U 24 0.18 6.54 -52.85
N UNK U 25 0.22 5.56 -53.79
CA UNK U 25 1.19 4.47 -53.83
C UNK U 25 2.45 4.83 -54.65
N UNK U 26 2.66 6.13 -54.91
CA UNK U 26 3.82 6.64 -55.65
C UNK U 26 5.05 6.76 -54.74
N UNK U 27 4.85 6.64 -53.40
CA UNK U 27 5.89 6.70 -52.37
C UNK U 27 6.88 5.53 -52.47
N UNK U 28 6.43 4.39 -53.05
CA UNK U 28 7.20 3.15 -53.26
C UNK U 28 8.47 3.35 -54.09
N UNK U 29 8.47 4.35 -54.99
CA UNK U 29 9.60 4.66 -55.86
C UNK U 29 10.21 6.03 -55.55
N UNK U 30 9.37 7.02 -55.16
CA UNK U 30 9.77 8.39 -54.85
C UNK U 30 10.67 8.52 -53.62
N UNK U 31 10.55 7.60 -52.65
CA UNK U 31 11.34 7.62 -51.42
C UNK U 31 11.70 6.25 -50.87
N UNK U 32 10.82 5.23 -51.06
CA UNK U 32 11.02 3.86 -50.56
C UNK U 32 12.14 3.12 -51.30
N UNK U 33 13.39 3.47 -50.92
CA UNK U 33 14.70 3.01 -51.38
C UNK U 33 15.73 3.93 -50.72
N UNK U 34 15.48 5.26 -50.78
CA UNK U 34 16.32 6.32 -50.22
C UNK U 34 16.21 6.39 -48.69
N UNK U 35 17.35 6.65 -48.02
CA UNK U 35 17.45 6.76 -46.57
C UNK U 35 17.29 8.21 -46.09
N UNK U 36 17.69 9.19 -46.94
CA UNK U 36 17.62 10.62 -46.65
C UNK U 36 17.53 11.44 -47.93
N UNK U 37 16.69 12.49 -47.90
CA UNK U 37 16.50 13.42 -49.01
C UNK U 37 17.19 14.74 -48.71
N UNK U 38 17.12 15.19 -47.43
CA UNK U 38 17.74 16.41 -46.94
C UNK U 38 18.41 16.17 -45.59
N UNK U 39 17.70 15.49 -44.66
CA UNK U 39 18.18 15.18 -43.31
C UNK U 39 17.73 13.79 -42.84
N UNK U 40 18.02 13.45 -41.57
CA UNK U 40 17.66 12.18 -40.94
C UNK U 40 16.90 12.39 -39.61
N UNK U 41 16.13 13.49 -39.53
CA UNK U 41 15.33 13.85 -38.35
C UNK U 41 13.82 13.78 -38.69
N UNK U 42 12.99 14.69 -38.13
CA UNK U 42 11.55 14.75 -38.38
C UNK U 42 11.24 15.27 -39.79
N UNK U 43 12.16 16.06 -40.37
CA UNK U 43 12.06 16.65 -41.71
C UNK U 43 12.22 15.62 -42.82
N UNK U 44 12.97 14.51 -42.53
CA UNK U 44 13.24 13.41 -43.47
C UNK U 44 11.96 12.87 -44.11
N UNK U 45 10.92 12.65 -43.29
CA UNK U 45 9.61 12.20 -43.75
C UNK U 45 8.80 13.38 -44.26
N UNK U 46 8.87 14.53 -43.55
CA UNK U 46 8.17 15.77 -43.89
C UNK U 46 8.66 16.46 -45.19
N UNK U 47 9.57 15.81 -45.94
CA UNK U 47 10.11 16.31 -47.21
C UNK U 47 9.97 15.26 -48.31
N UNK U 48 10.16 13.97 -47.95
CA UNK U 48 10.06 12.83 -48.87
C UNK U 48 8.61 12.35 -49.01
N UNK U 49 7.94 12.08 -47.87
CA UNK U 49 6.53 11.64 -47.85
C UNK U 49 5.58 12.79 -48.17
N UNK U 50 6.05 14.04 -47.98
CA UNK U 50 5.30 15.26 -48.31
C UNK U 50 5.34 15.51 -49.82
N UNK U 51 6.04 14.63 -50.57
CA UNK U 51 6.17 14.65 -52.02
C UNK U 51 5.87 13.24 -52.57
N UNK U 52 4.69 12.70 -52.21
CA UNK U 52 4.23 11.38 -52.61
C UNK U 52 2.69 11.33 -52.68
N UNK U 53 2.00 11.00 -51.57
CA UNK U 53 0.54 10.95 -51.49
C UNK U 53 -0.06 12.38 -51.45
N UNK U 54 0.73 13.37 -51.92
CA UNK U 54 0.39 14.80 -51.97
C UNK U 54 1.02 15.49 -53.19
N UNK U 55 2.36 15.33 -53.37
CA UNK U 55 3.09 15.95 -54.47
C UNK U 55 3.82 14.92 -55.35
N UNK U 56 3.01 14.16 -56.10
CA UNK U 56 3.38 13.14 -57.09
C UNK U 56 2.15 12.91 -57.97
N UNK U 57 1.01 13.51 -57.55
CA UNK U 57 -0.28 13.45 -58.23
C UNK U 57 -0.26 14.37 -59.45
N UNK U 58 0.17 13.81 -60.59
CA UNK U 58 0.25 14.51 -61.88
C UNK U 58 -0.93 14.10 -62.79
N UNK U 59 -1.98 13.49 -62.19
CA UNK U 59 -3.16 13.03 -62.91
C UNK U 59 -4.47 13.28 -62.15
N UNK U 60 -5.47 13.75 -62.89
CA UNK U 60 -6.86 14.06 -62.48
C UNK U 60 -7.64 14.27 -63.78
N UNK U 61 -7.08 15.10 -64.68
CA UNK U 61 -7.57 15.41 -66.02
C UNK U 61 -6.62 14.75 -67.03
N UNK U 62 -5.40 14.38 -66.56
CA UNK U 62 -4.35 13.72 -67.32
C UNK U 62 -4.62 12.23 -67.49
N UNK U 63 -5.01 11.54 -66.40
CA UNK U 63 -5.32 10.10 -66.40
C UNK U 63 -6.42 9.78 -65.40
N UNK V 1 29.30 61.73 -61.15
CA UNK V 1 29.38 60.51 -61.94
C UNK V 1 28.01 59.85 -62.13
N UNK V 2 27.29 59.59 -61.02
CA UNK V 2 25.95 58.98 -61.01
C UNK V 2 24.91 59.91 -61.63
N UNK V 3 25.02 61.23 -61.38
CA UNK V 3 24.14 62.27 -61.92
C UNK V 3 24.35 62.42 -63.43
N UNK V 4 25.62 62.27 -63.88
CA UNK V 4 26.01 62.33 -65.29
C UNK V 4 25.48 61.11 -66.04
N UNK V 5 25.46 59.93 -65.37
CA UNK V 5 24.95 58.68 -65.91
C UNK V 5 23.43 58.75 -66.06
N UNK V 6 22.74 59.40 -65.09
CA UNK V 6 21.28 59.61 -65.08
C UNK V 6 20.85 60.56 -66.20
N UNK V 7 21.67 61.60 -66.47
CA UNK V 7 21.45 62.58 -67.54
C UNK V 7 21.60 61.93 -68.91
N UNK V 8 22.56 60.97 -69.04
CA UNK V 8 22.84 60.20 -70.25
C UNK V 8 21.68 59.24 -70.55
N UNK V 9 21.10 58.63 -69.50
CA UNK V 9 19.95 57.72 -69.60
C UNK V 9 18.70 58.49 -70.02
N UNK V 10 18.57 59.75 -69.53
CA UNK V 10 17.47 60.66 -69.85
C UNK V 10 17.56 61.10 -71.31
N UNK V 11 18.80 61.37 -71.80
CA UNK V 11 19.09 61.75 -73.18
C UNK V 11 18.78 60.57 -74.12
N UNK V 12 19.08 59.33 -73.66
CA UNK V 12 18.82 58.08 -74.38
C UNK V 12 17.31 57.84 -74.49
N UNK V 13 16.56 58.19 -73.42
CA UNK V 13 15.10 58.07 -73.35
C UNK V 13 14.43 59.09 -74.29
N UNK V 14 15.02 60.31 -74.40
CA UNK V 14 14.56 61.37 -75.28
C UNK V 14 14.77 60.99 -76.76
N UNK V 15 15.89 60.29 -77.04
CA UNK V 15 16.27 59.79 -78.36
C UNK V 15 15.31 58.67 -78.82
N UNK V 16 14.94 57.77 -77.88
CA UNK V 16 14.01 56.66 -78.12
C UNK V 16 12.59 57.19 -78.38
N UNK V 17 12.26 58.33 -77.73
CA UNK V 17 10.97 59.03 -77.88
C UNK V 17 10.90 59.71 -79.26
N UNK V 18 12.05 60.28 -79.71
CA UNK V 18 12.19 60.95 -81.01
C UNK V 18 12.09 59.94 -82.16
N UNK V 19 12.64 58.72 -81.95
CA UNK V 19 12.61 57.62 -82.91
C UNK V 19 11.19 57.06 -83.03
N UNK V 20 10.42 57.05 -81.91
CA UNK V 20 9.04 56.58 -81.84
C UNK V 20 8.06 57.66 -82.28
N UNK W 1 -34.59 21.11 -0.07
CA UNK W 1 -35.20 22.12 -0.92
C UNK W 1 -35.03 21.78 -2.40
N UNK W 2 -33.78 21.62 -2.86
CA UNK W 2 -33.44 21.27 -4.25
C UNK W 2 -33.91 19.86 -4.59
N UNK W 3 -33.74 18.91 -3.64
CA UNK W 3 -34.14 17.51 -3.78
C UNK W 3 -35.67 17.38 -3.83
N UNK W 4 -36.40 18.21 -3.06
CA UNK W 4 -37.85 18.24 -3.03
C UNK W 4 -38.41 18.81 -4.34
N UNK W 5 -37.72 19.81 -4.92
CA UNK W 5 -38.08 20.45 -6.20
C UNK W 5 -37.86 19.47 -7.35
N UNK W 6 -36.78 18.67 -7.28
CA UNK W 6 -36.44 17.65 -8.27
C UNK W 6 -37.43 16.47 -8.18
N UNK W 7 -37.94 16.19 -6.96
CA UNK W 7 -38.94 15.14 -6.69
C UNK W 7 -40.29 15.58 -7.26
N UNK W 8 -40.62 16.88 -7.10
CA UNK W 8 -41.86 17.49 -7.62
C UNK W 8 -41.80 17.54 -9.14
N UNK W 9 -40.61 17.88 -9.71
CA UNK W 9 -40.37 17.93 -11.14
C UNK W 9 -40.51 16.54 -11.75
N UNK W 10 -40.00 15.50 -11.04
CA UNK W 10 -40.05 14.12 -11.46
C UNK W 10 -41.46 13.50 -11.33
N UNK W 11 -42.30 14.05 -10.43
CA UNK W 11 -43.68 13.58 -10.25
C UNK W 11 -44.58 14.25 -11.29
N UNK W 12 -44.40 15.57 -11.51
CA UNK W 12 -45.17 16.36 -12.46
C UNK W 12 -44.79 16.06 -13.91
N UNK W 13 -43.47 16.04 -14.24
CA UNK W 13 -42.98 15.77 -15.59
C UNK W 13 -43.22 14.35 -16.07
N UNK W 14 -43.24 13.35 -15.15
CA UNK W 14 -43.52 11.96 -15.48
C UNK W 14 -44.98 11.82 -15.91
N UNK W 15 -45.88 12.51 -15.18
CA UNK W 15 -47.32 12.54 -15.45
C UNK W 15 -47.58 13.35 -16.73
N UNK W 16 -46.76 14.42 -16.96
CA UNK W 16 -46.84 15.28 -18.15
C UNK W 16 -46.37 14.55 -19.40
N UNK W 17 -45.33 13.69 -19.27
CA UNK W 17 -44.77 12.89 -20.37
C UNK W 17 -45.78 11.82 -20.80
N UNK W 18 -46.53 11.26 -19.83
CA UNK W 18 -47.56 10.26 -20.07
C UNK W 18 -48.78 10.89 -20.77
N UNK W 19 -49.11 12.15 -20.42
CA UNK W 19 -50.22 12.91 -21.00
C UNK W 19 -49.77 13.63 -22.27
N UNK X 1 -21.49 56.92 -83.00
CA UNK X 1 -21.95 58.15 -83.65
C UNK X 1 -23.07 58.83 -82.85
N UNK X 2 -22.98 60.16 -82.70
CA UNK X 2 -23.95 60.96 -81.96
C UNK X 2 -24.31 62.27 -82.67
N UNK X 3 -25.55 62.77 -82.44
CA UNK X 3 -26.08 64.00 -83.02
C UNK X 3 -26.00 65.17 -82.02
N UNK X 4 -26.20 66.41 -82.51
CA UNK X 4 -26.16 67.64 -81.72
C UNK X 4 -27.24 67.75 -80.64
N UNK X 5 -26.93 68.47 -79.55
CA UNK X 5 -27.83 68.73 -78.42
C UNK X 5 -28.22 70.21 -78.36
N UNK X 6 -27.29 71.10 -78.79
CA UNK X 6 -27.49 72.55 -78.84
C UNK X 6 -27.35 73.02 -80.30
N UNK X 7 -28.27 72.52 -81.17
CA UNK X 7 -28.34 72.82 -82.61
C UNK X 7 -28.63 74.29 -82.91
N UNK X 8 -29.44 74.95 -82.06
CA UNK X 8 -29.81 76.36 -82.18
C UNK X 8 -28.60 77.25 -81.91
N UNK X 9 -27.76 76.85 -80.93
CA UNK X 9 -26.53 77.55 -80.55
C UNK X 9 -25.40 77.22 -81.55
N UNK X 10 -25.49 76.04 -82.21
CA UNK X 10 -24.52 75.55 -83.20
C UNK X 10 -24.48 76.43 -84.46
N UNK X 11 -25.63 77.07 -84.80
CA UNK X 11 -25.77 77.97 -85.95
C UNK X 11 -25.21 79.37 -85.62
N UNK X 12 -24.00 79.40 -85.03
CA UNK X 12 -23.27 80.59 -84.62
C UNK X 12 -21.75 80.37 -84.75
N UNK X 13 -21.33 79.10 -84.86
CA UNK X 13 -19.93 78.69 -85.01
C UNK X 13 -19.33 79.15 -86.35
N UNK X 14 -20.19 79.31 -87.39
CA UNK X 14 -19.81 79.78 -88.72
C UNK X 14 -19.36 81.24 -88.69
N UNK X 15 -19.95 82.05 -87.77
CA UNK X 15 -19.62 83.46 -87.57
C UNK X 15 -18.27 83.61 -86.87
N UNK X 16 -17.88 82.60 -86.05
CA UNK X 16 -16.62 82.55 -85.32
C UNK X 16 -15.43 82.14 -86.20
N UNK X 17 -15.72 81.65 -87.45
CA UNK X 17 -14.72 81.23 -88.42
C UNK X 17 -13.90 82.40 -88.97
N UNK X 18 -14.52 83.60 -89.04
CA UNK X 18 -13.90 84.83 -89.50
C UNK X 18 -12.91 85.39 -88.46
N UNK X 19 -13.14 85.06 -87.17
CA UNK X 19 -12.33 85.49 -86.03
C UNK X 19 -11.04 84.67 -85.84
N UNK X 20 -10.94 83.50 -86.51
CA UNK X 20 -9.80 82.57 -86.45
C UNK X 20 -8.44 83.20 -86.74
N UNK X 21 -7.38 82.65 -86.08
CA UNK X 21 -5.96 83.04 -86.15
C UNK X 21 -5.66 84.41 -85.49
N UNK X 22 -6.54 84.86 -84.57
CA UNK X 22 -6.38 86.12 -83.83
C UNK X 22 -5.27 86.01 -82.77
N UNK X 23 -4.77 87.18 -82.29
CA UNK X 23 -3.69 87.35 -81.31
C UNK X 23 -3.63 86.30 -80.20
N UNK X 24 -2.71 85.32 -80.36
CA UNK X 24 -2.45 84.20 -79.46
C UNK X 24 -1.03 83.68 -79.69
N UNK X 25 -0.50 83.88 -80.92
CA UNK X 25 0.84 83.52 -81.43
C UNK X 25 1.10 82.01 -81.52
N UNK X 26 2.16 81.64 -82.28
CA UNK X 26 2.60 80.26 -82.52
C UNK X 26 3.11 79.61 -81.23
N UNK X 27 2.93 78.29 -81.10
CA UNK X 27 3.33 77.53 -79.92
C UNK X 27 4.66 76.79 -80.05
N UNK X 28 4.78 75.90 -81.08
CA UNK X 28 5.95 75.05 -81.36
C UNK X 28 7.30 75.79 -81.40
N UNK X 29 7.92 75.92 -80.22
CA UNK X 29 9.22 76.55 -79.98
C UNK X 29 10.10 75.56 -79.20
N UNK X 30 9.64 74.29 -79.11
CA UNK X 30 10.30 73.17 -78.43
C UNK X 30 11.63 72.80 -79.10
N UNK X 31 11.77 73.07 -80.42
CA UNK X 31 12.98 72.84 -81.20
C UNK X 31 14.08 73.80 -80.72
N UNK X 32 13.70 75.05 -80.43
CA UNK X 32 14.60 76.09 -79.91
C UNK X 32 14.83 75.89 -78.41
N UNK X 33 13.81 75.36 -77.70
CA UNK X 33 13.85 75.08 -76.26
C UNK X 33 14.84 73.95 -75.94
N UNK X 34 14.97 72.98 -76.87
CA UNK X 34 15.91 71.85 -76.75
C UNK X 34 17.32 72.33 -77.11
N UNK X 35 17.42 73.40 -77.93
CA UNK X 35 18.68 74.02 -78.37
C UNK X 35 19.24 74.95 -77.29
N UNK X 36 18.34 75.62 -76.53
CA UNK X 36 18.68 76.52 -75.44
C UNK X 36 19.09 75.71 -74.20
N UNK X 37 18.58 74.47 -74.09
CA UNK X 37 18.87 73.53 -73.00
C UNK X 37 20.29 72.95 -73.14
N UNK X 38 20.85 72.97 -74.37
CA UNK X 38 22.20 72.50 -74.68
C UNK X 38 23.25 73.55 -74.30
N UNK X 39 22.88 74.85 -74.41
CA UNK X 39 23.74 76.00 -74.09
C UNK X 39 24.17 76.02 -72.61
N UNK X 40 23.23 75.64 -71.71
CA UNK X 40 23.48 75.56 -70.27
C UNK X 40 24.46 74.42 -69.97
N UNK X 41 24.31 73.29 -70.70
CA UNK X 41 25.17 72.11 -70.59
C UNK X 41 26.56 72.42 -71.12
N UNK X 42 26.65 73.28 -72.16
CA UNK X 42 27.90 73.74 -72.76
C UNK X 42 28.62 74.70 -71.80
N UNK X 43 27.85 75.51 -71.06
CA UNK X 43 28.36 76.46 -70.06
C UNK X 43 28.80 75.71 -68.80
N UNK X 44 28.13 74.58 -68.48
CA UNK X 44 28.42 73.72 -67.33
C UNK X 44 29.75 73.00 -67.51
N UNK X 45 30.10 72.63 -68.76
CA UNK X 45 31.35 71.94 -69.11
C UNK X 45 32.57 72.82 -68.85
N UNK X 46 32.43 74.14 -69.08
CA UNK X 46 33.48 75.14 -68.84
C UNK X 46 33.63 75.39 -67.33
N UNK X 47 32.49 75.34 -66.60
CA UNK X 47 32.44 75.51 -65.14
C UNK X 47 32.86 74.24 -64.39
N UNK X 48 32.85 73.07 -65.07
CA UNK X 48 33.23 71.78 -64.52
C UNK X 48 34.75 71.65 -64.34
N UNK X 49 35.52 72.15 -65.32
CA UNK X 49 36.98 72.11 -65.31
C UNK X 49 37.55 73.07 -64.26
N UNK X 50 38.24 72.49 -63.23
CA UNK X 50 38.86 73.18 -62.09
C UNK X 50 37.91 74.06 -61.30
N UNK Y 1 -7.20 -50.09 -13.64
CA UNK Y 1 -6.37 -50.79 -14.61
C UNK Y 1 -7.19 -51.77 -15.45
N UNK Y 2 -7.92 -52.69 -14.78
CA UNK Y 2 -8.76 -53.70 -15.43
C UNK Y 2 -10.25 -53.41 -15.24
N UNK Y 3 -10.62 -52.67 -14.18
CA UNK Y 3 -11.99 -52.27 -13.83
C UNK Y 3 -12.64 -51.40 -14.90
N UNK Y 4 -11.84 -50.52 -15.54
CA UNK Y 4 -12.32 -49.62 -16.59
C UNK Y 4 -11.52 -49.82 -17.90
N UNK Y 5 -11.41 -51.09 -18.35
CA UNK Y 5 -10.71 -51.45 -19.59
C UNK Y 5 -11.62 -51.18 -20.80
N UNK Y 6 -12.68 -51.99 -20.96
CA UNK Y 6 -13.67 -51.86 -22.04
C UNK Y 6 -15.00 -51.32 -21.48
N UNK Y 7 -14.96 -50.76 -20.27
CA UNK Y 7 -16.11 -50.17 -19.59
C UNK Y 7 -16.54 -48.87 -20.27
N UNK Y 8 -15.55 -48.09 -20.77
CA UNK Y 8 -15.77 -46.83 -21.49
C UNK Y 8 -16.31 -47.06 -22.92
N UNK Y 9 -16.65 -48.32 -23.24
CA UNK Y 9 -17.21 -48.77 -24.51
C UNK Y 9 -18.65 -49.23 -24.27
N UNK Y 10 -18.88 -49.94 -23.13
CA UNK Y 10 -20.19 -50.42 -22.71
C UNK Y 10 -21.03 -49.26 -22.16
N UNK Y 11 -20.38 -48.30 -21.46
CA UNK Y 11 -21.01 -47.09 -20.91
C UNK Y 11 -21.30 -46.12 -22.06
N UNK Y 12 -20.51 -46.23 -23.16
CA UNK Y 12 -20.66 -45.46 -24.39
C UNK Y 12 -21.74 -46.10 -25.25
N UNK Y 13 -22.00 -47.41 -25.02
CA UNK Y 13 -23.03 -48.21 -25.69
C UNK Y 13 -24.37 -48.09 -24.97
N UNK Y 14 -24.33 -47.87 -23.63
CA UNK Y 14 -25.51 -47.69 -22.78
C UNK Y 14 -26.16 -46.35 -23.12
N UNK Y 15 -25.33 -45.30 -23.31
CA UNK Y 15 -25.76 -43.95 -23.69
C UNK Y 15 -26.02 -43.85 -25.21
N UNK Y 16 -25.88 -44.98 -25.93
CA UNK Y 16 -26.12 -45.12 -27.38
C UNK Y 16 -27.38 -45.95 -27.65
N UNK Y 17 -27.65 -46.95 -26.78
CA UNK Y 17 -28.82 -47.83 -26.86
C UNK Y 17 -30.08 -47.07 -26.42
N UNK Y 18 -29.94 -45.77 -26.15
CA UNK Y 18 -30.99 -44.84 -25.74
C UNK Y 18 -31.69 -44.23 -26.96
N UNK Y 19 -32.03 -45.09 -27.94
CA UNK Y 19 -32.74 -44.72 -29.17
C UNK Y 19 -34.26 -44.95 -29.01
N UNK Y 20 -34.69 -45.31 -27.79
CA UNK Y 20 -36.10 -45.55 -27.44
C UNK Y 20 -36.82 -44.22 -27.17
N UNK Y 21 -36.12 -43.22 -26.60
CA UNK Y 21 -36.66 -41.89 -26.32
C UNK Y 21 -36.29 -40.91 -27.42
N UNK Y 22 -35.00 -40.90 -27.82
CA UNK Y 22 -34.45 -40.02 -28.87
C UNK Y 22 -35.18 -40.12 -30.21
N UNK Y 23 -35.97 -41.20 -30.40
CA UNK Y 23 -36.77 -41.45 -31.60
C UNK Y 23 -38.28 -41.49 -31.31
N UNK Y 24 -38.69 -41.56 -30.02
CA UNK Y 24 -40.12 -41.60 -29.65
C UNK Y 24 -40.53 -40.51 -28.67
N UNK Y 25 -39.92 -40.47 -27.47
CA UNK Y 25 -40.24 -39.46 -26.44
C UNK Y 25 -39.84 -38.05 -26.87
N UNK Y 26 -38.71 -37.94 -27.59
CA UNK Y 26 -38.18 -36.69 -28.11
C UNK Y 26 -38.68 -36.41 -29.53
N UNK Y 27 -39.42 -37.35 -30.14
CA UNK Y 27 -39.95 -37.21 -31.49
C UNK Y 27 -41.45 -37.51 -31.62
N UNK Y 28 -41.85 -38.79 -31.58
CA UNK Y 28 -43.24 -39.28 -31.71
C UNK Y 28 -44.23 -38.68 -30.69
N UNK Y 29 -43.73 -38.23 -29.50
CA UNK Y 29 -44.56 -37.61 -28.46
C UNK Y 29 -45.04 -36.24 -28.91
N UNK Y 30 -44.19 -35.50 -29.65
CA UNK Y 30 -44.49 -34.19 -30.23
C UNK Y 30 -45.40 -34.37 -31.45
N UNK Y 31 -45.23 -35.50 -32.17
CA UNK Y 31 -46.03 -35.87 -33.33
C UNK Y 31 -47.44 -36.31 -32.89
N UNK Y 32 -47.57 -36.83 -31.65
CA UNK Y 32 -48.83 -37.25 -31.05
C UNK Y 32 -49.63 -36.02 -30.62
N UNK Y 33 -48.93 -34.90 -30.32
CA UNK Y 33 -49.52 -33.62 -29.92
C UNK Y 33 -50.25 -32.92 -31.08
N UNK Y 34 -50.03 -33.40 -32.34
CA UNK Y 34 -50.66 -32.88 -33.56
C UNK Y 34 -52.17 -33.07 -33.53
N UNK Y 35 -52.65 -34.13 -32.85
CA UNK Y 35 -54.06 -34.43 -32.67
C UNK Y 35 -54.69 -33.37 -31.74
N UNK Y 36 -53.95 -32.98 -30.69
CA UNK Y 36 -54.35 -31.96 -29.71
C UNK Y 36 -54.17 -30.55 -30.27
N UNK Y 37 -53.36 -30.42 -31.36
CA UNK Y 37 -53.08 -29.15 -32.03
C UNK Y 37 -54.07 -28.86 -33.16
N UNK Y 38 -54.31 -29.83 -34.06
CA UNK Y 38 -55.23 -29.70 -35.21
C UNK Y 38 -56.69 -29.63 -34.77
N UNK Y 39 -57.08 -30.50 -33.82
CA UNK Y 39 -58.44 -30.54 -33.28
C UNK Y 39 -58.53 -29.69 -32.00
N UNK Y 40 -58.46 -28.36 -32.17
CA UNK Y 40 -58.53 -27.38 -31.07
C UNK Y 40 -59.06 -26.04 -31.58
N UNK Y 41 -59.78 -27.32 -35.02
CA UNK Y 41 -61.23 -27.46 -34.92
C UNK Y 41 -61.80 -26.54 -33.83
N UNK Y 42 -61.65 -25.22 -34.05
CA UNK Y 42 -62.11 -24.17 -33.14
C UNK Y 42 -63.61 -23.89 -33.34
N UNK Y 43 -63.99 -23.49 -34.59
CA UNK Y 43 -65.33 -23.17 -35.11
C UNK Y 43 -66.41 -22.86 -34.05
N UNK Y 44 -66.98 -23.91 -33.39
CA UNK Y 44 -68.02 -23.80 -32.37
C UNK Y 44 -67.61 -22.97 -31.16
N UNK Y 45 -66.38 -23.18 -30.64
CA UNK Y 45 -65.83 -22.46 -29.50
C UNK Y 45 -65.45 -21.00 -29.85
N UNK Y 46 -65.17 -20.73 -31.14
CA UNK Y 46 -64.78 -19.40 -31.63
C UNK Y 46 -65.98 -18.51 -31.97
N UNK Y 47 -67.01 -19.10 -32.62
CA UNK Y 47 -68.23 -18.40 -33.05
C UNK Y 47 -69.18 -18.04 -31.90
N UNK Y 48 -69.16 -18.83 -30.81
CA UNK Y 48 -70.00 -18.62 -29.63
C UNK Y 48 -69.66 -17.33 -28.90
N UNK Y 49 -68.34 -17.06 -28.69
CA UNK Y 49 -67.81 -15.86 -28.03
C UNK Y 49 -68.10 -14.59 -28.84
N UNK Y 50 -68.02 -14.67 -30.19
CA UNK Y 50 -68.30 -13.58 -31.12
C UNK Y 50 -69.79 -13.23 -31.09
N UNK Y 51 -70.65 -14.27 -30.99
CA UNK Y 51 -72.11 -14.13 -30.90
C UNK Y 51 -72.49 -13.58 -29.51
N UNK Y 52 -71.77 -14.02 -28.46
CA UNK Y 52 -71.97 -13.56 -27.09
C UNK Y 52 -71.54 -12.11 -26.95
N UNK Y 53 -70.43 -11.72 -27.61
CA UNK Y 53 -69.90 -10.35 -27.62
C UNK Y 53 -70.88 -9.42 -28.34
N UNK Y 54 -71.49 -9.90 -29.43
CA UNK Y 54 -72.48 -9.17 -30.23
C UNK Y 54 -73.77 -8.91 -29.43
N UNK Y 55 -74.05 -9.78 -28.43
CA UNK Y 55 -75.22 -9.68 -27.56
C UNK Y 55 -74.92 -8.84 -26.31
N UNK Y 56 -73.70 -9.02 -25.73
CA UNK Y 56 -73.26 -8.32 -24.53
C UNK Y 56 -72.90 -6.86 -24.77
N UNK Y 57 -72.11 -6.55 -25.83
CA UNK Y 57 -71.69 -5.19 -26.17
C UNK Y 57 -72.84 -4.31 -26.66
N UNK Y 58 -73.87 -4.90 -27.30
CA UNK Y 58 -75.05 -4.19 -27.80
C UNK Y 58 -75.96 -3.77 -26.64
N UNK Y 59 -76.17 -4.68 -25.67
CA UNK Y 59 -76.99 -4.45 -24.48
C UNK Y 59 -76.31 -3.46 -23.51
N UNK Y 60 -74.96 -3.46 -23.49
CA UNK Y 60 -74.14 -2.54 -22.67
C UNK Y 60 -74.27 -1.13 -23.23
N UNK Y 61 -74.38 -1.00 -24.57
CA UNK Y 61 -74.57 0.26 -25.29
C UNK Y 61 -76.01 0.72 -25.10
N UNK Y 62 -76.97 -0.24 -25.13
CA UNK Y 62 -78.40 0.01 -24.95
C UNK Y 62 -78.74 0.41 -23.51
N UNK Y 63 -77.92 -0.04 -22.52
CA UNK Y 63 -78.09 0.29 -21.11
C UNK Y 63 -77.78 1.76 -20.85
N UNK Y 64 -76.79 2.32 -21.58
CA UNK Y 64 -76.36 3.71 -21.49
C UNK Y 64 -77.13 4.62 -22.45
N UNK Y 65 -77.73 4.03 -23.52
CA UNK Y 65 -78.50 4.75 -24.54
C UNK Y 65 -79.80 5.32 -23.97
N UNK Y 66 -80.40 4.63 -22.98
CA UNK Y 66 -81.63 5.05 -22.30
C UNK Y 66 -81.33 5.91 -21.07
N UNK Y 67 -80.14 5.71 -20.45
CA UNK Y 67 -79.68 6.46 -19.28
C UNK Y 67 -79.31 7.91 -19.60
N UNK Y 68 -78.70 8.16 -20.78
CA UNK Y 68 -78.29 9.49 -21.24
C UNK Y 68 -79.48 10.28 -21.81
N UNK Y 69 -79.69 11.50 -21.30
CA UNK Y 69 -80.76 12.40 -21.73
C UNK Y 69 -80.24 13.83 -21.86
N UNK Y 70 -80.56 14.50 -23.00
CA UNK Y 70 -80.17 15.86 -23.36
C UNK Y 70 -78.65 16.10 -23.33
N UNK Z 1 -29.22 -55.50 10.03
CA UNK Z 1 -28.93 -54.11 9.69
C UNK Z 1 -30.11 -53.17 10.00
N UNK Z 2 -29.87 -51.84 9.94
CA UNK Z 2 -30.87 -50.81 10.19
C UNK Z 2 -31.56 -50.37 8.90
N UNK Z 3 -32.90 -50.29 8.93
CA UNK Z 3 -33.73 -49.89 7.78
C UNK Z 3 -34.19 -48.44 7.87
N UNK Z 4 -34.28 -47.78 6.69
CA UNK Z 4 -34.73 -46.40 6.57
C UNK Z 4 -36.27 -46.39 6.57
N UNK Z 5 -36.85 -46.68 7.76
CA UNK Z 5 -38.29 -46.77 7.99
C UNK Z 5 -39.02 -45.45 7.75
N UNK Z 6 -38.80 -44.45 8.63
CA UNK Z 6 -39.43 -43.13 8.51
C UNK Z 6 -38.89 -42.26 7.35
N UNK Z 7 -38.00 -42.84 6.51
CA UNK Z 7 -37.43 -42.17 5.34
C UNK Z 7 -38.15 -42.65 4.07
N UNK Z 8 -38.43 -43.97 3.98
CA UNK Z 8 -39.10 -44.59 2.85
C UNK Z 8 -40.60 -44.81 3.09
N UNK Z 9 -40.98 -45.39 4.24
CA UNK Z 9 -42.38 -45.67 4.61
C UNK Z 9 -43.20 -44.42 4.90
N UNK Z 10 -42.56 -43.38 5.49
CA UNK Z 10 -43.24 -42.12 5.78
C UNK Z 10 -43.48 -41.35 4.48
N UNK Z 11 -42.52 -41.41 3.54
CA UNK Z 11 -42.59 -40.77 2.22
C UNK Z 11 -43.62 -41.48 1.34
N UNK Z 12 -43.75 -42.82 1.48
CA UNK Z 12 -44.71 -43.65 0.75
C UNK Z 12 -46.12 -43.37 1.23
N UNK Z 13 -46.27 -43.06 2.54
CA UNK Z 13 -47.54 -42.73 3.18
C UNK Z 13 -47.86 -41.22 3.06
N UNK Z 14 -46.83 -40.40 2.74
CA UNK Z 14 -46.95 -38.95 2.57
C UNK Z 14 -47.82 -38.61 1.37
N UNK Z 15 -47.60 -39.30 0.25
CA UNK Z 15 -48.35 -39.09 -0.99
C UNK Z 15 -49.46 -40.13 -1.20
N UNK Z 16 -49.59 -41.12 -0.29
CA UNK Z 16 -50.63 -42.15 -0.35
C UNK Z 16 -52.00 -41.50 -0.10
N UNK Z 17 -52.06 -40.61 0.90
CA UNK Z 17 -53.26 -39.85 1.25
C UNK Z 17 -53.33 -38.55 0.44
N UNK Z 18 -52.17 -38.01 0.00
CA UNK Z 18 -52.08 -36.77 -0.79
C UNK Z 18 -52.58 -36.97 -2.22
N UNK Z 19 -52.24 -38.12 -2.85
CA UNK Z 19 -52.69 -38.46 -4.20
C UNK Z 19 -54.19 -38.82 -4.15
N UNK Z 20 -54.65 -39.28 -2.97
CA UNK Z 20 -56.04 -39.63 -2.68
C UNK Z 20 -56.82 -38.36 -2.34
N UNK Z 21 -56.14 -37.31 -1.83
CA UNK Z 21 -56.73 -36.01 -1.46
C UNK Z 21 -57.04 -35.15 -2.69
N UNK Z 22 -56.58 -35.58 -3.88
CA UNK Z 22 -56.85 -34.93 -5.16
C UNK Z 22 -58.09 -35.59 -5.78
N UNK Z 23 -58.22 -36.92 -5.57
CA UNK Z 23 -59.34 -37.74 -6.03
C UNK Z 23 -60.53 -37.63 -5.07
N UNK Z 24 -60.28 -37.23 -3.80
CA UNK Z 24 -61.32 -37.03 -2.80
C UNK Z 24 -61.92 -35.63 -2.96
N UNK Z 25 -61.09 -34.66 -3.41
CA UNK Z 25 -61.51 -33.27 -3.67
C UNK Z 25 -62.41 -33.25 -4.90
N UNK Z 26 -62.06 -34.07 -5.92
CA UNK Z 26 -62.77 -34.25 -7.18
C UNK Z 26 -62.33 -35.57 -7.81
N UNK Z 27 -63.27 -36.54 -7.94
CA UNK Z 27 -62.99 -37.87 -8.50
C UNK Z 27 -62.70 -37.83 -10.00
N UNK Z 28 -61.39 -37.88 -10.35
CA UNK Z 28 -60.89 -37.86 -11.73
C UNK Z 28 -59.52 -38.52 -11.83
N UNK AA 1 -55.30 -34.39 -19.22
CA UNK AA 1 -55.06 -32.95 -19.03
C UNK AA 1 -53.76 -32.70 -18.26
N UNK AA 2 -53.67 -33.19 -17.00
CA UNK AA 2 -52.53 -33.11 -16.07
C UNK AA 2 -51.98 -31.69 -15.82
N UNK AA 3 -51.17 -31.15 -16.75
CA UNK AA 3 -50.51 -29.85 -16.64
C UNK AA 3 -51.38 -28.62 -16.95
N UNK AA 4 -52.32 -28.73 -17.93
CA UNK AA 4 -53.20 -27.66 -18.40
C UNK AA 4 -52.38 -26.46 -18.90
N UNK AA 5 -52.15 -25.44 -18.03
CA UNK AA 5 -51.33 -24.24 -18.23
C UNK AA 5 -51.57 -23.41 -19.52
N UNK AA 6 -52.53 -23.82 -20.37
CA UNK AA 6 -52.83 -23.15 -21.64
C UNK AA 6 -54.23 -22.52 -21.66
N UNK AA 7 -54.41 -21.50 -22.52
CA UNK AA 7 -55.67 -20.76 -22.71
C UNK AA 7 -56.82 -21.66 -23.19
N UNK AA 8 -56.51 -22.69 -24.00
CA UNK AA 8 -57.48 -23.67 -24.51
C UNK AA 8 -57.99 -24.57 -23.37
N UNK AA 9 -57.11 -24.90 -22.41
CA UNK AA 9 -57.43 -25.72 -21.24
C UNK AA 9 -58.07 -24.89 -20.11
N UNK AA 10 -57.66 -23.62 -19.97
CA UNK AA 10 -58.16 -22.69 -18.95
C UNK AA 10 -59.61 -22.27 -19.21
N UNK AA 11 -59.97 -22.07 -20.49
CA UNK AA 11 -61.32 -21.67 -20.90
C UNK AA 11 -62.31 -22.82 -20.74
N UNK AA 12 -61.85 -24.08 -20.97
CA UNK AA 12 -62.66 -25.31 -20.84
C UNK AA 12 -63.09 -25.55 -19.39
N UNK AA 13 -62.24 -25.16 -18.43
CA UNK AA 13 -62.51 -25.28 -16.99
C UNK AA 13 -63.51 -24.21 -16.53
N UNK AA 14 -63.43 -23.01 -17.16
CA UNK AA 14 -64.30 -21.86 -16.86
C UNK AA 14 -65.74 -22.10 -17.33
N UNK AA 15 -65.94 -22.94 -18.36
CA UNK AA 15 -67.26 -23.28 -18.92
C UNK AA 15 -68.10 -24.07 -17.90
N UNK AA 16 -67.50 -25.13 -17.30
CA UNK AA 16 -68.07 -26.01 -16.27
C UNK AA 16 -69.50 -26.50 -16.57
N UNK AA 17 -70.32 -26.73 -15.51
CA UNK AA 17 -71.71 -27.21 -15.60
C UNK AA 17 -72.65 -26.18 -16.25
N UNK AA 18 -72.22 -24.92 -16.39
CA UNK AA 18 -72.98 -23.83 -17.00
C UNK AA 18 -73.02 -23.99 -18.52
N UNK BA 1 -49.34 44.14 -20.05
CA UNK BA 1 -48.56 44.37 -18.84
C UNK BA 1 -48.70 43.23 -17.82
N UNK BA 2 -49.73 42.37 -17.99
CA UNK BA 2 -49.97 41.21 -17.12
C UNK BA 2 -48.92 40.12 -17.40
N UNK BA 3 -48.38 40.09 -18.64
CA UNK BA 3 -47.34 39.17 -19.09
C UNK BA 3 -46.01 39.53 -18.43
N UNK BA 4 -45.81 40.82 -18.09
CA UNK BA 4 -44.62 41.34 -17.39
C UNK BA 4 -44.63 40.84 -15.95
N UNK BA 5 -45.84 40.76 -15.34
CA UNK BA 5 -46.06 40.25 -13.99
C UNK BA 5 -45.86 38.73 -14.00
N UNK BA 6 -46.19 38.08 -15.14
CA UNK BA 6 -46.01 36.64 -15.37
C UNK BA 6 -44.51 36.35 -15.56
N UNK BA 7 -43.78 37.30 -16.18
CA UNK BA 7 -42.34 37.24 -16.41
C UNK BA 7 -41.60 37.41 -15.07
N UNK BA 8 -42.21 38.17 -14.14
CA UNK BA 8 -41.70 38.41 -12.79
C UNK BA 8 -41.83 37.13 -11.96
N UNK BA 9 -42.93 36.38 -12.16
CA UNK BA 9 -43.21 35.10 -11.49
C UNK BA 9 -42.26 34.03 -12.05
N UNK BA 10 -41.95 34.10 -13.36
CA UNK BA 10 -41.05 33.20 -14.06
C UNK BA 10 -39.61 33.43 -13.61
N UNK BA 11 -39.24 34.71 -13.32
CA UNK BA 11 -37.92 35.12 -12.85
C UNK BA 11 -37.69 34.63 -11.42
N UNK BA 12 -38.73 34.69 -10.56
CA UNK BA 12 -38.70 34.22 -9.17
C UNK BA 12 -38.59 32.70 -9.12
N UNK BA 13 -39.25 32.00 -10.07
CA UNK BA 13 -39.22 30.54 -10.21
C UNK BA 13 -37.83 30.09 -10.66
N UNK BA 14 -37.21 30.88 -11.57
CA UNK BA 14 -35.87 30.62 -12.11
C UNK BA 14 -34.82 30.89 -11.02
N UNK BA 15 -35.07 31.91 -10.15
CA UNK BA 15 -34.20 32.28 -9.03
C UNK BA 15 -34.19 31.20 -7.95
N UNK BA 16 -35.35 30.52 -7.76
CA UNK BA 16 -35.52 29.43 -6.79
C UNK BA 16 -34.70 28.21 -7.20
N UNK BA 17 -34.66 27.92 -8.51
CA UNK BA 17 -33.87 26.82 -9.08
C UNK BA 17 -32.38 27.18 -9.11
N UNK BA 18 -32.06 28.48 -9.28
CA UNK BA 18 -30.69 29.00 -9.30
C UNK BA 18 -30.05 29.00 -7.92
N UNK BA 19 -30.82 29.39 -6.87
CA UNK BA 19 -30.37 29.43 -5.48
C UNK BA 19 -30.10 28.01 -4.96
N UNK BA 20 -30.89 27.03 -5.43
CA UNK BA 20 -30.75 25.62 -5.10
C UNK BA 20 -29.47 25.05 -5.72
N UNK BA 21 -29.14 25.51 -6.95
CA UNK BA 21 -27.93 25.13 -7.69
C UNK BA 21 -26.68 25.72 -7.04
N UNK BA 22 -26.76 26.97 -6.53
CA UNK BA 22 -25.67 27.67 -5.85
C UNK BA 22 -25.39 27.03 -4.49
N UNK BA 23 -26.46 26.50 -3.83
CA UNK BA 23 -26.39 25.80 -2.54
C UNK BA 23 -25.70 24.45 -2.71
N UNK BA 24 -25.97 23.78 -3.85
CA UNK BA 24 -25.38 22.50 -4.22
C UNK BA 24 -23.90 22.64 -4.56
N UNK BA 25 -23.50 23.80 -5.13
CA UNK BA 25 -22.12 24.10 -5.50
C UNK BA 25 -21.31 24.51 -4.27
N UNK CA 1 -54.01 -18.01 -38.23
CA UNK CA 1 -53.70 -17.58 -36.87
C UNK CA 1 -52.72 -18.52 -36.17
N UNK CA 2 -52.88 -19.85 -36.37
CA UNK CA 2 -52.01 -20.87 -35.76
C UNK CA 2 -51.73 -22.04 -36.69
N UNK CA 3 -50.47 -22.52 -36.68
CA UNK CA 3 -50.02 -23.66 -37.49
C UNK CA 3 -50.17 -24.96 -36.70
N UNK CA 4 -50.89 -25.93 -37.27
CA UNK CA 4 -51.15 -27.23 -36.62
C UNK CA 4 -51.20 -28.37 -37.64
N UNK CA 5 -52.22 -28.35 -38.54
CA UNK CA 5 -52.41 -29.34 -39.59
C UNK CA 5 -51.30 -29.23 -40.65
N UNK CA 6 -50.85 -27.98 -40.91
CA UNK CA 6 -49.75 -27.67 -41.82
C UNK CA 6 -48.41 -27.89 -41.11
N UNK CA 7 -48.42 -27.81 -39.76
CA UNK CA 7 -47.26 -28.02 -38.90
C UNK CA 7 -46.93 -29.51 -38.68
N UNK CA 8 -47.79 -30.41 -39.23
CA UNK CA 8 -47.62 -31.86 -39.15
C UNK CA 8 -46.49 -32.33 -40.08
N UNK CA 9 -46.20 -31.55 -41.13
CA UNK CA 9 -45.13 -31.82 -42.10
C UNK CA 9 -43.79 -31.22 -41.64
N UNK CA 10 -43.82 -30.35 -40.60
CA UNK CA 10 -42.64 -29.67 -40.04
C UNK CA 10 -41.71 -30.61 -39.27
N UNK CA 11 -42.24 -31.36 -38.28
CA UNK CA 11 -41.46 -32.29 -37.46
C UNK CA 11 -41.42 -33.72 -38.03
N UNK CA 12 -41.81 -33.87 -39.33
CA UNK CA 12 -41.84 -35.16 -40.02
C UNK CA 12 -41.12 -35.12 -41.37
N UNK CA 13 -40.17 -36.05 -41.55
CA UNK CA 13 -39.35 -36.26 -42.76
C UNK CA 13 -38.72 -37.66 -42.68
N UNK CA 14 -37.58 -37.79 -41.94
CA UNK CA 14 -36.81 -39.01 -41.66
C UNK CA 14 -36.71 -40.01 -42.83
N UNK CA 15 -36.90 -41.34 -42.55
CA UNK CA 15 -36.83 -42.51 -43.43
C UNK CA 15 -35.44 -43.15 -43.45
N UNK CA 16 -35.27 -44.24 -44.23
CA UNK CA 16 -34.02 -45.01 -44.35
C UNK CA 16 -32.92 -44.30 -45.14
N UNK CA 17 -33.24 -43.73 -46.32
CA UNK CA 17 -32.27 -43.05 -47.17
C UNK CA 17 -32.75 -41.72 -47.77
N UNK CA 18 -34.09 -41.55 -47.92
CA UNK CA 18 -34.73 -40.35 -48.49
C UNK CA 18 -34.33 -39.06 -47.77
N UNK CA 19 -34.33 -39.07 -46.43
CA UNK CA 19 -33.93 -37.93 -45.60
C UNK CA 19 -33.27 -38.41 -44.30
N UNK CA 20 -32.14 -39.12 -44.45
CA UNK CA 20 -31.35 -39.66 -43.34
C UNK CA 20 -29.87 -39.33 -43.51
N UNK CA 21 -29.32 -39.57 -44.72
CA UNK CA 21 -27.92 -39.29 -45.07
C UNK CA 21 -27.66 -37.80 -45.31
N UNK CA 22 -28.72 -36.98 -45.42
CA UNK CA 22 -28.66 -35.54 -45.64
C UNK CA 22 -27.98 -34.77 -44.49
N UNK CA 23 -28.08 -35.29 -43.25
CA UNK CA 23 -27.48 -34.68 -42.07
C UNK CA 23 -26.19 -35.39 -41.62
N UNK CA 24 -25.34 -35.78 -42.61
CA UNK CA 24 -24.07 -36.46 -42.35
C UNK CA 24 -23.00 -35.42 -41.97
N UNK CA 25 -22.10 -35.06 -42.90
CA UNK CA 25 -21.01 -34.09 -42.71
C UNK CA 25 -21.49 -32.62 -42.52
N UNK CA 26 -22.81 -32.45 -42.24
CA UNK CA 26 -23.45 -31.15 -41.99
C UNK CA 26 -23.74 -31.04 -40.49
N UNK CA 27 -24.19 -32.15 -39.86
CA UNK CA 27 -24.47 -32.26 -38.43
C UNK CA 27 -23.30 -32.88 -37.69
N UNK CA 28 -22.51 -33.76 -38.36
CA UNK CA 28 -21.33 -34.40 -37.81
C UNK CA 28 -20.21 -33.38 -37.57
N UNK CA 29 -20.17 -32.32 -38.42
CA UNK CA 29 -19.23 -31.20 -38.31
C UNK CA 29 -19.57 -30.36 -37.08
N UNK CA 30 -20.83 -30.46 -36.61
CA UNK CA 30 -21.36 -29.80 -35.42
C UNK CA 30 -21.36 -30.79 -34.24
N UNK CA 31 -21.15 -32.10 -34.51
CA UNK CA 31 -21.09 -33.16 -33.51
C UNK CA 31 -19.67 -33.27 -32.94
N UNK CA 32 -18.65 -32.91 -33.76
CA UNK CA 32 -17.24 -32.90 -33.36
C UNK CA 32 -16.92 -31.72 -32.45
N UNK CA 33 -17.95 -30.92 -32.09
CA UNK CA 33 -17.86 -29.77 -31.19
C UNK CA 33 -17.67 -30.23 -29.75
N UNK CA 34 -18.21 -31.42 -29.39
CA UNK CA 34 -18.06 -32.00 -28.05
C UNK CA 34 -16.86 -32.94 -28.02
N UNK CA 35 -16.25 -33.21 -29.20
CA UNK CA 35 -15.07 -34.05 -29.29
C UNK CA 35 -13.88 -33.28 -28.71
N UNK CA 36 -13.50 -32.16 -29.35
CA UNK CA 36 -12.38 -31.31 -28.92
C UNK CA 36 -12.61 -30.59 -27.59
N UNK CA 37 -13.82 -30.00 -27.40
CA UNK CA 37 -14.17 -29.25 -26.18
C UNK CA 37 -14.30 -30.11 -24.92
N UNK CA 38 -14.78 -31.37 -25.04
CA UNK CA 38 -14.94 -32.25 -23.89
C UNK CA 38 -13.74 -33.22 -23.69
N UNK CA 39 -12.80 -33.27 -24.66
CA UNK CA 39 -11.59 -34.10 -24.53
C UNK CA 39 -10.46 -33.27 -23.95
N UNK CA 40 -10.26 -32.04 -24.46
CA UNK CA 40 -9.23 -31.12 -23.98
C UNK CA 40 -9.66 -30.50 -22.63
N UNK CA 41 -9.36 -31.22 -21.55
CA UNK CA 41 -9.67 -30.81 -20.17
C UNK CA 41 -8.40 -30.32 -19.47
N UNK CA 42 -7.28 -31.06 -19.63
CA UNK CA 42 -5.97 -30.75 -19.05
C UNK CA 42 -4.84 -31.33 -19.88
N UNK CA 43 -5.00 -32.59 -20.37
CA UNK CA 43 -4.02 -33.28 -21.19
C UNK CA 43 -4.65 -34.11 -22.31
N UNK CA 44 -4.15 -33.91 -23.54
CA UNK CA 44 -4.57 -34.60 -24.77
C UNK CA 44 -3.42 -34.56 -25.76
N UNK CA 45 -2.78 -35.72 -26.01
CA UNK CA 45 -1.63 -35.85 -26.91
C UNK CA 45 -2.00 -35.63 -28.37
N UNK CA 46 -1.30 -34.68 -29.03
CA UNK CA 46 -1.50 -34.33 -30.43
C UNK CA 46 -0.95 -35.41 -31.36
N UNK CA 47 -1.69 -35.72 -32.44
CA UNK CA 47 -1.33 -36.73 -33.43
C UNK CA 47 -0.91 -36.15 -34.79
N UNK CA 48 -0.84 -34.81 -34.90
CA UNK CA 48 -0.47 -34.11 -36.14
C UNK CA 48 0.92 -33.44 -36.05
N UNK CA 49 0.98 -32.11 -36.23
CA UNK CA 49 2.22 -31.32 -36.19
C UNK CA 49 2.18 -30.22 -35.12
N UNK CA 50 3.25 -29.39 -35.06
CA UNK CA 50 3.40 -28.29 -34.11
C UNK CA 50 2.30 -27.23 -34.24
N UNK CA 51 1.86 -26.66 -33.09
CA UNK CA 51 0.81 -25.65 -32.99
C UNK CA 51 1.25 -24.31 -33.61
N UNK DA 1 -36.74 12.23 -52.80
CA UNK DA 1 -37.61 13.13 -53.57
C UNK DA 1 -36.98 14.50 -53.80
N UNK DA 2 -36.16 14.99 -52.86
CA UNK DA 2 -35.48 16.30 -52.94
C UNK DA 2 -34.11 16.20 -53.60
N UNK DA 3 -34.10 16.14 -54.95
CA UNK DA 3 -32.89 16.06 -55.77
C UNK DA 3 -32.75 17.29 -56.69
N UNK DA 4 -33.63 18.30 -56.51
CA UNK DA 4 -33.64 19.54 -57.27
C UNK DA 4 -32.44 20.44 -56.96
N UNK DA 5 -31.93 20.37 -55.71
CA UNK DA 5 -30.77 21.14 -55.24
C UNK DA 5 -29.49 20.70 -55.97
N UNK DA 6 -29.39 19.40 -56.30
CA UNK DA 6 -28.27 18.80 -57.01
C UNK DA 6 -28.27 19.23 -58.49
N UNK DA 7 -29.45 19.54 -59.04
CA UNK DA 7 -29.64 19.98 -60.42
C UNK DA 7 -29.43 21.48 -60.57
N UNK DA 8 -30.00 22.29 -59.65
CA UNK DA 8 -29.91 23.76 -59.64
C UNK DA 8 -28.47 24.24 -59.44
N UNK DA 9 -27.71 23.60 -58.53
CA UNK DA 9 -26.30 23.92 -58.26
C UNK DA 9 -25.37 23.26 -59.31
N UNK DA 10 -25.96 22.88 -60.47
CA UNK DA 10 -25.30 22.26 -61.62
C UNK DA 10 -25.90 22.79 -62.93
N UNK DA 11 -26.87 23.74 -62.84
CA UNK DA 11 -27.53 24.40 -63.97
C UNK DA 11 -27.37 25.92 -63.86
N UNK DA 12 -27.59 26.48 -62.64
CA UNK DA 12 -27.42 27.90 -62.34
C UNK DA 12 -25.97 28.18 -61.96
N UNK DA 13 -25.19 27.10 -61.72
CA UNK DA 13 -23.75 27.11 -61.42
C UNK DA 13 -22.97 26.62 -62.66
N UNK DA 14 -23.71 26.44 -63.78
CA UNK DA 14 -23.21 26.04 -65.10
C UNK DA 14 -23.39 27.20 -66.08
N UNK DA 15 -24.28 28.16 -65.71
CA UNK DA 15 -24.55 29.37 -66.47
C UNK DA 15 -23.31 30.27 -66.46
N UNK DA 16 -22.57 30.26 -65.32
CA UNK DA 16 -21.31 30.98 -65.13
C UNK DA 16 -20.18 30.25 -65.85
N UNK DA 17 -20.28 28.90 -65.93
CA UNK DA 17 -19.33 28.04 -66.63
C UNK DA 17 -19.47 28.24 -68.13
N UNK DA 18 -20.68 28.61 -68.58
CA UNK DA 18 -20.99 28.90 -69.98
C UNK DA 18 -20.59 30.35 -70.28
N UNK DA 19 -20.80 31.27 -69.30
CA UNK DA 19 -20.47 32.70 -69.39
C UNK DA 19 -18.96 32.90 -69.51
N UNK DA 20 -18.18 32.12 -68.74
CA UNK DA 20 -16.70 32.16 -68.75
C UNK DA 20 -16.16 31.51 -70.03
N UNK DA 21 -16.96 30.61 -70.65
CA UNK DA 21 -16.63 29.92 -71.90
C UNK DA 21 -16.91 30.84 -73.10
N UNK DA 22 -17.83 31.81 -72.92
CA UNK DA 22 -18.20 32.80 -73.94
C UNK DA 22 -17.48 34.15 -73.72
N UNK DA 23 -16.94 34.39 -72.51
CA UNK DA 23 -16.18 35.60 -72.18
C UNK DA 23 -14.78 35.49 -72.84
N UNK DA 24 -14.27 34.25 -72.96
CA UNK DA 24 -12.99 33.92 -73.59
C UNK DA 24 -13.15 33.84 -75.11
N UNK DA 25 -14.42 33.84 -75.59
CA UNK DA 25 -14.80 33.83 -77.01
C UNK DA 25 -14.94 35.27 -77.51
N UNK DA 26 -15.38 36.19 -76.62
CA UNK DA 26 -15.52 37.62 -76.89
C UNK DA 26 -14.13 38.27 -76.88
N UNK DA 27 -13.25 37.77 -75.98
CA UNK DA 27 -11.86 38.21 -75.85
C UNK DA 27 -11.02 37.71 -77.02
N UNK DA 28 -11.44 36.58 -77.64
CA UNK DA 28 -10.79 35.98 -78.81
C UNK DA 28 -11.20 36.73 -80.09
N UNK DA 29 -12.43 37.24 -80.13
CA UNK DA 29 -12.99 38.00 -81.25
C UNK DA 29 -12.43 39.43 -81.33
N UNK DA 30 -11.78 39.91 -80.24
CA UNK DA 30 -11.16 41.23 -80.16
C UNK DA 30 -9.72 41.13 -79.71
N UNK EA 1 -35.41 64.89 -73.93
CA UNK EA 1 -34.74 64.13 -72.87
C UNK EA 1 -33.21 64.14 -73.02
N UNK EA 2 -32.49 63.60 -72.02
CA UNK EA 2 -31.04 63.51 -71.99
C UNK EA 2 -30.58 62.14 -71.46
N UNK EA 3 -31.15 61.69 -70.33
CA UNK EA 3 -30.85 60.41 -69.70
C UNK EA 3 -32.07 59.48 -69.72
N UNK EA 4 -32.85 59.43 -68.60
CA UNK EA 4 -34.05 58.61 -68.45
C UNK EA 4 -34.95 59.18 -67.35
N UNK EA 5 -35.79 58.34 -66.71
CA UNK EA 5 -36.68 58.72 -65.62
C UNK EA 5 -35.91 58.99 -64.32
N UNK EA 6 -34.72 58.39 -64.18
CA UNK EA 6 -33.83 58.54 -63.02
C UNK EA 6 -33.23 59.95 -62.95
N UNK EA 7 -33.24 60.54 -61.74
CA UNK EA 7 -32.72 61.90 -61.48
C UNK EA 7 -31.19 61.99 -61.60
N UNK EA 8 -30.66 63.24 -61.55
CA UNK EA 8 -29.22 63.56 -61.64
C UNK EA 8 -28.39 62.92 -60.53
N UNK EA 9 -29.02 62.66 -59.36
CA UNK EA 9 -28.39 62.02 -58.20
C UNK EA 9 -29.20 60.81 -57.73
N UNK EA 10 -30.32 60.51 -58.45
CA UNK EA 10 -31.29 59.42 -58.20
C UNK EA 10 -32.02 59.60 -56.87
N UNK EA 11 -33.28 60.04 -56.93
CA UNK EA 11 -34.14 60.32 -55.78
C UNK EA 11 -34.51 59.06 -54.96
N UNK EA 12 -34.07 59.04 -53.68
CA UNK EA 12 -34.31 57.97 -52.69
C UNK EA 12 -33.82 56.57 -53.13
N UNK EA 13 -34.26 55.51 -52.42
CA UNK EA 13 -33.88 54.13 -52.70
C UNK EA 13 -34.84 53.46 -53.68
N UNK EA 14 -35.85 52.70 -53.19
CA UNK EA 14 -36.83 51.98 -53.99
C UNK EA 14 -37.82 52.90 -54.72
N UNK EA 15 -37.96 54.18 -54.25
CA UNK EA 15 -38.85 55.20 -54.82
C UNK EA 15 -38.64 55.42 -56.32
N UNK EA 16 -37.37 55.38 -56.77
CA UNK EA 16 -37.00 55.54 -58.18
C UNK EA 16 -36.60 54.20 -58.79
N UNK EA 17 -36.09 53.27 -57.96
CA UNK EA 17 -35.65 51.93 -58.39
C UNK EA 17 -36.78 51.05 -58.93
N UNK EA 18 -37.96 51.09 -58.28
CA UNK EA 18 -39.13 50.32 -58.69
C UNK EA 18 -39.79 50.91 -59.93
N UNK EA 19 -39.88 52.27 -59.99
CA UNK EA 19 -40.48 52.99 -61.10
C UNK EA 19 -39.59 52.98 -62.36
N UNK EA 20 -38.34 53.49 -62.24
CA UNK EA 20 -37.38 53.56 -63.35
C UNK EA 20 -36.55 52.27 -63.49
N UNK EA 21 -37.25 51.14 -63.68
CA UNK EA 21 -36.66 49.81 -63.87
C UNK EA 21 -36.91 49.35 -65.31
N UNK EA 22 -36.36 50.11 -66.29
CA UNK EA 22 -36.50 49.91 -67.74
C UNK EA 22 -37.97 49.84 -68.17
N UNK EA 23 -38.77 50.83 -67.74
CA UNK EA 23 -40.21 50.94 -68.01
C UNK EA 23 -40.51 51.16 -69.49
N UNK EA 24 -39.85 52.15 -70.14
CA UNK EA 24 -40.04 52.48 -71.56
C UNK EA 24 -38.76 53.08 -72.19
N UNK EA 25 -38.88 54.26 -72.86
CA UNK EA 25 -37.83 55.02 -73.54
C UNK EA 25 -37.12 54.23 -74.66
N UNK EA 26 -36.18 53.31 -74.30
CA UNK EA 26 -35.43 52.50 -75.27
C UNK EA 26 -35.12 51.08 -74.78
N UNK EA 27 -34.07 50.92 -73.92
CA UNK EA 27 -33.56 49.68 -73.32
C UNK EA 27 -32.90 48.72 -74.34
N UNK EA 28 -31.89 47.95 -73.89
CA UNK EA 28 -31.12 47.00 -74.69
C UNK EA 28 -31.97 45.84 -75.24
N UNK EA 29 -31.56 45.28 -76.39
CA UNK EA 29 -32.24 44.18 -77.07
C UNK EA 29 -31.58 42.80 -76.82
N UNK EA 30 -30.35 42.80 -76.25
CA UNK EA 30 -29.56 41.61 -75.96
C UNK EA 30 -30.15 40.72 -74.84
N UNK EA 31 -29.68 39.47 -74.75
CA UNK EA 31 -30.12 38.49 -73.75
C UNK EA 31 -29.05 38.24 -72.68
N UNK EA 32 -28.65 36.97 -72.46
CA UNK EA 32 -27.66 36.57 -71.46
C UNK EA 32 -26.48 35.78 -72.08
N UNK EA 33 -26.13 36.10 -73.34
CA UNK EA 33 -25.00 35.49 -74.07
C UNK EA 33 -23.83 36.48 -74.01
N UNK EA 34 -22.90 36.23 -73.07
CA UNK EA 34 -21.71 37.01 -72.71
C UNK EA 34 -21.16 37.95 -73.80
N UNK EA 35 -20.91 37.43 -75.03
CA UNK EA 35 -20.38 38.22 -76.16
C UNK EA 35 -21.31 39.36 -76.61
N UNK EA 36 -22.63 39.06 -76.71
CA UNK EA 36 -23.67 40.02 -77.10
C UNK EA 36 -23.92 41.02 -75.97
N UNK EA 37 -23.80 40.56 -74.71
CA UNK EA 37 -23.98 41.38 -73.51
C UNK EA 37 -22.78 42.30 -73.27
N UNK EA 38 -21.56 41.85 -73.67
CA UNK EA 38 -20.30 42.60 -73.57
C UNK EA 38 -20.32 43.81 -74.48
N UNK EA 39 -20.82 43.64 -75.72
CA UNK EA 39 -20.95 44.70 -76.71
C UNK EA 39 -21.99 45.73 -76.27
N UNK EA 40 -23.05 45.27 -75.58
CA UNK EA 40 -24.13 46.10 -75.04
C UNK EA 40 -23.64 47.01 -73.91
N UNK EA 41 -22.73 46.50 -73.06
CA UNK EA 41 -22.12 47.25 -71.95
C UNK EA 41 -21.07 48.23 -72.47
N UNK EA 42 -20.30 47.82 -73.50
CA UNK EA 42 -19.26 48.64 -74.13
C UNK EA 42 -19.87 49.74 -75.00
N UNK EA 43 -21.07 49.51 -75.57
CA UNK EA 43 -21.79 50.47 -76.41
C UNK EA 43 -22.16 51.74 -75.65
N UNK EA 44 -22.65 51.59 -74.40
CA UNK EA 44 -23.04 52.72 -73.54
C UNK EA 44 -21.83 53.55 -73.10
N UNK EA 45 -20.71 52.88 -72.77
CA UNK EA 45 -19.48 53.52 -72.31
C UNK EA 45 -18.73 54.25 -73.45
N UNK EA 46 -18.66 53.63 -74.64
CA UNK EA 46 -17.98 54.20 -75.81
C UNK EA 46 -18.75 55.37 -76.43
N UNK EA 47 -20.09 55.25 -76.56
CA UNK EA 47 -20.96 56.29 -77.13
C UNK EA 47 -21.05 57.54 -76.25
N UNK EA 48 -20.87 57.37 -74.92
CA UNK EA 48 -20.87 58.47 -73.95
C UNK EA 48 -19.66 59.36 -74.19
N UNK EA 49 -18.50 58.75 -74.52
CA UNK EA 49 -17.24 59.44 -74.84
C UNK EA 49 -17.33 60.17 -76.19
N UNK EA 50 -18.13 59.62 -77.14
CA UNK EA 50 -18.38 60.19 -78.46
C UNK EA 50 -19.21 61.47 -78.33
N UNK EA 51 -20.11 61.51 -77.33
CA UNK EA 51 -20.95 62.66 -76.99
C UNK EA 51 -20.15 63.64 -76.11
N UNK EA 52 -19.23 63.10 -75.28
CA UNK EA 52 -18.36 63.89 -74.40
C UNK EA 52 -17.33 64.66 -75.24
N UNK EA 53 -16.77 64.01 -76.29
CA UNK EA 53 -15.82 64.63 -77.21
C UNK EA 53 -16.53 65.67 -78.07
N UNK EA 54 -17.83 65.44 -78.39
CA UNK EA 54 -18.68 66.35 -79.14
C UNK EA 54 -18.97 67.59 -78.30
N UNK EA 55 -19.15 67.41 -76.97
CA UNK EA 55 -19.38 68.47 -76.01
C UNK EA 55 -18.07 69.23 -75.79
N UNK EA 56 -16.93 68.51 -75.80
CA UNK EA 56 -15.58 69.06 -75.65
C UNK EA 56 -15.18 69.84 -76.90
N UNK EA 57 -15.71 69.46 -78.08
CA UNK EA 57 -15.46 70.12 -79.37
C UNK EA 57 -16.08 71.51 -79.34
N UNK EA 58 -17.30 71.63 -78.77
CA UNK EA 58 -18.03 72.89 -78.61
C UNK EA 58 -17.37 73.73 -77.51
N UNK EA 59 -16.85 73.07 -76.46
CA UNK EA 59 -16.16 73.69 -75.32
C UNK EA 59 -14.81 74.27 -75.75
N UNK EA 60 -14.10 73.57 -76.66
CA UNK EA 60 -12.81 74.02 -77.18
C UNK EA 60 -13.02 75.13 -78.21
N UNK EA 61 -14.19 75.11 -78.90
CA UNK EA 61 -14.57 76.11 -79.90
C UNK EA 61 -15.14 77.38 -79.23
N UNK EA 62 -15.45 77.29 -77.91
CA UNK EA 62 -15.98 78.40 -77.11
C UNK EA 62 -14.98 79.57 -76.99
N UNK EA 63 -13.69 79.31 -77.23
CA UNK EA 63 -12.64 80.32 -77.24
C UNK EA 63 -12.79 81.08 -78.56
N UNK EA 64 -13.69 82.09 -78.55
CA UNK EA 64 -14.06 82.93 -79.70
C UNK EA 64 -12.91 83.78 -80.27
N UNK EA 65 -11.83 83.95 -79.49
CA UNK EA 65 -10.59 84.70 -79.77
C UNK EA 65 -10.75 86.18 -79.42
N UNK EA 66 -10.96 86.44 -78.10
CA UNK EA 66 -11.12 87.76 -77.46
C UNK EA 66 -12.20 88.66 -78.11
N UNK EA 67 -12.06 90.01 -77.94
CA UNK EA 67 -12.95 91.06 -78.45
C UNK EA 67 -14.38 90.94 -77.90
N UNK EA 68 -14.58 91.44 -76.66
CA UNK EA 68 -15.85 91.46 -75.89
C UNK EA 68 -16.41 90.05 -75.57
N UNK EA 69 -17.45 90.00 -74.71
CA UNK EA 69 -18.10 88.77 -74.29
C UNK EA 69 -19.43 88.58 -75.01
N UNK FA 1 -23.48 80.54 -78.81
CA UNK FA 1 -22.84 81.15 -77.64
C UNK FA 1 -22.47 80.12 -76.57
N UNK FA 2 -21.69 80.55 -75.55
CA UNK FA 2 -21.24 79.71 -74.44
C UNK FA 2 -22.31 79.53 -73.36
N UNK FA 3 -23.33 80.41 -73.31
CA UNK FA 3 -24.43 80.38 -72.33
C UNK FA 3 -25.30 79.14 -72.51
N UNK FA 4 -25.60 78.76 -73.76
CA UNK FA 4 -26.41 77.58 -74.11
C UNK FA 4 -25.56 76.30 -74.01
N UNK FA 5 -24.22 76.44 -74.15
CA UNK FA 5 -23.24 75.34 -74.06
C UNK FA 5 -23.16 74.77 -72.65
N UNK FA 6 -23.62 75.54 -71.63
CA UNK FA 6 -23.68 75.15 -70.22
C UNK FA 6 -24.72 74.04 -70.03
N UNK FA 7 -25.77 74.05 -70.88
CA UNK FA 7 -26.85 73.05 -70.89
C UNK FA 7 -26.49 71.86 -71.81
N UNK FA 8 -25.18 71.71 -72.14
CA UNK FA 8 -24.64 70.65 -72.98
C UNK FA 8 -23.48 69.90 -72.31
N UNK FA 9 -22.71 70.62 -71.45
CA UNK FA 9 -21.57 70.05 -70.72
C UNK FA 9 -22.00 69.01 -69.68
N UNK FA 10 -23.08 69.30 -68.94
CA UNK FA 10 -23.62 68.40 -67.92
C UNK FA 10 -24.68 67.46 -68.49
N UNK FA 11 -25.41 67.90 -69.53
CA UNK FA 11 -26.49 67.13 -70.18
C UNK FA 11 -25.98 66.14 -71.23
N UNK FA 12 -25.52 66.64 -72.41
CA UNK FA 12 -25.04 65.81 -73.53
C UNK FA 12 -23.90 64.85 -73.14
N UNK FA 13 -22.99 65.32 -72.27
CA UNK FA 13 -21.88 64.51 -71.77
C UNK FA 13 -22.26 63.93 -70.40
N UNK FA 14 -22.44 62.60 -70.34
CA UNK FA 14 -22.83 61.89 -69.13
C UNK FA 14 -22.05 60.58 -68.96
N UNK FA 15 -21.07 60.58 -68.03
CA UNK FA 15 -20.22 59.43 -67.73
C UNK FA 15 -20.79 58.63 -66.55
N UNK GA 1 -77.95 -34.75 -22.71
CA UNK GA 1 -76.98 -33.67 -22.79
C UNK GA 1 -75.63 -34.07 -22.15
N UNK GA 2 -74.83 -34.86 -22.90
CA UNK GA 2 -73.51 -35.31 -22.48
C UNK GA 2 -72.54 -34.13 -22.54
N UNK GA 3 -72.34 -33.46 -21.37
CA UNK GA 3 -71.52 -32.27 -21.14
C UNK GA 3 -70.31 -32.11 -22.06
N UNK GA 4 -70.22 -30.96 -22.75
CA UNK GA 4 -69.16 -30.63 -23.70
C UNK GA 4 -67.80 -30.33 -23.04
N UNK GA 5 -67.80 -30.04 -21.70
CA UNK GA 5 -66.64 -29.70 -20.84
C UNK GA 5 -65.27 -30.13 -21.38
N UNK GA 6 -65.10 -31.42 -21.69
CA UNK GA 6 -63.87 -32.01 -22.24
C UNK GA 6 -64.20 -33.11 -23.27
N UNK GA 7 -65.47 -33.55 -23.31
CA UNK GA 7 -65.97 -34.57 -24.23
C UNK GA 7 -66.03 -34.05 -25.68
N UNK GA 8 -66.08 -32.73 -25.86
CA UNK GA 8 -66.11 -32.06 -27.17
C UNK GA 8 -64.75 -32.19 -27.89
N UNK GA 9 -63.66 -32.42 -27.12
CA UNK GA 9 -62.30 -32.61 -27.65
C UNK GA 9 -62.21 -33.95 -28.39
N UNK GA 10 -62.91 -34.99 -27.86
CA UNK GA 10 -62.99 -36.32 -28.46
C UNK GA 10 -63.98 -36.30 -29.61
N UNK GA 11 -65.06 -35.51 -29.48
CA UNK GA 11 -66.11 -35.35 -30.49
C UNK GA 11 -65.68 -34.41 -31.63
N UNK GA 12 -64.57 -33.67 -31.44
CA UNK GA 12 -64.00 -32.73 -32.41
C UNK GA 12 -63.65 -33.39 -33.74
N UNK GA 13 -63.09 -34.62 -33.69
CA UNK GA 13 -62.73 -35.41 -34.87
C UNK GA 13 -63.97 -35.80 -35.68
N UNK GA 14 -65.07 -36.12 -34.99
CA UNK GA 14 -66.35 -36.49 -35.59
C UNK GA 14 -67.09 -35.24 -36.11
N UNK GA 15 -66.96 -34.11 -35.40
CA UNK GA 15 -67.57 -32.83 -35.76
C UNK GA 15 -66.77 -32.08 -36.83
N UNK GA 16 -65.58 -32.61 -37.20
CA UNK GA 16 -64.68 -32.02 -38.20
C UNK GA 16 -65.24 -32.14 -39.62
N UNK GA 17 -65.92 -33.26 -39.92
CA UNK GA 17 -66.52 -33.52 -41.24
C UNK GA 17 -67.72 -32.62 -41.51
N UNK GA 18 -68.70 -32.58 -40.58
CA UNK GA 18 -69.91 -31.76 -40.72
C UNK GA 18 -69.65 -30.30 -40.30
N UNK GA 19 -68.85 -29.59 -41.11
CA UNK GA 19 -68.47 -28.19 -40.90
C UNK GA 19 -68.26 -27.45 -42.23
N UNK GA 20 -67.53 -28.09 -43.18
CA UNK GA 20 -67.21 -27.59 -44.52
C UNK GA 20 -66.55 -26.19 -44.46
N UNK GA 21 -65.41 -26.11 -43.75
CA UNK GA 21 -64.59 -24.91 -43.50
C UNK GA 21 -65.42 -23.75 -42.90
N UNK GA 22 -66.25 -24.07 -41.87
CA UNK GA 22 -67.13 -23.15 -41.16
C UNK GA 22 -66.36 -22.01 -40.48
N UNK GA 23 -67.01 -20.83 -40.35
CA UNK GA 23 -66.50 -19.59 -39.75
C UNK GA 23 -65.29 -19.03 -40.52
N UNK GA 24 -65.47 -18.83 -41.84
CA UNK GA 24 -64.47 -18.28 -42.76
C UNK GA 24 -64.72 -16.77 -42.98
N UNK GA 25 -65.37 -16.12 -41.99
CA UNK GA 25 -65.73 -14.70 -41.98
C UNK GA 25 -64.52 -13.77 -41.96
N UNK GA 26 -64.66 -12.60 -42.62
CA UNK GA 26 -63.63 -11.57 -42.72
C UNK GA 26 -63.55 -10.67 -41.49
N UNK HA 1 -73.01 -43.88 -30.93
CA UNK HA 1 -73.80 -44.86 -31.66
C UNK HA 1 -75.20 -44.34 -31.99
N UNK HA 2 -75.94 -43.84 -30.98
CA UNK HA 2 -77.30 -43.31 -31.12
C UNK HA 2 -77.36 -41.86 -30.64
N UNK HA 3 -76.93 -41.61 -29.38
CA UNK HA 3 -76.90 -40.28 -28.76
C UNK HA 3 -75.74 -39.45 -29.32
N UNK HA 4 -74.66 -40.12 -29.78
CA UNK HA 4 -73.47 -39.50 -30.36
C UNK HA 4 -73.78 -38.91 -31.75
N UNK HA 5 -74.74 -39.53 -32.48
CA UNK HA 5 -75.20 -39.09 -33.80
C UNK HA 5 -76.19 -37.92 -33.70
N UNK HA 6 -76.48 -37.48 -32.45
CA UNK HA 6 -77.35 -36.37 -32.09
C UNK HA 6 -76.51 -35.28 -31.42
N UNK HA 7 -75.56 -35.67 -30.54
CA UNK HA 7 -74.64 -34.77 -29.83
C UNK HA 7 -73.64 -34.11 -30.79
N UNK HA 8 -73.29 -34.82 -31.89
CA UNK HA 8 -72.39 -34.32 -32.93
C UNK HA 8 -73.21 -33.58 -33.98
N UNK HA 9 -74.49 -33.97 -34.17
CA UNK HA 9 -75.42 -33.35 -35.12
C UNK HA 9 -75.82 -31.96 -34.62
N UNK HA 10 -75.94 -31.80 -33.27
CA UNK HA 10 -76.27 -30.53 -32.62
C UNK HA 10 -75.08 -29.58 -32.69
N UNK HA 11 -73.86 -30.14 -32.67
CA UNK HA 11 -72.59 -29.40 -32.76
C UNK HA 11 -72.45 -28.74 -34.13
N UNK HA 12 -72.84 -29.46 -35.21
CA UNK HA 12 -72.81 -28.96 -36.59
C UNK HA 12 -73.90 -27.89 -36.75
N UNK HA 13 -75.07 -28.12 -36.10
CA UNK HA 13 -76.23 -27.20 -36.11
C UNK HA 13 -75.99 -25.96 -35.23
N UNK HA 14 -74.85 -25.92 -34.51
CA UNK HA 14 -74.43 -24.81 -33.65
C UNK HA 14 -73.32 -24.00 -34.32
N UNK HA 15 -72.42 -24.68 -35.06
CA UNK HA 15 -71.30 -24.06 -35.77
C UNK HA 15 -71.75 -23.46 -37.11
N UNK HA 16 -72.85 -23.97 -37.69
CA UNK HA 16 -73.42 -23.49 -38.97
C UNK HA 16 -74.49 -22.42 -38.76
N UNK HA 17 -75.20 -22.48 -37.61
CA UNK HA 17 -76.23 -21.49 -37.25
C UNK HA 17 -75.54 -20.19 -36.83
N UNK HA 18 -74.34 -20.32 -36.24
CA UNK HA 18 -73.51 -19.21 -35.82
C UNK HA 18 -72.74 -18.61 -37.01
N UNK HA 19 -72.73 -19.31 -38.18
CA UNK HA 19 -72.08 -18.84 -39.41
C UNK HA 19 -72.83 -17.63 -39.96
N UNK HA 20 -74.06 -17.41 -39.46
CA UNK HA 20 -74.94 -16.30 -39.77
C UNK HA 20 -75.15 -15.51 -38.47
N UNK HA 21 -74.14 -14.70 -38.11
CA UNK HA 21 -74.14 -13.85 -36.91
C UNK HA 21 -73.49 -12.49 -37.15
N UNK HA 22 -72.37 -12.47 -37.92
CA UNK HA 22 -71.56 -11.28 -38.30
C UNK HA 22 -71.07 -10.47 -37.11
N UNK IA 1 -70.57 -42.56 -24.94
CA UNK IA 1 -69.26 -43.09 -25.30
C UNK IA 1 -68.36 -43.30 -24.07
N UNK IA 2 -67.50 -44.35 -24.12
CA UNK IA 2 -66.55 -44.69 -23.06
C UNK IA 2 -65.46 -43.63 -22.91
N UNK IA 3 -65.02 -43.03 -24.04
CA UNK IA 3 -64.01 -41.97 -24.10
C UNK IA 3 -64.55 -40.65 -23.52
N UNK IA 4 -65.90 -40.45 -23.59
CA UNK IA 4 -66.61 -39.27 -23.07
C UNK IA 4 -66.64 -39.27 -21.52
N UNK IA 5 -65.97 -40.26 -20.90
CA UNK IA 5 -65.84 -40.45 -19.46
C UNK IA 5 -64.38 -40.80 -19.11
N UNK IA 6 -63.61 -41.30 -20.11
CA UNK IA 6 -62.20 -41.68 -19.97
C UNK IA 6 -61.25 -40.46 -19.96
N UNK IA 7 -61.64 -39.42 -19.20
CA UNK IA 7 -60.88 -38.17 -19.03
C UNK IA 7 -60.06 -38.22 -17.72
N UNK IA 8 -59.99 -39.41 -17.09
CA UNK IA 8 -59.24 -39.64 -15.85
C UNK IA 8 -57.72 -39.64 -16.07
N UNK IA 9 -57.28 -39.76 -17.35
CA UNK IA 9 -55.87 -39.77 -17.74
C UNK IA 9 -55.49 -38.49 -18.49
N UNK JA 1 -53.48 -41.71 -22.51
CA UNK JA 1 -53.35 -42.77 -23.50
C UNK JA 1 -54.70 -43.06 -24.16
N UNK JA 2 -55.54 -43.92 -23.51
CA UNK JA 2 -56.89 -44.35 -23.90
C UNK JA 2 -56.96 -45.09 -25.25
N UNK JA 3 -57.35 -46.38 -25.21
CA UNK JA 3 -57.51 -47.25 -26.38
C UNK JA 3 -59.00 -47.47 -26.67
N UNK JA 4 -59.86 -47.21 -25.66
CA UNK JA 4 -61.33 -47.33 -25.73
C UNK JA 4 -61.95 -46.31 -26.69
N UNK JA 5 -61.22 -45.20 -26.97
CA UNK JA 5 -61.63 -44.14 -27.89
C UNK JA 5 -61.72 -44.66 -29.33
N UNK JA 6 -60.82 -45.60 -29.70
CA UNK JA 6 -60.77 -46.23 -31.02
C UNK JA 6 -62.00 -47.12 -31.24
N UNK JA 7 -62.49 -47.78 -30.16
CA UNK JA 7 -63.67 -48.65 -30.17
C UNK JA 7 -64.96 -47.83 -30.29
N UNK JA 8 -64.97 -46.61 -29.68
CA UNK JA 8 -66.10 -45.67 -29.70
C UNK JA 8 -66.16 -44.91 -31.04
N UNK JA 9 -65.03 -44.86 -31.76
CA UNK JA 9 -64.91 -44.21 -33.07
C UNK JA 9 -65.24 -45.20 -34.20
N UNK JA 10 -65.14 -46.52 -33.92
CA UNK JA 10 -65.43 -47.60 -34.86
C UNK JA 10 -66.93 -47.67 -35.19
N UNK JA 11 -67.79 -47.38 -34.19
CA UNK JA 11 -69.24 -47.36 -34.33
C UNK JA 11 -69.68 -46.09 -35.07
N UNK JA 12 -68.85 -45.02 -34.99
CA UNK JA 12 -69.08 -43.73 -35.65
C UNK JA 12 -68.87 -43.82 -37.18
N UNK JA 13 -68.11 -44.85 -37.64
CA UNK JA 13 -67.85 -45.12 -39.06
C UNK JA 13 -69.15 -45.52 -39.78
N UNK JA 14 -70.10 -46.11 -39.01
CA UNK JA 14 -71.42 -46.53 -39.48
C UNK JA 14 -72.46 -45.51 -38.96
N UNK JA 15 -72.11 -44.21 -39.00
CA UNK JA 15 -72.95 -43.09 -38.56
C UNK JA 15 -72.63 -41.78 -39.29
N UNK JA 16 -71.34 -41.42 -39.40
CA UNK JA 16 -70.88 -40.19 -40.07
C UNK JA 16 -69.51 -40.37 -40.76
N UNK KA 1 -65.04 -56.22 -33.55
CA UNK KA 1 -66.43 -56.03 -33.93
C UNK KA 1 -67.38 -56.90 -33.09
N UNK KA 2 -67.06 -58.21 -32.94
CA UNK KA 2 -67.86 -59.15 -32.16
C UNK KA 2 -67.09 -59.57 -30.90
N UNK KA 3 -66.15 -60.53 -31.03
CA UNK KA 3 -65.30 -61.00 -29.92
C UNK KA 3 -64.20 -60.00 -29.65
N UNK KA 4 -63.71 -59.32 -30.71
CA UNK KA 4 -62.66 -58.30 -30.66
C UNK KA 4 -63.16 -57.06 -29.90
N UNK KA 5 -64.46 -56.73 -30.05
CA UNK KA 5 -65.10 -55.61 -29.36
C UNK KA 5 -65.25 -55.91 -27.88
N UNK KA 6 -65.53 -57.18 -27.53
CA UNK KA 6 -65.67 -57.65 -26.15
C UNK KA 6 -64.32 -57.61 -25.44
N UNK KA 7 -63.24 -57.97 -26.15
CA UNK KA 7 -61.85 -57.96 -25.64
C UNK KA 7 -61.35 -56.55 -25.38
N UNK KA 8 -61.80 -55.57 -26.19
CA UNK KA 8 -61.42 -54.16 -26.08
C UNK KA 8 -62.23 -53.43 -25.00
N UNK KA 9 -63.54 -53.72 -24.89
CA UNK KA 9 -64.46 -53.09 -23.93
C UNK KA 9 -64.23 -53.54 -22.48
N UNK KA 10 -63.75 -54.78 -22.27
CA UNK KA 10 -63.50 -55.34 -20.93
C UNK KA 10 -62.31 -54.69 -20.22
N UNK KA 11 -61.28 -54.25 -20.98
CA UNK KA 11 -60.07 -53.63 -20.46
C UNK KA 11 -60.22 -52.14 -20.11
N UNK KA 12 -61.33 -51.49 -20.57
CA UNK KA 12 -61.67 -50.07 -20.40
C UNK KA 12 -61.28 -49.46 -19.04
N UNK KA 13 -61.78 -50.04 -17.93
CA UNK KA 13 -61.50 -49.55 -16.59
C UNK KA 13 -60.62 -50.52 -15.83
N UNK LA 1 -82.78 -21.87 -20.62
CA UNK LA 1 -82.01 -21.49 -19.43
C UNK LA 1 -81.15 -22.63 -18.91
N UNK LA 2 -81.66 -23.88 -18.97
CA UNK LA 2 -80.96 -25.08 -18.52
C UNK LA 2 -79.81 -25.44 -19.47
N UNK LA 3 -80.13 -25.64 -20.77
CA UNK LA 3 -79.14 -25.91 -21.82
C UNK LA 3 -78.54 -24.58 -22.27
N UNK LA 4 -79.26 -23.48 -22.00
CA UNK LA 4 -78.87 -22.10 -22.31
C UNK LA 4 -78.13 -21.44 -21.13
N UNK LA 5 -77.53 -22.26 -20.23
CA UNK LA 5 -76.73 -21.81 -19.09
C UNK LA 5 -75.38 -21.29 -19.59
N UNK LA 6 -74.98 -21.73 -20.79
CA UNK LA 6 -73.77 -21.32 -21.51
C UNK LA 6 -74.13 -20.18 -22.49
N UNK LA 7 -75.34 -19.60 -22.33
CA UNK LA 7 -75.90 -18.50 -23.11
C UNK LA 7 -76.55 -17.45 -22.18
N UNK LA 8 -76.35 -17.60 -20.85
CA UNK LA 8 -76.88 -16.71 -19.82
C UNK LA 8 -75.78 -16.25 -18.85
N UNK LA 9 -74.88 -17.18 -18.43
CA UNK LA 9 -73.78 -16.91 -17.51
C UNK LA 9 -72.41 -16.85 -18.20
N UNK LA 10 -72.26 -17.52 -19.37
CA UNK LA 10 -71.02 -17.56 -20.15
C UNK LA 10 -70.69 -16.21 -20.79
N UNK LA 11 -71.73 -15.37 -21.06
CA UNK LA 11 -71.58 -14.03 -21.63
C UNK LA 11 -71.00 -13.05 -20.60
N UNK LA 12 -71.19 -13.35 -19.29
CA UNK LA 12 -70.69 -12.57 -18.15
C UNK LA 12 -69.18 -12.85 -17.90
N UNK LA 13 -68.53 -13.49 -18.89
CA UNK LA 13 -67.11 -13.85 -18.92
C UNK LA 13 -66.65 -13.80 -20.39
N UNK LA 14 -66.77 -12.59 -21.00
CA UNK LA 14 -66.43 -12.32 -22.40
C UNK LA 14 -64.91 -12.24 -22.67
N UNK LA 15 -64.53 -12.10 -23.96
CA UNK LA 15 -63.16 -12.00 -24.50
C UNK LA 15 -62.39 -13.32 -24.40
N UNK LA 16 -62.14 -13.94 -25.56
CA UNK LA 16 -61.41 -15.20 -25.74
C UNK LA 16 -60.62 -15.16 -27.06
N UNK LA 17 -59.35 -15.62 -27.02
CA UNK LA 17 -58.44 -15.62 -28.17
C UNK LA 17 -58.91 -16.54 -29.32
N UNK LA 18 -58.59 -17.86 -29.26
CA UNK LA 18 -58.95 -18.84 -30.28
C UNK LA 18 -59.61 -20.06 -29.66
N UNK MA 1 -83.14 -10.66 -33.31
CA UNK MA 1 -83.16 -9.57 -32.34
C UNK MA 1 -82.65 -10.05 -30.98
N UNK MA 2 -81.35 -9.80 -30.70
CA UNK MA 2 -80.68 -10.21 -29.47
C UNK MA 2 -80.59 -9.12 -28.42
N UNK MA 3 -80.73 -9.51 -27.14
CA UNK MA 3 -80.66 -8.67 -25.93
C UNK MA 3 -80.43 -9.56 -24.71
N UNK MA 4 -79.47 -9.17 -23.83
CA UNK MA 4 -79.12 -9.93 -22.64
C UNK MA 4 -78.75 -9.06 -21.42
N UNK MA 5 -78.34 -9.70 -20.29
CA UNK MA 5 -77.92 -9.10 -19.01
C UNK MA 5 -79.01 -8.20 -18.39
N UNK MA 6 -78.61 -7.11 -17.70
CA UNK MA 6 -79.53 -6.16 -17.06
C UNK MA 6 -79.98 -5.08 -18.04
N UNK MA 7 -81.29 -5.07 -18.37
CA UNK MA 7 -81.89 -4.11 -19.29
C UNK MA 7 -82.69 -3.04 -18.53
N UNK MA 8 -82.01 -2.34 -17.61
CA UNK MA 8 -82.60 -1.28 -16.79
C UNK MA 8 -82.59 0.03 -17.58
N UNK MA 9 -83.71 0.32 -18.28
CA UNK MA 9 -83.87 1.52 -19.11
C UNK MA 9 -84.26 2.73 -18.29
N UNK NA 1 19.93 54.39 -24.18
CA UNK NA 1 19.34 55.42 -23.34
C UNK NA 1 18.21 54.86 -22.46
N UNK NA 2 18.21 55.24 -21.16
CA UNK NA 2 17.22 54.81 -20.17
C UNK NA 2 16.29 55.95 -19.73
N UNK NA 3 16.74 57.21 -19.89
CA UNK NA 3 15.99 58.42 -19.53
C UNK NA 3 14.76 58.60 -20.44
N UNK NA 4 14.96 58.47 -21.76
CA UNK NA 4 13.90 58.58 -22.78
C UNK NA 4 13.07 57.30 -22.82
N UNK NA 5 13.68 56.15 -22.44
CA UNK NA 5 13.04 54.82 -22.40
C UNK NA 5 11.91 54.73 -21.37
N UNK NA 6 11.93 55.62 -20.35
CA UNK NA 6 10.92 55.69 -19.30
C UNK NA 6 9.56 56.14 -19.88
N UNK NA 7 9.59 57.14 -20.78
CA UNK NA 7 8.42 57.68 -21.45
C UNK NA 7 8.01 56.78 -22.62
N UNK NA 8 8.93 55.95 -23.14
CA UNK NA 8 8.70 55.02 -24.25
C UNK NA 8 7.69 53.94 -23.87
N UNK NA 9 7.88 53.28 -22.71
CA UNK NA 9 6.95 52.26 -22.19
C UNK NA 9 5.82 52.91 -21.37
N UNK NA 10 5.60 54.23 -21.57
CA UNK NA 10 4.58 55.05 -20.92
C UNK NA 10 3.74 55.82 -21.97
N UNK NA 11 4.16 55.81 -23.25
CA UNK NA 11 3.49 56.42 -24.39
C UNK NA 11 3.00 55.33 -25.34
N UNK NA 12 3.84 54.30 -25.60
CA UNK NA 12 3.49 53.11 -26.38
C UNK NA 12 2.64 52.22 -25.45
N UNK NA 13 2.27 52.83 -24.31
CA UNK NA 13 1.42 52.32 -23.25
C UNK NA 13 0.47 53.43 -22.82
N UNK NA 14 -0.73 53.00 -22.47
CA UNK NA 14 -1.92 53.67 -21.99
C UNK NA 14 -2.86 52.47 -22.07
N UNK NA 15 -3.99 52.55 -22.83
CA UNK NA 15 -4.95 51.46 -23.06
C UNK NA 15 -5.43 50.78 -21.76
N UNK NA 16 -4.57 49.93 -21.13
CA UNK NA 16 -4.77 49.21 -19.86
C UNK NA 16 -5.34 50.12 -18.76
N UNK NA 17 -4.94 51.41 -18.75
CA UNK NA 17 -5.41 52.43 -17.80
C UNK NA 17 -6.72 53.02 -18.31
N UNK NA 18 -7.71 53.18 -17.41
CA UNK NA 18 -9.03 53.73 -17.71
C UNK NA 18 -9.01 55.25 -17.96
N UNK NA 19 -10.16 55.82 -18.37
CA UNK NA 19 -10.30 57.25 -18.65
C UNK NA 19 -11.40 57.93 -17.82
N UNK NA 20 -11.20 59.22 -17.52
CA UNK NA 20 -12.14 60.07 -16.77
C UNK NA 20 -12.99 60.89 -17.75
N UNK NA 21 -12.65 60.79 -19.06
CA UNK NA 21 -13.30 61.45 -20.20
C UNK NA 21 -14.67 60.79 -20.53
N UNK NA 22 -15.73 61.51 -21.02
CA UNK NA 22 -15.93 62.92 -21.43
C UNK NA 22 -15.65 63.12 -22.91
N UNK NA 23 -14.45 62.71 -23.38
CA UNK NA 23 -14.03 62.78 -24.78
C UNK NA 23 -14.54 61.57 -25.54
N UNK NA 24 -14.74 60.43 -24.82
CA UNK NA 24 -15.28 59.19 -25.39
C UNK NA 24 -16.75 59.40 -25.75
N UNK NA 25 -17.45 60.22 -24.95
CA UNK NA 25 -18.84 60.63 -25.16
C UNK NA 25 -18.87 61.68 -26.29
N UNK NA 26 -17.77 62.45 -26.43
CA UNK NA 26 -17.58 63.47 -27.47
C UNK NA 26 -17.21 62.83 -28.83
N UNK NA 27 -16.99 61.50 -28.85
CA UNK NA 27 -16.68 60.73 -30.05
C UNK NA 27 -17.97 60.23 -30.72
N UNK NA 28 -19.05 60.11 -29.92
CA UNK NA 28 -20.38 59.68 -30.37
C UNK NA 28 -21.29 60.88 -30.64
N UNK NA 29 -21.25 61.90 -29.76
CA UNK NA 29 -22.04 63.13 -29.86
C UNK NA 29 -21.67 63.98 -31.08
N UNK NA 30 -20.36 64.18 -31.32
CA UNK NA 30 -19.86 64.96 -32.46
C UNK NA 30 -20.06 64.23 -33.78
N UNK NA 31 -20.07 62.88 -33.75
CA UNK NA 31 -20.28 62.02 -34.92
C UNK NA 31 -21.68 62.18 -35.48
N UNK NA 32 -22.70 62.29 -34.60
CA UNK NA 32 -24.12 62.47 -34.94
C UNK NA 32 -24.40 63.81 -35.61
N UNK NA 33 -23.73 64.90 -35.15
CA UNK NA 33 -23.86 66.26 -35.67
C UNK NA 33 -23.46 66.36 -37.14
N UNK NA 34 -22.41 65.62 -37.53
CA UNK NA 34 -21.93 65.57 -38.91
C UNK NA 34 -22.59 64.42 -39.70
N UNK NA 35 -23.18 63.43 -38.98
CA UNK NA 35 -23.90 62.29 -39.58
C UNK NA 35 -25.21 62.77 -40.17
N UNK NA 36 -25.87 63.73 -39.48
CA UNK NA 36 -27.12 64.37 -39.91
C UNK NA 36 -26.84 65.25 -41.12
N UNK NA 37 -25.65 65.89 -41.15
CA UNK NA 37 -25.19 66.74 -42.24
C UNK NA 37 -24.82 65.90 -43.47
N UNK NA 38 -24.57 64.59 -43.27
CA UNK NA 38 -24.21 63.64 -44.32
C UNK NA 38 -25.44 62.88 -44.86
N UNK NA 39 -26.25 62.27 -43.95
CA UNK NA 39 -27.47 61.52 -44.29
C UNK NA 39 -28.48 62.41 -45.02
N UNK NA 40 -28.76 63.60 -44.46
CA UNK NA 40 -29.65 64.58 -45.06
C UNK NA 40 -28.86 65.49 -46.02
N UNK NA 41 -29.56 66.42 -46.70
CA UNK NA 41 -29.01 67.38 -47.67
C UNK NA 41 -28.36 66.66 -48.87
N UNK NA 42 -29.15 65.83 -49.56
CA UNK NA 42 -28.73 65.10 -50.77
C UNK NA 42 -29.04 66.04 -51.94
N UNK NA 43 -28.14 67.03 -52.15
CA UNK NA 43 -28.21 68.11 -53.14
C UNK NA 43 -29.34 69.12 -52.84
N UNK NA 44 -29.37 70.25 -53.57
CA UNK NA 44 -30.37 71.31 -53.39
C UNK NA 44 -31.73 71.00 -54.07
N UNK NA 45 -31.81 69.84 -54.80
CA UNK NA 45 -32.98 69.36 -55.55
C UNK NA 45 -33.35 70.28 -56.74
N UNK NA 46 -32.69 71.45 -56.82
CA UNK NA 46 -32.84 72.49 -57.84
C UNK NA 46 -31.53 73.31 -57.91
N UNK NA 47 -31.55 74.47 -58.61
CA UNK NA 47 -30.39 75.36 -58.76
C UNK NA 47 -29.98 76.04 -57.44
N UNK OA 1 -28.29 23.31 2.46
CA UNK OA 1 -29.02 24.50 2.00
C UNK OA 1 -29.75 25.22 3.15
N UNK OA 2 -29.36 24.95 4.41
CA UNK OA 2 -29.93 25.57 5.61
C UNK OA 2 -29.67 27.07 5.66
N UNK OA 3 -28.45 27.49 5.26
CA UNK OA 3 -28.02 28.89 5.21
C UNK OA 3 -27.62 29.30 3.79
N UNK OA 4 -27.24 28.30 2.94
CA UNK OA 4 -26.83 28.48 1.55
C UNK OA 4 -27.95 28.99 0.64
N UNK OA 5 -29.23 28.67 0.98
CA UNK OA 5 -30.40 29.13 0.24
C UNK OA 5 -30.71 30.60 0.57
N UNK OA 6 -30.12 31.13 1.65
CA UNK OA 6 -30.25 32.51 2.13
C UNK OA 6 -28.98 33.32 1.86
N UNK OA 7 -27.84 32.63 1.65
CA UNK OA 7 -26.54 33.26 1.37
C UNK OA 7 -25.96 32.81 0.02
N UNK OA 8 -26.46 33.43 -1.08
CA UNK OA 8 -26.05 33.17 -2.45
C UNK OA 8 -26.36 34.39 -3.34
N UNK OA 9 -27.09 34.20 -4.46
CA UNK OA 9 -27.49 35.25 -5.39
C UNK OA 9 -28.81 34.91 -6.09
N UNK OA 10 -29.92 35.10 -5.36
CA UNK OA 10 -31.28 34.85 -5.84
C UNK OA 10 -31.89 36.14 -6.41
N UNK OA 11 -31.80 37.25 -5.65
CA UNK OA 11 -32.29 38.59 -6.01
C UNK OA 11 -31.73 39.11 -7.34
N UNK OA 12 -30.47 38.75 -7.65
CA UNK OA 12 -29.80 39.13 -8.90
C UNK OA 12 -30.48 38.36 -10.03
N UNK OA 13 -31.35 39.08 -10.79
CA UNK OA 13 -32.21 38.65 -11.91
C UNK OA 13 -33.66 38.36 -11.49
N UNK OA 14 -33.94 38.28 -10.16
CA UNK OA 14 -35.28 38.03 -9.63
C UNK OA 14 -36.08 39.33 -9.54
N UNK OA 15 -35.46 40.41 -9.05
CA UNK OA 15 -36.08 41.73 -8.89
C UNK OA 15 -35.47 42.77 -9.85
N UNK OA 16 -34.48 42.34 -10.66
CA UNK OA 16 -33.79 43.20 -11.62
C UNK OA 16 -34.19 42.89 -13.07
N UNK OA 17 -34.00 41.62 -13.51
CA UNK OA 17 -34.33 41.18 -14.86
C UNK OA 17 -35.84 41.09 -15.13
N UNK OA 18 -36.63 40.79 -14.08
CA UNK OA 18 -38.09 40.67 -14.13
C UNK OA 18 -38.77 41.91 -14.72
N UNK OA 19 -38.33 43.10 -14.29
CA UNK OA 19 -38.87 44.39 -14.75
C UNK OA 19 -38.03 45.00 -15.91
N UNK OA 20 -36.92 44.32 -16.28
CA UNK OA 20 -36.01 44.76 -17.33
C UNK OA 20 -36.58 44.61 -18.75
N UNK OA 21 -36.28 43.48 -19.44
CA UNK OA 21 -36.71 43.18 -20.81
C UNK OA 21 -38.23 43.23 -21.03
N UNK OA 22 -39.01 43.09 -19.95
CA UNK OA 22 -40.48 43.13 -19.97
C UNK OA 22 -41.04 44.53 -20.25
N UNK OA 23 -40.23 45.60 -20.08
CA UNK OA 23 -40.60 47.01 -20.29
C UNK OA 23 -40.97 47.35 -21.75
N UNK OA 24 -40.47 46.57 -22.72
CA UNK OA 24 -40.72 46.77 -24.16
C UNK OA 24 -42.19 46.54 -24.53
N UNK OA 25 -42.84 47.57 -25.10
CA UNK OA 25 -44.23 47.55 -25.54
C UNK OA 25 -44.49 48.53 -26.68
N UNK OA 26 -43.90 49.76 -26.58
CA UNK OA 26 -44.03 50.81 -27.58
C UNK OA 26 -42.76 50.96 -28.42
N UNK PA 1 -38.73 48.07 -35.50
CA UNK PA 1 -39.27 46.71 -35.55
C UNK PA 1 -38.56 45.81 -34.54
N UNK PA 2 -37.24 45.60 -34.72
CA UNK PA 2 -36.39 44.80 -33.84
C UNK PA 2 -35.74 45.68 -32.76
N UNK PA 3 -35.98 47.02 -32.84
CA UNK PA 3 -35.48 48.03 -31.92
C UNK PA 3 -36.03 47.87 -30.49
N UNK PA 4 -37.10 47.06 -30.32
CA UNK PA 4 -37.74 46.75 -29.04
C UNK PA 4 -36.75 46.02 -28.12
N UNK PA 5 -35.96 45.08 -28.70
CA UNK PA 5 -34.93 44.34 -27.97
C UNK PA 5 -33.75 45.25 -27.63
N UNK PA 6 -33.45 46.23 -28.52
CA UNK PA 6 -32.39 47.24 -28.35
C UNK PA 6 -32.77 48.23 -27.25
N UNK PA 7 -34.09 48.46 -27.05
CA UNK PA 7 -34.63 49.33 -26.01
C UNK PA 7 -34.71 48.54 -24.71
N UNK PA 8 -35.05 47.23 -24.79
CA UNK PA 8 -35.12 46.31 -23.65
C UNK PA 8 -33.72 45.99 -23.13
N UNK PA 9 -32.70 46.18 -24.01
CA UNK PA 9 -31.28 45.96 -23.72
C UNK PA 9 -30.79 46.94 -22.66
N UNK PA 10 -31.16 48.23 -22.79
CA UNK PA 10 -30.80 49.31 -21.85
C UNK PA 10 -31.43 49.07 -20.48
N UNK PA 11 -32.61 48.42 -20.45
CA UNK PA 11 -33.33 48.07 -19.23
C UNK PA 11 -32.61 46.95 -18.46
N UNK PA 12 -32.12 45.92 -19.18
CA UNK PA 12 -31.37 44.80 -18.62
C UNK PA 12 -29.94 45.24 -18.26
N UNK PA 13 -29.49 46.32 -18.90
CA UNK PA 13 -28.17 46.94 -18.72
C UNK PA 13 -28.11 47.78 -17.45
N UNK PA 14 -29.12 48.65 -17.24
CA UNK PA 14 -29.23 49.52 -16.07
C UNK PA 14 -29.47 48.71 -14.80
N UNK PA 15 -30.16 47.54 -14.93
CA UNK PA 15 -30.45 46.61 -13.84
C UNK PA 15 -29.26 45.65 -13.60
N UNK PA 16 -28.05 46.22 -13.55
CA UNK PA 16 -26.78 45.51 -13.32
C UNK PA 16 -25.85 46.47 -12.56
N UNK PA 17 -26.17 46.72 -11.28
CA UNK PA 17 -25.44 47.62 -10.41
C UNK PA 17 -24.04 47.10 -10.06
N UNK PA 18 -23.94 46.15 -9.10
CA UNK PA 18 -22.70 45.53 -8.61
C UNK PA 18 -21.64 46.56 -8.18
N UNK PA 19 -20.84 47.08 -9.14
CA UNK PA 19 -19.81 48.08 -8.89
C UNK PA 19 -20.44 49.47 -8.72
N UNK PA 20 -21.52 49.75 -9.49
CA UNK PA 20 -22.32 50.99 -9.51
C UNK PA 20 -21.52 52.25 -9.95
N UNK PA 21 -20.35 52.06 -10.61
CA UNK PA 21 -19.52 53.15 -11.11
C UNK PA 21 -19.45 53.12 -12.63
N UNK PA 22 -18.71 52.14 -13.20
CA UNK PA 22 -18.57 51.95 -14.64
C UNK PA 22 -19.60 50.97 -15.15
N UNK PA 23 -19.88 49.90 -14.36
CA UNK PA 23 -20.82 48.81 -14.65
C UNK PA 23 -22.21 49.26 -15.12
N UNK PA 24 -22.74 50.37 -14.56
CA UNK PA 24 -24.05 50.92 -14.91
C UNK PA 24 -24.06 51.57 -16.30
N UNK PA 25 -22.92 52.17 -16.72
CA UNK PA 25 -22.76 52.85 -18.01
C UNK PA 25 -22.16 51.95 -19.09
N UNK PA 26 -21.22 51.05 -18.72
CA UNK PA 26 -20.55 50.12 -19.62
C UNK PA 26 -21.53 49.09 -20.18
N UNK PA 27 -22.39 48.53 -19.32
CA UNK PA 27 -23.42 47.57 -19.72
C UNK PA 27 -24.48 48.28 -20.55
N UNK PA 28 -24.79 49.57 -20.23
CA UNK PA 28 -25.75 50.42 -20.93
C UNK PA 28 -25.50 50.57 -22.43
N UNK PA 29 -24.29 50.17 -22.89
CA UNK PA 29 -23.87 50.19 -24.28
C UNK PA 29 -23.52 48.77 -24.77
N UNK PA 30 -22.89 47.94 -23.90
CA UNK PA 30 -22.49 46.56 -24.20
C UNK PA 30 -23.71 45.66 -24.41
N UNK PA 31 -24.70 45.72 -23.49
CA UNK PA 31 -25.95 44.96 -23.60
C UNK PA 31 -26.81 45.54 -24.72
N UNK PA 32 -26.68 46.87 -24.97
CA UNK PA 32 -27.37 47.62 -26.03
C UNK PA 32 -26.90 47.22 -27.44
N UNK PA 33 -26.07 46.16 -27.52
CA UNK PA 33 -25.51 45.57 -28.73
C UNK PA 33 -25.73 44.05 -28.68
N UNK PA 34 -25.68 43.47 -27.46
CA UNK PA 34 -25.88 42.04 -27.20
C UNK PA 34 -27.30 41.58 -27.54
N UNK PA 35 -28.30 42.41 -27.23
CA UNK PA 35 -29.71 42.13 -27.54
C UNK PA 35 -30.05 42.58 -28.96
N UNK PA 36 -29.35 43.61 -29.47
CA UNK PA 36 -29.51 44.15 -30.83
C UNK PA 36 -29.03 43.14 -31.88
N UNK PA 37 -27.95 42.39 -31.56
CA UNK PA 37 -27.40 41.33 -32.43
C UNK PA 37 -28.36 40.15 -32.46
N UNK PA 38 -29.01 39.86 -31.31
CA UNK PA 38 -30.01 38.80 -31.15
C UNK PA 38 -31.32 39.21 -31.81
N UNK PA 39 -31.58 40.53 -31.92
CA UNK PA 39 -32.77 41.11 -32.54
C UNK PA 39 -32.78 40.92 -34.06
N UNK PA 40 -31.60 40.76 -34.68
CA UNK PA 40 -31.42 40.54 -36.12
C UNK PA 40 -32.05 39.22 -36.60
N UNK PA 41 -32.21 38.25 -35.68
CA UNK PA 41 -32.82 36.94 -35.94
C UNK PA 41 -33.99 36.69 -34.96
N UNK PA 42 -33.67 36.41 -33.67
CA UNK PA 42 -34.58 36.16 -32.53
C UNK PA 42 -35.53 34.96 -32.72
N UNK PA 43 -36.48 35.02 -33.67
CA UNK PA 43 -37.46 33.95 -33.91
C UNK PA 43 -37.72 33.65 -35.39
N UNK PA 44 -38.34 32.48 -35.67
CA UNK PA 44 -38.76 31.93 -36.97
C UNK PA 44 -37.57 31.50 -37.88
N UNK PA 45 -37.90 30.67 -38.91
CA UNK PA 45 -36.95 30.15 -39.88
C UNK PA 45 -37.59 30.09 -41.29
N UNK PA 46 -37.15 31.01 -42.18
CA UNK PA 46 -37.63 31.12 -43.56
C UNK PA 46 -36.58 31.76 -44.47
N UNK PA 47 -35.84 30.92 -45.22
CA UNK PA 47 -34.79 31.33 -46.17
C UNK PA 47 -34.55 30.25 -47.24
N UNK PA 48 -35.04 29.02 -46.99
CA UNK PA 48 -34.92 27.88 -47.90
C UNK PA 48 -36.25 27.62 -48.60
N UNK QA 1 -5.52 85.75 -20.41
CA UNK QA 1 -6.94 86.10 -20.47
C UNK QA 1 -7.15 87.60 -20.61
N UNK QA 2 -6.51 88.41 -19.74
CA UNK QA 2 -6.59 89.88 -19.74
C UNK QA 2 -5.94 90.47 -20.99
N UNK QA 3 -4.84 89.83 -21.48
CA UNK QA 3 -4.11 90.22 -22.69
C UNK QA 3 -4.97 89.91 -23.92
N UNK QA 4 -5.72 88.79 -23.89
CA UNK QA 4 -6.62 88.34 -24.95
C UNK QA 4 -7.87 89.23 -25.04
N UNK QA 5 -8.30 89.79 -23.88
CA UNK QA 5 -9.45 90.70 -23.77
C UNK QA 5 -9.06 92.07 -24.33
N UNK QA 6 -7.81 92.52 -24.05
CA UNK QA 6 -7.24 93.77 -24.56
C UNK QA 6 -6.99 93.63 -26.06
N UNK QA 7 -6.73 92.39 -26.52
CA UNK QA 7 -6.53 92.03 -27.93
C UNK QA 7 -7.86 92.12 -28.69
N UNK QA 8 -8.94 91.60 -28.08
CA UNK QA 8 -10.29 91.63 -28.64
C UNK QA 8 -10.79 93.07 -28.70
N UNK QA 9 -10.44 93.90 -27.70
CA UNK QA 9 -10.79 95.32 -27.57
C UNK QA 9 -10.12 96.17 -28.67
N UNK QA 10 -8.82 95.91 -28.97
CA UNK QA 10 -8.05 96.62 -29.99
C UNK QA 10 -8.60 96.32 -31.40
N UNK QA 11 -9.06 95.07 -31.63
CA UNK QA 11 -9.65 94.62 -32.88
C UNK QA 11 -11.11 95.07 -33.01
N UNK QA 12 -11.84 95.13 -31.87
CA UNK QA 12 -13.25 95.56 -31.85
C UNK QA 12 -13.42 97.06 -31.94
N UNK QA 13 -12.61 97.86 -31.20
CA UNK QA 13 -12.69 99.33 -31.21
C UNK QA 13 -12.48 99.95 -32.59
N UNK QA 14 -11.55 99.38 -33.39
CA UNK QA 14 -11.25 99.83 -34.74
C UNK QA 14 -12.34 99.42 -35.73
N UNK QA 15 -12.84 98.17 -35.62
CA UNK QA 15 -13.89 97.62 -36.48
C UNK QA 15 -15.26 98.24 -36.22
N UNK QA 16 -15.60 98.48 -34.94
CA UNK QA 16 -16.87 99.09 -34.52
C UNK QA 16 -16.97 100.55 -34.92
N UNK QA 17 -15.83 101.27 -34.93
CA UNK QA 17 -15.74 102.69 -35.31
C UNK QA 17 -16.13 102.87 -36.79
N UNK QA 18 -15.64 101.98 -37.66
CA UNK QA 18 -15.93 101.99 -39.09
C UNK QA 18 -17.34 101.48 -39.39
N UNK QA 19 -17.88 100.60 -38.52
CA UNK QA 19 -19.22 100.02 -38.64
C UNK QA 19 -20.32 100.95 -38.16
N UNK QA 20 -20.12 101.63 -37.00
CA UNK QA 20 -21.09 102.56 -36.42
C UNK QA 20 -21.26 103.82 -37.28
N UNK QA 21 -20.13 104.43 -37.70
CA UNK QA 21 -20.13 105.61 -38.55
C UNK QA 21 -20.31 105.18 -40.01
N UNK QA 22 -21.47 105.53 -40.60
CA UNK QA 22 -21.82 105.19 -41.98
C UNK QA 22 -22.50 106.36 -42.72
N UNK QA 23 -22.49 107.55 -42.11
CA UNK QA 23 -23.08 108.77 -42.67
C UNK QA 23 -22.01 109.78 -43.05
N UNK RA 1 33.67 105.54 -55.91
CA UNK RA 1 32.37 104.94 -55.61
C UNK RA 1 31.53 105.82 -54.68
N UNK RA 2 32.18 106.45 -53.68
CA UNK RA 2 31.54 107.33 -52.69
C UNK RA 2 31.00 108.63 -53.33
N UNK RA 3 31.73 109.16 -54.33
CA UNK RA 3 31.36 110.39 -55.06
C UNK RA 3 30.15 110.18 -55.97
N UNK RA 4 30.07 109.01 -56.66
CA UNK RA 4 28.97 108.63 -57.54
C UNK RA 4 27.67 108.45 -56.75
N UNK RA 5 27.79 107.92 -55.52
CA UNK RA 5 26.69 107.70 -54.59
C UNK RA 5 26.10 109.04 -54.10
N UNK RA 6 26.96 110.04 -53.81
CA UNK RA 6 26.55 111.39 -53.38
C UNK RA 6 25.80 112.14 -54.49
N UNK RA 7 26.17 111.88 -55.76
CA UNK RA 7 25.56 112.47 -56.96
C UNK RA 7 24.13 111.95 -57.22
N UNK RA 8 23.82 110.72 -56.76
CA UNK RA 8 22.51 110.07 -56.89
C UNK RA 8 21.40 110.91 -56.23
N UNK RA 9 21.68 111.49 -55.05
CA UNK RA 9 20.75 112.33 -54.29
C UNK RA 9 20.46 113.65 -55.03
N UNK RA 10 21.47 114.21 -55.73
CA UNK RA 10 21.36 115.43 -56.51
C UNK RA 10 20.48 115.20 -57.75
N UNK RA 11 20.65 114.01 -58.40
CA UNK RA 11 19.87 113.59 -59.56
C UNK RA 11 18.40 113.40 -59.16
N UNK RA 12 18.15 112.90 -57.92
CA UNK RA 12 16.84 112.69 -57.33
C UNK RA 12 16.14 114.02 -57.01
N UNK RA 13 16.90 115.01 -56.52
CA UNK RA 13 16.39 116.34 -56.18
C UNK RA 13 16.02 117.11 -57.44
N UNK RA 14 16.83 116.96 -58.51
CA UNK RA 14 16.59 117.61 -59.80
C UNK RA 14 15.35 116.99 -60.48
N UNK RA 15 15.13 115.68 -60.25
CA UNK RA 15 13.98 114.94 -60.75
C UNK RA 15 12.69 115.35 -60.01
N UNK RA 16 12.78 115.55 -58.67
CA UNK RA 16 11.68 116.01 -57.82
C UNK RA 16 11.26 117.44 -58.19
N UNK RA 17 12.25 118.29 -58.57
CA UNK RA 17 12.05 119.67 -59.01
C UNK RA 17 11.37 119.73 -60.37
N UNK RA 18 11.70 118.78 -61.28
CA UNK RA 18 11.12 118.67 -62.63
C UNK RA 18 9.65 118.26 -62.56
N UNK RA 19 9.31 117.35 -61.61
CA UNK RA 19 7.95 116.88 -61.37
C UNK RA 19 7.10 117.97 -60.71
N UNK RA 20 7.71 118.79 -59.82
CA UNK RA 20 7.08 119.90 -59.10
C UNK RA 20 6.68 121.05 -60.05
N UNK RA 21 7.45 121.23 -61.16
CA UNK RA 21 7.22 122.26 -62.17
C UNK RA 21 5.89 122.05 -62.92
N UNK RA 22 5.56 120.79 -63.25
CA UNK RA 22 4.34 120.41 -63.94
C UNK RA 22 3.21 119.98 -62.97
N UNK RA 23 3.54 119.89 -61.66
CA UNK RA 23 2.60 119.49 -60.59
C UNK RA 23 1.52 120.51 -60.24
N UNK RA 24 1.61 121.75 -60.79
CA UNK RA 24 0.66 122.84 -60.55
C UNK RA 24 -0.78 122.44 -60.92
N UNK RA 25 -1.52 121.94 -59.91
CA UNK RA 25 -2.91 121.49 -60.06
C UNK RA 25 -3.83 122.26 -59.12
N UNK SA 1 24.91 120.60 -49.37
CA UNK SA 1 25.89 120.81 -50.44
C UNK SA 1 25.41 120.22 -51.76
N UNK SA 2 25.07 118.91 -51.78
CA UNK SA 2 24.58 118.19 -52.95
C UNK SA 2 23.18 118.66 -53.37
N UNK SA 3 22.33 118.98 -52.38
CA UNK SA 3 20.97 119.49 -52.58
C UNK SA 3 21.02 120.91 -53.17
N UNK SA 4 22.01 121.72 -52.74
CA UNK SA 4 22.24 123.08 -53.22
C UNK SA 4 22.75 123.06 -54.67
N UNK SA 5 23.60 122.07 -55.01
CA UNK SA 5 24.15 121.86 -56.35
C UNK SA 5 23.04 121.42 -57.33
N UNK SA 6 22.09 120.61 -56.83
CA UNK SA 6 20.93 120.13 -57.59
C UNK SA 6 19.96 121.27 -57.88
N UNK SA 7 19.79 122.19 -56.90
CA UNK SA 7 18.94 123.39 -57.01
C UNK SA 7 19.53 124.36 -58.02
N UNK SA 8 20.88 124.46 -58.06
CA UNK SA 8 21.63 125.31 -59.00
C UNK SA 8 21.51 124.75 -60.42
N UNK SA 9 21.49 123.41 -60.56
CA UNK SA 9 21.34 122.69 -61.82
C UNK SA 9 19.91 122.87 -62.37
N UNK SA 10 18.91 122.89 -61.46
CA UNK SA 10 17.50 123.09 -61.78
C UNK SA 10 17.26 124.54 -62.23
N UNK SA 11 17.98 125.50 -61.61
CA UNK SA 11 17.92 126.93 -61.94
C UNK SA 11 18.56 127.19 -63.31
N UNK SA 12 19.64 126.44 -63.65
CA UNK SA 12 20.35 126.52 -64.93
C UNK SA 12 19.47 125.94 -66.06
N UNK SA 13 18.69 124.88 -65.75
CA UNK SA 13 17.77 124.23 -66.67
C UNK SA 13 16.58 125.14 -66.97
N UNK SA 14 16.12 125.91 -65.95
CA UNK SA 14 15.03 126.87 -66.05
C UNK SA 14 15.45 128.07 -66.90
N UNK SA 15 16.74 128.49 -66.77
CA UNK SA 15 17.34 129.60 -67.53
C UNK SA 15 17.49 129.20 -69.00
N UNK SA 16 17.83 127.92 -69.27
CA UNK SA 16 17.97 127.36 -70.61
C UNK SA 16 16.61 127.25 -71.30
N UNK SA 17 15.55 126.95 -70.52
CA UNK SA 17 14.15 126.85 -70.98
C UNK SA 17 13.63 128.24 -71.34
N UNK SA 18 14.04 129.28 -70.57
CA UNK SA 18 13.67 130.68 -70.77
C UNK SA 18 14.33 131.23 -72.04
N UNK SA 19 15.58 130.80 -72.32
CA UNK SA 19 16.35 131.17 -73.50
C UNK SA 19 15.77 130.54 -74.76
N UNK SA 20 15.28 129.28 -74.65
CA UNK SA 20 14.66 128.54 -75.75
C UNK SA 20 13.15 128.52 -75.63
N UNK TA 1 8.96 109.69 -74.13
CA UNK TA 1 8.57 109.45 -72.74
C UNK TA 1 7.05 109.52 -72.55
N UNK TA 2 6.38 110.52 -73.17
CA UNK TA 2 4.93 110.73 -73.08
C UNK TA 2 4.34 111.22 -74.40
N UNK TA 3 3.03 110.94 -74.62
CA UNK TA 3 2.29 111.34 -75.82
C UNK TA 3 1.26 112.44 -75.54
N UNK TA 4 0.86 113.17 -76.60
CA UNK TA 4 -0.11 114.27 -76.54
C UNK TA 4 -1.57 113.82 -76.76
N UNK TA 5 -1.77 112.52 -77.08
CA UNK TA 5 -3.10 111.93 -77.32
C UNK TA 5 -4.00 111.87 -76.07
N UNK TA 6 -3.41 112.07 -74.87
CA UNK TA 6 -4.10 112.06 -73.58
C UNK TA 6 -5.09 113.22 -73.42
N UNK TA 7 -4.67 114.46 -73.77
CA UNK TA 7 -5.46 115.69 -73.68
C UNK TA 7 -6.70 115.70 -74.57
N UNK TA 8 -6.68 114.91 -75.67
CA UNK TA 8 -7.79 114.80 -76.63
C UNK TA 8 -9.04 114.16 -76.03
N UNK TA 9 -8.88 113.28 -75.02
CA UNK TA 9 -9.99 112.60 -74.35
C UNK TA 9 -10.19 113.03 -72.90
N UNK TA 10 -9.11 113.06 -72.09
CA UNK TA 10 -9.12 113.40 -70.66
C UNK TA 10 -9.75 114.76 -70.33
N UNK TA 11 -9.54 115.77 -71.20
CA UNK TA 11 -10.08 117.12 -71.02
C UNK TA 11 -11.53 117.24 -71.50
N UNK TA 12 -11.87 116.54 -72.60
CA UNK TA 12 -13.20 116.55 -73.21
C UNK TA 12 -14.23 115.70 -72.45
N UNK TA 13 -13.84 114.47 -72.03
CA UNK TA 13 -14.71 113.54 -71.30
C UNK TA 13 -15.06 114.02 -69.89
N UNK TA 14 -14.09 114.61 -69.16
CA UNK TA 14 -14.29 115.13 -67.79
C UNK TA 14 -15.29 116.28 -67.75
N UNK TA 15 -15.24 117.18 -68.76
CA UNK TA 15 -16.14 118.32 -68.90
C UNK TA 15 -17.55 117.84 -69.28
N UNK TA 16 -17.61 116.80 -70.15
CA UNK TA 16 -18.86 116.16 -70.59
C UNK TA 16 -19.51 115.36 -69.46
N UNK TA 17 -18.68 114.78 -68.56
CA UNK TA 17 -19.12 114.00 -67.41
C UNK TA 17 -19.79 114.92 -66.37
N UNK TA 18 -19.21 116.12 -66.17
CA UNK TA 18 -19.73 117.13 -65.25
C UNK TA 18 -21.03 117.75 -65.78
N UNK TA 19 -21.08 118.03 -67.10
CA UNK TA 19 -22.23 118.62 -67.79
C UNK TA 19 -23.46 117.71 -67.77
N UNK TA 20 -23.25 116.39 -67.92
CA UNK TA 20 -24.33 115.38 -67.90
C UNK TA 20 -24.79 115.06 -66.48
N UNK TA 21 -23.88 115.17 -65.49
CA UNK TA 21 -24.17 114.88 -64.08
C UNK TA 21 -24.80 116.05 -63.32
N UNK TA 22 -24.38 117.30 -63.62
CA UNK TA 22 -24.88 118.52 -62.96
C UNK TA 22 -26.36 118.77 -63.24
N UNK TA 23 -26.86 118.33 -64.41
CA UNK TA 23 -28.27 118.45 -64.83
C UNK TA 23 -29.17 117.49 -64.02
N UNK TA 24 -28.56 116.54 -63.29
CA UNK TA 24 -29.23 115.55 -62.46
C UNK TA 24 -28.90 115.71 -60.96
N UNK TA 25 -27.71 116.26 -60.64
CA UNK TA 25 -27.24 116.49 -59.27
C UNK TA 25 -28.06 117.55 -58.54
N UNK TA 26 -28.31 118.69 -59.19
CA UNK TA 26 -29.09 119.79 -58.64
C UNK TA 26 -30.58 119.47 -58.62
N UNK TA 27 -31.08 118.77 -59.67
CA UNK TA 27 -32.48 118.37 -59.83
C UNK TA 27 -32.93 117.38 -58.76
N UNK TA 28 -32.11 116.34 -58.48
CA UNK TA 28 -32.41 115.31 -57.47
C UNK TA 28 -32.33 115.89 -56.06
N UNK TA 29 -31.38 116.82 -55.80
CA UNK TA 29 -31.21 117.50 -54.51
C UNK TA 29 -32.41 118.39 -54.20
N UNK TA 30 -32.97 119.02 -55.24
CA UNK TA 30 -34.15 119.88 -55.13
C UNK TA 30 -35.41 119.03 -54.93
N UNK TA 31 -35.50 117.88 -55.65
CA UNK TA 31 -36.62 116.93 -55.57
C UNK TA 31 -36.70 116.22 -54.23
N UNK TA 32 -35.53 115.97 -53.58
CA UNK TA 32 -35.43 115.32 -52.27
C UNK TA 32 -36.02 116.17 -51.16
N UNK TA 33 -35.97 117.52 -51.31
CA UNK TA 33 -36.51 118.48 -50.35
C UNK TA 33 -37.44 119.51 -51.03
N UNK TA 34 -38.35 119.02 -51.90
CA UNK TA 34 -39.31 119.86 -52.63
C UNK TA 34 -40.61 119.97 -51.83
N UNK TA 35 -41.39 118.88 -51.77
CA UNK TA 35 -42.65 118.78 -51.04
C UNK TA 35 -42.59 117.69 -49.97
N UNK TA 36 -41.52 116.86 -50.03
CA UNK TA 36 -41.26 115.76 -49.09
C UNK TA 36 -40.32 116.20 -47.97
N UNK UA 1 -16.05 112.55 -77.12
CA UNK UA 1 -15.51 112.39 -75.78
C UNK UA 1 -15.45 110.92 -75.36
N UNK UA 2 -16.54 110.15 -75.60
CA UNK UA 2 -16.64 108.73 -75.26
C UNK UA 2 -16.01 107.85 -76.34
N UNK UA 3 -16.37 108.10 -77.62
CA UNK UA 3 -15.86 107.36 -78.78
C UNK UA 3 -14.44 107.77 -79.17
N UNK UA 4 -13.98 108.95 -78.70
CA UNK UA 4 -12.64 109.51 -78.96
C UNK UA 4 -11.52 108.72 -78.27
N UNK UA 5 -11.88 107.87 -77.28
CA UNK UA 5 -10.96 107.02 -76.50
C UNK UA 5 -10.55 105.72 -77.25
N UNK UA 6 -10.73 105.70 -78.59
CA UNK UA 6 -10.38 104.58 -79.46
C UNK UA 6 -9.15 104.92 -80.31
N UNK UA 7 -9.15 106.10 -80.95
CA UNK UA 7 -8.05 106.60 -81.78
C UNK UA 7 -6.88 107.07 -80.90
N UNK UA 8 -7.20 107.69 -79.74
CA UNK UA 8 -6.23 108.19 -78.77
C UNK UA 8 -5.52 107.04 -78.05
N UNK UA 9 -6.25 105.92 -77.82
CA UNK UA 9 -5.72 104.71 -77.17
C UNK UA 9 -4.81 103.94 -78.12
N UNK UA 10 -5.15 103.90 -79.42
CA UNK UA 10 -4.37 103.24 -80.47
C UNK UA 10 -3.06 103.97 -80.74
N UNK UA 11 -3.06 105.32 -80.56
CA UNK UA 11 -1.90 106.19 -80.74
C UNK UA 11 -0.87 105.99 -79.62
N UNK UA 12 -1.36 105.62 -78.41
CA UNK UA 12 -0.53 105.35 -77.23
C UNK UA 12 0.27 104.05 -77.39
N UNK UA 13 -0.26 103.10 -78.18
CA UNK UA 13 0.36 101.80 -78.46
C UNK UA 13 1.28 101.86 -79.70
N UNK UA 14 1.29 103.00 -80.42
CA UNK UA 14 2.10 103.20 -81.62
C UNK UA 14 3.58 103.45 -81.29
N UNK UA 15 3.87 104.46 -80.45
CA UNK UA 15 5.25 104.82 -80.06
C UNK UA 15 5.63 104.18 -78.72
N UNK UA 16 6.29 103.01 -78.79
CA UNK UA 16 6.76 102.23 -77.64
C UNK UA 16 7.94 101.34 -78.01
N UNK VA 1 39.70 91.65 -31.25
CA UNK VA 1 39.95 92.19 -29.91
C UNK VA 1 40.91 91.29 -29.13
N UNK VA 2 42.06 91.86 -28.73
CA UNK VA 2 43.11 91.16 -27.98
C UNK VA 2 42.92 91.30 -26.45
N UNK VA 3 43.68 90.53 -25.67
CA UNK VA 3 43.65 90.53 -24.19
C UNK VA 3 44.10 91.88 -23.62
N UNK VA 4 45.13 92.50 -24.23
CA UNK VA 4 45.66 93.80 -23.83
C UNK VA 4 44.69 94.92 -24.20
N UNK VA 5 43.99 94.77 -25.35
CA UNK VA 5 42.99 95.72 -25.86
C UNK VA 5 41.75 95.74 -24.97
N UNK VA 6 41.38 94.58 -24.40
CA UNK VA 6 40.24 94.41 -23.50
C UNK VA 6 40.49 95.13 -22.18
N UNK VA 7 41.76 95.10 -21.69
CA UNK VA 7 42.20 95.76 -20.46
C UNK VA 7 42.21 97.28 -20.65
N UNK VA 8 42.56 97.75 -21.87
CA UNK VA 8 42.60 99.16 -22.24
C UNK VA 8 41.18 99.72 -22.31
N UNK VA 9 40.21 98.92 -22.82
CA UNK VA 9 38.80 99.28 -22.92
C UNK VA 9 38.15 99.28 -21.53
N UNK VA 10 38.58 98.34 -20.66
CA UNK VA 10 38.08 98.21 -19.28
C UNK VA 10 38.53 99.38 -18.42
N UNK VA 11 39.78 99.86 -18.63
CA UNK VA 11 40.36 100.99 -17.88
C UNK VA 11 39.80 102.33 -18.34
N UNK VA 12 39.53 102.49 -19.65
CA UNK VA 12 38.97 103.71 -20.23
C UNK VA 12 37.50 103.90 -19.84
N UNK VA 13 36.71 102.82 -19.87
CA UNK VA 13 35.29 102.83 -19.52
C UNK VA 13 35.06 102.68 -18.00
N UNK VA 14 36.14 102.52 -17.21
CA UNK VA 14 36.12 102.40 -15.75
C UNK VA 14 35.67 103.70 -15.06
N UNK VA 15 35.81 104.84 -15.76
CA UNK VA 15 35.44 106.17 -15.28
C UNK VA 15 33.96 106.26 -14.90
N UNK VA 16 33.04 105.93 -15.84
CA UNK VA 16 31.57 105.94 -15.71
C UNK VA 16 31.03 107.29 -15.20
N UNK VA 17 31.09 107.52 -13.88
CA UNK VA 17 30.69 108.75 -13.19
C UNK VA 17 31.87 109.19 -12.33
N UNK VA 18 32.11 110.52 -12.22
CA UNK VA 18 33.19 111.18 -11.48
C UNK VA 18 33.63 110.49 -10.17
N UNK VA 19 32.67 109.93 -9.40
CA UNK VA 19 32.92 109.23 -8.14
C UNK VA 19 33.74 107.95 -8.32
N UNK VA 20 33.47 107.17 -9.38
CA UNK VA 20 34.17 105.93 -9.70
C UNK VA 20 35.56 106.23 -10.27
N UNK VA 21 36.61 105.61 -9.67
CA UNK VA 21 38.04 105.72 -10.01
C UNK VA 21 38.61 107.13 -9.76
N UNK VA 22 39.59 107.21 -8.83
CA UNK VA 22 40.26 108.47 -8.46
C UNK VA 22 41.57 108.68 -9.26
N UNK VA 23 41.56 108.28 -10.56
CA UNK VA 23 42.63 108.38 -11.56
C UNK VA 23 43.89 107.54 -11.22
N UNK VA 24 44.55 107.80 -10.08
CA UNK VA 24 45.77 107.11 -9.65
C UNK VA 24 45.56 105.69 -9.10
N UNK VA 25 44.33 105.36 -8.65
CA UNK VA 25 43.99 104.06 -8.06
C UNK VA 25 43.96 102.89 -9.05
N UNK VA 26 43.18 103.00 -10.15
CA UNK VA 26 43.01 101.96 -11.17
C UNK VA 26 44.31 101.48 -11.80
N UNK VA 27 44.73 100.24 -11.44
CA UNK VA 27 45.95 99.60 -11.92
C UNK VA 27 45.80 98.08 -12.12
N UNK VA 28 46.93 97.34 -12.17
CA UNK VA 28 47.05 95.88 -12.38
C UNK VA 28 46.09 95.05 -11.52
N UNK VA 29 46.29 95.04 -10.19
CA UNK VA 29 45.44 94.29 -9.26
C UNK VA 29 44.54 95.23 -8.46
N UNK VA 30 43.42 95.65 -9.08
CA UNK VA 30 42.45 96.55 -8.48
C UNK VA 30 41.15 95.84 -8.10
N UNK VA 31 40.89 95.74 -6.78
CA UNK VA 31 39.69 95.10 -6.23
C UNK VA 31 38.74 96.13 -5.64
N UNK VA 32 37.44 95.97 -5.91
CA UNK VA 32 36.39 96.88 -5.42
C UNK VA 32 35.84 96.48 -4.03
N UNK VA 33 36.63 95.72 -3.25
CA UNK VA 33 36.25 95.25 -1.91
C UNK VA 33 37.40 95.41 -0.90
N UNK VA 34 38.51 94.67 -1.09
CA UNK VA 34 39.67 94.71 -0.19
C UNK VA 34 40.57 95.92 -0.47
N UNK VA 35 40.83 96.19 -1.76
CA UNK VA 35 41.69 97.30 -2.19
C UNK VA 35 40.97 98.66 -2.20
N UNK VA 36 39.63 98.67 -2.35
CA UNK VA 36 38.84 99.91 -2.39
C UNK VA 36 37.64 99.93 -1.42
N UNK VA 37 36.63 99.07 -1.67
CA UNK VA 37 35.35 98.89 -0.94
C UNK VA 37 34.24 99.79 -1.50
N UNK VA 38 33.87 99.56 -2.78
CA UNK VA 38 32.82 100.31 -3.49
C UNK VA 38 31.43 99.77 -3.13
N UNK VA 39 30.42 100.66 -3.10
CA UNK VA 39 29.03 100.35 -2.76
C UNK VA 39 28.32 99.48 -3.81
N UNK VA 40 27.12 98.97 -3.46
CA UNK VA 40 26.27 98.12 -4.30
C UNK VA 40 25.86 98.82 -5.61
N UNK VA 41 25.57 100.13 -5.54
CA UNK VA 41 25.20 100.96 -6.69
C UNK VA 41 26.40 101.14 -7.62
N UNK VA 42 27.61 101.26 -7.06
CA UNK VA 42 28.87 101.38 -7.79
C UNK VA 42 29.24 100.06 -8.45
N UNK VA 43 28.93 98.93 -7.76
CA UNK VA 43 29.17 97.57 -8.24
C UNK VA 43 28.23 97.24 -9.40
N UNK VA 44 26.99 97.75 -9.33
CA UNK VA 44 25.96 97.57 -10.36
C UNK VA 44 26.30 98.43 -11.60
N UNK VA 45 26.91 99.61 -11.37
CA UNK VA 45 27.32 100.54 -12.44
C UNK VA 45 28.50 100.00 -13.23
N UNK VA 46 29.48 99.37 -12.55
CA UNK VA 46 30.69 98.80 -13.16
C UNK VA 46 30.37 97.59 -14.05
N UNK VA 47 29.35 96.80 -13.67
CA UNK VA 47 28.92 95.61 -14.40
C UNK VA 47 28.05 95.96 -15.62
N UNK VA 48 27.12 96.92 -15.47
CA UNK VA 48 26.21 97.36 -16.52
C UNK VA 48 26.91 98.15 -17.64
N UNK VA 49 28.00 98.86 -17.31
CA UNK VA 49 28.77 99.66 -18.27
C UNK VA 49 29.67 98.82 -19.18
N UNK VA 50 29.89 97.54 -18.82
CA UNK VA 50 30.72 96.61 -19.59
C UNK VA 50 29.91 95.68 -20.51
N UNK VA 51 28.72 95.24 -20.05
CA UNK VA 51 27.82 94.33 -20.77
C UNK VA 51 27.26 94.93 -22.07
N UNK VA 52 26.97 96.25 -22.06
CA UNK VA 52 26.43 96.98 -23.21
C UNK VA 52 27.52 97.47 -24.17
N UNK VA 53 28.74 97.70 -23.66
CA UNK VA 53 29.88 98.19 -24.42
C UNK VA 53 30.47 97.13 -25.36
N UNK VA 54 30.75 95.92 -24.83
CA UNK VA 54 31.33 94.80 -25.59
C UNK VA 54 30.28 93.89 -26.25
N UNK VA 55 28.98 94.11 -25.93
CA UNK VA 55 27.78 93.39 -26.40
C UNK VA 55 27.59 92.01 -25.74
N UNK VA 56 28.69 91.30 -25.41
CA UNK VA 56 28.64 90.00 -24.74
C UNK VA 56 28.27 90.17 -23.27
N UNK VA 57 27.01 89.81 -22.92
CA UNK VA 57 26.46 89.95 -21.57
C UNK VA 57 26.53 88.66 -20.74
N UNK VA 58 26.42 88.79 -19.41
CA UNK VA 58 26.46 87.69 -18.44
C UNK VA 58 25.42 87.89 -17.34
N UNK VA 59 24.78 86.79 -16.90
CA UNK VA 59 23.75 86.78 -15.86
C UNK VA 59 24.35 86.87 -14.44
N UNK VA 60 23.47 86.92 -13.40
CA UNK VA 60 23.83 87.01 -11.98
C UNK VA 60 24.68 85.84 -11.46
N UNK VA 61 24.62 84.67 -12.13
CA UNK VA 61 25.37 83.47 -11.74
C UNK VA 61 26.87 83.59 -12.04
N UNK VA 62 27.24 84.35 -13.10
CA UNK VA 62 28.63 84.56 -13.52
C UNK VA 62 29.17 85.96 -13.20
N UNK VA 63 28.27 86.95 -13.03
CA UNK VA 63 28.62 88.34 -12.72
C UNK VA 63 29.32 88.49 -11.36
N UNK VA 64 28.89 87.68 -10.37
CA UNK VA 64 29.46 87.66 -9.01
C UNK VA 64 30.87 87.08 -9.00
N UNK VA 65 31.15 86.11 -9.91
CA UNK VA 65 32.45 85.46 -10.05
C UNK VA 65 33.51 86.43 -10.57
N UNK VA 66 33.15 87.31 -11.51
CA UNK VA 66 34.04 88.33 -12.07
C UNK VA 66 34.13 89.49 -11.09
N UNK VA 67 35.21 89.51 -10.28
CA UNK VA 67 35.43 90.53 -9.26
C UNK VA 67 36.55 91.52 -9.60
N UNK VA 68 37.81 91.03 -9.65
CA UNK VA 68 38.99 91.86 -9.93
C UNK VA 68 39.29 91.99 -11.43
N UNK VA 69 40.31 92.81 -11.78
CA UNK VA 69 40.76 93.04 -13.16
C UNK VA 69 41.32 91.76 -13.79
N UNK VA 70 42.01 90.92 -12.98
CA UNK VA 70 42.57 89.64 -13.39
C UNK VA 70 41.45 88.61 -13.64
N UNK VA 71 40.36 88.69 -12.84
CA UNK VA 71 39.18 87.83 -12.94
C UNK VA 71 38.39 88.14 -14.21
N UNK VA 72 38.35 89.42 -14.61
CA UNK VA 72 37.67 89.90 -15.82
C UNK VA 72 38.49 89.56 -17.07
N UNK VA 73 39.83 89.60 -16.96
CA UNK VA 73 40.77 89.29 -18.04
C UNK VA 73 40.79 87.79 -18.35
N UNK VA 74 40.66 86.95 -17.30
CA UNK VA 74 40.64 85.48 -17.41
C UNK VA 74 39.35 84.97 -18.06
N UNK VA 75 38.27 85.77 -18.01
CA UNK VA 75 36.96 85.44 -18.57
C UNK VA 75 36.78 86.07 -19.96
N UNK VA 76 36.85 87.42 -20.05
CA UNK VA 76 36.68 88.16 -21.30
C UNK VA 76 38.03 88.40 -21.98
N UNK WA 1 17.15 107.16 -23.54
CA UNK WA 1 17.90 107.74 -24.66
C UNK WA 1 18.69 108.98 -24.27
N UNK WA 2 18.20 109.76 -23.28
CA UNK WA 2 18.85 110.98 -22.82
C UNK WA 2 19.62 110.76 -21.51
N UNK WA 3 18.95 110.88 -20.34
CA UNK WA 3 19.57 110.72 -19.03
C UNK WA 3 19.10 109.43 -18.34
N UNK WA 4 19.73 108.29 -18.72
CA UNK WA 4 19.42 106.97 -18.20
C UNK WA 4 20.50 106.47 -17.23
N UNK WA 5 21.78 106.74 -17.54
CA UNK WA 5 22.94 106.35 -16.73
C UNK WA 5 22.97 107.06 -15.37
N UNK WA 6 22.51 108.33 -15.32
CA UNK WA 6 22.46 109.14 -14.11
C UNK WA 6 21.24 108.84 -13.25
N UNK WA 7 20.07 108.61 -13.88
CA UNK WA 7 18.79 108.30 -13.22
C UNK WA 7 18.74 106.93 -12.56
N UNK WA 8 19.60 105.98 -13.00
CA UNK WA 8 19.67 104.61 -12.49
C UNK WA 8 20.18 104.54 -11.04
N UNK WA 9 21.34 105.16 -10.76
CA UNK WA 9 21.95 105.17 -9.43
C UNK WA 9 21.29 106.19 -8.48
N UNK WA 10 20.60 107.20 -9.04
CA UNK WA 10 19.91 108.26 -8.29
C UNK WA 10 18.69 107.73 -7.52
N UNK WA 11 17.86 106.90 -8.20
CA UNK WA 11 16.66 106.31 -7.61
C UNK WA 11 17.01 105.20 -6.59
N UNK WA 12 18.16 104.53 -6.78
CA UNK WA 12 18.65 103.46 -5.91
C UNK WA 12 19.49 104.01 -4.74
N UNK WA 13 18.95 105.03 -4.04
CA UNK WA 13 19.57 105.71 -2.90
C UNK WA 13 18.53 106.47 -2.07
N UNK WA 14 17.42 106.90 -2.71
CA UNK WA 14 16.32 107.67 -2.11
C UNK WA 14 15.66 106.99 -0.91
N UNK WA 15 15.42 105.67 -0.98
CA UNK WA 15 14.78 104.90 0.09
C UNK WA 15 15.68 103.76 0.61
N UNK WA 16 17.01 103.87 0.40
CA UNK WA 16 17.99 102.88 0.85
C UNK WA 16 18.39 103.10 2.31
N UNK WA 17 17.54 102.60 3.24
CA UNK WA 17 17.75 102.70 4.69
C UNK WA 17 17.03 101.55 5.41
N UNK WA 18 20.79 99.78 4.59
CA UNK WA 18 21.18 98.57 5.32
C UNK WA 18 20.63 97.31 4.65
N UNK WA 19 21.52 96.32 4.43
CA UNK WA 19 21.18 95.04 3.79
C UNK WA 19 22.10 93.91 4.26
N UNK WA 20 21.56 92.67 4.28
CA UNK WA 20 22.30 91.47 4.68
C UNK WA 20 22.42 90.48 3.51
N UNK WA 21 21.33 90.26 2.77
CA UNK WA 21 21.29 89.37 1.61
C UNK WA 21 21.77 90.08 0.34
N UNK WA 22 22.46 89.34 -0.54
CA UNK WA 22 22.99 89.86 -1.81
C UNK WA 22 22.00 89.71 -2.98
N UNK WA 23 20.70 89.97 -2.71
CA UNK WA 23 19.62 89.90 -3.69
C UNK WA 23 19.23 91.28 -4.24
N UNK WA 24 19.69 92.37 -3.58
CA UNK WA 24 19.43 93.76 -3.96
C UNK WA 24 20.12 94.15 -5.28
N UNK WA 25 21.25 93.47 -5.60
CA UNK WA 25 22.03 93.71 -6.83
C UNK WA 25 21.23 93.33 -8.08
N UNK WA 26 20.45 92.23 -8.00
CA UNK WA 26 19.60 91.73 -9.10
C UNK WA 26 18.39 92.65 -9.29
N UNK WA 27 17.91 93.28 -8.19
CA UNK WA 27 16.78 94.21 -8.19
C UNK WA 27 17.13 95.53 -8.90
N UNK WA 28 18.42 95.92 -8.86
CA UNK WA 28 18.94 97.13 -9.50
C UNK WA 28 18.93 97.02 -11.03
N UNK WA 29 19.14 95.79 -11.55
CA UNK WA 29 19.16 95.49 -12.98
C UNK WA 29 17.74 95.50 -13.57
N UNK WA 30 16.71 95.19 -12.75
CA UNK WA 30 15.30 95.15 -13.15
C UNK WA 30 14.74 96.54 -13.46
N UNK WA 31 15.06 97.54 -12.62
CA UNK WA 31 14.61 98.92 -12.79
C UNK WA 31 15.38 99.64 -13.90
N UNK WA 32 16.68 99.33 -14.05
CA UNK WA 32 17.57 99.91 -15.05
C UNK WA 32 17.49 99.21 -16.42
N UNK WA 33 16.66 98.15 -16.54
CA UNK WA 33 16.46 97.36 -17.75
C UNK WA 33 15.91 98.17 -18.94
N UNK WA 34 15.05 99.17 -18.66
CA UNK WA 34 14.45 100.05 -19.68
C UNK WA 34 15.49 101.02 -20.26
N UNK WA 35 15.36 101.32 -21.57
CA UNK WA 35 16.27 102.23 -22.27
C UNK WA 35 15.56 103.49 -22.77
N UNK WA 36 14.60 103.33 -23.70
CA UNK WA 36 13.83 104.43 -24.28
C UNK WA 36 12.45 103.96 -24.72
N UNK XA 1 8.23 92.50 9.32
CA UNK XA 1 7.60 93.48 10.18
C UNK XA 1 7.95 94.92 9.76
N UNK XA 2 9.25 95.21 9.58
CA UNK XA 2 9.76 96.52 9.18
C UNK XA 2 10.52 96.44 7.86
N UNK XA 3 11.44 95.45 7.74
CA UNK XA 3 12.25 95.22 6.53
C UNK XA 3 11.61 94.15 5.63
N UNK XA 4 11.04 93.10 6.25
CA UNK XA 4 10.38 91.97 5.56
C UNK XA 4 9.13 92.40 4.78
N UNK XA 5 8.38 93.40 5.31
CA UNK XA 5 7.17 93.94 4.68
C UNK XA 5 7.48 94.74 3.41
N UNK XA 6 8.71 95.27 3.31
CA UNK XA 6 9.20 96.04 2.16
C UNK XA 6 10.17 95.24 1.28
N UNK XA 7 10.60 94.03 1.76
CA UNK XA 7 11.53 93.14 1.04
C UNK XA 7 10.90 92.54 -0.23
N UNK XA 8 9.64 92.05 -0.12
CA UNK XA 8 8.90 91.46 -1.23
C UNK XA 8 8.41 92.52 -2.23
N UNK XA 9 8.27 93.78 -1.76
CA UNK XA 9 7.81 94.93 -2.56
C UNK XA 9 8.82 95.35 -3.63
N UNK XA 10 10.12 95.13 -3.38
CA UNK XA 10 11.22 95.48 -4.30
C UNK XA 10 11.14 94.73 -5.63
N UNK XA 11 10.75 93.44 -5.59
CA UNK XA 11 10.60 92.59 -6.77
C UNK XA 11 9.21 92.74 -7.43
N UNK XA 12 8.26 93.41 -6.73
CA UNK XA 12 6.90 93.64 -7.21
C UNK XA 12 6.70 95.01 -7.85
N UNK XA 13 7.30 96.08 -7.26
CA UNK XA 13 7.20 97.45 -7.74
C UNK XA 13 7.93 97.65 -9.08
N UNK XA 14 9.07 96.96 -9.26
CA UNK XA 14 9.89 97.02 -10.48
C UNK XA 14 9.19 96.36 -11.67
N UNK XA 15 8.53 95.22 -11.45
CA UNK XA 15 7.81 94.48 -12.48
C UNK XA 15 6.44 95.12 -12.74
N UNK XA 16 6.41 96.10 -13.68
CA UNK XA 16 5.19 96.83 -14.06
C UNK XA 16 5.25 97.29 -15.52
N UNK XA 17 5.95 98.40 -15.80
CA UNK XA 17 6.09 98.98 -17.13
C UNK XA 17 7.26 98.34 -17.89
N UNK YA 1 36.81 40.33 -53.81
CA UNK YA 1 37.23 38.98 -53.42
C UNK YA 1 38.76 38.83 -53.45
N UNK YA 2 39.35 38.37 -52.34
CA UNK YA 2 40.80 38.19 -52.20
C UNK YA 2 41.20 36.75 -51.88
N UNK YA 3 40.84 36.24 -50.68
CA UNK YA 3 41.14 34.88 -50.23
C UNK YA 3 40.35 33.84 -51.03
N UNK YA 4 39.04 34.07 -51.19
CA UNK YA 4 38.14 33.20 -51.96
C UNK YA 4 37.68 33.95 -53.22
N UNK YA 5 38.41 33.72 -54.34
CA UNK YA 5 38.13 34.37 -55.63
C UNK YA 5 38.22 33.40 -56.81
N UNK YA 6 39.25 32.54 -56.84
CA UNK YA 6 39.49 31.54 -57.89
C UNK YA 6 38.46 30.41 -57.87
N UNK YA 7 37.88 30.12 -56.69
CA UNK YA 7 36.89 29.06 -56.49
C UNK YA 7 35.51 29.37 -57.12
N UNK YA 8 35.33 30.60 -57.66
CA UNK YA 8 34.09 31.08 -58.30
C UNK YA 8 33.66 30.17 -59.45
N UNK YA 9 32.39 29.70 -59.41
CA UNK YA 9 31.73 28.79 -60.36
C UNK YA 9 32.33 27.38 -60.37
N UNK YA 10 33.61 27.25 -60.80
CA UNK YA 10 34.33 25.98 -60.86
C UNK YA 10 35.48 25.98 -59.84
N UNK YA 11 35.62 24.87 -59.10
CA UNK YA 11 36.67 24.71 -58.07
C UNK YA 11 37.12 23.26 -57.90
N UNK YA 12 38.41 23.06 -57.60
CA UNK YA 12 39.02 21.75 -57.37
C UNK YA 12 38.85 21.32 -55.91
N UNK YA 13 39.12 20.03 -55.62
CA UNK YA 13 39.02 19.44 -54.28
C UNK YA 13 40.01 20.04 -53.26
N UNK YA 14 41.20 20.48 -53.75
CA UNK YA 14 42.27 21.06 -52.94
C UNK YA 14 41.90 22.42 -52.31
N UNK YA 15 40.90 23.12 -52.85
CA UNK YA 15 40.44 24.42 -52.37
C UNK YA 15 39.72 24.35 -51.01
N UNK YA 16 38.87 23.32 -50.83
CA UNK YA 16 38.07 23.13 -49.62
C UNK YA 16 38.68 22.17 -48.59
N UNK YA 17 39.22 21.02 -49.05
CA UNK YA 17 39.84 19.99 -48.20
C UNK YA 17 41.03 20.50 -47.38
N UNK YA 18 41.83 21.42 -47.96
CA UNK YA 18 42.97 22.02 -47.28
C UNK YA 18 42.51 23.14 -46.34
N UNK YA 19 41.44 23.88 -46.74
CA UNK YA 19 40.84 24.97 -45.97
C UNK YA 19 40.20 24.46 -44.67
N UNK YA 20 39.57 23.26 -44.73
CA UNK YA 20 38.94 22.60 -43.57
C UNK YA 20 40.02 22.10 -42.60
N UNK YA 21 41.19 21.70 -43.14
CA UNK YA 21 42.34 21.22 -42.37
C UNK YA 21 43.11 22.40 -41.75
N UNK YA 22 43.00 23.60 -42.35
CA UNK YA 22 43.66 24.82 -41.88
C UNK YA 22 42.79 25.60 -40.89
N UNK YA 23 41.56 25.99 -41.28
CA UNK YA 23 40.63 26.74 -40.44
C UNK YA 23 39.86 25.81 -39.52
N UNK ZA 1 26.19 41.60 -52.91
CA UNK ZA 1 26.99 40.67 -53.69
C UNK ZA 1 26.62 40.72 -55.18
N UNK ZA 2 25.56 40.00 -55.59
CA UNK ZA 2 25.05 39.97 -56.96
C UNK ZA 2 23.97 41.03 -57.17
N UNK ZA 3 23.50 41.62 -56.04
CA UNK ZA 3 22.46 42.66 -55.96
C UNK ZA 3 22.68 43.86 -56.87
N UNK ZA 4 23.94 44.34 -56.99
CA UNK ZA 4 24.29 45.49 -57.82
C UNK ZA 4 24.04 45.27 -59.31
N UNK ZA 5 24.51 44.12 -59.87
CA UNK ZA 5 24.33 43.75 -61.27
C UNK ZA 5 22.86 43.44 -61.59
N UNK ZA 6 22.16 42.80 -60.64
CA UNK ZA 6 20.73 42.45 -60.76
C UNK ZA 6 19.83 43.70 -60.65
N UNK ZA 7 20.25 44.71 -59.87
CA UNK ZA 7 19.50 45.98 -59.71
C UNK ZA 7 19.53 46.78 -61.00
N UNK ZA 8 20.67 46.74 -61.74
CA UNK ZA 8 20.86 47.41 -63.03
C UNK ZA 8 19.96 46.77 -64.09
N UNK ZA 9 19.80 45.42 -64.02
CA UNK ZA 9 18.93 44.64 -64.91
C UNK ZA 9 17.46 44.92 -64.58
N UNK ZA 10 17.14 45.11 -63.28
CA UNK ZA 10 15.81 45.43 -62.76
C UNK ZA 10 15.40 46.84 -63.18
N UNK ZA 11 16.39 47.77 -63.20
CA UNK ZA 11 16.19 49.17 -63.61
C UNK ZA 11 15.94 49.25 -65.11
N UNK ZA 12 16.58 48.36 -65.89
CA UNK ZA 12 16.43 48.26 -67.35
C UNK ZA 12 15.04 47.73 -67.70
N UNK ZA 13 14.52 46.77 -66.90
CA UNK ZA 13 13.19 46.17 -67.05
C UNK ZA 13 12.10 47.19 -66.68
N UNK ZA 14 12.37 48.04 -65.67
CA UNK ZA 14 11.47 49.11 -65.21
C UNK ZA 14 11.39 50.22 -66.26
N UNK ZA 15 12.51 50.48 -66.97
CA UNK ZA 15 12.61 51.49 -68.03
C UNK ZA 15 11.80 51.06 -69.27
N UNK ZA 16 11.81 49.75 -69.58
CA UNK ZA 16 11.05 49.17 -70.70
C UNK ZA 16 9.54 49.19 -70.41
N UNK ZA 17 9.15 49.01 -69.12
CA UNK ZA 17 7.76 49.03 -68.67
C UNK ZA 17 7.20 50.46 -68.72
N UNK ZA 18 8.06 51.47 -68.44
CA UNK ZA 18 7.71 52.89 -68.49
C UNK ZA 18 7.60 53.35 -69.94
N UNK ZA 19 8.40 52.73 -70.85
CA UNK ZA 19 8.44 53.01 -72.28
C UNK ZA 19 7.15 52.55 -72.97
N UNK ZA 20 6.62 51.39 -72.55
CA UNK ZA 20 5.38 50.83 -73.09
C UNK ZA 20 4.16 51.70 -72.78
N UNK ZA 21 4.14 52.33 -71.58
CA UNK ZA 21 3.07 53.21 -71.10
C UNK ZA 21 2.90 54.46 -71.99
N UNK ZA 22 4.02 55.04 -72.47
CA UNK ZA 22 4.03 56.22 -73.32
C UNK ZA 22 3.60 55.89 -74.75
N UNK ZA 23 4.05 54.74 -75.28
CA UNK ZA 23 3.73 54.29 -76.64
C UNK ZA 23 2.33 53.66 -76.77
N UNK ZA 24 1.84 52.96 -75.72
CA UNK ZA 24 0.52 52.34 -75.73
C UNK ZA 24 -0.56 53.32 -75.21
N UNK ZA 25 -0.60 54.51 -75.82
CA UNK ZA 25 -1.55 55.58 -75.52
C UNK ZA 25 -1.98 56.27 -76.82
N UNK ZA 26 -3.25 56.75 -76.83
CA UNK ZA 26 -3.91 57.43 -77.94
C UNK ZA 26 -3.95 56.60 -79.27
N UNK ZA 27 -4.62 55.40 -79.34
CA UNK ZA 27 -5.35 54.58 -78.34
C UNK ZA 27 -6.24 55.38 -77.37
N UNK ZA 28 -6.12 55.11 -76.05
CA UNK ZA 28 -6.83 55.72 -74.92
C UNK ZA 28 -8.35 55.48 -74.94
N UNK ZA 29 -9.06 56.11 -75.90
CA UNK ZA 29 -10.51 56.18 -76.17
C UNK ZA 29 -10.92 57.65 -76.08
N UNK ZA 30 -10.15 58.44 -75.30
CA UNK ZA 30 -10.34 59.89 -75.13
C UNK ZA 30 -9.98 60.62 -76.43
N UNK ZA 31 -9.15 59.98 -77.28
CA UNK ZA 31 -8.71 60.46 -78.59
C UNK ZA 31 -9.32 59.60 -79.71
N UNK ZA 32 -9.67 58.33 -79.40
CA UNK ZA 32 -10.26 57.39 -80.36
C UNK ZA 32 -11.73 57.69 -80.64
N UNK ZA 33 -12.51 58.07 -79.61
CA UNK ZA 33 -13.93 58.42 -79.75
C UNK ZA 33 -14.08 59.79 -80.40
N UNK ZA 34 -13.05 60.65 -80.26
CA UNK ZA 34 -12.99 61.99 -80.86
C UNK ZA 34 -12.91 61.87 -82.39
N UNK ZA 35 -12.23 60.81 -82.87
CA UNK ZA 35 -12.10 60.50 -84.30
C UNK ZA 35 -13.41 59.89 -84.80
N UNK ZA 36 -14.07 59.07 -83.96
CA UNK ZA 36 -15.35 58.41 -84.25
C UNK ZA 36 -16.48 59.44 -84.38
N UNK ZA 37 -16.46 60.48 -83.52
CA UNK ZA 37 -17.43 61.57 -83.52
C UNK ZA 37 -17.19 62.48 -84.73
N UNK ZA 38 -15.93 62.58 -85.17
CA UNK ZA 38 -15.52 63.38 -86.32
C UNK ZA 38 -15.91 62.69 -87.64
N UNK ZA 39 -15.84 61.34 -87.66
CA UNK ZA 39 -16.19 60.51 -88.82
C UNK ZA 39 -17.68 60.59 -89.17
N UNK ZA 40 -18.54 60.74 -88.14
CA UNK ZA 40 -19.99 60.86 -88.29
C UNK ZA 40 -20.38 62.17 -88.99
N UNK ZA 41 -19.66 63.27 -88.67
CA UNK ZA 41 -19.87 64.59 -89.26
C UNK ZA 41 -19.42 64.61 -90.71
N UNK ZA 42 -18.37 63.82 -91.05
CA UNK ZA 42 -17.84 63.69 -92.39
C UNK ZA 42 -18.74 62.82 -93.26
N UNK ZA 43 -19.36 61.78 -92.66
CA UNK ZA 43 -20.26 60.85 -93.35
C UNK ZA 43 -21.62 61.50 -93.65
N UNK ZA 44 -22.30 62.02 -92.61
CA UNK ZA 44 -23.61 62.68 -92.75
C UNK ZA 44 -23.45 64.21 -92.83
N UNK ZA 45 -22.61 64.67 -93.78
CA UNK ZA 45 -22.32 66.09 -94.02
C UNK ZA 45 -23.53 66.82 -94.61
N UNK AB 1 46.23 42.80 -47.50
CA UNK AB 1 47.37 43.66 -47.73
C UNK AB 1 46.97 44.95 -48.45
N UNK AB 2 47.27 46.11 -47.81
CA UNK AB 2 47.02 47.50 -48.26
C UNK AB 2 45.52 47.88 -48.32
N UNK AB 3 45.23 49.17 -48.02
CA UNK AB 3 43.91 49.82 -48.02
C UNK AB 3 42.87 49.12 -47.11
N UNK AB 4 41.55 49.30 -47.41
CA UNK AB 4 40.38 48.76 -46.71
C UNK AB 4 40.19 49.32 -45.28
N UNK AB 5 39.01 49.05 -44.68
CA UNK AB 5 38.63 49.50 -43.33
C UNK AB 5 39.44 48.83 -42.18
N UNK AB 6 40.29 47.84 -42.53
CA UNK AB 6 41.17 47.06 -41.65
C UNK AB 6 40.41 46.24 -40.60
N UNK AB 7 39.83 46.90 -39.57
CA UNK AB 7 39.09 46.25 -38.48
C UNK AB 7 37.75 45.64 -38.93
N UNK AB 8 37.00 46.37 -39.79
CA UNK AB 8 35.71 45.93 -40.31
C UNK AB 8 35.85 44.80 -41.33
N UNK AB 9 36.88 44.87 -42.19
CA UNK AB 9 37.16 43.87 -43.24
C UNK AB 9 37.89 42.62 -42.71
N UNK AB 10 38.41 42.68 -41.46
CA UNK AB 10 39.14 41.60 -40.79
C UNK AB 10 38.34 40.30 -40.63
N UNK AB 11 37.02 40.41 -40.41
CA UNK AB 11 36.10 39.28 -40.25
C UNK AB 11 35.09 39.18 -41.39
N UNK AB 12 34.93 40.26 -42.17
CA UNK AB 12 34.01 40.35 -43.31
C UNK AB 12 34.34 39.36 -44.42
N UNK AB 13 35.65 39.17 -44.71
CA UNK AB 13 36.13 38.25 -45.73
C UNK AB 13 36.20 36.81 -45.23
N UNK AB 14 36.59 36.61 -43.95
CA UNK AB 14 36.75 35.30 -43.29
C UNK AB 14 35.46 34.46 -43.28
N UNK AB 15 34.31 35.09 -42.99
CA UNK AB 15 33.00 34.42 -42.97
C UNK AB 15 32.56 34.03 -44.38
N UNK AB 16 32.85 34.89 -45.37
CA UNK AB 16 32.53 34.67 -46.78
C UNK AB 16 33.45 33.58 -47.38
N UNK AB 17 34.70 33.49 -46.88
CA UNK AB 17 35.69 32.50 -47.32
C UNK AB 17 35.41 31.12 -46.70
N UNK AB 18 34.82 31.09 -45.49
CA UNK AB 18 34.47 29.86 -44.78
C UNK AB 18 33.28 29.16 -45.45
N UNK AB 19 32.27 29.95 -45.88
CA UNK AB 19 31.07 29.45 -46.55
C UNK AB 19 31.35 29.01 -47.98
N UNK AB 20 32.27 29.72 -48.68
CA UNK AB 20 32.65 29.41 -50.06
C UNK AB 20 33.73 28.30 -50.16
N UNK AB 21 33.99 27.60 -49.04
CA UNK AB 21 34.96 26.50 -48.98
C UNK AB 21 34.39 25.30 -48.19
N UNK AB 22 34.26 25.44 -46.84
CA UNK AB 22 33.74 24.40 -45.95
C UNK AB 22 32.29 24.00 -46.24
N UNK AB 23 31.41 25.01 -46.48
CA UNK AB 23 30.00 24.78 -46.80
C UNK AB 23 29.81 24.46 -48.29
N UNK AB 24 30.78 24.88 -49.15
CA UNK AB 24 30.77 24.64 -50.59
C UNK AB 24 31.31 23.24 -50.94
N UNK AB 25 31.98 22.57 -49.97
CA UNK AB 25 32.56 21.24 -50.12
C UNK AB 25 31.47 20.16 -50.21
N UNK AB 26 30.36 20.35 -49.47
CA UNK AB 26 29.22 19.42 -49.41
C UNK AB 26 28.38 19.37 -50.71
N UNK AB 27 28.64 20.30 -51.65
CA UNK AB 27 27.94 20.41 -52.94
C UNK AB 27 28.20 19.24 -53.89
N UNK AB 28 29.43 18.68 -53.88
CA UNK AB 28 29.85 17.58 -54.76
C UNK AB 28 29.30 16.19 -54.35
N UNK AB 29 28.55 16.11 -53.23
CA UNK AB 29 27.97 14.87 -52.68
C UNK AB 29 26.99 14.14 -53.63
N UNK AB 30 26.29 14.90 -54.51
CA UNK AB 30 25.30 14.45 -55.52
C UNK AB 30 23.97 13.98 -54.90
N UNK AB 31 22.86 14.27 -55.59
CA UNK AB 31 21.50 13.93 -55.18
C UNK AB 31 21.18 12.42 -55.28
N UNK AB 32 21.72 11.75 -56.34
CA UNK AB 32 21.54 10.33 -56.64
C UNK AB 32 20.09 9.91 -56.79
N UNK BB 1 37.71 30.55 -35.40
CA UNK BB 1 38.83 31.46 -35.58
C UNK BB 1 38.52 32.63 -36.51
N UNK BB 2 37.33 32.63 -37.14
CA UNK BB 2 36.85 33.66 -38.07
C UNK BB 2 36.70 35.04 -37.42
N UNK BB 3 36.10 35.09 -36.21
CA UNK BB 3 35.90 36.32 -35.44
C UNK BB 3 37.00 36.52 -34.39
N UNK BB 4 37.78 35.45 -34.13
CA UNK BB 4 38.88 35.44 -33.16
C UNK BB 4 40.13 36.12 -33.73
N UNK BB 5 40.39 35.95 -35.04
CA UNK BB 5 41.54 36.54 -35.75
C UNK BB 5 41.38 38.06 -35.90
N UNK BB 6 40.12 38.53 -36.01
CA UNK BB 6 39.76 39.95 -36.12
C UNK BB 6 40.00 40.65 -34.77
N UNK BB 7 39.64 39.97 -33.65
CA UNK BB 7 39.81 40.47 -32.28
C UNK BB 7 41.29 40.50 -31.90
N UNK BB 8 42.08 39.52 -32.42
CA UNK BB 8 43.53 39.41 -32.21
C UNK BB 8 44.26 40.55 -32.93
N UNK BB 9 43.70 41.01 -34.07
CA UNK BB 9 44.21 42.12 -34.88
C UNK BB 9 43.72 43.47 -34.34
N UNK BB 10 42.69 43.45 -33.47
CA UNK BB 10 42.10 44.65 -32.86
C UNK BB 10 42.93 45.13 -31.66
N UNK BB 11 43.20 44.22 -30.69
CA UNK BB 11 43.98 44.52 -29.48
C UNK BB 11 44.74 43.30 -29.01
N UNK CB 1 17.62 31.62 -23.27
CA UNK CB 1 16.72 30.65 -22.65
C UNK CB 1 16.58 29.40 -23.51
N UNK CB 2 16.04 29.55 -24.74
CA UNK CB 2 15.87 28.45 -25.70
C UNK CB 2 17.21 28.06 -26.33
N UNK CB 3 18.19 29.00 -26.32
CA UNK CB 3 19.55 28.84 -26.84
C UNK CB 3 20.33 27.79 -26.02
N UNK CB 4 20.10 27.76 -24.69
CA UNK CB 4 20.71 26.81 -23.77
C UNK CB 4 20.10 25.42 -23.96
N UNK CB 5 18.81 25.36 -24.35
CA UNK CB 5 18.09 24.13 -24.61
C UNK CB 5 18.52 23.56 -25.97
N UNK CB 6 18.80 24.47 -26.95
CA UNK CB 6 19.25 24.14 -28.30
C UNK CB 6 20.76 23.81 -28.35
N UNK CB 7 21.49 24.15 -27.25
CA UNK CB 7 22.93 23.90 -27.09
C UNK CB 7 23.26 22.41 -27.12
N UNK CB 8 22.33 21.56 -26.67
CA UNK CB 8 22.44 20.10 -26.66
C UNK CB 8 21.68 19.47 -27.83
N UNK CB 9 20.69 20.20 -28.40
CA UNK CB 9 19.86 19.75 -29.52
C UNK CB 9 20.64 19.67 -30.85
N UNK CB 10 21.48 18.63 -30.96
CA UNK CB 10 22.35 18.28 -32.10
C UNK CB 10 23.06 16.96 -31.80
N UNK CB 11 23.48 16.77 -30.52
CA UNK CB 11 24.18 15.58 -30.03
C UNK CB 11 23.30 14.75 -29.08
N UNK CB 12 22.14 14.26 -29.59
CA UNK CB 12 21.17 13.43 -28.88
C UNK CB 12 20.28 12.65 -29.87
N UNK CB 13 20.91 12.00 -30.88
CA UNK CB 13 20.22 11.22 -31.90
C UNK CB 13 20.21 9.74 -31.55
N UNK DB 1 32.18 26.51 -66.91
CA UNK DB 1 32.35 27.02 -65.55
C UNK DB 1 31.14 26.72 -64.66
N UNK DB 2 29.91 26.97 -65.18
CA UNK DB 2 28.65 26.74 -64.47
C UNK DB 2 28.25 25.24 -64.42
N UNK DB 3 28.98 24.38 -65.17
CA UNK DB 3 28.78 22.93 -65.22
C UNK DB 3 29.08 22.29 -63.86
N UNK DB 4 30.08 22.84 -63.12
CA UNK DB 4 30.48 22.41 -61.78
C UNK DB 4 29.37 22.78 -60.79
N UNK DB 5 28.70 23.92 -61.03
CA UNK DB 5 27.57 24.41 -60.24
C UNK DB 5 26.31 23.61 -60.59
N UNK DB 6 26.26 23.05 -61.83
CA UNK DB 6 25.17 22.21 -62.33
C UNK DB 6 25.30 20.76 -61.80
N UNK DB 7 26.45 20.45 -61.16
CA UNK DB 7 26.75 19.16 -60.54
C UNK DB 7 26.50 19.22 -59.02
N UNK DB 8 26.01 20.39 -58.53
CA UNK DB 8 25.70 20.66 -57.12
C UNK DB 8 24.19 20.57 -56.89
N UNK EB 1 22.93 54.05 -29.80
CA UNK EB 1 23.73 52.84 -29.90
C UNK EB 1 24.96 53.02 -30.81
N UNK EB 2 25.96 52.12 -30.65
CA UNK EB 2 27.21 52.12 -31.42
C UNK EB 2 27.81 50.72 -31.55
N UNK EB 3 28.96 50.60 -32.27
CA UNK EB 3 29.73 49.38 -32.55
C UNK EB 3 29.00 48.37 -33.46
N UNK EB 4 29.77 47.53 -34.17
CA UNK EB 4 29.23 46.53 -35.10
C UNK EB 4 29.37 45.09 -34.61
N UNK EB 5 28.24 44.37 -34.52
CA UNK EB 5 28.17 42.97 -34.11
C UNK EB 5 28.27 42.06 -35.34
N UNK EB 6 28.80 40.83 -35.17
CA UNK EB 6 28.99 39.87 -36.25
C UNK EB 6 27.73 39.08 -36.62
N UNK EB 7 27.08 38.43 -35.64
CA UNK EB 7 25.88 37.62 -35.88
C UNK EB 7 24.85 37.64 -34.73
N UNK EB 8 23.72 36.95 -34.94
CA UNK EB 8 22.62 36.83 -33.97
C UNK EB 8 22.36 35.36 -33.59
N UNK EB 9 23.26 34.44 -33.99
CA UNK EB 9 23.18 33.01 -33.70
C UNK EB 9 23.56 32.72 -32.25
N UNK EB 10 22.78 31.86 -31.57
CA UNK EB 10 23.02 31.49 -30.18
C UNK EB 10 22.93 29.98 -29.96
N UNK EB 11 24.09 29.31 -30.04
CA UNK EB 11 24.24 27.87 -29.87
C UNK EB 11 24.95 27.56 -28.55
N UNK FB 1 3.37 25.54 17.77
CA UNK FB 1 4.44 24.67 18.24
C UNK FB 1 4.91 25.03 19.65
N UNK FB 2 5.06 26.33 19.94
CA UNK FB 2 5.50 26.86 21.25
C UNK FB 2 4.47 26.62 22.35
N UNK FB 3 3.17 26.62 22.00
CA UNK FB 3 2.05 26.39 22.93
C UNK FB 3 1.72 24.89 23.08
N UNK FB 4 2.57 24.02 22.50
CA UNK FB 4 2.42 22.55 22.54
C UNK FB 4 3.68 21.86 23.09
N UNK FB 5 4.84 22.55 23.01
CA UNK FB 5 6.14 22.04 23.48
C UNK FB 5 6.36 22.22 25.00
N UNK FB 6 5.36 22.80 25.71
CA UNK FB 6 5.43 23.04 27.15
C UNK FB 6 4.18 22.57 27.91
N UNK FB 7 3.02 22.53 27.23
CA UNK FB 7 1.72 22.13 27.81
C UNK FB 7 1.72 20.68 28.30
N UNK FB 8 2.08 19.73 27.42
CA UNK FB 8 2.15 18.30 27.74
C UNK FB 8 3.59 17.78 27.67
N UNK FB 9 4.55 18.59 28.18
CA UNK FB 9 5.98 18.27 28.19
C UNK FB 9 6.66 18.75 29.48
N UNK FB 10 6.31 19.96 29.95
CA UNK FB 10 6.86 20.57 31.17
C UNK FB 10 5.98 20.32 32.42
N UNK FB 11 4.99 19.41 32.29
CA UNK FB 11 4.06 19.04 33.37
C UNK FB 11 4.76 18.26 34.50
N UNK FB 12 5.78 17.46 34.16
CA UNK FB 12 6.56 16.65 35.11
C UNK FB 12 7.47 17.52 35.99
N UNK FB 13 8.01 18.62 35.44
CA UNK FB 13 8.89 19.55 36.14
C UNK FB 13 8.10 20.44 37.10
N UNK GB 1 9.21 26.11 36.44
CA UNK GB 1 8.11 26.75 35.75
C UNK GB 1 8.59 27.74 34.69
N UNK GB 2 9.58 28.60 35.04
CA UNK GB 2 10.14 29.61 34.15
C UNK GB 2 11.32 29.03 33.34
N UNK GB 3 11.04 27.98 32.55
CA UNK GB 3 12.02 27.28 31.71
C UNK GB 3 11.75 27.49 30.22
N UNK GB 4 10.46 27.61 29.84
CA UNK GB 4 10.04 27.80 28.44
C UNK GB 4 10.39 29.20 27.92
N UNK GB 5 11.06 29.24 26.75
CA UNK GB 5 11.48 30.46 26.08
C UNK GB 5 11.52 30.28 24.55
N UNK GB 6 11.89 31.35 23.80
CA UNK GB 6 11.96 31.36 22.35
C UNK GB 6 13.05 30.46 21.76
N UNK GB 7 14.16 30.24 22.51
CA UNK GB 7 15.29 29.42 22.08
C UNK GB 7 15.62 28.25 23.02
N UNK GB 8 14.99 28.21 24.22
CA UNK GB 8 15.19 27.19 25.26
C UNK GB 8 15.00 25.76 24.78
N UNK GB 9 15.96 24.88 25.13
CA UNK GB 9 15.97 23.47 24.76
C UNK GB 9 16.12 22.57 25.99
N UNK GB 10 15.54 21.35 25.93
CA UNK GB 10 15.59 20.38 27.01
C UNK GB 10 16.87 19.51 26.92
N UNK GB 11 18.01 20.11 27.29
CA UNK GB 11 19.32 19.44 27.25
C UNK GB 11 20.27 19.94 28.36
N UNK GB 12 20.60 21.26 28.35
CA UNK GB 12 21.49 21.88 29.34
C UNK GB 12 20.75 22.86 30.25
N UNK GB 13 19.95 23.78 29.66
CA UNK GB 13 19.15 24.78 30.38
C UNK GB 13 18.02 24.09 31.17
N UNK GB 14 17.40 23.06 30.55
CA UNK GB 14 16.36 22.24 31.13
C UNK GB 14 16.89 20.79 31.19
N UNK GB 15 17.93 20.59 32.04
CA UNK GB 15 18.65 19.34 32.24
C UNK GB 15 17.78 18.18 32.71
N UNK GB 16 18.06 16.98 32.17
CA UNK GB 16 17.36 15.72 32.48
C UNK GB 16 18.29 14.52 32.31
N UNK GB 17 18.05 13.45 33.09
CA UNK GB 17 18.83 12.21 33.06
C UNK GB 17 18.57 11.36 31.80
N UNK GB 18 19.28 10.22 31.66
CA UNK GB 18 19.19 9.28 30.54
C UNK GB 18 17.77 8.75 30.26
N UNK GB 19 16.92 8.65 31.30
CA UNK GB 19 15.54 8.16 31.19
C UNK GB 19 14.54 9.27 30.90
N UNK GB 20 14.63 10.42 31.61
CA UNK GB 20 13.72 11.55 31.48
C UNK GB 20 13.84 12.33 30.17
N UNK GB 21 15.07 12.63 29.72
CA UNK GB 21 15.36 13.39 28.49
C UNK GB 21 14.78 12.77 27.22
N UNK GB 22 14.85 11.42 27.09
CA UNK GB 22 14.34 10.69 25.94
C UNK GB 22 12.82 10.52 26.00
N UNK GB 23 12.27 10.32 27.22
CA UNK GB 23 10.83 10.14 27.46
C UNK GB 23 10.02 11.42 27.21
N UNK GB 24 10.66 12.60 27.37
CA UNK GB 24 10.05 13.92 27.15
C UNK GB 24 9.71 14.13 25.67
N UNK GB 25 10.49 13.52 24.76
CA UNK GB 25 10.30 13.58 23.31
C UNK GB 25 9.15 12.67 22.84
N UNK GB 26 8.86 11.61 23.61
CA UNK GB 26 7.79 10.64 23.32
C UNK GB 26 6.41 11.28 23.43
N UNK GB 27 6.24 12.25 24.35
CA UNK GB 27 4.99 12.99 24.57
C UNK GB 27 4.69 13.94 23.42
N UNK GB 28 5.74 14.46 22.74
CA UNK GB 28 5.64 15.37 21.60
C UNK GB 28 5.15 14.64 20.35
N UNK GB 29 5.70 13.43 20.08
CA UNK GB 29 5.34 12.59 18.94
C UNK GB 29 3.91 12.05 19.07
N UNK GB 30 3.47 11.76 20.31
CA UNK GB 30 2.13 11.26 20.63
C UNK GB 30 1.08 12.36 20.46
N UNK GB 31 1.48 13.64 20.61
CA UNK GB 31 0.61 14.80 20.48
C UNK GB 31 0.55 15.30 19.02
N UNK GB 32 1.64 15.09 18.25
CA UNK GB 32 1.75 15.49 16.84
C UNK GB 32 1.44 14.34 15.86
N UNK GB 33 1.15 13.13 16.40
CA UNK GB 33 0.83 11.89 15.67
C UNK GB 33 1.97 11.49 14.71
N UNK GB 34 3.11 11.07 15.29
CA UNK GB 34 4.31 10.67 14.56
C UNK GB 34 5.01 9.46 15.19
N UNK GB 35 5.92 8.81 14.42
CA UNK GB 35 6.70 7.65 14.86
C UNK GB 35 8.19 7.90 14.60
N UNK GB 36 8.86 8.58 15.55
CA UNK GB 36 10.28 8.93 15.48
C UNK GB 36 11.19 7.75 15.78
N UNK GB 37 12.33 7.67 15.06
CA UNK GB 37 13.34 6.63 15.23
C UNK GB 37 14.34 6.98 16.34
N UNK GB 38 15.18 6.00 16.74
CA UNK GB 38 16.20 6.14 17.77
C UNK GB 38 17.32 7.13 17.38
N UNK GB 39 17.58 7.27 16.06
CA UNK GB 39 18.59 8.17 15.51
C UNK GB 39 18.17 9.65 15.57
N UNK GB 40 16.88 9.93 15.84
CA UNK GB 40 16.33 11.28 15.93
C UNK GB 40 15.42 11.44 17.16
N UNK GB 41 15.97 11.18 18.36
CA UNK GB 41 15.26 11.28 19.64
C UNK GB 41 16.17 11.59 20.83
N UNK GB 42 17.34 10.92 20.90
CA UNK GB 42 18.32 11.07 21.98
C UNK GB 42 19.00 12.44 22.01
N UNK GB 43 19.35 12.99 20.84
CA UNK GB 43 20.03 14.29 20.70
C UNK GB 43 19.07 15.48 20.51
N UNK GB 44 17.82 15.22 20.07
CA UNK GB 44 16.79 16.23 19.82
C UNK GB 44 16.34 16.94 21.10
N UNK GB 45 16.36 18.29 21.08
CA UNK GB 45 15.98 19.14 22.20
C UNK GB 45 15.56 20.55 21.75
N UNK GB 46 16.12 21.03 20.63
CA UNK GB 46 15.92 22.36 20.02
C UNK GB 46 14.46 22.77 19.84
N UNK GB 47 14.20 24.10 19.80
CA UNK GB 47 12.88 24.69 19.63
C UNK GB 47 12.62 25.12 18.19
N UNK GB 48 13.66 25.61 17.48
CA UNK GB 48 13.57 26.07 16.10
C UNK GB 48 14.18 25.08 15.09
N UNK GB 49 14.40 23.82 15.52
CA UNK GB 49 14.97 22.76 14.67
C UNK GB 49 14.29 21.40 14.88
N UNK GB 50 14.13 20.97 16.15
CA UNK GB 50 13.52 19.68 16.50
C UNK GB 50 11.98 19.68 16.42
N UNK GB 51 11.36 20.88 16.34
CA UNK GB 51 9.91 21.06 16.25
C UNK GB 51 9.35 20.49 14.95
N UNK GB 52 10.11 20.61 13.84
CA UNK GB 52 9.74 20.09 12.52
C UNK GB 52 10.71 18.96 12.12
N UNK GB 53 10.83 17.95 13.00
CA UNK GB 53 11.72 16.79 12.83
C UNK GB 53 11.25 15.82 11.74
N UNK GB 54 12.11 14.83 11.39
CA UNK GB 54 11.92 13.78 10.38
C UNK GB 54 11.70 14.35 8.97
N UNK GB 55 10.43 14.57 8.54
CA UNK GB 55 10.11 15.11 7.21
C UNK GB 55 8.78 15.88 7.17
N UNK GB 56 7.64 15.16 7.34
CA UNK GB 56 6.30 15.75 7.29
C UNK GB 56 5.87 16.37 8.62
N UNK GB 57 6.11 17.70 8.78
CA UNK GB 57 5.77 18.49 9.96
C UNK GB 57 5.70 19.99 9.61
N UNK GB 58 4.68 20.37 8.82
CA UNK GB 58 4.45 21.74 8.37
C UNK GB 58 2.96 22.03 8.20
N UNK HB 1 7.97 -74.03 22.82
CA UNK HB 1 7.10 -75.15 23.19
C UNK HB 1 6.93 -76.16 22.06
N UNK HB 2 6.68 -75.66 20.82
CA UNK HB 2 6.48 -76.42 19.57
C UNK HB 2 5.22 -77.32 19.59
N UNK HB 3 4.86 -77.87 18.40
CA UNK HB 3 3.71 -78.75 18.16
C UNK HB 3 2.37 -78.07 18.51
N UNK HB 4 1.70 -77.49 17.50
CA UNK HB 4 0.42 -76.78 17.63
C UNK HB 4 -0.71 -77.70 18.10
N UNK HB 5 -1.19 -78.61 17.21
CA UNK HB 5 -2.25 -79.60 17.44
C UNK HB 5 -3.58 -79.02 17.99
N UNK HB 6 -3.70 -77.67 18.05
CA UNK HB 6 -4.89 -76.96 18.55
C UNK HB 6 -5.05 -75.58 17.89
N UNK HB 7 -3.94 -74.96 17.45
CA UNK HB 7 -3.93 -73.64 16.82
C UNK HB 7 -4.53 -73.65 15.41
N UNK HB 8 -4.07 -74.58 14.56
CA UNK HB 8 -4.54 -74.73 13.17
C UNK HB 8 -5.78 -75.64 13.04
N UNK HB 9 -6.14 -76.35 14.12
CA UNK HB 9 -7.28 -77.27 14.18
C UNK HB 9 -8.63 -76.56 14.08
N UNK HB 10 -8.81 -75.45 14.82
CA UNK HB 10 -10.04 -74.65 14.84
C UNK HB 10 -10.29 -73.93 13.50
N UNK HB 11 -9.21 -73.49 12.83
CA UNK HB 11 -9.26 -72.80 11.54
C UNK HB 11 -9.73 -73.75 10.42
N UNK HB 12 -9.25 -75.01 10.45
CA UNK HB 12 -9.61 -76.05 9.48
C UNK HB 12 -11.06 -76.51 9.68
N UNK HB 13 -11.54 -76.52 10.94
CA UNK HB 13 -12.89 -76.91 11.32
C UNK HB 13 -13.91 -75.84 10.91
N UNK HB 14 -13.51 -74.55 10.97
CA UNK HB 14 -14.35 -73.39 10.60
C UNK HB 14 -14.57 -73.31 9.08
N UNK HB 15 -13.57 -73.78 8.30
CA UNK HB 15 -13.62 -73.79 6.84
C UNK HB 15 -14.36 -75.02 6.30
N UNK HB 16 -14.73 -74.98 5.00
CA UNK HB 16 -15.46 -76.07 4.33
C UNK HB 16 -14.70 -76.54 3.10
N UNK IB 1 -0.08 -31.43 61.80
CA UNK IB 1 0.59 -31.83 63.03
C UNK IB 1 -0.39 -32.45 64.03
N UNK IB 2 -1.50 -31.76 64.33
CA UNK IB 2 -2.55 -32.20 65.24
C UNK IB 2 -3.91 -31.58 64.86
N UNK IB 3 -4.56 -30.84 65.80
CA UNK IB 3 -5.85 -30.14 65.67
C UNK IB 3 -7.07 -31.06 65.51
N UNK IB 4 -8.17 -30.71 66.19
CA UNK IB 4 -9.42 -31.47 66.15
C UNK IB 4 -10.56 -30.64 65.52
N UNK IB 5 -10.80 -30.89 64.22
CA UNK IB 5 -11.83 -30.21 63.42
C UNK IB 5 -12.33 -31.13 62.30
N UNK IB 6 -11.42 -31.96 61.74
CA UNK IB 6 -11.72 -32.92 60.68
C UNK IB 6 -12.56 -34.09 61.21
N UNK IB 7 -12.31 -34.53 62.45
CA UNK IB 7 -13.03 -35.62 63.10
C UNK IB 7 -14.27 -35.11 63.87
N UNK IB 8 -15.06 -34.25 63.19
CA UNK IB 8 -16.30 -33.64 63.69
C UNK IB 8 -17.19 -33.29 62.49
N UNK IB 9 -16.58 -32.76 61.41
CA UNK IB 9 -17.24 -32.39 60.16
C UNK IB 9 -17.20 -33.55 59.16
N UNK IB 10 -16.57 -34.68 59.55
CA UNK IB 10 -16.44 -35.90 58.76
C UNK IB 10 -17.81 -36.53 58.47
N UNK IB 11 -18.75 -36.36 59.41
CA UNK IB 11 -20.11 -36.87 59.30
C UNK IB 11 -21.07 -35.75 58.87
N UNK IB 12 -21.48 -35.79 57.61
CA UNK IB 12 -22.42 -34.88 56.95
C UNK IB 12 -23.06 -35.72 55.86
N UNK IB 13 -24.06 -36.53 56.27
CA UNK IB 13 -24.81 -37.55 55.51
C UNK IB 13 -24.03 -38.88 55.50
N UNK IB 14 -24.75 -40.01 55.28
CA UNK IB 14 -24.24 -41.39 55.27
C UNK IB 14 -23.86 -41.87 56.68
N UNK IB 15 -24.65 -42.82 57.21
CA UNK IB 15 -24.46 -43.39 58.55
C UNK IB 15 -24.30 -44.92 58.54
N UNK IB 16 -24.21 -45.53 57.34
CA UNK IB 16 -24.05 -46.97 57.15
C UNK IB 16 -22.59 -47.40 56.98
N UNK IB 17 -21.69 -46.44 56.62
CA UNK IB 17 -20.25 -46.60 56.40
C UNK IB 17 -19.91 -47.54 55.22
N UNK IB 18 -20.18 -48.85 55.35
CA UNK IB 18 -19.92 -49.85 54.32
C UNK IB 18 -20.92 -51.00 54.41
N UNK JB 1 -6.79 -5.86 22.95
CA UNK JB 1 -7.28 -5.81 24.32
C UNK JB 1 -7.21 -7.20 25.01
N UNK JB 2 -6.29 -7.43 25.97
CA UNK JB 2 -5.31 -6.47 26.50
C UNK JB 2 -4.10 -6.29 25.57
N UNK JB 3 -3.78 -5.03 25.26
CA UNK JB 3 -2.68 -4.65 24.37
C UNK JB 3 -1.99 -3.36 24.83
N UNK JB 4 -0.67 -3.25 24.56
CA UNK JB 4 0.15 -2.09 24.91
C UNK JB 4 -0.10 -0.94 23.95
N UNK JB 5 -0.29 0.28 24.49
CA UNK JB 5 -0.56 1.48 23.71
C UNK JB 5 0.68 2.03 23.00
N UNK JB 6 1.74 2.37 23.78
CA UNK JB 6 3.00 2.91 23.26
C UNK JB 6 4.19 2.46 24.12
N UNK JB 7 4.57 1.18 23.99
CA UNK JB 7 5.69 0.56 24.73
C UNK JB 7 7.01 0.55 23.95
N UNK JB 8 7.03 1.21 22.77
CA UNK JB 8 8.20 1.29 21.87
C UNK JB 8 9.35 2.16 22.40
N UNK JB 9 9.12 2.88 23.53
CA UNK JB 9 10.06 3.80 24.20
C UNK JB 9 11.48 3.27 24.44
N UNK JB 10 11.62 1.98 24.82
CA UNK JB 10 12.92 1.36 25.10
C UNK JB 10 13.72 0.94 23.84
N UNK JB 11 13.64 1.74 22.76
CA UNK JB 11 14.34 1.50 21.50
C UNK JB 11 15.81 1.94 21.58
N UNK JB 12 16.06 3.14 22.14
CA UNK JB 12 17.40 3.71 22.31
C UNK JB 12 18.18 3.01 23.43
N UNK JB 13 17.47 2.50 24.45
CA UNK JB 13 18.06 1.79 25.59
C UNK JB 13 18.70 0.47 25.18
N UNK JB 14 18.08 -0.25 24.22
CA UNK JB 14 18.56 -1.53 23.68
C UNK JB 14 19.85 -1.35 22.87
N UNK JB 15 20.00 -0.21 22.17
CA UNK JB 15 21.18 0.13 21.37
C UNK JB 15 22.37 0.44 22.28
N UNK JB 16 22.11 1.11 23.42
CA UNK JB 16 23.13 1.45 24.42
C UNK JB 16 23.54 0.23 25.24
N UNK JB 17 22.58 -0.68 25.51
CA UNK JB 17 22.79 -1.92 26.26
C UNK JB 17 23.69 -2.90 25.48
N UNK JB 18 23.57 -2.89 24.14
CA UNK JB 18 24.38 -3.73 23.23
C UNK JB 18 25.85 -3.33 23.37
N UNK JB 19 26.15 -2.02 23.30
CA UNK JB 19 27.46 -1.37 23.47
C UNK JB 19 28.49 -1.67 22.35
N UNK JB 20 29.31 -0.67 21.87
CA UNK JB 20 29.44 0.77 22.15
C UNK JB 20 29.98 1.10 23.57
N UNK JB 21 29.09 1.40 24.53
CA UNK JB 21 29.36 1.79 25.93
C UNK JB 21 30.49 1.01 26.64
N UNK JB 22 30.38 -0.32 26.74
CA UNK JB 22 31.38 -1.17 27.42
C UNK JB 22 31.53 -2.56 26.81
N UNK JB 23 30.40 -3.28 26.62
CA UNK JB 23 30.34 -4.64 26.07
C UNK JB 23 30.89 -4.73 24.64
N UNK JB 24 31.58 -5.84 24.32
CA UNK JB 24 32.19 -6.09 23.02
C UNK JB 24 31.54 -7.27 22.28
N UNK JB 25 31.41 -8.42 22.97
CA UNK JB 25 30.82 -9.65 22.41
C UNK JB 25 29.32 -9.80 22.68
N UNK JB 26 28.84 -9.27 23.83
CA UNK JB 26 27.44 -9.33 24.23
C UNK JB 26 26.60 -8.24 23.54
N UNK JB 27 26.49 -8.34 22.20
CA UNK JB 27 25.73 -7.41 21.35
C UNK JB 27 25.26 -8.10 20.07
N UNK JB 28 26.19 -8.68 19.30
CA UNK JB 28 25.94 -9.38 18.04
C UNK JB 28 25.19 -10.70 18.24
N UNK JB 29 25.27 -11.28 19.46
CA UNK JB 29 24.62 -12.53 19.84
C UNK JB 29 23.10 -12.39 19.90
N UNK JB 30 22.60 -11.40 20.65
CA UNK JB 30 21.18 -11.11 20.82
C UNK JB 30 20.58 -10.30 19.65
N UNK JB 31 21.46 -9.77 18.78
CA UNK JB 31 21.10 -8.95 17.61
C UNK JB 31 20.21 -9.70 16.60
N UNK JB 32 20.48 -11.00 16.40
CA UNK JB 32 19.71 -11.86 15.49
C UNK JB 32 18.33 -12.17 16.09
N UNK JB 33 18.27 -12.35 17.42
CA UNK JB 33 17.05 -12.64 18.18
C UNK JB 33 16.07 -11.46 18.18
N UNK JB 34 16.60 -10.22 18.24
CA UNK JB 34 15.82 -8.97 18.23
C UNK JB 34 15.15 -8.69 16.88
N UNK JB 35 15.73 -9.22 15.78
CA UNK JB 35 15.21 -9.06 14.42
C UNK JB 35 13.89 -9.80 14.18
N UNK JB 36 13.67 -10.92 14.91
CA UNK JB 36 12.47 -11.75 14.80
C UNK JB 36 11.26 -11.15 15.54
N UNK JB 37 11.51 -10.42 16.64
CA UNK JB 37 10.47 -9.80 17.46
C UNK JB 37 9.96 -8.46 16.90
N UNK JB 38 10.80 -7.75 16.11
CA UNK JB 38 10.48 -6.45 15.52
C UNK JB 38 9.44 -6.55 14.40
N UNK JB 39 9.72 -7.36 13.36
CA UNK JB 39 8.84 -7.54 12.21
C UNK JB 39 8.44 -9.01 12.03
N UNK KB 1 -3.74 -12.40 29.65
CA UNK KB 1 -4.32 -12.49 30.99
C UNK KB 1 -3.24 -12.56 32.06
N UNK KB 2 -2.24 -13.46 31.89
CA UNK KB 2 -1.12 -13.64 32.81
C UNK KB 2 -0.14 -12.47 32.77
N UNK KB 3 -0.15 -11.70 31.65
CA UNK KB 3 0.71 -10.53 31.40
C UNK KB 3 0.59 -9.41 32.46
N UNK KB 4 -0.49 -9.44 33.25
CA UNK KB 4 -0.78 -8.49 34.33
C UNK KB 4 0.20 -8.59 35.52
N UNK KB 5 1.11 -9.59 35.49
CA UNK KB 5 2.14 -9.85 36.51
C UNK KB 5 3.07 -8.65 36.72
N UNK KB 6 3.42 -7.94 35.64
CA UNK KB 6 4.27 -6.75 35.66
C UNK KB 6 3.53 -5.55 36.25
N UNK KB 7 2.19 -5.51 36.12
CA UNK KB 7 1.33 -4.44 36.62
C UNK KB 7 0.60 -4.88 37.90
N UNK KB 8 1.36 -5.04 39.00
CA UNK KB 8 0.83 -5.45 40.30
C UNK KB 8 0.39 -4.24 41.13
N UNK KB 9 -0.92 -4.14 41.38
CA UNK KB 9 -1.53 -3.06 42.16
C UNK KB 9 -2.70 -3.57 42.99
N UNK LB 1 -3.78 12.90 35.97
CA UNK LB 1 -4.47 11.95 35.08
C UNK LB 1 -3.72 10.62 35.03
N UNK LB 2 -4.44 9.51 35.31
CA UNK LB 2 -3.88 8.15 35.30
C UNK LB 2 -4.91 7.11 34.87
N UNK LB 3 -4.59 6.37 33.79
CA UNK LB 3 -5.40 5.30 33.20
C UNK LB 3 -4.49 4.41 32.35
N UNK LB 4 -3.70 5.03 31.46
CA UNK LB 4 -2.71 4.39 30.57
C UNK LB 4 -1.34 5.04 30.81
N UNK LB 5 -1.35 6.30 31.28
CA UNK LB 5 -0.16 7.09 31.60
C UNK LB 5 0.57 6.56 32.84
N UNK LB 6 -0.18 5.93 33.77
CA UNK LB 6 0.35 5.34 35.00
C UNK LB 6 1.20 4.11 34.69
N UNK LB 7 0.77 3.29 33.70
CA UNK LB 7 1.46 2.09 33.24
C UNK LB 7 2.31 2.35 31.98
N UNK LB 8 2.57 3.64 31.68
CA UNK LB 8 3.38 4.07 30.53
C UNK LB 8 4.86 4.13 30.87
N UNK LB 9 5.20 4.66 32.06
CA UNK LB 9 6.57 4.78 32.56
C UNK LB 9 6.91 3.69 33.58
N UNK LB 10 5.87 3.08 34.20
CA UNK LB 10 6.00 2.01 35.21
C UNK LB 10 6.66 0.75 34.66
N UNK LB 11 6.41 0.42 33.37
CA UNK LB 11 6.97 -0.75 32.67
C UNK LB 11 8.49 -0.60 32.54
N UNK LB 12 8.96 0.64 32.28
CA UNK LB 12 10.38 0.98 32.16
C UNK LB 12 11.02 1.14 33.54
N UNK LB 13 10.25 1.64 34.53
CA UNK LB 13 10.67 1.85 35.91
C UNK LB 13 10.94 0.52 36.62
N UNK LB 14 10.11 -0.51 36.35
CA UNK LB 14 10.25 -1.85 36.92
C UNK LB 14 11.48 -2.56 36.37
N UNK LB 15 11.83 -2.28 35.09
CA UNK LB 15 12.99 -2.85 34.40
C UNK LB 15 14.29 -2.12 34.75
N UNK LB 16 14.17 -0.91 35.32
CA UNK LB 16 15.30 -0.06 35.72
C UNK LB 16 16.01 -0.61 36.96
N UNK LB 17 17.16 -1.28 36.75
CA UNK LB 17 17.99 -1.86 37.80
C UNK LB 17 19.24 -1.00 38.00
N UNK LB 18 20.10 -0.92 36.94
CA UNK LB 18 21.35 -0.15 36.83
C UNK LB 18 22.39 -0.43 37.94
N UNK LB 19 23.54 -1.00 37.54
CA UNK LB 19 24.65 -1.31 38.43
C UNK LB 19 26.00 -1.21 37.70
N UNK LB 20 26.58 -2.36 37.26
CA UNK LB 20 27.85 -2.45 36.55
C UNK LB 20 27.99 -3.81 35.82
N UNK LB 21 29.24 -4.20 35.47
CA UNK LB 21 29.72 -5.43 34.79
C UNK LB 21 29.73 -5.25 33.23
N UNK LB 22 28.66 -5.53 32.42
CA UNK LB 22 27.33 -6.07 32.71
C UNK LB 22 27.15 -7.42 32.01
N UNK LB 23 27.58 -8.51 32.69
CA UNK LB 23 27.52 -9.88 32.17
C UNK LB 23 26.19 -10.60 32.47
N UNK LB 24 25.19 -9.84 32.98
CA UNK LB 24 23.86 -10.36 33.32
C UNK LB 24 22.74 -9.45 32.83
N UNK LB 25 22.91 -8.11 32.97
CA UNK LB 25 21.94 -7.11 32.56
C UNK LB 25 21.98 -6.85 31.06
N UNK LB 26 23.19 -6.67 30.49
CA UNK LB 26 23.40 -6.43 29.06
C UNK LB 26 23.37 -7.74 28.27
N UNK LB 27 23.76 -8.86 28.93
CA UNK LB 27 23.77 -10.21 28.35
C UNK LB 27 22.35 -10.82 28.29
N UNK LB 28 21.36 -10.12 28.89
CA UNK LB 28 19.94 -10.49 28.93
C UNK LB 28 19.15 -9.19 29.16
N UNK LB 29 18.98 -8.38 28.10
CA UNK LB 29 18.32 -7.08 28.15
C UNK LB 29 16.91 -7.05 27.55
N UNK LB 30 16.78 -7.27 26.22
CA UNK LB 30 15.51 -7.22 25.49
C UNK LB 30 14.61 -8.45 25.74
N UNK LB 31 14.20 -8.65 27.00
CA UNK LB 31 13.31 -9.74 27.42
C UNK LB 31 11.87 -9.24 27.56
N UNK LB 32 11.69 -7.90 27.64
CA UNK LB 32 10.39 -7.23 27.78
C UNK LB 32 9.55 -7.35 26.50
N UNK LB 33 10.14 -7.02 25.33
CA UNK LB 33 9.48 -7.09 24.02
C UNK LB 33 9.16 -8.53 23.63
N UNK LB 34 10.02 -9.49 24.04
CA UNK LB 34 9.85 -10.92 23.79
C UNK LB 34 8.65 -11.48 24.56
N UNK LB 35 8.43 -10.96 25.79
CA UNK LB 35 7.32 -11.35 26.68
C UNK LB 35 6.01 -10.61 26.36
N UNK LB 36 6.10 -9.38 25.81
CA UNK LB 36 4.94 -8.56 25.46
C UNK LB 36 4.44 -8.81 24.03
N UNK LB 37 4.62 -7.84 23.10
CA UNK LB 37 4.16 -7.93 21.72
C UNK LB 37 5.02 -8.88 20.85
N UNK LB 38 4.44 -9.97 20.29
CA UNK LB 38 3.06 -10.42 20.43
C UNK LB 38 2.99 -11.96 20.41
N UNK LB 39 2.80 -12.58 21.59
CA UNK LB 39 2.71 -14.02 21.76
C UNK LB 39 1.83 -14.41 22.95
N UNK LB 40 2.44 -14.79 24.10
CA UNK LB 40 1.74 -15.19 25.32
C UNK LB 40 1.72 -14.04 26.33
N UNK MB 1 27.29 -19.20 57.64
CA UNK MB 1 26.56 -19.19 56.38
C UNK MB 1 27.45 -19.57 55.19
N UNK MB 2 28.65 -18.95 55.10
CA UNK MB 2 29.61 -19.20 54.03
C UNK MB 2 30.41 -20.48 54.26
N UNK MB 3 30.90 -20.68 55.50
CA UNK MB 3 31.69 -21.85 55.91
C UNK MB 3 30.81 -23.05 56.29
N UNK MB 4 29.47 -22.86 56.33
CA UNK MB 4 28.50 -23.89 56.67
C UNK MB 4 28.18 -24.83 55.49
N UNK MB 5 28.53 -24.42 54.25
CA UNK MB 5 28.31 -25.17 53.02
C UNK MB 5 29.17 -26.44 52.91
N UNK MB 6 30.33 -26.47 53.60
CA UNK MB 6 31.28 -27.59 53.60
C UNK MB 6 30.80 -28.85 54.34
N UNK MB 7 29.66 -28.75 55.06
CA UNK MB 7 29.05 -29.86 55.82
C UNK MB 7 28.59 -31.03 54.95
N UNK MB 8 27.87 -30.73 53.85
CA UNK MB 8 27.36 -31.73 52.92
C UNK MB 8 28.03 -31.62 51.55
N UNK NB 1 40.33 -29.70 49.62
CA UNK NB 1 39.92 -30.61 48.56
C UNK NB 1 38.43 -30.96 48.60
N UNK NB 2 37.85 -31.04 49.82
CA UNK NB 2 36.43 -31.37 50.04
C UNK NB 2 35.50 -30.23 49.63
N UNK NB 3 35.71 -29.02 50.20
CA UNK NB 3 34.91 -27.83 49.91
C UNK NB 3 35.27 -27.17 48.56
N UNK NB 4 36.41 -27.58 47.97
CA UNK NB 4 36.93 -27.09 46.68
C UNK NB 4 36.01 -27.39 45.49
N UNK NB 5 35.15 -28.42 45.61
CA UNK NB 5 34.19 -28.83 44.58
C UNK NB 5 33.09 -27.77 44.36
N UNK NB 6 32.78 -26.97 45.39
CA UNK NB 6 31.79 -25.90 45.36
C UNK NB 6 32.32 -24.64 46.08
N UNK NB 7 31.66 -24.20 47.18
CA UNK NB 7 31.98 -23.05 48.04
C UNK NB 7 31.82 -21.68 47.36
N UNK NB 8 32.39 -21.50 46.15
CA UNK NB 8 32.35 -20.26 45.37
C UNK NB 8 31.01 -20.02 44.65
N UNK NB 9 30.14 -21.06 44.57
CA UNK NB 9 28.83 -21.01 43.92
C UNK NB 9 27.86 -20.05 44.61
N UNK NB 10 27.97 -19.92 45.95
CA UNK NB 10 27.13 -19.04 46.77
C UNK NB 10 27.53 -17.57 46.67
N UNK NB 11 28.78 -17.28 46.24
CA UNK NB 11 29.33 -15.93 46.08
C UNK NB 11 28.67 -15.10 44.97
N UNK NB 12 27.94 -15.76 44.04
CA UNK NB 12 27.24 -15.11 42.92
C UNK NB 12 26.02 -14.28 43.35
N UNK NB 13 25.54 -14.47 44.60
CA UNK NB 13 24.39 -13.76 45.16
C UNK NB 13 24.66 -12.27 45.45
N UNK NB 14 25.94 -11.91 45.73
CA UNK NB 14 26.34 -10.54 46.06
C UNK NB 14 26.66 -9.68 44.84
N UNK NB 15 27.61 -10.11 44.00
CA UNK NB 15 28.04 -9.37 42.80
C UNK NB 15 27.07 -9.51 41.63
N UNK NB 16 26.75 -10.76 41.21
CA UNK NB 16 25.84 -11.06 40.10
C UNK NB 16 24.36 -11.05 40.54
N UNK NB 17 23.45 -11.27 39.58
CA UNK NB 17 21.99 -11.28 39.82
C UNK NB 17 21.36 -12.63 39.41
N UNK NB 18 20.34 -12.61 38.53
CA UNK NB 18 19.63 -13.79 38.06
C UNK NB 18 20.47 -14.61 37.08
N UNK OB 1 44.08 -22.62 11.14
CA UNK OB 1 43.90 -21.21 11.45
C UNK OB 1 43.87 -20.36 10.18
N UNK OB 2 42.82 -19.50 10.04
CA UNK OB 2 42.54 -18.59 8.91
C UNK OB 2 42.19 -19.33 7.62
N UNK OB 3 43.08 -20.21 7.14
CA UNK OB 3 42.90 -21.04 5.94
C UNK OB 3 42.23 -22.38 6.28
N UNK OB 4 41.80 -22.56 7.55
CA UNK OB 4 41.12 -23.76 8.06
C UNK OB 4 39.78 -23.99 7.35
N UNK OB 5 39.00 -22.91 7.17
CA UNK OB 5 37.71 -22.94 6.47
C UNK OB 5 37.93 -23.06 4.97
N UNK OB 6 39.02 -22.44 4.46
CA UNK OB 6 39.44 -22.46 3.06
C UNK OB 6 39.90 -23.84 2.61
N UNK OB 7 40.50 -24.63 3.54
CA UNK OB 7 40.98 -25.99 3.28
C UNK OB 7 39.81 -26.94 3.01
N UNK OB 8 38.71 -26.79 3.77
CA UNK OB 8 37.50 -27.60 3.64
C UNK OB 8 36.43 -26.93 2.74
N UNK OB 9 36.77 -25.75 2.15
CA UNK OB 9 35.87 -25.00 1.26
C UNK OB 9 35.68 -25.72 -0.08
N UNK OB 10 36.80 -26.04 -0.76
CA UNK OB 10 36.81 -26.76 -2.03
C UNK OB 10 36.50 -28.25 -1.80
N UNK OB 11 36.88 -28.78 -0.61
CA UNK OB 11 36.66 -30.16 -0.19
C UNK OB 11 35.17 -30.49 0.01
N UNK OB 12 34.40 -29.54 0.60
CA UNK OB 12 32.95 -29.68 0.79
C UNK OB 12 32.23 -29.61 -0.55
N UNK OB 13 32.74 -28.77 -1.46
CA UNK OB 13 32.23 -28.60 -2.83
C UNK OB 13 32.53 -29.88 -3.63
N UNK OB 14 33.71 -30.50 -3.37
CA UNK OB 14 34.15 -31.75 -3.99
C UNK OB 14 33.33 -32.93 -3.45
N UNK OB 15 32.92 -32.85 -2.16
CA UNK OB 15 32.10 -33.85 -1.48
C UNK OB 15 30.70 -33.93 -2.10
N UNK OB 16 30.17 -32.79 -2.57
CA UNK OB 16 28.86 -32.68 -3.24
C UNK OB 16 28.93 -33.34 -4.61
N UNK OB 17 30.08 -33.22 -5.31
CA UNK OB 17 30.33 -33.80 -6.63
C UNK OB 17 30.68 -35.29 -6.54
N UNK OB 18 31.35 -35.71 -5.44
CA UNK OB 18 31.75 -37.10 -5.19
C UNK OB 18 30.57 -38.02 -4.81
N UNK OB 19 29.33 -37.50 -4.88
CA UNK OB 19 28.11 -38.23 -4.58
C UNK OB 19 27.41 -38.68 -5.87
N UNK OB 20 27.33 -37.78 -6.87
CA UNK OB 20 26.70 -38.06 -8.17
C UNK OB 20 27.73 -38.53 -9.18
N UNK PB 1 20.07 -27.11 -7.83
CA UNK PB 1 19.61 -27.82 -9.01
C UNK PB 1 18.39 -28.70 -8.70
N UNK PB 2 17.34 -28.59 -9.53
CA UNK PB 2 16.11 -29.37 -9.40
C UNK PB 2 16.35 -30.83 -9.78
N UNK PB 3 17.15 -31.06 -10.84
CA UNK PB 3 17.54 -32.38 -11.33
C UNK PB 3 18.95 -32.72 -10.80
N UNK PB 4 19.68 -33.65 -11.46
CA UNK PB 4 21.04 -34.05 -11.05
C UNK PB 4 21.92 -34.50 -12.21
N UNK PB 5 21.40 -35.38 -13.09
CA UNK PB 5 22.09 -35.96 -14.25
C UNK PB 5 22.60 -34.93 -15.27
N UNK PB 6 23.51 -35.38 -16.19
CA UNK PB 6 24.18 -34.63 -17.26
C UNK PB 6 25.31 -33.74 -16.75
N UNK PB 7 25.17 -33.19 -15.53
CA UNK PB 7 26.17 -32.35 -14.88
C UNK PB 7 27.33 -33.20 -14.37
N UNK PB 8 27.06 -34.49 -14.05
CA UNK PB 8 28.03 -35.48 -13.57
C UNK PB 8 28.99 -35.98 -14.65
N UNK PB 9 28.48 -36.10 -15.90
CA UNK PB 9 29.27 -36.53 -17.07
C UNK PB 9 30.28 -35.45 -17.44
N UNK PB 10 29.90 -34.17 -17.24
CA UNK PB 10 30.74 -33.00 -17.48
C UNK PB 10 31.55 -32.64 -16.23
N UNK PB 11 31.25 -33.30 -15.09
CA UNK PB 11 31.93 -33.09 -13.80
C UNK PB 11 33.37 -33.64 -13.76
N UNK PB 12 33.85 -34.22 -14.88
CA UNK PB 12 35.22 -34.73 -15.03
C UNK PB 12 36.20 -33.55 -14.94
N UNK PB 13 35.74 -32.35 -15.37
CA UNK PB 13 36.45 -31.09 -15.30
C UNK PB 13 36.20 -30.40 -13.96
N UNK PB 14 35.00 -30.63 -13.36
CA UNK PB 14 34.61 -30.07 -12.05
C UNK PB 14 35.34 -30.75 -10.90
N UNK PB 15 35.75 -32.02 -11.10
CA UNK PB 15 36.52 -32.80 -10.13
C UNK PB 15 37.98 -32.31 -10.11
N UNK PB 16 38.39 -31.63 -11.20
CA UNK PB 16 39.72 -31.04 -11.40
C UNK PB 16 39.65 -29.51 -11.57
N UNK PB 17 38.52 -28.89 -11.17
CA UNK PB 17 38.27 -27.44 -11.23
C UNK PB 17 39.23 -26.68 -10.30
N UNK PB 18 39.53 -27.28 -9.15
CA UNK PB 18 40.45 -26.77 -8.12
C UNK PB 18 41.08 -27.96 -7.38
N UNK PB 19 40.29 -29.01 -7.13
CA UNK PB 19 40.70 -30.24 -6.45
C UNK PB 19 41.69 -31.05 -7.29
N UNK QB 1 46.53 -20.89 -5.02
CA UNK QB 1 45.26 -20.90 -4.31
C UNK QB 1 44.83 -22.31 -3.90
N UNK QB 2 44.91 -23.27 -4.84
CA UNK QB 2 44.55 -24.68 -4.61
C UNK QB 2 45.78 -25.56 -4.29
N UNK QB 3 46.92 -24.90 -3.98
CA UNK QB 3 48.20 -25.54 -3.63
C UNK QB 3 49.00 -24.67 -2.66
N UNK QB 4 48.99 -23.35 -2.87
CA UNK QB 4 49.70 -22.36 -2.05
C UNK QB 4 49.10 -22.21 -0.65
N UNK QB 5 47.77 -22.44 -0.52
CA UNK QB 5 47.04 -22.35 0.74
C UNK QB 5 47.45 -23.47 1.71
N UNK QB 6 47.49 -24.73 1.22
CA UNK QB 6 47.90 -25.89 2.00
C UNK QB 6 49.35 -26.27 1.65
N UNK QB 7 50.27 -25.32 1.85
CA UNK QB 7 51.70 -25.49 1.55
C UNK QB 7 52.61 -25.41 2.79
N UNK QB 8 52.05 -25.08 3.97
CA UNK QB 8 52.80 -24.99 5.22
C UNK QB 8 52.13 -25.72 6.37
N UNK QB 9 50.85 -25.39 6.66
CA UNK QB 9 50.06 -26.00 7.73
C UNK QB 9 49.58 -27.40 7.35
N UNK RB 1 39.04 -38.98 -18.94
CA UNK RB 1 40.30 -39.61 -18.53
C UNK RB 1 40.54 -39.47 -17.02
N UNK RB 2 41.28 -40.45 -16.44
CA UNK RB 2 41.64 -40.56 -15.02
C UNK RB 2 40.42 -40.56 -14.09
N UNK RB 3 39.80 -41.75 -13.91
CA UNK RB 3 38.63 -41.94 -13.07
C UNK RB 3 39.01 -42.19 -11.61
N UNK RB 4 39.63 -43.36 -11.32
CA UNK RB 4 40.07 -43.73 -9.97
C UNK RB 4 41.32 -42.97 -9.55
N UNK RB 5 42.09 -42.46 -10.54
CA UNK RB 5 43.32 -41.68 -10.34
C UNK RB 5 43.05 -40.31 -9.69
N UNK RB 6 41.81 -39.81 -9.79
CA UNK RB 6 41.36 -38.54 -9.21
C UNK RB 6 40.60 -38.77 -7.89
N UNK RB 7 40.24 -40.04 -7.59
CA UNK RB 7 39.51 -40.42 -6.39
C UNK RB 7 40.45 -40.78 -5.24
N UNK RB 8 41.46 -41.63 -5.50
CA UNK RB 8 42.45 -42.07 -4.50
C UNK RB 8 43.42 -40.94 -4.14
N UNK RB 9 43.79 -40.10 -5.14
CA UNK RB 9 44.70 -38.96 -4.97
C UNK RB 9 44.03 -37.80 -4.24
N UNK RB 10 42.68 -37.76 -4.21
CA UNK RB 10 41.87 -36.74 -3.53
C UNK RB 10 42.07 -36.81 -2.01
N UNK RB 11 42.44 -38.00 -1.49
CA UNK RB 11 42.73 -38.25 -0.08
C UNK RB 11 44.01 -37.53 0.32
N UNK RB 12 44.99 -37.44 -0.61
CA UNK RB 12 46.26 -36.73 -0.42
C UNK RB 12 46.05 -35.21 -0.51
N UNK RB 13 44.94 -34.78 -1.15
CA UNK RB 13 44.57 -33.37 -1.29
C UNK RB 13 43.71 -32.89 -0.12
N UNK RB 14 43.23 -33.84 0.73
CA UNK RB 14 42.40 -33.54 1.89
C UNK RB 14 43.08 -33.88 3.22
N UNK RB 15 43.47 -35.16 3.43
CA UNK RB 15 44.12 -35.63 4.66
C UNK RB 15 45.58 -35.19 4.78
N UNK RB 16 46.38 -35.40 3.71
CA UNK RB 16 47.80 -35.03 3.67
C UNK RB 16 48.01 -33.51 3.63
N UNK RB 17 46.95 -32.75 3.25
CA UNK RB 17 46.96 -31.29 3.21
C UNK RB 17 46.95 -30.72 4.64
N UNK RB 18 46.32 -31.48 5.58
CA UNK RB 18 46.25 -31.13 7.00
C UNK RB 18 47.43 -31.80 7.74
N UNK RB 19 48.65 -31.35 7.42
CA UNK RB 19 49.89 -31.88 8.01
C UNK RB 19 50.25 -31.13 9.30
N UNK SB 1 52.77 -25.32 24.41
CA UNK SB 1 52.55 -24.78 23.07
C UNK SB 1 53.81 -24.84 22.20
N UNK SB 2 54.99 -24.55 22.80
CA UNK SB 2 56.29 -24.56 22.12
C UNK SB 2 56.73 -25.97 21.72
N UNK SB 3 56.47 -26.96 22.59
CA UNK SB 3 56.79 -28.37 22.35
C UNK SB 3 55.82 -29.01 21.35
N UNK SB 4 54.57 -28.50 21.29
CA UNK SB 4 53.51 -28.98 20.40
C UNK SB 4 53.72 -28.51 18.96
N UNK SB 5 54.25 -27.29 18.77
CA UNK SB 5 54.51 -26.68 17.46
C UNK SB 5 55.68 -27.37 16.74
N UNK SB 6 56.65 -27.89 17.49
CA UNK SB 6 57.84 -28.59 16.98
C UNK SB 6 57.74 -30.12 17.14
N UNK SB 7 56.56 -30.63 17.57
CA UNK SB 7 56.28 -32.05 17.79
C UNK SB 7 56.37 -32.91 16.54
N UNK SB 8 55.95 -32.37 15.38
CA UNK SB 8 56.00 -33.07 14.09
C UNK SB 8 57.45 -33.16 13.58
N UNK SB 9 58.11 -34.31 13.82
CA UNK SB 9 59.50 -34.55 13.41
C UNK SB 9 59.81 -36.03 13.13
N UNK SB 10 60.26 -36.80 14.14
CA UNK SB 10 60.66 -38.20 14.04
C UNK SB 10 59.54 -39.17 13.63
N UNK SB 11 58.30 -38.94 14.12
CA UNK SB 11 57.14 -39.78 13.81
C UNK SB 11 56.74 -39.73 12.34
N UNK SB 12 56.62 -38.52 11.77
CA UNK SB 12 56.25 -38.30 10.36
C UNK SB 12 57.42 -38.57 9.39
N UNK SB 13 58.65 -38.67 9.91
CA UNK SB 13 59.86 -38.94 9.13
C UNK SB 13 59.91 -40.36 8.55
N UNK SB 14 59.23 -41.32 9.20
CA UNK SB 14 59.18 -42.72 8.76
C UNK SB 14 57.76 -43.28 8.71
N UNK SB 15 56.97 -43.10 9.79
CA UNK SB 15 55.59 -43.58 9.88
C UNK SB 15 54.57 -42.43 9.78
N UNK SB 16 54.35 -41.94 8.54
CA UNK SB 16 53.42 -40.85 8.25
C UNK SB 16 52.12 -41.35 7.63
N UNK SB 17 52.19 -42.40 6.78
CA UNK SB 17 51.03 -42.98 6.10
C UNK SB 17 50.09 -43.68 7.08
N UNK SB 18 49.03 -42.96 7.51
CA UNK SB 18 48.01 -43.44 8.44
C UNK SB 18 46.75 -43.87 7.71
N UNK TB 1 47.34 -30.82 26.77
CA UNK TB 1 46.49 -31.99 26.78
C UNK TB 1 46.29 -32.59 25.39
N UNK TB 2 46.15 -31.72 24.36
CA UNK TB 2 45.96 -32.12 22.96
C UNK TB 2 47.21 -32.77 22.36
N UNK TB 3 48.41 -32.36 22.83
CA UNK TB 3 49.69 -32.87 22.36
C UNK TB 3 50.61 -33.28 23.53
N UNK TB 4 50.36 -32.74 24.74
CA UNK TB 4 51.13 -33.02 25.96
C UNK TB 4 50.96 -34.47 26.43
N UNK TB 5 49.74 -35.02 26.28
CA UNK TB 5 49.41 -36.40 26.66
C UNK TB 5 49.39 -37.34 25.44
N UNK TB 6 49.19 -36.77 24.24
CA UNK TB 6 49.14 -37.51 22.97
C UNK TB 6 50.52 -37.70 22.31
N UNK TB 7 51.60 -37.32 23.03
CA UNK TB 7 52.99 -37.43 22.55
C UNK TB 7 53.56 -38.86 22.65
N UNK TB 8 52.73 -39.83 23.10
CA UNK TB 8 53.04 -41.25 23.30
C UNK TB 8 53.77 -41.94 22.13
N UNK TB 9 53.50 -41.50 20.88
CA UNK TB 9 54.14 -42.04 19.67
C UNK TB 9 55.59 -41.57 19.53
N UNK TB 10 56.49 -42.14 20.37
CA UNK TB 10 57.91 -41.84 20.40
C UNK TB 10 58.73 -43.12 20.60
N UNK TB 11 58.27 -44.00 21.52
CA UNK TB 11 58.90 -45.29 21.84
C UNK TB 11 57.87 -46.42 21.81
N UNK TB 12 56.62 -46.12 22.23
CA UNK TB 12 55.49 -47.07 22.27
C UNK TB 12 55.05 -47.48 20.85
N UNK TB 13 55.07 -46.52 19.91
CA UNK TB 13 54.71 -46.74 18.51
C UNK TB 13 55.83 -47.49 17.77
N UNK TB 14 57.08 -47.38 18.28
CA UNK TB 14 58.27 -48.01 17.72
C UNK TB 14 58.52 -49.41 18.36
N UNK TB 15 57.47 -50.00 18.97
CA UNK TB 15 57.52 -51.31 19.62
C UNK TB 15 56.24 -52.12 19.37
N UNK TB 16 55.08 -51.45 19.34
CA UNK TB 16 53.77 -52.07 19.11
C UNK TB 16 53.60 -52.52 17.66
N UNK UB 1 65.03 -47.99 31.56
CA UNK UB 1 65.35 -47.02 30.51
C UNK UB 1 64.10 -46.29 29.97
N UNK UB 2 63.01 -46.31 30.76
CA UNK UB 2 61.74 -45.66 30.41
C UNK UB 2 61.34 -44.53 31.38
N UNK UB 3 62.18 -44.28 32.41
CA UNK UB 3 61.96 -43.25 33.44
C UNK UB 3 62.15 -41.80 32.93
N UNK UB 4 62.52 -41.64 31.64
CA UNK UB 4 62.73 -40.33 31.00
C UNK UB 4 61.43 -39.71 30.44
N UNK UB 5 60.27 -40.38 30.66
CA UNK UB 5 58.95 -39.94 30.21
C UNK UB 5 58.47 -38.65 30.89
N UNK UB 6 58.93 -38.40 32.14
CA UNK UB 6 58.60 -37.22 32.93
C UNK UB 6 59.17 -35.94 32.30
N UNK UB 7 60.36 -36.05 31.67
CA UNK UB 7 61.05 -34.95 30.99
C UNK UB 7 60.32 -34.57 29.70
N UNK UB 8 59.61 -35.54 29.08
CA UNK UB 8 58.84 -35.35 27.85
C UNK UB 8 57.44 -34.80 28.16
N UNK UB 9 56.84 -35.25 29.28
CA UNK UB 9 55.51 -34.83 29.74
C UNK UB 9 55.61 -33.97 30.98
#